data_6EM9
#
_entry.id   6EM9
#
_entity_poly.entity_id   1
_entity_poly.type   'polypeptide(L)'
_entity_poly.pdbx_seq_one_letter_code
;MLFGRLTERAQRVLAHAQEEAIRLNHSNIGTEHLLLGLMKEPEGIAAKVLESFNITEDKVIEEVEKLIGHGQDHVGTLHY
TPRAKKVIELSMDEARKLHHNFVGTEHILLGLIRENEGVAARVFANLDLNITKARAQVVKALGNPEMSNKNAQASKSNNT
PTLDSLARDLTVIAKDGTLDPVIGRDKEITRVIEVLSRRTKNNPVLIGEPGVGKTAIAEGLAQAIVNNEVPETLKDKRVM
SLDMGTVVAGTKYRGEFEERLKKVMEEIQQAGNVILFIDELHTLVGAGGAEGAIDASNILKPALARGELQCIGATTLDEY
RKNIEKDAALERRFQPVQVDEPSVVDTVAILKGLRDRYEAHHRINISDEAIEAAVKLSNRYVSDRFLPDKAIDLIDEASS
KVRLKSHTTPNNLKEIEQEIEKVKNEKDAAVHAQEFENAANLRDKQTKLEKQYEEAKNEWKNTQNGMSTSLSEEDIAEVI
AGWTGIPLTKINETESEKLLSLEDTLHERVIGQKDAVNSISKAVRRARAGLKDPKRPIGSFIFLGPTGVGKTELARALAE
SMFGDDDAMIRVDMSEFMEKHAVSRLVGAPPGYVGHDDGGQLTEKVRRKPYSVILFDEIEKAHPDVFNILLQVLDDGHLT
DTKGRTVDFRNTIIIMTSNVGAQELQDQRFAGFGGSSDGQDYETIRKTMLKELKNSFRPEFLNRVDDIIVFHKLTKEELK
EIVTMMVNKLTNRLSEQNINIIVTDKAKDKIAEEGYDPEYGARPLIRAIQKTIEDNLSELILDGNQIEGKKVTVDHDGKE
FKYDIAEQTSETKTPSQA
;
_entity_poly.pdbx_strand_id   A,B,C,D,E,F,G,I,H,L
#
# COMPACT_ATOMS: atom_id res chain seq x y z
N ARG A 5 53.67 24.94 11.23
CA ARG A 5 52.43 24.22 11.56
C ARG A 5 52.58 22.72 11.49
N LEU A 6 52.35 22.07 12.63
CA LEU A 6 52.47 20.63 12.83
C LEU A 6 51.24 19.89 12.33
N THR A 7 51.27 18.56 12.38
CA THR A 7 50.06 17.80 12.06
C THR A 7 49.02 18.12 13.10
N GLU A 8 47.78 17.78 12.85
CA GLU A 8 46.65 18.00 13.75
C GLU A 8 46.79 17.24 15.08
N ARG A 9 47.64 16.23 15.06
CA ARG A 9 47.92 15.46 16.24
C ARG A 9 48.44 16.47 17.24
N ALA A 10 47.91 16.42 18.45
CA ALA A 10 48.28 17.35 19.51
C ALA A 10 47.97 18.83 19.20
N GLN A 11 47.08 19.10 18.24
CA GLN A 11 46.61 20.47 17.99
C GLN A 11 45.09 20.45 17.97
N ARG A 12 44.53 19.58 17.13
CA ARG A 12 43.09 19.48 17.01
C ARG A 12 42.64 18.50 18.04
N VAL A 13 43.53 17.57 18.40
CA VAL A 13 43.14 16.66 19.44
C VAL A 13 42.94 17.52 20.68
N LEU A 14 43.86 18.47 20.88
CA LEU A 14 43.74 19.37 22.00
C LEU A 14 42.52 20.26 21.87
N ALA A 15 42.19 20.75 20.67
CA ALA A 15 41.02 21.60 20.58
C ALA A 15 39.78 20.86 21.07
N HIS A 16 39.65 19.59 20.67
CA HIS A 16 38.54 18.79 21.12
C HIS A 16 38.64 18.55 22.61
N ALA A 17 39.83 18.19 23.07
CA ALA A 17 39.99 17.95 24.48
C ALA A 17 39.58 19.19 25.26
N GLN A 18 39.88 20.39 24.77
CA GLN A 18 39.51 21.60 25.49
C GLN A 18 38.00 21.75 25.56
N GLU A 19 37.29 21.37 24.51
CA GLU A 19 35.84 21.47 24.54
C GLU A 19 35.35 20.62 25.72
N GLU A 20 36.02 19.49 25.92
CA GLU A 20 35.73 18.51 26.94
C GLU A 20 36.64 18.56 28.20
N ALA A 21 37.54 19.55 28.32
CA ALA A 21 38.52 19.57 29.41
C ALA A 21 38.16 20.58 30.46
N ILE A 22 36.92 21.00 30.47
CA ILE A 22 36.56 21.97 31.44
C ILE A 22 36.28 21.24 32.75
N ARG A 23 37.34 20.97 33.52
CA ARG A 23 37.21 20.05 34.65
C ARG A 23 37.73 20.46 36.02
N LEU A 24 38.99 20.88 36.09
CA LEU A 24 39.69 21.02 37.36
C LEU A 24 40.41 22.29 37.74
N ASN A 25 39.96 23.45 37.33
CA ASN A 25 40.68 24.67 37.67
C ASN A 25 42.12 24.48 37.20
N HIS A 26 42.26 23.96 35.99
CA HIS A 26 43.55 23.65 35.39
C HIS A 26 44.37 24.90 35.26
N SER A 27 45.55 24.94 35.86
CA SER A 27 46.39 26.11 35.75
C SER A 27 46.91 26.30 34.32
N ASN A 28 47.02 25.19 33.59
CA ASN A 28 47.45 25.24 32.21
C ASN A 28 47.18 23.90 31.54
N ILE A 29 47.52 23.81 30.27
CA ILE A 29 47.35 22.55 29.58
C ILE A 29 48.45 21.58 29.91
N GLY A 30 48.08 20.46 30.51
CA GLY A 30 49.07 19.46 30.84
C GLY A 30 49.06 18.39 29.77
N THR A 31 49.97 17.44 29.88
CA THR A 31 50.06 16.33 28.95
C THR A 31 48.80 15.51 29.00
N GLU A 32 48.26 15.37 30.21
CA GLU A 32 47.05 14.64 30.50
C GLU A 32 45.82 15.18 29.76
N HIS A 33 45.90 16.41 29.26
CA HIS A 33 44.81 17.04 28.54
C HIS A 33 44.74 16.33 27.20
N LEU A 34 45.87 16.29 26.52
CA LEU A 34 45.97 15.61 25.25
C LEU A 34 45.80 14.12 25.38
N LEU A 35 46.53 13.55 26.32
CA LEU A 35 46.52 12.11 26.49
C LEU A 35 45.09 11.67 26.68
N LEU A 36 44.36 12.30 27.59
CA LEU A 36 42.99 11.88 27.76
C LEU A 36 42.19 12.23 26.48
N GLY A 37 42.57 13.31 25.82
CA GLY A 37 42.00 13.80 24.55
C GLY A 37 42.20 12.84 23.37
N LEU A 38 43.11 11.88 23.51
CA LEU A 38 43.43 10.88 22.49
C LEU A 38 42.54 9.62 22.59
N MET A 39 41.52 9.65 23.44
CA MET A 39 40.61 8.53 23.62
C MET A 39 39.14 8.94 23.56
N LYS A 40 38.26 7.94 23.48
CA LYS A 40 36.83 8.21 23.49
C LYS A 40 36.29 7.95 24.89
N GLU A 41 36.94 7.04 25.58
CA GLU A 41 36.60 6.65 26.93
C GLU A 41 37.91 6.64 27.70
N PRO A 42 37.97 6.98 29.00
CA PRO A 42 39.18 6.92 29.85
C PRO A 42 39.39 5.47 30.31
N GLU A 43 39.50 4.63 29.32
CA GLU A 43 39.58 3.20 29.32
C GLU A 43 40.55 2.87 28.23
N GLY A 44 40.90 1.60 28.04
CA GLY A 44 41.76 1.32 26.88
C GLY A 44 41.09 1.96 25.63
N ILE A 45 39.76 2.02 25.63
CA ILE A 45 38.99 2.66 24.57
C ILE A 45 39.16 4.19 24.73
N ALA A 46 44.40 2.25 23.74
CA ALA A 46 45.59 1.70 24.38
C ALA A 46 46.41 0.92 23.37
N ALA A 47 47.06 1.63 22.46
CA ALA A 47 47.85 0.96 21.45
C ALA A 47 49.11 1.68 21.01
N LYS A 48 49.66 2.59 21.81
CA LYS A 48 50.84 3.34 21.35
C LYS A 48 51.96 2.40 21.00
N VAL A 49 52.89 2.81 20.16
CA VAL A 49 53.94 1.85 19.78
C VAL A 49 54.76 1.22 20.91
N LEU A 50 54.85 1.83 22.09
CA LEU A 50 55.60 1.18 23.16
C LEU A 50 54.72 0.30 24.04
N GLU A 51 53.43 0.22 23.71
CA GLU A 51 52.48 -0.63 24.39
C GLU A 51 53.00 -2.06 24.19
N SER A 52 53.57 -2.29 22.99
CA SER A 52 54.14 -3.55 22.56
C SER A 52 55.52 -3.86 23.16
N PHE A 53 56.17 -2.88 23.81
CA PHE A 53 57.49 -3.10 24.36
C PHE A 53 57.48 -3.26 25.87
N ASN A 54 57.02 -2.23 26.59
CA ASN A 54 57.01 -2.39 28.05
C ASN A 54 55.95 -1.55 28.77
N ILE A 55 54.99 -0.99 28.07
CA ILE A 55 54.04 -0.12 28.74
C ILE A 55 52.63 -0.63 28.82
N THR A 56 52.15 -0.78 30.04
CA THR A 56 50.80 -1.21 30.27
C THR A 56 49.97 0.03 30.04
N GLU A 57 49.68 0.33 28.78
CA GLU A 57 49.00 1.57 28.47
C GLU A 57 47.65 1.62 29.19
N ASP A 58 46.98 0.48 29.36
CA ASP A 58 45.70 0.53 30.07
C ASP A 58 45.89 1.09 31.49
N LYS A 59 47.05 0.84 32.12
CA LYS A 59 47.29 1.33 33.45
C LYS A 59 47.65 2.78 33.36
N VAL A 60 48.42 3.15 32.34
CA VAL A 60 48.81 4.55 32.21
C VAL A 60 47.54 5.37 32.12
N ILE A 61 46.59 4.89 31.31
CA ILE A 61 45.32 5.56 31.17
C ILE A 61 44.58 5.67 32.48
N GLU A 62 44.49 4.58 33.23
CA GLU A 62 43.82 4.76 34.50
C GLU A 62 44.57 5.73 35.39
N GLU A 63 45.89 5.66 35.42
CA GLU A 63 46.64 6.53 36.30
C GLU A 63 46.52 7.99 35.90
N VAL A 64 46.48 8.29 34.61
CA VAL A 64 46.34 9.68 34.19
C VAL A 64 44.92 10.17 34.49
N GLU A 65 43.89 9.36 34.24
CA GLU A 65 42.56 9.85 34.57
C GLU A 65 42.50 10.07 36.10
N LYS A 66 43.08 9.15 36.87
CA LYS A 66 43.12 9.27 38.32
C LYS A 66 43.93 10.49 38.74
N LEU A 67 45.00 10.79 38.01
CA LEU A 67 45.86 11.94 38.24
C LEU A 67 45.03 13.20 38.20
N ILE A 68 44.23 13.37 37.15
CA ILE A 68 43.44 14.57 37.15
C ILE A 68 42.32 14.43 38.17
N GLY A 69 41.87 13.21 38.39
CA GLY A 69 40.84 12.90 39.36
C GLY A 69 39.78 13.96 39.38
N TYR A 80 51.38 25.75 28.54
CA TYR A 80 51.47 24.38 29.02
C TYR A 80 52.01 24.30 30.45
N THR A 81 51.83 23.17 31.11
CA THR A 81 52.33 23.04 32.46
C THR A 81 53.84 22.79 32.36
N PRO A 82 54.64 23.02 33.42
CA PRO A 82 56.09 22.76 33.44
C PRO A 82 56.48 21.35 33.01
N ARG A 83 55.67 20.36 33.32
CA ARG A 83 56.05 19.02 32.92
C ARG A 83 55.67 18.85 31.47
N ALA A 84 54.50 19.40 31.06
CA ALA A 84 54.10 19.31 29.66
C ALA A 84 55.12 20.01 28.79
N LYS A 85 55.71 21.08 29.29
CA LYS A 85 56.70 21.76 28.50
C LYS A 85 57.91 20.86 28.32
N LYS A 86 58.32 20.14 29.36
CA LYS A 86 59.43 19.22 29.20
C LYS A 86 59.05 18.13 28.20
N VAL A 87 57.77 17.72 28.20
CA VAL A 87 57.33 16.73 27.25
C VAL A 87 57.45 17.26 25.83
N ILE A 88 56.97 18.46 25.61
CA ILE A 88 57.01 19.06 24.29
C ILE A 88 58.44 19.28 23.80
N GLU A 89 59.28 19.85 24.65
CA GLU A 89 60.64 20.12 24.24
C GLU A 89 61.43 18.85 23.97
N LEU A 90 61.27 17.84 24.80
CA LEU A 90 62.01 16.62 24.58
C LEU A 90 61.49 15.88 23.37
N SER A 91 60.17 15.77 23.23
CA SER A 91 59.64 15.05 22.10
C SER A 91 60.07 15.67 20.80
N MET A 92 60.00 17.00 20.69
CA MET A 92 60.38 17.61 19.43
C MET A 92 61.88 17.51 19.18
N ASP A 93 62.71 17.66 20.21
CA ASP A 93 64.13 17.61 19.94
C ASP A 93 64.54 16.20 19.49
N GLU A 94 64.01 15.18 20.15
CA GLU A 94 64.37 13.82 19.72
C GLU A 94 63.74 13.57 18.36
N ALA A 95 62.54 14.08 18.13
CA ALA A 95 61.88 13.86 16.86
C ALA A 95 62.71 14.41 15.73
N ARG A 96 63.27 15.61 15.89
CA ARG A 96 64.11 16.17 14.85
C ARG A 96 65.32 15.27 14.56
N LYS A 97 65.94 14.75 15.62
CA LYS A 97 67.11 13.88 15.47
C LYS A 97 66.80 12.57 14.76
N LEU A 98 65.55 12.15 14.79
CA LEU A 98 65.09 10.91 14.22
C LEU A 98 64.31 11.14 12.92
N HIS A 99 64.41 12.35 12.36
CA HIS A 99 63.73 12.73 11.12
C HIS A 99 62.21 12.55 11.18
N HIS A 100 61.64 12.95 12.32
CA HIS A 100 60.21 12.97 12.49
C HIS A 100 59.91 14.45 12.65
N ASN A 101 59.72 15.18 11.56
CA ASN A 101 59.60 16.62 11.71
C ASN A 101 58.46 17.05 12.64
N PHE A 102 57.31 16.38 12.58
CA PHE A 102 56.25 16.74 13.50
C PHE A 102 56.09 15.58 14.47
N VAL A 103 55.70 15.90 15.70
CA VAL A 103 55.49 14.86 16.69
C VAL A 103 54.07 14.30 16.72
N GLY A 104 53.96 13.01 16.40
CA GLY A 104 52.69 12.29 16.41
C GLY A 104 52.58 11.44 17.66
N THR A 105 51.56 10.57 17.75
CA THR A 105 51.36 9.76 18.97
C THR A 105 52.46 8.71 19.16
N GLU A 106 53.01 8.26 18.06
CA GLU A 106 54.08 7.30 18.04
C GLU A 106 55.42 7.98 18.35
N HIS A 107 55.43 9.33 18.37
CA HIS A 107 56.63 10.10 18.60
C HIS A 107 56.51 10.89 19.88
N ILE A 108 55.29 11.15 20.34
CA ILE A 108 55.10 11.95 21.54
C ILE A 108 55.72 11.22 22.72
N LEU A 109 55.84 9.91 22.58
CA LEU A 109 56.44 8.99 23.52
C LEU A 109 57.88 9.39 23.81
N LEU A 110 58.50 10.08 22.87
CA LEU A 110 59.87 10.51 22.99
C LEU A 110 59.98 11.46 24.19
N GLY A 111 58.94 12.28 24.43
CA GLY A 111 58.95 13.23 25.54
C GLY A 111 57.90 12.99 26.62
N LEU A 112 56.88 12.12 26.38
CA LEU A 112 55.78 11.93 27.35
C LEU A 112 56.25 11.49 28.69
N ASN A 116 58.11 12.78 30.61
CA ASN A 116 58.17 13.86 31.56
C ASN A 116 56.85 14.04 32.32
N GLU A 117 55.70 13.69 31.70
CA GLU A 117 54.41 13.88 32.37
C GLU A 117 53.37 12.78 32.06
N GLY A 118 53.18 12.43 30.78
CA GLY A 118 52.04 11.58 30.34
C GLY A 118 52.25 10.08 30.37
N VAL A 119 52.80 9.60 31.46
CA VAL A 119 53.14 8.19 31.67
C VAL A 119 52.74 7.73 33.04
N ALA A 120 52.79 6.42 33.29
CA ALA A 120 52.50 5.97 34.63
C ALA A 120 53.72 6.23 35.49
N ALA A 121 53.89 7.49 35.87
CA ALA A 121 55.04 7.94 36.66
C ALA A 121 54.77 7.55 38.10
N ARG A 122 54.89 6.25 38.36
CA ARG A 122 54.54 5.60 39.61
C ARG A 122 55.68 4.68 40.04
N VAL A 123 55.60 4.09 41.23
CA VAL A 123 56.69 3.17 41.59
C VAL A 123 56.71 2.02 40.60
N PHE A 124 55.55 1.44 40.35
CA PHE A 124 55.44 0.34 39.40
C PHE A 124 55.09 0.96 38.07
N ALA A 125 56.03 1.74 37.58
CA ALA A 125 55.90 2.56 36.40
C ALA A 125 55.86 1.82 35.09
N ASN A 126 55.24 2.51 34.15
CA ASN A 126 55.10 2.16 32.74
C ASN A 126 55.53 3.39 31.95
N LEU A 127 56.85 3.47 31.70
CA LEU A 127 57.46 4.67 31.13
C LEU A 127 57.95 4.48 29.72
N ASP A 128 57.86 5.55 28.96
CA ASP A 128 58.29 5.68 27.58
C ASP A 128 59.80 5.66 27.34
N LEU A 129 60.15 5.25 26.12
CA LEU A 129 61.50 5.17 25.60
C LEU A 129 61.66 6.24 24.51
N ASN A 130 62.88 6.77 24.30
CA ASN A 130 63.02 7.78 23.24
C ASN A 130 63.86 7.39 22.00
N ILE A 131 65.11 7.00 22.19
CA ILE A 131 66.00 6.76 21.06
C ILE A 131 66.54 5.35 21.07
N THR A 132 65.84 4.50 21.77
CA THR A 132 66.20 3.12 21.96
C THR A 132 65.22 2.23 21.22
N LYS A 133 64.01 2.09 21.77
CA LYS A 133 62.99 1.25 21.16
C LYS A 133 61.89 2.02 20.45
N ALA A 134 61.55 3.22 20.91
CA ALA A 134 60.46 3.91 20.26
C ALA A 134 60.78 4.16 18.80
N ARG A 135 62.02 4.49 18.51
CA ARG A 135 62.39 4.79 17.14
C ARG A 135 62.24 3.58 16.20
N ALA A 136 62.17 2.36 16.76
CA ALA A 136 62.03 1.14 15.99
C ALA A 136 60.56 0.75 15.92
N GLN A 137 59.84 0.88 17.05
CA GLN A 137 58.44 0.49 17.14
C GLN A 137 57.61 1.44 16.24
N VAL A 138 58.10 2.67 16.08
CA VAL A 138 57.55 3.67 15.17
C VAL A 138 57.47 3.17 13.75
N VAL A 139 58.40 2.32 13.32
CA VAL A 139 58.29 1.87 11.95
C VAL A 139 56.98 1.12 11.79
N LYS A 140 56.60 0.27 12.74
CA LYS A 140 55.32 -0.45 12.63
C LYS A 140 54.12 0.50 12.60
N ALA A 141 54.23 1.62 13.31
CA ALA A 141 53.21 2.67 13.38
C ALA A 141 53.13 3.34 12.05
N LEU A 142 52.53 4.53 11.95
CA LEU A 142 52.43 5.14 10.63
C LEU A 142 53.83 5.05 9.97
N GLY A 143 54.90 5.29 10.73
CA GLY A 143 56.28 5.01 10.32
C GLY A 143 56.88 5.60 9.08
N ASN A 144 57.36 4.72 8.19
CA ASN A 144 58.07 5.09 6.97
C ASN A 144 57.33 5.94 5.89
N PRO A 145 56.08 5.64 5.49
CA PRO A 145 55.34 6.36 4.47
C PRO A 145 54.70 7.67 4.92
N GLU A 146 55.51 8.67 5.34
CA GLU A 146 54.89 9.92 5.83
C GLU A 146 55.34 11.27 5.27
N MET A 147 55.20 11.57 3.98
CA MET A 147 55.70 12.89 3.53
C MET A 147 54.91 14.17 3.98
N SER A 148 53.56 14.26 3.69
CA SER A 148 52.59 15.43 3.83
C SER A 148 52.13 15.81 5.28
N ASN A 149 50.97 16.49 5.51
CA ASN A 149 50.67 17.02 6.88
C ASN A 149 49.27 16.90 7.56
N LYS A 150 48.72 15.72 7.85
CA LYS A 150 47.40 15.77 8.53
C LYS A 150 47.42 15.21 9.91
N ASN A 151 47.46 13.90 10.02
CA ASN A 151 47.51 13.19 11.28
C ASN A 151 47.67 11.71 11.00
N ALA A 152 47.66 10.90 12.04
CA ALA A 152 47.67 9.46 11.94
C ALA A 152 46.45 8.92 12.64
N GLN A 153 45.37 9.70 12.62
CA GLN A 153 44.15 9.34 13.32
C GLN A 153 44.50 9.12 14.77
N ALA A 154 45.01 10.17 15.39
CA ALA A 154 45.50 10.11 16.75
C ALA A 154 44.40 9.93 17.77
N SER A 155 43.95 8.70 17.86
CA SER A 155 42.89 8.23 18.72
C SER A 155 42.94 6.72 19.02
N LYS A 156 42.73 6.38 20.29
CA LYS A 156 42.57 5.02 20.78
C LYS A 156 43.59 3.99 20.23
N SER A 157 43.15 3.25 19.21
CA SER A 157 43.88 2.13 18.62
C SER A 157 45.12 2.52 17.84
N ASN A 158 45.27 3.80 17.54
CA ASN A 158 46.43 4.30 16.82
C ASN A 158 47.75 4.21 17.60
N ASN A 159 48.82 3.68 16.98
CA ASN A 159 50.13 3.52 17.57
C ASN A 159 50.92 4.81 17.64
N THR A 162 21.75 7.54 6.44
CA THR A 162 21.07 6.26 6.69
C THR A 162 21.25 5.31 5.50
N LEU A 163 21.98 5.76 4.50
CA LEU A 163 22.25 4.99 3.28
C LEU A 163 20.95 4.51 2.60
N ASP A 164 20.13 5.48 2.25
CA ASP A 164 18.83 5.29 1.61
C ASP A 164 18.98 4.91 0.14
N SER A 165 17.87 4.63 -0.53
CA SER A 165 17.81 4.22 -1.95
C SER A 165 18.41 5.25 -2.92
N LEU A 166 18.60 6.47 -2.45
CA LEU A 166 19.20 7.55 -3.22
C LEU A 166 20.72 7.51 -3.09
N ALA A 167 21.23 6.49 -2.39
CA ALA A 167 22.63 6.26 -2.10
C ALA A 167 22.99 4.82 -2.37
N ARG A 168 22.98 4.45 -3.64
CA ARG A 168 23.19 3.06 -4.01
C ARG A 168 24.64 2.70 -3.70
N ASP A 169 24.87 1.64 -2.95
CA ASP A 169 26.25 1.31 -2.53
C ASP A 169 27.09 0.58 -3.58
N LEU A 170 28.11 1.28 -4.11
CA LEU A 170 28.99 0.70 -5.12
C LEU A 170 30.12 -0.05 -4.49
N THR A 171 30.59 0.41 -3.33
CA THR A 171 31.73 -0.28 -2.70
C THR A 171 31.35 -1.69 -2.28
N VAL A 172 30.09 -1.93 -1.95
CA VAL A 172 29.77 -3.31 -1.64
C VAL A 172 29.84 -4.17 -2.91
N ILE A 173 29.52 -3.58 -4.06
CA ILE A 173 29.53 -4.30 -5.31
C ILE A 173 31.01 -4.51 -5.67
N ALA A 174 31.82 -3.49 -5.40
CA ALA A 174 33.23 -3.57 -5.63
C ALA A 174 33.83 -4.72 -4.85
N LYS A 175 33.36 -4.89 -3.61
CA LYS A 175 33.84 -5.94 -2.75
C LYS A 175 33.42 -7.29 -3.30
N ASP A 176 32.17 -7.39 -3.80
CA ASP A 176 31.69 -8.63 -4.41
C ASP A 176 32.58 -9.00 -5.59
N GLY A 177 33.10 -7.99 -6.30
CA GLY A 177 33.96 -8.21 -7.43
C GLY A 177 33.24 -8.16 -8.76
N THR A 178 32.11 -7.43 -8.81
CA THR A 178 31.37 -7.36 -10.07
C THR A 178 31.40 -6.00 -10.78
N LEU A 179 32.25 -5.07 -10.33
CA LEU A 179 32.34 -3.77 -11.01
C LEU A 179 33.30 -3.82 -12.21
N ASP A 180 33.05 -2.93 -13.18
CA ASP A 180 33.82 -2.80 -14.43
C ASP A 180 35.09 -1.93 -14.20
N PRO A 181 36.31 -2.49 -14.26
CA PRO A 181 37.57 -1.80 -13.97
C PRO A 181 37.90 -0.82 -15.08
N VAL A 182 38.72 0.16 -14.80
CA VAL A 182 39.13 1.09 -15.84
C VAL A 182 40.62 0.96 -16.09
N ILE A 183 40.99 0.98 -17.37
CA ILE A 183 42.38 0.86 -17.74
C ILE A 183 43.08 2.20 -17.85
N GLY A 184 44.15 2.36 -17.06
CA GLY A 184 44.97 3.57 -17.12
C GLY A 184 44.36 4.86 -16.58
N ARG A 185 43.44 4.78 -15.61
CA ARG A 185 42.80 6.00 -15.12
C ARG A 185 42.97 6.21 -13.62
N ASP A 186 44.20 6.00 -13.19
CA ASP A 186 44.62 6.14 -11.82
C ASP A 186 44.90 7.61 -11.59
N LYS A 187 45.27 8.33 -12.64
CA LYS A 187 45.55 9.75 -12.49
C LYS A 187 44.26 10.43 -12.08
N GLU A 188 43.16 9.97 -12.65
CA GLU A 188 41.86 10.52 -12.36
C GLU A 188 41.47 10.18 -10.94
N ILE A 189 41.67 8.93 -10.51
CA ILE A 189 41.31 8.60 -9.14
C ILE A 189 42.15 9.42 -8.16
N THR A 190 43.45 9.55 -8.46
CA THR A 190 44.33 10.31 -7.61
C THR A 190 43.84 11.76 -7.49
N ARG A 191 43.54 12.39 -8.62
CA ARG A 191 43.08 13.78 -8.61
C ARG A 191 41.77 13.92 -7.88
N VAL A 192 40.91 12.94 -8.00
CA VAL A 192 39.67 12.99 -7.27
C VAL A 192 39.90 13.02 -5.79
N ILE A 193 40.78 12.19 -5.29
CA ILE A 193 41.02 12.17 -3.85
C ILE A 193 41.51 13.55 -3.40
N GLU A 194 42.43 14.12 -4.14
CA GLU A 194 42.98 15.43 -3.79
C GLU A 194 41.90 16.48 -3.77
N VAL A 195 41.00 16.44 -4.73
CA VAL A 195 39.98 17.45 -4.75
C VAL A 195 38.95 17.23 -3.66
N LEU A 196 38.53 16.00 -3.44
CA LEU A 196 37.49 15.73 -2.46
C LEU A 196 37.87 16.21 -1.08
N SER A 197 39.14 16.15 -0.73
CA SER A 197 39.59 16.58 0.59
C SER A 197 39.50 18.09 0.86
N ARG A 198 39.38 18.91 -0.17
CA ARG A 198 39.40 20.36 -0.04
C ARG A 198 38.12 21.00 0.51
N ARG A 199 38.23 22.26 0.94
CA ARG A 199 37.08 23.01 1.45
C ARG A 199 36.30 23.79 0.38
N THR A 200 37.00 24.34 -0.61
CA THR A 200 36.36 25.20 -1.61
C THR A 200 36.25 24.42 -2.89
N LYS A 201 37.30 24.39 -3.72
CA LYS A 201 37.24 23.60 -4.95
C LYS A 201 37.37 22.19 -4.55
N ASN A 202 36.25 21.60 -4.14
CA ASN A 202 36.32 20.32 -3.52
C ASN A 202 35.43 19.25 -4.08
N ASN A 203 34.76 19.53 -5.16
CA ASN A 203 33.97 18.50 -5.77
C ASN A 203 34.57 18.30 -7.14
N PRO A 204 35.34 17.25 -7.35
CA PRO A 204 35.95 17.03 -8.61
C PRO A 204 34.84 16.64 -9.48
N VAL A 205 34.95 16.86 -10.76
CA VAL A 205 33.96 16.26 -11.62
C VAL A 205 34.69 15.57 -12.73
N LEU A 206 34.14 14.52 -13.28
CA LEU A 206 34.88 13.92 -14.36
C LEU A 206 34.43 14.59 -15.63
N ILE A 207 35.37 14.93 -16.51
CA ILE A 207 35.01 15.56 -17.78
C ILE A 207 35.24 14.68 -18.98
N GLY A 208 34.18 14.52 -19.78
CA GLY A 208 34.24 13.77 -21.04
C GLY A 208 32.85 13.33 -21.41
N GLU A 209 32.69 12.77 -22.59
CA GLU A 209 31.38 12.31 -23.01
C GLU A 209 31.21 10.98 -22.32
N PRO A 210 30.00 10.50 -22.07
CA PRO A 210 29.79 9.22 -21.45
C PRO A 210 30.36 8.22 -22.42
N GLY A 211 30.92 7.13 -21.89
CA GLY A 211 31.54 6.12 -22.76
C GLY A 211 33.05 6.29 -22.78
N VAL A 212 33.55 7.49 -22.47
CA VAL A 212 34.99 7.77 -22.45
C VAL A 212 35.72 6.90 -21.43
N GLY A 213 34.98 6.44 -20.42
CA GLY A 213 35.54 5.63 -19.36
C GLY A 213 35.09 6.16 -18.00
N LYS A 214 34.34 7.26 -17.99
CA LYS A 214 33.90 7.82 -16.73
C LYS A 214 33.07 6.86 -15.89
N THR A 215 32.19 6.07 -16.52
CA THR A 215 31.47 5.17 -15.65
C THR A 215 32.43 4.19 -14.98
N ALA A 216 33.48 3.78 -15.70
CA ALA A 216 34.43 2.82 -15.17
C ALA A 216 35.32 3.47 -14.11
N ILE A 217 35.54 4.78 -14.20
CA ILE A 217 36.34 5.46 -13.19
C ILE A 217 35.58 5.52 -11.89
N ALA A 218 34.30 5.90 -11.96
CA ALA A 218 33.55 5.97 -10.72
C ALA A 218 33.53 4.58 -10.07
N GLU A 219 33.32 3.54 -10.87
CA GLU A 219 33.38 2.21 -10.32
C GLU A 219 34.80 1.86 -9.86
N GLY A 220 35.80 2.32 -10.60
CA GLY A 220 37.20 2.10 -10.26
C GLY A 220 37.52 2.67 -8.88
N LEU A 221 36.89 3.79 -8.52
CA LEU A 221 37.11 4.35 -7.20
C LEU A 221 36.60 3.37 -6.17
N ALA A 222 35.38 2.87 -6.38
CA ALA A 222 34.80 1.93 -5.44
C ALA A 222 35.72 0.70 -5.29
N GLN A 223 36.34 0.27 -6.39
CA GLN A 223 37.27 -0.87 -6.33
C GLN A 223 38.51 -0.51 -5.52
N ALA A 224 39.04 0.69 -5.73
CA ALA A 224 40.22 1.14 -5.00
C ALA A 224 39.96 1.14 -3.50
N ILE A 225 38.73 1.49 -3.11
CA ILE A 225 38.39 1.54 -1.71
C ILE A 225 38.40 0.16 -1.10
N VAL A 226 37.73 -0.79 -1.73
CA VAL A 226 37.69 -2.12 -1.14
C VAL A 226 39.03 -2.84 -1.19
N ASN A 227 39.89 -2.44 -2.13
CA ASN A 227 41.21 -3.02 -2.27
C ASN A 227 42.25 -2.29 -1.44
N ASN A 228 41.81 -1.32 -0.63
CA ASN A 228 42.67 -0.52 0.23
C ASN A 228 43.81 0.14 -0.50
N GLU A 229 43.51 0.67 -1.67
CA GLU A 229 44.48 1.38 -2.49
C GLU A 229 44.45 2.86 -2.14
N VAL A 230 43.56 3.20 -1.20
CA VAL A 230 43.34 4.55 -0.74
C VAL A 230 43.54 4.50 0.77
N PRO A 231 43.84 5.61 1.46
CA PRO A 231 43.91 5.62 2.89
C PRO A 231 42.49 5.34 3.32
N GLU A 232 42.28 4.65 4.42
CA GLU A 232 40.89 4.39 4.73
C GLU A 232 40.17 5.58 5.33
N THR A 233 39.53 6.32 4.44
CA THR A 233 38.76 7.50 4.79
C THR A 233 37.46 7.28 4.08
N LEU A 234 37.63 6.62 2.93
CA LEU A 234 36.56 6.31 1.98
C LEU A 234 35.86 5.04 2.45
N LYS A 235 36.41 4.49 3.51
CA LYS A 235 35.86 3.35 4.20
C LYS A 235 34.49 3.78 4.72
N ASP A 236 34.43 5.04 5.20
CA ASP A 236 33.19 5.61 5.69
C ASP A 236 32.62 6.38 4.53
N LYS A 237 33.46 7.18 3.84
CA LYS A 237 33.00 7.94 2.69
C LYS A 237 33.00 7.08 1.47
N ARG A 238 32.09 6.13 1.51
CA ARG A 238 31.94 5.11 0.53
C ARG A 238 31.33 5.67 -0.69
N VAL A 239 31.56 4.96 -1.77
CA VAL A 239 30.96 5.37 -3.00
C VAL A 239 29.55 4.91 -3.08
N MET A 240 28.67 5.90 -3.09
CA MET A 240 27.26 5.71 -3.20
C MET A 240 26.86 6.40 -4.48
N SER A 241 25.94 5.87 -5.24
CA SER A 241 25.54 6.59 -6.44
C SER A 241 24.19 7.27 -6.26
N LEU A 242 24.08 8.49 -6.78
CA LEU A 242 22.82 9.19 -6.70
C LEU A 242 21.84 8.85 -7.77
N ASP A 243 20.75 8.29 -7.31
CA ASP A 243 19.66 7.88 -8.13
C ASP A 243 18.60 8.97 -8.05
N MET A 244 18.53 9.88 -9.01
CA MET A 244 17.50 10.90 -8.88
C MET A 244 16.24 10.15 -9.27
N GLY A 245 15.13 10.37 -8.58
CA GLY A 245 13.97 9.56 -8.89
C GLY A 245 12.73 10.29 -9.33
N THR A 246 12.26 9.87 -10.49
CA THR A 246 11.06 10.40 -11.12
C THR A 246 10.53 9.36 -12.11
N VAL A 247 9.22 9.38 -12.35
CA VAL A 247 8.57 8.42 -13.26
C VAL A 247 7.45 9.04 -14.11
N GLY A 255 5.04 14.33 -7.81
CA GLY A 255 6.01 14.05 -8.87
C GLY A 255 7.33 14.72 -8.53
N GLU A 256 7.24 15.87 -7.89
CA GLU A 256 8.43 16.62 -7.46
C GLU A 256 9.28 15.73 -6.55
N PHE A 257 10.58 15.65 -6.81
CA PHE A 257 11.41 14.78 -5.95
C PHE A 257 12.53 15.48 -5.19
N GLU A 258 12.88 16.72 -5.52
CA GLU A 258 13.94 17.39 -4.77
C GLU A 258 13.61 17.37 -3.28
N GLU A 259 12.33 17.53 -2.93
CA GLU A 259 11.93 17.49 -1.53
C GLU A 259 12.38 16.20 -0.84
N ARG A 260 12.28 15.07 -1.54
CA ARG A 260 12.69 13.83 -0.92
C ARG A 260 14.19 13.83 -0.80
N LEU A 261 14.89 14.38 -1.80
CA LEU A 261 16.33 14.36 -1.74
C LEU A 261 16.76 15.12 -0.49
N LYS A 262 16.08 16.22 -0.17
CA LYS A 262 16.42 17.01 1.01
C LYS A 262 16.12 16.26 2.30
N LYS A 263 15.00 15.56 2.37
CA LYS A 263 14.72 14.83 3.60
C LYS A 263 15.74 13.72 3.82
N VAL A 264 16.11 13.03 2.74
CA VAL A 264 17.08 11.96 2.82
C VAL A 264 18.46 12.51 3.09
N MET A 265 18.81 13.59 2.42
CA MET A 265 20.08 14.20 2.62
C MET A 265 20.26 14.54 4.06
N GLU A 266 19.23 15.07 4.70
CA GLU A 266 19.39 15.36 6.10
C GLU A 266 19.66 14.05 6.85
N GLU A 267 18.95 12.97 6.52
CA GLU A 267 19.19 11.70 7.21
C GLU A 267 20.63 11.16 6.98
N ILE A 268 21.14 11.34 5.77
CA ILE A 268 22.49 10.90 5.45
C ILE A 268 23.53 11.80 6.07
N GLN A 269 23.33 13.10 5.99
CA GLN A 269 24.28 14.03 6.53
C GLN A 269 24.37 13.81 8.03
N GLN A 270 23.24 13.56 8.69
CA GLN A 270 23.29 13.30 10.10
C GLN A 270 24.13 12.04 10.37
N ALA A 271 23.97 10.99 9.55
CA ALA A 271 24.87 9.84 9.73
C ALA A 271 26.31 10.34 9.53
N GLY A 272 26.48 11.19 8.52
CA GLY A 272 27.74 11.86 8.21
C GLY A 272 28.81 10.94 7.67
N ASN A 273 28.42 9.81 7.11
CA ASN A 273 29.43 8.86 6.68
C ASN A 273 29.66 8.72 5.20
N VAL A 274 28.60 8.71 4.39
CA VAL A 274 28.81 8.37 2.98
C VAL A 274 28.58 9.51 2.01
N ILE A 275 29.18 9.40 0.82
CA ILE A 275 29.05 10.45 -0.17
C ILE A 275 28.46 9.99 -1.52
N LEU A 276 27.66 10.87 -2.15
CA LEU A 276 26.98 10.59 -3.42
C LEU A 276 27.66 11.04 -4.69
N PHE A 277 27.86 10.11 -5.58
CA PHE A 277 28.54 10.32 -6.83
C PHE A 277 27.65 10.28 -8.05
N ILE A 278 28.10 11.01 -9.06
CA ILE A 278 27.55 10.97 -10.39
C ILE A 278 28.61 10.25 -11.20
N ASP A 279 28.27 9.21 -11.96
CA ASP A 279 29.37 8.57 -12.66
C ASP A 279 29.70 9.29 -13.96
N GLU A 280 28.68 9.51 -14.81
CA GLU A 280 28.96 10.18 -16.07
C GLU A 280 28.25 11.52 -16.34
N LEU A 281 26.97 11.69 -15.94
CA LEU A 281 26.25 12.89 -16.38
C LEU A 281 25.54 13.70 -15.28
N HIS A 282 25.67 15.04 -15.36
CA HIS A 282 25.00 15.98 -14.44
C HIS A 282 24.93 17.43 -14.97
N THR A 283 23.73 18.00 -15.00
CA THR A 283 23.55 19.40 -15.38
C THR A 283 22.76 20.08 -14.30
N LEU A 284 22.60 21.38 -14.42
CA LEU A 284 21.68 21.97 -13.49
C LEU A 284 20.32 21.40 -13.89
N VAL A 285 19.48 21.13 -12.91
CA VAL A 285 18.15 20.58 -13.20
C VAL A 285 17.09 21.41 -12.49
N GLY A 286 15.85 21.38 -12.95
CA GLY A 286 14.78 22.12 -12.26
C GLY A 286 14.14 21.29 -11.15
N ALA A 287 14.62 20.07 -11.01
CA ALA A 287 14.18 19.05 -10.07
C ALA A 287 14.95 17.78 -10.37
N ALA A 296 16.24 24.08 -6.43
CA ALA A 296 17.41 24.84 -6.85
C ALA A 296 17.99 24.26 -8.12
N SER A 297 18.48 25.13 -9.02
CA SER A 297 19.12 24.63 -10.24
C SER A 297 20.33 23.80 -9.80
N ASN A 298 20.90 24.28 -8.71
CA ASN A 298 21.96 23.63 -7.99
C ASN A 298 21.23 22.70 -7.05
N ILE A 299 20.59 21.69 -7.63
CA ILE A 299 19.70 20.83 -6.90
C ILE A 299 20.33 20.27 -5.66
N LEU A 300 19.59 20.39 -4.56
CA LEU A 300 20.00 19.96 -3.23
C LEU A 300 21.33 20.61 -2.75
N LYS A 301 21.88 21.59 -3.48
CA LYS A 301 23.17 22.04 -3.04
C LYS A 301 23.15 23.05 -1.93
N PRO A 302 22.27 24.09 -1.88
CA PRO A 302 22.35 25.00 -0.75
C PRO A 302 21.95 24.24 0.50
N ALA A 303 21.10 23.23 0.31
CA ALA A 303 20.63 22.38 1.38
C ALA A 303 21.79 21.68 2.07
N LEU A 304 22.76 21.25 1.26
CA LEU A 304 23.91 20.51 1.74
C LEU A 304 25.19 21.32 1.59
N ALA A 305 25.09 22.65 1.47
CA ALA A 305 26.29 23.46 1.38
C ALA A 305 26.86 23.61 2.77
N ARG A 306 27.45 22.53 3.27
CA ARG A 306 27.92 22.42 4.63
C ARG A 306 29.45 22.37 4.68
N GLY A 307 30.09 22.33 3.51
CA GLY A 307 31.54 22.19 3.46
C GLY A 307 32.01 20.77 3.77
N GLU A 308 31.14 19.79 3.53
CA GLU A 308 31.44 18.40 3.83
C GLU A 308 30.69 17.44 2.91
N LEU A 309 31.11 16.19 2.96
CA LEU A 309 30.55 15.09 2.16
C LEU A 309 30.70 15.31 0.64
N GLN A 310 31.89 15.77 0.29
CA GLN A 310 32.36 16.05 -1.06
C GLN A 310 32.29 14.80 -1.90
N CYS A 311 31.98 14.95 -3.19
CA CYS A 311 31.87 13.77 -4.08
C CYS A 311 32.25 14.08 -5.52
N ILE A 312 32.43 13.06 -6.35
CA ILE A 312 32.78 13.36 -7.74
C ILE A 312 31.48 13.58 -8.50
N GLY A 313 31.35 14.70 -9.18
CA GLY A 313 30.17 14.92 -10.01
C GLY A 313 30.59 14.52 -11.42
N ALA A 314 29.78 14.72 -12.43
CA ALA A 314 30.33 14.29 -13.73
C ALA A 314 29.62 14.98 -14.84
N THR A 315 30.41 15.55 -15.72
CA THR A 315 29.90 16.34 -16.84
C THR A 315 30.63 16.01 -18.14
N THR A 316 30.20 16.64 -19.22
CA THR A 316 30.80 16.52 -20.54
C THR A 316 31.20 17.93 -20.88
N LEU A 317 31.78 18.14 -22.05
CA LEU A 317 32.10 19.51 -22.44
C LEU A 317 30.86 20.42 -22.32
N ASP A 318 29.71 19.92 -22.75
CA ASP A 318 28.52 20.74 -22.74
C ASP A 318 27.85 20.68 -21.38
N GLU A 319 27.86 19.53 -20.72
CA GLU A 319 27.19 19.53 -19.44
C GLU A 319 27.96 20.39 -18.47
N TYR A 320 29.28 20.44 -18.59
CA TYR A 320 30.08 21.22 -17.69
C TYR A 320 29.60 22.63 -17.82
N ARG A 321 29.51 23.06 -19.07
CA ARG A 321 29.01 24.37 -19.37
C ARG A 321 27.61 24.58 -18.80
N LYS A 322 26.76 23.57 -18.91
CA LYS A 322 25.38 23.61 -18.45
C LYS A 322 25.20 23.24 -16.98
N ASN A 323 26.29 22.99 -16.26
CA ASN A 323 26.18 22.60 -14.89
C ASN A 323 26.89 23.66 -14.07
N ILE A 324 28.17 23.72 -14.32
CA ILE A 324 29.05 24.53 -13.54
C ILE A 324 29.24 25.93 -14.08
N GLU A 325 29.56 26.06 -15.37
CA GLU A 325 29.78 27.41 -15.87
C GLU A 325 28.48 28.18 -15.86
N LYS A 326 27.40 27.49 -16.21
CA LYS A 326 26.07 28.08 -16.23
C LYS A 326 25.70 28.64 -14.88
N ASP A 327 25.94 27.88 -13.81
CA ASP A 327 25.67 28.43 -12.50
C ASP A 327 26.58 29.62 -12.20
N ALA A 328 27.89 29.38 -12.32
CA ALA A 328 28.98 30.31 -12.07
C ALA A 328 29.11 30.80 -10.61
N ALA A 329 28.36 30.23 -9.66
CA ALA A 329 28.53 30.64 -8.27
C ALA A 329 29.24 29.53 -7.53
N LEU A 330 28.77 28.32 -7.78
CA LEU A 330 29.31 27.15 -7.12
C LEU A 330 30.50 26.68 -7.92
N GLU A 331 30.79 27.37 -9.00
CA GLU A 331 31.93 27.08 -9.84
C GLU A 331 33.19 27.11 -9.00
N ARG A 332 33.21 28.02 -8.01
CA ARG A 332 34.33 28.19 -7.10
C ARG A 332 34.55 26.92 -6.26
N ARG A 333 33.56 26.03 -6.23
CA ARG A 333 33.63 24.84 -5.46
C ARG A 333 33.95 23.57 -6.25
N PHE A 334 34.27 23.70 -7.54
CA PHE A 334 34.56 22.51 -8.34
C PHE A 334 35.93 22.47 -8.95
N GLN A 335 36.38 21.26 -9.23
CA GLN A 335 37.60 21.06 -9.99
C GLN A 335 37.41 19.99 -11.06
N PRO A 336 37.40 20.31 -12.34
CA PRO A 336 37.24 19.31 -13.35
C PRO A 336 38.47 18.41 -13.40
N VAL A 337 38.21 17.13 -13.63
CA VAL A 337 39.20 16.10 -13.81
C VAL A 337 39.04 15.60 -15.23
N GLN A 338 39.98 15.92 -16.09
CA GLN A 338 39.77 15.54 -17.48
C GLN A 338 40.06 14.07 -17.71
N VAL A 339 39.07 13.38 -18.28
CA VAL A 339 39.21 11.96 -18.57
C VAL A 339 39.44 11.76 -20.04
N ASP A 340 40.61 11.26 -20.41
CA ASP A 340 40.83 11.06 -21.83
C ASP A 340 40.23 9.72 -22.22
N GLU A 341 40.08 9.49 -23.50
CA GLU A 341 39.61 8.19 -23.93
C GLU A 341 40.79 7.24 -23.83
N PRO A 342 40.58 5.93 -23.66
CA PRO A 342 41.65 4.97 -23.72
C PRO A 342 42.17 4.92 -25.13
N SER A 343 43.46 4.64 -25.26
CA SER A 343 44.13 4.48 -26.53
C SER A 343 43.77 3.16 -27.14
N VAL A 344 44.23 2.90 -28.36
CA VAL A 344 43.95 1.60 -28.94
C VAL A 344 44.49 0.52 -28.04
N VAL A 345 45.68 0.72 -27.53
CA VAL A 345 46.27 -0.26 -26.63
C VAL A 345 45.43 -0.48 -25.38
N ASP A 346 44.88 0.60 -24.83
CA ASP A 346 44.13 0.45 -23.60
C ASP A 346 42.74 -0.13 -23.86
N THR A 347 42.13 0.25 -24.98
CA THR A 347 40.81 -0.25 -25.30
C THR A 347 40.94 -1.74 -25.59
N VAL A 348 41.97 -2.12 -26.32
CA VAL A 348 42.18 -3.52 -26.58
C VAL A 348 42.36 -4.26 -25.27
N ALA A 349 43.16 -3.69 -24.37
CA ALA A 349 43.36 -4.37 -23.09
C ALA A 349 42.05 -4.55 -22.33
N ILE A 350 41.16 -3.57 -22.30
CA ILE A 350 39.94 -3.81 -21.57
C ILE A 350 39.07 -4.84 -22.27
N LEU A 351 39.03 -4.79 -23.61
CA LEU A 351 38.19 -5.76 -24.30
C LEU A 351 38.71 -7.16 -24.18
N LYS A 352 40.03 -7.32 -24.21
CA LYS A 352 40.54 -8.66 -24.05
C LYS A 352 40.25 -9.14 -22.63
N GLY A 353 40.39 -8.28 -21.62
CA GLY A 353 40.08 -8.67 -20.26
C GLY A 353 38.61 -9.07 -20.13
N LEU A 354 37.75 -8.34 -20.82
CA LEU A 354 36.31 -8.57 -20.84
C LEU A 354 35.91 -9.60 -21.88
N ARG A 355 36.86 -10.19 -22.62
CA ARG A 355 36.55 -11.11 -23.67
C ARG A 355 35.75 -12.27 -23.13
N ASP A 356 36.10 -12.76 -21.95
CA ASP A 356 35.37 -13.86 -21.37
C ASP A 356 33.88 -13.55 -21.17
N ARG A 357 33.56 -12.30 -20.84
CA ARG A 357 32.17 -12.00 -20.61
C ARG A 357 31.45 -12.00 -21.94
N TYR A 358 32.07 -11.42 -22.95
CA TYR A 358 31.38 -11.34 -24.22
C TYR A 358 31.22 -12.73 -24.81
N GLU A 359 32.23 -13.58 -24.66
CA GLU A 359 32.13 -14.91 -25.23
C GLU A 359 31.00 -15.67 -24.63
N ALA A 360 30.81 -15.53 -23.32
CA ALA A 360 29.72 -16.22 -22.67
C ALA A 360 28.37 -15.76 -23.23
N HIS A 361 28.24 -14.49 -23.53
CA HIS A 361 26.94 -14.00 -24.01
C HIS A 361 26.68 -14.35 -25.45
N HIS A 362 27.75 -14.37 -26.24
CA HIS A 362 27.62 -14.69 -27.65
C HIS A 362 27.69 -16.21 -27.88
N ARG A 363 28.21 -16.96 -26.89
CA ARG A 363 28.40 -18.42 -26.91
C ARG A 363 29.33 -18.83 -28.04
N ILE A 364 30.28 -17.96 -28.33
CA ILE A 364 31.24 -18.16 -29.40
C ILE A 364 32.56 -17.73 -28.87
N ASN A 365 33.60 -18.08 -29.56
CA ASN A 365 34.84 -17.45 -29.21
C ASN A 365 34.95 -16.10 -29.89
N ILE A 366 35.48 -15.13 -29.17
CA ILE A 366 35.72 -13.85 -29.78
C ILE A 366 37.21 -13.72 -29.99
N SER A 367 37.61 -13.61 -31.22
CA SER A 367 39.03 -13.58 -31.51
C SER A 367 39.81 -12.39 -30.95
N ASP A 368 41.02 -12.65 -30.42
CA ASP A 368 41.87 -11.56 -29.96
C ASP A 368 42.27 -10.65 -31.10
N GLU A 369 42.51 -11.25 -32.26
CA GLU A 369 42.85 -10.48 -33.43
C GLU A 369 41.64 -9.66 -33.80
N ALA A 370 40.46 -10.26 -33.66
CA ALA A 370 39.24 -9.51 -33.94
C ALA A 370 39.12 -8.33 -32.99
N ILE A 371 39.55 -8.49 -31.74
CA ILE A 371 39.49 -7.36 -30.82
C ILE A 371 40.46 -6.28 -31.22
N GLU A 372 41.68 -6.66 -31.55
CA GLU A 372 42.62 -5.63 -31.92
C GLU A 372 42.12 -4.91 -33.15
N ALA A 373 41.64 -5.68 -34.11
CA ALA A 373 41.11 -5.10 -35.31
C ALA A 373 39.87 -4.29 -35.04
N ALA A 374 38.97 -4.76 -34.18
CA ALA A 374 37.76 -3.99 -33.94
C ALA A 374 38.08 -2.65 -33.37
N VAL A 375 39.02 -2.60 -32.46
CA VAL A 375 39.35 -1.32 -31.87
C VAL A 375 39.94 -0.41 -32.93
N LYS A 376 40.89 -0.92 -33.71
CA LYS A 376 41.56 -0.11 -34.72
C LYS A 376 40.63 0.31 -35.85
N LEU A 377 39.83 -0.60 -36.33
CA LEU A 377 39.00 -0.30 -37.47
C LEU A 377 37.85 0.59 -37.05
N SER A 378 37.30 0.41 -35.84
CA SER A 378 36.28 1.34 -35.41
C SER A 378 36.89 2.71 -35.24
N ASN A 379 38.12 2.77 -34.70
CA ASN A 379 38.81 4.04 -34.50
C ASN A 379 38.91 4.81 -35.80
N ARG A 380 39.08 4.10 -36.90
CA ARG A 380 39.18 4.74 -38.19
C ARG A 380 37.81 5.08 -38.75
N TYR A 381 36.88 4.14 -38.63
CA TYR A 381 35.55 4.30 -39.19
C TYR A 381 34.58 5.23 -38.45
N VAL A 382 34.42 5.07 -37.16
CA VAL A 382 33.43 5.85 -36.43
C VAL A 382 33.95 7.20 -35.97
N SER A 383 33.20 8.26 -36.30
CA SER A 383 33.52 9.63 -35.92
C SER A 383 32.57 10.15 -34.82
N ASP A 384 31.60 9.32 -34.47
CA ASP A 384 30.52 9.65 -33.55
C ASP A 384 30.73 9.41 -32.05
N ARG A 385 31.55 8.43 -31.68
CA ARG A 385 31.64 8.03 -30.28
C ARG A 385 33.09 7.92 -29.81
N PHE A 386 33.31 7.71 -28.51
CA PHE A 386 34.67 7.47 -28.01
C PHE A 386 35.12 6.08 -28.35
N LEU A 387 36.43 5.84 -28.34
CA LEU A 387 36.93 4.55 -28.76
C LEU A 387 36.25 3.33 -28.08
N PRO A 388 36.02 3.27 -26.75
CA PRO A 388 35.33 2.16 -26.13
C PRO A 388 33.94 1.92 -26.67
N ASP A 389 33.30 2.93 -27.21
CA ASP A 389 31.96 2.68 -27.66
C ASP A 389 32.01 2.17 -29.05
N LYS A 390 32.79 2.82 -29.89
CA LYS A 390 32.82 2.36 -31.25
C LYS A 390 33.48 0.98 -31.32
N ALA A 391 34.40 0.68 -30.40
CA ALA A 391 35.04 -0.62 -30.39
C ALA A 391 34.05 -1.68 -29.94
N ILE A 392 33.28 -1.37 -28.90
CA ILE A 392 32.30 -2.32 -28.40
C ILE A 392 31.18 -2.54 -29.41
N ASP A 393 30.66 -1.48 -30.01
CA ASP A 393 29.58 -1.67 -30.98
C ASP A 393 30.05 -2.65 -32.05
N LEU A 394 31.28 -2.48 -32.51
CA LEU A 394 31.80 -3.38 -33.51
C LEU A 394 32.04 -4.79 -32.98
N ILE A 395 32.59 -4.93 -31.77
CA ILE A 395 32.84 -6.30 -31.39
C ILE A 395 31.51 -7.03 -31.20
N ASP A 396 30.43 -6.35 -30.76
CA ASP A 396 29.18 -7.11 -30.73
C ASP A 396 28.67 -7.41 -32.14
N GLU A 397 28.79 -6.52 -33.12
CA GLU A 397 28.28 -6.92 -34.44
C GLU A 397 29.08 -8.07 -35.05
N ALA A 398 30.40 -8.05 -34.90
CA ALA A 398 31.18 -9.14 -35.47
C ALA A 398 30.81 -10.44 -34.78
N SER A 399 30.69 -10.39 -33.45
CA SER A 399 30.35 -11.54 -32.65
C SER A 399 28.95 -12.05 -32.95
N SER A 400 28.03 -11.13 -33.15
CA SER A 400 26.64 -11.46 -33.42
C SER A 400 26.55 -12.27 -34.68
N LYS A 401 27.30 -11.90 -35.69
CA LYS A 401 27.28 -12.63 -36.94
C LYS A 401 27.77 -14.06 -36.75
N VAL A 402 28.77 -14.25 -35.90
CA VAL A 402 29.24 -15.60 -35.66
C VAL A 402 28.10 -16.37 -35.00
N ARG A 403 27.49 -15.75 -33.98
CA ARG A 403 26.36 -16.35 -33.27
C ARG A 403 25.17 -16.69 -34.19
N LEU A 404 24.83 -15.82 -35.14
CA LEU A 404 23.73 -16.17 -36.01
C LEU A 404 24.09 -17.38 -36.84
N LYS A 405 25.29 -17.41 -37.38
CA LYS A 405 25.67 -18.52 -38.23
C LYS A 405 25.71 -19.82 -37.43
N SER A 406 26.20 -19.73 -36.20
CA SER A 406 26.37 -20.86 -35.32
C SER A 406 25.07 -21.33 -34.71
N HIS A 407 23.93 -20.71 -35.06
CA HIS A 407 22.69 -21.16 -34.49
C HIS A 407 22.44 -22.62 -34.83
N THR A 408 23.04 -23.12 -35.93
CA THR A 408 22.80 -24.51 -36.22
C THR A 408 23.99 -25.18 -36.86
N THR A 409 23.92 -26.49 -36.78
CA THR A 409 24.90 -27.44 -37.26
C THR A 409 25.05 -27.27 -38.78
N PRO A 410 26.27 -27.15 -39.33
CA PRO A 410 26.50 -26.89 -40.73
C PRO A 410 26.10 -28.04 -41.63
N ASN A 411 19.32 -28.72 -41.55
CA ASN A 411 19.26 -28.73 -43.01
C ASN A 411 18.82 -30.11 -43.51
N ASN A 412 19.75 -31.05 -43.74
CA ASN A 412 19.29 -32.37 -44.14
C ASN A 412 18.49 -32.93 -42.99
N LEU A 413 18.93 -32.62 -41.79
CA LEU A 413 18.28 -33.03 -40.59
C LEU A 413 16.87 -32.50 -40.61
N LYS A 414 16.69 -31.19 -40.87
CA LYS A 414 15.35 -30.64 -40.91
C LYS A 414 14.47 -31.45 -41.85
N GLU A 415 14.98 -31.83 -43.01
CA GLU A 415 14.15 -32.59 -43.91
C GLU A 415 13.75 -33.92 -43.27
N ILE A 416 14.65 -34.53 -42.51
CA ILE A 416 14.34 -35.79 -41.86
C ILE A 416 13.25 -35.53 -40.84
N GLU A 417 13.37 -34.45 -40.09
CA GLU A 417 12.34 -34.13 -39.10
C GLU A 417 10.99 -33.91 -39.75
N GLN A 418 10.96 -33.28 -40.92
CA GLN A 418 9.67 -33.08 -41.55
C GLN A 418 9.06 -34.42 -41.93
N GLU A 419 9.90 -35.38 -42.35
CA GLU A 419 9.36 -36.69 -42.68
C GLU A 419 8.87 -37.35 -41.39
N ILE A 420 9.59 -37.16 -40.29
CA ILE A 420 9.15 -37.72 -39.02
C ILE A 420 7.79 -37.16 -38.64
N GLU A 421 7.60 -35.86 -38.73
CA GLU A 421 6.31 -35.28 -38.39
C GLU A 421 5.22 -35.82 -39.31
N LYS A 422 5.51 -35.95 -40.60
CA LYS A 422 4.53 -36.47 -41.53
C LYS A 422 4.13 -37.88 -41.14
N VAL A 423 5.12 -38.72 -40.91
CA VAL A 423 4.88 -40.11 -40.58
C VAL A 423 4.12 -40.21 -39.28
N LYS A 424 4.48 -39.38 -38.30
CA LYS A 424 3.77 -39.38 -37.04
C LYS A 424 2.29 -39.11 -37.28
N ASN A 425 1.99 -38.09 -38.08
CA ASN A 425 0.59 -37.78 -38.35
C ASN A 425 -0.09 -38.95 -39.05
N GLU A 426 0.60 -39.59 -39.97
CA GLU A 426 0.03 -40.72 -40.68
C GLU A 426 -0.27 -41.86 -39.71
N LYS A 427 0.64 -42.15 -38.76
CA LYS A 427 0.31 -43.20 -37.80
C LYS A 427 -0.83 -42.80 -36.86
N ASP A 428 -1.08 -41.50 -36.68
CA ASP A 428 -2.21 -41.12 -35.87
C ASP A 428 -3.42 -41.60 -36.64
N ALA A 429 -3.45 -41.30 -37.94
CA ALA A 429 -4.59 -41.75 -38.71
C ALA A 429 -4.71 -43.27 -38.64
N ALA A 430 -3.57 -43.97 -38.68
CA ALA A 430 -3.57 -45.42 -38.63
C ALA A 430 -4.18 -45.96 -37.34
N VAL A 431 -3.97 -45.29 -36.20
CA VAL A 431 -4.52 -45.84 -34.97
C VAL A 431 -6.03 -45.62 -34.95
N HIS A 432 -6.48 -44.50 -35.53
CA HIS A 432 -7.88 -44.14 -35.54
C HIS A 432 -8.70 -44.85 -36.59
N ALA A 433 -8.06 -45.30 -37.65
CA ALA A 433 -8.81 -45.89 -38.74
C ALA A 433 -9.78 -46.96 -38.26
N GLN A 434 -11.04 -46.79 -38.67
CA GLN A 434 -12.13 -47.69 -38.31
C GLN A 434 -12.20 -48.81 -39.32
N GLU A 435 -11.25 -49.71 -39.17
CA GLU A 435 -10.97 -50.79 -40.13
C GLU A 435 -10.85 -52.16 -39.46
N PHE A 436 -10.67 -53.18 -40.29
CA PHE A 436 -10.35 -54.56 -39.88
C PHE A 436 -8.92 -54.81 -40.31
N GLU A 437 -8.09 -55.43 -39.48
CA GLU A 437 -6.71 -55.61 -39.89
C GLU A 437 -6.09 -56.86 -39.25
N ASN A 438 -0.58 -52.99 -35.18
CA ASN A 438 0.83 -53.00 -35.50
C ASN A 438 1.09 -54.03 -36.58
N ALA A 439 0.19 -54.12 -37.53
CA ALA A 439 0.38 -55.07 -38.62
C ALA A 439 0.84 -54.37 -39.87
N ALA A 440 -0.03 -53.54 -40.48
CA ALA A 440 0.35 -52.89 -41.72
C ALA A 440 0.32 -51.37 -41.64
N ASN A 441 -0.77 -50.78 -41.17
CA ASN A 441 -0.86 -49.32 -41.23
C ASN A 441 -0.04 -48.71 -40.12
N LEU A 442 -0.27 -49.18 -38.91
CA LEU A 442 0.48 -48.66 -37.80
C LEU A 442 1.93 -49.02 -37.96
N ARG A 443 2.19 -50.29 -38.26
CA ARG A 443 3.57 -50.75 -38.39
C ARG A 443 4.37 -50.04 -39.45
N ASP A 444 3.80 -49.79 -40.63
CA ASP A 444 4.57 -49.11 -41.65
C ASP A 444 5.01 -47.76 -41.16
N LYS A 445 4.07 -46.99 -40.65
CA LYS A 445 4.45 -45.66 -40.25
C LYS A 445 5.37 -45.70 -39.02
N GLN A 446 5.15 -46.64 -38.12
CA GLN A 446 6.02 -46.70 -36.97
C GLN A 446 7.46 -46.98 -37.37
N THR A 447 7.69 -47.94 -38.26
CA THR A 447 9.08 -48.22 -38.59
C THR A 447 9.67 -47.18 -39.52
N LYS A 448 8.85 -46.52 -40.35
CA LYS A 448 9.42 -45.47 -41.17
C LYS A 448 9.93 -44.37 -40.27
N LEU A 449 9.17 -44.08 -39.23
CA LEU A 449 9.54 -43.02 -38.32
C LEU A 449 10.82 -43.39 -37.61
N GLU A 450 10.92 -44.62 -37.11
CA GLU A 450 12.12 -45.02 -36.37
C GLU A 450 13.36 -44.87 -37.25
N LYS A 451 13.25 -45.25 -38.52
CA LYS A 451 14.39 -45.09 -39.41
C LYS A 451 14.75 -43.62 -39.51
N GLN A 452 13.75 -42.77 -39.75
CA GLN A 452 14.00 -41.35 -39.90
C GLN A 452 14.58 -40.76 -38.63
N TYR A 453 14.13 -41.23 -37.48
CA TYR A 453 14.62 -40.72 -36.23
C TYR A 453 16.12 -40.92 -36.14
N GLU A 454 16.60 -42.13 -36.45
CA GLU A 454 18.02 -42.38 -36.38
C GLU A 454 18.74 -41.50 -37.39
N GLU A 455 18.15 -41.30 -38.56
CA GLU A 455 18.78 -40.45 -39.55
C GLU A 455 18.90 -39.01 -39.05
N ALA A 456 17.89 -38.50 -38.36
CA ALA A 456 18.00 -37.13 -37.87
C ALA A 456 19.17 -37.02 -36.90
N LYS A 457 19.31 -38.01 -36.03
CA LYS A 457 20.39 -37.97 -35.07
C LYS A 457 21.74 -38.06 -35.77
N ASN A 458 21.82 -38.92 -36.77
CA ASN A 458 23.05 -39.11 -37.48
C ASN A 458 23.46 -37.85 -38.22
N GLU A 459 22.48 -37.14 -38.79
CA GLU A 459 22.82 -35.90 -39.48
C GLU A 459 23.38 -34.89 -38.51
N TRP A 460 22.86 -34.85 -37.29
CA TRP A 460 23.43 -33.90 -36.37
C TRP A 460 24.88 -34.26 -36.05
N LYS A 461 25.09 -35.51 -35.66
CA LYS A 461 26.39 -35.94 -35.18
C LYS A 461 27.50 -35.84 -36.19
N ASN A 462 27.20 -36.19 -37.42
CA ASN A 462 28.24 -36.20 -38.42
C ASN A 462 28.35 -34.90 -39.16
N THR A 463 27.64 -33.90 -38.67
CA THR A 463 27.72 -32.59 -39.26
C THR A 463 28.35 -31.66 -38.26
N GLN A 464 28.99 -32.24 -37.25
CA GLN A 464 29.70 -31.48 -36.26
C GLN A 464 31.12 -31.20 -36.72
N GLY A 466 27.89 -23.67 -38.05
CA GLY A 466 28.27 -22.32 -38.43
C GLY A 466 29.69 -21.97 -37.98
N MET A 467 29.93 -20.69 -37.68
CA MET A 467 31.25 -20.24 -37.24
C MET A 467 31.48 -20.47 -35.75
N SER A 468 32.70 -20.91 -35.43
CA SER A 468 33.12 -21.16 -34.05
C SER A 468 33.64 -19.92 -33.31
N THR A 469 34.36 -19.10 -34.06
CA THR A 469 35.06 -17.92 -33.56
C THR A 469 34.97 -16.78 -34.53
N SER A 470 34.96 -15.55 -34.02
CA SER A 470 34.96 -14.38 -34.89
C SER A 470 36.28 -14.17 -35.57
N LEU A 471 36.23 -13.41 -36.66
CA LEU A 471 37.36 -13.06 -37.47
C LEU A 471 37.65 -11.59 -37.31
N SER A 472 38.76 -11.14 -37.88
CA SER A 472 39.12 -9.74 -37.76
C SER A 472 38.63 -8.98 -38.98
N GLU A 473 39.46 -8.84 -39.99
CA GLU A 473 39.05 -8.09 -41.16
C GLU A 473 37.82 -8.65 -41.85
N GLU A 474 37.66 -9.95 -41.89
CA GLU A 474 36.52 -10.46 -42.64
C GLU A 474 35.19 -10.04 -42.02
N ASP A 475 35.07 -10.17 -40.70
CA ASP A 475 33.81 -9.81 -40.06
C ASP A 475 33.69 -8.32 -39.98
N ILE A 476 34.78 -7.65 -39.71
CA ILE A 476 34.71 -6.23 -39.60
C ILE A 476 34.37 -5.61 -40.94
N ALA A 477 34.99 -6.09 -42.00
CA ALA A 477 34.67 -5.58 -43.30
C ALA A 477 33.21 -5.78 -43.54
N GLU A 478 32.65 -6.94 -43.17
CA GLU A 478 31.21 -7.10 -43.36
C GLU A 478 30.39 -6.11 -42.54
N VAL A 479 30.74 -5.92 -41.27
CA VAL A 479 29.93 -5.04 -40.45
C VAL A 479 29.99 -3.60 -40.96
N ILE A 480 31.19 -3.11 -41.19
CA ILE A 480 31.38 -1.78 -41.68
C ILE A 480 30.87 -1.62 -43.09
N ALA A 481 31.12 -2.59 -43.94
CA ALA A 481 30.59 -2.50 -45.28
C ALA A 481 29.08 -2.40 -45.21
N GLY A 482 28.48 -3.13 -44.31
CA GLY A 482 27.05 -3.08 -44.10
C GLY A 482 26.64 -1.66 -43.73
N TRP A 483 27.31 -1.09 -42.74
CA TRP A 483 26.99 0.25 -42.28
C TRP A 483 27.15 1.35 -43.34
N THR A 484 28.24 1.29 -44.12
CA THR A 484 28.51 2.25 -45.20
C THR A 484 28.88 1.65 -46.55
N GLY A 485 29.72 0.62 -46.53
CA GLY A 485 30.23 0.13 -47.80
C GLY A 485 31.28 1.06 -48.34
N ILE A 486 31.45 1.04 -49.66
CA ILE A 486 32.49 1.79 -50.37
C ILE A 486 33.90 1.34 -49.91
N PRO A 487 34.62 0.53 -50.68
CA PRO A 487 35.98 0.08 -50.41
C PRO A 487 36.97 1.12 -50.91
N LEU A 488 33.64 0.85 -45.47
CA LEU A 488 34.55 -0.18 -45.93
C LEU A 488 35.84 0.42 -46.47
N THR A 489 35.79 1.69 -46.84
CA THR A 489 36.92 2.37 -47.45
C THR A 489 38.11 2.43 -46.51
N LYS A 490 37.87 2.49 -45.21
CA LYS A 490 39.00 2.57 -44.28
C LYS A 490 39.47 1.20 -43.85
N ILE A 491 38.86 0.15 -44.40
CA ILE A 491 39.20 -1.20 -44.04
C ILE A 491 40.20 -1.72 -45.05
N ASN A 492 39.93 -1.44 -46.32
CA ASN A 492 40.79 -1.97 -47.38
C ASN A 492 41.88 -0.97 -47.82
N GLU A 493 41.94 0.16 -47.15
CA GLU A 493 42.89 1.21 -47.47
C GLU A 493 44.15 1.08 -46.63
N THR A 494 45.29 0.96 -47.32
CA THR A 494 46.60 0.80 -46.70
C THR A 494 47.41 2.05 -46.99
N GLU A 495 46.68 3.10 -47.34
CA GLU A 495 47.14 4.42 -47.73
C GLU A 495 48.00 4.43 -48.99
N SER A 496 47.66 3.59 -49.96
CA SER A 496 48.37 3.63 -51.22
C SER A 496 47.44 4.15 -52.29
N GLU A 497 46.23 3.61 -52.31
CA GLU A 497 45.25 3.95 -53.33
C GLU A 497 44.77 5.38 -53.20
N LYS A 498 44.59 5.87 -51.99
CA LYS A 498 44.10 7.22 -51.85
C LYS A 498 45.20 8.24 -51.76
N LEU A 499 46.46 7.81 -51.86
CA LEU A 499 47.55 8.76 -51.78
C LEU A 499 48.23 8.90 -53.13
N LEU A 500 48.41 7.77 -53.81
CA LEU A 500 49.12 7.69 -55.08
C LEU A 500 48.21 7.47 -56.27
N SER A 501 47.27 6.53 -56.15
CA SER A 501 46.38 6.21 -57.29
C SER A 501 45.34 7.30 -57.42
N LEU A 502 45.32 8.13 -56.38
CA LEU A 502 44.51 9.29 -56.22
C LEU A 502 44.61 10.16 -57.46
N GLU A 503 45.81 10.28 -58.03
CA GLU A 503 46.02 11.12 -59.18
C GLU A 503 45.18 10.72 -60.39
N ASP A 504 44.93 9.43 -60.57
CA ASP A 504 44.16 9.07 -61.73
C ASP A 504 42.70 9.15 -61.38
N THR A 505 42.36 8.86 -60.14
CA THR A 505 40.95 8.96 -59.78
C THR A 505 40.52 10.40 -59.91
N LEU A 506 41.30 11.31 -59.35
CA LEU A 506 40.91 12.69 -59.38
C LEU A 506 40.96 13.24 -60.77
N HIS A 507 42.00 12.93 -61.55
CA HIS A 507 42.02 13.46 -62.90
C HIS A 507 40.89 12.95 -63.74
N GLU A 508 40.58 11.67 -63.69
CA GLU A 508 39.51 11.24 -64.55
C GLU A 508 38.21 11.86 -64.12
N ARG A 509 38.02 12.02 -62.80
CA ARG A 509 36.82 12.69 -62.33
C ARG A 509 36.78 14.12 -62.84
N VAL A 510 37.91 14.81 -62.78
CA VAL A 510 38.02 16.17 -63.25
C VAL A 510 39.11 16.30 -64.29
N ILE A 511 38.66 16.45 -65.52
CA ILE A 511 39.54 16.48 -66.67
C ILE A 511 40.26 17.81 -66.89
N GLY A 512 41.57 17.74 -67.11
CA GLY A 512 42.40 18.91 -67.41
C GLY A 512 43.39 19.25 -66.32
N GLN A 513 44.55 19.79 -66.73
CA GLN A 513 45.58 20.15 -65.76
C GLN A 513 45.93 19.06 -64.78
N LYS A 514 46.38 17.90 -65.26
CA LYS A 514 46.72 16.86 -64.31
C LYS A 514 47.78 17.39 -63.34
N ASP A 515 48.62 18.35 -63.75
CA ASP A 515 49.61 18.94 -62.88
C ASP A 515 48.93 19.51 -61.62
N ALA A 516 47.70 20.02 -61.75
CA ALA A 516 46.97 20.53 -60.60
C ALA A 516 46.77 19.38 -59.65
N VAL A 517 46.35 18.27 -60.23
CA VAL A 517 46.05 17.07 -59.49
C VAL A 517 47.30 16.51 -58.82
N ASN A 518 48.41 16.54 -59.54
CA ASN A 518 49.67 16.02 -59.02
C ASN A 518 50.11 16.84 -57.80
N SER A 519 50.00 18.16 -57.87
CA SER A 519 50.40 18.97 -56.72
C SER A 519 49.57 18.57 -55.50
N ILE A 520 48.28 18.40 -55.71
CA ILE A 520 47.38 18.04 -54.66
C ILE A 520 47.68 16.65 -54.10
N SER A 521 47.89 15.64 -54.95
CA SER A 521 48.14 14.31 -54.40
C SER A 521 49.42 14.31 -53.60
N LYS A 522 50.38 15.16 -53.98
CA LYS A 522 51.61 15.24 -53.22
C LYS A 522 51.32 15.83 -51.86
N ALA A 523 50.49 16.86 -51.81
CA ALA A 523 50.17 17.45 -50.52
C ALA A 523 49.56 16.44 -49.59
N VAL A 524 48.74 15.55 -50.15
CA VAL A 524 48.10 14.53 -49.36
C VAL A 524 49.08 13.45 -48.91
N ARG A 525 49.90 12.93 -49.84
CA ARG A 525 50.81 11.86 -49.45
C ARG A 525 51.83 12.33 -48.43
N ARG A 526 52.13 13.63 -48.41
CA ARG A 526 53.08 14.19 -47.44
C ARG A 526 52.60 14.02 -46.00
N ALA A 527 51.30 13.84 -45.78
CA ALA A 527 50.79 13.64 -44.44
C ALA A 527 50.93 12.18 -43.99
N ARG A 528 51.42 11.32 -44.87
CA ARG A 528 51.61 9.93 -44.50
C ARG A 528 52.61 9.86 -43.37
N ALA A 529 52.23 9.19 -42.30
CA ALA A 529 53.03 9.01 -41.09
C ALA A 529 53.39 10.33 -40.40
N GLY A 530 52.69 11.41 -40.73
CA GLY A 530 52.95 12.68 -40.08
C GLY A 530 54.26 13.31 -40.56
N LEU A 531 54.72 12.98 -41.78
CA LEU A 531 55.97 13.59 -42.23
C LEU A 531 55.73 15.09 -42.29
N LYS A 532 54.55 15.46 -42.78
CA LYS A 532 54.00 16.80 -42.84
C LYS A 532 53.42 17.12 -41.48
N ASP A 533 53.47 18.39 -41.09
CA ASP A 533 52.92 18.81 -39.81
C ASP A 533 51.65 18.02 -39.48
N PRO A 534 51.69 17.16 -38.44
CA PRO A 534 50.63 16.31 -37.90
C PRO A 534 49.37 17.05 -37.48
N LYS A 535 49.45 18.35 -37.26
CA LYS A 535 48.28 19.09 -36.82
C LYS A 535 47.97 20.27 -37.72
N ARG A 536 47.46 19.97 -38.90
CA ARG A 536 47.14 21.00 -39.88
C ARG A 536 46.26 20.35 -40.99
N GLY A 539 44.82 20.34 -45.01
CA GLY A 539 45.48 20.80 -46.22
C GLY A 539 44.82 22.12 -46.63
N SER A 540 45.45 22.87 -47.53
CA SER A 540 44.82 24.10 -48.01
C SER A 540 45.25 24.54 -49.41
N PHE A 541 44.26 24.70 -50.29
CA PHE A 541 44.56 25.13 -51.66
C PHE A 541 43.67 26.22 -52.15
N ILE A 542 44.21 27.05 -53.04
CA ILE A 542 43.38 28.04 -53.70
C ILE A 542 43.29 27.66 -55.16
N PHE A 543 42.08 27.50 -55.62
CA PHE A 543 41.78 27.05 -56.97
C PHE A 543 41.33 28.14 -57.93
N LEU A 544 42.15 28.42 -58.94
CA LEU A 544 41.83 29.48 -59.90
C LEU A 544 41.73 28.99 -61.32
N GLY A 545 40.79 29.56 -62.06
CA GLY A 545 40.55 29.21 -63.44
C GLY A 545 39.07 29.40 -63.82
N PRO A 546 38.67 28.89 -64.99
CA PRO A 546 37.33 28.84 -65.59
C PRO A 546 36.40 27.89 -64.78
N THR A 547 35.08 27.92 -64.99
CA THR A 547 34.18 26.91 -64.38
C THR A 547 34.21 25.61 -65.21
N GLY A 548 34.11 24.42 -64.58
CA GLY A 548 34.04 23.20 -65.39
C GLY A 548 35.39 22.60 -65.67
N VAL A 549 36.37 23.10 -64.96
CA VAL A 549 37.76 22.68 -65.11
C VAL A 549 38.34 22.10 -63.84
N GLY A 550 37.59 22.14 -62.72
CA GLY A 550 38.13 21.65 -61.49
C GLY A 550 38.10 22.59 -60.32
N LYS A 551 37.75 23.87 -60.49
CA LYS A 551 37.73 24.73 -59.33
C LYS A 551 36.77 24.24 -58.27
N THR A 552 35.64 23.68 -58.70
CA THR A 552 34.70 23.19 -57.72
C THR A 552 34.59 21.69 -57.83
N GLU A 553 34.72 21.22 -59.06
CA GLU A 553 34.58 19.82 -59.40
C GLU A 553 35.60 18.96 -58.68
N LEU A 554 36.81 19.48 -58.50
CA LEU A 554 37.83 18.69 -57.87
C LEU A 554 37.55 18.54 -56.39
N ALA A 555 37.01 19.57 -55.75
CA ALA A 555 36.74 19.43 -54.33
C ALA A 555 35.78 18.28 -54.09
N ARG A 556 34.77 18.15 -54.94
CA ARG A 556 33.87 17.03 -54.70
C ARG A 556 34.54 15.71 -55.06
N ALA A 557 35.31 15.70 -56.17
CA ALA A 557 35.99 14.47 -56.57
C ALA A 557 36.93 14.00 -55.48
N LEU A 558 37.56 14.95 -54.82
CA LEU A 558 38.45 14.65 -53.75
C LEU A 558 37.70 14.05 -52.61
N ALA A 559 36.59 14.64 -52.19
CA ALA A 559 35.87 14.04 -51.09
C ALA A 559 35.48 12.59 -51.39
N GLU A 560 35.09 12.35 -52.64
CA GLU A 560 34.71 11.01 -53.07
C GLU A 560 35.85 10.03 -52.88
N SER A 561 37.03 10.40 -53.35
CA SER A 561 38.16 9.51 -53.23
C SER A 561 38.77 9.49 -51.83
N MET A 562 39.10 10.67 -51.32
CA MET A 562 39.78 10.89 -50.05
C MET A 562 39.09 10.32 -48.84
N PHE A 563 37.78 10.52 -48.71
CA PHE A 563 37.07 10.01 -47.55
C PHE A 563 36.17 8.85 -47.90
N GLY A 564 36.17 8.48 -49.17
CA GLY A 564 35.27 7.44 -49.63
C GLY A 564 33.86 7.97 -49.50
N ASP A 565 33.71 9.29 -49.66
CA ASP A 565 32.41 9.92 -49.46
C ASP A 565 32.27 11.21 -50.23
N ASP A 566 31.56 11.18 -51.34
CA ASP A 566 31.43 12.38 -52.16
C ASP A 566 30.68 13.50 -51.43
N ASP A 567 29.92 13.13 -50.40
CA ASP A 567 29.18 14.13 -49.65
C ASP A 567 29.97 14.60 -48.46
N ALA A 568 31.26 14.26 -48.41
CA ALA A 568 32.11 14.78 -47.38
C ALA A 568 32.51 16.20 -47.79
N MET A 569 32.14 16.64 -49.01
CA MET A 569 32.46 17.98 -49.42
C MET A 569 31.37 18.98 -48.97
N ILE A 570 31.81 20.03 -48.27
CA ILE A 570 30.94 21.07 -47.72
C ILE A 570 31.13 22.42 -48.42
N ARG A 571 30.11 22.93 -49.08
CA ARG A 571 30.26 24.23 -49.75
C ARG A 571 29.86 25.41 -48.87
N VAL A 572 30.73 26.42 -48.83
CA VAL A 572 30.50 27.62 -48.04
C VAL A 572 30.39 28.88 -48.93
N ASP A 573 29.21 29.49 -49.00
CA ASP A 573 29.07 30.71 -49.79
C ASP A 573 29.84 31.88 -49.16
N MET A 574 30.54 32.69 -49.94
CA MET A 574 31.23 33.81 -49.27
C MET A 574 30.37 34.98 -48.87
N SER A 575 29.32 35.32 -49.62
CA SER A 575 28.53 36.49 -49.24
C SER A 575 27.87 36.18 -47.92
N GLU A 576 27.46 34.92 -47.81
CA GLU A 576 26.77 34.37 -46.66
C GLU A 576 27.52 34.57 -45.35
N PHE A 577 28.86 34.63 -45.39
CA PHE A 577 29.67 34.78 -44.20
C PHE A 577 30.59 35.97 -44.29
N MET A 578 30.36 36.87 -45.23
CA MET A 578 31.32 37.93 -45.43
C MET A 578 31.54 38.84 -44.25
N GLU A 579 30.57 39.67 -43.91
CA GLU A 579 30.81 40.64 -42.85
C GLU A 579 29.78 40.60 -41.77
N LYS A 580 28.54 40.95 -42.12
CA LYS A 580 27.45 40.95 -41.15
C LYS A 580 27.19 39.54 -40.66
N HIS A 581 27.67 38.58 -41.44
CA HIS A 581 27.52 37.19 -41.12
C HIS A 581 28.86 36.56 -40.81
N ALA A 582 29.88 37.35 -40.51
CA ALA A 582 31.16 36.76 -40.15
C ALA A 582 30.94 35.90 -38.90
N VAL A 583 30.00 36.34 -38.06
CA VAL A 583 29.56 35.68 -36.85
C VAL A 583 28.90 34.31 -37.11
N SER A 584 28.55 34.03 -38.36
CA SER A 584 27.97 32.75 -38.70
C SER A 584 29.07 31.77 -39.14
N ARG A 585 30.31 32.26 -39.30
CA ARG A 585 31.44 31.43 -39.68
C ARG A 585 31.98 30.84 -38.42
N LEU A 586 32.20 31.72 -37.44
CA LEU A 586 32.63 31.31 -36.13
C LEU A 586 31.63 31.91 -35.18
N VAL A 587 31.38 31.26 -34.09
CA VAL A 587 30.50 31.83 -33.11
C VAL A 587 31.32 32.91 -32.42
N GLY A 588 30.76 34.11 -32.25
CA GLY A 588 31.47 35.26 -31.68
C GLY A 588 31.27 35.55 -30.19
N ALA A 589 30.21 36.30 -29.86
CA ALA A 589 29.92 36.81 -28.51
C ALA A 589 31.03 37.71 -27.95
N PRO A 590 31.58 38.58 -28.79
CA PRO A 590 32.60 39.51 -28.33
C PRO A 590 32.03 40.89 -28.09
N PRO A 591 31.35 41.44 -29.08
CA PRO A 591 30.79 42.78 -28.96
C PRO A 591 31.72 43.74 -28.23
N HIS A 596 21.27 34.19 -27.95
CA HIS A 596 20.83 32.80 -27.95
C HIS A 596 22.02 31.88 -28.12
N ASP A 597 21.76 30.57 -28.18
CA ASP A 597 22.86 29.64 -28.38
C ASP A 597 23.21 29.65 -29.85
N ASP A 598 24.07 30.57 -30.22
CA ASP A 598 24.39 30.80 -31.60
C ASP A 598 25.43 29.80 -32.06
N GLY A 599 25.02 28.83 -32.86
CA GLY A 599 25.94 27.80 -33.35
C GLY A 599 26.58 28.28 -34.64
N GLY A 600 26.21 29.49 -35.05
CA GLY A 600 26.62 30.04 -36.29
C GLY A 600 25.94 29.16 -37.30
N GLN A 601 26.39 29.20 -38.53
CA GLN A 601 25.78 28.35 -39.53
C GLN A 601 26.75 27.25 -39.86
N LEU A 602 28.03 27.49 -39.59
CA LEU A 602 29.03 26.50 -39.91
C LEU A 602 29.63 25.80 -38.70
N THR A 603 29.81 26.48 -37.58
CA THR A 603 30.50 25.81 -36.48
C THR A 603 29.73 24.59 -36.03
N GLU A 604 28.44 24.76 -35.78
CA GLU A 604 27.59 23.67 -35.34
C GLU A 604 27.42 22.57 -36.37
N LYS A 605 27.29 22.94 -37.63
CA LYS A 605 26.99 21.96 -38.64
C LYS A 605 28.23 21.25 -39.17
N VAL A 606 29.27 22.01 -39.47
CA VAL A 606 30.48 21.44 -40.03
C VAL A 606 31.12 20.52 -39.02
N ARG A 607 31.12 20.93 -37.75
CA ARG A 607 31.70 20.12 -36.70
C ARG A 607 31.19 18.69 -36.65
N ARG A 608 29.98 18.44 -37.13
CA ARG A 608 29.39 17.13 -37.09
C ARG A 608 30.16 16.13 -37.94
N LYS A 609 30.92 16.63 -38.93
CA LYS A 609 31.68 15.78 -39.83
C LYS A 609 33.14 16.24 -39.89
N PRO A 610 34.04 15.68 -39.04
CA PRO A 610 35.46 16.02 -38.90
C PRO A 610 36.35 15.32 -39.93
N TYR A 611 35.71 14.79 -40.95
CA TYR A 611 36.28 14.06 -42.06
C TYR A 611 35.72 14.70 -43.31
N SER A 612 36.30 15.80 -43.70
CA SER A 612 35.67 16.59 -44.74
C SER A 612 36.57 17.47 -45.57
N VAL A 613 36.01 17.86 -46.71
CA VAL A 613 36.60 18.80 -47.65
C VAL A 613 35.73 20.03 -47.61
N ILE A 614 36.27 21.18 -47.31
CA ILE A 614 35.39 22.33 -47.27
C ILE A 614 35.75 23.23 -48.41
N LEU A 615 34.76 23.51 -49.25
CA LEU A 615 34.91 24.32 -50.42
C LEU A 615 34.39 25.71 -50.17
N PHE A 616 35.23 26.69 -50.36
CA PHE A 616 34.84 28.05 -50.11
C PHE A 616 34.58 28.73 -51.44
N ASP A 617 33.52 29.52 -51.50
CA ASP A 617 33.23 30.24 -52.73
C ASP A 617 34.35 31.19 -53.01
N GLU A 618 34.37 31.75 -54.21
CA GLU A 618 35.48 32.59 -54.59
C GLU A 618 35.77 33.57 -53.48
N ILE A 619 36.97 33.40 -52.94
CA ILE A 619 37.41 34.14 -51.79
C ILE A 619 37.62 35.61 -51.98
N GLU A 620 37.68 36.14 -53.19
CA GLU A 620 37.75 37.60 -53.26
C GLU A 620 36.47 38.25 -52.71
N LYS A 621 35.40 37.46 -52.51
CA LYS A 621 34.15 37.94 -51.93
C LYS A 621 34.17 37.84 -50.39
N ALA A 622 35.24 37.28 -49.85
CA ALA A 622 35.38 37.09 -48.42
C ALA A 622 35.96 38.34 -47.76
N HIS A 623 35.45 38.65 -46.59
CA HIS A 623 35.91 39.75 -45.76
C HIS A 623 37.25 39.40 -45.13
N PRO A 624 38.16 40.35 -44.89
CA PRO A 624 39.38 40.12 -44.12
C PRO A 624 39.13 39.31 -42.84
N ASP A 625 37.97 39.48 -42.17
CA ASP A 625 37.71 38.67 -41.00
C ASP A 625 37.75 37.19 -41.37
N VAL A 626 37.23 36.83 -42.53
CA VAL A 626 37.22 35.44 -42.94
C VAL A 626 38.65 34.96 -43.13
N PHE A 627 39.48 35.77 -43.75
CA PHE A 627 40.85 35.32 -43.97
C PHE A 627 41.60 35.19 -42.66
N ASN A 628 41.35 36.11 -41.76
CA ASN A 628 42.00 36.06 -40.47
C ASN A 628 41.52 34.80 -39.75
N ILE A 629 40.24 34.48 -39.90
CA ILE A 629 39.71 33.25 -39.33
C ILE A 629 40.35 32.04 -39.94
N LEU A 630 40.48 32.01 -41.26
CA LEU A 630 41.07 30.85 -41.88
C LEU A 630 42.50 30.69 -41.39
N LEU A 631 43.22 31.77 -41.26
CA LEU A 631 44.58 31.69 -40.74
C LEU A 631 44.60 31.09 -39.32
N GLN A 632 43.78 31.62 -38.44
CA GLN A 632 43.75 31.16 -37.05
C GLN A 632 43.39 29.70 -36.94
N VAL A 633 42.43 29.29 -37.73
CA VAL A 633 41.93 27.93 -37.81
C VAL A 633 42.97 26.96 -38.41
N LEU A 634 43.59 27.36 -39.51
CA LEU A 634 44.57 26.50 -40.15
C LEU A 634 45.75 26.21 -39.26
N ASP A 635 46.26 27.22 -38.57
CA ASP A 635 47.38 26.97 -37.68
C ASP A 635 47.01 25.99 -36.58
N ASP A 636 47.91 25.04 -36.34
CA ASP A 636 47.78 24.00 -35.34
C ASP A 636 46.58 23.06 -35.57
N GLY A 637 45.93 23.18 -36.71
CA GLY A 637 44.87 22.28 -37.02
C GLY A 637 43.71 22.35 -36.05
N HIS A 638 43.13 23.52 -35.75
CA HIS A 638 42.10 23.44 -34.71
C HIS A 638 40.89 24.32 -34.93
N LEU A 639 39.82 23.94 -34.29
CA LEU A 639 38.61 24.72 -34.33
C LEU A 639 38.65 25.87 -33.37
N THR A 640 38.37 27.04 -33.89
CA THR A 640 38.35 28.25 -33.10
C THR A 640 36.91 28.66 -32.86
N ASP A 641 36.34 28.29 -31.74
CA ASP A 641 34.93 28.61 -31.51
C ASP A 641 34.73 29.00 -30.05
N THR A 642 33.47 28.99 -29.61
CA THR A 642 33.09 29.38 -28.26
C THR A 642 32.63 28.16 -27.48
N LYS A 643 32.87 26.98 -28.05
CA LYS A 643 32.42 25.73 -27.46
C LYS A 643 33.61 24.85 -27.04
N GLY A 644 34.75 24.99 -27.71
CA GLY A 644 35.92 24.19 -27.39
C GLY A 644 35.91 22.81 -28.01
N ARG A 645 35.07 22.61 -29.00
CA ARG A 645 34.95 21.31 -29.64
C ARG A 645 36.05 21.11 -30.67
N THR A 646 37.27 21.02 -30.16
CA THR A 646 38.49 20.91 -30.94
C THR A 646 38.44 19.72 -31.87
N VAL A 647 38.84 19.97 -33.10
CA VAL A 647 38.87 18.97 -34.14
C VAL A 647 40.29 18.83 -34.59
N ASP A 648 40.75 17.60 -34.72
CA ASP A 648 42.10 17.44 -35.24
C ASP A 648 41.97 17.61 -36.74
N PHE A 649 42.46 18.73 -37.25
CA PHE A 649 42.22 19.00 -38.64
C PHE A 649 43.10 18.25 -39.59
N ARG A 650 43.94 17.35 -39.11
CA ARG A 650 44.68 16.55 -40.08
C ARG A 650 43.69 15.69 -40.90
N ASN A 651 42.44 15.59 -40.41
CA ASN A 651 41.39 14.83 -41.06
C ASN A 651 40.54 15.68 -42.00
N THR A 652 40.94 16.93 -42.23
CA THR A 652 40.17 17.77 -43.13
C THR A 652 41.07 18.49 -44.12
N ILE A 653 40.44 19.10 -45.09
CA ILE A 653 41.13 19.92 -46.08
C ILE A 653 40.26 21.05 -46.56
N ILE A 654 40.87 22.20 -46.85
CA ILE A 654 40.03 23.22 -47.41
C ILE A 654 40.49 23.61 -48.79
N ILE A 655 39.51 23.92 -49.59
CA ILE A 655 39.68 24.37 -50.93
C ILE A 655 38.98 25.66 -51.13
N MET A 656 39.70 26.65 -51.57
CA MET A 656 39.09 27.93 -51.77
C MET A 656 39.16 28.28 -53.20
N THR A 657 38.06 28.60 -53.80
CA THR A 657 38.18 28.97 -55.18
C THR A 657 38.53 30.42 -55.21
N SER A 658 38.98 30.91 -56.35
CA SER A 658 39.29 32.31 -56.49
C SER A 658 39.32 32.72 -57.94
N ASN A 659 38.99 33.97 -58.19
CA ASN A 659 39.14 34.54 -59.52
C ASN A 659 39.98 35.79 -59.45
N VAL A 660 40.87 35.86 -58.44
CA VAL A 660 41.76 37.01 -58.33
C VAL A 660 42.60 37.10 -59.56
N GLY A 661 43.14 35.96 -59.98
CA GLY A 661 43.97 35.87 -61.15
C GLY A 661 43.09 35.85 -62.40
N ALA A 662 42.23 36.85 -62.55
CA ALA A 662 41.26 36.91 -63.62
C ALA A 662 41.92 36.84 -64.98
N GLN A 663 43.13 37.42 -65.10
CA GLN A 663 43.83 37.38 -66.36
C GLN A 663 44.98 36.41 -66.25
N GLU A 664 45.50 36.27 -65.06
CA GLU A 664 46.66 35.43 -64.79
C GLU A 664 46.34 33.97 -65.08
N LEU A 665 45.11 33.55 -64.80
CA LEU A 665 44.66 32.20 -65.10
C LEU A 665 44.71 31.92 -66.61
N GLN A 666 44.71 32.97 -67.43
CA GLN A 666 44.70 32.81 -68.86
C GLN A 666 46.11 32.56 -69.37
N ASP A 667 47.10 32.63 -68.48
CA ASP A 667 48.47 32.35 -68.85
C ASP A 667 48.58 30.93 -69.40
N GLN A 668 47.64 30.05 -69.02
CA GLN A 668 47.64 28.70 -69.56
C GLN A 668 47.40 28.75 -71.08
N ARG A 669 46.57 29.70 -71.52
CA ARG A 669 46.23 29.86 -72.92
C ARG A 669 47.38 30.51 -73.66
N GLY A 679 50.61 30.25 -72.97
CA GLY A 679 51.78 29.39 -73.16
C GLY A 679 52.61 29.08 -71.90
N GLN A 680 52.22 29.57 -70.74
CA GLN A 680 52.98 29.25 -69.54
C GLN A 680 52.66 27.85 -69.01
N ASP A 681 53.63 27.24 -68.34
CA ASP A 681 53.40 25.95 -67.73
C ASP A 681 52.78 26.07 -66.32
N TYR A 682 52.54 24.94 -65.67
CA TYR A 682 51.87 24.96 -64.37
C TYR A 682 52.59 25.84 -63.35
N GLU A 683 53.89 25.61 -63.17
CA GLU A 683 54.66 26.36 -62.20
C GLU A 683 54.71 27.85 -62.48
N THR A 684 54.96 28.22 -63.71
CA THR A 684 55.08 29.61 -64.01
C THR A 684 53.75 30.32 -63.73
N ILE A 685 52.64 29.68 -64.12
CA ILE A 685 51.33 30.27 -63.92
C ILE A 685 51.07 30.38 -62.43
N ARG A 686 51.38 29.31 -61.71
CA ARG A 686 51.19 29.22 -60.27
C ARG A 686 51.89 30.38 -59.58
N LYS A 687 53.17 30.59 -59.88
CA LYS A 687 53.90 31.68 -59.24
C LYS A 687 53.26 33.02 -59.54
N THR A 688 52.82 33.21 -60.77
CA THR A 688 52.18 34.48 -61.09
C THR A 688 50.89 34.66 -60.28
N MET A 689 50.05 33.63 -60.22
CA MET A 689 48.81 33.80 -59.48
C MET A 689 49.08 33.97 -57.99
N LEU A 690 50.08 33.27 -57.47
CA LEU A 690 50.44 33.37 -56.07
C LEU A 690 50.76 34.81 -55.72
N LYS A 691 51.58 35.45 -56.54
CA LYS A 691 51.94 36.83 -56.30
C LYS A 691 50.70 37.71 -56.32
N GLU A 692 49.79 37.50 -57.26
CA GLU A 692 48.63 38.37 -57.26
C GLU A 692 47.72 38.10 -56.08
N LEU A 693 47.62 36.85 -55.65
CA LEU A 693 46.81 36.55 -54.48
C LEU A 693 47.40 37.26 -53.28
N LYS A 694 48.73 37.29 -53.20
CA LYS A 694 49.44 37.97 -52.12
C LYS A 694 49.08 39.45 -52.07
N ASN A 695 48.84 40.05 -53.22
CA ASN A 695 48.50 41.46 -53.30
C ASN A 695 47.06 41.74 -52.88
N SER A 696 46.25 40.69 -52.67
CA SER A 696 44.85 40.85 -52.32
C SER A 696 44.55 40.32 -50.93
N PHE A 697 44.99 39.10 -50.64
CA PHE A 697 44.68 38.45 -49.39
C PHE A 697 45.85 38.54 -48.48
N ARG A 698 45.59 38.58 -47.20
CA ARG A 698 46.68 38.61 -46.26
C ARG A 698 47.73 37.53 -46.51
N PRO A 699 49.02 37.89 -46.69
CA PRO A 699 50.16 37.02 -46.84
C PRO A 699 50.30 35.89 -45.84
N GLU A 700 49.97 36.17 -44.57
CA GLU A 700 50.11 35.11 -43.56
C GLU A 700 49.12 34.04 -43.86
N PHE A 701 47.89 34.47 -44.13
CA PHE A 701 46.87 33.51 -44.55
C PHE A 701 47.32 32.77 -45.79
N LEU A 702 47.74 33.49 -46.81
CA LEU A 702 48.17 32.87 -48.05
C LEU A 702 49.34 31.90 -47.84
N ASN A 703 50.20 32.20 -46.89
CA ASN A 703 51.37 31.38 -46.59
C ASN A 703 51.03 30.02 -45.97
N ARG A 704 49.77 29.80 -45.57
CA ARG A 704 49.37 28.52 -45.00
C ARG A 704 48.74 27.63 -46.06
N VAL A 705 48.73 28.10 -47.30
CA VAL A 705 48.14 27.37 -48.41
C VAL A 705 49.20 26.47 -49.08
N ASP A 706 48.93 25.15 -49.16
CA ASP A 706 49.83 24.18 -49.77
C ASP A 706 50.22 24.59 -51.17
N ASP A 707 49.24 25.06 -51.94
CA ASP A 707 49.54 25.50 -53.30
C ASP A 707 48.41 26.29 -53.92
N ILE A 708 48.76 26.98 -55.00
CA ILE A 708 47.81 27.69 -55.81
C ILE A 708 47.66 26.84 -57.04
N ILE A 709 46.46 26.43 -57.28
CA ILE A 709 46.23 25.47 -58.33
C ILE A 709 45.67 26.08 -59.60
N VAL A 710 46.33 25.71 -60.69
CA VAL A 710 45.98 26.16 -62.02
C VAL A 710 44.98 25.23 -62.66
N PHE A 711 43.81 25.75 -63.05
CA PHE A 711 42.84 24.91 -63.73
C PHE A 711 42.56 25.46 -65.09
N HIS A 712 42.21 24.58 -66.02
CA HIS A 712 41.89 25.01 -67.37
C HIS A 712 41.31 23.87 -68.17
N LYS A 713 38.96 26.31 -69.95
CA LYS A 713 38.57 25.76 -71.23
C LYS A 713 39.26 24.43 -71.46
N LEU A 714 38.47 23.42 -71.78
CA LEU A 714 39.00 22.12 -72.14
C LEU A 714 39.25 22.06 -73.64
N THR A 715 40.36 21.43 -74.00
CA THR A 715 40.77 21.24 -75.40
C THR A 715 39.89 20.17 -75.97
N LYS A 716 39.91 19.96 -77.29
CA LYS A 716 39.04 18.93 -77.85
C LYS A 716 39.33 17.55 -77.30
N GLU A 717 40.59 17.27 -77.01
CA GLU A 717 40.90 15.97 -76.46
C GLU A 717 40.24 15.90 -75.10
N GLU A 718 40.36 16.98 -74.34
CA GLU A 718 39.74 17.03 -73.03
C GLU A 718 38.19 17.03 -73.10
N LEU A 719 37.62 17.67 -74.13
CA LEU A 719 36.16 17.70 -74.26
C LEU A 719 35.69 16.27 -74.49
N LYS A 720 36.42 15.54 -75.31
CA LYS A 720 36.03 14.16 -75.53
C LYS A 720 36.16 13.38 -74.23
N GLU A 721 37.19 13.64 -73.45
CA GLU A 721 37.32 12.94 -72.18
C GLU A 721 36.16 13.23 -71.23
N ILE A 722 35.69 14.48 -71.14
CA ILE A 722 34.56 14.69 -70.23
C ILE A 722 33.26 14.11 -70.81
N VAL A 723 33.11 14.13 -72.14
CA VAL A 723 31.93 13.52 -72.70
C VAL A 723 31.98 12.02 -72.41
N THR A 724 33.16 11.43 -72.54
CA THR A 724 33.33 10.03 -72.23
C THR A 724 32.91 9.80 -70.79
N MET A 725 33.28 10.69 -69.87
CA MET A 725 32.85 10.53 -68.50
C MET A 725 31.32 10.52 -68.43
N MET A 726 30.62 11.23 -69.34
CA MET A 726 29.17 11.15 -69.33
C MET A 726 28.74 9.77 -69.69
N VAL A 727 29.45 9.12 -70.59
CA VAL A 727 29.02 7.80 -70.98
C VAL A 727 29.17 6.93 -69.75
N ASN A 728 30.24 7.11 -69.02
CA ASN A 728 30.42 6.32 -67.81
C ASN A 728 29.27 6.62 -66.83
N LYS A 729 28.87 7.89 -66.71
CA LYS A 729 27.74 8.24 -65.85
C LYS A 729 26.47 7.56 -66.33
N LEU A 730 26.19 7.65 -67.62
CA LEU A 730 24.97 7.08 -68.15
C LEU A 730 24.99 5.60 -67.95
N THR A 731 26.15 4.99 -68.11
CA THR A 731 26.32 3.57 -67.90
C THR A 731 26.00 3.25 -66.46
N ASN A 732 26.55 4.02 -65.53
CA ASN A 732 26.29 3.80 -64.12
C ASN A 732 24.82 4.02 -63.76
N ARG A 733 24.14 4.88 -64.50
CA ARG A 733 22.74 5.15 -64.25
C ARG A 733 21.81 4.11 -64.87
N LEU A 734 22.11 3.67 -66.09
CA LEU A 734 21.24 2.78 -66.84
C LEU A 734 21.69 1.33 -67.05
N SER A 735 22.99 1.02 -67.04
CA SER A 735 23.43 -0.37 -67.32
C SER A 735 22.98 -1.28 -66.20
N GLU A 736 22.68 -0.68 -65.06
CA GLU A 736 22.19 -1.39 -63.91
C GLU A 736 21.04 -2.31 -64.31
N GLN A 737 18.12 0.03 -66.27
CA GLN A 737 17.35 -0.30 -67.45
C GLN A 737 18.13 -1.27 -68.33
N ASN A 738 19.29 -1.71 -67.88
CA ASN A 738 20.20 -2.55 -68.67
C ASN A 738 20.57 -1.90 -70.01
N ILE A 739 20.83 -0.61 -70.02
CA ILE A 739 21.19 0.02 -71.27
C ILE A 739 22.68 0.28 -71.33
N ASN A 740 23.30 -0.33 -72.29
CA ASN A 740 24.73 -0.18 -72.51
C ASN A 740 24.81 0.90 -73.58
N ILE A 741 25.77 1.82 -73.48
CA ILE A 741 25.77 2.93 -74.43
C ILE A 741 27.01 3.25 -75.25
N ILE A 742 26.83 3.24 -76.57
CA ILE A 742 27.83 3.70 -77.53
C ILE A 742 27.15 4.64 -78.50
N VAL A 743 27.69 5.82 -78.60
CA VAL A 743 27.17 6.85 -79.47
C VAL A 743 27.81 6.64 -80.82
N THR A 744 27.03 6.68 -81.89
CA THR A 744 27.59 6.54 -83.22
C THR A 744 28.81 7.41 -83.27
N ASP A 745 29.95 6.88 -83.70
CA ASP A 745 31.19 7.64 -83.69
C ASP A 745 31.17 8.97 -84.42
N LYS A 746 30.49 9.05 -85.57
CA LYS A 746 30.49 10.35 -86.24
C LYS A 746 29.87 11.38 -85.32
N ALA A 747 28.66 11.08 -84.85
CA ALA A 747 27.98 11.98 -83.96
C ALA A 747 28.74 12.21 -82.67
N LYS A 748 29.30 11.16 -82.10
CA LYS A 748 30.00 11.20 -80.83
C LYS A 748 31.10 12.22 -80.79
N ASP A 749 32.01 12.13 -81.76
CA ASP A 749 33.12 13.03 -81.77
C ASP A 749 32.74 14.39 -82.29
N LYS A 750 31.90 14.44 -83.31
CA LYS A 750 31.50 15.72 -83.85
C LYS A 750 30.90 16.56 -82.73
N ILE A 751 30.01 15.95 -81.95
CA ILE A 751 29.37 16.63 -80.86
C ILE A 751 30.35 17.11 -79.79
N ALA A 752 31.22 16.22 -79.29
CA ALA A 752 32.13 16.64 -78.23
C ALA A 752 33.04 17.78 -78.67
N GLU A 753 33.51 17.72 -79.91
CA GLU A 753 34.39 18.72 -80.47
C GLU A 753 33.76 20.11 -80.63
N GLU A 754 32.49 20.16 -81.01
CA GLU A 754 31.83 21.42 -81.28
C GLU A 754 31.31 22.23 -80.10
N GLY A 755 30.58 21.59 -79.21
CA GLY A 755 29.87 22.33 -78.17
C GLY A 755 30.66 22.75 -76.96
N TYR A 756 31.52 23.74 -77.09
CA TYR A 756 32.29 24.18 -75.93
C TYR A 756 31.87 25.57 -75.43
N ASP A 757 32.21 25.83 -74.17
CA ASP A 757 32.05 27.11 -73.48
C ASP A 757 33.30 27.35 -72.68
N PRO A 758 34.16 28.30 -73.09
CA PRO A 758 35.46 28.57 -72.51
C PRO A 758 35.44 28.64 -71.00
N GLU A 759 34.34 29.08 -70.35
CA GLU A 759 34.45 29.07 -68.91
C GLU A 759 33.28 28.47 -68.17
N TYR A 760 32.78 27.35 -68.67
CA TYR A 760 31.71 26.58 -68.01
C TYR A 760 31.85 25.09 -68.10
N GLY A 761 32.13 24.61 -69.29
CA GLY A 761 32.07 23.19 -69.56
C GLY A 761 31.39 23.11 -70.89
N ALA A 762 31.20 21.94 -71.44
CA ALA A 762 30.64 21.89 -72.79
C ALA A 762 29.12 22.12 -72.88
N ARG A 763 28.71 23.35 -72.54
CA ARG A 763 27.31 23.75 -72.47
C ARG A 763 26.49 23.68 -73.73
N PRO A 764 26.95 24.11 -74.91
CA PRO A 764 26.15 24.06 -76.12
C PRO A 764 25.69 22.64 -76.48
N LEU A 765 26.38 21.62 -75.96
CA LEU A 765 26.06 20.23 -76.26
C LEU A 765 24.70 19.84 -75.73
N ILE A 766 24.32 20.47 -74.64
CA ILE A 766 23.19 20.10 -73.84
C ILE A 766 21.83 19.98 -74.49
N ARG A 767 21.41 20.94 -75.28
CA ARG A 767 20.04 20.80 -75.73
C ARG A 767 19.92 19.72 -76.81
N ALA A 768 20.92 19.66 -77.67
CA ALA A 768 20.90 18.69 -78.73
C ALA A 768 20.85 17.30 -78.13
N ILE A 769 21.61 17.11 -77.07
CA ILE A 769 21.71 15.85 -76.38
C ILE A 769 20.52 15.38 -75.64
N GLN A 770 19.84 16.22 -74.91
CA GLN A 770 18.72 15.61 -74.27
C GLN A 770 17.80 15.00 -75.34
N LYS A 771 17.56 15.72 -76.44
CA LYS A 771 16.67 15.17 -77.45
C LYS A 771 17.34 14.08 -78.32
N THR A 772 18.64 14.21 -78.58
CA THR A 772 19.40 13.27 -79.39
C THR A 772 19.68 11.94 -78.67
N ILE A 773 20.04 12.03 -77.39
CA ILE A 773 20.41 10.87 -76.62
C ILE A 773 19.32 10.42 -75.68
N GLU A 774 18.79 11.28 -74.81
CA GLU A 774 17.87 10.74 -73.82
C GLU A 774 16.55 10.34 -74.43
N ASP A 775 16.04 11.14 -75.34
CA ASP A 775 14.80 10.70 -75.97
C ASP A 775 15.09 9.42 -76.74
N ASN A 776 16.27 9.29 -77.33
CA ASN A 776 16.62 8.09 -78.07
C ASN A 776 16.76 6.88 -77.14
N LEU A 777 17.41 7.03 -75.99
CA LEU A 777 17.54 5.88 -75.11
C LEU A 777 16.13 5.43 -74.69
N SER A 778 15.22 6.40 -74.52
CA SER A 778 13.83 6.04 -74.24
C SER A 778 13.27 5.26 -75.44
N GLU A 779 13.60 5.71 -76.66
CA GLU A 779 13.18 4.99 -77.85
C GLU A 779 13.77 3.57 -77.86
N LEU A 780 15.01 3.36 -77.40
CA LEU A 780 15.58 2.02 -77.40
C LEU A 780 14.69 1.05 -76.62
N ILE A 781 14.13 1.54 -75.53
CA ILE A 781 13.21 0.74 -74.72
C ILE A 781 11.96 0.44 -75.55
N LEU A 782 11.46 1.46 -76.24
CA LEU A 782 10.25 1.33 -77.06
C LEU A 782 10.50 0.61 -78.40
N ASP A 783 11.76 0.51 -78.81
CA ASP A 783 12.17 -0.08 -80.07
C ASP A 783 12.29 -1.59 -80.02
N GLY A 784 13.27 -2.07 -79.27
CA GLY A 784 13.53 -3.49 -79.15
C GLY A 784 14.60 -3.98 -80.13
N ASN A 785 14.87 -3.24 -81.22
CA ASN A 785 15.93 -3.63 -82.14
C ASN A 785 17.19 -3.39 -81.37
N GLN A 786 17.39 -2.15 -80.96
CA GLN A 786 18.51 -1.88 -80.09
C GLN A 786 18.01 -2.01 -78.66
N ILE A 787 17.65 -3.24 -78.34
CA ILE A 787 17.08 -3.63 -77.07
C ILE A 787 18.04 -3.28 -76.00
N GLU A 788 17.51 -2.91 -74.85
CA GLU A 788 18.36 -2.60 -73.74
C GLU A 788 19.33 -3.78 -73.60
N GLY A 789 20.61 -3.47 -73.54
CA GLY A 789 21.70 -4.44 -73.45
C GLY A 789 22.60 -4.27 -74.67
N LYS A 790 22.03 -3.68 -75.72
CA LYS A 790 22.73 -3.36 -76.95
C LYS A 790 23.32 -1.98 -76.79
N LYS A 791 24.24 -1.58 -77.67
CA LYS A 791 24.92 -0.31 -77.51
C LYS A 791 24.88 0.64 -78.69
N VAL A 792 23.71 1.19 -79.02
CA VAL A 792 23.62 2.11 -80.14
C VAL A 792 22.77 3.36 -79.91
N THR A 793 23.40 4.53 -79.96
CA THR A 793 22.67 5.79 -79.87
C THR A 793 23.29 6.88 -80.77
N VAL A 794 22.77 8.09 -80.67
CA VAL A 794 23.23 9.15 -81.56
C VAL A 794 23.71 10.37 -80.82
N ARG B 5 24.67 78.49 18.43
CA ARG B 5 24.96 78.04 19.79
C ARG B 5 26.34 77.34 19.80
N LEU B 6 26.43 76.20 20.48
CA LEU B 6 27.63 75.39 20.61
C LEU B 6 27.47 74.11 19.79
N THR B 7 28.46 73.25 19.84
CA THR B 7 28.35 71.94 19.23
C THR B 7 27.39 71.19 20.15
N GLU B 8 26.93 69.99 19.78
CA GLU B 8 25.86 69.38 20.58
C GLU B 8 26.11 68.68 21.92
N ARG B 9 27.33 68.61 22.44
CA ARG B 9 27.36 67.98 23.75
C ARG B 9 26.53 68.88 24.59
N ALA B 10 25.75 68.29 25.46
CA ALA B 10 24.86 69.03 26.35
C ALA B 10 23.76 69.86 25.60
N GLN B 11 23.61 69.73 24.26
CA GLN B 11 22.53 70.45 23.54
C GLN B 11 21.55 69.46 22.97
N ARG B 12 22.03 68.24 22.65
CA ARG B 12 21.15 67.15 22.17
C ARG B 12 20.17 66.86 23.26
N VAL B 13 20.56 67.25 24.45
CA VAL B 13 19.81 67.17 25.64
C VAL B 13 18.48 67.86 25.50
N LEU B 14 18.46 69.09 25.00
CA LEU B 14 17.15 69.65 24.84
C LEU B 14 16.46 69.00 23.68
N ALA B 15 17.20 68.60 22.63
CA ALA B 15 16.50 67.96 21.52
C ALA B 15 15.76 66.69 22.00
N HIS B 16 16.38 65.92 22.89
CA HIS B 16 15.74 64.70 23.36
C HIS B 16 14.66 65.03 24.38
N ALA B 17 14.85 66.09 25.17
CA ALA B 17 13.79 66.46 26.09
C ALA B 17 12.55 66.81 25.29
N GLN B 18 12.76 67.55 24.23
CA GLN B 18 11.75 68.03 23.32
C GLN B 18 11.07 66.85 22.60
N GLU B 19 11.85 65.81 22.34
CA GLU B 19 11.39 64.57 21.76
C GLU B 19 10.50 63.81 22.76
N GLU B 20 10.95 63.64 24.02
CA GLU B 20 10.20 62.88 25.04
C GLU B 20 9.62 63.65 26.23
N ALA B 21 10.42 64.50 26.89
CA ALA B 21 10.02 65.21 28.13
C ALA B 21 8.81 66.07 27.87
N ILE B 22 8.65 66.49 26.62
CA ILE B 22 7.50 67.25 26.18
C ILE B 22 6.15 66.60 26.56
N ARG B 23 6.10 65.28 26.74
CA ARG B 23 4.81 64.71 27.09
C ARG B 23 4.37 65.17 28.47
N LEU B 24 5.36 65.59 29.27
CA LEU B 24 5.20 66.06 30.63
C LEU B 24 5.10 67.59 30.59
N ASN B 25 5.82 68.21 29.67
CA ASN B 25 5.77 69.65 29.45
C ASN B 25 5.77 70.53 30.67
N HIS B 26 6.73 70.42 31.56
CA HIS B 26 6.63 71.44 32.59
C HIS B 26 6.78 72.71 31.79
N SER B 27 6.02 73.74 32.12
CA SER B 27 6.07 75.00 31.39
C SER B 27 7.44 75.69 31.46
N ASN B 28 8.28 75.34 32.41
CA ASN B 28 9.58 75.97 32.43
C ASN B 28 10.72 74.99 32.10
N ILE B 29 11.78 75.46 31.45
CA ILE B 29 12.88 74.56 31.06
C ILE B 29 13.91 74.33 32.17
N GLY B 30 13.57 73.39 33.04
CA GLY B 30 14.36 73.04 34.22
C GLY B 30 15.00 71.65 34.19
N THR B 31 15.09 71.01 35.37
CA THR B 31 15.74 69.71 35.56
C THR B 31 15.08 68.67 34.64
N GLU B 32 13.78 68.76 34.57
CA GLU B 32 12.91 67.94 33.77
C GLU B 32 13.15 68.06 32.25
N HIS B 33 13.92 69.07 31.81
CA HIS B 33 14.28 69.22 30.40
C HIS B 33 15.80 69.09 30.18
N LEU B 34 16.57 69.16 31.27
CA LEU B 34 18.02 69.05 31.17
C LEU B 34 18.50 67.64 31.55
N LEU B 35 17.98 67.10 32.66
CA LEU B 35 18.40 65.75 33.06
C LEU B 35 17.66 64.76 32.22
N LEU B 36 16.39 65.06 31.93
CA LEU B 36 15.61 64.17 31.07
C LEU B 36 15.92 64.48 29.63
N GLY B 37 16.77 65.46 29.45
CA GLY B 37 17.21 65.79 28.14
C GLY B 37 18.34 64.85 27.79
N LEU B 38 19.38 64.81 28.61
CA LEU B 38 20.47 63.94 28.23
C LEU B 38 19.96 62.52 28.35
N MET B 39 19.44 62.18 29.53
CA MET B 39 18.90 60.87 29.83
C MET B 39 17.37 60.83 29.94
N LYS B 40 16.68 60.68 28.81
CA LYS B 40 15.22 60.79 28.79
C LYS B 40 14.35 59.77 29.54
N GLU B 41 14.85 58.58 29.85
CA GLU B 41 14.01 57.59 30.54
C GLU B 41 14.92 56.68 31.34
N PRO B 42 14.44 56.03 32.43
CA PRO B 42 15.22 55.18 33.33
C PRO B 42 15.65 53.85 32.76
N GLU B 43 16.51 53.95 31.78
CA GLU B 43 17.08 52.88 31.00
C GLU B 43 18.55 53.15 30.74
N GLY B 44 19.31 52.13 30.39
CA GLY B 44 20.73 52.27 30.06
C GLY B 44 20.94 52.93 28.70
N ILE B 45 20.61 54.20 28.63
CA ILE B 45 20.70 54.96 27.40
C ILE B 45 22.17 55.20 27.06
N ALA B 46 20.72 54.87 33.01
CA ALA B 46 21.96 54.25 33.46
C ALA B 46 23.07 54.43 32.44
N ALA B 47 23.58 55.66 32.30
CA ALA B 47 24.68 55.92 31.38
C ALA B 47 25.50 57.15 31.80
N LYS B 48 25.88 57.23 33.08
CA LYS B 48 26.67 58.37 33.57
C LYS B 48 27.92 57.86 34.32
N VAL B 49 29.11 58.44 34.11
CA VAL B 49 30.29 57.93 34.84
C VAL B 49 30.10 58.13 36.33
N LEU B 50 29.54 59.27 36.73
CA LEU B 50 29.30 59.53 38.16
C LEU B 50 28.37 58.46 38.77
N GLU B 51 27.59 57.75 37.96
CA GLU B 51 26.63 56.80 38.47
C GLU B 51 27.31 55.65 39.18
N SER B 52 28.58 55.38 38.82
CA SER B 52 29.33 54.28 39.38
C SER B 52 29.94 54.69 40.70
N PHE B 53 29.80 55.97 41.02
CA PHE B 53 30.38 56.51 42.21
C PHE B 53 29.31 56.85 43.24
N ASN B 54 28.12 57.29 42.79
CA ASN B 54 27.06 57.56 43.77
C ASN B 54 25.75 56.76 43.50
N ILE B 55 25.00 57.14 42.46
CA ILE B 55 23.70 56.49 42.11
C ILE B 55 23.55 56.16 40.63
N THR B 56 23.12 54.92 40.32
CA THR B 56 22.90 54.50 38.92
C THR B 56 21.98 55.54 38.27
N GLU B 57 22.34 56.03 37.08
CA GLU B 57 21.51 57.07 36.51
C GLU B 57 20.07 56.67 36.24
N ASP B 58 19.78 55.42 35.88
CA ASP B 58 18.40 55.03 35.59
C ASP B 58 17.45 55.51 36.70
N LYS B 59 17.81 55.23 37.95
CA LYS B 59 16.99 55.65 39.07
C LYS B 59 16.93 57.16 39.21
N VAL B 60 18.01 57.85 38.92
CA VAL B 60 17.97 59.30 39.09
C VAL B 60 16.91 59.88 38.17
N ILE B 61 16.94 59.46 36.93
CA ILE B 61 16.01 59.98 35.95
C ILE B 61 14.60 59.43 36.09
N GLU B 62 14.41 58.24 36.68
CA GLU B 62 13.04 57.81 36.93
C GLU B 62 12.40 58.86 37.83
N GLU B 63 13.14 59.24 38.87
CA GLU B 63 12.65 60.23 39.82
C GLU B 63 12.40 61.58 39.18
N VAL B 64 13.24 61.99 38.21
CA VAL B 64 12.97 63.28 37.58
C VAL B 64 11.70 63.15 36.74
N GLU B 65 11.57 62.05 35.99
CA GLU B 65 10.41 61.81 35.13
C GLU B 65 9.11 61.89 35.91
N LYS B 66 9.11 61.30 37.10
CA LYS B 66 7.94 61.22 37.95
C LYS B 66 7.65 62.53 38.67
N LEU B 67 8.48 63.56 38.46
CA LEU B 67 8.21 64.88 38.98
C LEU B 67 6.86 65.30 38.47
N ILE B 68 6.66 65.05 37.20
CA ILE B 68 5.46 65.47 36.52
C ILE B 68 4.60 64.24 36.30
N GLY B 69 5.22 63.18 35.80
CA GLY B 69 4.52 61.94 35.46
C GLY B 69 5.48 60.94 34.83
N TYR B 80 11.73 76.96 36.56
CA TYR B 80 12.64 76.96 35.42
C TYR B 80 13.96 76.43 35.87
N THR B 81 14.21 76.54 37.16
CA THR B 81 15.50 76.12 37.69
C THR B 81 16.57 76.73 36.80
N PRO B 82 16.56 78.07 36.61
CA PRO B 82 17.45 78.78 35.72
C PRO B 82 18.85 78.59 36.16
N ARG B 83 19.03 78.26 37.42
CA ARG B 83 20.35 78.06 37.90
C ARG B 83 20.92 76.81 37.26
N ALA B 84 20.12 75.75 37.10
CA ALA B 84 20.63 74.52 36.52
C ALA B 84 21.03 74.80 35.09
N LYS B 85 20.22 75.57 34.38
CA LYS B 85 20.59 75.88 33.02
C LYS B 85 21.86 76.72 33.05
N LYS B 86 21.89 77.70 33.92
CA LYS B 86 23.03 78.58 34.03
C LYS B 86 24.28 77.88 34.51
N VAL B 87 24.19 76.69 35.17
CA VAL B 87 25.40 75.96 35.57
C VAL B 87 26.30 75.76 34.37
N ILE B 88 25.70 75.71 33.18
CA ILE B 88 26.42 75.51 31.95
C ILE B 88 27.53 76.55 31.81
N GLU B 89 27.25 77.80 32.20
CA GLU B 89 28.20 78.89 32.15
C GLU B 89 28.76 79.27 33.54
N LEU B 90 28.00 79.00 34.62
CA LEU B 90 28.44 79.39 35.97
C LEU B 90 29.69 78.62 36.34
N SER B 91 29.78 77.39 35.85
CA SER B 91 30.93 76.54 36.12
C SER B 91 32.13 76.98 35.32
N MET B 92 32.03 78.04 34.52
CA MET B 92 33.18 78.51 33.79
C MET B 92 34.26 78.97 34.78
N ASP B 93 33.86 79.30 36.00
CA ASP B 93 34.80 79.73 37.03
C ASP B 93 35.63 78.55 37.57
N GLU B 94 35.28 77.34 37.12
CA GLU B 94 35.95 76.09 37.46
C GLU B 94 36.94 75.75 36.35
N ALA B 95 37.18 76.70 35.44
CA ALA B 95 38.08 76.48 34.31
C ALA B 95 39.46 76.01 34.76
N ARG B 96 39.92 76.42 35.95
CA ARG B 96 41.22 76.00 36.43
C ARG B 96 41.10 75.10 37.66
N LYS B 97 39.91 74.55 37.86
CA LYS B 97 39.64 73.65 38.97
C LYS B 97 39.24 72.29 38.42
N LEU B 98 38.30 72.31 37.46
CA LEU B 98 37.84 71.12 36.77
C LEU B 98 38.53 70.98 35.42
N HIS B 99 39.27 72.04 35.04
CA HIS B 99 40.15 72.07 33.86
C HIS B 99 39.50 71.98 32.48
N HIS B 100 39.00 73.12 32.03
CA HIS B 100 38.34 73.28 30.74
C HIS B 100 38.33 74.76 30.36
N ASN B 101 38.15 75.09 29.08
CA ASN B 101 38.07 76.51 28.74
C ASN B 101 36.73 76.98 28.19
N PHE B 102 35.94 76.05 27.69
CA PHE B 102 34.68 76.37 27.05
C PHE B 102 33.63 75.54 27.71
N VAL B 103 32.40 75.69 27.27
CA VAL B 103 31.34 74.90 27.86
C VAL B 103 31.45 73.44 27.46
N GLY B 104 31.54 72.57 28.46
CA GLY B 104 31.66 71.13 28.28
C GLY B 104 30.40 70.45 28.77
N THR B 105 30.56 69.33 29.50
CA THR B 105 29.46 68.56 30.06
C THR B 105 29.76 68.14 31.49
N GLU B 106 30.87 67.46 31.68
CA GLU B 106 31.21 66.90 32.97
C GLU B 106 31.41 67.94 34.07
N HIS B 107 32.06 69.05 33.73
CA HIS B 107 32.24 70.09 34.74
C HIS B 107 30.87 70.68 35.13
N ILE B 108 29.91 70.59 34.20
CA ILE B 108 28.57 71.08 34.36
C ILE B 108 27.82 70.11 35.22
N LEU B 109 27.99 68.80 34.97
CA LEU B 109 27.30 67.80 35.75
C LEU B 109 27.68 67.94 37.20
N LEU B 110 28.93 68.23 37.51
CA LEU B 110 29.19 68.41 38.94
C LEU B 110 28.50 69.68 39.44
N GLY B 111 28.55 70.78 38.67
CA GLY B 111 27.90 72.01 39.11
C GLY B 111 26.38 71.84 39.28
N LEU B 112 25.79 70.98 38.44
CA LEU B 112 24.37 70.70 38.47
C LEU B 112 23.94 69.99 39.71
N ASN B 116 24.14 70.91 42.63
CA ASN B 116 23.44 71.82 43.51
C ASN B 116 21.98 72.09 43.07
N GLU B 117 21.71 71.98 41.76
CA GLU B 117 20.41 72.35 41.20
C GLU B 117 19.72 71.25 40.40
N GLY B 118 20.43 70.77 39.38
CA GLY B 118 20.00 69.81 38.39
C GLY B 118 20.17 68.40 38.89
N VAL B 119 19.38 68.08 39.90
CA VAL B 119 19.40 66.79 40.56
C VAL B 119 18.02 66.25 40.70
N ALA B 120 17.93 64.97 40.96
CA ALA B 120 16.59 64.47 41.18
C ALA B 120 16.30 64.61 42.65
N ALA B 121 16.13 65.85 43.08
CA ALA B 121 15.80 66.12 44.47
C ALA B 121 14.32 65.84 44.58
N ARG B 122 14.02 64.56 44.68
CA ARG B 122 12.69 64.02 44.59
C ARG B 122 12.52 63.17 45.83
N VAL B 123 11.54 62.29 45.86
CA VAL B 123 11.37 61.48 47.06
C VAL B 123 12.72 60.81 47.34
N PHE B 124 13.36 60.26 46.31
CA PHE B 124 14.71 59.77 46.52
C PHE B 124 15.66 60.94 46.25
N ALA B 125 16.52 61.23 47.22
CA ALA B 125 17.45 62.36 47.14
C ALA B 125 18.67 62.04 46.30
N ASN B 126 18.51 62.14 44.99
CA ASN B 126 19.57 61.79 44.07
C ASN B 126 20.58 62.90 43.89
N LEU B 127 21.38 63.09 44.92
CA LEU B 127 22.38 64.14 44.93
C LEU B 127 23.79 63.59 45.08
N ASP B 128 24.56 63.78 44.03
CA ASP B 128 25.94 63.34 43.92
C ASP B 128 26.78 64.34 44.69
N LEU B 129 28.10 64.13 44.80
CA LEU B 129 28.90 65.11 45.52
C LEU B 129 29.63 66.05 44.56
N ASN B 130 29.62 67.34 44.90
CA ASN B 130 30.18 68.43 44.09
C ASN B 130 31.66 68.40 43.73
N ILE B 131 32.51 67.99 44.66
CA ILE B 131 33.94 68.04 44.35
C ILE B 131 34.67 66.73 44.49
N THR B 132 34.17 65.84 45.35
CA THR B 132 34.89 64.62 45.60
C THR B 132 34.75 63.65 44.45
N LYS B 133 33.80 63.94 43.56
CA LYS B 133 33.60 63.11 42.41
C LYS B 133 34.31 63.72 41.20
N ALA B 134 35.10 64.78 41.38
CA ALA B 134 35.84 65.37 40.27
C ALA B 134 36.84 64.36 39.71
N ARG B 135 37.20 63.39 40.54
CA ARG B 135 38.14 62.33 40.22
C ARG B 135 37.46 61.24 39.38
N ALA B 136 36.13 61.33 39.31
CA ALA B 136 35.20 60.49 38.58
C ALA B 136 34.97 61.17 37.23
N GLN B 137 33.72 61.30 36.84
CA GLN B 137 33.26 61.82 35.55
C GLN B 137 34.10 62.96 34.96
N VAL B 138 34.55 63.94 35.72
CA VAL B 138 35.36 64.99 35.10
C VAL B 138 36.66 64.44 34.47
N VAL B 139 37.27 63.44 35.08
CA VAL B 139 38.51 62.84 34.59
C VAL B 139 38.32 61.51 33.88
N LYS B 140 37.47 60.64 34.42
CA LYS B 140 37.27 59.27 33.95
C LYS B 140 36.31 59.13 32.76
N ALA B 141 35.74 60.25 32.37
CA ALA B 141 34.87 60.40 31.21
C ALA B 141 35.81 60.66 30.05
N LEU B 142 35.38 61.48 29.08
CA LEU B 142 36.26 61.77 27.97
C LEU B 142 37.59 62.31 28.53
N GLY B 143 37.49 63.09 29.61
CA GLY B 143 38.67 63.59 30.28
C GLY B 143 39.43 64.67 29.54
N ASN B 144 40.73 64.75 29.84
CA ASN B 144 41.56 65.85 29.35
C ASN B 144 41.66 66.03 27.82
N PRO B 145 41.72 65.00 26.98
CA PRO B 145 41.79 65.17 25.55
C PRO B 145 40.60 65.93 24.93
N GLU B 146 39.44 65.93 25.61
CA GLU B 146 38.22 66.55 25.09
C GLU B 146 37.47 67.26 26.21
N MET B 147 38.10 68.27 26.77
CA MET B 147 37.59 69.00 27.93
C MET B 147 36.25 69.69 27.72
N SER B 148 36.07 70.31 26.55
CA SER B 148 34.85 71.07 26.31
C SER B 148 34.51 71.35 24.85
N ASN B 149 33.27 71.81 24.62
CA ASN B 149 32.76 72.22 23.31
C ASN B 149 32.89 71.17 22.19
N LYS B 150 32.36 69.96 22.49
CA LYS B 150 32.31 68.79 21.60
C LYS B 150 30.87 68.51 21.23
N ASN B 151 30.61 67.62 20.26
CA ASN B 151 29.25 67.33 19.85
C ASN B 151 28.61 66.02 20.38
N ALA B 152 29.02 64.89 19.82
CA ALA B 152 28.48 63.56 20.14
C ALA B 152 29.08 62.87 21.35
N GLN B 153 30.15 63.39 21.91
CA GLN B 153 30.84 62.69 22.99
C GLN B 153 30.36 62.93 24.39
N ALA B 154 29.33 63.70 24.53
CA ALA B 154 28.79 63.93 25.86
C ALA B 154 27.30 64.25 25.68
N SER B 155 26.66 63.31 24.99
CA SER B 155 25.24 63.29 24.67
C SER B 155 24.56 62.14 25.42
N LYS B 156 23.37 61.75 24.99
CA LYS B 156 22.55 60.80 25.75
C LYS B 156 23.18 59.44 26.12
N SER B 157 24.15 58.95 25.36
CA SER B 157 24.73 57.64 25.61
C SER B 157 26.21 57.66 25.96
N ASN B 158 26.80 58.83 25.92
CA ASN B 158 28.24 58.92 26.03
C ASN B 158 28.66 59.95 27.08
N ASN B 159 29.64 59.67 27.95
CA ASN B 159 30.16 60.61 28.92
C ASN B 159 31.33 61.42 28.37
N THR B 162 17.56 39.75 15.71
CA THR B 162 17.28 38.46 16.34
C THR B 162 18.42 37.49 16.05
N LEU B 163 19.42 38.01 15.36
CA LEU B 163 20.63 37.27 14.97
C LEU B 163 20.30 35.92 14.30
N ASP B 164 19.44 35.97 13.29
CA ASP B 164 18.98 34.84 12.48
C ASP B 164 20.14 34.28 11.68
N SER B 165 19.98 33.12 11.02
CA SER B 165 21.10 32.60 10.22
C SER B 165 21.45 33.55 9.08
N LEU B 166 20.52 34.45 8.74
CA LEU B 166 20.61 35.46 7.70
C LEU B 166 21.51 36.59 8.19
N ALA B 167 21.85 36.49 9.46
CA ALA B 167 22.68 37.35 10.23
C ALA B 167 23.53 36.42 11.06
N ARG B 168 24.29 35.59 10.38
CA ARG B 168 25.03 34.53 11.01
C ARG B 168 26.05 35.03 12.01
N ASP B 169 26.18 34.34 13.12
CA ASP B 169 27.19 34.72 14.08
C ASP B 169 28.59 34.36 13.58
N LEU B 170 29.38 35.38 13.25
CA LEU B 170 30.74 35.27 12.75
C LEU B 170 31.66 35.39 13.92
N THR B 171 31.25 36.24 14.86
CA THR B 171 32.03 36.56 16.04
C THR B 171 32.53 35.27 16.60
N VAL B 172 31.63 34.35 16.86
CA VAL B 172 31.94 33.04 17.42
C VAL B 172 32.93 32.18 16.63
N ILE B 173 32.94 32.30 15.31
CA ILE B 173 33.78 31.45 14.48
C ILE B 173 35.20 31.92 14.57
N ALA B 174 35.37 33.20 14.38
CA ALA B 174 36.71 33.69 14.52
C ALA B 174 37.15 33.57 16.00
N LYS B 175 36.23 33.82 16.93
CA LYS B 175 36.56 33.82 18.33
C LYS B 175 36.99 32.47 18.87
N ASP B 176 36.34 31.39 18.47
CA ASP B 176 36.69 30.08 19.01
C ASP B 176 37.88 29.43 18.30
N GLY B 177 38.54 30.14 17.39
CA GLY B 177 39.70 29.61 16.70
C GLY B 177 39.38 28.83 15.42
N THR B 178 38.11 28.71 15.04
CA THR B 178 37.80 28.01 13.80
C THR B 178 38.45 28.74 12.63
N LEU B 179 38.33 30.06 12.62
CA LEU B 179 38.97 30.81 11.55
C LEU B 179 40.48 30.78 11.69
N ASP B 180 41.16 30.47 10.60
CA ASP B 180 42.61 30.55 10.56
C ASP B 180 42.88 31.72 9.58
N PRO B 181 43.17 32.94 10.10
CA PRO B 181 43.23 34.20 9.36
C PRO B 181 44.43 34.47 8.45
N VAL B 182 44.18 35.36 7.52
CA VAL B 182 45.11 36.04 6.61
C VAL B 182 45.99 36.91 7.50
N ILE B 183 47.24 37.20 7.13
CA ILE B 183 48.03 37.93 8.12
C ILE B 183 48.97 39.00 7.55
N GLY B 184 49.17 40.06 8.32
CA GLY B 184 50.11 41.12 7.98
C GLY B 184 49.52 42.22 7.10
N ARG B 185 48.26 42.09 6.73
CA ARG B 185 47.61 43.06 5.87
C ARG B 185 47.15 44.30 6.63
N ASP B 186 48.12 45.00 7.21
CA ASP B 186 47.86 46.19 8.00
C ASP B 186 47.23 47.26 7.17
N LYS B 187 47.82 47.50 6.00
CA LYS B 187 47.38 48.55 5.10
C LYS B 187 45.90 48.36 4.68
N GLU B 188 45.39 47.12 4.77
CA GLU B 188 44.04 46.83 4.36
C GLU B 188 43.13 46.70 5.55
N ILE B 189 43.40 45.75 6.42
CA ILE B 189 42.53 45.51 7.54
C ILE B 189 42.42 46.67 8.48
N THR B 190 43.52 47.31 8.82
CA THR B 190 43.44 48.40 9.78
C THR B 190 42.55 49.51 9.24
N ARG B 191 42.74 49.79 7.97
CA ARG B 191 42.02 50.87 7.35
C ARG B 191 40.58 50.48 7.14
N VAL B 192 40.33 49.24 6.75
CA VAL B 192 38.97 48.77 6.53
C VAL B 192 38.19 48.80 7.83
N ILE B 193 38.82 48.41 8.95
CA ILE B 193 38.13 48.44 10.24
C ILE B 193 37.61 49.83 10.46
N GLU B 194 38.42 50.81 10.17
CA GLU B 194 38.00 52.16 10.37
C GLU B 194 37.18 52.77 9.22
N VAL B 195 36.86 52.03 8.16
CA VAL B 195 36.05 52.69 7.13
C VAL B 195 34.68 53.01 7.71
N LEU B 196 34.16 52.10 8.53
CA LEU B 196 32.89 52.28 9.22
C LEU B 196 32.92 53.42 10.21
N SER B 197 34.11 53.93 10.49
CA SER B 197 34.32 55.00 11.40
C SER B 197 34.29 56.35 10.69
N ARG B 198 34.15 56.38 9.36
CA ARG B 198 34.11 57.67 8.66
C ARG B 198 32.70 58.22 8.69
N ARG B 199 32.57 59.55 8.59
CA ARG B 199 31.26 60.15 8.56
C ARG B 199 30.60 60.27 7.20
N THR B 200 31.30 60.75 6.18
CA THR B 200 30.63 60.90 4.88
C THR B 200 30.29 59.53 4.39
N LYS B 201 31.25 58.63 4.50
CA LYS B 201 31.03 57.30 4.02
C LYS B 201 31.29 56.32 5.11
N ASN B 202 30.50 55.26 5.19
CA ASN B 202 30.80 54.31 6.24
C ASN B 202 31.00 52.87 5.82
N ASN B 203 30.14 52.31 5.01
CA ASN B 203 30.37 50.89 4.82
C ASN B 203 31.49 50.69 3.83
N PRO B 204 32.54 49.92 4.15
CA PRO B 204 33.54 49.60 3.20
C PRO B 204 32.89 48.67 2.22
N VAL B 205 33.30 48.71 0.97
CA VAL B 205 32.84 47.73 0.01
C VAL B 205 34.09 47.05 -0.53
N LEU B 206 34.30 45.80 -0.19
CA LEU B 206 35.55 45.15 -0.56
C LEU B 206 35.57 44.55 -1.95
N ILE B 207 36.48 45.08 -2.76
CA ILE B 207 36.64 44.63 -4.13
C ILE B 207 38.09 44.23 -4.29
N GLY B 208 38.38 43.29 -5.16
CA GLY B 208 39.76 42.91 -5.31
C GLY B 208 39.90 41.45 -5.64
N GLU B 209 41.11 40.96 -5.47
CA GLU B 209 41.44 39.59 -5.82
C GLU B 209 40.67 38.50 -5.00
N PRO B 210 39.91 37.59 -5.64
CA PRO B 210 39.26 36.50 -4.95
C PRO B 210 40.26 35.43 -4.51
N GLY B 211 41.44 35.38 -5.17
CA GLY B 211 42.51 34.45 -4.86
C GLY B 211 42.95 34.61 -3.43
N VAL B 212 43.31 35.84 -3.07
CA VAL B 212 43.73 36.20 -1.72
C VAL B 212 42.66 35.92 -0.71
N GLY B 213 41.46 35.63 -1.17
CA GLY B 213 40.46 35.36 -0.25
C GLY B 213 39.91 36.67 0.19
N LYS B 214 39.50 37.55 -0.73
CA LYS B 214 38.96 38.79 -0.22
C LYS B 214 37.83 38.48 0.78
N THR B 215 37.15 37.34 0.61
CA THR B 215 36.15 36.96 1.58
C THR B 215 36.84 36.78 2.92
N ALA B 216 37.91 35.97 2.89
CA ALA B 216 38.73 35.63 4.04
C ALA B 216 39.38 36.84 4.68
N ILE B 217 39.72 37.83 3.89
CA ILE B 217 40.40 38.97 4.43
C ILE B 217 39.48 39.72 5.37
N ALA B 218 38.23 39.91 4.99
CA ALA B 218 37.31 40.53 5.93
C ALA B 218 37.20 39.63 7.17
N GLU B 219 37.26 38.32 6.97
CA GLU B 219 37.23 37.43 8.12
C GLU B 219 38.49 37.66 8.98
N GLY B 220 39.64 37.94 8.37
CA GLY B 220 40.86 38.23 9.11
C GLY B 220 40.62 39.44 10.00
N LEU B 221 39.94 40.42 9.41
CA LEU B 221 39.53 41.61 10.12
C LEU B 221 38.69 41.17 11.30
N ALA B 222 37.71 40.31 11.03
CA ALA B 222 36.88 39.84 12.10
C ALA B 222 37.74 39.22 13.19
N GLN B 223 38.81 38.49 12.85
CA GLN B 223 39.61 37.91 13.93
C GLN B 223 40.16 39.02 14.83
N ALA B 224 40.63 40.12 14.23
CA ALA B 224 41.20 41.23 14.99
C ALA B 224 40.20 41.81 15.97
N ILE B 225 38.95 41.83 15.56
CA ILE B 225 37.91 42.41 16.36
C ILE B 225 37.41 41.44 17.42
N VAL B 226 37.20 40.16 17.08
CA VAL B 226 36.66 39.20 18.06
C VAL B 226 37.65 38.96 19.17
N ASN B 227 38.95 39.15 18.89
CA ASN B 227 39.99 39.02 19.89
C ASN B 227 39.83 40.11 20.95
N ASN B 228 39.02 41.12 20.61
CA ASN B 228 38.71 42.27 21.40
C ASN B 228 39.94 43.01 21.78
N GLU B 229 40.80 43.20 20.79
CA GLU B 229 42.02 43.93 20.97
C GLU B 229 41.78 45.42 20.83
N VAL B 230 40.55 45.76 20.48
CA VAL B 230 40.13 47.11 20.26
C VAL B 230 39.75 47.85 21.55
N PRO B 231 40.08 49.15 21.66
CA PRO B 231 39.66 50.04 22.73
C PRO B 231 38.17 50.35 22.65
N GLU B 232 37.38 49.39 23.08
CA GLU B 232 35.91 49.45 23.08
C GLU B 232 35.23 49.69 21.73
N THR B 233 35.34 48.71 20.85
CA THR B 233 34.68 48.74 19.54
C THR B 233 33.76 47.52 19.54
N LEU B 234 34.34 46.34 19.68
CA LEU B 234 33.54 45.12 19.76
C LEU B 234 32.54 45.22 20.90
N LYS B 235 32.91 45.94 21.95
CA LYS B 235 32.09 46.08 23.13
C LYS B 235 30.59 46.28 22.84
N ASP B 236 30.19 47.08 21.83
CA ASP B 236 28.76 47.23 21.60
C ASP B 236 28.36 46.77 20.18
N LYS B 237 29.20 45.96 19.54
CA LYS B 237 28.94 45.50 18.18
C LYS B 237 28.99 43.98 18.05
N ARG B 238 28.32 43.45 17.04
CA ARG B 238 28.45 42.04 16.76
C ARG B 238 29.21 41.84 15.44
N VAL B 239 30.06 40.83 15.42
CA VAL B 239 30.77 40.47 14.20
C VAL B 239 29.93 39.39 13.54
N MET B 240 29.34 39.73 12.39
CA MET B 240 28.37 38.86 11.77
C MET B 240 28.62 38.53 10.27
N SER B 241 28.09 37.39 9.81
CA SER B 241 28.21 36.94 8.42
C SER B 241 26.89 36.99 7.62
N LEU B 242 26.94 37.62 6.44
CA LEU B 242 25.74 37.85 5.66
C LEU B 242 25.28 36.71 4.77
N ASP B 243 24.51 35.81 5.33
CA ASP B 243 24.06 34.67 4.54
C ASP B 243 22.83 35.11 3.74
N MET B 244 23.08 35.63 2.52
CA MET B 244 22.01 36.19 1.67
C MET B 244 21.18 35.09 1.02
N GLY B 245 20.32 34.50 1.82
CA GLY B 245 19.46 33.41 1.40
C GLY B 245 18.13 33.95 0.89
N THR B 246 17.76 33.57 -0.33
CA THR B 246 16.55 34.06 -0.97
C THR B 246 15.46 32.99 -1.05
N VAL B 247 14.36 33.22 -0.32
CA VAL B 247 13.25 32.29 -0.18
C VAL B 247 11.91 33.03 -0.17
N GLY B 255 6.20 33.48 -1.68
CA GLY B 255 5.96 34.84 -2.11
C GLY B 255 7.14 35.37 -2.89
N GLU B 256 7.78 36.42 -2.38
CA GLU B 256 8.95 36.94 -3.09
C GLU B 256 10.16 36.16 -2.60
N PHE B 257 11.18 36.01 -3.43
CA PHE B 257 12.34 35.28 -2.93
C PHE B 257 13.06 36.10 -1.87
N GLU B 258 12.98 37.39 -2.02
CA GLU B 258 13.54 38.37 -1.13
C GLU B 258 12.66 38.59 0.09
N GLU B 259 11.49 37.96 0.14
CA GLU B 259 10.52 38.21 1.19
C GLU B 259 11.03 37.97 2.58
N ARG B 260 11.79 36.89 2.81
CA ARG B 260 12.23 36.72 4.18
C ARG B 260 13.29 37.75 4.50
N LEU B 261 14.17 38.03 3.56
CA LEU B 261 15.23 38.99 3.81
C LEU B 261 14.64 40.38 4.06
N LYS B 262 13.57 40.73 3.36
CA LYS B 262 12.98 42.02 3.59
C LYS B 262 12.24 42.05 4.94
N LYS B 263 11.43 41.03 5.21
CA LYS B 263 10.66 41.00 6.45
C LYS B 263 11.48 40.90 7.72
N VAL B 264 12.61 40.20 7.67
CA VAL B 264 13.46 40.02 8.83
C VAL B 264 14.26 41.29 9.12
N MET B 265 14.25 42.29 8.23
CA MET B 265 15.08 43.44 8.47
C MET B 265 14.78 44.08 9.80
N GLU B 266 13.50 44.32 10.14
CA GLU B 266 13.24 44.93 11.43
C GLU B 266 13.74 44.06 12.57
N GLU B 267 13.62 42.75 12.44
CA GLU B 267 14.04 41.84 13.47
C GLU B 267 15.54 41.93 13.74
N ILE B 268 16.33 42.13 12.69
CA ILE B 268 17.77 42.23 12.86
C ILE B 268 18.15 43.65 13.28
N GLN B 269 17.56 44.63 12.61
CA GLN B 269 17.79 46.03 12.86
C GLN B 269 17.53 46.36 14.32
N GLN B 270 16.51 45.73 14.90
CA GLN B 270 16.17 45.90 16.28
C GLN B 270 17.32 45.57 17.21
N ALA B 271 18.15 44.56 16.86
CA ALA B 271 19.27 44.23 17.73
C ALA B 271 20.15 45.47 17.82
N GLY B 272 20.30 46.13 16.67
CA GLY B 272 21.02 47.40 16.59
C GLY B 272 22.53 47.27 16.56
N ASN B 273 23.03 46.05 16.55
CA ASN B 273 24.47 45.85 16.60
C ASN B 273 25.00 44.84 15.59
N VAL B 274 24.19 44.45 14.63
CA VAL B 274 24.61 43.45 13.67
C VAL B 274 25.29 43.98 12.41
N ILE B 275 26.61 43.78 12.31
CA ILE B 275 27.35 44.23 11.14
C ILE B 275 27.79 43.04 10.32
N LEU B 276 27.13 42.89 9.18
CA LEU B 276 27.26 41.74 8.30
C LEU B 276 28.15 41.92 7.11
N PHE B 277 28.93 40.88 6.81
CA PHE B 277 29.79 40.87 5.64
C PHE B 277 29.33 40.08 4.40
N ILE B 278 29.33 40.76 3.25
CA ILE B 278 29.07 40.15 1.94
C ILE B 278 30.35 39.45 1.54
N ASP B 279 30.32 38.22 1.07
CA ASP B 279 31.62 37.60 0.81
C ASP B 279 32.34 38.22 -0.40
N GLU B 280 31.69 38.22 -1.56
CA GLU B 280 32.31 38.77 -2.74
C GLU B 280 31.41 39.71 -3.50
N LEU B 281 30.11 39.47 -3.47
CA LEU B 281 29.25 40.32 -4.28
C LEU B 281 27.83 40.50 -3.78
N HIS B 282 27.43 41.75 -3.62
CA HIS B 282 26.05 42.03 -3.26
C HIS B 282 25.24 41.52 -4.41
N THR B 283 24.14 40.88 -4.16
CA THR B 283 23.33 40.47 -5.29
C THR B 283 23.00 41.73 -6.10
N LEU B 284 23.28 41.73 -7.41
CA LEU B 284 22.95 42.92 -8.21
C LEU B 284 21.90 42.56 -9.25
N VAL B 285 21.09 41.59 -8.89
CA VAL B 285 20.01 41.06 -9.69
C VAL B 285 18.74 41.91 -9.57
N GLY B 286 18.10 42.23 -10.70
CA GLY B 286 16.88 43.02 -10.68
C GLY B 286 15.72 42.39 -9.86
N ALA B 287 15.61 41.05 -9.89
CA ALA B 287 14.56 40.33 -9.16
C ALA B 287 15.06 38.97 -8.70
N ALA B 296 17.47 39.48 -5.26
CA ALA B 296 17.55 40.73 -5.99
C ALA B 296 18.53 41.68 -5.35
N SER B 297 18.67 42.87 -5.92
CA SER B 297 19.48 43.87 -5.26
C SER B 297 18.62 44.67 -4.27
N ASN B 298 17.34 44.79 -4.58
CA ASN B 298 16.45 45.62 -3.77
C ASN B 298 15.81 44.93 -2.58
N ILE B 299 16.61 44.68 -1.57
CA ILE B 299 16.09 44.15 -0.33
C ILE B 299 15.99 45.34 0.59
N LEU B 300 14.92 46.11 0.45
CA LEU B 300 14.79 47.32 1.25
C LEU B 300 16.04 48.16 1.08
N LYS B 301 16.39 48.46 -0.17
CA LYS B 301 17.57 49.26 -0.42
C LYS B 301 17.63 50.49 0.47
N PRO B 302 16.56 51.33 0.65
CA PRO B 302 16.58 52.48 1.53
C PRO B 302 16.74 52.15 3.01
N ALA B 303 16.46 50.91 3.45
CA ALA B 303 16.68 50.66 4.86
C ALA B 303 18.16 50.85 5.10
N LEU B 304 18.93 50.23 4.21
CA LEU B 304 20.38 50.32 4.30
C LEU B 304 20.91 51.65 3.82
N ALA B 305 20.42 52.11 2.67
CA ALA B 305 20.98 53.27 2.00
C ALA B 305 20.56 54.61 2.62
N ARG B 306 20.93 54.75 3.89
CA ARG B 306 20.76 55.92 4.71
C ARG B 306 22.07 56.11 5.43
N GLY B 307 22.84 55.04 5.44
CA GLY B 307 24.08 54.96 6.21
C GLY B 307 23.89 54.17 7.50
N GLU B 308 22.64 53.91 7.84
CA GLU B 308 22.27 53.16 9.02
C GLU B 308 22.34 51.69 8.66
N LEU B 309 22.26 50.81 9.66
CA LEU B 309 22.33 49.36 9.40
C LEU B 309 23.67 49.04 8.75
N GLN B 310 24.72 49.46 9.42
CA GLN B 310 26.09 49.28 8.99
C GLN B 310 26.44 47.85 8.65
N CYS B 311 27.26 47.72 7.61
CA CYS B 311 27.69 46.44 7.07
C CYS B 311 29.03 46.58 6.36
N ILE B 312 29.58 45.46 5.93
CA ILE B 312 30.77 45.47 5.11
C ILE B 312 30.36 44.85 3.79
N GLY B 313 30.44 45.62 2.71
CA GLY B 313 29.97 45.05 1.48
C GLY B 313 31.09 44.44 0.68
N ALA B 314 30.77 43.99 -0.52
CA ALA B 314 31.76 43.42 -1.41
C ALA B 314 31.19 43.43 -2.82
N THR B 315 32.11 43.55 -3.78
CA THR B 315 31.79 43.53 -5.21
C THR B 315 33.05 43.25 -6.08
N THR B 316 32.95 43.52 -7.37
CA THR B 316 34.08 43.29 -8.30
C THR B 316 34.33 44.60 -9.03
N LEU B 317 35.32 44.68 -9.91
CA LEU B 317 35.54 45.97 -10.57
C LEU B 317 34.34 46.40 -11.40
N ASP B 318 33.74 45.48 -12.15
CA ASP B 318 32.59 45.88 -12.94
C ASP B 318 31.33 45.88 -12.15
N GLU B 319 31.23 44.97 -11.19
CA GLU B 319 30.02 44.90 -10.40
C GLU B 319 29.98 46.16 -9.53
N TYR B 320 31.15 46.64 -9.13
CA TYR B 320 31.25 47.88 -8.40
C TYR B 320 30.66 48.97 -9.24
N ARG B 321 31.11 49.05 -10.47
CA ARG B 321 30.58 50.06 -11.34
C ARG B 321 29.09 49.88 -11.55
N LYS B 322 28.66 48.64 -11.72
CA LYS B 322 27.26 48.31 -11.92
C LYS B 322 26.38 48.78 -10.77
N ASN B 323 26.88 48.72 -9.54
CA ASN B 323 26.09 49.10 -8.39
C ASN B 323 26.38 50.49 -7.86
N ILE B 324 27.62 50.74 -7.50
CA ILE B 324 27.91 51.97 -6.80
C ILE B 324 28.11 53.13 -7.74
N GLU B 325 28.92 52.93 -8.77
CA GLU B 325 29.20 54.04 -9.67
C GLU B 325 27.93 54.41 -10.41
N LYS B 326 27.23 53.38 -10.88
CA LYS B 326 25.99 53.54 -11.61
C LYS B 326 24.92 54.24 -10.79
N ASP B 327 24.71 53.82 -9.55
CA ASP B 327 23.70 54.46 -8.73
C ASP B 327 24.07 55.91 -8.47
N ALA B 328 25.32 56.08 -8.03
CA ALA B 328 25.95 57.33 -7.65
C ALA B 328 25.36 58.00 -6.41
N ALA B 329 24.39 57.38 -5.72
CA ALA B 329 23.97 57.94 -4.45
C ALA B 329 24.73 57.13 -3.42
N LEU B 330 24.81 55.82 -3.67
CA LEU B 330 25.50 54.91 -2.77
C LEU B 330 26.96 55.30 -2.69
N GLU B 331 27.47 55.75 -3.81
CA GLU B 331 28.84 56.20 -4.01
C GLU B 331 29.24 57.31 -3.07
N ARG B 332 28.28 58.11 -2.63
CA ARG B 332 28.56 59.24 -1.79
C ARG B 332 28.35 58.94 -0.30
N ARG B 333 27.97 57.70 0.02
CA ARG B 333 27.69 57.26 1.38
C ARG B 333 28.45 56.00 1.80
N PHE B 334 28.93 55.25 0.82
CA PHE B 334 29.61 54.00 1.12
C PHE B 334 30.97 54.08 0.41
N GLN B 335 31.97 53.38 0.92
CA GLN B 335 33.33 53.50 0.40
C GLN B 335 33.98 52.21 -0.09
N PRO B 336 34.36 52.06 -1.35
CA PRO B 336 35.05 50.88 -1.77
C PRO B 336 36.42 50.83 -1.15
N VAL B 337 36.86 49.64 -0.86
CA VAL B 337 38.18 49.40 -0.33
C VAL B 337 38.76 48.32 -1.19
N GLN B 338 40.07 48.26 -1.32
CA GLN B 338 40.63 47.25 -2.20
C GLN B 338 41.59 46.33 -1.53
N VAL B 339 41.65 45.12 -2.07
CA VAL B 339 42.57 44.11 -1.58
C VAL B 339 43.36 43.46 -2.70
N ASP B 340 44.64 43.21 -2.44
CA ASP B 340 45.48 42.60 -3.46
C ASP B 340 46.46 41.56 -2.94
N GLU B 341 47.37 41.14 -3.82
CA GLU B 341 48.36 40.14 -3.49
C GLU B 341 49.73 40.78 -3.28
N PRO B 342 50.31 40.74 -2.07
CA PRO B 342 51.59 41.32 -1.74
C PRO B 342 52.73 40.40 -2.13
N SER B 343 53.28 39.74 2.45
CA SER B 343 53.88 38.97 1.35
C SER B 343 54.18 37.58 1.82
N VAL B 344 55.36 37.39 2.39
CA VAL B 344 55.68 36.05 2.85
C VAL B 344 54.84 35.72 4.04
N VAL B 345 54.74 36.62 5.01
CA VAL B 345 53.99 36.20 6.19
C VAL B 345 52.52 36.00 5.83
N ASP B 346 52.01 36.73 4.84
CA ASP B 346 50.64 36.55 4.45
C ASP B 346 50.48 35.15 3.91
N THR B 347 51.32 34.82 2.96
CA THR B 347 51.22 33.54 2.33
C THR B 347 51.43 32.45 3.38
N VAL B 348 52.37 32.66 4.32
CA VAL B 348 52.63 31.68 5.35
C VAL B 348 51.44 31.36 6.24
N ALA B 349 50.77 32.37 6.81
CA ALA B 349 49.62 32.02 7.65
C ALA B 349 48.54 31.35 6.81
N ILE B 350 48.37 31.82 5.58
CA ILE B 350 47.33 31.25 4.75
C ILE B 350 47.63 29.78 4.51
N LEU B 351 48.87 29.48 4.11
CA LEU B 351 49.23 28.10 3.82
C LEU B 351 49.22 27.20 5.04
N LYS B 352 49.57 27.68 6.22
CA LYS B 352 49.50 26.77 7.35
C LYS B 352 48.08 26.29 7.56
N GLY B 353 47.12 27.21 7.43
CA GLY B 353 45.70 26.87 7.55
C GLY B 353 45.28 25.89 6.43
N LEU B 354 45.55 26.29 5.18
CA LEU B 354 45.14 25.49 4.03
C LEU B 354 45.81 24.14 4.04
N ARG B 355 47.06 24.10 4.48
CA ARG B 355 47.82 22.86 4.55
C ARG B 355 47.13 21.80 5.32
N ASP B 356 46.79 22.10 6.57
CA ASP B 356 46.11 21.15 7.44
C ASP B 356 44.80 20.69 6.80
N ARG B 357 44.18 21.58 6.04
CA ARG B 357 42.94 21.24 5.40
C ARG B 357 43.04 20.46 4.08
N TYR B 358 44.03 20.75 3.21
CA TYR B 358 43.98 20.11 1.88
C TYR B 358 45.07 19.07 1.65
N GLU B 359 46.33 19.50 1.48
CA GLU B 359 47.42 18.59 1.14
C GLU B 359 47.63 17.55 2.21
N ALA B 360 47.21 17.91 3.38
CA ALA B 360 47.27 17.11 4.55
C ALA B 360 46.51 15.79 4.46
N HIS B 361 45.43 15.75 3.71
CA HIS B 361 44.47 14.63 3.71
C HIS B 361 44.99 13.19 3.63
N HIS B 362 46.22 12.95 3.20
CA HIS B 362 46.73 11.58 3.10
C HIS B 362 47.23 10.97 4.40
N ARG B 363 47.07 11.70 5.51
CA ARG B 363 47.45 11.25 6.87
C ARG B 363 48.94 11.06 7.07
N ILE B 364 49.73 12.02 6.62
CA ILE B 364 51.18 11.97 6.71
C ILE B 364 51.87 13.23 7.35
N ASN B 365 53.24 13.27 7.44
CA ASN B 365 54.08 14.24 8.24
C ASN B 365 55.27 15.00 7.51
N ILE B 366 55.19 16.32 7.36
CA ILE B 366 56.19 17.17 6.65
C ILE B 366 57.05 18.05 7.51
N SER B 367 58.03 18.67 6.87
CA SER B 367 58.80 19.72 7.48
C SER B 367 57.93 20.96 7.41
N ASP B 368 57.86 21.79 8.44
CA ASP B 368 57.03 22.98 8.22
C ASP B 368 57.77 24.06 7.45
N GLU B 369 59.03 23.77 7.04
CA GLU B 369 59.78 24.67 6.19
C GLU B 369 59.10 24.69 4.85
N ALA B 370 58.27 23.68 4.60
CA ALA B 370 57.51 23.55 3.38
C ALA B 370 56.66 24.78 3.19
N ILE B 371 56.22 25.47 4.26
CA ILE B 371 55.41 26.64 4.01
C ILE B 371 56.25 27.69 3.34
N GLU B 372 57.31 28.17 4.01
CA GLU B 372 58.14 29.18 3.41
C GLU B 372 58.78 28.72 2.13
N ALA B 373 59.12 27.44 2.04
CA ALA B 373 59.70 26.96 0.81
C ALA B 373 58.70 27.13 -0.31
N ALA B 374 57.44 26.77 -0.04
CA ALA B 374 56.38 26.92 -1.02
C ALA B 374 56.15 28.37 -1.36
N VAL B 375 56.28 29.27 -0.38
CA VAL B 375 56.05 30.67 -0.67
C VAL B 375 57.12 31.11 -1.65
N LYS B 376 58.36 30.78 -1.35
CA LYS B 376 59.48 31.19 -2.19
C LYS B 376 59.47 30.53 -3.55
N LEU B 377 59.31 29.23 -3.59
CA LEU B 377 59.34 28.52 -4.84
C LEU B 377 58.14 28.79 -5.68
N SER B 378 56.95 28.73 -5.11
CA SER B 378 55.83 29.01 -5.97
C SER B 378 55.94 30.42 -6.47
N ASN B 379 56.21 31.41 -5.60
CA ASN B 379 56.28 32.79 -6.06
C ASN B 379 57.30 32.94 -7.17
N ARG B 380 58.43 32.26 -7.03
CA ARG B 380 59.48 32.27 -8.03
C ARG B 380 58.92 31.88 -9.38
N TYR B 381 57.94 30.97 -9.40
CA TYR B 381 57.37 30.49 -10.63
C TYR B 381 55.92 30.94 -10.87
N VAL B 382 55.44 31.97 -10.17
CA VAL B 382 54.08 32.45 -10.44
C VAL B 382 54.12 33.55 -11.45
N SER B 383 53.64 33.26 -12.64
CA SER B 383 53.66 34.23 -13.71
C SER B 383 52.23 34.60 -14.12
N ASP B 384 51.32 33.67 -13.89
CA ASP B 384 49.93 33.80 -14.31
C ASP B 384 48.91 33.22 -13.33
N ARG B 385 49.31 33.00 -12.08
CA ARG B 385 48.42 32.39 -11.09
C ARG B 385 48.48 33.10 -9.77
N PHE B 386 47.56 32.76 -8.88
CA PHE B 386 47.58 33.29 -7.53
C PHE B 386 48.54 32.45 -6.65
N LEU B 387 49.46 33.09 -5.90
CA LEU B 387 50.43 32.32 -5.13
C LEU B 387 49.96 31.34 -4.02
N PRO B 388 49.23 31.69 -2.94
CA PRO B 388 48.65 30.73 -1.98
C PRO B 388 47.91 29.57 -2.61
N ASP B 389 47.25 29.82 -3.74
CA ASP B 389 46.54 28.72 -4.37
C ASP B 389 47.52 27.81 -5.02
N LYS B 390 48.39 28.36 -5.86
CA LYS B 390 49.31 27.49 -6.55
C LYS B 390 50.14 26.70 -5.52
N ALA B 391 50.61 27.39 -4.48
CA ALA B 391 51.43 26.76 -3.49
C ALA B 391 50.69 25.61 -2.78
N ILE B 392 49.43 25.82 -2.40
CA ILE B 392 48.76 24.69 -1.77
C ILE B 392 48.44 23.58 -2.74
N ASP B 393 48.11 23.92 -3.98
CA ASP B 393 47.77 22.92 -4.96
C ASP B 393 48.95 22.05 -5.30
N LEU B 394 50.14 22.66 -5.35
CA LEU B 394 51.34 21.92 -5.66
C LEU B 394 51.64 20.83 -4.66
N ILE B 395 51.60 21.12 -3.38
CA ILE B 395 51.86 20.00 -2.49
C ILE B 395 50.69 19.07 -2.40
N ASP B 396 49.47 19.57 -2.50
CA ASP B 396 48.34 18.66 -2.47
C ASP B 396 48.63 17.55 -3.52
N GLU B 397 48.99 17.95 -4.75
CA GLU B 397 49.35 16.95 -5.74
C GLU B 397 50.48 16.04 -5.23
N ALA B 398 51.52 16.63 -4.66
CA ALA B 398 52.65 15.87 -4.18
C ALA B 398 52.28 14.84 -3.13
N SER B 399 51.34 15.17 -2.23
CA SER B 399 50.94 14.30 -1.15
C SER B 399 50.43 13.01 -1.68
N SER B 400 49.64 13.08 -2.72
CA SER B 400 49.09 11.89 -3.29
C SER B 400 50.12 11.05 -3.95
N LYS B 401 51.00 11.68 -4.69
CA LYS B 401 51.99 10.89 -5.37
C LYS B 401 52.85 10.13 -4.38
N VAL B 402 53.23 10.78 -3.30
CA VAL B 402 54.07 10.08 -2.37
C VAL B 402 53.30 9.14 -1.45
N ARG B 403 52.07 9.47 -1.09
CA ARG B 403 51.35 8.58 -0.21
C ARG B 403 50.91 7.33 -0.90
N LEU B 404 50.37 7.49 -2.09
CA LEU B 404 49.82 6.34 -2.73
C LEU B 404 50.97 5.43 -3.09
N LYS B 405 52.09 6.02 -3.57
CA LYS B 405 53.28 5.26 -3.90
C LYS B 405 53.82 4.53 -2.69
N SER B 406 53.72 5.17 -1.53
CA SER B 406 54.25 4.65 -0.29
C SER B 406 53.29 3.74 0.49
N HIS B 407 52.11 3.42 -0.06
CA HIS B 407 51.23 2.51 0.68
C HIS B 407 51.88 1.14 0.84
N THR B 408 52.61 0.71 -0.18
CA THR B 408 53.33 -0.54 -0.14
C THR B 408 54.62 -0.26 0.64
N THR B 409 55.42 -1.25 0.98
CA THR B 409 56.62 -0.88 1.73
C THR B 409 57.48 -0.04 0.79
N PRO B 410 57.81 1.23 1.11
CA PRO B 410 58.54 2.15 0.27
C PRO B 410 60.03 1.86 0.34
N ASN B 411 52.64 -4.87 -2.82
CA ASN B 411 52.78 -5.84 -3.89
C ASN B 411 53.27 -7.13 -3.29
N ASN B 412 54.25 -7.05 -2.41
CA ASN B 412 54.70 -8.24 -1.71
C ASN B 412 53.72 -8.36 -0.57
N LEU B 413 53.27 -7.21 -0.12
CA LEU B 413 52.26 -7.18 0.92
C LEU B 413 51.02 -7.84 0.38
N LYS B 414 50.72 -7.52 -0.87
CA LYS B 414 49.54 -8.06 -1.49
C LYS B 414 49.74 -9.53 -1.77
N GLU B 415 50.92 -9.92 -2.25
CA GLU B 415 51.13 -11.34 -2.47
C GLU B 415 51.04 -12.11 -1.18
N ILE B 416 51.53 -11.57 -0.07
CA ILE B 416 51.41 -12.35 1.14
C ILE B 416 49.94 -12.50 1.47
N GLU B 417 49.17 -11.41 1.38
CA GLU B 417 47.75 -11.55 1.71
C GLU B 417 47.04 -12.50 0.74
N GLN B 418 47.44 -12.50 -0.53
CA GLN B 418 46.83 -13.42 -1.48
C GLN B 418 47.18 -14.85 -1.09
N GLU B 419 48.42 -15.06 -0.65
CA GLU B 419 48.83 -16.38 -0.23
C GLU B 419 48.04 -16.74 1.01
N ILE B 420 47.77 -15.76 1.87
CA ILE B 420 46.97 -16.04 3.05
C ILE B 420 45.62 -16.52 2.61
N GLU B 421 44.99 -15.88 1.63
CA GLU B 421 43.68 -16.38 1.22
C GLU B 421 43.81 -17.80 0.70
N LYS B 422 44.89 -18.08 -0.01
CA LYS B 422 45.15 -19.41 -0.53
C LYS B 422 45.33 -20.44 0.61
N VAL B 423 45.66 -19.97 1.82
CA VAL B 423 45.82 -20.86 2.95
C VAL B 423 44.80 -20.53 4.03
N LYS B 424 43.82 -19.70 3.70
CA LYS B 424 42.81 -19.27 4.65
C LYS B 424 41.47 -19.78 4.29
N ASN B 425 41.10 -19.72 3.01
CA ASN B 425 39.77 -20.15 2.68
C ASN B 425 39.71 -21.30 1.69
N GLU B 426 40.86 -21.79 1.19
CA GLU B 426 40.70 -22.89 0.26
C GLU B 426 40.10 -24.07 1.01
N LYS B 427 40.57 -24.22 2.23
CA LYS B 427 40.13 -25.23 3.14
C LYS B 427 38.66 -25.15 3.50
N ASP B 428 38.03 -24.00 3.31
CA ASP B 428 36.66 -23.86 3.78
C ASP B 428 35.74 -24.66 2.90
N ALA B 429 36.01 -24.64 1.62
CA ALA B 429 35.19 -25.44 0.76
C ALA B 429 35.59 -26.88 0.91
N ALA B 430 36.90 -27.11 1.02
CA ALA B 430 37.38 -28.47 1.09
C ALA B 430 36.77 -29.24 2.26
N VAL B 431 36.60 -28.59 3.42
CA VAL B 431 36.04 -29.26 4.59
C VAL B 431 34.52 -29.42 4.56
N HIS B 432 33.88 -28.86 3.55
CA HIS B 432 32.46 -28.98 3.43
C HIS B 432 32.17 -30.47 3.25
N ALA B 433 32.86 -31.08 2.30
CA ALA B 433 32.72 -32.51 2.09
C ALA B 433 33.18 -33.24 3.31
N GLN B 434 32.52 -34.32 3.64
CA GLN B 434 32.93 -35.09 4.80
C GLN B 434 33.99 -36.12 4.47
N GLU B 435 35.19 -35.60 4.21
CA GLU B 435 36.40 -36.34 3.85
C GLU B 435 37.45 -36.04 4.89
N PHE B 436 38.34 -36.97 5.15
CA PHE B 436 39.39 -36.72 6.13
C PHE B 436 40.81 -36.99 5.65
N GLU B 437 41.07 -36.63 4.40
CA GLU B 437 42.39 -36.76 3.79
C GLU B 437 43.46 -36.66 4.84
N ASN B 438 39.77 -34.22 2.99
CA ASN B 438 40.07 -32.80 2.98
C ASN B 438 40.74 -32.31 4.25
N ALA B 439 40.82 -33.17 5.23
CA ALA B 439 41.39 -32.81 6.52
C ALA B 439 42.84 -32.33 6.38
N ALA B 440 43.60 -32.91 5.44
CA ALA B 440 44.95 -32.45 5.23
C ALA B 440 44.95 -31.01 4.81
N ASN B 441 43.93 -30.58 4.06
CA ASN B 441 43.98 -29.20 3.63
C ASN B 441 43.62 -28.34 4.81
N LEU B 442 42.70 -28.80 5.63
CA LEU B 442 42.38 -28.00 6.78
C LEU B 442 43.65 -27.76 7.60
N ARG B 443 44.31 -28.84 7.94
CA ARG B 443 45.50 -28.72 8.75
C ARG B 443 46.64 -27.96 8.08
N ASP B 444 47.00 -28.36 6.87
CA ASP B 444 48.12 -27.74 6.20
C ASP B 444 47.85 -26.28 5.89
N LYS B 445 46.62 -25.95 5.52
CA LYS B 445 46.33 -24.57 5.19
C LYS B 445 46.42 -23.73 6.45
N GLN B 446 45.91 -24.21 7.57
CA GLN B 446 45.98 -23.45 8.81
C GLN B 446 47.43 -23.25 9.23
N THR B 447 48.23 -24.28 9.07
CA THR B 447 49.62 -24.19 9.45
C THR B 447 50.31 -23.12 8.62
N LYS B 448 50.08 -23.18 7.31
CA LYS B 448 50.69 -22.20 6.43
C LYS B 448 50.15 -20.82 6.72
N LEU B 449 48.88 -20.72 7.08
CA LEU B 449 48.30 -19.44 7.42
C LEU B 449 49.04 -18.79 8.52
N GLU B 450 49.31 -19.50 9.60
CA GLU B 450 49.98 -18.81 10.67
C GLU B 450 51.34 -18.33 10.20
N LYS B 451 52.03 -19.13 9.38
CA LYS B 451 53.31 -18.65 8.89
C LYS B 451 53.12 -17.39 8.04
N GLN B 452 52.19 -17.44 7.08
CA GLN B 452 51.98 -16.34 6.16
C GLN B 452 51.49 -15.11 6.88
N TYR B 453 50.66 -15.32 7.88
CA TYR B 453 50.12 -14.27 8.69
C TYR B 453 51.21 -13.51 9.37
N GLU B 454 52.14 -14.22 10.02
CA GLU B 454 53.24 -13.52 10.66
C GLU B 454 54.06 -12.79 9.61
N GLU B 455 54.25 -13.41 8.44
CA GLU B 455 55.01 -12.72 7.41
C GLU B 455 54.29 -11.46 7.00
N ALA B 456 52.97 -11.51 6.88
CA ALA B 456 52.23 -10.34 6.49
C ALA B 456 52.41 -9.26 7.51
N LYS B 457 52.35 -9.59 8.80
CA LYS B 457 52.50 -8.54 9.78
C LYS B 457 53.86 -7.89 9.69
N ASN B 458 54.88 -8.72 9.50
CA ASN B 458 56.24 -8.24 9.42
C ASN B 458 56.45 -7.39 8.18
N GLU B 459 55.78 -7.73 7.09
CA GLU B 459 55.90 -6.97 5.86
C GLU B 459 55.12 -5.65 6.02
N TRP B 460 53.95 -5.73 6.67
CA TRP B 460 53.10 -4.54 6.88
C TRP B 460 53.81 -3.55 7.74
N LYS B 461 54.67 -4.02 8.63
CA LYS B 461 55.46 -3.13 9.44
C LYS B 461 56.15 -2.06 8.61
N ASN B 462 56.68 -2.42 7.44
CA ASN B 462 57.44 -1.42 6.72
C ASN B 462 56.57 -0.63 5.76
N THR B 463 55.28 -0.96 5.72
CA THR B 463 54.31 -0.29 4.89
C THR B 463 53.64 0.74 5.75
N GLN B 464 54.06 0.73 7.00
CA GLN B 464 53.58 1.58 8.03
C GLN B 464 54.79 2.15 8.70
N GLY B 466 61.74 5.11 11.35
CA GLY B 466 60.62 5.79 10.71
C GLY B 466 61.07 7.14 10.21
N MET B 467 62.25 7.19 9.58
CA MET B 467 62.77 8.44 9.01
C MET B 467 62.04 8.72 7.71
N SER B 468 60.84 9.21 7.88
CA SER B 468 59.80 9.39 6.90
C SER B 468 59.38 10.78 6.46
N THR B 469 59.76 11.83 7.17
CA THR B 469 59.13 13.09 6.80
C THR B 469 59.71 13.81 5.57
N SER B 470 58.95 14.78 5.05
CA SER B 470 59.33 15.55 3.85
C SER B 470 60.51 16.48 3.93
N LEU B 471 60.97 16.82 2.74
CA LEU B 471 62.01 17.79 2.49
C LEU B 471 61.31 18.98 1.85
N SER B 472 61.37 20.14 2.48
CA SER B 472 60.60 21.28 1.99
C SER B 472 60.89 21.78 0.58
N GLU B 473 62.08 22.30 0.35
CA GLU B 473 62.37 22.88 -0.95
C GLU B 473 62.36 21.86 -2.07
N GLU B 474 62.86 20.67 -1.79
CA GLU B 474 62.99 19.63 -2.78
C GLU B 474 61.66 19.07 -3.23
N ASP B 475 60.78 18.74 -2.28
CA ASP B 475 59.52 18.14 -2.67
C ASP B 475 58.71 19.14 -3.45
N ILE B 476 58.83 20.41 -3.06
CA ILE B 476 58.11 21.44 -3.76
C ILE B 476 58.65 21.61 -5.18
N ALA B 477 59.98 21.71 -5.33
CA ALA B 477 60.50 21.89 -6.67
C ALA B 477 60.11 20.74 -7.59
N GLU B 478 60.13 19.51 -7.07
CA GLU B 478 59.77 18.39 -7.91
C GLU B 478 58.30 18.40 -8.33
N VAL B 479 57.41 18.75 -7.43
CA VAL B 479 56.02 18.76 -7.86
C VAL B 479 55.79 19.90 -8.85
N ILE B 480 56.48 21.02 -8.68
CA ILE B 480 56.36 22.13 -9.61
C ILE B 480 56.79 21.66 -10.97
N ALA B 481 57.87 20.87 -11.02
CA ALA B 481 58.34 20.34 -12.29
C ALA B 481 57.24 19.58 -12.98
N GLY B 482 56.34 18.93 -12.25
CA GLY B 482 55.25 18.21 -12.90
C GLY B 482 54.41 19.09 -13.87
N TRP B 483 54.48 20.41 -13.71
CA TRP B 483 53.77 21.35 -14.55
C TRP B 483 54.60 21.96 -15.69
N THR B 484 55.94 21.77 -15.65
CA THR B 484 56.81 22.40 -16.65
C THR B 484 57.90 21.47 -17.19
N GLY B 485 58.43 20.65 -16.29
CA GLY B 485 59.58 19.77 -16.51
C GLY B 485 60.87 20.35 -15.92
N ILE B 486 61.63 19.48 -15.19
CA ILE B 486 62.94 19.73 -14.53
C ILE B 486 62.91 20.42 -13.13
N PRO B 487 62.85 19.69 -12.02
CA PRO B 487 62.80 20.25 -10.66
C PRO B 487 63.68 21.48 -10.49
N LEU B 488 63.07 22.83 -18.06
CA LEU B 488 62.78 24.04 -18.81
C LEU B 488 63.18 25.27 -18.03
N THR B 489 63.28 26.40 -18.73
CA THR B 489 63.69 27.65 -18.10
C THR B 489 62.57 28.14 -17.19
N LYS B 490 61.36 27.59 -17.41
CA LYS B 490 60.16 27.88 -16.64
C LYS B 490 60.36 27.55 -15.16
N ILE B 491 61.21 26.57 -14.87
CA ILE B 491 61.45 26.13 -13.52
C ILE B 491 62.90 26.28 -13.08
N ASN B 492 63.81 26.29 -14.02
CA ASN B 492 65.19 26.41 -13.63
C ASN B 492 65.44 27.81 -13.07
N GLU B 493 64.89 28.84 -13.74
CA GLU B 493 65.08 30.21 -13.30
C GLU B 493 66.51 30.51 -12.86
N THR B 494 67.48 30.25 -13.72
CA THR B 494 68.88 30.49 -13.37
C THR B 494 69.37 31.78 -13.97
N GLU B 495 68.46 32.48 -14.64
CA GLU B 495 68.67 33.78 -15.29
C GLU B 495 69.57 33.74 -16.50
N SER B 496 70.79 33.22 -16.37
CA SER B 496 71.67 33.24 -17.51
C SER B 496 71.05 32.47 -18.67
N GLU B 497 70.29 31.42 -18.35
CA GLU B 497 69.60 30.63 -19.36
C GLU B 497 68.57 31.42 -20.18
N LYS B 498 68.09 32.55 -19.64
CA LYS B 498 67.09 33.38 -20.27
C LYS B 498 67.65 34.72 -20.73
N LEU B 499 68.74 35.16 -20.11
CA LEU B 499 69.28 36.48 -20.37
C LEU B 499 70.66 36.54 -21.02
N LEU B 500 71.52 35.56 -20.75
CA LEU B 500 72.90 35.62 -21.22
C LEU B 500 73.16 34.59 -22.32
N SER B 501 72.54 33.42 -22.21
CA SER B 501 72.67 32.36 -23.22
C SER B 501 71.70 32.67 -24.35
N LEU B 502 70.89 33.69 -24.11
CA LEU B 502 69.82 34.17 -24.93
C LEU B 502 70.24 34.55 -26.34
N GLU B 503 71.28 35.35 -26.50
CA GLU B 503 71.66 35.73 -27.86
C GLU B 503 72.08 34.54 -28.71
N ASP B 504 72.57 33.47 -28.09
CA ASP B 504 72.91 32.35 -28.93
C ASP B 504 71.68 31.56 -29.25
N THR B 505 70.77 31.38 -28.30
CA THR B 505 69.59 30.60 -28.66
C THR B 505 68.79 31.36 -29.71
N LEU B 506 68.63 32.67 -29.52
CA LEU B 506 67.85 33.43 -30.47
C LEU B 506 68.49 33.39 -31.83
N HIS B 507 69.81 33.54 -31.88
CA HIS B 507 70.49 33.49 -33.14
C HIS B 507 70.39 32.10 -33.77
N GLU B 508 70.54 31.05 -33.01
CA GLU B 508 70.43 29.71 -33.56
C GLU B 508 69.05 29.47 -34.15
N ARG B 509 68.00 29.97 -33.47
CA ARG B 509 66.65 29.82 -33.97
C ARG B 509 66.39 30.64 -35.24
N VAL B 510 66.89 31.86 -35.26
CA VAL B 510 66.83 32.76 -36.40
C VAL B 510 68.20 33.32 -36.64
N ILE B 511 68.76 33.10 -37.82
CA ILE B 511 70.14 33.52 -38.02
C ILE B 511 70.32 34.74 -38.89
N GLY B 512 71.47 35.40 -38.68
CA GLY B 512 71.86 36.57 -39.43
C GLY B 512 71.77 37.78 -38.55
N GLN B 513 72.62 38.78 -38.81
CA GLN B 513 72.60 39.98 -38.00
C GLN B 513 72.61 39.65 -36.54
N LYS B 514 73.57 38.83 -36.11
CA LYS B 514 73.64 38.49 -34.70
C LYS B 514 73.73 39.76 -33.88
N ASP B 515 74.36 40.82 -34.40
CA ASP B 515 74.44 42.05 -33.64
C ASP B 515 73.04 42.52 -33.22
N ALA B 516 72.04 42.36 -34.09
CA ALA B 516 70.70 42.76 -33.70
C ALA B 516 70.25 41.85 -32.56
N VAL B 517 70.61 40.58 -32.67
CA VAL B 517 70.25 39.63 -31.64
C VAL B 517 70.91 40.00 -30.31
N ASN B 518 72.17 40.41 -30.37
CA ASN B 518 72.89 40.82 -29.18
C ASN B 518 72.18 42.00 -28.56
N SER B 519 71.70 42.92 -29.41
CA SER B 519 70.95 44.06 -28.91
C SER B 519 69.71 43.58 -28.20
N ILE B 520 69.06 42.52 -28.71
CA ILE B 520 67.88 42.03 -28.01
C ILE B 520 68.27 41.57 -26.63
N SER B 521 69.35 40.82 -26.53
CA SER B 521 69.75 40.37 -25.24
C SER B 521 70.03 41.52 -24.28
N LYS B 522 70.75 42.52 -24.75
CA LYS B 522 71.01 43.61 -23.83
C LYS B 522 69.70 44.30 -23.46
N ALA B 523 68.83 44.47 -24.44
CA ALA B 523 67.56 45.14 -24.29
C ALA B 523 66.63 44.47 -23.30
N VAL B 524 66.63 43.15 -23.23
CA VAL B 524 65.73 42.54 -22.26
C VAL B 524 66.40 42.64 -20.90
N ARG B 525 67.73 42.55 -20.86
CA ARG B 525 68.45 42.70 -19.62
C ARG B 525 68.26 44.11 -19.05
N ARG B 526 68.04 45.10 -19.93
CA ARG B 526 67.82 46.47 -19.51
C ARG B 526 66.59 46.61 -18.61
N ALA B 527 65.67 45.65 -18.66
CA ALA B 527 64.48 45.71 -17.81
C ALA B 527 64.90 45.76 -16.35
N ARG B 528 66.11 45.22 -16.09
CA ARG B 528 66.76 45.06 -14.82
C ARG B 528 68.12 45.80 -14.79
N ALA B 529 68.84 45.62 -13.70
CA ALA B 529 70.18 46.18 -13.48
C ALA B 529 70.27 47.69 -13.51
N GLY B 530 69.19 48.39 -13.17
CA GLY B 530 69.28 49.83 -13.10
C GLY B 530 69.33 50.52 -14.43
N LEU B 531 69.01 49.81 -15.50
CA LEU B 531 69.06 50.39 -16.81
C LEU B 531 67.70 51.00 -17.11
N LYS B 532 66.66 50.21 -16.96
CA LYS B 532 65.32 50.73 -17.09
C LYS B 532 64.61 50.75 -15.76
N ASP B 533 63.64 51.61 -15.69
CA ASP B 533 62.75 51.68 -14.57
C ASP B 533 62.01 50.35 -14.50
N PRO B 534 61.47 49.98 -13.32
CA PRO B 534 60.61 48.81 -13.07
C PRO B 534 59.31 48.93 -13.85
N LYS B 535 59.07 50.09 -14.45
CA LYS B 535 57.93 50.37 -15.28
C LYS B 535 58.42 50.80 -16.66
N ARG B 536 58.80 49.81 -17.48
CA ARG B 536 59.30 50.01 -18.82
C ARG B 536 59.37 48.64 -19.54
N GLY B 539 60.13 45.65 -22.75
CA GLY B 539 61.20 45.42 -23.72
C GLY B 539 60.63 46.00 -24.99
N SER B 540 61.46 46.48 -25.92
CA SER B 540 60.83 47.03 -27.12
C SER B 540 61.67 47.02 -28.39
N PHE B 541 61.08 46.51 -29.46
CA PHE B 541 61.80 46.42 -30.71
C PHE B 541 61.00 46.78 -31.92
N ILE B 542 61.70 47.19 -32.95
CA ILE B 542 61.08 47.30 -34.25
C ILE B 542 61.70 46.29 -35.15
N PHE B 543 60.89 45.47 -35.80
CA PHE B 543 61.42 44.48 -36.71
C PHE B 543 61.27 44.89 -38.16
N LEU B 544 62.29 44.65 -38.95
CA LEU B 544 62.17 44.92 -40.36
C LEU B 544 62.69 43.77 -41.20
N GLY B 545 61.78 43.11 -41.87
CA GLY B 545 62.12 41.96 -42.69
C GLY B 545 60.87 41.23 -43.13
N PRO B 546 61.01 40.31 -44.09
CA PRO B 546 59.95 39.47 -44.65
C PRO B 546 59.42 38.37 -43.73
N THR B 547 58.20 37.99 -44.01
CA THR B 547 57.56 36.89 -43.35
C THR B 547 58.29 35.62 -43.72
N GLY B 548 58.63 34.84 -42.70
CA GLY B 548 59.29 33.55 -42.86
C GLY B 548 60.82 33.59 -42.78
N VAL B 549 61.44 34.75 -42.55
CA VAL B 549 62.90 34.72 -42.41
C VAL B 549 63.27 34.95 -40.98
N GLY B 550 62.27 35.09 -40.14
CA GLY B 550 62.56 35.31 -38.75
C GLY B 550 61.75 36.37 -38.04
N LYS B 551 60.98 37.21 -38.71
CA LYS B 551 60.29 38.14 -37.83
C LYS B 551 59.34 37.39 -36.88
N THR B 552 58.76 36.26 -37.34
CA THR B 552 57.84 35.54 -36.49
C THR B 552 58.62 34.63 -35.61
N GLU B 553 59.51 33.89 -36.23
CA GLU B 553 60.30 32.89 -35.59
C GLU B 553 61.18 33.48 -34.51
N LEU B 554 61.66 34.71 -34.71
CA LEU B 554 62.49 35.34 -33.72
C LEU B 554 61.61 35.76 -32.58
N ALA B 555 60.45 36.36 -32.86
CA ALA B 555 59.58 36.74 -31.76
C ALA B 555 59.22 35.49 -30.93
N ARG B 556 59.03 34.35 -31.60
CA ARG B 556 58.71 33.14 -30.87
C ARG B 556 59.93 32.58 -30.14
N ALA B 557 61.11 32.64 -30.77
CA ALA B 557 62.32 32.17 -30.12
C ALA B 557 62.54 32.95 -28.85
N LEU B 558 62.24 34.23 -28.91
CA LEU B 558 62.34 35.10 -27.78
C LEU B 558 61.31 34.71 -26.74
N ALA B 559 60.08 34.47 -27.17
CA ALA B 559 59.07 34.07 -26.20
C ALA B 559 59.51 32.79 -25.46
N GLU B 560 60.18 31.86 -26.15
CA GLU B 560 60.62 30.67 -25.46
C GLU B 560 61.81 30.92 -24.58
N SER B 561 62.87 31.49 -25.11
CA SER B 561 64.04 31.67 -24.29
C SER B 561 63.80 32.61 -23.12
N MET B 562 63.07 33.69 -23.38
CA MET B 562 62.81 34.69 -22.36
C MET B 562 61.75 34.29 -21.35
N PHE B 563 60.66 33.64 -21.79
CA PHE B 563 59.58 33.34 -20.86
C PHE B 563 59.35 31.84 -20.66
N GLY B 564 60.07 31.00 -21.41
CA GLY B 564 59.95 29.55 -21.34
C GLY B 564 58.83 28.97 -22.18
N ASP B 565 58.21 29.79 -23.03
CA ASP B 565 57.07 29.35 -23.83
C ASP B 565 56.99 30.04 -25.19
N ASP B 566 57.24 29.34 -26.31
CA ASP B 566 57.19 30.06 -27.58
C ASP B 566 55.75 30.42 -27.97
N ASP B 567 54.77 29.86 -27.27
CA ASP B 567 53.37 30.18 -27.54
C ASP B 567 52.95 31.36 -26.71
N ALA B 568 53.92 31.96 -26.01
CA ALA B 568 53.68 33.18 -25.29
C ALA B 568 53.81 34.32 -26.30
N MET B 569 54.12 33.98 -27.57
CA MET B 569 54.21 35.03 -28.54
C MET B 569 52.79 35.34 -29.03
N ILE B 570 52.39 36.58 -28.84
CA ILE B 570 51.08 37.08 -29.19
C ILE B 570 51.23 37.91 -30.44
N ARG B 571 50.44 37.69 -31.45
CA ARG B 571 50.60 38.56 -32.60
C ARG B 571 49.38 39.42 -32.77
N VAL B 572 49.60 40.62 -33.27
CA VAL B 572 48.51 41.54 -33.45
C VAL B 572 48.41 42.10 -34.86
N ASP B 573 47.23 42.00 -35.43
CA ASP B 573 46.95 42.51 -36.77
C ASP B 573 46.53 44.00 -36.80
N MET B 574 47.42 44.85 -37.30
CA MET B 574 47.20 46.31 -37.34
C MET B 574 46.05 46.73 -38.23
N SER B 575 45.67 45.87 -39.16
CA SER B 575 44.56 46.15 -40.06
C SER B 575 43.28 45.77 -39.31
N GLU B 576 43.28 44.57 -38.72
CA GLU B 576 42.12 44.07 -37.97
C GLU B 576 41.74 45.00 -36.86
N PHE B 577 42.74 45.58 -36.21
CA PHE B 577 42.50 46.45 -35.11
C PHE B 577 42.77 47.92 -35.49
N MET B 578 42.59 48.23 -36.77
CA MET B 578 42.87 49.55 -37.35
C MET B 578 42.25 50.82 -36.81
N GLU B 579 40.95 50.86 -36.52
CA GLU B 579 40.36 52.16 -36.20
C GLU B 579 39.58 52.32 -34.90
N LYS B 580 38.41 51.69 -34.87
CA LYS B 580 37.47 51.79 -33.75
C LYS B 580 37.36 50.42 -33.13
N HIS B 581 38.38 49.66 -33.40
CA HIS B 581 38.47 48.30 -33.00
C HIS B 581 38.93 48.16 -31.58
N ALA B 582 38.84 49.24 -30.80
CA ALA B 582 39.16 49.21 -29.39
C ALA B 582 38.30 48.16 -28.76
N VAL B 583 37.08 48.01 -29.28
CA VAL B 583 36.13 47.00 -28.80
C VAL B 583 36.66 45.56 -28.95
N SER B 584 37.55 45.34 -29.92
CA SER B 584 38.10 44.02 -30.12
C SER B 584 39.43 43.94 -29.40
N ARG B 585 40.17 45.04 -29.38
CA ARG B 585 41.48 45.02 -28.76
C ARG B 585 41.37 44.84 -27.26
N LEU B 586 40.53 45.69 -26.66
CA LEU B 586 40.33 45.83 -25.23
C LEU B 586 38.84 45.79 -24.99
N VAL B 587 38.41 45.63 -23.76
CA VAL B 587 36.98 45.69 -23.56
C VAL B 587 36.65 47.08 -24.05
N GLY B 588 35.67 47.24 -24.92
CA GLY B 588 35.45 48.57 -25.45
C GLY B 588 35.24 49.69 -24.43
N ALA B 589 34.14 49.70 -23.67
CA ALA B 589 33.88 50.86 -22.80
C ALA B 589 34.05 52.16 -23.62
N PRO B 590 33.52 52.19 -24.84
CA PRO B 590 33.64 53.32 -25.75
C PRO B 590 32.33 54.07 -25.81
N PRO B 591 31.26 53.30 -25.94
CA PRO B 591 29.91 53.83 -26.08
C PRO B 591 28.99 52.78 -26.67
N HIS B 596 30.08 45.99 -30.22
CA HIS B 596 29.26 46.69 -29.23
C HIS B 596 30.12 47.56 -28.31
N ASP B 597 30.14 47.26 -27.01
CA ASP B 597 30.85 48.14 -26.09
C ASP B 597 31.52 47.35 -24.95
N ASP B 598 32.01 46.18 -25.28
CA ASP B 598 32.62 45.27 -24.35
C ASP B 598 33.60 44.46 -25.17
N GLY B 599 33.93 43.22 -24.81
CA GLY B 599 34.84 42.47 -25.66
C GLY B 599 36.29 42.47 -25.21
N GLY B 600 37.19 42.66 -26.16
CA GLY B 600 38.62 42.59 -25.89
C GLY B 600 39.20 41.23 -26.19
N GLN B 601 40.26 41.22 -26.98
CA GLN B 601 40.92 39.98 -27.37
C GLN B 601 42.35 39.98 -26.93
N LEU B 602 42.98 41.15 -27.04
CA LEU B 602 44.39 41.23 -26.81
C LEU B 602 44.61 41.37 -25.34
N THR B 603 43.71 42.09 -24.69
CA THR B 603 43.94 42.25 -23.27
C THR B 603 43.81 40.90 -22.58
N GLU B 604 42.98 40.00 -23.11
CA GLU B 604 42.88 38.69 -22.50
C GLU B 604 44.16 37.91 -22.70
N LYS B 605 44.74 37.96 -23.91
CA LYS B 605 45.97 37.22 -24.14
C LYS B 605 47.08 37.74 -23.23
N VAL B 606 47.12 39.04 -23.03
CA VAL B 606 48.12 39.68 -22.19
C VAL B 606 47.89 39.40 -20.70
N ARG B 607 46.65 39.45 -20.23
CA ARG B 607 46.39 39.16 -18.83
C ARG B 607 46.79 37.72 -18.52
N ARG B 608 46.56 36.81 -19.46
CA ARG B 608 46.95 35.43 -19.24
C ARG B 608 48.44 35.23 -19.43
N LYS B 609 49.04 35.98 -20.35
CA LYS B 609 50.47 35.93 -20.59
C LYS B 609 51.12 37.32 -20.42
N PRO B 610 51.38 37.80 -19.18
CA PRO B 610 52.04 39.06 -18.84
C PRO B 610 53.56 38.91 -18.84
N TYR B 611 53.99 37.72 -19.23
CA TYR B 611 55.36 37.26 -19.40
C TYR B 611 55.37 36.75 -20.80
N SER B 612 55.51 37.69 -21.73
CA SER B 612 55.23 37.41 -23.13
C SER B 612 55.86 38.34 -24.13
N VAL B 613 55.79 37.95 -25.39
CA VAL B 613 56.31 38.74 -26.50
C VAL B 613 55.17 39.05 -27.42
N ILE B 614 54.96 40.30 -27.76
CA ILE B 614 53.86 40.64 -28.63
C ILE B 614 54.39 41.23 -29.93
N LEU B 615 54.04 40.63 -31.05
CA LEU B 615 54.50 41.05 -32.37
C LEU B 615 53.36 41.74 -33.09
N PHE B 616 53.56 42.97 -33.50
CA PHE B 616 52.51 43.75 -34.12
C PHE B 616 52.75 43.88 -35.61
N ASP B 617 51.91 43.25 -36.38
CA ASP B 617 52.09 43.16 -37.81
C ASP B 617 51.57 44.32 -38.63
N GLU B 618 52.48 44.90 -39.41
CA GLU B 618 52.23 46.03 -40.31
C GLU B 618 51.80 47.32 -39.63
N ILE B 619 52.71 47.96 -38.90
CA ILE B 619 52.38 49.18 -38.15
C ILE B 619 51.65 50.29 -38.95
N GLU B 620 51.86 50.41 -40.26
CA GLU B 620 51.20 51.50 -40.98
C GLU B 620 49.77 51.18 -41.39
N LYS B 621 49.25 50.01 -41.02
CA LYS B 621 47.86 49.70 -41.32
C LYS B 621 47.00 50.25 -40.21
N ALA B 622 47.64 50.70 -39.15
CA ALA B 622 46.96 51.23 -37.99
C ALA B 622 46.59 52.69 -38.18
N HIS B 623 45.46 53.11 -37.61
CA HIS B 623 45.11 54.53 -37.58
C HIS B 623 45.70 55.16 -36.33
N PRO B 624 45.80 56.51 -36.25
CA PRO B 624 46.26 57.26 -35.08
C PRO B 624 45.61 56.82 -33.77
N ASP B 625 44.38 56.33 -33.82
CA ASP B 625 43.69 55.91 -32.61
C ASP B 625 44.32 54.67 -32.00
N VAL B 626 44.93 53.85 -32.84
CA VAL B 626 45.60 52.64 -32.42
C VAL B 626 46.94 53.07 -31.86
N PHE B 627 47.57 53.98 -32.59
CA PHE B 627 48.87 54.48 -32.21
C PHE B 627 48.79 55.13 -30.83
N ASN B 628 47.72 55.84 -30.56
CA ASN B 628 47.61 56.49 -29.27
C ASN B 628 47.67 55.46 -28.13
N ILE B 629 47.07 54.30 -28.34
CA ILE B 629 47.06 53.25 -27.33
C ILE B 629 48.43 52.61 -27.27
N LEU B 630 49.01 52.35 -28.43
CA LEU B 630 50.31 51.72 -28.43
C LEU B 630 51.30 52.58 -27.66
N LEU B 631 51.23 53.90 -27.85
CA LEU B 631 52.14 54.77 -27.13
C LEU B 631 51.81 54.76 -25.65
N GLN B 632 50.52 54.80 -25.31
CA GLN B 632 50.13 54.78 -23.91
C GLN B 632 50.78 53.60 -23.21
N VAL B 633 50.86 52.48 -23.88
CA VAL B 633 51.49 51.33 -23.30
C VAL B 633 53.01 51.45 -23.20
N LEU B 634 53.62 51.92 -24.29
CA LEU B 634 55.06 52.08 -24.34
C LEU B 634 55.51 53.05 -23.25
N ASP B 635 54.64 53.99 -22.91
CA ASP B 635 54.90 54.91 -21.85
C ASP B 635 54.78 54.22 -20.49
N ASP B 636 55.94 53.77 -20.06
CA ASP B 636 56.21 53.05 -18.83
C ASP B 636 55.72 51.59 -18.72
N GLY B 637 55.43 50.91 -19.81
CA GLY B 637 55.22 49.48 -19.65
C GLY B 637 53.94 49.10 -18.98
N HIS B 638 52.83 49.71 -19.36
CA HIS B 638 51.62 49.32 -18.66
C HIS B 638 50.43 49.23 -19.57
N LEU B 639 49.53 48.34 -19.25
CA LEU B 639 48.32 48.23 -20.02
C LEU B 639 47.23 48.97 -19.40
N THR B 640 46.71 49.99 -20.06
CA THR B 640 45.59 50.72 -19.52
C THR B 640 44.35 49.94 -19.83
N ASP B 641 44.24 48.80 -19.20
CA ASP B 641 43.17 47.91 -19.43
C ASP B 641 41.96 48.73 -19.10
N THR B 642 40.98 48.71 -19.96
CA THR B 642 39.81 49.52 -19.80
C THR B 642 38.95 49.03 -18.65
N LYS B 643 39.25 47.82 -18.15
CA LYS B 643 38.54 47.27 -17.02
C LYS B 643 39.16 47.77 -15.72
N GLY B 644 40.31 48.44 -15.82
CA GLY B 644 41.07 48.88 -14.67
C GLY B 644 42.13 47.83 -14.29
N ARG B 645 42.07 46.68 -14.94
CA ARG B 645 42.98 45.58 -14.67
C ARG B 645 44.32 45.78 -15.34
N THR B 646 45.06 46.75 -14.85
CA THR B 646 46.33 47.16 -15.41
C THR B 646 47.36 46.05 -15.41
N VAL B 647 48.03 45.90 -16.54
CA VAL B 647 49.07 44.89 -16.70
C VAL B 647 50.45 45.50 -16.78
N ASP B 648 51.37 44.90 -16.06
CA ASP B 648 52.73 45.36 -16.06
C ASP B 648 53.50 44.86 -17.27
N PHE B 649 53.48 45.64 -18.34
CA PHE B 649 54.14 45.22 -19.58
C PHE B 649 55.63 45.24 -19.42
N ARG B 650 56.14 45.83 -18.35
CA ARG B 650 57.56 45.69 -18.05
C ARG B 650 58.04 44.23 -18.21
N ASN B 651 57.15 43.26 -17.98
CA ASN B 651 57.45 41.84 -18.03
C ASN B 651 57.20 41.23 -19.41
N THR B 652 56.97 42.07 -20.40
CA THR B 652 56.75 41.61 -21.74
C THR B 652 57.63 42.37 -22.70
N ILE B 653 57.63 41.90 -23.93
CA ILE B 653 58.36 42.56 -24.99
C ILE B 653 57.40 42.99 -26.08
N ILE B 654 57.49 44.25 -26.47
CA ILE B 654 56.63 44.82 -27.50
C ILE B 654 57.40 45.00 -28.80
N ILE B 655 57.03 44.24 -29.82
CA ILE B 655 57.75 44.30 -31.08
C ILE B 655 56.91 44.82 -32.22
N MET B 656 57.22 45.98 -32.73
CA MET B 656 56.42 46.47 -33.83
C MET B 656 57.08 46.02 -35.09
N THR B 657 56.32 45.60 -36.07
CA THR B 657 57.00 45.30 -37.31
C THR B 657 56.81 46.52 -38.17
N SER B 658 57.84 46.84 -38.93
CA SER B 658 57.75 48.00 -39.77
C SER B 658 57.48 47.68 -41.21
N ASN B 659 56.63 48.51 -41.78
CA ASN B 659 56.31 48.49 -43.18
C ASN B 659 56.54 49.91 -43.69
N VAL B 660 57.37 50.63 -42.92
CA VAL B 660 57.85 51.99 -43.19
C VAL B 660 59.23 51.86 -43.76
N GLY B 661 60.01 50.97 -43.16
CA GLY B 661 61.40 50.75 -43.45
C GLY B 661 61.62 49.85 -44.66
N ALA B 662 60.59 49.66 -45.47
CA ALA B 662 60.74 48.79 -46.62
C ALA B 662 61.86 49.27 -47.54
N GLN B 663 62.06 50.60 -47.67
CA GLN B 663 63.15 51.04 -48.54
C GLN B 663 64.47 50.68 -47.90
N GLU B 664 64.55 50.86 -46.59
CA GLU B 664 65.75 50.52 -45.86
C GLU B 664 66.01 49.03 -45.95
N LEU B 665 64.95 48.22 -45.99
CA LEU B 665 65.10 46.80 -46.17
C LEU B 665 65.85 46.56 -47.48
N GLN B 666 65.57 47.36 -48.53
CA GLN B 666 66.34 47.18 -49.76
C GLN B 666 67.82 47.42 -49.48
N ASP B 667 68.14 48.50 -48.76
CA ASP B 667 69.53 48.82 -48.44
C ASP B 667 70.18 47.68 -47.62
N GLN B 668 69.37 47.07 -46.75
CA GLN B 668 69.83 45.96 -45.94
C GLN B 668 70.13 44.72 -46.78
N ARG B 669 69.21 44.43 -47.72
CA ARG B 669 69.33 43.30 -48.64
C ARG B 669 70.51 43.54 -49.60
N GLY B 679 73.23 45.37 -48.73
CA GLY B 679 74.41 45.20 -47.89
C GLY B 679 75.08 46.52 -47.49
N GLN B 680 74.31 47.59 -47.30
CA GLN B 680 74.91 48.86 -46.90
C GLN B 680 75.30 48.85 -45.41
N ASP B 681 76.16 49.80 -45.03
CA ASP B 681 76.64 49.92 -43.66
C ASP B 681 75.51 50.15 -42.67
N TYR B 682 75.54 49.39 -41.59
CA TYR B 682 74.54 49.45 -40.54
C TYR B 682 74.28 50.84 -39.99
N GLU B 683 75.31 51.62 -39.67
CA GLU B 683 75.03 52.92 -39.07
C GLU B 683 74.33 53.83 -40.06
N THR B 684 74.71 53.72 -41.33
CA THR B 684 74.10 54.51 -42.38
C THR B 684 72.63 54.15 -42.49
N ILE B 685 72.36 52.84 -42.51
CA ILE B 685 71.00 52.38 -42.64
C ILE B 685 70.21 52.81 -41.43
N ARG B 686 70.80 52.62 -40.25
CA ARG B 686 70.16 52.96 -38.99
C ARG B 686 69.69 54.40 -38.94
N LYS B 687 70.57 55.36 -39.22
CA LYS B 687 70.07 56.72 -39.13
C LYS B 687 69.01 56.99 -40.19
N THR B 688 69.17 56.45 -41.38
CA THR B 688 68.16 56.71 -42.39
C THR B 688 66.80 56.17 -41.92
N MET B 689 66.79 54.94 -41.43
CA MET B 689 65.56 54.33 -40.99
C MET B 689 64.94 55.10 -39.84
N LEU B 690 65.76 55.52 -38.87
CA LEU B 690 65.19 56.22 -37.74
C LEU B 690 64.52 57.51 -38.20
N LYS B 691 65.11 58.20 -39.17
CA LYS B 691 64.48 59.42 -39.65
C LYS B 691 63.13 59.10 -40.28
N GLU B 692 63.08 58.05 -41.09
CA GLU B 692 61.81 57.75 -41.73
C GLU B 692 60.76 57.26 -40.75
N LEU B 693 61.17 56.50 -39.73
CA LEU B 693 60.20 56.02 -38.77
C LEU B 693 59.55 57.21 -38.07
N LYS B 694 60.36 58.20 -37.72
CA LYS B 694 59.89 59.43 -37.06
C LYS B 694 58.99 60.26 -37.96
N ASN B 695 59.23 60.23 -39.27
CA ASN B 695 58.39 61.00 -40.16
C ASN B 695 57.02 60.33 -40.28
N SER B 696 57.04 59.00 -40.38
CA SER B 696 55.83 58.18 -40.52
C SER B 696 54.92 58.17 -39.29
N PHE B 697 55.51 58.15 -38.10
CA PHE B 697 54.76 58.13 -36.86
C PHE B 697 55.51 58.90 -35.79
N ARG B 698 54.82 59.26 -34.72
CA ARG B 698 55.46 60.09 -33.72
C ARG B 698 56.77 59.48 -33.21
N PRO B 699 57.80 60.29 -32.98
CA PRO B 699 59.07 59.85 -32.48
C PRO B 699 58.95 59.20 -31.11
N GLU B 700 57.91 59.51 -30.35
CA GLU B 700 57.79 58.91 -29.04
C GLU B 700 57.57 57.41 -29.07
N PHE B 701 57.16 56.86 -30.21
CA PHE B 701 57.02 55.43 -30.25
C PHE B 701 58.41 54.91 -30.39
N LEU B 702 59.17 55.53 -31.28
CA LEU B 702 60.55 55.15 -31.54
C LEU B 702 61.41 55.34 -30.29
N ASN B 703 61.08 56.35 -29.50
CA ASN B 703 61.83 56.70 -28.31
C ASN B 703 61.53 55.73 -27.16
N ARG B 704 60.72 54.71 -27.43
CA ARG B 704 60.40 53.70 -26.46
C ARG B 704 60.82 52.35 -27.03
N VAL B 705 61.76 52.39 -27.99
CA VAL B 705 62.34 51.22 -28.65
C VAL B 705 63.79 51.05 -28.26
N ASP B 706 64.17 49.82 -27.92
CA ASP B 706 65.54 49.54 -27.53
C ASP B 706 66.40 49.36 -28.74
N ASP B 707 65.87 48.71 -29.76
CA ASP B 707 66.66 48.60 -30.97
C ASP B 707 65.80 48.22 -32.17
N ILE B 708 66.39 48.41 -33.33
CA ILE B 708 65.78 47.99 -34.56
C ILE B 708 66.41 46.66 -34.91
N ILE B 709 65.60 45.66 -35.00
CA ILE B 709 66.06 44.35 -35.30
C ILE B 709 65.82 44.16 -36.76
N VAL B 710 66.86 43.80 -37.45
CA VAL B 710 66.75 43.75 -38.86
C VAL B 710 67.13 42.42 -39.41
N PHE B 711 66.51 42.08 -40.52
CA PHE B 711 66.76 40.84 -41.21
C PHE B 711 67.24 41.25 -42.58
N HIS B 712 68.50 41.02 -42.90
CA HIS B 712 69.01 41.50 -44.17
C HIS B 712 69.00 40.44 -45.25
N LYS B 713 72.54 41.53 -46.47
CA LYS B 713 72.49 40.80 -47.70
C LYS B 713 72.38 39.31 -47.49
N LEU B 714 71.42 38.68 -48.16
CA LEU B 714 71.36 37.23 -48.11
C LEU B 714 72.58 36.67 -48.79
N THR B 715 73.30 35.80 -48.11
CA THR B 715 74.50 35.18 -48.66
C THR B 715 74.34 33.69 -48.72
N LYS B 716 75.25 33.01 -49.42
CA LYS B 716 75.19 31.56 -49.48
C LYS B 716 75.45 30.93 -48.12
N GLU B 717 76.21 31.61 -47.28
CA GLU B 717 76.43 31.06 -45.97
C GLU B 717 75.10 31.12 -45.22
N GLU B 718 74.41 32.26 -45.28
CA GLU B 718 73.12 32.35 -44.61
C GLU B 718 72.17 31.33 -45.18
N LEU B 719 72.20 31.19 -46.49
CA LEU B 719 71.35 30.25 -47.19
C LEU B 719 71.56 28.85 -46.66
N LYS B 720 72.81 28.37 -46.67
CA LYS B 720 73.09 27.02 -46.24
C LYS B 720 72.83 26.85 -44.75
N GLU B 721 73.10 27.87 -43.96
CA GLU B 721 72.83 27.76 -42.55
C GLU B 721 71.33 27.61 -42.35
N ILE B 722 70.51 28.32 -43.13
CA ILE B 722 69.06 28.18 -43.06
C ILE B 722 68.71 26.75 -43.46
N VAL B 723 69.37 26.22 -44.48
CA VAL B 723 69.09 24.85 -44.88
C VAL B 723 69.42 23.90 -43.74
N THR B 724 70.54 24.10 -43.07
CA THR B 724 70.90 23.27 -41.94
C THR B 724 69.79 23.36 -40.90
N MET B 725 69.31 24.58 -40.66
CA MET B 725 68.21 24.79 -39.74
C MET B 725 66.97 24.02 -40.21
N MET B 726 66.69 24.02 -41.52
CA MET B 726 65.55 23.26 -42.05
C MET B 726 65.74 21.81 -41.70
N VAL B 727 66.96 21.31 -41.89
CA VAL B 727 67.23 19.93 -41.57
C VAL B 727 67.03 19.72 -40.10
N ASN B 728 67.52 20.61 -39.26
CA ASN B 728 67.36 20.43 -37.83
C ASN B 728 65.88 20.41 -37.44
N LYS B 729 65.07 21.25 -38.05
CA LYS B 729 63.65 21.28 -37.72
C LYS B 729 62.99 19.96 -38.11
N LEU B 730 63.32 19.49 -39.30
CA LEU B 730 62.76 18.25 -39.76
C LEU B 730 63.30 17.10 -38.94
N THR B 731 64.56 17.18 -38.55
CA THR B 731 65.19 16.17 -37.74
C THR B 731 64.49 16.11 -36.41
N ASN B 732 64.18 17.24 -35.82
CA ASN B 732 63.51 17.20 -34.54
C ASN B 732 62.19 16.44 -34.70
N ARG B 733 61.46 16.70 -35.78
CA ARG B 733 60.22 15.97 -36.02
C ARG B 733 60.42 14.49 -36.34
N LEU B 734 61.35 14.20 -37.24
CA LEU B 734 61.56 12.88 -37.80
C LEU B 734 62.45 11.95 -37.00
N SER B 735 63.41 12.47 -36.27
CA SER B 735 64.28 11.64 -35.46
C SER B 735 63.60 11.37 -34.13
N GLU B 736 62.47 12.04 -33.90
CA GLU B 736 61.73 11.91 -32.65
C GLU B 736 61.81 10.51 -32.08
N GLN B 737 59.00 8.51 -34.21
CA GLN B 737 59.55 8.45 -35.57
C GLN B 737 60.90 7.75 -35.56
N ASN B 738 61.87 8.29 -34.85
CA ASN B 738 63.19 7.68 -34.81
C ASN B 738 63.79 7.38 -36.18
N ILE B 739 63.64 8.31 -37.11
CA ILE B 739 64.21 8.14 -38.43
C ILE B 739 65.65 8.61 -38.34
N ASN B 740 66.56 7.82 -38.86
CA ASN B 740 67.94 8.25 -38.82
C ASN B 740 68.15 9.25 -39.94
N ILE B 741 68.70 10.39 -39.61
CA ILE B 741 68.83 11.45 -40.59
C ILE B 741 70.22 11.51 -41.21
N ILE B 742 70.22 11.55 -42.53
CA ILE B 742 71.42 11.64 -43.35
C ILE B 742 71.27 12.71 -44.40
N VAL B 743 72.34 13.45 -44.61
CA VAL B 743 72.37 14.52 -45.58
C VAL B 743 73.51 14.38 -46.57
N THR B 744 73.18 14.51 -47.84
CA THR B 744 74.17 14.46 -48.91
C THR B 744 74.45 15.86 -49.37
N ASP B 745 75.71 16.30 -49.31
CA ASP B 745 76.06 17.65 -49.73
C ASP B 745 75.72 17.95 -51.18
N LYS B 746 75.85 17.00 -52.07
CA LYS B 746 75.50 17.32 -53.45
C LYS B 746 74.03 17.70 -53.55
N ALA B 747 73.17 16.83 -53.06
CA ALA B 747 71.75 17.10 -53.13
C ALA B 747 71.39 18.34 -52.31
N LYS B 748 71.96 18.45 -51.12
CA LYS B 748 71.68 19.53 -50.20
C LYS B 748 72.16 20.88 -50.71
N ASP B 749 73.41 20.98 -51.13
CA ASP B 749 73.88 22.26 -51.58
C ASP B 749 73.19 22.66 -52.86
N LYS B 750 72.89 21.69 -53.74
CA LYS B 750 72.20 22.06 -54.96
C LYS B 750 70.85 22.69 -54.63
N ILE B 751 70.02 22.01 -53.84
CA ILE B 751 68.73 22.61 -53.53
C ILE B 751 68.88 23.90 -52.74
N ALA B 752 69.93 23.99 -51.92
CA ALA B 752 70.14 25.22 -51.20
C ALA B 752 70.27 26.37 -52.16
N GLU B 753 71.15 26.22 -53.15
CA GLU B 753 71.35 27.28 -54.11
C GLU B 753 70.12 27.56 -54.94
N GLU B 754 69.37 26.51 -55.30
CA GLU B 754 68.16 26.71 -56.10
C GLU B 754 67.14 27.57 -55.35
N GLY B 755 67.09 27.41 -54.03
CA GLY B 755 66.17 28.14 -53.18
C GLY B 755 66.66 29.54 -52.76
N TYR B 756 67.83 29.97 -53.22
CA TYR B 756 68.35 31.28 -52.87
C TYR B 756 67.45 32.35 -53.51
N ASP B 757 67.02 33.32 -52.72
CA ASP B 757 66.22 34.42 -53.24
C ASP B 757 66.41 35.66 -52.39
N PRO B 758 67.26 36.60 -52.79
CA PRO B 758 67.64 37.77 -52.03
C PRO B 758 66.47 38.71 -51.81
N GLU B 759 65.38 38.55 -52.58
CA GLU B 759 64.23 39.43 -52.45
C GLU B 759 63.50 39.19 -51.14
N TYR B 760 63.38 37.91 -50.75
CA TYR B 760 62.62 37.56 -49.55
C TYR B 760 63.50 36.94 -48.52
N GLY B 761 64.78 36.89 -48.81
CA GLY B 761 65.71 36.23 -47.95
C GLY B 761 65.52 34.79 -48.35
N ALA B 762 66.26 33.88 -47.77
CA ALA B 762 66.07 32.51 -48.22
C ALA B 762 64.89 31.88 -47.52
N ARG B 763 63.71 32.32 -47.94
CA ARG B 763 62.45 31.91 -47.39
C ARG B 763 61.79 30.94 -48.38
N PRO B 764 61.72 31.22 -49.72
CA PRO B 764 61.18 30.29 -50.69
C PRO B 764 61.96 28.98 -50.59
N LEU B 765 63.20 29.10 -50.09
CA LEU B 765 64.12 28.02 -49.83
C LEU B 765 63.48 26.95 -49.00
N ILE B 766 62.82 27.38 -47.94
CA ILE B 766 62.21 26.52 -46.97
C ILE B 766 61.14 25.74 -47.65
N ARG B 767 60.35 26.44 -48.43
CA ARG B 767 59.30 25.73 -49.12
C ARG B 767 59.85 24.74 -50.13
N ALA B 768 60.88 25.15 -50.87
CA ALA B 768 61.46 24.26 -51.87
C ALA B 768 62.05 23.02 -51.22
N ILE B 769 62.78 23.21 -50.15
CA ILE B 769 63.42 22.09 -49.50
C ILE B 769 62.48 21.24 -48.74
N GLN B 770 61.63 21.83 -47.93
CA GLN B 770 60.73 21.02 -47.18
C GLN B 770 59.86 20.20 -48.09
N LYS B 771 59.32 20.78 -49.16
CA LYS B 771 58.49 19.99 -50.03
C LYS B 771 59.30 18.90 -50.70
N THR B 772 60.54 19.20 -51.11
CA THR B 772 61.35 18.19 -51.74
C THR B 772 61.61 17.03 -50.78
N ILE B 773 61.98 17.33 -49.55
CA ILE B 773 62.25 16.29 -48.59
C ILE B 773 61.02 15.50 -48.29
N GLU B 774 59.90 16.15 -48.01
CA GLU B 774 58.72 15.40 -47.69
C GLU B 774 58.29 14.54 -48.88
N ASP B 775 58.39 15.03 -50.11
CA ASP B 775 58.01 14.16 -51.22
C ASP B 775 58.94 12.95 -51.29
N ASN B 776 60.24 13.16 -51.06
CA ASN B 776 61.15 12.03 -51.11
C ASN B 776 60.82 11.03 -50.02
N LEU B 777 60.53 11.54 -48.81
CA LEU B 777 60.26 10.65 -47.71
C LEU B 777 58.91 10.02 -47.81
N SER B 778 57.97 10.67 -48.45
CA SER B 778 56.69 10.06 -48.59
C SER B 778 56.92 8.80 -49.37
N GLU B 779 57.72 8.85 -50.41
CA GLU B 779 57.94 7.62 -51.16
C GLU B 779 58.66 6.57 -50.31
N LEU B 780 59.61 7.00 -49.49
CA LEU B 780 60.35 6.06 -48.64
C LEU B 780 59.46 5.37 -47.60
N ILE B 781 58.47 6.11 -47.10
CA ILE B 781 57.57 5.63 -46.07
C ILE B 781 56.38 4.90 -46.69
N LEU B 782 55.88 5.38 -47.82
CA LEU B 782 54.77 4.73 -48.50
C LEU B 782 55.24 3.33 -48.90
N ASP B 783 56.51 3.25 -49.34
CA ASP B 783 57.13 1.98 -49.68
C ASP B 783 57.14 1.13 -48.40
N GLY B 784 57.63 1.72 -47.31
CA GLY B 784 57.60 1.06 -46.03
C GLY B 784 58.89 0.39 -45.64
N ASN B 785 59.96 0.63 -46.39
CA ASN B 785 61.23 0.03 -46.07
C ASN B 785 62.14 1.08 -45.45
N GLN B 786 62.20 2.24 -46.06
CA GLN B 786 63.05 3.30 -45.54
C GLN B 786 62.23 4.18 -44.63
N ILE B 787 62.00 3.59 -43.49
CA ILE B 787 61.13 4.03 -42.43
C ILE B 787 61.89 4.22 -41.14
N GLU B 788 61.16 4.30 -40.05
CA GLU B 788 61.71 4.53 -38.73
C GLU B 788 62.87 3.56 -38.48
N GLY B 789 63.98 4.08 -37.95
CA GLY B 789 65.17 3.29 -37.65
C GLY B 789 66.13 3.15 -38.84
N LYS B 790 65.73 3.61 -40.03
CA LYS B 790 66.55 3.49 -41.23
C LYS B 790 67.11 4.83 -41.61
N LYS B 791 68.13 4.84 -42.47
CA LYS B 791 68.82 6.07 -42.86
C LYS B 791 69.13 6.12 -44.36
N VAL B 792 68.50 7.05 -45.10
CA VAL B 792 68.75 7.18 -46.54
C VAL B 792 68.40 8.58 -47.06
N THR B 793 69.14 9.04 -48.05
CA THR B 793 68.85 10.31 -48.71
C THR B 793 69.27 10.26 -50.19
N VAL B 794 69.24 11.41 -50.84
CA VAL B 794 69.59 11.55 -52.24
C VAL B 794 70.92 12.27 -52.40
N THR C 162 -1.42 60.93 2.17
CA THR C 162 -0.66 59.76 2.61
C THR C 162 0.73 60.14 3.09
N LEU C 163 1.48 60.80 2.22
CA LEU C 163 2.84 61.24 2.52
C LEU C 163 3.81 60.09 2.83
N ASP C 164 3.87 59.16 1.89
CA ASP C 164 4.76 57.99 1.95
C ASP C 164 6.15 58.46 1.50
N SER C 165 7.04 57.54 1.11
CA SER C 165 8.43 57.91 0.77
C SER C 165 8.57 58.94 -0.36
N LEU C 166 7.47 59.25 -1.06
CA LEU C 166 7.54 60.29 -2.08
C LEU C 166 7.40 61.66 -1.42
N ALA C 167 7.28 61.68 -0.09
CA ALA C 167 7.15 62.87 0.72
C ALA C 167 7.83 62.64 2.08
N ARG C 168 9.14 62.40 2.07
CA ARG C 168 9.89 62.16 3.30
C ARG C 168 10.23 63.48 4.00
N ASP C 169 9.66 63.70 5.18
CA ASP C 169 9.84 64.99 5.85
C ASP C 169 11.29 65.32 6.20
N LEU C 170 11.80 66.42 5.59
CA LEU C 170 13.16 66.89 5.81
C LEU C 170 13.12 68.09 6.74
N THR C 171 12.01 68.82 6.67
CA THR C 171 11.77 70.02 7.45
C THR C 171 11.94 69.69 8.92
N VAL C 172 11.39 68.56 9.34
CA VAL C 172 11.54 68.13 10.73
C VAL C 172 13.00 67.91 11.17
N ILE C 173 13.89 67.59 10.24
CA ILE C 173 15.27 67.33 10.62
C ILE C 173 15.86 68.68 10.91
N ALA C 174 15.52 69.64 10.04
CA ALA C 174 15.99 70.99 10.22
C ALA C 174 15.53 71.54 11.58
N LYS C 175 14.27 71.22 11.96
CA LYS C 175 13.75 71.64 13.26
C LYS C 175 14.51 70.97 14.38
N ASP C 176 14.81 69.68 14.21
CA ASP C 176 15.57 68.95 15.22
C ASP C 176 16.95 69.58 15.41
N GLY C 177 17.50 70.18 14.34
CA GLY C 177 18.77 70.86 14.42
C GLY C 177 19.95 70.05 13.91
N THR C 178 19.71 68.98 13.17
CA THR C 178 20.85 68.20 12.71
C THR C 178 21.31 68.48 11.28
N LEU C 179 20.66 69.43 10.57
CA LEU C 179 21.12 69.73 9.22
C LEU C 179 22.20 70.80 9.27
N ASP C 180 23.18 70.64 8.39
CA ASP C 180 24.37 71.48 8.27
C ASP C 180 24.15 72.81 7.48
N PRO C 181 24.29 74.01 8.13
CA PRO C 181 24.05 75.34 7.55
C PRO C 181 25.21 75.77 6.66
N VAL C 182 25.34 75.07 5.55
CA VAL C 182 26.43 75.21 4.60
C VAL C 182 26.40 76.51 3.80
N ILE C 183 27.57 77.10 3.64
CA ILE C 183 27.74 78.35 2.92
C ILE C 183 27.28 78.35 1.47
N GLY C 184 26.79 79.50 1.03
CA GLY C 184 26.36 79.71 -0.34
C GLY C 184 24.93 79.30 -0.54
N ARG C 185 24.35 78.63 0.46
CA ARG C 185 23.01 78.15 0.32
C ARG C 185 22.04 79.28 0.61
N ASP C 186 22.54 80.43 1.06
CA ASP C 186 21.68 81.54 1.35
C ASP C 186 21.27 82.23 0.06
N LYS C 187 22.23 82.61 -0.76
CA LYS C 187 21.85 83.28 -1.99
C LYS C 187 21.16 82.29 -2.93
N GLU C 188 21.65 81.05 -2.98
CA GLU C 188 21.04 80.09 -3.87
C GLU C 188 19.61 79.77 -3.46
N ILE C 189 19.36 79.62 -2.17
CA ILE C 189 18.02 79.28 -1.75
C ILE C 189 17.13 80.48 -1.89
N THR C 190 17.62 81.66 -1.56
CA THR C 190 16.80 82.85 -1.74
C THR C 190 16.27 82.82 -3.18
N ARG C 191 17.14 82.56 -4.17
CA ARG C 191 16.66 82.49 -5.54
C ARG C 191 15.63 81.36 -5.71
N VAL C 192 15.85 80.20 -5.08
CA VAL C 192 14.87 79.12 -5.19
C VAL C 192 13.51 79.60 -4.68
N ILE C 193 13.51 80.27 -3.54
CA ILE C 193 12.30 80.80 -2.93
C ILE C 193 11.62 81.84 -3.79
N GLU C 194 12.39 82.75 -4.36
CA GLU C 194 11.79 83.77 -5.19
C GLU C 194 11.03 83.11 -6.33
N VAL C 195 11.58 82.06 -6.91
CA VAL C 195 10.89 81.36 -7.99
C VAL C 195 9.61 80.75 -7.45
N LEU C 196 9.69 80.13 -6.28
CA LEU C 196 8.54 79.49 -5.66
C LEU C 196 7.40 80.47 -5.29
N SER C 197 7.67 81.79 -5.25
CA SER C 197 6.65 82.81 -4.95
C SER C 197 5.76 83.10 -6.18
N ARG C 198 6.13 82.55 -7.34
CA ARG C 198 5.42 82.74 -8.60
C ARG C 198 4.18 81.90 -8.75
N ARG C 199 3.25 82.36 -9.62
CA ARG C 199 2.05 81.60 -9.94
C ARG C 199 2.24 80.81 -11.25
N THR C 200 3.29 81.15 -12.01
CA THR C 200 3.55 80.55 -13.33
C THR C 200 4.82 79.74 -13.23
N LYS C 201 5.98 80.39 -13.39
CA LYS C 201 7.23 79.67 -13.30
C LYS C 201 7.64 79.47 -11.87
N ASN C 202 6.95 78.54 -11.21
CA ASN C 202 7.07 78.27 -9.80
C ASN C 202 7.88 77.02 -9.47
N ASN C 203 8.71 76.54 -10.40
CA ASN C 203 9.54 75.35 -10.21
C ASN C 203 11.04 75.63 -10.42
N PRO C 204 11.77 76.06 -9.41
CA PRO C 204 13.17 76.36 -9.56
C PRO C 204 13.92 75.08 -9.81
N VAL C 205 14.91 75.18 -10.66
CA VAL C 205 15.76 74.07 -10.95
C VAL C 205 17.13 74.35 -10.44
N LEU C 206 17.60 73.52 -9.53
CA LEU C 206 18.89 73.70 -8.90
C LEU C 206 19.93 73.15 -9.86
N ILE C 207 20.28 73.94 -10.85
CA ILE C 207 21.15 73.44 -11.89
C ILE C 207 22.58 73.52 -11.38
N GLY C 208 23.27 72.39 -11.30
CA GLY C 208 24.63 72.32 -10.78
C GLY C 208 25.12 70.89 -10.90
N GLU C 209 26.40 70.66 -10.75
CA GLU C 209 26.86 69.30 -11.00
C GLU C 209 26.63 68.28 -9.85
N PRO C 210 26.48 66.97 -10.21
CA PRO C 210 26.24 65.85 -9.32
C PRO C 210 27.50 65.47 -8.62
N GLY C 211 27.41 64.80 -7.47
CA GLY C 211 28.61 64.31 -6.79
C GLY C 211 29.34 65.40 -6.04
N VAL C 212 29.62 66.49 -6.76
CA VAL C 212 30.28 67.63 -6.21
C VAL C 212 29.47 68.32 -5.13
N GLY C 213 28.16 68.14 -5.13
CA GLY C 213 27.36 68.79 -4.12
C GLY C 213 26.06 69.47 -4.60
N LYS C 214 25.55 69.24 -5.82
CA LYS C 214 24.27 69.93 -6.12
C LYS C 214 23.20 69.55 -5.07
N THR C 215 23.30 68.34 -4.47
CA THR C 215 22.32 67.94 -3.49
C THR C 215 22.73 68.38 -2.09
N ALA C 216 23.95 68.90 -1.95
CA ALA C 216 24.39 69.43 -0.68
C ALA C 216 23.66 70.75 -0.55
N ILE C 217 23.50 71.38 -1.71
CA ILE C 217 22.78 72.62 -1.75
C ILE C 217 21.34 72.26 -1.44
N ALA C 218 20.86 71.18 -2.04
CA ALA C 218 19.53 70.74 -1.72
C ALA C 218 19.37 70.47 -0.22
N GLU C 219 20.37 69.91 0.47
CA GLU C 219 20.22 69.74 1.92
C GLU C 219 19.87 71.08 2.55
N GLY C 220 20.55 72.12 2.08
CA GLY C 220 20.32 73.47 2.53
C GLY C 220 18.85 73.90 2.38
N LEU C 221 18.11 73.35 1.41
CA LEU C 221 16.69 73.72 1.21
C LEU C 221 15.87 73.40 2.43
N ALA C 222 16.18 72.29 3.10
CA ALA C 222 15.42 71.93 4.27
C ALA C 222 16.03 72.62 5.47
N GLN C 223 17.36 72.82 5.46
CA GLN C 223 18.02 73.47 6.60
C GLN C 223 17.44 74.87 6.70
N ALA C 224 17.19 75.46 5.52
CA ALA C 224 16.57 76.74 5.26
C ALA C 224 15.16 76.55 5.69
N ILE C 225 14.20 77.24 5.13
CA ILE C 225 12.82 77.21 5.63
C ILE C 225 12.72 77.26 7.18
N VAL C 226 13.03 76.20 7.88
CA VAL C 226 13.04 76.22 9.30
C VAL C 226 14.00 77.25 9.78
N ASN C 227 15.18 77.32 9.16
CA ASN C 227 16.14 78.33 9.55
C ASN C 227 15.78 79.69 8.93
N ASN C 228 14.67 80.24 9.42
CA ASN C 228 14.13 81.55 9.08
C ASN C 228 13.73 81.83 7.60
N GLU C 229 13.23 80.86 6.82
CA GLU C 229 12.95 81.17 5.40
C GLU C 229 11.66 80.65 4.72
N VAL C 230 10.44 80.78 5.29
CA VAL C 230 9.28 80.28 4.54
C VAL C 230 8.25 81.36 4.11
N PRO C 231 7.98 81.54 2.78
CA PRO C 231 7.07 82.48 2.12
C PRO C 231 5.62 82.10 2.24
N GLU C 232 4.76 83.06 2.00
CA GLU C 232 3.30 82.88 1.90
C GLU C 232 2.83 81.84 0.86
N THR C 233 3.73 81.34 -0.02
CA THR C 233 3.33 80.33 -1.00
C THR C 233 3.76 78.94 -0.53
N LEU C 234 4.58 78.91 0.53
CA LEU C 234 5.06 77.67 1.10
C LEU C 234 4.70 77.55 2.57
N LYS C 235 4.04 78.55 3.17
CA LYS C 235 3.71 78.42 4.59
C LYS C 235 2.83 77.20 4.86
N ASP C 236 2.11 76.74 3.83
CA ASP C 236 1.26 75.57 3.88
C ASP C 236 1.96 74.30 3.36
N LYS C 237 3.26 74.37 3.09
CA LYS C 237 3.98 73.24 2.53
C LYS C 237 5.30 72.96 3.24
N ARG C 238 5.45 71.74 3.71
CA ARG C 238 6.71 71.40 4.35
C ARG C 238 7.61 70.87 3.27
N VAL C 239 8.91 71.09 3.39
CA VAL C 239 9.79 70.46 2.43
C VAL C 239 10.01 69.03 2.85
N MET C 240 9.74 68.15 1.91
CA MET C 240 9.89 66.75 2.09
C MET C 240 10.63 66.23 0.85
N SER C 241 11.37 65.14 0.98
CA SER C 241 12.05 64.60 -0.18
C SER C 241 11.16 63.70 -1.00
N LEU C 242 11.31 63.78 -2.31
CA LEU C 242 10.60 62.92 -3.22
C LEU C 242 11.43 61.79 -3.79
N ASP C 243 11.15 60.58 -3.30
CA ASP C 243 11.86 59.40 -3.72
C ASP C 243 11.26 58.97 -5.05
N MET C 244 11.57 59.71 -6.10
CA MET C 244 10.98 59.47 -7.41
C MET C 244 11.66 58.30 -8.08
N GLY C 245 11.26 57.11 -7.66
CA GLY C 245 11.88 55.89 -8.14
C GLY C 245 10.86 55.01 -8.81
N THR C 246 11.33 54.21 -9.73
CA THR C 246 10.48 53.35 -10.50
C THR C 246 10.47 51.93 -9.98
N VAL C 247 9.35 51.58 -9.37
CA VAL C 247 9.20 50.32 -8.67
C VAL C 247 7.89 49.64 -9.01
N GLY C 255 0.57 46.81 -10.75
CA GLY C 255 0.68 48.19 -11.21
C GLY C 255 2.00 48.46 -11.91
N GLU C 256 2.03 49.53 -12.70
CA GLU C 256 3.22 49.96 -13.43
C GLU C 256 4.11 50.82 -12.58
N PHE C 257 5.28 51.14 -13.09
CA PHE C 257 6.17 51.97 -12.29
C PHE C 257 5.65 53.40 -12.26
N GLU C 258 5.34 53.97 -13.43
CA GLU C 258 4.84 55.34 -13.42
C GLU C 258 3.50 55.42 -12.73
N GLU C 259 2.74 54.32 -12.76
CA GLU C 259 1.46 54.27 -12.13
C GLU C 259 1.57 54.50 -10.65
N ARG C 260 2.51 53.81 -10.01
CA ARG C 260 2.62 54.02 -8.58
C ARG C 260 3.03 55.43 -8.26
N LEU C 261 3.92 56.03 -9.06
CA LEU C 261 4.28 57.40 -8.76
C LEU C 261 3.07 58.33 -8.91
N LYS C 262 2.28 58.13 -9.97
CA LYS C 262 1.10 58.97 -10.18
C LYS C 262 0.01 58.73 -9.13
N LYS C 263 -0.15 57.48 -8.71
CA LYS C 263 -1.12 57.15 -7.68
C LYS C 263 -0.81 57.95 -6.43
N VAL C 264 0.45 57.89 -6.02
CA VAL C 264 0.91 58.56 -4.84
C VAL C 264 0.89 60.07 -5.03
N MET C 265 1.21 60.55 -6.22
CA MET C 265 1.16 61.98 -6.50
C MET C 265 -0.18 62.52 -6.03
N GLU C 266 -1.27 61.86 -6.41
CA GLU C 266 -2.57 62.32 -5.95
C GLU C 266 -2.72 62.15 -4.45
N GLU C 267 -2.20 61.07 -3.87
CA GLU C 267 -2.31 60.86 -2.41
C GLU C 267 -1.64 62.01 -1.65
N ILE C 268 -0.56 62.54 -2.22
CA ILE C 268 0.14 63.66 -1.62
C ILE C 268 -0.70 64.93 -1.76
N GLN C 269 -1.32 65.14 -2.92
CA GLN C 269 -2.16 66.31 -3.10
C GLN C 269 -3.32 66.26 -2.13
N GLN C 270 -3.82 65.06 -1.85
CA GLN C 270 -4.89 64.87 -0.92
C GLN C 270 -4.43 65.26 0.49
N ALA C 271 -3.20 64.87 0.86
CA ALA C 271 -2.68 65.30 2.16
C ALA C 271 -2.65 66.82 2.20
N GLY C 272 -2.21 67.43 1.08
CA GLY C 272 -2.24 68.86 0.89
C GLY C 272 -1.28 69.71 1.73
N ASN C 273 -0.14 69.16 2.17
CA ASN C 273 0.76 69.94 3.02
C ASN C 273 2.24 69.86 2.65
N VAL C 274 2.55 69.62 1.38
CA VAL C 274 3.94 69.44 1.01
C VAL C 274 4.42 69.96 -0.34
N ILE C 275 5.67 70.42 -0.30
CA ILE C 275 6.47 70.82 -1.42
C ILE C 275 7.60 69.80 -1.46
N LEU C 276 7.90 69.31 -2.63
CA LEU C 276 8.88 68.24 -2.74
C LEU C 276 10.17 68.55 -3.43
N PHE C 277 11.24 67.90 -2.97
CA PHE C 277 12.52 68.01 -3.64
C PHE C 277 12.98 66.73 -4.33
N ILE C 278 13.46 66.83 -5.58
CA ILE C 278 13.97 65.65 -6.28
C ILE C 278 15.45 65.85 -6.61
N ASP C 279 16.29 64.88 -6.24
CA ASP C 279 17.73 64.94 -6.50
C ASP C 279 18.09 64.99 -7.98
N GLU C 280 17.21 64.45 -8.81
CA GLU C 280 17.29 64.44 -10.25
C GLU C 280 15.91 64.82 -10.75
N LEU C 281 15.74 66.10 -11.00
CA LEU C 281 14.44 66.66 -11.32
C LEU C 281 13.83 66.09 -12.55
N HIS C 282 12.61 65.60 -12.38
CA HIS C 282 11.88 65.05 -13.48
C HIS C 282 12.74 64.04 -14.23
N THR C 283 13.41 63.16 -13.48
CA THR C 283 14.25 62.19 -14.15
C THR C 283 13.44 61.51 -15.21
N LEU C 284 14.05 61.25 -16.35
CA LEU C 284 13.34 60.61 -17.41
C LEU C 284 13.77 59.19 -17.61
N VAL C 285 12.76 58.35 -17.72
CA VAL C 285 12.84 56.91 -17.93
C VAL C 285 11.84 56.55 -19.03
N GLY C 286 11.96 55.33 -19.56
CA GLY C 286 10.94 54.83 -20.50
C GLY C 286 9.80 54.14 -19.75
N ALA C 287 9.91 54.13 -18.43
CA ALA C 287 8.97 53.49 -17.52
C ALA C 287 8.06 54.51 -16.85
N ALA C 296 6.90 55.92 -20.69
CA ALA C 296 6.30 57.21 -20.39
C ALA C 296 7.35 58.21 -19.96
N SER C 297 7.54 59.27 -20.73
CA SER C 297 8.51 60.26 -20.27
C SER C 297 7.82 61.25 -19.33
N ASN C 298 6.50 61.39 -19.54
CA ASN C 298 5.65 62.33 -18.81
C ASN C 298 5.18 61.80 -17.47
N ILE C 299 6.12 61.59 -16.58
CA ILE C 299 5.82 61.02 -15.30
C ILE C 299 5.84 62.12 -14.27
N LEU C 300 4.68 62.30 -13.65
CA LEU C 300 4.35 63.36 -12.70
C LEU C 300 4.26 64.71 -13.43
N LYS C 301 4.22 64.65 -14.75
CA LYS C 301 4.06 65.83 -15.58
C LYS C 301 2.76 66.55 -15.25
N PRO C 302 1.61 65.87 -14.96
CA PRO C 302 0.37 66.53 -14.58
C PRO C 302 0.58 67.45 -13.38
N ALA C 303 1.53 67.15 -12.50
CA ALA C 303 1.74 68.05 -11.38
C ALA C 303 2.21 69.36 -11.94
N LEU C 304 3.23 69.27 -12.81
CA LEU C 304 3.81 70.47 -13.36
C LEU C 304 2.83 71.24 -14.18
N ALA C 305 2.05 70.52 -14.98
CA ALA C 305 1.07 71.16 -15.83
C ALA C 305 0.06 71.94 -15.01
N ARG C 306 -0.34 71.38 -13.86
CA ARG C 306 -1.29 72.05 -12.98
C ARG C 306 -0.62 73.08 -12.06
N GLY C 307 0.69 72.92 -11.80
CA GLY C 307 1.42 73.77 -10.88
C GLY C 307 1.26 73.29 -9.44
N GLU C 308 0.57 72.15 -9.30
CA GLU C 308 0.24 71.47 -8.04
C GLU C 308 1.39 70.62 -7.62
N LEU C 309 1.49 70.33 -6.32
CA LEU C 309 2.58 69.46 -5.89
C LEU C 309 3.88 70.05 -6.37
N GLN C 310 4.01 71.34 -6.06
CA GLN C 310 5.13 72.16 -6.40
C GLN C 310 6.40 71.40 -6.08
N CYS C 311 7.33 71.41 -7.02
CA CYS C 311 8.56 70.68 -6.83
C CYS C 311 9.82 71.41 -7.25
N ILE C 312 10.76 71.29 -6.35
CA ILE C 312 12.08 71.86 -6.44
C ILE C 312 12.98 70.73 -6.88
N GLY C 313 13.84 70.91 -7.83
CA GLY C 313 14.69 69.75 -8.07
C GLY C 313 15.97 70.14 -8.70
N ALA C 314 16.94 69.25 -8.63
CA ALA C 314 18.23 69.57 -9.18
C ALA C 314 18.47 68.91 -10.53
N THR C 315 19.23 69.61 -11.35
CA THR C 315 19.71 69.14 -12.64
C THR C 315 21.16 69.50 -12.76
N THR C 316 21.80 69.04 -13.84
CA THR C 316 23.20 69.24 -14.13
C THR C 316 23.22 69.77 -15.53
N LEU C 317 24.36 70.07 -16.13
CA LEU C 317 24.29 70.53 -17.51
C LEU C 317 23.54 69.52 -18.40
N ASP C 318 23.91 68.26 -18.30
CA ASP C 318 23.27 67.26 -19.13
C ASP C 318 21.85 66.97 -18.66
N GLU C 319 21.62 66.89 -17.35
CA GLU C 319 20.27 66.57 -16.92
C GLU C 319 19.33 67.68 -17.27
N TYR C 320 19.79 68.92 -17.20
CA TYR C 320 18.94 70.03 -17.56
C TYR C 320 18.43 69.88 -18.99
N ARG C 321 19.37 69.65 -19.90
CA ARG C 321 19.02 69.52 -21.30
C ARG C 321 18.13 68.31 -21.56
N LYS C 322 18.22 67.28 -20.74
CA LYS C 322 17.34 66.16 -20.94
C LYS C 322 15.98 66.39 -20.31
N ASN C 323 15.97 66.71 -19.02
CA ASN C 323 14.74 66.77 -18.23
C ASN C 323 13.88 68.00 -18.52
N ILE C 324 14.49 69.16 -18.73
CA ILE C 324 13.68 70.35 -18.93
C ILE C 324 13.30 70.43 -20.38
N GLU C 325 14.31 70.44 -21.23
CA GLU C 325 14.06 70.64 -22.63
C GLU C 325 13.21 69.50 -23.25
N LYS C 326 13.34 68.24 -22.78
CA LYS C 326 12.50 67.22 -23.39
C LYS C 326 11.09 67.22 -22.80
N ASP C 327 10.95 67.46 -21.50
CA ASP C 327 9.62 67.49 -20.90
C ASP C 327 8.72 68.58 -21.47
N ALA C 328 9.25 69.80 -21.45
CA ALA C 328 8.62 71.04 -21.89
C ALA C 328 7.43 71.53 -21.05
N ALA C 329 7.10 70.88 -19.91
CA ALA C 329 6.13 71.48 -19.01
C ALA C 329 6.96 72.39 -18.16
N LEU C 330 8.19 71.92 -17.87
CA LEU C 330 9.11 72.71 -17.09
C LEU C 330 9.37 74.02 -17.82
N GLU C 331 9.42 74.01 -19.13
CA GLU C 331 9.70 75.23 -19.89
C GLU C 331 8.68 76.35 -19.67
N ARG C 332 7.46 76.05 -19.23
CA ARG C 332 6.48 77.08 -18.96
C ARG C 332 6.24 77.18 -17.46
N ARG C 333 7.09 76.47 -16.70
CA ARG C 333 6.98 76.36 -15.26
C ARG C 333 8.29 76.54 -14.46
N PHE C 334 9.47 76.57 -15.09
CA PHE C 334 10.66 76.48 -14.25
C PHE C 334 11.55 77.69 -14.40
N GLN C 335 12.43 77.85 -13.41
CA GLN C 335 13.46 78.87 -13.54
C GLN C 335 14.86 78.29 -13.26
N PRO C 336 15.88 78.68 -14.05
CA PRO C 336 17.23 78.18 -14.03
C PRO C 336 18.09 78.71 -12.90
N VAL C 337 17.76 78.29 -11.69
CA VAL C 337 18.54 78.75 -10.57
C VAL C 337 19.86 77.98 -10.54
N GLN C 338 20.97 78.68 -10.66
CA GLN C 338 22.23 77.96 -10.63
C GLN C 338 22.65 77.71 -9.21
N VAL C 339 23.12 76.51 -8.95
CA VAL C 339 23.67 76.17 -7.66
C VAL C 339 25.08 75.70 -7.96
N ASP C 340 26.05 76.01 -7.10
CA ASP C 340 27.41 75.60 -7.44
C ASP C 340 28.35 75.70 -6.24
N GLU C 341 29.63 75.46 -6.44
CA GLU C 341 30.52 75.64 -5.32
C GLU C 341 30.50 77.12 -4.93
N PRO C 342 30.63 77.46 -3.65
CA PRO C 342 30.75 78.82 -3.16
C PRO C 342 31.97 79.50 -3.76
N SER C 343 33.10 81.50 -0.04
CA SER C 343 34.44 81.03 -0.44
C SER C 343 35.13 80.24 0.66
N VAL C 344 36.45 80.13 0.60
CA VAL C 344 37.19 79.33 1.58
C VAL C 344 37.08 79.90 2.99
N VAL C 345 36.92 81.20 3.11
CA VAL C 345 36.82 81.78 4.44
C VAL C 345 35.48 81.44 5.10
N ASP C 346 34.47 81.19 4.28
CA ASP C 346 33.16 80.95 4.81
C ASP C 346 33.06 79.46 5.05
N THR C 347 33.78 78.71 4.21
CA THR C 347 33.75 77.27 4.29
C THR C 347 34.27 76.96 5.67
N VAL C 348 35.37 77.60 6.00
CA VAL C 348 35.97 77.43 7.30
C VAL C 348 35.03 77.85 8.41
N ALA C 349 34.37 79.00 8.28
CA ALA C 349 33.48 79.46 9.35
C ALA C 349 32.38 78.46 9.71
N ILE C 350 31.80 77.79 8.72
CA ILE C 350 30.75 76.85 9.08
C ILE C 350 31.36 75.62 9.67
N LEU C 351 32.44 75.16 9.09
CA LEU C 351 33.08 73.98 9.59
C LEU C 351 33.57 74.19 11.02
N LYS C 352 34.04 75.39 11.36
CA LYS C 352 34.45 75.68 12.72
C LYS C 352 33.26 75.74 13.66
N GLY C 353 32.15 76.34 13.23
CA GLY C 353 30.96 76.38 14.08
C GLY C 353 30.55 74.94 14.41
N LEU C 354 30.77 74.08 13.44
CA LEU C 354 30.50 72.66 13.50
C LEU C 354 31.78 71.88 13.75
N ARG C 355 32.79 72.48 14.38
CA ARG C 355 34.10 71.86 14.57
C ARG C 355 34.07 70.43 15.00
N ASP C 356 33.26 70.13 15.99
CA ASP C 356 33.18 68.77 16.47
C ASP C 356 31.90 68.07 16.09
N ARG C 357 31.17 68.63 15.14
CA ARG C 357 29.89 68.08 14.68
C ARG C 357 30.02 66.63 14.26
N TYR C 358 31.15 66.27 13.68
CA TYR C 358 31.34 64.91 13.24
C TYR C 358 32.51 64.29 14.00
N GLU C 359 33.51 65.08 14.30
CA GLU C 359 34.69 64.62 15.03
C GLU C 359 34.40 64.11 16.40
N ALA C 360 33.41 64.66 17.08
CA ALA C 360 33.10 64.08 18.36
C ALA C 360 32.67 62.63 18.14
N HIS C 361 31.91 62.36 17.08
CA HIS C 361 31.53 60.98 16.76
C HIS C 361 32.78 60.13 16.65
N HIS C 362 33.82 60.71 16.06
CA HIS C 362 35.06 60.02 15.82
C HIS C 362 35.92 59.88 17.08
N ARG C 363 35.47 60.42 18.21
CA ARG C 363 36.17 60.39 19.48
C ARG C 363 37.51 61.09 19.44
N ILE C 364 37.60 62.18 18.69
CA ILE C 364 38.87 62.87 18.67
C ILE C 364 38.65 64.35 18.90
N ASN C 365 39.70 65.04 19.34
CA ASN C 365 39.57 66.48 19.34
C ASN C 365 40.24 66.94 18.10
N ILE C 366 40.01 68.19 17.72
CA ILE C 366 40.75 68.72 16.60
C ILE C 366 41.13 70.14 16.91
N SER C 367 42.18 70.61 16.28
CA SER C 367 42.50 72.01 16.40
C SER C 367 41.56 72.76 15.49
N ASP C 368 41.52 74.07 15.63
CA ASP C 368 40.66 74.86 14.77
C ASP C 368 41.39 75.07 13.45
N GLU C 369 42.72 75.14 13.55
CA GLU C 369 43.62 75.29 12.41
C GLU C 369 43.45 74.11 11.47
N ALA C 370 43.10 72.94 12.01
CA ALA C 370 42.86 71.74 11.21
C ALA C 370 41.77 72.00 10.17
N ILE C 371 40.80 72.82 10.51
CA ILE C 371 39.72 73.11 9.58
C ILE C 371 40.23 74.02 8.51
N GLU C 372 40.97 75.03 8.92
CA GLU C 372 41.51 75.93 7.91
C GLU C 372 42.39 75.14 6.97
N ALA C 373 43.19 74.25 7.53
CA ALA C 373 44.08 73.42 6.76
C ALA C 373 43.31 72.55 5.80
N ALA C 374 42.20 71.96 6.26
CA ALA C 374 41.43 71.13 5.36
C ALA C 374 40.85 71.90 4.21
N VAL C 375 40.30 73.07 4.49
CA VAL C 375 39.68 73.83 3.43
C VAL C 375 40.73 74.25 2.42
N LYS C 376 41.87 74.72 2.89
CA LYS C 376 42.93 75.17 2.02
C LYS C 376 43.54 74.02 1.21
N LEU C 377 43.82 72.90 1.87
CA LEU C 377 44.49 71.83 1.16
C LEU C 377 43.54 71.16 0.20
N SER C 378 42.32 70.89 0.66
CA SER C 378 41.35 70.22 -0.16
C SER C 378 41.06 71.10 -1.35
N ASN C 379 40.87 72.40 -1.13
CA ASN C 379 40.63 73.30 -2.24
C ASN C 379 41.72 73.25 -3.29
N ARG C 380 42.96 73.06 -2.88
CA ARG C 380 44.01 73.01 -3.85
C ARG C 380 44.03 71.73 -4.67
N TYR C 381 43.70 70.57 -4.09
CA TYR C 381 43.86 69.35 -4.85
C TYR C 381 42.57 68.60 -5.21
N VAL C 382 41.52 68.81 -4.46
CA VAL C 382 40.28 68.11 -4.72
C VAL C 382 39.47 68.91 -5.74
N SER C 383 39.11 68.22 -6.82
CA SER C 383 38.39 68.82 -7.95
C SER C 383 37.01 68.23 -8.19
N ASP C 384 36.66 67.18 -7.47
CA ASP C 384 35.41 66.48 -7.63
C ASP C 384 34.38 66.86 -6.57
N ARG C 385 34.64 67.94 -5.87
CA ARG C 385 33.78 68.46 -4.81
C ARG C 385 33.65 69.99 -4.77
N PHE C 386 32.53 70.47 -4.23
CA PHE C 386 32.30 71.90 -3.91
C PHE C 386 33.10 72.23 -2.65
N LEU C 387 33.38 73.49 -2.35
CA LEU C 387 34.21 73.75 -1.15
C LEU C 387 33.83 73.15 0.20
N PRO C 388 32.58 73.24 0.70
CA PRO C 388 32.21 72.64 1.97
C PRO C 388 32.17 71.13 1.94
N ASP C 389 32.12 70.57 0.75
CA ASP C 389 32.03 69.15 0.65
C ASP C 389 33.44 68.61 0.57
N LYS C 390 34.29 69.27 -0.21
CA LYS C 390 35.65 68.79 -0.30
C LYS C 390 36.34 68.99 1.02
N ALA C 391 35.95 70.04 1.73
CA ALA C 391 36.56 70.29 3.00
C ALA C 391 36.12 69.28 4.01
N ILE C 392 34.81 69.01 4.10
CA ILE C 392 34.47 68.03 5.11
C ILE C 392 34.99 66.67 4.76
N ASP C 393 35.08 66.29 3.50
CA ASP C 393 35.62 64.98 3.22
C ASP C 393 37.06 64.90 3.69
N LEU C 394 37.83 65.96 3.48
CA LEU C 394 39.20 65.94 3.98
C LEU C 394 39.27 65.94 5.50
N ILE C 395 38.46 66.76 6.14
CA ILE C 395 38.51 66.78 7.60
C ILE C 395 38.13 65.39 8.09
N ASP C 396 37.07 64.82 7.52
CA ASP C 396 36.57 63.51 7.89
C ASP C 396 37.64 62.45 7.74
N GLU C 397 38.27 62.35 6.57
CA GLU C 397 39.29 61.33 6.44
C GLU C 397 40.44 61.57 7.41
N ALA C 398 40.85 62.81 7.59
CA ALA C 398 41.92 63.05 8.53
C ALA C 398 41.51 62.67 9.93
N SER C 399 40.28 63.00 10.29
CA SER C 399 39.72 62.71 11.59
C SER C 399 39.68 61.22 11.83
N SER C 400 39.31 60.51 10.79
CA SER C 400 39.25 59.08 10.85
C SER C 400 40.66 58.54 11.07
N LYS C 401 41.67 59.11 10.43
CA LYS C 401 43.04 58.67 10.67
C LYS C 401 43.43 58.95 12.12
N VAL C 402 43.00 60.08 12.66
CA VAL C 402 43.33 60.39 14.04
C VAL C 402 42.67 59.35 14.94
N ARG C 403 41.41 59.04 14.65
CA ARG C 403 40.68 58.03 15.40
C ARG C 403 41.42 56.69 15.32
N LEU C 404 41.83 56.31 14.11
CA LEU C 404 42.57 55.07 13.84
C LEU C 404 43.82 55.02 14.72
N LYS C 405 44.54 56.12 14.75
CA LYS C 405 45.75 56.27 15.54
C LYS C 405 45.51 56.22 17.08
N SER C 406 44.24 56.29 17.55
CA SER C 406 44.02 56.28 18.98
C SER C 406 43.09 55.23 19.57
N HIS C 407 42.13 54.74 18.79
CA HIS C 407 41.06 53.85 19.27
C HIS C 407 40.88 52.49 18.58
N THR C 408 41.86 51.96 17.86
CA THR C 408 41.59 50.69 17.15
C THR C 408 42.77 49.70 17.13
N THR C 409 42.65 48.67 16.28
CA THR C 409 43.63 47.59 16.12
C THR C 409 44.22 47.52 14.72
N PRO C 410 45.41 46.92 14.55
CA PRO C 410 46.07 46.72 13.28
C PRO C 410 45.42 45.60 12.48
N ASN C 411 49.02 49.04 26.64
CA ASN C 411 50.24 49.13 27.43
C ASN C 411 49.96 48.54 28.79
N ASN C 412 49.75 49.36 29.82
CA ASN C 412 49.45 48.79 31.13
C ASN C 412 48.19 47.93 31.06
N LEU C 413 47.25 48.36 30.24
CA LEU C 413 46.01 47.62 30.15
C LEU C 413 46.24 46.37 29.36
N LYS C 414 47.14 46.40 28.40
CA LYS C 414 47.32 45.20 27.62
C LYS C 414 48.09 44.19 28.42
N GLU C 415 49.07 44.63 29.17
CA GLU C 415 49.83 43.70 29.95
C GLU C 415 48.94 43.02 30.97
N ILE C 416 48.10 43.80 31.63
CA ILE C 416 47.22 43.21 32.61
C ILE C 416 46.15 42.37 31.99
N GLU C 417 45.47 42.90 30.99
CA GLU C 417 44.41 42.15 30.38
C GLU C 417 44.92 40.82 29.87
N GLN C 418 46.08 40.82 29.22
CA GLN C 418 46.61 39.60 28.68
C GLN C 418 46.98 38.61 29.76
N GLU C 419 47.58 39.06 30.86
CA GLU C 419 47.90 38.10 31.89
C GLU C 419 46.64 37.53 32.50
N ILE C 420 45.63 38.37 32.63
CA ILE C 420 44.40 37.88 33.18
C ILE C 420 43.75 36.91 32.26
N GLU C 421 43.65 37.23 30.99
CA GLU C 421 42.99 36.32 30.08
C GLU C 421 43.70 34.98 30.00
N LYS C 422 45.02 34.98 30.03
CA LYS C 422 45.69 33.70 29.95
C LYS C 422 45.49 32.87 31.21
N VAL C 423 45.78 33.44 32.36
CA VAL C 423 45.67 32.67 33.58
C VAL C 423 44.23 32.33 33.85
N LYS C 424 43.38 33.33 33.74
CA LYS C 424 41.99 33.13 34.01
C LYS C 424 41.39 32.12 33.09
N ASN C 425 41.51 32.27 31.80
CA ASN C 425 40.79 31.36 30.95
C ASN C 425 41.21 29.92 31.10
N GLU C 426 42.49 29.65 31.32
CA GLU C 426 42.87 28.25 31.44
C GLU C 426 42.22 27.56 32.64
N LYS C 427 42.03 28.30 33.74
CA LYS C 427 41.45 27.64 34.90
C LYS C 427 40.03 28.09 35.19
N ASP C 428 39.63 29.23 34.65
CA ASP C 428 38.28 29.71 34.86
C ASP C 428 37.43 28.77 34.05
N ALA C 429 37.87 28.46 32.81
CA ALA C 429 37.15 27.51 31.99
C ALA C 429 37.58 26.11 32.34
N ALA C 430 37.38 25.75 33.61
CA ALA C 430 37.72 24.42 34.04
C ALA C 430 36.88 23.96 35.21
N VAL C 431 35.55 24.17 35.14
CA VAL C 431 34.67 23.78 36.24
C VAL C 431 33.38 23.00 35.89
N HIS C 432 33.32 22.24 34.80
CA HIS C 432 32.05 21.56 34.47
C HIS C 432 31.99 20.10 34.90
N ALA C 433 33.08 19.37 34.66
CA ALA C 433 33.11 17.94 34.96
C ALA C 433 33.12 17.68 36.44
N GLN C 434 32.65 16.51 36.83
CA GLN C 434 32.65 16.12 38.22
C GLN C 434 33.99 15.58 38.70
N GLU C 435 34.93 16.50 38.81
CA GLU C 435 36.33 16.22 39.15
C GLU C 435 36.78 17.13 40.30
N PHE C 436 37.79 16.70 41.08
CA PHE C 436 38.26 17.50 42.22
C PHE C 436 39.79 17.63 42.43
N GLU C 437 40.57 16.76 41.81
CA GLU C 437 42.02 16.77 42.05
C GLU C 437 42.82 17.17 40.82
N ASN C 438 43.49 22.86 43.04
CA ASN C 438 42.18 22.91 42.43
C ASN C 438 41.37 24.10 42.93
N ALA C 439 40.43 23.84 43.82
CA ALA C 439 39.54 24.87 44.33
C ALA C 439 40.27 26.05 45.00
N ALA C 440 41.29 25.76 45.82
CA ALA C 440 41.98 26.86 46.48
C ALA C 440 42.67 27.74 45.46
N ASN C 441 43.26 27.07 44.48
CA ASN C 441 44.03 27.72 43.46
C ASN C 441 43.18 28.53 42.50
N LEU C 442 41.92 28.12 42.31
CA LEU C 442 41.05 28.85 41.43
C LEU C 442 40.85 30.23 41.98
N ARG C 443 40.49 30.28 43.25
CA ARG C 443 40.25 31.55 43.88
C ARG C 443 41.48 32.40 44.04
N ASP C 444 42.61 31.76 44.31
CA ASP C 444 43.82 32.52 44.49
C ASP C 444 44.08 33.37 43.25
N LYS C 445 44.09 32.75 42.08
CA LYS C 445 44.38 33.59 40.93
C LYS C 445 43.24 34.49 40.56
N GLN C 446 42.00 34.05 40.64
CA GLN C 446 40.96 34.96 40.20
C GLN C 446 40.92 36.23 41.01
N THR C 447 41.11 36.14 42.32
CA THR C 447 41.10 37.35 43.13
C THR C 447 42.26 38.25 42.76
N LYS C 448 43.44 37.68 42.61
CA LYS C 448 44.57 38.52 42.28
C LYS C 448 44.36 39.19 40.93
N LEU C 449 43.84 38.45 39.97
CA LEU C 449 43.60 38.97 38.63
C LEU C 449 42.54 40.05 38.66
N GLU C 450 41.51 39.88 39.49
CA GLU C 450 40.46 40.89 39.61
C GLU C 450 41.09 42.20 39.98
N LYS C 451 41.92 42.15 41.01
CA LYS C 451 42.56 43.35 41.50
C LYS C 451 43.45 43.98 40.44
N GLN C 452 44.16 43.16 39.67
CA GLN C 452 45.01 43.71 38.63
C GLN C 452 44.15 44.44 37.61
N TYR C 453 42.97 43.89 37.31
CA TYR C 453 42.17 44.52 36.30
C TYR C 453 41.66 45.85 36.78
N GLU C 454 41.31 45.94 38.06
CA GLU C 454 40.82 47.22 38.52
C GLU C 454 41.94 48.24 38.34
N GLU C 455 43.18 47.84 38.60
CA GLU C 455 44.28 48.78 38.40
C GLU C 455 44.40 49.16 36.91
N ALA C 456 44.21 48.19 36.02
CA ALA C 456 44.27 48.51 34.58
C ALA C 456 43.20 49.52 34.21
N LYS C 457 42.00 49.31 34.71
CA LYS C 457 40.93 50.22 34.37
C LYS C 457 41.19 51.59 34.95
N ASN C 458 41.68 51.63 36.18
CA ASN C 458 41.93 52.90 36.82
C ASN C 458 42.98 53.68 36.06
N GLU C 459 44.02 53.00 35.58
CA GLU C 459 45.06 53.69 34.84
C GLU C 459 44.52 54.32 33.57
N TRP C 460 43.68 53.61 32.86
CA TRP C 460 43.15 54.23 31.67
C TRP C 460 42.31 55.42 32.00
N LYS C 461 41.38 55.22 32.91
CA LYS C 461 40.44 56.25 33.26
C LYS C 461 41.14 57.48 33.82
N ASN C 462 42.20 57.26 34.59
CA ASN C 462 42.98 58.35 35.16
C ASN C 462 43.78 59.06 34.08
N THR C 463 44.34 58.27 33.16
CA THR C 463 45.13 58.80 32.05
C THR C 463 44.29 59.75 31.21
N GLN C 464 43.01 59.44 31.08
CA GLN C 464 42.11 60.25 30.31
C GLN C 464 41.45 61.25 31.25
N GLY C 466 45.60 56.70 22.21
CA GLY C 466 46.76 57.10 21.42
C GLY C 466 46.67 58.55 20.94
N MET C 467 46.59 58.74 19.62
CA MET C 467 46.49 60.10 19.06
C MET C 467 45.09 60.65 19.29
N SER C 468 44.84 61.11 20.50
CA SER C 468 43.51 61.54 20.93
C SER C 468 43.02 62.84 20.29
N THR C 469 43.95 63.67 19.81
CA THR C 469 43.57 64.92 19.17
C THR C 469 44.27 64.98 17.83
N SER C 470 43.69 65.68 16.86
CA SER C 470 44.34 65.81 15.56
C SER C 470 45.44 66.83 15.50
N LEU C 471 46.20 66.73 14.43
CA LEU C 471 47.27 67.66 14.12
C LEU C 471 46.73 68.64 13.09
N SER C 472 47.12 69.89 13.21
CA SER C 472 46.61 70.93 12.33
C SER C 472 46.88 70.75 10.84
N GLU C 473 48.09 70.33 10.47
CA GLU C 473 48.35 70.18 9.04
C GLU C 473 48.65 68.75 8.64
N GLU C 474 49.30 68.04 9.54
CA GLU C 474 49.82 66.71 9.30
C GLU C 474 48.80 65.61 8.97
N ASP C 475 47.61 65.59 9.58
CA ASP C 475 46.69 64.49 9.27
C ASP C 475 45.94 64.86 8.01
N ILE C 476 45.76 66.16 7.84
CA ILE C 476 45.09 66.69 6.68
C ILE C 476 45.99 66.34 5.49
N ALA C 477 47.30 66.53 5.67
CA ALA C 477 48.29 66.19 4.68
C ALA C 477 48.35 64.71 4.38
N GLU C 478 48.27 63.86 5.39
CA GLU C 478 48.34 62.44 5.09
C GLU C 478 47.22 62.00 4.18
N VAL C 479 46.04 62.58 4.34
CA VAL C 479 44.95 62.17 3.48
C VAL C 479 45.23 62.53 2.03
N ILE C 480 45.65 63.76 1.77
CA ILE C 480 45.85 64.13 0.37
C ILE C 480 47.15 63.59 -0.18
N ALA C 481 48.25 63.70 0.55
CA ALA C 481 49.45 63.14 -0.01
C ALA C 481 49.23 61.65 -0.26
N GLY C 482 48.52 60.96 0.64
CA GLY C 482 48.20 59.56 0.41
C GLY C 482 47.32 59.38 -0.85
N TRP C 483 46.19 60.12 -0.88
CA TRP C 483 45.21 60.09 -1.95
C TRP C 483 45.72 60.49 -3.34
N THR C 484 46.48 61.57 -3.46
CA THR C 484 46.99 61.97 -4.78
C THR C 484 48.37 61.40 -5.00
N GLY C 485 49.14 61.29 -3.93
CA GLY C 485 50.51 60.86 -4.05
C GLY C 485 51.42 62.08 -4.14
N ILE C 486 52.70 61.86 -3.82
CA ILE C 486 53.80 62.83 -3.81
C ILE C 486 53.79 63.69 -2.53
N PRO C 487 54.33 63.18 -1.42
CA PRO C 487 54.40 63.83 -0.14
C PRO C 487 55.58 64.77 -0.14
N LEU C 488 57.74 66.78 1.11
CA LEU C 488 57.26 68.07 1.60
C LEU C 488 56.11 68.57 0.78
N THR C 489 56.12 68.24 -0.52
CA THR C 489 55.17 68.76 -1.50
C THR C 489 53.73 68.79 -1.01
N LYS C 490 53.16 67.64 -0.64
CA LYS C 490 51.80 67.65 -0.10
C LYS C 490 51.76 67.42 1.40
N ILE C 491 52.89 67.60 2.07
CA ILE C 491 52.96 67.40 3.50
C ILE C 491 53.05 68.70 4.25
N ASN C 492 53.97 69.54 3.85
CA ASN C 492 54.16 70.78 4.55
C ASN C 492 53.66 71.95 3.73
N GLU C 493 53.82 71.87 2.41
CA GLU C 493 53.45 72.95 1.50
C GLU C 493 53.98 74.32 1.92
N THR C 494 55.24 74.38 2.34
CA THR C 494 55.77 75.68 2.72
C THR C 494 56.40 76.30 1.49
N GLU C 495 56.83 75.42 0.60
CA GLU C 495 57.34 75.62 -0.76
C GLU C 495 58.41 76.68 -1.06
N SER C 496 58.69 77.61 -0.17
CA SER C 496 59.69 78.60 -0.53
C SER C 496 61.08 77.98 -0.56
N GLU C 497 61.31 76.99 0.31
CA GLU C 497 62.60 76.32 0.39
C GLU C 497 62.91 75.64 -0.93
N LYS C 498 61.86 75.12 -1.53
CA LYS C 498 61.97 74.43 -2.78
C LYS C 498 62.46 75.32 -3.91
N LEU C 499 62.28 76.65 -3.85
CA LEU C 499 62.81 77.40 -4.96
C LEU C 499 64.20 77.87 -4.73
N LEU C 500 64.78 77.44 -3.63
CA LEU C 500 66.14 77.78 -3.42
C LEU C 500 66.87 76.68 -4.18
N SER C 501 66.30 75.47 -4.11
CA SER C 501 66.85 74.32 -4.82
C SER C 501 66.26 74.07 -6.22
N LEU C 502 65.08 74.65 -6.54
CA LEU C 502 64.49 74.40 -7.86
C LEU C 502 65.38 74.82 -9.00
N GLU C 503 66.13 75.91 -8.85
CA GLU C 503 66.98 76.33 -9.95
C GLU C 503 68.01 75.25 -10.31
N ASP C 504 68.55 74.58 -9.30
CA ASP C 504 69.55 73.56 -9.54
C ASP C 504 68.88 72.27 -9.91
N THR C 505 67.69 72.05 -9.37
CA THR C 505 66.92 70.86 -9.68
C THR C 505 66.60 70.87 -11.16
N LEU C 506 66.13 72.01 -11.66
CA LEU C 506 65.83 72.07 -13.07
C LEU C 506 67.11 71.85 -13.84
N HIS C 507 68.22 72.45 -13.42
CA HIS C 507 69.46 72.22 -14.13
C HIS C 507 69.90 70.76 -14.16
N GLU C 508 69.86 70.06 -13.05
CA GLU C 508 70.34 68.69 -13.13
C GLU C 508 69.41 67.85 -14.01
N ARG C 509 68.10 68.08 -13.94
CA ARG C 509 67.18 67.34 -14.78
C ARG C 509 67.37 67.73 -16.26
N VAL C 510 67.61 69.02 -16.46
CA VAL C 510 67.80 69.65 -17.74
C VAL C 510 69.15 70.27 -17.77
N ILE C 511 70.10 69.53 -18.26
CA ILE C 511 71.47 69.97 -18.18
C ILE C 511 71.81 71.04 -19.14
N GLY C 512 72.72 71.88 -18.72
CA GLY C 512 73.19 72.91 -19.55
C GLY C 512 72.34 74.11 -19.34
N GLN C 513 72.76 75.22 -19.84
CA GLN C 513 72.02 76.41 -19.67
C GLN C 513 71.61 76.75 -18.30
N LYS C 514 72.56 76.79 -17.37
CA LYS C 514 72.15 77.32 -16.09
C LYS C 514 71.72 78.78 -16.35
N ASP C 515 72.18 79.38 -17.47
CA ASP C 515 71.79 80.72 -17.92
C ASP C 515 70.27 80.77 -18.10
N ALA C 516 69.66 79.69 -18.60
CA ALA C 516 68.22 79.65 -18.74
C ALA C 516 67.65 79.65 -17.36
N VAL C 517 68.29 78.92 -16.47
CA VAL C 517 67.86 78.90 -15.11
C VAL C 517 68.04 80.32 -14.51
N ASN C 518 69.12 80.98 -14.85
CA ASN C 518 69.36 82.31 -14.33
C ASN C 518 68.26 83.28 -14.79
N SER C 519 67.64 83.06 -15.96
CA SER C 519 66.57 83.95 -16.46
C SER C 519 65.30 83.81 -15.64
N ILE C 520 65.23 82.82 -14.77
CA ILE C 520 64.07 82.61 -13.93
C ILE C 520 64.48 82.73 -12.46
N SER C 521 65.57 83.43 -12.18
CA SER C 521 65.97 83.63 -10.80
C SER C 521 65.16 84.76 -10.17
N LYS C 522 65.62 85.98 -10.36
CA LYS C 522 64.97 87.18 -9.83
C LYS C 522 63.53 87.29 -10.33
N ALA C 523 63.33 87.02 -11.62
CA ALA C 523 62.00 87.06 -12.22
C ALA C 523 61.17 85.88 -11.72
N VAL C 524 61.84 84.76 -11.48
CA VAL C 524 61.24 83.66 -10.72
C VAL C 524 60.56 84.17 -9.47
N ARG C 525 61.30 84.90 -8.63
CA ARG C 525 60.71 85.45 -7.40
C ARG C 525 59.32 85.82 -6.86
N ARG C 526 58.62 86.74 -7.54
CA ARG C 526 57.32 87.16 -7.07
C ARG C 526 55.95 86.53 -7.39
N ALA C 527 55.83 85.70 -8.41
CA ALA C 527 54.47 85.23 -8.75
C ALA C 527 53.70 84.53 -7.63
N ARG C 528 54.36 83.99 -6.58
CA ARG C 528 53.65 83.31 -5.51
C ARG C 528 52.55 84.20 -4.94
N ALA C 529 51.41 83.57 -4.64
CA ALA C 529 50.20 84.21 -4.11
C ALA C 529 49.48 84.98 -5.20
N GLY C 530 49.90 84.80 -6.45
CA GLY C 530 49.20 85.41 -7.55
C GLY C 530 49.72 86.74 -8.04
N LEU C 531 51.07 86.90 -8.15
CA LEU C 531 51.56 88.13 -8.80
C LEU C 531 51.71 87.84 -10.26
N LYS C 532 51.65 86.59 -10.61
CA LYS C 532 51.65 86.34 -12.02
C LYS C 532 50.36 86.97 -12.45
N ASP C 533 50.26 87.38 -13.71
CA ASP C 533 48.96 87.86 -14.11
C ASP C 533 48.02 86.72 -13.75
N PRO C 534 46.88 86.99 -13.10
CA PRO C 534 45.95 86.00 -12.62
C PRO C 534 45.40 85.10 -13.70
N LYS C 535 45.47 85.49 -14.98
CA LYS C 535 44.95 84.58 -15.97
C LYS C 535 45.96 84.26 -17.08
N ARG C 536 47.23 84.10 -16.70
CA ARG C 536 48.28 83.79 -17.65
C ARG C 536 48.21 84.67 -18.89
N GLY C 539 51.10 83.84 -21.68
CA GLY C 539 52.36 83.54 -22.32
C GLY C 539 52.89 82.17 -21.93
N SER C 540 53.86 81.67 -22.70
CA SER C 540 54.46 80.37 -22.43
C SER C 540 55.97 80.41 -22.64
N PHE C 541 56.52 79.33 -23.16
CA PHE C 541 57.98 79.24 -23.41
C PHE C 541 58.37 78.57 -24.75
N ILE C 542 59.44 79.05 -25.45
CA ILE C 542 59.93 78.33 -26.66
C ILE C 542 61.28 77.69 -26.38
N PHE C 543 61.38 76.39 -26.60
CA PHE C 543 62.64 75.68 -26.39
C PHE C 543 63.38 75.48 -27.72
N LEU C 544 64.51 76.14 -27.90
CA LEU C 544 65.24 76.11 -29.18
C LEU C 544 66.51 75.27 -29.22
N GLY C 545 66.40 74.15 -29.95
CA GLY C 545 67.51 73.18 -30.07
C GLY C 545 67.04 71.74 -30.33
N PRO C 546 67.99 70.77 -30.35
CA PRO C 546 67.82 69.32 -30.56
C PRO C 546 67.01 68.67 -29.44
N THR C 547 66.40 67.50 -29.67
CA THR C 547 65.70 66.82 -28.59
C THR C 547 66.64 65.88 -27.87
N GLY C 548 66.28 65.48 -26.64
CA GLY C 548 67.05 64.53 -25.83
C GLY C 548 68.29 65.20 -25.23
N VAL C 549 68.25 66.53 -25.19
CA VAL C 549 69.37 67.32 -24.70
C VAL C 549 69.01 68.19 -23.53
N GLY C 550 67.78 68.12 -23.08
CA GLY C 550 67.26 69.01 -22.07
C GLY C 550 65.94 69.62 -22.53
N LYS C 551 65.72 69.68 -23.84
CA LYS C 551 64.49 70.23 -24.42
C LYS C 551 63.23 69.48 -23.98
N THR C 552 63.24 68.18 -24.16
CA THR C 552 62.07 67.41 -23.81
C THR C 552 62.11 67.05 -22.34
N GLU C 553 63.31 66.99 -21.79
CA GLU C 553 63.50 66.72 -20.38
C GLU C 553 62.92 67.87 -19.59
N LEU C 554 63.14 69.09 -20.06
CA LEU C 554 62.62 70.27 -19.42
C LEU C 554 61.13 70.27 -19.47
N ALA C 555 60.55 69.92 -20.61
CA ALA C 555 59.12 69.92 -20.63
C ALA C 555 58.58 69.01 -19.50
N ARG C 556 59.23 67.85 -19.27
CA ARG C 556 58.74 66.99 -18.21
C ARG C 556 59.13 67.53 -16.82
N ALA C 557 60.34 68.08 -16.69
CA ALA C 557 60.81 68.62 -15.42
C ALA C 557 59.89 69.71 -14.94
N LEU C 558 59.39 70.51 -15.86
CA LEU C 558 58.49 71.55 -15.48
C LEU C 558 57.21 70.94 -14.97
N ALA C 559 56.69 69.93 -15.66
CA ALA C 559 55.46 69.35 -15.15
C ALA C 559 55.67 68.73 -13.76
N GLU C 560 56.82 68.10 -13.54
CA GLU C 560 57.10 67.48 -12.26
C GLU C 560 57.16 68.49 -11.14
N SER C 561 57.79 69.62 -11.38
CA SER C 561 57.83 70.59 -10.32
C SER C 561 56.49 71.32 -10.18
N MET C 562 55.78 71.50 -11.29
CA MET C 562 54.52 72.20 -11.25
C MET C 562 53.52 71.52 -10.34
N PHE C 563 53.38 70.19 -10.46
CA PHE C 563 52.40 69.52 -9.63
C PHE C 563 52.87 68.36 -8.74
N GLY C 564 54.14 67.96 -8.85
CA GLY C 564 54.70 66.84 -8.10
C GLY C 564 55.14 65.68 -8.99
N ASP C 565 54.54 65.58 -10.18
CA ASP C 565 54.89 64.56 -11.16
C ASP C 565 54.44 65.08 -12.53
N ASP C 566 54.67 64.33 -13.59
CA ASP C 566 54.32 64.81 -14.90
C ASP C 566 53.00 64.25 -15.44
N ASP C 567 52.12 63.75 -14.56
CA ASP C 567 50.81 63.20 -14.97
C ASP C 567 50.00 64.29 -15.64
N ALA C 568 50.23 65.51 -15.21
CA ALA C 568 49.58 66.70 -15.70
C ALA C 568 49.83 66.94 -17.19
N MET C 569 50.93 66.42 -17.73
CA MET C 569 51.25 66.73 -19.10
C MET C 569 50.49 66.02 -20.21
N ILE C 570 50.06 66.86 -21.14
CA ILE C 570 49.36 66.53 -22.37
C ILE C 570 50.25 66.84 -23.56
N ARG C 571 50.54 65.85 -24.38
CA ARG C 571 51.37 66.10 -25.55
C ARG C 571 50.56 66.42 -26.80
N VAL C 572 50.91 67.53 -27.41
CA VAL C 572 50.30 68.03 -28.62
C VAL C 572 51.29 68.21 -29.77
N ASP C 573 51.02 67.57 -30.87
CA ASP C 573 51.86 67.80 -32.05
C ASP C 573 51.23 68.89 -32.87
N MET C 574 51.91 70.00 -33.08
CA MET C 574 51.26 71.07 -33.85
C MET C 574 50.94 70.62 -35.27
N SER C 575 51.75 69.68 -35.80
CA SER C 575 51.62 69.12 -37.14
C SER C 575 50.34 68.29 -37.33
N GLU C 576 49.69 67.97 -36.23
CA GLU C 576 48.47 67.20 -36.18
C GLU C 576 47.25 68.07 -36.49
N PHE C 577 47.29 69.34 -36.09
CA PHE C 577 46.14 70.22 -36.18
C PHE C 577 46.10 70.90 -37.52
N MET C 578 45.81 70.09 -38.53
CA MET C 578 45.82 70.55 -39.92
C MET C 578 44.48 70.95 -40.52
N GLU C 579 43.42 70.14 -40.32
CA GLU C 579 42.13 70.51 -40.94
C GLU C 579 40.99 70.54 -39.93
N LYS C 580 40.47 69.37 -39.57
CA LYS C 580 39.40 69.34 -38.58
C LYS C 580 39.94 69.89 -37.28
N HIS C 581 41.11 69.39 -36.96
CA HIS C 581 41.80 69.72 -35.75
C HIS C 581 42.28 71.17 -35.80
N ALA C 582 42.66 71.66 -36.98
CA ALA C 582 43.07 73.06 -37.06
C ALA C 582 41.91 73.95 -36.69
N VAL C 583 40.71 73.60 -37.16
CA VAL C 583 39.52 74.36 -36.84
C VAL C 583 39.19 74.22 -35.38
N SER C 584 39.34 73.03 -34.82
CA SER C 584 39.06 72.87 -33.40
C SER C 584 39.95 73.86 -32.63
N ARG C 585 41.23 73.92 -32.99
CA ARG C 585 42.13 74.86 -32.35
C ARG C 585 41.67 76.31 -32.56
N LEU C 586 41.49 76.72 -33.82
CA LEU C 586 41.03 78.05 -34.17
C LEU C 586 39.66 77.96 -34.83
N VAL C 587 38.62 78.21 -34.06
CA VAL C 587 37.26 77.99 -34.54
C VAL C 587 36.70 79.12 -35.40
N GLY C 588 36.19 78.74 -36.57
CA GLY C 588 35.58 79.62 -37.56
C GLY C 588 34.07 79.44 -37.59
N ALA C 589 33.56 78.90 -38.71
CA ALA C 589 32.12 78.68 -38.95
C ALA C 589 31.32 79.97 -38.95
N PRO C 590 31.88 80.99 -39.57
CA PRO C 590 31.24 82.29 -39.69
C PRO C 590 31.01 82.66 -41.15
N PRO C 591 31.13 81.66 -42.02
CA PRO C 591 30.97 81.84 -43.44
C PRO C 591 31.54 80.64 -44.17
N HIS C 596 29.57 62.85 -33.43
CA HIS C 596 29.20 63.15 -32.06
C HIS C 596 29.71 64.53 -31.69
N ASP C 597 29.64 64.86 -30.39
CA ASP C 597 30.11 66.16 -29.92
C ASP C 597 31.63 66.03 -29.84
N ASP C 598 32.26 66.22 -30.99
CA ASP C 598 33.68 65.99 -31.22
C ASP C 598 34.55 67.12 -30.71
N GLY C 599 35.29 66.84 -29.65
CA GLY C 599 36.15 67.79 -28.94
C GLY C 599 37.57 67.79 -29.47
N GLY C 600 37.80 67.11 -30.59
CA GLY C 600 39.11 67.03 -31.15
C GLY C 600 39.93 66.09 -30.31
N GLN C 601 41.24 66.21 -30.40
CA GLN C 601 42.10 65.27 -29.70
C GLN C 601 42.44 65.70 -28.31
N LEU C 602 42.13 66.93 -27.94
CA LEU C 602 42.58 67.42 -26.66
C LEU C 602 41.51 67.75 -25.64
N THR C 603 40.26 67.95 -26.03
CA THR C 603 39.30 68.41 -25.04
C THR C 603 39.16 67.46 -23.84
N GLU C 604 38.98 66.17 -24.07
CA GLU C 604 38.84 65.30 -22.90
C GLU C 604 40.08 65.33 -22.01
N LYS C 605 41.26 65.43 -22.63
CA LYS C 605 42.50 65.42 -21.88
C LYS C 605 42.58 66.64 -20.98
N VAL C 606 42.14 67.79 -21.47
CA VAL C 606 42.21 68.96 -20.62
C VAL C 606 41.07 69.02 -19.61
N ARG C 607 39.88 68.53 -19.97
CA ARG C 607 38.77 68.59 -19.02
C ARG C 607 39.08 67.87 -17.74
N ARG C 608 39.74 66.73 -17.87
CA ARG C 608 40.05 65.87 -16.75
C ARG C 608 41.23 66.35 -15.92
N LYS C 609 41.95 67.36 -16.41
CA LYS C 609 43.14 67.80 -15.74
C LYS C 609 43.08 69.30 -15.37
N PRO C 610 42.52 69.69 -14.20
CA PRO C 610 42.36 71.07 -13.74
C PRO C 610 43.74 71.69 -13.50
N TYR C 611 44.70 70.79 -13.37
CA TYR C 611 46.09 71.09 -13.19
C TYR C 611 46.88 70.38 -14.26
N SER C 612 46.73 70.85 -15.49
CA SER C 612 47.36 70.29 -16.65
C SER C 612 48.60 71.04 -17.05
N VAL C 613 49.42 70.40 -17.85
CA VAL C 613 50.60 71.01 -18.47
C VAL C 613 50.52 70.66 -19.95
N ILE C 614 50.66 71.61 -20.85
CA ILE C 614 50.54 71.18 -22.25
C ILE C 614 51.77 71.50 -23.08
N LEU C 615 52.27 70.46 -23.72
CA LEU C 615 53.43 70.51 -24.58
C LEU C 615 53.06 70.51 -26.05
N PHE C 616 53.44 71.56 -26.75
CA PHE C 616 53.13 71.80 -28.15
C PHE C 616 54.38 71.70 -28.99
N ASP C 617 54.63 70.53 -29.55
CA ASP C 617 55.87 70.37 -30.27
C ASP C 617 55.75 70.94 -31.67
N GLU C 618 56.88 71.13 -32.30
CA GLU C 618 56.97 71.58 -33.66
C GLU C 618 56.38 72.96 -33.92
N ILE C 619 56.93 74.05 -33.39
CA ILE C 619 56.25 75.31 -33.74
C ILE C 619 56.44 75.51 -35.24
N GLU C 620 57.48 74.88 -35.82
CA GLU C 620 57.69 74.91 -37.26
C GLU C 620 56.52 74.33 -38.07
N LYS C 621 55.62 73.57 -37.42
CA LYS C 621 54.46 72.98 -38.06
C LYS C 621 53.17 73.63 -37.55
N ALA C 622 53.32 74.71 -36.79
CA ALA C 622 52.22 75.49 -36.25
C ALA C 622 51.64 76.32 -37.36
N HIS C 623 50.45 76.81 -37.16
CA HIS C 623 49.82 77.64 -38.15
C HIS C 623 50.70 78.90 -38.29
N PRO C 624 50.73 79.57 -39.48
CA PRO C 624 51.49 80.78 -39.78
C PRO C 624 51.05 81.95 -38.91
N ASP C 625 49.86 81.84 -38.35
CA ASP C 625 49.31 82.82 -37.48
C ASP C 625 49.24 82.20 -36.11
N VAL C 626 50.42 81.84 -35.61
CA VAL C 626 50.58 81.24 -34.30
C VAL C 626 50.06 82.19 -33.25
N PHE C 627 49.99 83.46 -33.60
CA PHE C 627 49.50 84.49 -32.73
C PHE C 627 48.04 84.28 -32.47
N ASN C 628 47.29 83.78 -33.45
CA ASN C 628 45.88 83.53 -33.19
C ASN C 628 45.81 82.36 -32.24
N ILE C 629 46.78 81.45 -32.35
CA ILE C 629 46.83 80.30 -31.46
C ILE C 629 47.20 80.74 -30.06
N LEU C 630 48.24 81.56 -29.92
CA LEU C 630 48.65 81.98 -28.61
C LEU C 630 47.54 82.74 -27.97
N LEU C 631 46.84 83.55 -28.73
CA LEU C 631 45.73 84.28 -28.16
C LEU C 631 44.61 83.31 -27.79
N GLN C 632 44.30 82.30 -28.59
CA GLN C 632 43.24 81.38 -28.13
C GLN C 632 43.62 80.66 -26.85
N VAL C 633 44.89 80.29 -26.75
CA VAL C 633 45.46 79.59 -25.62
C VAL C 633 45.57 80.46 -24.35
N LEU C 634 45.89 81.75 -24.50
CA LEU C 634 46.05 82.69 -23.39
C LEU C 634 44.80 83.55 -23.07
N ASP C 635 44.15 84.07 -24.10
CA ASP C 635 43.02 84.99 -23.96
C ASP C 635 41.83 84.37 -23.29
N ASP C 636 41.12 85.24 -22.59
CA ASP C 636 39.89 85.01 -21.85
C ASP C 636 40.14 84.27 -20.53
N GLY C 637 41.38 83.84 -20.33
CA GLY C 637 41.83 83.30 -19.06
C GLY C 637 41.48 81.87 -18.72
N HIS C 638 40.75 81.15 -19.57
CA HIS C 638 40.38 79.81 -19.19
C HIS C 638 40.00 78.91 -20.32
N LEU C 639 40.03 77.62 -20.06
CA LEU C 639 39.50 76.70 -21.02
C LEU C 639 38.05 77.00 -21.18
N THR C 640 37.62 77.29 -22.40
CA THR C 640 36.24 77.58 -22.69
C THR C 640 35.61 76.33 -23.27
N ASP C 641 35.35 75.33 -22.43
CA ASP C 641 34.81 74.07 -22.93
C ASP C 641 33.29 74.11 -23.00
N THR C 642 32.76 74.03 -24.20
CA THR C 642 31.32 74.11 -24.47
C THR C 642 30.58 72.86 -24.00
N LYS C 643 31.35 71.85 -23.57
CA LYS C 643 30.80 70.63 -22.99
C LYS C 643 30.60 70.82 -21.48
N GLY C 644 30.89 72.01 -20.94
CA GLY C 644 30.69 72.26 -19.51
C GLY C 644 31.94 72.24 -18.64
N ARG C 645 32.99 72.96 -19.03
CA ARG C 645 34.19 72.99 -18.19
C ARG C 645 35.00 74.28 -18.37
N THR C 646 35.21 74.97 -17.25
CA THR C 646 35.93 76.24 -17.24
C THR C 646 37.14 76.15 -16.35
N VAL C 647 38.30 76.07 -16.97
CA VAL C 647 39.55 75.86 -16.22
C VAL C 647 40.52 76.99 -16.43
N ASP C 648 40.88 77.68 -15.35
CA ASP C 648 41.78 78.81 -15.51
C ASP C 648 43.13 78.42 -16.10
N PHE C 649 43.60 79.28 -17.00
CA PHE C 649 44.89 79.11 -17.67
C PHE C 649 46.06 79.31 -16.72
N ARG C 650 45.87 80.06 -15.64
CA ARG C 650 46.93 80.27 -14.68
C ARG C 650 47.49 78.96 -14.08
N ASN C 651 46.71 77.85 -14.18
CA ASN C 651 47.09 76.56 -13.65
C ASN C 651 47.84 75.69 -14.64
N THR C 652 48.28 76.25 -15.75
CA THR C 652 49.02 75.43 -16.68
C THR C 652 50.29 76.11 -17.14
N ILE C 653 50.99 75.47 -18.06
CA ILE C 653 52.22 75.97 -18.64
C ILE C 653 52.08 75.74 -20.13
N ILE C 654 52.39 76.73 -20.94
CA ILE C 654 52.34 76.48 -22.37
C ILE C 654 53.76 76.21 -22.81
N ILE C 655 54.03 74.97 -23.12
CA ILE C 655 55.39 74.64 -23.45
C ILE C 655 55.50 74.38 -24.91
N MET C 656 56.29 75.16 -25.59
CA MET C 656 56.45 74.95 -27.01
C MET C 656 57.87 74.61 -27.30
N THR C 657 58.06 73.72 -28.23
CA THR C 657 59.41 73.36 -28.55
C THR C 657 59.67 73.66 -30.01
N SER C 658 60.91 73.95 -30.34
CA SER C 658 61.18 74.38 -31.69
C SER C 658 62.55 74.18 -32.28
N ASN C 659 62.55 74.01 -33.59
CA ASN C 659 63.81 74.01 -34.33
C ASN C 659 63.66 74.88 -35.56
N VAL C 660 62.85 75.94 -35.45
CA VAL C 660 62.69 76.84 -36.59
C VAL C 660 63.97 77.57 -36.85
N GLY C 661 64.50 78.23 -35.83
CA GLY C 661 65.75 78.98 -35.97
C GLY C 661 66.92 78.04 -35.83
N ALA C 662 66.96 76.99 -36.66
CA ALA C 662 67.99 75.97 -36.56
C ALA C 662 69.35 76.59 -36.77
N GLN C 663 69.41 77.56 -37.66
CA GLN C 663 70.64 78.24 -37.99
C GLN C 663 71.04 79.23 -36.93
N GLU C 664 70.18 79.48 -35.94
CA GLU C 664 70.52 80.44 -34.90
C GLU C 664 71.21 79.71 -33.79
N LEU C 665 71.37 78.39 -33.95
CA LEU C 665 72.06 77.59 -32.99
C LEU C 665 73.56 77.85 -33.23
N GLN C 666 73.88 78.56 -34.34
CA GLN C 666 75.25 78.93 -34.65
C GLN C 666 75.74 79.96 -33.63
N ASP C 667 74.84 80.70 -32.99
CA ASP C 667 75.36 81.68 -32.05
C ASP C 667 75.70 81.02 -30.72
N GLN C 668 75.30 79.75 -30.57
CA GLN C 668 75.61 79.02 -29.39
C GLN C 668 77.05 78.57 -29.64
N ARG C 669 77.30 78.12 -30.88
CA ARG C 669 78.61 77.69 -31.36
C ARG C 669 79.65 78.78 -31.19
N GLY C 679 79.77 81.08 -28.94
CA GLY C 679 79.97 81.55 -27.58
C GLY C 679 79.29 82.87 -27.28
N GLN C 680 78.13 83.11 -27.87
CA GLN C 680 77.50 84.39 -27.65
C GLN C 680 76.73 84.36 -26.34
N ASP C 681 76.51 85.55 -25.77
CA ASP C 681 75.80 85.64 -24.49
C ASP C 681 74.36 85.21 -24.64
N TYR C 682 73.71 84.93 -23.51
CA TYR C 682 72.33 84.48 -23.50
C TYR C 682 71.46 85.53 -24.18
N GLU C 683 71.58 86.80 -23.76
CA GLU C 683 70.77 87.86 -24.36
C GLU C 683 71.12 88.07 -25.82
N THR C 684 72.39 87.94 -26.18
CA THR C 684 72.77 88.11 -27.58
C THR C 684 72.07 87.05 -28.41
N ILE C 685 72.08 85.81 -27.93
CA ILE C 685 71.44 84.74 -28.64
C ILE C 685 69.93 84.98 -28.69
N ARG C 686 69.33 85.44 -27.58
CA ARG C 686 67.90 85.69 -27.63
C ARG C 686 67.59 86.70 -28.74
N LYS C 687 68.42 87.74 -28.86
CA LYS C 687 68.20 88.74 -29.89
C LYS C 687 68.36 88.17 -31.31
N THR C 688 69.34 87.30 -31.55
CA THR C 688 69.42 86.80 -32.92
C THR C 688 68.28 85.82 -33.21
N MET C 689 67.85 85.06 -32.19
CA MET C 689 66.70 84.16 -32.36
C MET C 689 65.44 84.96 -32.68
N LEU C 690 65.24 86.09 -31.99
CA LEU C 690 64.12 86.97 -32.27
C LEU C 690 64.13 87.44 -33.70
N LYS C 691 65.30 87.86 -34.17
CA LYS C 691 65.46 88.33 -35.53
C LYS C 691 65.19 87.25 -36.58
N GLU C 692 65.55 85.99 -36.34
CA GLU C 692 65.23 84.99 -37.35
C GLU C 692 63.74 84.68 -37.37
N LEU C 693 63.16 84.54 -36.18
CA LEU C 693 61.75 84.20 -36.09
C LEU C 693 60.93 85.31 -36.69
N LYS C 694 61.42 86.55 -36.59
CA LYS C 694 60.82 87.73 -37.20
C LYS C 694 60.38 87.53 -38.65
N ASN C 695 61.03 86.63 -39.39
CA ASN C 695 60.71 86.45 -40.79
C ASN C 695 59.69 85.33 -41.11
N SER C 696 59.17 84.63 -40.09
CA SER C 696 58.14 83.59 -40.28
C SER C 696 57.03 83.85 -39.29
N PHE C 697 57.44 84.53 -38.25
CA PHE C 697 56.66 84.89 -37.09
C PHE C 697 56.89 86.36 -36.86
N ARG C 698 56.04 86.99 -36.10
CA ARG C 698 56.32 88.35 -35.74
C ARG C 698 57.60 88.27 -34.90
N PRO C 699 58.45 89.31 -34.86
CA PRO C 699 59.60 89.38 -33.97
C PRO C 699 59.07 89.34 -32.54
N GLU C 700 57.81 89.73 -32.44
CA GLU C 700 57.09 89.74 -31.20
C GLU C 700 56.37 88.40 -31.10
N PHE C 701 57.21 87.38 -31.19
CA PHE C 701 56.93 85.99 -30.99
C PHE C 701 57.77 85.61 -29.84
N LEU C 702 59.10 85.74 -29.93
CA LEU C 702 59.79 85.34 -28.73
C LEU C 702 59.70 86.46 -27.69
N ASN C 703 59.26 87.69 -28.08
CA ASN C 703 59.04 88.71 -27.04
C ASN C 703 57.59 88.60 -26.50
N ARG C 704 56.80 87.67 -27.06
CA ARG C 704 55.42 87.44 -26.65
C ARG C 704 55.42 86.34 -25.60
N VAL C 705 56.30 85.40 -25.85
CA VAL C 705 56.52 84.19 -25.08
C VAL C 705 57.43 84.53 -23.87
N ASP C 706 57.04 84.07 -22.67
CA ASP C 706 57.77 84.33 -21.41
C ASP C 706 59.28 84.12 -21.54
N ASP C 707 59.71 83.03 -22.18
CA ASP C 707 61.17 82.84 -22.31
C ASP C 707 61.63 82.11 -23.55
N ILE C 708 62.94 82.19 -23.77
CA ILE C 708 63.67 81.62 -24.87
C ILE C 708 64.72 80.67 -24.32
N ILE C 709 64.56 79.38 -24.53
CA ILE C 709 65.53 78.51 -23.91
C ILE C 709 66.55 78.13 -24.96
N VAL C 710 67.78 78.53 -24.72
CA VAL C 710 68.86 78.36 -25.68
C VAL C 710 69.66 77.09 -25.44
N PHE C 711 69.46 76.03 -26.21
CA PHE C 711 70.18 74.83 -25.82
C PHE C 711 71.57 74.83 -26.41
N HIS C 712 72.50 75.36 -25.61
CA HIS C 712 73.92 75.60 -25.92
C HIS C 712 74.82 74.63 -25.16
N LYS C 713 74.56 74.30 -31.45
CA LYS C 713 75.70 73.54 -30.92
C LYS C 713 75.75 73.43 -29.42
N LEU C 714 76.12 72.25 -28.92
CA LEU C 714 76.28 72.07 -27.48
C LEU C 714 77.78 72.02 -27.16
N THR C 715 78.18 72.63 -26.05
CA THR C 715 79.59 72.59 -25.66
C THR C 715 79.97 71.32 -24.92
N LYS C 716 81.27 71.01 -24.85
CA LYS C 716 81.72 69.83 -24.11
C LYS C 716 81.32 69.91 -22.66
N GLU C 717 81.33 71.10 -22.10
CA GLU C 717 80.98 71.25 -20.71
C GLU C 717 79.52 70.92 -20.50
N GLU C 718 78.62 71.42 -21.34
CA GLU C 718 77.23 71.07 -21.09
C GLU C 718 77.03 69.58 -21.35
N LEU C 719 77.75 69.05 -22.32
CA LEU C 719 77.62 67.64 -22.61
C LEU C 719 78.10 66.83 -21.40
N LYS C 720 79.20 67.24 -20.79
CA LYS C 720 79.67 66.54 -19.61
C LYS C 720 78.60 66.58 -18.52
N GLU C 721 77.86 67.69 -18.42
CA GLU C 721 76.80 67.79 -17.44
C GLU C 721 75.73 66.71 -17.68
N ILE C 722 75.46 66.33 -18.95
CA ILE C 722 74.44 65.29 -19.16
C ILE C 722 75.02 63.97 -18.68
N VAL C 723 76.35 63.84 -18.73
CA VAL C 723 76.93 62.61 -18.26
C VAL C 723 76.67 62.58 -16.75
N THR C 724 76.88 63.72 -16.09
CA THR C 724 76.61 63.81 -14.66
C THR C 724 75.14 63.50 -14.37
N MET C 725 74.23 64.08 -15.15
CA MET C 725 72.80 63.82 -14.97
C MET C 725 72.51 62.33 -15.02
N MET C 726 73.07 61.66 -16.00
CA MET C 726 72.85 60.23 -16.11
C MET C 726 73.37 59.53 -14.85
N VAL C 727 74.47 60.00 -14.28
CA VAL C 727 74.97 59.40 -13.05
C VAL C 727 73.94 59.65 -11.96
N ASN C 728 73.41 60.87 -11.89
CA ASN C 728 72.42 61.17 -10.86
C ASN C 728 71.21 60.25 -10.97
N LYS C 729 70.77 60.01 -12.19
CA LYS C 729 69.61 59.15 -12.38
C LYS C 729 69.95 57.71 -12.01
N LEU C 730 71.13 57.24 -12.38
CA LEU C 730 71.52 55.88 -12.04
C LEU C 730 71.64 55.76 -10.53
N THR C 731 72.19 56.79 -9.93
CA THR C 731 72.35 56.84 -8.50
C THR C 731 70.97 56.70 -7.89
N ASN C 732 69.99 57.43 -8.39
CA ASN C 732 68.65 57.32 -7.86
C ASN C 732 68.07 55.90 -8.00
N ARG C 733 68.40 55.18 -9.09
CA ARG C 733 67.86 53.84 -9.27
C ARG C 733 68.61 52.76 -8.48
N LEU C 734 69.93 52.73 -8.60
CA LEU C 734 70.70 51.70 -7.95
C LEU C 734 71.35 52.13 -6.67
N SER C 735 71.67 53.41 -6.49
CA SER C 735 72.30 53.82 -5.24
C SER C 735 71.25 54.20 -4.22
N GLU C 736 70.01 54.09 -4.66
CA GLU C 736 68.82 54.37 -3.93
C GLU C 736 67.75 53.48 -4.51
N GLN C 737 68.57 49.60 -5.30
CA GLN C 737 69.56 48.63 -4.83
C GLN C 737 70.64 49.16 -3.90
N ASN C 738 70.62 50.41 -3.54
CA ASN C 738 71.60 50.88 -2.54
C ASN C 738 73.08 50.49 -2.80
N ILE C 739 73.56 50.64 -4.02
CA ILE C 739 74.94 50.30 -4.35
C ILE C 739 75.74 51.59 -4.40
N ASN C 740 77.03 51.50 -4.26
CA ASN C 740 77.82 52.70 -4.41
C ASN C 740 78.32 52.71 -5.84
N ILE C 741 78.59 53.88 -6.40
CA ILE C 741 79.05 53.97 -7.78
C ILE C 741 80.38 54.68 -7.98
N ILE C 742 81.28 54.02 -8.70
CA ILE C 742 82.55 54.64 -9.07
C ILE C 742 82.44 54.98 -10.53
N VAL C 743 82.68 56.23 -10.88
CA VAL C 743 82.57 56.62 -12.27
C VAL C 743 83.96 56.76 -12.87
N THR C 744 84.26 55.96 -13.88
CA THR C 744 85.55 56.07 -14.54
C THR C 744 85.69 57.48 -15.11
N ASP C 745 86.79 58.14 -14.84
CA ASP C 745 87.03 59.51 -15.28
C ASP C 745 87.31 59.57 -16.76
N LYS C 746 88.19 58.71 -17.23
CA LYS C 746 88.50 58.65 -18.64
C LYS C 746 87.20 58.53 -19.41
N ALA C 747 86.37 57.57 -19.00
CA ALA C 747 85.12 57.36 -19.69
C ALA C 747 84.18 58.54 -19.55
N LYS C 748 84.09 59.15 -18.36
CA LYS C 748 83.16 60.26 -18.21
C LYS C 748 83.47 61.38 -19.21
N ASP C 749 84.74 61.72 -19.31
CA ASP C 749 85.17 62.78 -20.19
C ASP C 749 85.09 62.35 -21.66
N LYS C 750 85.62 61.16 -21.94
CA LYS C 750 85.65 60.61 -23.28
C LYS C 750 84.26 60.53 -23.85
N ILE C 751 83.34 59.98 -23.08
CA ILE C 751 81.96 59.84 -23.49
C ILE C 751 81.31 61.19 -23.72
N ALA C 752 81.53 62.17 -22.83
CA ALA C 752 80.91 63.48 -23.02
C ALA C 752 81.18 64.02 -24.42
N GLU C 753 82.39 63.85 -24.91
CA GLU C 753 82.70 64.35 -26.25
C GLU C 753 82.33 63.36 -27.36
N GLU C 754 82.71 62.11 -27.18
CA GLU C 754 82.53 61.05 -28.16
C GLU C 754 81.08 60.80 -28.56
N GLY C 755 80.18 60.91 -27.59
CA GLY C 755 78.77 60.65 -27.84
C GLY C 755 78.00 61.82 -28.46
N TYR C 756 78.68 62.91 -28.82
CA TYR C 756 78.03 64.07 -29.38
C TYR C 756 77.85 64.08 -30.89
N ASP C 757 76.64 64.41 -31.34
CA ASP C 757 76.31 64.53 -32.75
C ASP C 757 75.33 65.70 -32.88
N PRO C 758 75.73 66.88 -33.38
CA PRO C 758 74.99 68.14 -33.41
C PRO C 758 73.53 68.04 -33.83
N GLU C 759 73.20 67.13 -34.74
CA GLU C 759 71.82 66.99 -35.19
C GLU C 759 70.90 66.68 -34.02
N TYR C 760 71.38 65.85 -33.10
CA TYR C 760 70.63 65.40 -31.94
C TYR C 760 71.28 65.88 -30.66
N GLY C 761 72.43 66.51 -30.81
CA GLY C 761 73.18 67.02 -29.70
C GLY C 761 73.61 65.93 -28.73
N ALA C 762 73.18 66.10 -27.48
CA ALA C 762 73.46 65.20 -26.38
C ALA C 762 72.57 63.96 -26.39
N ARG C 763 71.58 63.92 -27.24
CA ARG C 763 70.77 62.74 -27.23
C ARG C 763 71.56 61.46 -27.50
N PRO C 764 72.41 61.35 -28.56
CA PRO C 764 73.27 60.21 -28.78
C PRO C 764 74.23 60.02 -27.64
N LEU C 765 74.51 61.09 -26.92
CA LEU C 765 75.35 61.01 -25.75
C LEU C 765 74.60 60.18 -24.72
N ILE C 766 73.30 60.42 -24.55
CA ILE C 766 72.57 59.61 -23.60
C ILE C 766 72.73 58.18 -24.05
N ARG C 767 72.58 57.94 -25.34
CA ARG C 767 72.75 56.58 -25.78
C ARG C 767 74.17 56.05 -25.54
N ALA C 768 75.23 56.84 -25.78
CA ALA C 768 76.59 56.36 -25.54
C ALA C 768 76.80 55.99 -24.09
N ILE C 769 76.24 56.80 -23.22
CA ILE C 769 76.34 56.59 -21.80
C ILE C 769 75.65 55.29 -21.47
N GLN C 770 74.44 55.13 -22.01
CA GLN C 770 73.69 53.94 -21.76
C GLN C 770 74.39 52.71 -22.30
N LYS C 771 74.96 52.77 -23.49
CA LYS C 771 75.59 51.57 -24.01
C LYS C 771 76.70 51.10 -23.10
N THR C 772 77.47 52.03 -22.58
CA THR C 772 78.54 51.66 -21.69
C THR C 772 78.00 51.00 -20.42
N ILE C 773 77.03 51.64 -19.78
CA ILE C 773 76.55 51.07 -18.54
C ILE C 773 75.71 49.82 -18.75
N GLU C 774 75.10 49.66 -19.91
CA GLU C 774 74.30 48.48 -20.19
C GLU C 774 75.11 47.23 -20.12
N ASP C 775 76.35 47.25 -20.60
CA ASP C 775 77.09 46.00 -20.48
C ASP C 775 77.62 45.85 -19.09
N ASN C 776 78.07 46.95 -18.50
CA ASN C 776 78.67 46.82 -17.20
C ASN C 776 77.64 46.39 -16.18
N LEU C 777 76.54 47.10 -16.12
CA LEU C 777 75.51 46.81 -15.15
C LEU C 777 74.77 45.54 -15.42
N SER C 778 74.50 45.21 -16.67
CA SER C 778 73.77 43.99 -16.85
C SER C 778 74.57 42.83 -16.31
N GLU C 779 75.87 42.81 -16.59
CA GLU C 779 76.65 41.71 -16.10
C GLU C 779 76.89 41.83 -14.59
N LEU C 780 77.31 42.98 -14.12
CA LEU C 780 77.63 43.15 -12.71
C LEU C 780 76.45 42.93 -11.79
N ILE C 781 75.27 43.36 -12.20
CA ILE C 781 74.15 43.21 -11.32
C ILE C 781 73.66 41.76 -11.38
N LEU C 782 73.55 41.16 -12.57
CA LEU C 782 73.09 39.78 -12.60
C LEU C 782 74.10 38.86 -11.89
N ASP C 783 75.39 39.08 -12.13
CA ASP C 783 76.45 38.30 -11.50
C ASP C 783 76.43 38.46 -10.00
N GLY C 784 76.12 39.68 -9.54
CA GLY C 784 76.12 39.96 -8.13
C GLY C 784 77.50 40.42 -7.73
N ASN C 785 78.17 41.12 -8.66
CA ASN C 785 79.49 41.64 -8.39
C ASN C 785 79.36 43.05 -7.83
N GLN C 786 78.37 43.77 -8.34
CA GLN C 786 78.12 45.11 -7.86
C GLN C 786 76.84 44.99 -7.06
N ILE C 787 77.02 44.98 -5.76
CA ILE C 787 75.96 44.68 -4.81
C ILE C 787 75.81 45.82 -3.82
N GLU C 788 74.80 45.70 -2.98
CA GLU C 788 74.46 46.74 -2.02
C GLU C 788 75.69 47.12 -1.20
N GLY C 789 75.97 48.41 -1.13
CA GLY C 789 77.07 48.97 -0.35
C GLY C 789 78.45 48.88 -1.00
N LYS C 790 78.55 48.28 -2.18
CA LYS C 790 79.84 48.09 -2.85
C LYS C 790 79.90 48.90 -4.12
N LYS C 791 81.10 49.12 -4.64
CA LYS C 791 81.26 49.86 -5.89
C LYS C 791 82.45 49.41 -6.73
N VAL C 792 82.24 49.44 -8.03
CA VAL C 792 83.22 49.07 -9.04
C VAL C 792 83.23 50.08 -10.19
N THR C 793 84.29 50.03 -11.00
CA THR C 793 84.39 50.80 -12.25
C THR C 793 85.17 50.04 -13.31
N VAL C 794 85.44 50.70 -14.43
CA VAL C 794 86.14 50.10 -15.56
C VAL C 794 87.19 51.07 -16.07
N SER D 343 18.73 95.51 -25.52
CA SER D 343 19.10 96.89 -25.24
C SER D 343 17.97 97.68 -24.56
N VAL D 344 17.99 99.01 -24.72
CA VAL D 344 17.04 99.91 -24.11
C VAL D 344 15.64 99.69 -24.68
N VAL D 345 15.53 99.71 -26.00
CA VAL D 345 14.23 99.52 -26.63
C VAL D 345 13.73 98.10 -26.47
N ASP D 346 14.62 97.12 -26.63
CA ASP D 346 14.23 95.73 -26.47
C ASP D 346 13.59 95.56 -25.10
N THR D 347 14.20 96.16 -24.08
CA THR D 347 13.67 96.06 -22.74
C THR D 347 12.31 96.73 -22.69
N VAL D 348 12.15 97.90 -23.32
CA VAL D 348 10.84 98.55 -23.31
C VAL D 348 9.79 97.63 -23.91
N ALA D 349 10.09 97.01 -25.05
CA ALA D 349 9.13 96.13 -25.69
C ALA D 349 8.75 94.95 -24.79
N ILE D 350 9.73 94.39 -24.10
CA ILE D 350 9.49 93.27 -23.20
C ILE D 350 8.59 93.72 -22.05
N LEU D 351 8.93 94.86 -21.46
CA LEU D 351 8.17 95.43 -20.38
C LEU D 351 6.77 95.83 -20.76
N LYS D 352 6.57 96.35 -21.97
CA LYS D 352 5.25 96.73 -22.43
C LYS D 352 4.34 95.51 -22.43
N GLY D 353 4.83 94.38 -22.94
CA GLY D 353 4.05 93.16 -22.90
C GLY D 353 3.74 92.77 -21.45
N LEU D 354 4.79 92.77 -20.62
CA LEU D 354 4.69 92.42 -19.21
C LEU D 354 3.77 93.36 -18.44
N ARG D 355 3.65 94.61 -18.89
CA ARG D 355 2.77 95.56 -18.24
C ARG D 355 1.38 94.92 -18.02
N ASP D 356 0.87 94.19 -19.03
CA ASP D 356 -0.46 93.60 -18.88
C ASP D 356 -0.36 92.28 -18.12
N ARG D 357 0.73 91.53 -18.34
CA ARG D 357 0.90 90.29 -17.58
C ARG D 357 0.81 90.58 -16.10
N TYR D 358 1.61 91.55 -15.69
CA TYR D 358 1.76 91.99 -14.32
C TYR D 358 0.50 92.62 -13.78
N GLU D 359 -0.21 93.41 -14.58
CA GLU D 359 -1.47 93.98 -14.11
C GLU D 359 -2.30 92.88 -13.49
N ALA D 360 -2.46 91.79 -14.23
CA ALA D 360 -3.25 90.70 -13.71
C ALA D 360 -2.52 89.90 -12.63
N HIS D 361 -1.32 89.41 -12.95
CA HIS D 361 -0.55 88.53 -12.08
C HIS D 361 -0.38 89.04 -10.68
N HIS D 362 0.16 90.24 -10.56
CA HIS D 362 0.48 90.79 -9.26
C HIS D 362 -0.60 91.67 -8.68
N ARG D 363 -1.78 91.73 -9.30
CA ARG D 363 -2.84 92.59 -8.79
C ARG D 363 -2.34 94.01 -8.59
N ILE D 364 -1.86 94.63 -9.66
CA ILE D 364 -1.26 95.96 -9.52
C ILE D 364 -1.90 96.98 -10.41
N ASN D 365 -1.64 98.23 -10.10
CA ASN D 365 -2.05 99.27 -10.99
C ASN D 365 -1.26 99.06 -12.26
N ILE D 366 -1.93 99.07 -13.39
CA ILE D 366 -1.20 98.93 -14.64
C ILE D 366 -0.39 100.20 -14.80
N SER D 367 0.84 100.10 -15.27
CA SER D 367 1.61 101.31 -15.42
C SER D 367 2.63 101.34 -16.53
N ASP D 368 2.66 102.48 -17.20
CA ASP D 368 3.64 102.75 -18.23
C ASP D 368 4.85 103.41 -17.60
N GLU D 369 4.63 104.19 -16.53
CA GLU D 369 5.71 104.87 -15.84
C GLU D 369 6.70 103.83 -15.34
N ALA D 370 6.14 102.68 -14.97
CA ALA D 370 6.89 101.54 -14.51
C ALA D 370 7.89 101.08 -15.56
N ILE D 371 7.53 101.20 -16.83
CA ILE D 371 8.37 100.73 -17.90
C ILE D 371 9.53 101.68 -18.04
N GLU D 372 9.24 102.97 -18.06
CA GLU D 372 10.31 103.94 -18.23
C GLU D 372 11.29 103.85 -17.07
N ALA D 373 10.77 103.65 -15.88
CA ALA D 373 11.67 103.54 -14.75
C ALA D 373 12.54 102.30 -14.96
N ALA D 374 11.88 101.19 -15.32
CA ALA D 374 12.48 99.88 -15.54
C ALA D 374 13.50 99.90 -16.68
N VAL D 375 13.42 100.87 -17.60
CA VAL D 375 14.42 100.95 -18.66
C VAL D 375 15.38 102.12 -18.50
N LYS D 376 14.90 103.36 -18.46
CA LYS D 376 15.83 104.46 -18.45
C LYS D 376 16.47 104.81 -17.12
N LEU D 377 15.84 104.49 -15.98
CA LEU D 377 16.58 104.75 -14.75
C LEU D 377 17.53 103.60 -14.65
N SER D 378 16.98 102.46 -14.98
CA SER D 378 17.56 101.15 -14.98
C SER D 378 18.86 101.13 -15.78
N ASN D 379 18.94 101.89 -16.87
CA ASN D 379 20.16 102.04 -17.67
C ASN D 379 21.38 102.54 -16.86
N ARG D 380 21.19 103.04 -15.64
CA ARG D 380 22.29 103.50 -14.80
C ARG D 380 22.38 102.65 -13.51
N TYR D 381 21.46 101.70 -13.39
CA TYR D 381 21.35 100.93 -12.17
C TYR D 381 21.46 99.42 -12.33
N VAL D 382 20.88 98.86 -13.37
CA VAL D 382 21.02 97.43 -13.55
C VAL D 382 22.50 97.23 -13.74
N SER D 383 23.11 96.30 -13.01
CA SER D 383 24.54 96.14 -13.17
C SER D 383 24.88 94.68 -13.13
N ASP D 384 23.98 93.94 -12.53
CA ASP D 384 24.14 92.51 -12.32
C ASP D 384 23.61 91.63 -13.44
N ARG D 385 22.34 91.84 -13.78
CA ARG D 385 21.64 91.01 -14.75
C ARG D 385 21.36 91.80 -16.00
N PHE D 386 20.95 91.13 -17.05
CA PHE D 386 20.64 91.85 -18.28
C PHE D 386 19.55 92.86 -18.08
N LEU D 387 19.64 94.00 -18.75
CA LEU D 387 18.60 95.01 -18.65
C LEU D 387 17.21 94.37 -18.91
N PRO D 388 16.96 93.55 -19.98
CA PRO D 388 15.69 92.88 -20.22
C PRO D 388 15.26 91.88 -19.13
N ASP D 389 16.20 91.45 -18.28
CA ASP D 389 15.86 90.51 -17.22
C ASP D 389 15.69 91.25 -15.89
N LYS D 390 16.66 92.07 -15.52
CA LYS D 390 16.59 92.73 -14.24
C LYS D 390 15.38 93.66 -14.19
N ALA D 391 15.09 94.30 -15.33
CA ALA D 391 13.96 95.19 -15.45
C ALA D 391 12.64 94.48 -15.20
N ILE D 392 12.61 93.15 -15.35
CA ILE D 392 11.35 92.48 -15.16
C ILE D 392 11.36 91.77 -13.80
N ASP D 393 12.56 91.39 -13.32
CA ASP D 393 12.78 90.78 -11.98
C ASP D 393 12.33 91.78 -10.94
N LEU D 394 12.51 93.04 -11.33
CA LEU D 394 12.13 94.24 -10.64
C LEU D 394 10.75 94.18 -10.04
N ILE D 395 9.76 93.64 -10.72
CA ILE D 395 8.47 93.67 -10.05
C ILE D 395 8.42 92.92 -8.72
N ASP D 396 9.21 91.86 -8.56
CA ASP D 396 9.11 91.16 -7.30
C ASP D 396 10.04 91.81 -6.30
N GLU D 397 11.18 92.32 -6.78
CA GLU D 397 12.04 92.98 -5.81
C GLU D 397 11.33 94.22 -5.30
N ALA D 398 10.66 94.89 -6.22
CA ALA D 398 9.98 96.08 -5.85
C ALA D 398 8.86 95.77 -4.92
N SER D 399 8.07 94.74 -5.21
CA SER D 399 6.97 94.42 -4.32
C SER D 399 7.51 94.11 -2.94
N SER D 400 8.65 93.40 -2.85
CA SER D 400 9.28 93.08 -1.57
C SER D 400 9.35 94.36 -0.73
N LYS D 401 9.73 95.44 -1.34
CA LYS D 401 9.84 96.71 -0.67
C LYS D 401 8.55 97.45 -0.14
N VAL D 402 7.32 97.24 -0.69
CA VAL D 402 6.23 98.20 -0.40
C VAL D 402 4.90 97.94 0.47
N ARG D 403 4.09 96.82 0.31
CA ARG D 403 2.82 96.66 1.13
C ARG D 403 2.48 95.40 2.09
N LEU D 404 3.37 94.38 2.32
CA LEU D 404 3.11 93.26 3.29
C LEU D 404 4.03 93.20 4.57
N LYS D 405 5.39 93.11 4.56
CA LYS D 405 6.11 93.18 5.90
C LYS D 405 6.00 94.49 6.79
N SER D 406 6.68 95.64 6.53
CA SER D 406 6.61 96.76 7.53
C SER D 406 6.82 98.32 7.24
N HIS D 407 6.21 99.01 6.23
CA HIS D 407 6.44 100.47 6.05
C HIS D 407 5.33 101.46 6.48
N THR D 408 4.16 100.97 6.86
CA THR D 408 3.01 101.77 7.25
C THR D 408 2.53 101.30 8.62
N THR D 409 1.37 101.78 9.08
CA THR D 409 0.90 101.49 10.43
C THR D 409 1.08 100.02 10.85
N PRO D 410 1.84 99.76 11.95
CA PRO D 410 2.14 98.46 12.50
C PRO D 410 1.03 97.97 13.39
N ASN D 411 15.82 92.45 1.56
CA ASN D 411 14.70 91.68 1.03
C ASN D 411 13.61 91.58 2.10
N ASN D 412 12.67 92.52 2.06
CA ASN D 412 11.61 92.58 3.05
C ASN D 412 10.71 91.35 3.03
N LEU D 413 10.48 90.78 1.85
CA LEU D 413 9.72 89.55 1.79
C LEU D 413 10.41 88.53 2.67
N LYS D 414 11.70 88.38 2.47
CA LYS D 414 12.45 87.42 3.26
C LYS D 414 12.35 87.79 4.74
N GLU D 415 12.30 89.07 5.10
CA GLU D 415 12.17 89.36 6.52
C GLU D 415 10.85 88.83 7.10
N ILE D 416 9.78 88.74 6.30
CA ILE D 416 8.51 88.22 6.85
C ILE D 416 8.78 86.80 7.23
N GLU D 417 9.41 86.12 6.29
CA GLU D 417 9.71 84.72 6.37
C GLU D 417 10.59 84.44 7.57
N GLN D 418 11.54 85.35 7.82
CA GLN D 418 12.44 85.18 8.94
C GLN D 418 11.76 85.40 10.27
N GLU D 419 10.99 86.45 10.42
CA GLU D 419 10.37 86.63 11.72
C GLU D 419 9.40 85.52 12.05
N ILE D 420 8.63 85.07 11.05
CA ILE D 420 7.68 84.02 11.35
C ILE D 420 8.38 82.74 11.68
N GLU D 421 9.24 82.27 10.78
CA GLU D 421 9.85 80.99 11.01
C GLU D 421 10.81 80.99 12.16
N LYS D 422 11.52 82.08 12.40
CA LYS D 422 12.44 82.06 13.52
C LYS D 422 11.71 81.83 14.82
N VAL D 423 10.73 82.64 15.11
CA VAL D 423 10.11 82.48 16.40
C VAL D 423 9.27 81.20 16.40
N LYS D 424 8.53 80.96 15.33
CA LYS D 424 7.70 79.79 15.25
C LYS D 424 8.48 78.48 15.38
N ASN D 425 9.61 78.33 14.68
CA ASN D 425 10.31 77.06 14.73
C ASN D 425 11.12 76.88 15.98
N GLU D 426 11.57 77.96 16.62
CA GLU D 426 12.27 77.73 17.86
C GLU D 426 11.31 77.02 18.82
N LYS D 427 10.00 77.35 18.80
CA LYS D 427 9.11 76.56 19.64
C LYS D 427 8.69 75.23 18.98
N ASP D 428 8.43 75.20 17.65
CA ASP D 428 7.95 73.94 17.05
C ASP D 428 8.98 72.83 17.20
N ALA D 429 10.25 73.19 17.07
CA ALA D 429 11.34 72.24 17.20
C ALA D 429 11.35 71.60 18.58
N ALA D 430 10.86 72.36 19.54
CA ALA D 430 10.89 72.01 20.93
C ALA D 430 9.72 71.15 21.38
N VAL D 431 8.80 70.84 20.47
CA VAL D 431 7.60 70.12 20.87
C VAL D 431 7.31 68.90 20.01
N HIS D 432 8.34 68.15 19.63
CA HIS D 432 8.11 67.04 18.69
C HIS D 432 7.15 65.92 19.15
N ALA D 433 7.15 65.50 20.41
CA ALA D 433 6.14 64.48 20.80
C ALA D 433 4.92 65.16 21.39
N GLN D 434 3.83 64.39 21.54
CA GLN D 434 2.57 64.89 22.08
C GLN D 434 2.59 65.25 23.56
N GLU D 435 2.11 66.46 23.84
CA GLU D 435 1.92 67.03 25.16
C GLU D 435 0.63 66.61 25.86
N PHE D 436 0.73 66.19 27.13
CA PHE D 436 -0.45 65.85 27.91
C PHE D 436 -0.56 66.79 29.12
N GLU D 437 0.15 67.91 29.04
CA GLU D 437 0.22 68.90 30.11
C GLU D 437 0.38 70.29 29.51
N ASN D 438 4.17 72.28 24.56
CA ASN D 438 3.96 73.55 23.93
C ASN D 438 3.91 74.65 24.92
N ALA D 439 3.21 74.53 26.05
CA ALA D 439 3.17 75.72 26.91
C ALA D 439 4.57 76.23 27.29
N ALA D 440 5.54 75.32 27.46
CA ALA D 440 6.88 75.71 27.83
C ALA D 440 7.60 76.63 26.86
N ASN D 441 7.29 76.53 25.58
CA ASN D 441 7.99 77.33 24.61
C ASN D 441 7.03 78.32 23.98
N LEU D 442 5.76 77.96 23.99
CA LEU D 442 4.71 78.68 23.35
C LEU D 442 4.49 80.05 23.94
N ARG D 443 4.39 80.18 25.25
CA ARG D 443 4.15 81.53 25.75
C ARG D 443 5.25 82.51 25.31
N ASP D 444 6.52 82.08 25.33
CA ASP D 444 7.59 82.97 24.93
C ASP D 444 7.50 83.32 23.45
N LYS D 445 7.25 82.31 22.63
CA LYS D 445 7.25 82.53 21.20
C LYS D 445 5.99 83.28 20.77
N GLN D 446 4.85 83.03 21.40
CA GLN D 446 3.63 83.76 21.03
C GLN D 446 3.82 85.23 21.28
N THR D 447 4.45 85.59 22.38
CA THR D 447 4.66 86.99 22.66
C THR D 447 5.50 87.61 21.56
N LYS D 448 6.57 86.94 21.17
CA LYS D 448 7.40 87.50 20.11
C LYS D 448 6.63 87.55 18.78
N LEU D 449 5.85 86.51 18.47
CA LEU D 449 5.11 86.51 17.22
C LEU D 449 4.05 87.61 17.18
N GLU D 450 3.32 87.84 18.27
CA GLU D 450 2.29 88.89 18.24
C GLU D 450 2.91 90.26 18.02
N LYS D 451 4.04 90.53 18.66
CA LYS D 451 4.66 91.82 18.48
C LYS D 451 5.14 91.96 17.03
N GLN D 452 5.75 90.90 16.52
CA GLN D 452 6.25 90.90 15.17
C GLN D 452 5.12 91.01 14.16
N TYR D 453 3.99 90.37 14.42
CA TYR D 453 2.86 90.43 13.51
C TYR D 453 2.35 91.83 13.27
N GLU D 454 2.12 92.60 14.33
CA GLU D 454 1.58 93.91 14.01
C GLU D 454 2.58 94.68 13.18
N GLU D 455 3.88 94.54 13.47
CA GLU D 455 4.79 95.24 12.60
C GLU D 455 4.71 94.65 11.18
N ALA D 456 4.59 93.32 11.11
CA ALA D 456 4.61 92.58 9.85
C ALA D 456 3.31 92.61 9.03
N LYS D 457 2.88 93.80 8.61
CA LYS D 457 1.71 93.89 7.73
C LYS D 457 1.80 95.03 6.67
N ASN D 458 3.03 95.58 6.41
CA ASN D 458 3.20 96.71 5.48
C ASN D 458 4.38 96.91 4.36
N GLU D 459 5.17 95.90 3.89
CA GLU D 459 6.27 95.93 2.81
C GLU D 459 6.18 94.94 1.53
N TRP D 460 6.20 93.60 1.62
CA TRP D 460 6.11 92.73 0.37
C TRP D 460 4.98 92.81 -0.71
N LYS D 461 3.72 92.93 -0.34
CA LYS D 461 2.63 92.81 -1.32
C LYS D 461 2.57 93.64 -2.63
N ASN D 462 2.95 94.93 -2.66
CA ASN D 462 2.66 95.69 -3.91
C ASN D 462 3.45 96.94 -4.25
N THR D 463 4.40 96.86 -5.20
CA THR D 463 5.17 98.07 -5.53
C THR D 463 5.16 98.52 -6.97
N GLN D 464 4.77 97.66 -7.89
CA GLN D 464 4.93 98.04 -9.29
C GLN D 464 4.31 99.41 -9.55
N GLY D 466 -2.58 102.20 5.39
CA GLY D 466 -2.61 101.04 4.50
C GLY D 466 -2.76 101.48 3.05
N MET D 467 -1.68 101.97 2.48
CA MET D 467 -1.67 102.47 1.12
C MET D 467 -1.62 101.36 0.09
N SER D 468 -2.73 100.71 -0.18
CA SER D 468 -2.71 99.54 -1.08
C SER D 468 -2.23 99.83 -2.52
N THR D 469 -2.26 101.11 -2.93
CA THR D 469 -1.83 101.55 -4.25
C THR D 469 -0.31 101.77 -4.31
N SER D 470 0.34 101.20 -5.33
CA SER D 470 1.78 101.37 -5.59
C SER D 470 2.12 102.67 -6.29
N LEU D 471 3.39 103.11 -6.17
CA LEU D 471 3.84 104.31 -6.86
C LEU D 471 4.93 104.00 -7.88
N SER D 472 4.62 104.00 -9.16
CA SER D 472 5.69 103.64 -10.10
C SER D 472 6.83 104.65 -10.03
N GLU D 473 6.44 105.90 -9.89
CA GLU D 473 7.33 107.05 -9.81
C GLU D 473 8.24 107.06 -8.58
N GLU D 474 7.91 106.31 -7.52
CA GLU D 474 8.75 106.31 -6.33
C GLU D 474 9.20 104.94 -5.91
N ASP D 475 8.31 103.95 -6.00
CA ASP D 475 8.69 102.65 -5.52
C ASP D 475 9.46 101.94 -6.59
N ILE D 476 9.05 102.05 -7.84
CA ILE D 476 9.87 101.36 -8.83
C ILE D 476 11.18 102.11 -8.96
N ALA D 477 11.08 103.42 -9.05
CA ALA D 477 12.26 104.23 -9.21
C ALA D 477 13.31 104.04 -8.09
N GLU D 478 12.89 103.92 -6.83
CA GLU D 478 13.84 103.72 -5.73
C GLU D 478 14.45 102.33 -5.76
N VAL D 479 13.63 101.32 -6.02
CA VAL D 479 14.08 99.93 -6.09
C VAL D 479 15.14 99.79 -7.14
N ILE D 480 14.91 100.41 -8.29
CA ILE D 480 15.89 100.40 -9.34
C ILE D 480 17.15 101.10 -8.89
N ALA D 481 17.01 102.28 -8.28
CA ALA D 481 18.19 103.02 -7.88
C ALA D 481 19.09 102.21 -6.96
N GLY D 482 18.48 101.39 -6.09
CA GLY D 482 19.19 100.54 -5.14
C GLY D 482 20.17 99.53 -5.79
N TRP D 483 20.05 99.29 -7.10
CA TRP D 483 20.94 98.38 -7.80
C TRP D 483 22.39 98.92 -7.91
N THR D 484 22.59 100.26 -7.91
CA THR D 484 23.94 100.88 -7.92
C THR D 484 24.03 101.59 -6.59
N GLY D 485 22.90 102.17 -6.21
CA GLY D 485 22.73 102.98 -5.02
C GLY D 485 22.49 104.43 -5.43
N ILE D 486 21.84 105.18 -4.52
CA ILE D 486 21.52 106.61 -4.63
C ILE D 486 20.25 106.91 -5.44
N PRO D 487 19.07 106.99 -4.79
CA PRO D 487 17.81 107.34 -5.39
C PRO D 487 17.63 108.85 -5.38
N LEU D 488 29.81 92.29 -15.21
CA LEU D 488 29.02 93.50 -15.00
C LEU D 488 28.89 94.30 -16.28
N THR D 489 29.26 93.69 -17.39
CA THR D 489 29.25 94.40 -18.66
C THR D 489 28.37 93.70 -19.71
N LYS D 490 28.87 92.62 -20.31
CA LYS D 490 28.04 91.90 -21.28
C LYS D 490 26.76 91.41 -20.65
N ILE D 491 26.84 91.03 -19.38
CA ILE D 491 25.71 90.55 -18.62
C ILE D 491 24.60 91.58 -18.49
N ASN D 492 24.93 92.85 -18.70
CA ASN D 492 23.99 93.94 -18.57
C ASN D 492 23.33 94.43 -19.84
N GLU D 493 24.14 94.86 -20.80
CA GLU D 493 23.57 95.55 -21.97
C GLU D 493 22.68 96.74 -21.49
N THR D 494 23.18 97.49 -20.50
CA THR D 494 22.54 98.64 -19.87
C THR D 494 23.12 99.99 -20.14
N GLU D 495 24.39 100.01 -20.50
CA GLU D 495 25.19 101.24 -20.64
C GLU D 495 25.33 101.93 -19.27
N SER D 496 25.35 101.11 -18.19
CA SER D 496 25.51 101.57 -16.81
C SER D 496 26.97 101.42 -16.42
N GLU D 497 27.34 100.29 -15.81
CA GLU D 497 28.70 100.01 -15.39
C GLU D 497 29.64 100.08 -16.57
N LYS D 498 29.15 99.63 -17.73
CA LYS D 498 29.97 99.64 -18.92
C LYS D 498 30.50 100.99 -19.28
N LEU D 499 29.75 102.06 -19.04
CA LEU D 499 30.30 103.33 -19.44
C LEU D 499 30.87 104.05 -18.24
N LEU D 500 30.40 103.72 -17.04
CA LEU D 500 30.92 104.39 -15.85
C LEU D 500 32.41 104.09 -15.70
N SER D 501 32.81 102.85 -15.98
CA SER D 501 34.21 102.42 -15.88
C SER D 501 35.01 102.67 -17.16
N LEU D 502 34.41 103.33 -18.16
CA LEU D 502 35.10 103.61 -19.41
C LEU D 502 36.36 104.46 -19.17
N GLU D 503 36.25 105.57 -18.44
CA GLU D 503 37.45 106.37 -18.21
C GLU D 503 38.54 105.57 -17.48
N ASP D 504 38.16 104.78 -16.46
CA ASP D 504 39.16 104.03 -15.71
C ASP D 504 39.89 103.01 -16.59
N THR D 505 39.14 102.31 -17.44
CA THR D 505 39.79 101.32 -18.30
C THR D 505 40.68 102.05 -19.30
N LEU D 506 40.16 103.13 -19.88
CA LEU D 506 40.92 103.87 -20.86
C LEU D 506 42.23 104.40 -20.23
N HIS D 507 42.17 104.92 -19.00
CA HIS D 507 43.37 105.45 -18.35
C HIS D 507 44.36 104.41 -17.95
N GLU D 508 43.93 103.34 -17.33
CA GLU D 508 44.95 102.41 -16.89
C GLU D 508 45.63 101.77 -18.10
N ARG D 509 44.87 101.58 -19.20
CA ARG D 509 45.44 101.04 -20.42
C ARG D 509 46.48 102.01 -21.00
N VAL D 510 46.20 103.31 -20.92
CA VAL D 510 47.14 104.35 -21.36
C VAL D 510 47.39 105.31 -20.20
N ILE D 511 48.54 105.20 -19.55
CA ILE D 511 48.85 106.07 -18.42
C ILE D 511 49.28 107.41 -18.95
N GLY D 512 48.68 108.46 -18.42
CA GLY D 512 49.00 109.78 -18.90
C GLY D 512 48.22 109.94 -20.20
N GLN D 513 48.54 110.96 -20.98
CA GLN D 513 47.77 111.20 -22.20
C GLN D 513 46.27 111.21 -21.86
N LYS D 514 45.92 111.80 -20.71
CA LYS D 514 44.54 111.79 -20.25
C LYS D 514 43.56 112.43 -21.21
N ASP D 515 43.98 113.38 -22.01
CA ASP D 515 43.01 113.98 -22.91
C ASP D 515 42.37 112.90 -23.80
N ALA D 516 43.14 111.89 -24.23
CA ALA D 516 42.60 110.83 -25.06
C ALA D 516 41.55 110.04 -24.30
N VAL D 517 41.93 109.74 -23.08
CA VAL D 517 41.12 108.96 -22.18
C VAL D 517 39.80 109.63 -21.81
N ASN D 518 39.87 110.89 -21.46
CA ASN D 518 38.71 111.61 -21.01
C ASN D 518 37.76 112.01 -22.13
N SER D 519 38.27 112.45 -23.28
CA SER D 519 37.31 112.80 -24.30
C SER D 519 36.50 111.58 -24.74
N ILE D 520 37.15 110.41 -24.85
CA ILE D 520 36.36 109.22 -25.24
C ILE D 520 35.31 108.98 -24.18
N SER D 521 35.72 109.05 -22.92
CA SER D 521 34.79 108.82 -21.83
C SER D 521 33.57 109.73 -21.92
N LYS D 522 33.79 111.01 -22.08
CA LYS D 522 32.65 111.90 -22.13
C LYS D 522 31.79 111.69 -23.36
N ALA D 523 32.42 111.49 -24.51
CA ALA D 523 31.73 111.35 -25.78
C ALA D 523 30.78 110.15 -25.82
N VAL D 524 31.20 109.05 -25.18
CA VAL D 524 30.42 107.83 -25.15
C VAL D 524 29.41 107.81 -24.00
N ARG D 525 29.82 108.22 -22.80
CA ARG D 525 28.90 108.19 -21.67
C ARG D 525 27.67 109.03 -21.93
N ARG D 526 27.85 110.16 -22.61
CA ARG D 526 26.74 111.05 -22.90
C ARG D 526 25.77 110.51 -23.95
N ALA D 527 26.04 109.34 -24.53
CA ALA D 527 25.14 108.73 -25.48
C ALA D 527 24.03 107.86 -24.87
N ARG D 528 24.25 107.37 -23.64
CA ARG D 528 23.34 106.36 -23.05
C ARG D 528 21.92 106.76 -22.76
N ALA D 529 21.06 105.75 -22.72
CA ALA D 529 19.65 105.87 -22.35
C ALA D 529 18.88 106.87 -23.19
N GLY D 530 19.14 106.90 -24.49
CA GLY D 530 18.44 107.79 -25.40
C GLY D 530 19.02 109.21 -25.49
N LEU D 531 20.13 109.49 -24.82
CA LEU D 531 20.68 110.84 -24.90
C LEU D 531 21.11 111.20 -26.33
N LYS D 532 21.68 110.24 -27.07
CA LYS D 532 22.08 110.49 -28.45
C LYS D 532 21.27 109.66 -29.45
N ASP D 533 21.36 110.05 -30.71
CA ASP D 533 20.61 109.41 -31.78
C ASP D 533 20.78 107.88 -31.72
N PRO D 534 19.67 107.11 -31.52
CA PRO D 534 19.62 105.67 -31.32
C PRO D 534 20.10 104.89 -32.52
N LYS D 535 20.15 105.52 -33.69
CA LYS D 535 20.64 104.79 -34.83
C LYS D 535 21.79 105.55 -35.47
N ARG D 536 22.70 106.01 -34.62
CA ARG D 536 23.91 106.64 -35.09
C ARG D 536 25.16 105.99 -34.45
N GLY D 539 28.32 106.25 -33.85
CA GLY D 539 29.35 107.27 -33.96
C GLY D 539 30.73 106.64 -33.97
N SER D 540 31.65 107.33 -34.65
CA SER D 540 33.02 106.90 -34.80
C SER D 540 34.03 107.56 -33.89
N PHE D 541 35.10 106.83 -33.64
CA PHE D 541 36.25 107.36 -32.94
C PHE D 541 37.49 107.13 -33.79
N ILE D 542 38.41 108.08 -33.77
CA ILE D 542 39.67 107.95 -34.50
C ILE D 542 40.89 107.84 -33.60
N PHE D 543 41.69 106.79 -33.77
CA PHE D 543 42.91 106.57 -32.96
C PHE D 543 44.16 106.67 -33.82
N LEU D 544 44.89 107.78 -33.63
CA LEU D 544 46.05 108.16 -34.44
C LEU D 544 47.40 107.87 -33.77
N GLY D 545 48.10 106.85 -34.25
CA GLY D 545 49.39 106.41 -33.70
C GLY D 545 49.83 105.13 -34.39
N PRO D 546 51.09 104.72 -34.24
CA PRO D 546 51.61 103.53 -34.87
C PRO D 546 51.10 102.25 -34.20
N THR D 547 51.48 102.06 -32.94
CA THR D 547 50.81 101.17 -31.98
C THR D 547 51.55 101.16 -30.69
N GLY D 548 50.92 100.61 -29.66
CA GLY D 548 51.54 100.40 -28.35
C GLY D 548 51.61 101.66 -27.53
N VAL D 549 51.06 102.72 -28.09
CA VAL D 549 51.10 104.04 -27.52
C VAL D 549 49.73 104.40 -27.03
N GLY D 550 48.82 103.48 -27.27
CA GLY D 550 47.43 103.62 -26.94
C GLY D 550 46.56 103.34 -28.16
N LYS D 551 47.16 103.21 -29.35
CA LYS D 551 46.34 102.93 -30.52
C LYS D 551 45.37 101.78 -30.34
N THR D 552 45.89 100.62 -29.96
CA THR D 552 44.98 99.50 -29.79
C THR D 552 44.71 99.30 -28.34
N GLU D 553 45.57 99.76 -27.47
CA GLU D 553 45.29 99.56 -26.06
C GLU D 553 44.08 100.41 -25.68
N LEU D 554 44.01 101.64 -26.19
CA LEU D 554 42.92 102.53 -25.86
C LEU D 554 41.72 102.13 -26.73
N ALA D 555 41.92 101.82 -28.03
CA ALA D 555 40.77 101.41 -28.83
C ALA D 555 40.14 100.14 -28.24
N ARG D 556 40.97 99.20 -27.76
CA ARG D 556 40.46 98.01 -27.11
C ARG D 556 39.77 98.42 -25.84
N ALA D 557 40.33 99.38 -25.10
CA ALA D 557 39.67 99.83 -23.89
C ALA D 557 38.28 100.35 -24.20
N LEU D 558 38.15 101.10 -25.30
CA LEU D 558 36.84 101.56 -25.73
C LEU D 558 35.97 100.38 -26.08
N ALA D 559 36.48 99.47 -26.89
CA ALA D 559 35.67 98.33 -27.27
C ALA D 559 35.20 97.54 -26.04
N GLU D 560 36.13 97.16 -25.19
CA GLU D 560 35.78 96.41 -24.01
C GLU D 560 34.84 97.14 -23.10
N SER D 561 35.09 98.42 -22.89
CA SER D 561 34.20 99.13 -22.01
C SER D 561 32.81 99.24 -22.64
N MET D 562 32.73 99.52 -23.92
CA MET D 562 31.44 99.66 -24.57
C MET D 562 30.66 98.35 -24.72
N PHE D 563 31.36 97.23 -24.95
CA PHE D 563 30.70 95.97 -25.23
C PHE D 563 30.85 94.90 -24.15
N GLY D 564 31.79 95.07 -23.27
CA GLY D 564 32.09 94.14 -22.19
C GLY D 564 33.28 93.21 -22.36
N ASP D 565 33.81 93.05 -23.56
CA ASP D 565 35.00 92.22 -23.68
C ASP D 565 35.75 92.54 -24.96
N ASP D 566 36.94 91.99 -25.05
CA ASP D 566 37.86 92.14 -26.16
C ASP D 566 37.36 91.61 -27.49
N ASP D 567 36.52 90.55 -27.49
CA ASP D 567 36.08 89.97 -28.76
C ASP D 567 34.99 90.80 -29.45
N ALA D 568 34.63 91.91 -28.86
CA ALA D 568 33.74 92.79 -29.56
C ALA D 568 34.47 93.31 -30.79
N MET D 569 35.80 93.40 -30.67
CA MET D 569 36.66 93.99 -31.67
C MET D 569 37.40 93.03 -32.62
N ILE D 570 37.42 93.42 -33.89
CA ILE D 570 38.19 92.73 -34.92
C ILE D 570 39.09 93.75 -35.60
N ARG D 571 40.33 93.35 -35.89
CA ARG D 571 41.25 94.25 -36.59
C ARG D 571 41.23 93.97 -38.06
N VAL D 572 41.24 95.03 -38.84
CA VAL D 572 41.21 94.89 -40.29
C VAL D 572 42.42 95.50 -40.97
N ASP D 573 43.14 94.69 -41.72
CA ASP D 573 44.33 95.20 -42.41
C ASP D 573 43.90 95.92 -43.68
N MET D 574 43.90 97.25 -43.64
CA MET D 574 43.35 98.06 -44.72
C MET D 574 44.30 98.20 -45.89
N SER D 575 45.47 97.53 -45.83
CA SER D 575 46.36 97.55 -46.97
C SER D 575 45.84 96.49 -47.94
N GLU D 576 44.95 95.61 -47.44
CA GLU D 576 44.34 94.55 -48.25
C GLU D 576 42.86 94.83 -48.38
N PHE D 577 42.22 95.17 -47.26
CA PHE D 577 40.78 95.40 -47.21
C PHE D 577 40.40 96.81 -47.63
N MET D 578 40.74 97.11 -48.89
CA MET D 578 40.54 98.43 -49.46
C MET D 578 39.87 98.47 -50.84
N GLU D 579 40.02 97.42 -51.62
CA GLU D 579 39.52 97.47 -52.99
C GLU D 579 38.68 96.25 -53.27
N LYS D 580 39.32 95.07 -53.31
CA LYS D 580 38.52 93.89 -53.56
C LYS D 580 37.56 93.67 -52.42
N HIS D 581 37.98 94.07 -51.21
CA HIS D 581 37.08 93.87 -50.12
C HIS D 581 36.13 95.02 -50.04
N ALA D 582 36.54 96.22 -50.48
CA ALA D 582 35.62 97.33 -50.42
C ALA D 582 34.38 96.98 -51.22
N VAL D 583 34.57 96.39 -52.37
CA VAL D 583 33.41 96.01 -53.14
C VAL D 583 32.63 94.97 -52.34
N SER D 584 33.36 94.02 -51.77
CA SER D 584 32.79 92.95 -50.98
C SER D 584 32.39 93.36 -49.55
N ARG D 585 32.50 94.64 -49.18
CA ARG D 585 32.02 95.04 -47.87
C ARG D 585 30.52 95.12 -47.92
N LEU D 586 29.98 95.44 -49.09
CA LEU D 586 28.56 95.57 -49.24
C LEU D 586 27.95 94.21 -49.43
N VAL D 587 26.64 94.15 -49.28
CA VAL D 587 25.95 92.90 -49.49
C VAL D 587 26.18 92.43 -50.92
N GLY D 588 26.55 91.15 -51.08
CA GLY D 588 26.79 90.53 -52.36
C GLY D 588 25.48 90.10 -52.98
N ALA D 589 25.47 88.94 -53.64
CA ALA D 589 24.29 88.48 -54.37
C ALA D 589 23.93 89.43 -55.51
N PRO D 590 24.97 89.99 -56.14
CA PRO D 590 24.77 90.92 -57.25
C PRO D 590 25.15 90.26 -58.56
N PRO D 591 26.36 89.72 -58.62
CA PRO D 591 26.84 89.07 -59.82
C PRO D 591 26.45 87.60 -59.76
N HIS D 596 26.68 84.25 -54.75
CA HIS D 596 26.06 84.36 -53.43
C HIS D 596 26.67 85.56 -52.74
N ASP D 597 26.80 85.53 -51.40
CA ASP D 597 27.43 86.66 -50.75
C ASP D 597 28.92 86.42 -50.89
N ASP D 598 29.46 86.55 -52.10
CA ASP D 598 30.87 86.25 -52.32
C ASP D 598 31.61 87.48 -51.88
N GLY D 599 31.70 87.58 -50.59
CA GLY D 599 32.17 88.74 -49.90
C GLY D 599 31.54 88.72 -48.55
N GLY D 600 31.55 89.87 -47.91
CA GLY D 600 31.02 90.03 -46.57
C GLY D 600 32.17 89.78 -45.62
N GLN D 601 32.74 90.83 -45.06
CA GLN D 601 33.89 90.58 -44.20
C GLN D 601 33.62 90.94 -42.76
N LEU D 602 32.91 92.05 -42.58
CA LEU D 602 32.72 92.64 -41.27
C LEU D 602 31.27 92.98 -41.00
N THR D 603 30.38 92.24 -41.65
CA THR D 603 28.94 92.45 -41.55
C THR D 603 28.39 92.33 -40.14
N GLU D 604 28.77 91.29 -39.39
CA GLU D 604 28.18 91.14 -38.07
C GLU D 604 28.44 92.31 -37.15
N LYS D 605 29.63 92.88 -37.28
CA LYS D 605 30.04 93.91 -36.37
C LYS D 605 29.55 95.32 -36.73
N VAL D 606 28.79 95.42 -37.80
CA VAL D 606 28.19 96.66 -38.20
C VAL D 606 26.67 96.58 -38.12
N ARG D 607 26.12 95.51 -38.69
CA ARG D 607 24.70 95.40 -38.91
C ARG D 607 23.96 94.09 -38.57
N ARG D 608 24.52 93.20 -37.71
CA ARG D 608 23.75 92.03 -37.28
C ARG D 608 23.70 92.01 -35.77
N LYS D 609 24.81 92.41 -35.15
CA LYS D 609 24.89 92.42 -33.71
C LYS D 609 24.99 93.86 -33.21
N PRO D 610 24.18 94.26 -32.22
CA PRO D 610 24.12 95.58 -31.60
C PRO D 610 25.30 95.94 -30.71
N TYR D 611 26.17 94.97 -30.41
CA TYR D 611 27.30 95.24 -29.51
C TYR D 611 28.64 94.78 -30.06
N SER D 612 29.10 95.43 -31.13
CA SER D 612 30.38 95.13 -31.77
C SER D 612 31.17 96.35 -32.27
N VAL D 613 32.46 96.11 -32.61
CA VAL D 613 33.37 97.13 -33.16
C VAL D 613 34.47 96.63 -34.10
N ILE D 614 34.83 97.47 -35.06
CA ILE D 614 35.88 97.17 -36.01
C ILE D 614 36.98 98.22 -35.99
N LEU D 615 38.26 97.79 -35.96
CA LEU D 615 39.38 98.75 -36.04
C LEU D 615 39.89 98.74 -37.48
N PHE D 616 39.79 99.86 -38.17
CA PHE D 616 40.22 99.89 -39.57
C PHE D 616 41.66 100.38 -39.61
N ASP D 617 42.62 99.46 -39.71
CA ASP D 617 44.05 99.76 -39.59
C ASP D 617 44.76 100.17 -40.84
N GLU D 618 45.32 101.39 -40.80
CA GLU D 618 46.02 102.02 -41.91
C GLU D 618 45.04 102.32 -43.01
N ILE D 619 43.87 102.75 -42.59
CA ILE D 619 42.82 103.12 -43.52
C ILE D 619 43.21 104.25 -44.47
N GLU D 620 44.11 105.12 -44.05
CA GLU D 620 44.56 106.25 -44.84
C GLU D 620 45.28 105.87 -46.12
N LYS D 621 45.75 104.61 -46.21
CA LYS D 621 46.46 104.11 -47.37
C LYS D 621 45.51 103.39 -48.33
N ALA D 622 44.28 103.18 -47.88
CA ALA D 622 43.30 102.43 -48.62
C ALA D 622 42.91 103.05 -49.94
N HIS D 623 42.64 102.18 -50.91
CA HIS D 623 42.16 102.55 -52.23
C HIS D 623 40.76 103.20 -52.09
N PRO D 624 40.45 104.27 -52.86
CA PRO D 624 39.16 104.90 -52.87
C PRO D 624 38.12 103.84 -53.15
N ASP D 625 36.98 104.00 -52.49
CA ASP D 625 35.81 103.14 -52.50
C ASP D 625 35.50 102.71 -51.10
N VAL D 626 36.55 102.34 -50.35
CA VAL D 626 36.30 101.81 -49.03
C VAL D 626 35.62 102.82 -48.13
N PHE D 627 35.84 104.11 -48.36
CA PHE D 627 35.21 105.13 -47.56
C PHE D 627 33.85 105.53 -48.06
N ASN D 628 33.42 105.00 -49.20
CA ASN D 628 32.10 105.34 -49.66
C ASN D 628 31.19 104.50 -48.80
N ILE D 629 31.69 103.29 -48.58
CA ILE D 629 30.98 102.29 -47.82
C ILE D 629 31.07 102.57 -46.35
N LEU D 630 32.26 102.84 -45.85
CA LEU D 630 32.37 103.13 -44.45
C LEU D 630 31.61 104.42 -44.15
N LEU D 631 31.55 105.37 -45.08
CA LEU D 631 30.71 106.51 -44.81
C LEU D 631 29.26 106.05 -44.67
N GLN D 632 28.77 105.16 -45.56
CA GLN D 632 27.38 104.67 -45.42
C GLN D 632 27.15 104.11 -44.02
N VAL D 633 28.18 103.51 -43.42
CA VAL D 633 28.02 103.01 -42.08
C VAL D 633 27.70 104.18 -41.14
N LEU D 634 28.39 105.32 -41.29
CA LEU D 634 28.17 106.46 -40.40
C LEU D 634 27.15 107.49 -40.94
N ASP D 635 26.68 107.30 -42.18
CA ASP D 635 25.75 108.21 -42.85
C ASP D 635 24.33 107.95 -42.37
N ASP D 636 23.96 108.64 -41.29
CA ASP D 636 22.71 108.44 -40.56
C ASP D 636 22.53 107.00 -40.10
N GLY D 637 23.64 106.29 -39.95
CA GLY D 637 23.67 104.94 -39.45
C GLY D 637 23.06 103.88 -40.34
N HIS D 638 23.05 104.01 -41.67
CA HIS D 638 22.36 102.96 -42.42
C HIS D 638 23.06 102.10 -43.47
N LEU D 639 24.14 101.45 -43.06
CA LEU D 639 24.63 100.36 -43.88
C LEU D 639 23.86 99.17 -43.34
N THR D 640 23.05 98.54 -44.19
CA THR D 640 22.17 97.47 -43.71
C THR D 640 22.58 96.12 -44.25
N ASP D 641 22.05 95.08 -43.63
CA ASP D 641 22.35 93.68 -43.96
C ASP D 641 21.61 93.20 -45.20
N THR D 642 21.95 91.99 -45.62
CA THR D 642 21.37 91.30 -46.75
C THR D 642 19.86 91.29 -46.67
N LYS D 643 19.34 91.08 -45.47
CA LYS D 643 17.92 90.99 -45.23
C LYS D 643 17.26 92.35 -45.00
N GLY D 644 18.04 93.43 -45.09
CA GLY D 644 17.54 94.79 -44.85
C GLY D 644 17.51 95.14 -43.38
N ARG D 645 17.95 94.21 -42.55
CA ARG D 645 17.95 94.42 -41.13
C ARG D 645 19.07 95.31 -40.65
N THR D 646 18.79 95.92 -39.51
CA THR D 646 19.65 96.81 -38.77
C THR D 646 19.76 96.39 -37.33
N VAL D 647 20.66 97.07 -36.64
CA VAL D 647 20.88 96.86 -35.24
C VAL D 647 20.79 98.17 -34.52
N ASP D 648 20.82 98.10 -33.22
CA ASP D 648 20.83 99.29 -32.40
C ASP D 648 22.22 99.86 -32.56
N PHE D 649 22.38 100.65 -33.61
CA PHE D 649 23.66 101.14 -34.07
C PHE D 649 24.30 102.06 -33.08
N ARG D 650 23.50 102.78 -32.30
CA ARG D 650 24.08 103.67 -31.30
C ARG D 650 24.92 102.93 -30.27
N ASN D 651 24.67 101.63 -30.06
CA ASN D 651 25.45 100.92 -29.07
C ASN D 651 26.71 100.31 -29.65
N THR D 652 26.97 100.48 -30.95
CA THR D 652 28.16 99.91 -31.57
C THR D 652 29.15 101.04 -31.73
N ILE D 653 30.40 100.70 -32.04
CA ILE D 653 31.42 101.72 -32.26
C ILE D 653 32.13 101.46 -33.57
N ILE D 654 32.36 102.49 -34.35
CA ILE D 654 33.12 102.32 -35.56
C ILE D 654 34.48 102.93 -35.28
N ILE D 655 35.55 102.15 -35.26
CA ILE D 655 36.82 102.76 -34.91
C ILE D 655 37.79 102.79 -36.05
N MET D 656 38.19 103.99 -36.40
CA MET D 656 39.10 104.14 -37.50
C MET D 656 40.46 104.28 -36.89
N THR D 657 41.45 103.59 -37.41
CA THR D 657 42.76 103.75 -36.84
C THR D 657 43.72 104.03 -37.98
N SER D 658 44.80 104.70 -37.67
CA SER D 658 45.77 105.04 -38.69
C SER D 658 47.17 105.07 -38.15
N ASN D 659 48.16 104.91 -39.03
CA ASN D 659 49.56 104.94 -38.64
C ASN D 659 50.21 106.23 -39.04
N VAL D 660 49.43 107.28 -39.22
CA VAL D 660 50.06 108.54 -39.60
C VAL D 660 51.01 108.99 -38.49
N GLY D 661 50.72 108.62 -37.24
CA GLY D 661 51.56 108.91 -36.09
C GLY D 661 52.93 108.26 -36.23
N ALA D 662 53.07 107.25 -37.08
CA ALA D 662 54.35 106.62 -37.28
C ALA D 662 55.36 107.66 -37.75
N GLN D 663 54.89 108.66 -38.52
CA GLN D 663 55.78 109.70 -38.97
C GLN D 663 55.52 110.96 -38.16
N GLU D 664 54.25 111.25 -37.91
CA GLU D 664 53.82 112.47 -37.24
C GLU D 664 54.23 112.55 -35.75
N LEU D 665 54.44 111.40 -35.09
CA LEU D 665 54.88 111.49 -33.70
C LEU D 665 56.27 112.12 -33.62
N GLN D 666 57.01 112.28 -34.73
CA GLN D 666 58.27 112.99 -34.56
C GLN D 666 57.98 114.41 -34.06
N ASP D 667 56.89 115.04 -34.54
CA ASP D 667 56.62 116.39 -34.06
C ASP D 667 56.17 116.31 -32.61
N GLN D 668 55.43 115.24 -32.26
CA GLN D 668 55.01 115.03 -30.87
C GLN D 668 56.26 114.97 -29.99
N ARG D 669 57.26 114.24 -30.48
CA ARG D 669 58.54 114.01 -29.86
C ARG D 669 59.24 115.30 -29.53
N GLY D 679 57.86 118.23 -28.84
CA GLY D 679 57.17 119.18 -27.99
C GLY D 679 55.71 119.50 -28.30
N GLN D 680 55.12 118.89 -29.31
CA GLN D 680 53.71 119.17 -29.55
C GLN D 680 52.80 118.39 -28.59
N ASP D 681 51.72 119.05 -28.16
CA ASP D 681 50.72 118.48 -27.24
C ASP D 681 49.60 117.69 -27.94
N TYR D 682 48.58 117.29 -27.17
CA TYR D 682 47.50 116.46 -27.69
C TYR D 682 46.81 117.10 -28.89
N GLU D 683 46.29 118.31 -28.72
CA GLU D 683 45.57 118.90 -29.84
C GLU D 683 46.46 119.22 -31.00
N THR D 684 47.68 119.64 -30.73
CA THR D 684 48.55 120.02 -31.82
C THR D 684 48.86 118.82 -32.72
N ILE D 685 49.18 117.67 -32.13
CA ILE D 685 49.51 116.54 -32.98
C ILE D 685 48.24 116.03 -33.66
N ARG D 686 47.08 116.15 -32.99
CA ARG D 686 45.82 115.73 -33.56
C ARG D 686 45.40 116.53 -34.75
N LYS D 687 45.51 117.83 -34.66
CA LYS D 687 45.11 118.68 -35.76
C LYS D 687 45.98 118.40 -36.97
N THR D 688 47.28 118.19 -36.77
CA THR D 688 48.13 117.90 -37.91
C THR D 688 47.81 116.53 -38.51
N MET D 689 47.70 115.51 -37.67
CA MET D 689 47.44 114.18 -38.19
C MET D 689 46.08 114.06 -38.85
N LEU D 690 45.04 114.67 -38.26
CA LEU D 690 43.73 114.57 -38.84
C LEU D 690 43.70 115.31 -40.18
N LYS D 691 44.32 116.50 -40.24
CA LYS D 691 44.38 117.25 -41.49
C LYS D 691 45.04 116.42 -42.58
N GLU D 692 46.15 115.76 -42.26
CA GLU D 692 46.81 114.94 -43.27
C GLU D 692 45.93 113.74 -43.66
N LEU D 693 45.20 113.18 -42.70
CA LEU D 693 44.33 112.07 -43.06
C LEU D 693 43.29 112.48 -44.07
N LYS D 694 42.73 113.66 -43.92
CA LYS D 694 41.68 114.12 -44.82
C LYS D 694 42.05 114.07 -46.30
N ASN D 695 43.34 114.04 -46.63
CA ASN D 695 43.75 114.01 -48.02
C ASN D 695 43.24 112.76 -48.77
N SER D 696 43.00 111.64 -48.07
CA SER D 696 42.53 110.40 -48.72
C SER D 696 41.14 109.91 -48.24
N PHE D 697 40.35 110.75 -47.55
CA PHE D 697 39.02 110.35 -47.05
C PHE D 697 37.93 111.31 -47.36
N ARG D 698 36.70 110.83 -47.45
CA ARG D 698 35.63 111.80 -47.45
C ARG D 698 35.66 112.44 -46.06
N PRO D 699 35.65 113.79 -45.96
CA PRO D 699 35.62 114.51 -44.69
C PRO D 699 34.49 114.03 -43.81
N GLU D 700 33.36 113.65 -44.41
CA GLU D 700 32.20 113.17 -43.67
C GLU D 700 32.51 111.94 -42.84
N PHE D 701 33.36 111.04 -43.33
CA PHE D 701 33.63 109.85 -42.53
C PHE D 701 34.36 110.33 -41.31
N LEU D 702 35.37 111.16 -41.54
CA LEU D 702 36.19 111.69 -40.47
C LEU D 702 35.39 112.64 -39.56
N ASN D 703 34.31 113.24 -40.10
CA ASN D 703 33.45 114.17 -39.39
C ASN D 703 32.14 113.57 -38.82
N ARG D 704 32.01 112.26 -38.78
CA ARG D 704 30.85 111.60 -38.15
C ARG D 704 31.40 110.80 -37.02
N VAL D 705 32.44 111.38 -36.48
CA VAL D 705 33.26 110.92 -35.41
C VAL D 705 32.97 111.65 -34.12
N ASP D 706 32.57 110.90 -33.10
CA ASP D 706 32.28 111.43 -31.78
C ASP D 706 33.53 112.07 -31.18
N ASP D 707 34.71 111.50 -31.49
CA ASP D 707 35.97 112.11 -31.04
C ASP D 707 37.21 111.62 -31.77
N ILE D 708 38.20 112.51 -31.85
CA ILE D 708 39.49 112.18 -32.44
C ILE D 708 40.58 112.09 -31.37
N ILE D 709 41.19 110.93 -31.38
CA ILE D 709 42.15 110.50 -30.42
C ILE D 709 43.56 110.36 -30.86
N VAL D 710 44.41 111.04 -30.12
CA VAL D 710 45.83 110.97 -30.35
C VAL D 710 46.50 110.59 -29.08
N PHE D 711 47.75 110.22 -29.18
CA PHE D 711 48.47 109.85 -28.01
C PHE D 711 49.43 110.97 -27.66
N HIS D 712 49.01 111.80 -26.71
CA HIS D 712 49.71 113.03 -26.36
C HIS D 712 51.21 112.86 -26.57
N LYS D 713 57.31 107.32 -32.95
CA LYS D 713 58.52 108.09 -32.69
C LYS D 713 58.46 108.86 -31.37
N LEU D 714 58.07 108.18 -30.31
CA LEU D 714 57.95 108.78 -28.97
C LEU D 714 59.26 108.98 -28.22
N THR D 715 59.23 109.94 -27.28
CA THR D 715 60.38 110.26 -26.44
C THR D 715 60.60 109.27 -25.32
N LYS D 716 61.78 109.33 -24.73
CA LYS D 716 62.11 108.49 -23.61
C LYS D 716 61.12 108.60 -22.48
N GLU D 717 60.64 109.81 -22.17
CA GLU D 717 59.70 109.94 -21.08
C GLU D 717 58.35 109.33 -21.44
N GLU D 718 57.88 109.49 -22.69
CA GLU D 718 56.60 108.85 -23.00
C GLU D 718 56.78 107.34 -22.99
N LEU D 719 57.94 106.89 -23.45
CA LEU D 719 58.21 105.46 -23.49
C LEU D 719 58.31 104.99 -22.03
N LYS D 720 58.90 105.81 -21.16
CA LYS D 720 58.99 105.48 -19.74
C LYS D 720 57.57 105.32 -19.20
N GLU D 721 56.66 106.22 -19.59
CA GLU D 721 55.27 106.12 -19.14
C GLU D 721 54.63 104.84 -19.67
N ILE D 722 54.97 104.41 -20.88
CA ILE D 722 54.50 103.14 -21.42
C ILE D 722 55.06 101.98 -20.60
N VAL D 723 56.34 102.04 -20.23
CA VAL D 723 56.90 100.99 -19.39
C VAL D 723 56.16 100.95 -18.07
N THR D 724 55.94 102.13 -17.52
CA THR D 724 55.22 102.27 -16.27
C THR D 724 53.84 101.68 -16.42
N MET D 725 53.16 101.97 -17.51
CA MET D 725 51.84 101.43 -17.78
C MET D 725 51.82 99.91 -17.72
N MET D 726 52.78 99.25 -18.34
CA MET D 726 52.79 97.79 -18.26
C MET D 726 52.99 97.32 -16.81
N VAL D 727 53.98 97.89 -16.14
CA VAL D 727 54.26 97.47 -14.78
C VAL D 727 53.06 97.87 -13.89
N ASN D 728 52.51 99.06 -14.12
CA ASN D 728 51.35 99.60 -13.41
C ASN D 728 50.15 98.67 -13.55
N LYS D 729 49.83 98.23 -14.76
CA LYS D 729 48.69 97.33 -14.95
C LYS D 729 48.88 96.07 -14.16
N LEU D 730 50.09 95.55 -14.11
CA LEU D 730 50.29 94.37 -13.30
C LEU D 730 50.02 94.76 -11.86
N THR D 731 50.53 95.90 -11.43
CA THR D 731 50.32 96.32 -10.05
C THR D 731 48.85 96.52 -9.71
N ASN D 732 48.08 97.15 -10.59
CA ASN D 732 46.67 97.42 -10.31
C ASN D 732 45.88 96.15 -10.00
N ARG D 733 46.22 95.04 -10.65
CA ARG D 733 45.55 93.77 -10.45
C ARG D 733 46.05 93.01 -9.22
N LEU D 734 47.12 93.52 -8.61
CA LEU D 734 47.80 92.89 -7.50
C LEU D 734 47.77 93.71 -6.20
N SER D 735 47.54 95.02 -6.32
CA SER D 735 47.53 95.96 -5.19
C SER D 735 46.27 96.80 -5.22
N GLU D 736 45.22 96.27 -5.82
CA GLU D 736 43.95 96.97 -5.93
C GLU D 736 43.58 97.62 -4.62
N GLN D 737 49.40 88.32 -4.99
CA GLN D 737 48.69 89.43 -4.39
C GLN D 737 49.45 90.07 -3.24
N ASN D 738 49.39 91.40 -3.17
CA ASN D 738 50.02 92.21 -2.13
C ASN D 738 51.53 91.98 -1.96
N ILE D 739 52.22 91.72 -3.07
CA ILE D 739 53.66 91.55 -3.15
C ILE D 739 54.03 92.43 -4.33
N ASN D 740 55.05 93.25 -4.22
CA ASN D 740 55.32 94.08 -5.40
C ASN D 740 56.20 93.42 -6.48
N ILE D 741 55.83 93.68 -7.74
CA ILE D 741 56.65 93.27 -8.89
C ILE D 741 57.49 94.43 -9.30
N ILE D 742 58.77 94.41 -8.97
CA ILE D 742 59.52 95.58 -9.26
C ILE D 742 60.55 95.42 -10.35
N VAL D 743 60.35 96.21 -11.38
CA VAL D 743 61.28 96.33 -12.47
C VAL D 743 62.19 97.43 -11.97
N THR D 744 63.48 97.20 -11.95
CA THR D 744 64.40 98.21 -11.43
C THR D 744 64.23 99.52 -12.20
N ASP D 745 64.16 100.67 -11.51
CA ASP D 745 63.98 101.95 -12.22
C ASP D 745 65.03 102.15 -13.31
N LYS D 746 66.26 101.73 -13.07
CA LYS D 746 67.26 101.89 -14.12
C LYS D 746 66.85 101.02 -15.31
N ALA D 747 66.34 99.82 -15.03
CA ALA D 747 65.89 98.91 -16.07
C ALA D 747 64.72 99.51 -16.82
N LYS D 748 63.83 100.23 -16.13
CA LYS D 748 62.68 100.78 -16.82
C LYS D 748 63.13 101.76 -17.90
N ASP D 749 64.14 102.59 -17.60
CA ASP D 749 64.62 103.46 -18.65
C ASP D 749 65.28 102.68 -19.77
N LYS D 750 66.04 101.64 -19.43
CA LYS D 750 66.69 100.87 -20.49
C LYS D 750 65.65 100.20 -21.39
N ILE D 751 64.58 99.72 -20.79
CA ILE D 751 63.50 99.08 -21.51
C ILE D 751 62.82 100.12 -22.43
N ALA D 752 62.54 101.32 -21.89
CA ALA D 752 61.88 102.39 -22.65
C ALA D 752 62.68 102.73 -23.90
N GLU D 753 63.99 102.73 -23.81
CA GLU D 753 64.84 103.02 -24.94
C GLU D 753 65.01 101.84 -25.92
N GLU D 754 65.24 100.62 -25.41
CA GLU D 754 65.48 99.48 -26.29
C GLU D 754 64.27 98.94 -27.02
N GLY D 755 63.18 98.69 -26.30
CA GLY D 755 62.03 98.03 -26.90
C GLY D 755 61.15 98.94 -27.74
N TYR D 756 61.73 99.65 -28.69
CA TYR D 756 60.89 100.56 -29.42
C TYR D 756 61.20 100.62 -30.90
N ASP D 757 60.13 100.54 -31.68
CA ASP D 757 60.22 100.65 -33.13
C ASP D 757 59.58 101.97 -33.54
N PRO D 758 60.36 102.98 -33.95
CA PRO D 758 59.92 104.30 -34.30
C PRO D 758 58.71 104.34 -35.23
N GLU D 759 58.55 103.36 -36.13
CA GLU D 759 57.41 103.41 -37.03
C GLU D 759 56.38 102.35 -36.70
N TYR D 760 56.81 101.14 -36.39
CA TYR D 760 55.81 100.14 -36.06
C TYR D 760 55.04 100.58 -34.84
N GLY D 761 55.76 100.98 -33.79
CA GLY D 761 55.14 101.40 -32.55
C GLY D 761 55.86 100.92 -31.32
N ALA D 762 55.23 101.18 -30.17
CA ALA D 762 55.71 100.83 -28.85
C ALA D 762 55.22 99.46 -28.43
N ARG D 763 54.53 98.74 -29.30
CA ARG D 763 54.10 97.44 -28.84
C ARG D 763 55.31 96.65 -28.37
N PRO D 764 56.48 96.65 -29.09
CA PRO D 764 57.66 95.97 -28.66
C PRO D 764 58.09 96.43 -27.28
N LEU D 765 57.74 97.64 -26.86
CA LEU D 765 58.09 98.11 -25.54
C LEU D 765 57.32 97.39 -24.48
N ILE D 766 56.04 97.26 -24.74
CA ILE D 766 55.18 96.62 -23.79
C ILE D 766 55.66 95.18 -23.71
N ARG D 767 55.86 94.59 -24.89
CA ARG D 767 56.34 93.23 -25.01
C ARG D 767 57.77 93.08 -24.47
N ALA D 768 58.62 94.11 -24.58
CA ALA D 768 60.00 94.07 -24.06
C ALA D 768 59.94 93.85 -22.57
N ILE D 769 58.92 94.40 -21.93
CA ILE D 769 58.79 94.19 -20.52
C ILE D 769 58.40 92.73 -20.36
N GLN D 770 57.42 92.27 -21.16
CA GLN D 770 56.96 90.89 -21.07
C GLN D 770 58.12 89.88 -21.23
N LYS D 771 59.06 90.21 -22.12
CA LYS D 771 60.28 89.44 -22.39
C LYS D 771 61.09 89.13 -21.14
N THR D 772 61.17 90.08 -20.19
CA THR D 772 61.99 89.86 -19.00
C THR D 772 61.19 89.89 -17.72
N ILE D 773 59.97 90.45 -17.74
CA ILE D 773 59.21 90.49 -16.51
C ILE D 773 58.58 89.13 -16.30
N GLU D 774 58.25 88.37 -17.37
CA GLU D 774 57.56 87.10 -17.12
C GLU D 774 58.47 85.92 -16.78
N ASP D 775 59.56 85.71 -17.51
CA ASP D 775 60.46 84.61 -17.16
C ASP D 775 60.81 84.76 -15.66
N ASN D 776 61.08 86.01 -15.31
CA ASN D 776 61.42 86.50 -14.01
C ASN D 776 60.23 87.06 -13.23
N LEU D 777 59.07 86.47 -13.44
CA LEU D 777 57.90 86.70 -12.60
C LEU D 777 57.32 85.41 -12.22
N SER D 778 57.02 84.59 -13.23
CA SER D 778 56.27 83.37 -13.02
C SER D 778 56.91 82.01 -13.32
N GLU D 779 58.07 81.88 -13.97
CA GLU D 779 58.43 80.50 -14.30
C GLU D 779 58.62 79.56 -13.07
N LEU D 780 59.27 80.02 -12.01
CA LEU D 780 59.53 79.16 -10.86
C LEU D 780 58.30 78.99 -9.96
N ILE D 781 57.11 79.46 -10.43
CA ILE D 781 55.81 79.31 -9.75
C ILE D 781 55.52 77.86 -9.52
N LEU D 782 56.26 77.01 -10.23
CA LEU D 782 56.16 75.60 -10.10
C LEU D 782 56.11 75.28 -8.61
N ASP D 783 56.97 75.91 -7.78
CA ASP D 783 56.83 75.67 -6.35
C ASP D 783 56.29 76.95 -5.66
N GLY D 784 56.81 78.13 -6.05
CA GLY D 784 56.43 79.42 -5.47
C GLY D 784 57.25 79.84 -4.22
N ASN D 785 57.67 81.12 -4.11
CA ASN D 785 58.44 81.56 -2.92
C ASN D 785 57.99 82.74 -2.00
N GLN D 786 57.83 83.99 -2.51
CA GLN D 786 57.61 85.19 -1.65
C GLN D 786 56.22 85.30 -1.04
N ILE D 787 56.14 85.97 0.11
CA ILE D 787 54.87 86.14 0.82
C ILE D 787 54.38 87.59 0.88
N GLU D 788 53.11 87.73 1.25
CA GLU D 788 52.41 89.00 1.30
C GLU D 788 53.06 90.02 2.22
N GLY D 789 53.07 91.27 1.76
CA GLY D 789 53.62 92.39 2.51
C GLY D 789 55.08 92.62 2.14
N LYS D 790 55.65 91.71 1.36
CA LYS D 790 57.03 91.79 0.93
C LYS D 790 57.10 92.27 -0.50
N LYS D 791 58.30 92.52 -0.98
CA LYS D 791 58.45 92.97 -2.36
C LYS D 791 59.68 92.34 -2.96
N VAL D 792 59.69 92.20 -4.28
CA VAL D 792 60.87 91.65 -4.89
C VAL D 792 61.43 92.61 -5.92
N THR D 793 62.68 93.00 -5.70
CA THR D 793 63.39 93.91 -6.58
C THR D 793 64.82 93.45 -6.76
N VAL D 794 65.62 94.26 -7.45
CA VAL D 794 67.01 93.98 -7.78
C VAL D 794 67.66 95.15 -8.53
N ARG E 5 18.67 -29.13 38.65
CA ARG E 5 20.12 -28.97 38.47
C ARG E 5 20.61 -27.75 39.22
N LEU E 6 20.62 -26.60 38.55
CA LEU E 6 21.05 -25.36 39.18
C LEU E 6 20.05 -24.23 39.00
N THR E 7 20.33 -23.17 39.71
CA THR E 7 19.62 -21.91 39.67
C THR E 7 19.90 -21.22 38.37
N GLU E 8 19.20 -20.13 38.08
CA GLU E 8 19.53 -19.37 36.87
C GLU E 8 21.03 -19.11 36.86
N ARG E 9 21.62 -18.75 38.00
CA ARG E 9 23.04 -18.60 37.98
C ARG E 9 23.53 -20.02 37.77
N ALA E 10 24.42 -20.19 36.79
CA ALA E 10 25.01 -21.46 36.34
C ALA E 10 24.03 -22.39 35.60
N GLN E 11 22.81 -21.92 35.30
CA GLN E 11 21.91 -22.66 34.46
C GLN E 11 21.75 -21.87 33.18
N ARG E 12 21.60 -20.55 33.30
CA ARG E 12 21.42 -19.68 32.14
C ARG E 12 22.61 -19.82 31.21
N VAL E 13 23.80 -19.93 31.79
CA VAL E 13 25.04 -20.09 31.04
C VAL E 13 25.00 -21.37 30.20
N LEU E 14 24.27 -22.38 30.63
CA LEU E 14 24.18 -23.60 29.89
C LEU E 14 23.22 -23.39 28.74
N ALA E 15 22.09 -22.76 29.04
CA ALA E 15 21.12 -22.50 28.00
C ALA E 15 21.75 -21.62 26.93
N HIS E 16 22.50 -20.59 27.34
CA HIS E 16 23.14 -19.71 26.39
C HIS E 16 24.19 -20.45 25.61
N ALA E 17 24.92 -21.32 26.29
CA ALA E 17 25.95 -22.06 25.62
C ALA E 17 25.38 -22.87 24.47
N GLN E 18 24.20 -23.45 24.66
CA GLN E 18 23.66 -24.21 23.57
C GLN E 18 23.07 -23.28 22.56
N GLU E 19 22.45 -22.18 22.98
CA GLU E 19 21.87 -21.30 21.97
C GLU E 19 22.97 -20.88 21.01
N GLU E 20 24.13 -20.52 21.51
CA GLU E 20 25.16 -20.10 20.58
C GLU E 20 25.54 -21.27 19.70
N ALA E 21 25.58 -22.48 20.26
CA ALA E 21 25.82 -23.64 19.42
C ALA E 21 24.73 -23.75 18.33
N ILE E 22 23.49 -23.34 18.62
CA ILE E 22 22.41 -23.40 17.64
C ILE E 22 21.93 -22.01 17.16
N ARG E 23 22.82 -21.02 17.20
CA ARG E 23 22.59 -19.70 16.61
C ARG E 23 23.70 -19.49 15.62
N LEU E 24 24.90 -19.92 16.02
CA LEU E 24 26.07 -19.83 15.18
C LEU E 24 26.15 -21.13 14.35
N ASN E 25 25.34 -22.08 14.81
CA ASN E 25 25.03 -23.40 14.24
C ASN E 25 26.11 -24.45 13.92
N HIS E 26 27.15 -24.65 14.73
CA HIS E 26 28.07 -25.74 14.40
C HIS E 26 27.42 -27.05 14.90
N SER E 27 28.01 -28.21 14.58
CA SER E 27 27.39 -29.51 14.94
C SER E 27 27.55 -30.14 16.34
N ASN E 28 28.40 -29.64 17.23
CA ASN E 28 28.54 -30.31 18.53
C ASN E 28 28.51 -29.26 19.61
N ILE E 29 28.81 -29.60 20.85
CA ILE E 29 28.94 -28.61 21.88
C ILE E 29 30.38 -28.83 22.45
N GLY E 30 31.17 -27.76 22.57
CA GLY E 30 32.55 -27.92 23.06
C GLY E 30 32.64 -27.77 24.58
N THR E 31 33.82 -27.97 25.18
CA THR E 31 33.88 -27.79 26.64
C THR E 31 33.78 -26.29 26.94
N GLU E 32 34.25 -25.51 25.96
CA GLU E 32 34.27 -24.05 25.94
C GLU E 32 32.87 -23.49 25.80
N HIS E 33 31.87 -24.35 25.67
CA HIS E 33 30.54 -23.87 25.52
C HIS E 33 30.12 -23.02 26.70
N LEU E 34 30.69 -23.20 27.89
CA LEU E 34 30.23 -22.35 28.97
C LEU E 34 30.92 -20.99 28.97
N LEU E 35 31.80 -20.78 27.99
CA LEU E 35 32.43 -19.49 27.84
C LEU E 35 31.47 -18.77 26.91
N LEU E 36 30.87 -19.53 25.94
CA LEU E 36 29.86 -19.00 25.00
C LEU E 36 28.68 -18.55 25.84
N GLY E 37 28.44 -19.31 26.89
CA GLY E 37 27.38 -19.09 27.82
C GLY E 37 27.44 -17.73 28.52
N LEU E 38 28.62 -17.12 28.58
CA LEU E 38 28.79 -15.85 29.25
C LEU E 38 28.90 -14.73 28.23
N MET E 39 29.61 -14.97 27.13
CA MET E 39 29.78 -13.93 26.13
C MET E 39 28.89 -14.19 24.91
N LYS E 40 27.95 -13.30 24.67
CA LYS E 40 26.98 -13.42 23.56
C LYS E 40 27.46 -12.77 22.25
N GLU E 41 28.62 -12.14 22.31
CA GLU E 41 29.14 -11.40 21.17
C GLU E 41 30.63 -11.66 20.99
N PRO E 42 31.19 -11.49 19.77
CA PRO E 42 32.62 -11.46 19.40
C PRO E 42 33.30 -10.18 19.90
N GLU E 43 32.46 -9.26 20.37
CA GLU E 43 32.81 -7.94 20.86
C GLU E 43 33.43 -8.04 22.24
N GLY E 44 33.89 -6.93 22.80
CA GLY E 44 34.52 -6.95 24.13
C GLY E 44 33.65 -7.55 25.25
N ILE E 45 32.34 -7.73 25.02
CA ILE E 45 31.42 -8.30 25.99
C ILE E 45 32.19 -9.17 26.99
N ALA E 46 35.77 -6.08 28.07
CA ALA E 46 36.96 -6.35 28.86
C ALA E 46 36.73 -6.07 30.35
N ALA E 47 35.98 -6.94 31.04
CA ALA E 47 35.79 -6.74 32.48
C ALA E 47 35.56 -8.05 33.23
N LYS E 48 35.79 -9.16 32.55
CA LYS E 48 35.64 -10.50 33.11
C LYS E 48 36.64 -10.84 34.21
N VAL E 49 36.23 -11.73 35.10
CA VAL E 49 37.04 -12.28 36.19
C VAL E 49 38.49 -12.60 35.80
N LEU E 50 38.70 -13.21 34.64
CA LEU E 50 40.03 -13.62 34.20
C LEU E 50 40.69 -12.67 33.19
N GLU E 51 40.02 -11.57 32.86
CA GLU E 51 40.48 -10.62 31.86
C GLU E 51 41.83 -10.07 32.21
N SER E 52 42.01 -9.78 33.49
CA SER E 52 43.23 -9.20 33.99
C SER E 52 44.26 -10.26 34.38
N PHE E 53 43.94 -11.54 34.16
CA PHE E 53 44.85 -12.61 34.53
C PHE E 53 45.73 -12.92 33.32
N ASN E 54 45.11 -13.32 32.21
CA ASN E 54 45.87 -13.60 30.99
C ASN E 54 44.99 -13.63 29.73
N ILE E 55 43.79 -14.17 29.90
CA ILE E 55 42.89 -14.37 28.79
C ILE E 55 41.65 -13.52 28.92
N THR E 56 41.51 -12.66 27.95
CA THR E 56 40.43 -11.72 27.84
C THR E 56 39.29 -12.31 27.05
N GLU E 57 38.13 -11.66 27.15
CA GLU E 57 36.96 -12.13 26.44
C GLU E 57 37.21 -12.19 24.96
N ASP E 58 37.98 -11.24 24.41
CA ASP E 58 38.21 -11.16 22.98
C ASP E 58 39.24 -12.14 22.42
N LYS E 59 39.81 -12.99 23.27
CA LYS E 59 40.69 -14.03 22.77
C LYS E 59 39.81 -15.24 22.61
N VAL E 60 38.98 -15.47 23.62
CA VAL E 60 38.12 -16.64 23.58
C VAL E 60 37.10 -16.53 22.48
N ILE E 61 36.38 -15.43 22.45
CA ILE E 61 35.29 -15.29 21.51
C ILE E 61 35.72 -15.10 20.07
N GLU E 62 36.87 -14.54 19.79
CA GLU E 62 37.15 -14.43 18.37
C GLU E 62 37.37 -15.85 17.81
N GLU E 63 38.12 -16.69 18.53
CA GLU E 63 38.33 -18.02 17.98
C GLU E 63 37.07 -18.90 18.14
N VAL E 64 36.41 -18.80 19.28
CA VAL E 64 35.24 -19.60 19.55
C VAL E 64 34.06 -19.22 18.65
N GLU E 65 33.84 -17.91 18.41
CA GLU E 65 32.75 -17.46 17.53
C GLU E 65 32.94 -18.10 16.16
N LYS E 66 34.19 -18.12 15.68
CA LYS E 66 34.45 -18.71 14.38
C LYS E 66 34.18 -20.22 14.36
N LEU E 67 34.59 -20.95 15.40
CA LEU E 67 34.31 -22.38 15.37
C LEU E 67 32.84 -22.69 15.48
N ILE E 68 32.23 -22.14 16.51
CA ILE E 68 30.88 -22.47 16.86
C ILE E 68 29.84 -21.81 15.98
N THR E 77 24.16 -30.99 18.17
CA THR E 77 24.55 -30.36 19.42
C THR E 77 23.93 -31.19 20.54
N LEU E 78 24.45 -32.40 20.72
CA LEU E 78 23.92 -33.34 21.70
C LEU E 78 24.81 -33.45 22.93
N HIS E 79 26.11 -33.44 22.69
CA HIS E 79 27.08 -33.59 23.75
C HIS E 79 27.98 -32.40 23.77
N TYR E 80 28.46 -32.11 24.97
CA TYR E 80 29.30 -30.96 25.27
C TYR E 80 30.73 -31.29 25.54
N THR E 81 31.24 -32.26 24.79
CA THR E 81 32.60 -32.66 25.04
C THR E 81 32.69 -32.95 26.54
N PRO E 82 32.03 -34.03 27.00
CA PRO E 82 31.77 -34.41 28.38
C PRO E 82 32.91 -34.24 29.40
N ARG E 83 34.13 -33.94 28.95
CA ARG E 83 35.26 -33.73 29.84
C ARG E 83 34.87 -32.61 30.80
N ALA E 84 34.08 -31.68 30.26
CA ALA E 84 33.58 -30.49 30.94
C ALA E 84 32.76 -30.83 32.17
N LYS E 85 32.24 -32.05 32.30
CA LYS E 85 31.47 -32.38 33.49
C LYS E 85 32.30 -32.14 34.77
N LYS E 86 33.62 -32.29 34.68
CA LYS E 86 34.51 -32.09 35.82
C LYS E 86 34.31 -30.70 36.40
N VAL E 87 33.85 -29.76 35.59
CA VAL E 87 33.63 -28.43 36.04
C VAL E 87 32.57 -28.43 37.14
N ILE E 88 31.42 -29.11 36.95
CA ILE E 88 30.42 -29.03 38.02
C ILE E 88 30.90 -29.76 39.25
N GLU E 89 31.67 -30.83 39.05
CA GLU E 89 32.19 -31.58 40.17
C GLU E 89 33.04 -30.68 41.06
N LEU E 90 33.96 -29.95 40.43
CA LEU E 90 34.83 -29.06 41.17
C LEU E 90 34.09 -27.86 41.73
N SER E 91 33.20 -27.29 40.92
CA SER E 91 32.46 -26.09 41.27
C SER E 91 31.57 -26.27 42.48
N MET E 92 30.96 -27.44 42.61
CA MET E 92 30.09 -27.72 43.74
C MET E 92 30.81 -27.60 45.09
N ASP E 93 32.11 -27.85 45.15
CA ASP E 93 32.79 -27.77 46.45
C ASP E 93 33.13 -26.34 46.82
N GLU E 94 32.93 -25.41 45.88
CA GLU E 94 33.22 -24.02 46.12
C GLU E 94 32.00 -23.32 46.66
N ALA E 95 30.86 -24.03 46.76
CA ALA E 95 29.66 -23.41 47.29
C ALA E 95 29.94 -22.97 48.73
N ARG E 96 30.75 -23.78 49.40
CA ARG E 96 31.12 -23.59 50.78
C ARG E 96 32.27 -22.60 50.97
N LYS E 97 32.78 -22.05 49.87
CA LYS E 97 33.89 -21.12 49.94
C LYS E 97 33.45 -19.72 49.54
N LEU E 98 32.50 -19.63 48.59
CA LEU E 98 32.07 -18.32 48.09
C LEU E 98 30.76 -17.86 48.72
N HIS E 99 30.26 -18.58 49.72
CA HIS E 99 29.02 -18.23 50.42
C HIS E 99 27.74 -18.20 49.58
N HIS E 100 27.52 -19.23 48.77
CA HIS E 100 26.30 -19.32 47.98
C HIS E 100 25.75 -20.74 48.16
N ASN E 101 24.45 -20.93 47.97
CA ASN E 101 23.89 -22.28 48.14
C ASN E 101 24.20 -23.21 46.97
N PHE E 102 24.16 -22.66 45.77
CA PHE E 102 24.42 -23.45 44.57
C PHE E 102 25.48 -22.87 43.73
N VAL E 103 26.05 -23.76 42.95
CA VAL E 103 26.98 -23.36 41.95
C VAL E 103 26.32 -22.30 41.09
N GLY E 104 26.95 -21.12 41.04
CA GLY E 104 26.50 -20.00 40.25
C GLY E 104 27.61 -19.75 39.24
N THR E 105 27.62 -18.60 38.57
CA THR E 105 28.67 -18.40 37.58
C THR E 105 30.07 -18.41 38.19
N GLU E 106 30.29 -17.75 39.35
CA GLU E 106 31.63 -17.75 39.90
C GLU E 106 32.17 -19.17 40.17
N HIS E 107 31.27 -20.06 40.59
CA HIS E 107 31.65 -21.41 40.89
C HIS E 107 31.99 -22.10 39.60
N ILE E 108 31.18 -21.85 38.57
CA ILE E 108 31.45 -22.46 37.29
C ILE E 108 32.82 -22.01 36.82
N LEU E 109 33.16 -20.73 36.97
CA LEU E 109 34.46 -20.28 36.52
C LEU E 109 35.55 -21.05 37.23
N LEU E 110 35.39 -21.28 38.53
CA LEU E 110 36.39 -22.04 39.26
C LEU E 110 36.51 -23.49 38.83
N GLY E 111 35.47 -24.08 38.24
CA GLY E 111 35.60 -25.44 37.77
C GLY E 111 36.06 -25.47 36.29
N LEU E 112 35.74 -24.41 35.53
CA LEU E 112 36.04 -24.30 34.10
C LEU E 112 37.51 -24.33 33.84
N ASN E 116 39.57 -26.29 34.65
CA ASN E 116 40.11 -27.61 34.42
C ASN E 116 39.96 -28.04 32.95
N GLU E 117 38.73 -28.09 32.46
CA GLU E 117 38.43 -28.51 31.07
C GLU E 117 37.66 -27.51 30.23
N GLY E 118 36.98 -26.56 30.86
CA GLY E 118 36.07 -25.63 30.19
C GLY E 118 36.85 -24.49 29.57
N VAL E 119 37.74 -24.85 28.68
CA VAL E 119 38.63 -23.90 28.10
C VAL E 119 38.55 -24.02 26.60
N ALA E 120 38.91 -22.97 25.89
CA ALA E 120 38.93 -23.07 24.44
C ALA E 120 40.17 -23.84 24.08
N ALA E 121 40.05 -25.17 24.16
CA ALA E 121 41.19 -26.09 24.07
C ALA E 121 41.76 -26.23 22.67
N ARG E 122 42.37 -25.14 22.23
CA ARG E 122 43.05 -24.95 20.95
C ARG E 122 44.52 -25.14 21.23
N VAL E 123 45.36 -25.18 20.20
CA VAL E 123 46.80 -25.29 20.46
C VAL E 123 47.17 -24.14 21.39
N PHE E 124 46.79 -22.91 21.02
CA PHE E 124 46.86 -21.85 21.98
C PHE E 124 45.51 -21.86 22.62
N ALA E 125 45.40 -22.40 23.79
CA ALA E 125 44.09 -22.44 24.32
C ALA E 125 43.75 -21.11 24.90
N ASN E 126 42.54 -20.65 24.65
CA ASN E 126 42.11 -19.42 25.27
C ASN E 126 41.54 -19.89 26.58
N LEU E 127 42.45 -20.02 27.50
CA LEU E 127 42.23 -20.64 28.79
C LEU E 127 41.43 -19.91 29.78
N ASP E 128 40.70 -20.71 30.53
CA ASP E 128 40.02 -20.27 31.71
C ASP E 128 41.12 -20.60 32.74
N LEU E 129 41.72 -19.55 33.24
CA LEU E 129 42.93 -19.56 34.06
C LEU E 129 42.68 -19.92 35.53
N ASN E 130 43.63 -20.66 36.13
CA ASN E 130 43.48 -21.26 37.46
C ASN E 130 43.24 -20.47 38.76
N ILE E 131 44.17 -19.59 39.19
CA ILE E 131 43.99 -18.94 40.50
C ILE E 131 44.02 -17.42 40.60
N THR E 132 45.05 -16.79 40.06
CA THR E 132 45.34 -15.37 40.33
C THR E 132 44.10 -14.48 40.35
N LYS E 133 43.28 -14.53 39.33
CA LYS E 133 42.09 -13.71 39.30
C LYS E 133 40.90 -14.63 39.43
N ALA E 134 41.10 -15.91 39.12
CA ALA E 134 40.03 -16.88 39.18
C ALA E 134 39.45 -16.94 40.56
N ARG E 135 40.31 -16.76 41.57
CA ARG E 135 39.87 -16.72 42.94
C ARG E 135 39.72 -15.29 43.41
N ALA E 136 40.67 -14.43 43.14
CA ALA E 136 40.57 -13.07 43.64
C ALA E 136 39.30 -12.34 43.19
N GLN E 137 38.86 -12.59 41.97
CA GLN E 137 37.68 -11.88 41.47
C GLN E 137 36.37 -12.62 41.75
N VAL E 138 36.43 -13.77 42.44
CA VAL E 138 35.21 -14.49 42.79
C VAL E 138 35.02 -14.51 44.29
N VAL E 139 36.09 -14.28 45.06
CA VAL E 139 35.95 -14.20 46.53
C VAL E 139 35.22 -12.89 46.86
N LYS E 140 35.07 -12.06 45.84
CA LYS E 140 34.39 -10.78 45.77
C LYS E 140 32.93 -11.00 45.32
N ALA E 141 32.52 -12.28 45.24
CA ALA E 141 31.17 -12.66 44.87
C ALA E 141 30.26 -12.06 45.88
N LEU E 142 28.99 -11.90 45.54
CA LEU E 142 28.22 -11.26 46.57
C LEU E 142 27.93 -12.15 47.78
N GLY E 143 28.06 -13.46 47.67
CA GLY E 143 27.90 -14.29 48.85
C GLY E 143 26.50 -14.36 49.41
N ASN E 144 26.41 -14.47 50.74
CA ASN E 144 25.14 -14.67 51.42
C ASN E 144 24.04 -13.64 51.10
N PRO E 145 24.34 -12.33 50.94
CA PRO E 145 23.38 -11.32 50.52
C PRO E 145 22.73 -11.64 49.18
N GLU E 146 23.35 -12.50 48.38
CA GLU E 146 22.81 -12.88 47.08
C GLU E 146 22.77 -14.40 46.96
N MET E 147 21.96 -15.03 47.78
CA MET E 147 21.83 -16.47 47.63
C MET E 147 20.69 -16.85 46.74
N SER E 148 19.61 -16.06 46.73
CA SER E 148 18.43 -16.54 46.04
C SER E 148 17.42 -15.58 45.44
N ASN E 149 16.66 -16.17 44.51
CA ASN E 149 15.46 -15.69 43.86
C ASN E 149 15.50 -14.54 42.84
N LYS E 150 16.65 -13.93 42.47
CA LYS E 150 16.50 -12.83 41.49
C LYS E 150 16.93 -13.09 40.04
N ASN E 151 18.22 -13.33 39.80
CA ASN E 151 18.70 -13.47 38.41
C ASN E 151 20.01 -14.24 38.21
N ALA E 152 20.48 -14.22 36.95
CA ALA E 152 21.72 -14.82 36.47
C ALA E 152 22.94 -13.95 36.67
N GLN E 153 24.10 -14.60 36.66
CA GLN E 153 25.36 -13.89 36.61
C GLN E 153 26.09 -14.41 35.39
N ALA E 154 25.33 -14.92 34.43
CA ALA E 154 25.88 -15.50 33.20
C ALA E 154 26.20 -14.41 32.20
N SER E 155 27.22 -13.62 32.52
CA SER E 155 27.57 -12.46 31.71
C SER E 155 29.05 -12.06 31.79
N LYS E 156 29.35 -10.89 31.21
CA LYS E 156 30.69 -10.30 31.08
C LYS E 156 31.46 -10.11 32.38
N SER E 157 30.88 -9.39 33.32
CA SER E 157 31.58 -9.04 34.57
C SER E 157 30.70 -9.25 35.77
N ASN E 158 29.52 -9.76 35.50
CA ASN E 158 28.57 -9.99 36.55
C ASN E 158 29.10 -10.97 37.63
N ASN E 159 29.85 -12.06 37.30
CA ASN E 159 30.40 -12.97 38.30
C ASN E 159 31.57 -12.28 38.99
N THR E 162 3.12 7.19 9.33
CA THR E 162 1.96 7.68 10.06
C THR E 162 2.38 7.96 11.50
N LEU E 163 1.61 7.43 12.46
CA LEU E 163 1.94 7.58 13.89
C LEU E 163 2.05 9.05 14.30
N ASP E 164 0.94 9.80 14.19
CA ASP E 164 0.95 11.23 14.48
C ASP E 164 0.93 11.45 16.00
N SER E 165 0.68 12.67 16.45
CA SER E 165 0.75 13.01 17.88
C SER E 165 -0.22 12.24 18.77
N LEU E 166 -1.23 11.60 18.20
CA LEU E 166 -2.18 10.84 19.01
C LEU E 166 -1.61 9.47 19.35
N ALA E 167 -0.56 9.06 18.63
CA ALA E 167 0.14 7.79 18.77
C ALA E 167 1.34 7.93 19.70
N ARG E 168 1.14 7.96 21.02
CA ARG E 168 2.25 8.22 21.94
C ARG E 168 3.03 6.98 22.36
N ASP E 169 4.30 6.92 21.99
CA ASP E 169 5.11 5.74 22.30
C ASP E 169 5.61 5.77 23.75
N LEU E 170 5.02 4.94 24.61
CA LEU E 170 5.37 4.97 26.02
C LEU E 170 6.67 4.26 26.30
N THR E 171 7.33 3.72 25.28
CA THR E 171 8.62 3.11 25.56
C THR E 171 9.63 4.22 25.78
N VAL E 172 9.27 5.46 25.44
CA VAL E 172 10.14 6.58 25.69
C VAL E 172 10.06 6.87 27.18
N ILE E 173 8.84 6.90 27.68
CA ILE E 173 8.62 7.21 29.08
C ILE E 173 9.22 6.06 29.90
N ALA E 174 9.05 4.84 29.40
CA ALA E 174 9.62 3.70 30.07
C ALA E 174 11.13 3.77 30.14
N LYS E 175 11.76 4.11 29.03
CA LYS E 175 13.21 4.22 28.98
C LYS E 175 13.69 5.28 29.97
N ASP E 176 12.97 6.40 30.04
CA ASP E 176 13.27 7.51 30.95
C ASP E 176 13.16 7.13 32.43
N GLY E 177 12.48 6.03 32.77
CA GLY E 177 12.30 5.66 34.15
C GLY E 177 11.30 6.54 34.88
N THR E 178 10.30 7.06 34.15
CA THR E 178 9.33 7.97 34.78
C THR E 178 7.91 7.43 34.80
N LEU E 179 7.77 6.11 34.74
CA LEU E 179 6.48 5.42 34.76
C LEU E 179 5.90 5.35 36.18
N ASP E 180 4.58 5.26 36.29
CA ASP E 180 3.91 5.12 37.59
C ASP E 180 4.42 3.91 38.39
N PRO E 181 4.61 4.05 39.71
CA PRO E 181 5.11 3.05 40.65
C PRO E 181 4.10 1.99 41.03
N VAL E 182 3.79 1.10 40.12
CA VAL E 182 2.80 0.07 40.45
C VAL E 182 3.39 -0.90 41.47
N ILE E 183 2.69 -1.11 42.58
CA ILE E 183 3.17 -1.96 43.66
C ILE E 183 2.62 -3.39 43.68
N GLY E 184 3.54 -4.36 43.73
CA GLY E 184 3.19 -5.77 43.84
C GLY E 184 2.73 -6.44 42.56
N ARG E 185 2.98 -5.81 41.42
CA ARG E 185 2.50 -6.30 40.13
C ARG E 185 3.60 -6.66 39.15
N ASP E 186 4.64 -7.30 39.64
CA ASP E 186 5.79 -7.76 38.88
C ASP E 186 5.40 -8.78 37.81
N LYS E 187 4.20 -9.33 37.94
CA LYS E 187 3.66 -10.28 37.00
C LYS E 187 2.64 -9.66 36.06
N GLU E 188 2.53 -8.32 36.00
CA GLU E 188 1.51 -7.77 35.11
C GLU E 188 1.78 -8.12 33.65
N ILE E 189 3.03 -8.10 33.19
CA ILE E 189 3.16 -8.48 31.78
C ILE E 189 2.79 -9.93 31.61
N THR E 190 3.06 -10.79 32.59
CA THR E 190 2.65 -12.15 32.36
C THR E 190 1.14 -12.27 32.44
N ARG E 191 0.49 -11.44 33.25
CA ARG E 191 -0.96 -11.47 33.30
C ARG E 191 -1.49 -11.14 31.92
N VAL E 192 -1.00 -10.05 31.37
CA VAL E 192 -1.46 -9.56 30.09
C VAL E 192 -1.13 -10.46 28.92
N ILE E 193 0.07 -11.01 28.85
CA ILE E 193 0.28 -11.86 27.69
C ILE E 193 -0.54 -13.14 27.85
N GLU E 194 -0.82 -13.57 29.09
CA GLU E 194 -1.73 -14.70 29.26
C GLU E 194 -3.13 -14.30 28.83
N VAL E 195 -3.55 -13.07 29.12
CA VAL E 195 -4.87 -12.62 28.64
C VAL E 195 -4.91 -12.72 27.14
N LEU E 196 -3.85 -12.27 26.51
CA LEU E 196 -3.79 -12.21 25.07
C LEU E 196 -3.51 -13.56 24.39
N SER E 197 -3.29 -14.64 25.16
CA SER E 197 -3.06 -15.94 24.54
C SER E 197 -4.41 -16.59 24.28
N ARG E 198 -5.49 -15.97 24.79
CA ARG E 198 -6.81 -16.53 24.61
C ARG E 198 -7.28 -16.13 23.24
N ARG E 199 -8.12 -16.93 22.63
CA ARG E 199 -8.58 -16.55 21.31
C ARG E 199 -9.46 -15.32 21.26
N THR E 200 -10.36 -15.13 22.23
CA THR E 200 -11.24 -13.98 22.12
C THR E 200 -10.90 -12.89 23.11
N LYS E 201 -10.35 -13.27 24.24
CA LYS E 201 -10.06 -12.29 25.27
C LYS E 201 -8.78 -11.55 25.00
N ASN E 202 -8.86 -10.63 24.05
CA ASN E 202 -7.72 -9.91 23.55
C ASN E 202 -7.63 -8.47 24.05
N ASN E 203 -8.39 -8.15 25.10
CA ASN E 203 -8.38 -6.82 25.71
C ASN E 203 -8.30 -6.88 27.27
N PRO E 204 -7.13 -6.56 27.90
CA PRO E 204 -6.87 -6.59 29.34
C PRO E 204 -7.45 -5.36 30.06
N VAL E 205 -8.75 -5.41 30.22
CA VAL E 205 -9.64 -4.39 30.80
C VAL E 205 -9.37 -4.05 32.23
N LEU E 206 -9.34 -2.79 32.58
CA LEU E 206 -9.03 -2.48 33.96
C LEU E 206 -10.32 -2.28 34.71
N ILE E 207 -10.42 -2.82 35.90
CA ILE E 207 -11.65 -2.60 36.65
C ILE E 207 -11.44 -1.84 37.93
N GLY E 208 -12.47 -1.04 38.23
CA GLY E 208 -12.51 -0.19 39.41
C GLY E 208 -13.15 1.15 39.07
N GLU E 209 -13.06 2.10 40.00
CA GLU E 209 -13.64 3.43 39.88
C GLU E 209 -13.03 4.13 38.67
N PRO E 210 -13.72 5.13 38.05
CA PRO E 210 -13.30 5.87 36.88
C PRO E 210 -12.14 6.81 37.18
N GLY E 211 -11.04 6.14 37.40
CA GLY E 211 -9.72 6.59 37.69
C GLY E 211 -9.36 6.55 39.15
N VAL E 212 -8.16 6.03 39.35
CA VAL E 212 -7.49 5.84 40.63
C VAL E 212 -6.01 5.96 40.37
N GLY E 213 -5.66 6.27 39.12
CA GLY E 213 -4.28 6.25 38.69
C GLY E 213 -4.10 4.98 37.88
N LYS E 214 -5.09 4.67 37.04
CA LYS E 214 -5.15 3.42 36.29
C LYS E 214 -4.25 3.52 35.08
N THR E 215 -3.67 4.71 34.91
CA THR E 215 -2.76 5.09 33.86
C THR E 215 -1.53 4.23 33.96
N ALA E 216 -1.30 3.78 35.17
CA ALA E 216 -0.22 2.96 35.56
C ALA E 216 -0.15 1.62 34.84
N ILE E 217 -1.28 1.06 34.39
CA ILE E 217 -1.15 -0.24 33.74
C ILE E 217 -0.56 -0.09 32.35
N ALA E 218 -1.04 0.88 31.56
CA ALA E 218 -0.43 1.04 30.24
C ALA E 218 1.06 1.33 30.40
N GLU E 219 1.39 2.15 31.39
CA GLU E 219 2.80 2.47 31.64
C GLU E 219 3.62 1.28 32.15
N GLY E 220 3.05 0.47 33.02
CA GLY E 220 3.79 -0.68 33.51
C GLY E 220 4.14 -1.58 32.32
N LEU E 221 3.16 -1.78 31.45
CA LEU E 221 3.36 -2.59 30.27
C LEU E 221 4.41 -1.96 29.38
N ALA E 222 4.46 -0.63 29.30
CA ALA E 222 5.45 0.02 28.45
C ALA E 222 6.87 -0.40 28.84
N GLN E 223 7.14 -0.60 30.14
CA GLN E 223 8.50 -1.03 30.47
C GLN E 223 8.71 -2.47 29.99
N ALA E 224 7.70 -3.30 30.17
CA ALA E 224 7.82 -4.69 29.73
C ALA E 224 8.02 -4.77 28.21
N ILE E 225 7.38 -3.87 27.51
CA ILE E 225 7.44 -3.86 26.09
C ILE E 225 8.80 -3.31 25.62
N VAL E 226 9.29 -2.20 26.20
CA VAL E 226 10.60 -1.66 25.78
C VAL E 226 11.73 -2.68 26.04
N ASN E 227 11.55 -3.55 27.03
CA ASN E 227 12.54 -4.57 27.34
C ASN E 227 12.26 -5.90 26.66
N ASN E 228 11.31 -5.91 25.71
CA ASN E 228 10.94 -7.08 24.92
C ASN E 228 10.52 -8.32 25.70
N GLU E 229 9.69 -8.15 26.74
CA GLU E 229 9.18 -9.26 27.55
C GLU E 229 7.91 -9.87 26.91
N VAL E 230 7.52 -9.29 25.79
CA VAL E 230 6.36 -9.61 24.99
C VAL E 230 6.66 -10.81 24.05
N PRO E 231 5.74 -11.79 23.89
CA PRO E 231 5.91 -12.95 23.04
C PRO E 231 6.02 -12.56 21.58
N GLU E 232 6.66 -13.44 20.80
CA GLU E 232 6.98 -13.24 19.39
C GLU E 232 5.88 -12.78 18.44
N THR E 233 4.62 -12.80 18.85
CA THR E 233 3.59 -12.31 17.95
C THR E 233 3.73 -10.81 17.85
N LEU E 234 3.93 -10.18 19.02
CA LEU E 234 3.97 -8.72 19.14
C LEU E 234 5.29 -8.18 19.73
N LYS E 235 6.28 -9.05 19.91
CA LYS E 235 7.56 -8.71 20.52
C LYS E 235 8.28 -7.46 20.00
N ASP E 236 8.19 -7.18 18.70
CA ASP E 236 8.89 -6.08 18.04
C ASP E 236 8.06 -4.80 17.86
N LYS E 237 6.95 -4.68 18.59
CA LYS E 237 6.04 -3.54 18.48
C LYS E 237 6.33 -2.36 19.47
N ARG E 238 5.85 -1.16 19.12
CA ARG E 238 5.97 0.08 19.93
C ARG E 238 4.67 0.40 20.72
N VAL E 239 4.80 1.11 21.84
CA VAL E 239 3.64 1.28 22.74
C VAL E 239 2.81 2.53 22.51
N MET E 240 1.88 2.48 21.57
CA MET E 240 1.15 3.68 21.18
C MET E 240 -0.05 4.03 22.03
N SER E 241 0.17 4.66 23.17
CA SER E 241 -0.97 4.99 24.01
C SER E 241 -1.75 6.09 23.31
N LEU E 242 -3.01 6.26 23.65
CA LEU E 242 -3.76 7.29 22.94
C LEU E 242 -4.02 8.60 23.65
N ASP E 243 -3.75 9.66 22.91
CA ASP E 243 -4.04 11.05 23.29
C ASP E 243 -5.27 11.47 22.50
N MET E 244 -5.80 12.66 22.75
CA MET E 244 -6.94 13.14 21.96
C MET E 244 -6.97 14.66 21.80
N GLY E 245 -7.28 15.09 20.59
CA GLY E 245 -7.42 16.49 20.26
C GLY E 245 -8.75 16.64 19.55
N THR E 246 -9.36 17.80 19.64
CA THR E 246 -10.67 17.99 19.04
C THR E 246 -11.03 19.40 18.63
N VAL E 247 -12.10 19.49 17.84
CA VAL E 247 -12.68 20.74 17.38
C VAL E 247 -14.20 20.76 17.52
N GLY E 255 -14.76 21.02 13.29
CA GLY E 255 -15.92 20.89 14.17
C GLY E 255 -15.98 19.52 14.83
N GLU E 256 -15.47 18.52 14.13
CA GLU E 256 -15.41 17.14 14.59
C GLU E 256 -14.56 16.96 15.83
N PHE E 257 -14.99 16.07 16.72
CA PHE E 257 -14.22 15.79 17.91
C PHE E 257 -13.51 14.44 17.84
N GLU E 258 -14.29 13.38 17.68
CA GLU E 258 -13.84 11.99 17.68
C GLU E 258 -13.25 11.42 16.39
N GLU E 259 -13.45 12.12 15.28
CA GLU E 259 -13.07 11.56 13.98
C GLU E 259 -11.58 11.44 13.70
N ARG E 260 -10.75 12.38 14.13
CA ARG E 260 -9.36 12.21 13.77
C ARG E 260 -8.77 11.01 14.47
N LEU E 261 -9.10 10.86 15.74
CA LEU E 261 -8.53 9.77 16.50
C LEU E 261 -8.91 8.43 15.85
N LYS E 262 -10.18 8.25 15.49
CA LYS E 262 -10.60 6.99 14.89
C LYS E 262 -9.91 6.70 13.55
N LYS E 263 -9.67 7.73 12.74
CA LYS E 263 -9.02 7.50 11.45
C LYS E 263 -7.57 7.09 11.63
N VAL E 264 -6.93 7.75 12.58
CA VAL E 264 -5.54 7.53 12.91
C VAL E 264 -5.30 6.11 13.34
N MET E 265 -6.24 5.51 14.06
CA MET E 265 -5.96 4.17 14.55
C MET E 265 -5.67 3.20 13.41
N GLU E 266 -6.31 3.36 12.24
CA GLU E 266 -6.00 2.40 11.19
C GLU E 266 -4.62 2.76 10.65
N GLU E 267 -4.34 4.07 10.59
CA GLU E 267 -3.06 4.53 10.09
C GLU E 267 -1.94 4.02 11.00
N ILE E 268 -2.21 3.93 12.30
CA ILE E 268 -1.21 3.41 13.21
C ILE E 268 -0.89 1.96 12.88
N GLN E 269 -1.90 1.11 12.70
CA GLN E 269 -1.54 -0.29 12.48
C GLN E 269 -0.69 -0.45 11.22
N GLN E 270 -0.99 0.38 10.20
CA GLN E 270 -0.30 0.39 8.91
C GLN E 270 1.23 0.50 9.05
N ALA E 271 1.71 1.09 10.14
CA ALA E 271 3.13 1.27 10.39
C ALA E 271 3.87 -0.09 10.38
N GLY E 272 3.18 -1.15 10.82
CA GLY E 272 3.76 -2.50 10.87
C GLY E 272 4.57 -2.81 12.12
N ASN E 273 4.71 -1.85 13.02
CA ASN E 273 5.48 -2.07 14.23
C ASN E 273 4.80 -1.55 15.50
N VAL E 274 3.47 -1.52 15.53
CA VAL E 274 2.72 -0.96 16.67
C VAL E 274 1.49 -1.72 17.23
N ILE E 275 1.26 -1.47 18.54
CA ILE E 275 0.14 -1.91 19.41
C ILE E 275 -0.41 -0.66 20.15
N LEU E 276 -1.70 -0.62 20.59
CA LEU E 276 -2.22 0.59 21.24
C LEU E 276 -2.49 0.47 22.74
N PHE E 277 -2.48 1.60 23.43
CA PHE E 277 -2.84 1.60 24.84
C PHE E 277 -3.78 2.69 25.31
N ILE E 278 -4.58 2.33 26.29
CA ILE E 278 -5.51 3.23 26.94
C ILE E 278 -5.00 3.39 28.34
N ASP E 279 -4.91 4.62 28.81
CA ASP E 279 -4.35 4.79 30.12
C ASP E 279 -5.36 4.56 31.25
N GLU E 280 -6.44 5.32 31.32
CA GLU E 280 -7.32 5.17 32.46
C GLU E 280 -8.80 4.97 32.23
N LEU E 281 -9.37 5.66 31.26
CA LEU E 281 -10.82 5.56 31.10
C LEU E 281 -11.23 4.91 29.79
N HIS E 282 -12.32 4.16 29.85
CA HIS E 282 -12.95 3.54 28.69
C HIS E 282 -14.37 4.04 28.65
N THR E 283 -14.72 4.77 27.60
CA THR E 283 -16.05 5.33 27.54
C THR E 283 -16.83 4.68 26.42
N LEU E 284 -18.03 4.23 26.72
CA LEU E 284 -18.87 3.66 25.71
C LEU E 284 -19.68 4.81 25.18
N VAL E 285 -19.57 5.05 23.89
CA VAL E 285 -20.18 6.21 23.25
C VAL E 285 -21.06 5.85 22.07
N GLY E 286 -21.90 6.80 21.64
CA GLY E 286 -22.68 6.64 20.42
C GLY E 286 -21.92 7.26 19.25
N ALA E 287 -20.72 7.73 19.53
CA ALA E 287 -19.86 8.44 18.60
C ALA E 287 -18.64 7.60 18.19
N ALA E 296 -19.66 3.93 16.30
CA ALA E 296 -20.26 4.38 17.54
C ALA E 296 -19.43 3.90 18.72
N SER E 297 -19.98 3.00 19.53
CA SER E 297 -19.24 2.47 20.67
C SER E 297 -18.15 1.51 20.25
N ASN E 298 -18.26 0.98 19.03
CA ASN E 298 -17.30 -0.02 18.56
C ASN E 298 -16.03 0.60 18.00
N ILE E 299 -15.31 1.32 18.84
CA ILE E 299 -14.07 1.89 18.39
C ILE E 299 -13.02 0.85 18.59
N LEU E 300 -12.58 0.31 17.47
CA LEU E 300 -11.66 -0.80 17.37
C LEU E 300 -12.18 -2.10 17.94
N LYS E 301 -13.45 -2.23 18.25
CA LYS E 301 -13.87 -3.52 18.72
C LYS E 301 -13.52 -4.64 17.72
N PRO E 302 -13.82 -4.55 16.38
CA PRO E 302 -13.44 -5.62 15.46
C PRO E 302 -11.92 -5.76 15.32
N ALA E 303 -11.16 -4.69 15.58
CA ALA E 303 -9.73 -4.79 15.50
C ALA E 303 -9.28 -5.69 16.63
N LEU E 304 -9.78 -5.36 17.81
CA LEU E 304 -9.49 -6.01 19.07
C LEU E 304 -9.97 -7.44 19.05
N ALA E 305 -11.11 -7.66 18.40
CA ALA E 305 -11.65 -9.00 18.27
C ALA E 305 -10.69 -9.88 17.47
N ARG E 306 -10.08 -9.31 16.42
CA ARG E 306 -9.12 -10.04 15.60
C ARG E 306 -7.77 -10.13 16.32
N GLY E 307 -7.44 -9.09 17.09
CA GLY E 307 -6.22 -8.99 17.85
C GLY E 307 -5.34 -7.78 17.48
N GLU E 308 -5.78 -6.95 16.55
CA GLU E 308 -5.00 -5.79 16.13
C GLU E 308 -5.43 -4.50 16.83
N LEU E 309 -4.51 -3.52 16.90
CA LEU E 309 -4.83 -2.27 17.59
C LEU E 309 -5.36 -2.58 18.97
N GLN E 310 -4.60 -3.44 19.63
CA GLN E 310 -4.82 -3.95 20.97
C GLN E 310 -4.98 -2.75 21.85
N CYS E 311 -5.97 -2.76 22.74
CA CYS E 311 -6.28 -1.66 23.65
C CYS E 311 -6.63 -2.16 25.03
N ILE E 312 -6.74 -1.24 25.97
CA ILE E 312 -7.17 -1.54 27.32
C ILE E 312 -8.56 -0.94 27.62
N GLY E 313 -9.54 -1.79 27.85
CA GLY E 313 -10.87 -1.26 28.15
C GLY E 313 -11.02 -1.08 29.67
N ALA E 314 -12.24 -0.84 30.14
CA ALA E 314 -12.46 -0.67 31.59
C ALA E 314 -13.93 -0.91 31.96
N THR E 315 -14.20 -1.37 33.19
CA THR E 315 -15.59 -1.54 33.65
C THR E 315 -15.77 -1.64 35.20
N THR E 316 -17.02 -1.91 35.63
CA THR E 316 -17.38 -2.02 37.06
C THR E 316 -18.67 -2.82 37.31
N LEU E 317 -18.84 -3.36 38.53
CA LEU E 317 -20.05 -4.12 38.89
C LEU E 317 -21.35 -3.36 38.70
N ASP E 318 -21.40 -2.10 39.08
CA ASP E 318 -22.65 -1.35 38.91
C ASP E 318 -23.11 -1.27 37.47
N GLU E 319 -22.17 -1.18 36.53
CA GLU E 319 -22.61 -1.13 35.16
C GLU E 319 -23.20 -2.48 34.84
N TYR E 320 -22.54 -3.54 35.28
CA TYR E 320 -23.02 -4.89 35.00
C TYR E 320 -24.41 -5.11 35.52
N ARG E 321 -24.55 -4.83 36.81
CA ARG E 321 -25.76 -5.03 37.55
C ARG E 321 -26.95 -4.28 36.94
N LYS E 322 -26.73 -3.04 36.51
CA LYS E 322 -27.82 -2.28 35.89
C LYS E 322 -27.95 -2.56 34.40
N ASN E 323 -26.89 -2.25 33.63
CA ASN E 323 -26.95 -2.35 32.18
C ASN E 323 -25.68 -2.92 31.57
N ILE E 324 -25.85 -4.11 30.97
CA ILE E 324 -24.96 -5.05 30.25
C ILE E 324 -25.14 -6.48 30.77
N GLU E 325 -25.56 -6.73 32.02
CA GLU E 325 -25.82 -8.14 32.41
C GLU E 325 -26.76 -8.83 31.41
N LYS E 326 -27.79 -8.10 30.97
CA LYS E 326 -28.78 -8.60 30.02
C LYS E 326 -28.20 -8.93 28.64
N ASP E 327 -27.16 -8.17 28.26
CA ASP E 327 -26.46 -8.27 26.98
C ASP E 327 -25.36 -9.34 27.03
N ALA E 328 -24.46 -9.12 27.98
CA ALA E 328 -23.29 -9.91 28.27
C ALA E 328 -22.38 -10.11 27.06
N ALA E 329 -22.16 -9.05 26.26
CA ALA E 329 -21.29 -9.18 25.10
C ALA E 329 -19.98 -8.37 25.14
N LEU E 330 -19.48 -8.00 26.33
CA LEU E 330 -18.20 -7.30 26.36
C LEU E 330 -17.09 -8.23 26.77
N GLU E 331 -17.36 -9.01 27.80
CA GLU E 331 -16.45 -9.86 28.55
C GLU E 331 -15.68 -10.90 27.74
N ARG E 332 -16.19 -11.28 26.59
CA ARG E 332 -15.51 -12.26 25.74
C ARG E 332 -14.24 -11.65 25.18
N ARG E 333 -14.18 -10.32 25.13
CA ARG E 333 -13.00 -9.64 24.59
C ARG E 333 -12.40 -8.84 25.74
N PHE E 334 -13.29 -8.17 26.44
CA PHE E 334 -12.98 -7.24 27.51
C PHE E 334 -12.80 -7.91 28.87
N GLN E 335 -11.66 -8.59 29.02
CA GLN E 335 -11.30 -9.37 30.21
C GLN E 335 -10.67 -8.50 31.31
N PRO E 336 -11.18 -8.49 32.56
CA PRO E 336 -10.73 -7.63 33.67
C PRO E 336 -9.35 -7.86 34.30
N VAL E 337 -8.76 -6.76 34.77
CA VAL E 337 -7.54 -6.60 35.54
C VAL E 337 -7.87 -5.74 36.77
N GLN E 338 -7.60 -6.20 37.98
CA GLN E 338 -7.95 -5.33 39.11
C GLN E 338 -6.96 -4.17 39.24
N VAL E 339 -7.46 -2.93 39.27
CA VAL E 339 -6.56 -1.78 39.36
C VAL E 339 -6.87 -0.85 40.54
N ASP E 340 -5.80 -0.45 41.23
CA ASP E 340 -5.83 0.42 42.39
C ASP E 340 -4.70 1.48 42.36
N GLU E 341 -4.49 2.23 43.46
CA GLU E 341 -3.42 3.24 43.48
C GLU E 341 -2.04 2.64 43.16
N PRO E 342 -1.24 3.24 42.26
CA PRO E 342 0.11 2.79 41.93
C PRO E 342 1.09 3.30 42.99
N SER E 343 -11.39 2.18 46.83
CA SER E 343 -11.65 2.80 48.13
C SER E 343 -11.40 4.28 48.05
N VAL E 344 -11.56 4.98 49.18
CA VAL E 344 -11.27 6.40 49.19
C VAL E 344 -9.77 6.64 49.00
N VAL E 345 -8.95 5.66 49.33
CA VAL E 345 -7.53 5.83 49.14
C VAL E 345 -7.25 5.83 47.65
N ASP E 346 -7.98 5.00 46.93
CA ASP E 346 -7.72 4.87 45.52
C ASP E 346 -8.33 6.03 44.74
N THR E 347 -9.49 6.54 45.17
CA THR E 347 -10.00 7.67 44.42
C THR E 347 -9.11 8.87 44.75
N VAL E 348 -8.57 8.92 45.99
CA VAL E 348 -7.62 9.97 46.33
C VAL E 348 -6.43 9.89 45.42
N ALA E 349 -5.94 8.70 45.13
CA ALA E 349 -4.80 8.62 44.25
C ALA E 349 -5.01 9.31 42.91
N ILE E 350 -6.18 9.18 42.26
CA ILE E 350 -6.25 9.96 41.02
C ILE E 350 -6.42 11.43 41.29
N LEU E 351 -7.17 11.76 42.33
CA LEU E 351 -7.47 13.14 42.66
C LEU E 351 -6.22 13.86 43.15
N LYS E 352 -5.36 13.11 43.81
CA LYS E 352 -4.06 13.57 44.28
C LYS E 352 -3.21 13.91 43.06
N GLY E 353 -3.14 12.96 42.10
CA GLY E 353 -2.40 13.16 40.86
C GLY E 353 -2.90 14.38 40.07
N LEU E 354 -4.20 14.65 40.15
CA LEU E 354 -4.87 15.76 39.49
C LEU E 354 -4.72 17.13 40.16
N ARG E 355 -4.02 17.22 41.29
CA ARG E 355 -3.87 18.53 41.93
C ARG E 355 -3.30 19.57 40.95
N ASP E 356 -2.39 19.14 40.09
CA ASP E 356 -1.77 20.05 39.14
C ASP E 356 -2.56 20.20 37.85
N ARG E 357 -3.86 19.91 37.92
CA ARG E 357 -4.81 20.08 36.84
C ARG E 357 -5.99 20.93 37.30
N TYR E 358 -6.09 21.17 38.62
CA TYR E 358 -7.19 21.96 39.14
C TYR E 358 -6.61 23.07 39.98
N GLU E 359 -5.86 22.74 41.03
CA GLU E 359 -5.26 23.77 41.86
C GLU E 359 -4.29 24.62 41.05
N ALA E 360 -3.72 24.01 40.01
CA ALA E 360 -2.85 24.71 39.08
C ALA E 360 -3.57 25.92 38.45
N HIS E 361 -4.90 25.83 38.33
CA HIS E 361 -5.72 26.86 37.73
C HIS E 361 -6.55 27.62 38.75
N HIS E 362 -6.22 27.45 40.04
CA HIS E 362 -6.85 28.19 41.11
C HIS E 362 -5.74 29.03 41.68
N ARG E 363 -4.54 28.68 41.25
CA ARG E 363 -3.29 29.33 41.64
C ARG E 363 -3.04 29.23 43.12
N ILE E 364 -3.28 28.04 43.65
CA ILE E 364 -3.06 27.79 45.06
C ILE E 364 -2.20 26.54 45.21
N ASN E 365 -1.58 26.35 46.37
CA ASN E 365 -0.89 25.08 46.57
C ASN E 365 -1.86 24.12 47.26
N ILE E 366 -1.51 22.84 47.25
CA ILE E 366 -2.32 21.83 47.88
C ILE E 366 -1.56 20.54 48.21
N SER E 367 -1.86 19.96 49.38
CA SER E 367 -1.26 18.70 49.82
C SER E 367 -2.19 17.51 49.62
N ASP E 368 -1.80 16.36 50.17
CA ASP E 368 -2.58 15.15 50.03
C ASP E 368 -3.82 15.13 50.91
N GLU E 369 -3.69 15.67 52.13
CA GLU E 369 -4.78 15.65 53.11
C GLU E 369 -6.02 16.36 52.58
N ALA E 370 -5.81 17.43 51.83
CA ALA E 370 -6.89 18.19 51.24
C ALA E 370 -7.74 17.34 50.29
N ILE E 371 -7.11 16.40 49.60
CA ILE E 371 -7.86 15.61 48.67
C ILE E 371 -8.58 14.55 49.46
N GLU E 372 -7.89 13.91 50.41
CA GLU E 372 -8.55 12.87 51.16
C GLU E 372 -9.75 13.39 51.93
N ALA E 373 -9.67 14.60 52.50
CA ALA E 373 -10.82 15.13 53.18
C ALA E 373 -11.97 15.29 52.20
N ALA E 374 -11.68 15.88 51.03
CA ALA E 374 -12.71 16.08 50.04
C ALA E 374 -13.30 14.78 49.55
N VAL E 375 -12.49 13.74 49.44
CA VAL E 375 -13.02 12.47 48.97
C VAL E 375 -13.94 11.83 50.00
N LYS E 376 -13.56 11.82 51.26
CA LYS E 376 -14.44 11.22 52.24
C LYS E 376 -15.71 12.05 52.39
N LEU E 377 -15.57 13.37 52.41
CA LEU E 377 -16.72 14.25 52.55
C LEU E 377 -17.61 14.16 51.33
N SER E 378 -17.03 14.16 50.13
CA SER E 378 -17.86 14.10 48.96
C SER E 378 -18.54 12.77 48.91
N ASN E 379 -17.90 11.71 49.39
CA ASN E 379 -18.55 10.42 49.39
C ASN E 379 -19.85 10.52 50.18
N ARG E 380 -19.88 11.30 51.28
CA ARG E 380 -21.13 11.47 52.03
C ARG E 380 -22.26 11.96 51.12
N TYR E 381 -21.93 12.84 50.18
CA TYR E 381 -22.93 13.42 49.29
C TYR E 381 -22.92 12.82 47.88
N VAL E 382 -22.20 11.73 47.67
CA VAL E 382 -22.13 11.07 46.39
C VAL E 382 -22.55 9.62 46.53
N SER E 383 -23.83 9.38 46.28
CA SER E 383 -24.42 8.06 46.41
C SER E 383 -24.83 7.49 45.06
N ASP E 384 -25.00 8.36 44.07
CA ASP E 384 -25.46 8.00 42.73
C ASP E 384 -24.37 8.05 41.64
N ARG E 385 -23.43 8.94 41.85
CA ARG E 385 -22.32 9.20 40.94
C ARG E 385 -21.05 8.51 41.36
N PHE E 386 -20.07 8.50 40.48
CA PHE E 386 -18.80 7.92 40.84
C PHE E 386 -17.99 8.94 41.61
N LEU E 387 -17.33 8.47 42.65
CA LEU E 387 -16.56 9.32 43.53
C LEU E 387 -15.45 10.13 42.84
N PRO E 388 -14.61 9.61 41.92
CA PRO E 388 -13.61 10.37 41.19
C PRO E 388 -14.14 11.55 40.40
N ASP E 389 -15.45 11.55 40.06
CA ASP E 389 -15.97 12.67 39.29
C ASP E 389 -16.52 13.73 40.21
N LYS E 390 -17.27 13.31 41.21
CA LYS E 390 -17.86 14.32 42.07
C LYS E 390 -16.87 14.83 43.09
N ALA E 391 -15.89 14.03 43.47
CA ALA E 391 -14.90 14.58 44.34
C ALA E 391 -14.25 15.74 43.61
N ILE E 392 -14.06 15.64 42.29
CA ILE E 392 -13.46 16.76 41.56
C ILE E 392 -14.34 17.99 41.58
N ASP E 393 -15.66 17.88 41.34
CA ASP E 393 -16.47 19.12 41.35
C ASP E 393 -16.29 19.83 42.69
N LEU E 394 -16.28 19.06 43.75
CA LEU E 394 -16.20 19.61 45.10
C LEU E 394 -14.78 20.08 45.48
N ILE E 395 -13.75 19.36 45.06
CA ILE E 395 -12.37 19.78 45.32
C ILE E 395 -12.14 21.08 44.58
N ASP E 396 -12.59 21.13 43.32
CA ASP E 396 -12.40 22.29 42.47
C ASP E 396 -13.12 23.50 43.07
N GLU E 397 -14.40 23.37 43.48
CA GLU E 397 -15.08 24.52 44.08
C GLU E 397 -14.44 24.97 45.39
N ALA E 398 -13.98 24.04 46.21
CA ALA E 398 -13.31 24.44 47.45
C ALA E 398 -12.05 25.21 47.12
N SER E 399 -11.30 24.72 46.14
CA SER E 399 -10.07 25.35 45.70
C SER E 399 -10.33 26.74 45.10
N SER E 400 -11.47 26.90 44.43
CA SER E 400 -11.86 28.19 43.87
C SER E 400 -12.02 29.18 45.02
N LYS E 401 -12.68 28.78 46.11
CA LYS E 401 -12.81 29.68 47.25
C LYS E 401 -11.42 30.05 47.78
N VAL E 402 -10.51 29.08 47.78
CA VAL E 402 -9.17 29.36 48.26
C VAL E 402 -8.55 30.40 47.30
N ARG E 403 -8.75 30.24 45.99
CA ARG E 403 -8.25 31.23 45.02
C ARG E 403 -8.72 32.64 45.35
N LEU E 404 -10.00 32.78 45.65
CA LEU E 404 -10.51 34.10 45.93
C LEU E 404 -9.83 34.67 47.17
N LYS E 405 -9.60 33.83 48.17
CA LYS E 405 -8.93 34.27 49.37
C LYS E 405 -7.47 34.63 49.05
N SER E 406 -6.83 33.80 48.21
CA SER E 406 -5.43 33.94 47.80
C SER E 406 -5.17 35.29 47.17
N HIS E 407 -6.10 35.75 46.33
CA HIS E 407 -5.93 37.01 45.62
C HIS E 407 -6.30 38.26 46.41
N THR E 408 -6.62 38.15 47.69
CA THR E 408 -6.98 39.36 48.40
C THR E 408 -6.25 39.51 49.73
N THR E 409 -6.65 40.52 50.46
CA THR E 409 -6.06 40.90 51.71
C THR E 409 -6.12 39.77 52.74
N PRO E 410 -5.01 39.41 53.40
CA PRO E 410 -4.94 38.37 54.41
C PRO E 410 -5.56 38.87 55.71
N ASN E 411 -10.81 48.09 46.40
CA ASN E 411 -12.07 48.47 47.02
C ASN E 411 -12.33 49.96 46.82
N ASN E 412 -11.92 50.76 47.80
CA ASN E 412 -12.08 52.22 47.69
C ASN E 412 -11.05 52.76 46.72
N LEU E 413 -10.24 51.88 46.21
CA LEU E 413 -9.26 52.19 45.22
C LEU E 413 -10.00 52.42 43.94
N LYS E 414 -11.08 51.68 43.72
CA LYS E 414 -11.82 51.87 42.49
C LYS E 414 -12.43 53.25 42.57
N GLU E 415 -12.90 53.60 43.76
CA GLU E 415 -13.51 54.90 43.91
C GLU E 415 -12.46 56.00 43.67
N ILE E 416 -11.25 55.79 44.17
CA ILE E 416 -10.19 56.76 44.00
C ILE E 416 -9.78 56.86 42.53
N GLU E 417 -9.61 55.73 41.86
CA GLU E 417 -9.22 55.72 40.46
C GLU E 417 -10.24 56.45 39.61
N GLN E 418 -11.51 56.28 39.93
CA GLN E 418 -12.50 57.01 39.16
C GLN E 418 -12.28 58.51 39.37
N GLU E 419 -11.97 58.94 40.59
CA GLU E 419 -11.72 60.36 40.80
C GLU E 419 -10.47 60.82 40.07
N ILE E 420 -9.45 59.97 40.03
CA ILE E 420 -8.22 60.30 39.32
C ILE E 420 -8.52 60.54 37.85
N GLU E 421 -9.26 59.63 37.24
CA GLU E 421 -9.58 59.78 35.84
C GLU E 421 -10.42 61.03 35.59
N LYS E 422 -11.37 61.32 36.44
CA LYS E 422 -12.17 62.49 36.21
C LYS E 422 -11.37 63.77 36.31
N VAL E 423 -10.48 63.86 37.30
CA VAL E 423 -9.69 65.06 37.43
C VAL E 423 -8.75 65.16 36.25
N LYS E 424 -8.16 64.04 35.84
CA LYS E 424 -7.27 64.03 34.71
C LYS E 424 -7.98 64.62 33.51
N ASN E 425 -9.20 64.19 33.25
CA ASN E 425 -9.92 64.72 32.12
C ASN E 425 -10.09 66.24 32.23
N GLU E 426 -10.40 66.73 33.44
CA GLU E 426 -10.53 68.18 33.62
C GLU E 426 -9.17 68.87 33.38
N LYS E 427 -8.10 68.23 33.81
CA LYS E 427 -6.76 68.74 33.61
C LYS E 427 -6.54 68.89 32.13
N ASP E 428 -6.87 67.87 31.33
CA ASP E 428 -6.69 68.01 29.91
C ASP E 428 -7.47 69.19 29.38
N ALA E 429 -8.68 69.44 29.87
CA ALA E 429 -9.38 70.61 29.38
C ALA E 429 -8.54 71.87 29.67
N ALA E 430 -7.94 71.93 30.87
CA ALA E 430 -7.07 73.03 31.26
C ALA E 430 -5.83 73.12 30.34
N VAL E 431 -5.37 71.98 29.81
CA VAL E 431 -4.22 71.95 28.91
C VAL E 431 -4.59 72.63 27.60
N HIS E 432 -5.79 72.33 27.12
CA HIS E 432 -6.27 72.86 25.86
C HIS E 432 -6.67 74.33 25.99
N ALA E 433 -7.05 74.75 27.18
CA ALA E 433 -7.40 76.14 27.45
C ALA E 433 -6.13 76.98 27.51
N GLN E 434 -5.60 77.32 26.34
CA GLN E 434 -4.29 77.97 26.22
C GLN E 434 -4.25 79.47 26.52
N GLU E 435 -4.37 79.79 27.79
CA GLU E 435 -4.30 81.16 28.31
C GLU E 435 -2.83 81.54 28.47
N PHE E 436 -2.54 82.82 28.69
CA PHE E 436 -1.15 83.24 28.87
C PHE E 436 -0.64 83.05 30.30
N GLU E 437 -1.46 82.42 31.13
CA GLU E 437 -1.18 82.08 32.53
C GLU E 437 -2.41 81.43 33.12
N ASN E 438 -4.64 78.41 31.54
CA ASN E 438 -3.83 77.25 31.28
C ASN E 438 -3.18 76.84 32.56
N ALA E 439 -2.02 77.42 32.86
CA ALA E 439 -1.33 77.12 34.11
C ALA E 439 -2.22 77.45 35.29
N ALA E 440 -3.02 78.50 35.13
CA ALA E 440 -3.94 78.97 36.16
C ALA E 440 -4.96 77.91 36.53
N ASN E 441 -5.28 77.02 35.60
CA ASN E 441 -6.25 75.98 35.86
C ASN E 441 -5.55 74.65 36.14
N LEU E 442 -4.45 74.40 35.42
CA LEU E 442 -3.71 73.16 35.53
C LEU E 442 -3.16 72.97 36.92
N ARG E 443 -2.74 74.03 37.58
CA ARG E 443 -2.24 73.87 38.92
C ARG E 443 -3.28 73.28 39.87
N ASP E 444 -4.56 73.58 39.68
CA ASP E 444 -5.54 73.04 40.61
C ASP E 444 -5.98 71.67 40.17
N LYS E 445 -6.00 71.42 38.87
CA LYS E 445 -6.47 70.12 38.45
C LYS E 445 -5.36 69.14 38.78
N GLN E 446 -4.12 69.56 38.56
CA GLN E 446 -2.95 68.77 38.87
C GLN E 446 -2.90 68.45 40.35
N THR E 447 -3.10 69.46 41.20
CA THR E 447 -3.05 69.18 42.63
C THR E 447 -4.11 68.16 43.03
N LYS E 448 -5.34 68.33 42.57
CA LYS E 448 -6.36 67.37 42.96
C LYS E 448 -6.03 65.98 42.44
N LEU E 449 -5.52 65.92 41.23
CA LEU E 449 -5.19 64.67 40.61
C LEU E 449 -4.11 63.96 41.41
N GLU E 450 -3.06 64.70 41.77
CA GLU E 450 -1.95 64.15 42.54
C GLU E 450 -2.42 63.65 43.88
N LYS E 451 -3.30 64.38 44.53
CA LYS E 451 -3.75 63.90 45.82
C LYS E 451 -4.52 62.60 45.66
N GLN E 452 -5.39 62.51 44.65
CA GLN E 452 -6.15 61.27 44.47
C GLN E 452 -5.19 60.14 44.09
N TYR E 453 -4.18 60.46 43.29
CA TYR E 453 -3.20 59.47 42.89
C TYR E 453 -2.52 58.90 44.12
N GLU E 454 -2.05 59.77 45.00
CA GLU E 454 -1.39 59.29 46.19
C GLU E 454 -2.33 58.45 47.05
N GLU E 455 -3.60 58.86 47.17
CA GLU E 455 -4.53 58.07 47.98
C GLU E 455 -4.67 56.66 47.42
N ALA E 456 -4.69 56.53 46.10
CA ALA E 456 -4.84 55.23 45.45
C ALA E 456 -3.72 54.26 45.80
N LYS E 457 -2.57 54.75 46.24
CA LYS E 457 -1.50 53.85 46.53
C LYS E 457 -1.42 53.68 48.03
N ASN E 458 -1.68 54.76 48.75
CA ASN E 458 -1.60 54.71 50.20
C ASN E 458 -2.66 53.73 50.71
N GLU E 459 -3.85 53.81 50.11
CA GLU E 459 -4.94 52.95 50.49
C GLU E 459 -4.69 51.52 50.08
N TRP E 460 -4.03 51.30 48.95
CA TRP E 460 -3.80 49.94 48.52
C TRP E 460 -2.99 49.20 49.54
N LYS E 461 -1.97 49.87 50.07
CA LYS E 461 -1.05 49.29 51.06
C LYS E 461 -1.76 48.78 52.32
N ASN E 462 -3.03 49.16 52.53
CA ASN E 462 -3.79 48.68 53.68
C ASN E 462 -4.15 47.21 53.48
N THR E 463 -3.89 46.70 52.27
CA THR E 463 -4.10 45.32 51.87
C THR E 463 -2.95 44.44 52.35
N GLN E 464 -1.96 45.05 53.01
CA GLN E 464 -0.81 44.32 53.50
C GLN E 464 -0.64 44.52 55.00
N GLY E 466 -5.98 35.47 52.05
CA GLY E 466 -4.56 35.27 51.80
C GLY E 466 -4.22 33.80 51.84
N MET E 467 -5.21 32.97 51.58
CA MET E 467 -5.02 31.53 51.56
C MET E 467 -4.32 31.07 50.30
N SER E 468 -3.00 31.17 50.30
CA SER E 468 -2.19 30.80 49.14
C SER E 468 -2.17 29.27 48.94
N THR E 469 -2.57 28.56 49.98
CA THR E 469 -2.67 27.11 49.98
C THR E 469 -4.06 26.81 50.47
N SER E 470 -4.61 25.65 50.12
CA SER E 470 -5.91 25.27 50.65
C SER E 470 -5.82 24.75 52.07
N LEU E 471 -6.95 24.70 52.75
CA LEU E 471 -6.99 24.12 54.07
C LEU E 471 -7.42 22.67 53.90
N SER E 472 -6.87 21.77 54.71
CA SER E 472 -7.20 20.35 54.54
C SER E 472 -8.66 19.96 54.76
N GLU E 473 -9.43 20.67 55.60
CA GLU E 473 -10.83 20.26 55.75
C GLU E 473 -11.83 21.38 55.59
N GLU E 474 -11.45 22.58 56.01
CA GLU E 474 -12.31 23.74 56.15
C GLU E 474 -12.96 24.33 54.88
N ASP E 475 -12.22 24.42 53.78
CA ASP E 475 -12.79 25.06 52.59
C ASP E 475 -13.64 24.01 51.91
N ILE E 476 -13.17 22.81 52.06
CA ILE E 476 -13.76 21.65 51.49
C ILE E 476 -15.09 21.36 52.11
N ALA E 477 -15.12 21.33 53.44
CA ALA E 477 -16.35 21.08 54.16
C ALA E 477 -17.38 22.15 53.87
N GLU E 478 -16.99 23.41 53.74
CA GLU E 478 -17.98 24.42 53.43
C GLU E 478 -18.70 24.10 52.14
N VAL E 479 -17.93 23.83 51.10
CA VAL E 479 -18.52 23.52 49.82
C VAL E 479 -19.32 22.26 49.83
N ILE E 480 -18.75 21.21 50.38
CA ILE E 480 -19.44 19.94 50.34
C ILE E 480 -20.66 19.89 51.23
N ALA E 481 -20.54 20.32 52.48
CA ALA E 481 -21.63 20.25 53.42
C ALA E 481 -22.86 21.02 52.95
N GLY E 482 -22.67 22.17 52.32
CA GLY E 482 -23.81 22.93 51.84
C GLY E 482 -24.18 22.65 50.39
N TRP E 483 -23.56 21.64 49.78
CA TRP E 483 -23.77 21.38 48.37
C TRP E 483 -25.16 20.87 48.05
N THR E 484 -25.61 19.84 48.78
CA THR E 484 -26.89 19.21 48.47
C THR E 484 -27.91 19.14 49.61
N GLY E 485 -27.55 18.45 50.68
CA GLY E 485 -28.47 18.18 51.79
C GLY E 485 -27.98 18.62 53.15
N ILE E 486 -28.24 17.76 54.14
CA ILE E 486 -27.85 18.05 55.52
C ILE E 486 -26.35 18.18 55.59
N PRO E 487 -25.80 19.26 56.19
CA PRO E 487 -24.38 19.52 56.31
C PRO E 487 -23.77 18.64 57.38
N LEU E 488 -17.50 8.65 53.45
CA LEU E 488 -18.25 8.60 54.70
C LEU E 488 -19.60 7.91 54.51
N THR E 489 -19.83 7.36 53.32
CA THR E 489 -21.09 6.70 52.99
C THR E 489 -21.18 5.19 53.28
N LYS E 490 -20.13 4.44 52.95
CA LYS E 490 -20.09 2.97 53.07
C LYS E 490 -18.98 2.51 53.99
N ILE E 491 -18.85 3.13 55.16
CA ILE E 491 -17.71 2.81 56.00
C ILE E 491 -17.91 1.68 57.02
N ASN E 492 -18.99 1.72 57.81
CA ASN E 492 -19.13 0.73 58.89
C ASN E 492 -20.20 -0.35 58.73
N GLU E 493 -21.41 0.03 58.34
CA GLU E 493 -22.52 -0.94 58.29
C GLU E 493 -22.67 -1.69 59.63
N THR E 494 -22.59 -0.93 60.73
CA THR E 494 -22.76 -1.46 62.08
C THR E 494 -24.02 -0.90 62.65
N GLU E 495 -24.38 0.28 62.16
CA GLU E 495 -25.58 1.00 62.53
C GLU E 495 -25.80 1.16 64.03
N SER E 496 -24.74 1.57 64.73
CA SER E 496 -24.81 1.81 66.17
C SER E 496 -24.84 3.32 66.36
N GLU E 497 -23.70 3.97 66.51
CA GLU E 497 -23.72 5.43 66.65
C GLU E 497 -24.27 6.03 65.36
N LYS E 498 -23.99 5.40 64.23
CA LYS E 498 -24.48 5.86 62.94
C LYS E 498 -26.01 6.05 62.88
N LEU E 499 -26.80 5.24 63.61
CA LEU E 499 -28.25 5.37 63.52
C LEU E 499 -28.72 6.76 63.96
N LEU E 500 -27.89 7.46 64.73
CA LEU E 500 -28.22 8.77 65.23
C LEU E 500 -28.38 9.75 64.07
N SER E 501 -27.58 9.59 62.99
CA SER E 501 -27.70 10.49 61.84
C SER E 501 -28.71 9.90 60.85
N LEU E 502 -28.94 8.58 60.96
CA LEU E 502 -29.92 7.93 60.10
C LEU E 502 -31.28 8.55 60.25
N GLU E 503 -31.72 8.77 61.49
CA GLU E 503 -33.06 9.31 61.67
C GLU E 503 -33.23 10.65 60.92
N ASP E 504 -32.25 11.56 61.03
CA ASP E 504 -32.37 12.82 60.30
C ASP E 504 -32.32 12.61 58.79
N THR E 505 -31.50 11.68 58.33
CA THR E 505 -31.37 11.41 56.91
C THR E 505 -32.71 10.90 56.36
N LEU E 506 -33.34 9.99 57.10
CA LEU E 506 -34.61 9.46 56.69
C LEU E 506 -35.63 10.59 56.57
N HIS E 507 -35.60 11.53 57.54
CA HIS E 507 -36.48 12.70 57.53
C HIS E 507 -36.21 13.63 56.35
N GLU E 508 -34.96 13.74 55.94
CA GLU E 508 -34.57 14.61 54.83
C GLU E 508 -35.34 14.22 53.58
N ARG E 509 -35.55 12.92 53.40
CA ARG E 509 -36.29 12.43 52.26
C ARG E 509 -37.79 12.44 52.55
N VAL E 510 -38.16 12.01 53.76
CA VAL E 510 -39.55 12.00 54.18
C VAL E 510 -39.77 13.09 55.18
N ILE E 511 -40.30 14.18 54.69
CA ILE E 511 -40.47 15.35 55.53
C ILE E 511 -41.85 15.30 56.12
N GLY E 512 -41.93 15.33 57.44
CA GLY E 512 -43.20 15.19 58.11
C GLY E 512 -43.39 13.70 58.31
N GLN E 513 -44.44 13.31 59.00
CA GLN E 513 -44.65 11.88 59.24
C GLN E 513 -43.35 11.32 59.84
N LYS E 514 -42.82 12.07 60.82
CA LYS E 514 -41.60 11.68 61.50
C LYS E 514 -41.78 10.35 62.17
N ASP E 515 -43.01 9.96 62.42
CA ASP E 515 -43.33 8.70 63.04
C ASP E 515 -42.68 7.57 62.24
N ALA E 516 -42.71 7.64 60.90
CA ALA E 516 -42.11 6.60 60.07
C ALA E 516 -40.61 6.64 60.19
N VAL E 517 -40.10 7.85 60.21
CA VAL E 517 -38.68 8.09 60.31
C VAL E 517 -38.11 7.56 61.65
N ASN E 518 -38.82 7.87 62.72
CA ASN E 518 -38.47 7.51 64.07
C ASN E 518 -38.59 6.01 64.30
N SER E 519 -39.68 5.39 63.83
CA SER E 519 -39.84 3.96 64.02
C SER E 519 -38.70 3.20 63.36
N ILE E 520 -38.26 3.61 62.15
CA ILE E 520 -37.13 2.89 61.58
C ILE E 520 -35.89 3.10 62.43
N SER E 521 -35.63 4.33 62.85
CA SER E 521 -34.42 4.55 63.64
C SER E 521 -34.43 3.68 64.88
N LYS E 522 -35.57 3.59 65.58
CA LYS E 522 -35.63 2.76 66.78
C LYS E 522 -35.37 1.31 66.44
N ALA E 523 -35.95 0.81 65.34
CA ALA E 523 -35.73 -0.56 64.90
C ALA E 523 -34.26 -0.82 64.60
N VAL E 524 -33.58 0.17 64.07
CA VAL E 524 -32.16 0.08 63.80
C VAL E 524 -31.38 0.05 65.11
N ARG E 525 -31.79 0.87 66.07
CA ARG E 525 -31.12 0.79 67.37
C ARG E 525 -31.34 -0.59 67.95
N ARG E 526 -32.53 -1.16 67.73
CA ARG E 526 -32.84 -2.50 68.17
C ARG E 526 -32.26 -3.53 67.19
N ALA E 527 -30.94 -3.47 67.05
CA ALA E 527 -30.17 -4.34 66.20
C ALA E 527 -28.79 -4.57 66.81
N ARG E 528 -28.64 -4.32 68.11
CA ARG E 528 -27.33 -4.52 68.70
C ARG E 528 -27.23 -5.91 69.24
N ALA E 529 -26.01 -6.44 69.22
CA ALA E 529 -25.74 -7.77 69.71
C ALA E 529 -26.18 -7.98 71.15
N GLY E 530 -26.80 -9.15 71.37
CA GLY E 530 -27.28 -9.62 72.67
C GLY E 530 -28.72 -10.18 72.77
N LEU E 531 -29.69 -9.75 71.95
CA LEU E 531 -31.06 -10.33 72.14
C LEU E 531 -32.00 -10.67 70.94
N LYS E 532 -31.49 -11.01 69.75
CA LYS E 532 -32.36 -11.30 68.57
C LYS E 532 -31.58 -12.02 67.45
N ASP E 533 -32.30 -12.78 66.62
CA ASP E 533 -31.81 -13.68 65.56
C ASP E 533 -30.84 -13.12 64.46
N PRO E 534 -29.59 -13.68 64.36
CA PRO E 534 -28.48 -13.33 63.46
C PRO E 534 -28.54 -13.66 61.97
N LYS E 535 -29.47 -14.51 61.51
CA LYS E 535 -29.38 -14.90 60.11
C LYS E 535 -30.62 -14.54 59.37
N ARG E 536 -30.91 -13.26 59.22
CA ARG E 536 -32.18 -12.87 58.64
C ARG E 536 -32.06 -11.47 58.04
N GLY E 539 -33.74 -7.72 57.77
CA GLY E 539 -34.54 -6.95 58.73
C GLY E 539 -35.87 -6.64 58.08
N SER E 540 -36.90 -6.30 58.85
CA SER E 540 -38.14 -6.00 58.14
C SER E 540 -39.10 -5.03 58.79
N PHE E 541 -39.81 -4.32 57.92
CA PHE E 541 -40.85 -3.39 58.30
C PHE E 541 -42.10 -3.47 57.44
N ILE E 542 -43.25 -3.21 58.04
CA ILE E 542 -44.50 -3.10 57.29
C ILE E 542 -44.97 -1.67 57.27
N PHE E 543 -45.29 -1.16 56.09
CA PHE E 543 -45.70 0.23 55.94
C PHE E 543 -47.13 0.39 55.47
N LEU E 544 -47.96 0.70 56.42
CA LEU E 544 -49.39 0.86 56.28
C LEU E 544 -49.69 2.26 55.77
N GLY E 545 -50.83 2.44 55.11
CA GLY E 545 -51.18 3.75 54.58
C GLY E 545 -50.79 3.86 53.10
N PRO E 546 -51.17 4.92 52.39
CA PRO E 546 -51.03 5.12 50.96
C PRO E 546 -49.61 5.32 50.49
N THR E 547 -49.38 5.10 49.20
CA THR E 547 -48.10 5.37 48.59
C THR E 547 -48.07 6.80 48.09
N GLY E 548 -46.87 7.29 47.75
CA GLY E 548 -46.75 8.66 47.21
C GLY E 548 -46.71 9.72 48.31
N VAL E 549 -46.63 9.26 49.55
CA VAL E 549 -46.62 10.14 50.71
C VAL E 549 -45.32 10.08 51.48
N GLY E 550 -44.29 9.52 50.85
CA GLY E 550 -42.98 9.41 51.47
C GLY E 550 -42.48 7.98 51.61
N LYS E 551 -43.28 6.96 51.30
CA LYS E 551 -42.76 5.60 51.46
C LYS E 551 -41.59 5.28 50.52
N THR E 552 -41.66 5.77 49.28
CA THR E 552 -40.58 5.50 48.35
C THR E 552 -39.34 6.21 48.85
N GLU E 553 -39.54 7.46 49.22
CA GLU E 553 -38.51 8.34 49.71
C GLU E 553 -37.84 7.81 50.98
N LEU E 554 -38.62 7.16 51.86
CA LEU E 554 -38.07 6.65 53.09
C LEU E 554 -37.20 5.45 52.77
N ALA E 555 -37.70 4.57 51.89
CA ALA E 555 -36.95 3.38 51.49
C ALA E 555 -35.64 3.77 50.83
N ARG E 556 -35.67 4.82 50.03
CA ARG E 556 -34.47 5.25 49.35
C ARG E 556 -33.52 5.84 50.36
N ALA E 557 -34.01 6.65 51.29
CA ALA E 557 -33.13 7.23 52.29
C ALA E 557 -32.46 6.17 53.14
N LEU E 558 -33.22 5.16 53.51
CA LEU E 558 -32.68 4.10 54.32
C LEU E 558 -31.59 3.39 53.56
N ALA E 559 -31.89 3.08 52.32
CA ALA E 559 -30.93 2.38 51.51
C ALA E 559 -29.67 3.14 51.22
N GLU E 560 -29.77 4.36 50.72
CA GLU E 560 -28.55 5.11 50.41
C GLU E 560 -27.74 5.45 51.66
N SER E 561 -28.39 5.55 52.81
CA SER E 561 -27.67 5.84 54.03
C SER E 561 -26.99 4.59 54.59
N MET E 562 -27.79 3.53 54.80
CA MET E 562 -27.32 2.29 55.37
C MET E 562 -26.40 1.50 54.42
N PHE E 563 -26.76 1.42 53.15
CA PHE E 563 -26.02 0.62 52.18
C PHE E 563 -25.30 1.43 51.11
N GLY E 564 -25.33 2.73 51.26
CA GLY E 564 -24.61 3.64 50.39
C GLY E 564 -25.14 3.94 48.99
N ASP E 565 -25.30 2.95 48.16
CA ASP E 565 -25.74 3.26 46.80
C ASP E 565 -27.11 3.92 46.79
N ASP E 566 -27.32 4.90 45.91
CA ASP E 566 -28.66 5.46 45.84
C ASP E 566 -29.54 4.36 45.30
N ASP E 567 -28.91 3.54 44.49
CA ASP E 567 -29.48 2.40 43.86
C ASP E 567 -29.40 1.18 44.78
N ALA E 568 -29.33 1.44 46.10
CA ALA E 568 -29.39 0.40 47.09
C ALA E 568 -30.85 0.14 47.38
N MET E 569 -31.76 0.94 46.80
CA MET E 569 -33.17 0.69 47.01
C MET E 569 -33.78 0.14 45.72
N ILE E 570 -34.54 -0.93 45.86
CA ILE E 570 -35.17 -1.55 44.72
C ILE E 570 -36.67 -1.35 44.71
N ARG E 571 -37.21 -0.72 43.67
CA ARG E 571 -38.66 -0.61 43.65
C ARG E 571 -39.17 -1.87 43.01
N VAL E 572 -39.95 -2.63 43.76
CA VAL E 572 -40.39 -3.91 43.27
C VAL E 572 -41.80 -3.87 42.73
N ASP E 573 -41.93 -4.17 41.45
CA ASP E 573 -43.24 -4.22 40.82
C ASP E 573 -43.85 -5.51 41.31
N MET E 574 -44.88 -5.41 42.10
CA MET E 574 -45.37 -6.63 42.68
C MET E 574 -45.95 -7.57 41.66
N SER E 575 -46.42 -7.09 40.50
CA SER E 575 -47.00 -8.05 39.58
C SER E 575 -45.93 -9.07 39.22
N GLU E 576 -44.77 -8.56 38.82
CA GLU E 576 -43.68 -9.45 38.51
C GLU E 576 -43.29 -10.25 39.74
N PHE E 577 -43.36 -9.65 40.93
CA PHE E 577 -42.93 -10.39 42.10
C PHE E 577 -44.01 -10.94 43.02
N MET E 578 -45.24 -11.07 42.52
CA MET E 578 -46.26 -11.70 43.34
C MET E 578 -46.84 -12.84 42.51
N GLU E 579 -46.85 -12.68 41.18
CA GLU E 579 -47.39 -13.72 40.31
C GLU E 579 -46.40 -14.35 39.33
N LYS E 580 -45.47 -13.58 38.76
CA LYS E 580 -44.63 -14.17 37.73
C LYS E 580 -43.31 -14.79 38.21
N HIS E 581 -42.54 -14.01 38.95
CA HIS E 581 -41.23 -14.41 39.41
C HIS E 581 -41.21 -14.52 40.91
N ALA E 582 -42.41 -14.56 41.51
CA ALA E 582 -42.53 -14.69 42.97
C ALA E 582 -41.87 -15.98 43.41
N VAL E 583 -42.00 -16.96 42.56
CA VAL E 583 -41.46 -18.28 42.78
C VAL E 583 -39.95 -18.29 42.78
N SER E 584 -39.31 -17.24 42.27
CA SER E 584 -37.86 -17.17 42.22
C SER E 584 -37.28 -17.15 43.62
N ARG E 585 -38.10 -16.78 44.61
CA ARG E 585 -37.61 -16.78 45.97
C ARG E 585 -37.26 -18.21 46.37
N LEU E 586 -38.11 -19.17 45.91
CA LEU E 586 -38.04 -20.59 46.22
C LEU E 586 -38.01 -21.57 45.01
N VAL E 587 -36.82 -21.97 44.58
CA VAL E 587 -36.59 -22.84 43.41
C VAL E 587 -35.58 -23.97 43.80
N GLY E 588 -35.93 -25.28 43.67
CA GLY E 588 -34.95 -26.31 44.12
C GLY E 588 -34.30 -27.27 43.11
N ALA E 589 -34.43 -27.00 41.83
CA ALA E 589 -33.88 -27.76 40.66
C ALA E 589 -34.33 -29.23 40.43
N PRO E 590 -34.47 -29.98 41.51
CA PRO E 590 -34.99 -31.35 41.55
C PRO E 590 -35.83 -31.52 42.78
N PRO E 591 -35.71 -30.56 43.69
CA PRO E 591 -36.48 -30.60 44.93
C PRO E 591 -36.30 -31.91 45.65
N HIS E 596 -30.32 -19.50 27.12
CA HIS E 596 -30.46 -20.95 27.14
C HIS E 596 -31.03 -21.38 28.50
N ASP E 597 -30.22 -21.15 29.54
CA ASP E 597 -30.52 -21.39 30.95
C ASP E 597 -31.06 -20.08 31.53
N ASP E 598 -32.30 -20.04 32.02
CA ASP E 598 -32.76 -18.73 32.49
C ASP E 598 -33.94 -18.78 33.49
N GLY E 599 -34.23 -17.61 34.05
CA GLY E 599 -35.34 -17.35 34.98
C GLY E 599 -34.87 -16.64 36.25
N GLY E 600 -35.79 -15.94 36.91
CA GLY E 600 -35.49 -15.19 38.13
C GLY E 600 -35.23 -13.70 37.83
N GLN E 601 -35.84 -12.81 38.62
CA GLN E 601 -35.69 -11.37 38.36
C GLN E 601 -35.28 -10.44 39.55
N LEU E 602 -35.61 -10.81 40.82
CA LEU E 602 -35.37 -9.92 41.99
C LEU E 602 -34.32 -10.34 42.98
N THR E 603 -34.42 -11.56 43.48
CA THR E 603 -33.57 -12.01 44.58
C THR E 603 -32.13 -12.11 44.09
N GLU E 604 -32.01 -12.20 42.79
CA GLU E 604 -30.78 -12.24 42.05
C GLU E 604 -29.97 -10.96 42.28
N LYS E 605 -30.68 -9.81 42.37
CA LYS E 605 -30.02 -8.53 42.54
C LYS E 605 -29.70 -8.32 44.00
N VAL E 606 -30.57 -8.87 44.84
CA VAL E 606 -30.42 -8.77 46.28
C VAL E 606 -29.15 -9.48 46.68
N ARG E 607 -28.92 -10.65 46.11
CA ARG E 607 -27.72 -11.38 46.41
C ARG E 607 -26.51 -10.85 45.65
N ARG E 608 -26.71 -10.36 44.42
CA ARG E 608 -25.59 -9.80 43.66
C ARG E 608 -24.83 -8.78 44.51
N LYS E 609 -25.58 -7.89 45.14
CA LYS E 609 -25.03 -6.93 46.07
C LYS E 609 -25.88 -6.93 47.31
N PRO E 610 -25.54 -7.66 48.39
CA PRO E 610 -26.34 -7.79 49.60
C PRO E 610 -26.18 -6.57 50.48
N TYR E 611 -26.51 -5.44 49.89
CA TYR E 611 -26.43 -4.12 50.49
C TYR E 611 -27.67 -3.37 50.07
N SER E 612 -28.84 -3.75 50.55
CA SER E 612 -30.01 -3.10 49.97
C SER E 612 -31.30 -3.14 50.78
N VAL E 613 -32.21 -2.28 50.35
CA VAL E 613 -33.56 -2.18 50.89
C VAL E 613 -34.53 -2.53 49.77
N ILE E 614 -35.41 -3.46 50.04
CA ILE E 614 -36.34 -3.89 49.03
C ILE E 614 -37.69 -3.24 49.24
N LEU E 615 -38.08 -2.39 48.31
CA LEU E 615 -39.34 -1.68 48.43
C LEU E 615 -40.44 -2.41 47.73
N PHE E 616 -41.32 -2.99 48.50
CA PHE E 616 -42.36 -3.73 47.86
C PHE E 616 -43.46 -2.76 47.58
N ASP E 617 -43.76 -2.57 46.31
CA ASP E 617 -44.74 -1.59 45.92
C ASP E 617 -46.15 -2.18 46.10
N GLU E 618 -46.65 -2.02 47.32
CA GLU E 618 -47.91 -2.59 47.84
C GLU E 618 -47.88 -4.12 47.96
N ILE E 619 -47.03 -4.65 48.86
CA ILE E 619 -46.91 -6.10 49.01
C ILE E 619 -48.23 -6.70 49.48
N GLU E 620 -49.09 -5.92 50.14
CA GLU E 620 -50.38 -6.46 50.57
C GLU E 620 -51.16 -7.06 49.40
N LYS E 621 -50.92 -6.58 48.18
CA LYS E 621 -51.63 -7.09 47.00
C LYS E 621 -51.16 -8.51 46.67
N ALA E 622 -50.00 -8.87 47.21
CA ALA E 622 -49.40 -10.16 46.99
C ALA E 622 -50.26 -11.25 47.54
N HIS E 623 -50.17 -12.39 46.90
CA HIS E 623 -50.89 -13.56 47.27
C HIS E 623 -50.34 -14.10 48.60
N PRO E 624 -51.15 -14.83 49.40
CA PRO E 624 -50.76 -15.51 50.63
C PRO E 624 -49.48 -16.30 50.43
N ASP E 625 -49.26 -16.81 49.21
CA ASP E 625 -48.06 -17.53 48.85
C ASP E 625 -46.84 -16.75 49.31
N VAL E 626 -46.81 -15.45 48.95
CA VAL E 626 -45.69 -14.58 49.23
C VAL E 626 -45.57 -14.39 50.71
N PHE E 627 -46.68 -14.20 51.37
CA PHE E 627 -46.61 -13.99 52.80
C PHE E 627 -46.08 -15.26 53.47
N ASN E 628 -46.49 -16.42 53.00
CA ASN E 628 -46.00 -17.65 53.56
C ASN E 628 -44.50 -17.76 53.30
N ILE E 629 -44.06 -17.29 52.11
CA ILE E 629 -42.64 -17.29 51.80
C ILE E 629 -41.97 -16.38 52.82
N LEU E 630 -42.57 -15.22 53.07
CA LEU E 630 -42.02 -14.29 54.04
C LEU E 630 -41.94 -14.91 55.43
N LEU E 631 -42.89 -15.75 55.82
CA LEU E 631 -42.68 -16.40 57.09
C LEU E 631 -41.45 -17.25 57.01
N GLN E 632 -41.35 -18.05 55.95
CA GLN E 632 -40.21 -18.93 55.77
C GLN E 632 -38.92 -18.09 55.75
N VAL E 633 -38.98 -16.83 55.27
CA VAL E 633 -37.83 -15.92 55.22
C VAL E 633 -37.22 -15.68 56.59
N LEU E 634 -38.03 -15.59 57.66
CA LEU E 634 -37.48 -15.30 58.97
C LEU E 634 -37.48 -16.54 59.91
N ASP E 635 -38.27 -17.56 59.56
CA ASP E 635 -38.45 -18.80 60.32
C ASP E 635 -37.10 -19.53 60.33
N ASP E 636 -36.54 -19.76 61.52
CA ASP E 636 -35.19 -20.31 61.66
C ASP E 636 -34.20 -19.40 60.97
N GLY E 637 -34.41 -18.11 61.12
CA GLY E 637 -33.52 -17.11 60.59
C GLY E 637 -33.69 -16.76 59.12
N HIS E 638 -33.52 -17.74 58.25
CA HIS E 638 -33.53 -17.43 56.82
C HIS E 638 -34.42 -18.30 55.94
N LEU E 639 -34.68 -17.80 54.73
CA LEU E 639 -35.52 -18.54 53.80
C LEU E 639 -34.87 -19.88 53.53
N THR E 640 -35.69 -20.92 53.71
CA THR E 640 -35.32 -22.32 53.69
C THR E 640 -34.55 -22.91 52.52
N ASP E 641 -33.65 -23.80 52.87
CA ASP E 641 -32.70 -24.51 52.02
C ASP E 641 -33.08 -25.70 51.15
N THR E 642 -32.27 -25.80 50.07
CA THR E 642 -32.18 -26.95 49.18
C THR E 642 -30.72 -27.28 49.23
N LYS E 643 -29.92 -26.30 49.66
CA LYS E 643 -28.47 -26.51 49.75
C LYS E 643 -27.94 -26.61 51.19
N GLY E 644 -28.37 -25.73 52.10
CA GLY E 644 -27.91 -25.76 53.49
C GLY E 644 -26.71 -24.85 53.76
N ARG E 645 -26.08 -24.34 52.71
CA ARG E 645 -24.91 -23.50 52.86
C ARG E 645 -25.35 -22.06 53.17
N THR E 646 -25.81 -21.88 54.41
CA THR E 646 -26.41 -20.65 54.95
C THR E 646 -25.53 -19.44 54.77
N VAL E 647 -26.16 -18.32 54.33
CA VAL E 647 -25.48 -17.05 54.07
C VAL E 647 -25.93 -15.87 54.93
N ASP E 648 -25.16 -14.79 54.79
CA ASP E 648 -25.36 -13.53 55.48
C ASP E 648 -26.44 -12.63 54.86
N PHE E 649 -27.58 -12.51 55.56
CA PHE E 649 -28.74 -11.71 55.15
C PHE E 649 -28.82 -10.44 55.98
N ARG E 650 -27.76 -10.20 56.75
CA ARG E 650 -27.66 -9.08 57.68
C ARG E 650 -27.85 -7.73 57.04
N ASN E 651 -27.34 -7.58 55.84
CA ASN E 651 -27.40 -6.34 55.09
C ASN E 651 -28.54 -6.27 54.08
N THR E 652 -29.59 -7.06 54.29
CA THR E 652 -30.78 -6.99 53.44
C THR E 652 -31.98 -6.57 54.30
N ILE E 653 -32.67 -5.52 53.87
CA ILE E 653 -33.84 -4.98 54.58
C ILE E 653 -35.08 -5.01 53.71
N ILE E 654 -36.22 -5.41 54.24
CA ILE E 654 -37.40 -5.36 53.39
C ILE E 654 -38.46 -4.39 53.89
N ILE E 655 -39.09 -3.75 52.92
CA ILE E 655 -40.18 -2.79 53.11
C ILE E 655 -41.49 -3.19 52.49
N MET E 656 -42.38 -3.62 53.35
CA MET E 656 -43.63 -4.17 52.95
C MET E 656 -44.75 -3.18 52.90
N THR E 657 -44.83 -2.43 51.82
CA THR E 657 -45.93 -1.48 51.76
C THR E 657 -47.19 -2.32 51.81
N SER E 658 -48.11 -1.99 52.71
CA SER E 658 -49.31 -2.78 52.84
C SER E 658 -50.60 -2.00 53.04
N ASN E 659 -51.39 -1.83 51.98
CA ASN E 659 -52.65 -1.09 52.05
C ASN E 659 -53.79 -1.99 52.48
N VAL E 660 -53.70 -2.38 53.73
CA VAL E 660 -54.65 -3.28 54.37
C VAL E 660 -55.95 -2.56 54.59
N GLY E 661 -55.82 -1.37 55.12
CA GLY E 661 -56.92 -0.51 55.52
C GLY E 661 -57.44 0.30 54.38
N ALA E 662 -58.12 -0.34 53.43
CA ALA E 662 -58.60 0.39 52.26
C ALA E 662 -59.48 1.55 52.69
N GLN E 663 -60.25 1.38 53.76
CA GLN E 663 -61.11 2.45 54.24
C GLN E 663 -60.30 3.45 55.07
N GLU E 664 -59.37 2.95 55.87
CA GLU E 664 -58.51 3.78 56.70
C GLU E 664 -57.64 4.72 55.86
N LEU E 665 -57.41 4.39 54.59
CA LEU E 665 -56.61 5.28 53.76
C LEU E 665 -57.32 6.64 53.70
N GLN E 666 -58.65 6.65 53.72
CA GLN E 666 -59.35 7.92 53.66
C GLN E 666 -59.34 8.54 55.05
N ASP E 667 -59.47 7.72 56.10
CA ASP E 667 -59.44 8.30 57.43
C ASP E 667 -58.12 9.05 57.63
N GLN E 668 -57.02 8.49 57.10
CA GLN E 668 -55.73 9.15 57.21
C GLN E 668 -55.76 10.46 56.43
N ARG E 669 -56.33 10.41 55.22
CA ARG E 669 -56.49 11.57 54.35
C ARG E 669 -57.23 12.70 55.04
N GLY E 679 -57.35 13.36 58.37
CA GLY E 679 -56.85 13.75 59.70
C GLY E 679 -57.07 12.82 60.89
N GLN E 680 -57.31 11.53 60.69
CA GLN E 680 -57.51 10.66 61.85
C GLN E 680 -56.19 10.16 62.44
N ASP E 681 -56.23 9.76 63.72
CA ASP E 681 -55.05 9.26 64.45
C ASP E 681 -54.48 7.95 63.93
N TYR E 682 -53.24 8.03 63.42
CA TYR E 682 -52.57 6.90 62.81
C TYR E 682 -52.46 5.70 63.73
N GLU E 683 -52.39 5.88 65.05
CA GLU E 683 -52.28 4.72 65.94
C GLU E 683 -53.49 3.79 65.84
N THR E 684 -54.69 4.38 65.73
CA THR E 684 -55.91 3.57 65.65
C THR E 684 -55.84 2.78 64.36
N ILE E 685 -55.41 3.48 63.35
CA ILE E 685 -55.27 2.97 62.01
C ILE E 685 -54.21 1.84 61.98
N ARG E 686 -53.07 2.04 62.64
CA ARG E 686 -52.02 1.02 62.72
C ARG E 686 -52.54 -0.26 63.30
N LYS E 687 -53.20 -0.15 64.45
CA LYS E 687 -53.70 -1.32 65.17
C LYS E 687 -54.79 -2.04 64.42
N THR E 688 -55.69 -1.28 63.80
CA THR E 688 -56.76 -1.89 63.03
C THR E 688 -56.16 -2.71 61.91
N MET E 689 -55.24 -2.10 61.18
CA MET E 689 -54.58 -2.80 60.10
C MET E 689 -53.70 -3.93 60.59
N LEU E 690 -53.03 -3.79 61.74
CA LEU E 690 -52.21 -4.87 62.26
C LEU E 690 -53.05 -6.10 62.55
N LYS E 691 -54.21 -5.93 63.18
CA LYS E 691 -55.05 -7.11 63.38
C LYS E 691 -55.33 -7.75 62.02
N GLU E 692 -55.67 -6.93 61.03
CA GLU E 692 -55.93 -7.46 59.71
C GLU E 692 -54.64 -8.02 59.06
N LEU E 693 -53.46 -7.46 59.36
CA LEU E 693 -52.25 -8.01 58.78
C LEU E 693 -52.14 -9.43 59.25
N LYS E 694 -52.44 -9.68 60.53
CA LYS E 694 -52.38 -11.04 61.10
C LYS E 694 -53.36 -11.99 60.43
N ASN E 695 -54.48 -11.48 59.94
CA ASN E 695 -55.38 -12.35 59.20
C ASN E 695 -54.81 -12.69 57.80
N SER E 696 -54.08 -11.74 57.19
CA SER E 696 -53.51 -11.87 55.83
C SER E 696 -52.12 -12.57 55.76
N PHE E 697 -51.15 -12.03 56.49
CA PHE E 697 -49.77 -12.51 56.62
C PHE E 697 -49.73 -13.51 57.73
N ARG E 698 -48.84 -14.48 57.68
CA ARG E 698 -48.78 -15.37 58.81
C ARG E 698 -48.47 -14.52 60.05
N PRO E 699 -49.17 -14.69 61.20
CA PRO E 699 -48.94 -13.94 62.42
C PRO E 699 -47.57 -14.18 63.02
N GLU E 700 -46.95 -15.32 62.72
CA GLU E 700 -45.62 -15.56 63.25
C GLU E 700 -44.69 -14.57 62.58
N PHE E 701 -44.87 -14.42 61.28
CA PHE E 701 -44.07 -13.50 60.52
C PHE E 701 -44.18 -12.11 61.06
N LEU E 702 -45.41 -11.67 61.25
CA LEU E 702 -45.63 -10.30 61.69
C LEU E 702 -45.03 -10.06 63.06
N ASN E 703 -45.14 -11.04 63.94
CA ASN E 703 -44.57 -10.91 65.26
C ASN E 703 -43.05 -10.74 65.19
N ARG E 704 -42.41 -11.29 64.15
CA ARG E 704 -40.97 -11.18 63.96
C ARG E 704 -40.55 -9.94 63.12
N VAL E 705 -41.50 -9.10 62.72
CA VAL E 705 -41.21 -7.88 61.95
C VAL E 705 -40.73 -6.82 62.92
N ASP E 706 -39.59 -6.17 62.62
CA ASP E 706 -39.04 -5.18 63.52
C ASP E 706 -40.08 -4.14 63.90
N ASP E 707 -40.81 -3.62 62.91
CA ASP E 707 -41.87 -2.69 63.28
C ASP E 707 -42.94 -2.53 62.20
N ILE E 708 -44.03 -1.91 62.59
CA ILE E 708 -45.15 -1.58 61.73
C ILE E 708 -45.37 -0.07 61.79
N ILE E 709 -45.23 0.51 60.63
CA ILE E 709 -45.25 1.94 60.39
C ILE E 709 -46.45 2.43 59.63
N VAL E 710 -47.03 3.52 60.09
CA VAL E 710 -48.16 4.06 59.37
C VAL E 710 -47.88 5.44 58.79
N PHE E 711 -48.10 5.55 57.50
CA PHE E 711 -48.00 6.79 56.75
C PHE E 711 -49.39 7.30 56.49
N HIS E 712 -49.53 8.60 56.39
CA HIS E 712 -50.84 9.15 56.11
C HIS E 712 -51.11 9.30 54.63
N ARG F 5 0.39 -70.13 -5.10
CA ARG F 5 -0.60 -69.05 -5.06
C ARG F 5 0.06 -67.71 -4.88
N LEU F 6 -0.70 -66.64 -5.04
CA LEU F 6 -0.12 -65.31 -4.91
C LEU F 6 -0.60 -64.54 -3.70
N THR F 7 0.30 -63.72 -3.16
CA THR F 7 0.05 -62.85 -2.01
C THR F 7 -0.35 -61.45 -2.42
N GLU F 8 -0.58 -60.60 -1.41
CA GLU F 8 -0.94 -59.20 -1.62
C GLU F 8 0.32 -58.36 -1.85
N ARG F 9 1.49 -58.99 -1.86
CA ARG F 9 2.66 -58.21 -2.14
C ARG F 9 2.47 -57.76 -3.58
N ALA F 10 2.77 -56.50 -3.81
CA ALA F 10 2.60 -55.75 -5.04
C ALA F 10 1.12 -55.56 -5.44
N GLN F 11 0.18 -55.71 -4.50
CA GLN F 11 -1.21 -55.39 -4.85
C GLN F 11 -1.38 -53.90 -5.11
N ARG F 12 -0.96 -53.05 -4.18
CA ARG F 12 -1.09 -51.59 -4.35
C ARG F 12 -0.26 -51.13 -5.51
N VAL F 13 0.84 -51.83 -5.74
CA VAL F 13 1.74 -51.52 -6.83
C VAL F 13 0.95 -51.70 -8.11
N LEU F 14 0.29 -52.83 -8.21
CA LEU F 14 -0.54 -53.09 -9.36
C LEU F 14 -1.65 -52.05 -9.45
N ALA F 15 -2.28 -51.70 -8.35
CA ALA F 15 -3.35 -50.72 -8.48
C ALA F 15 -2.82 -49.43 -9.14
N HIS F 16 -1.64 -48.96 -8.73
CA HIS F 16 -1.09 -47.78 -9.38
C HIS F 16 -0.83 -48.08 -10.85
N ALA F 17 -0.28 -49.25 -11.11
CA ALA F 17 0.03 -49.68 -12.47
C ALA F 17 -1.20 -49.67 -13.37
N GLN F 18 -2.35 -50.06 -12.82
CA GLN F 18 -3.59 -50.09 -13.57
C GLN F 18 -3.98 -48.67 -13.92
N GLU F 19 -3.82 -47.75 -12.96
CA GLU F 19 -4.15 -46.38 -13.24
C GLU F 19 -3.27 -45.86 -14.35
N GLU F 20 -1.98 -46.23 -14.34
CA GLU F 20 -1.11 -45.77 -15.41
C GLU F 20 -1.52 -46.33 -16.76
N ALA F 21 -1.92 -47.59 -16.82
CA ALA F 21 -2.34 -48.05 -18.15
C ALA F 21 -3.47 -47.22 -18.68
N ILE F 22 -4.41 -46.88 -17.79
CA ILE F 22 -5.55 -46.10 -18.19
C ILE F 22 -5.15 -44.68 -18.57
N ARG F 23 -4.35 -44.04 -17.73
CA ARG F 23 -3.87 -42.67 -17.93
C ARG F 23 -3.08 -42.53 -19.22
N LEU F 24 -2.32 -43.56 -19.55
CA LEU F 24 -1.48 -43.59 -20.72
C LEU F 24 -2.21 -44.11 -21.96
N ASN F 25 -3.49 -44.46 -21.82
CA ASN F 25 -4.27 -45.02 -22.92
C ASN F 25 -3.62 -46.25 -23.54
N HIS F 26 -3.20 -47.18 -22.70
CA HIS F 26 -2.59 -48.42 -23.15
C HIS F 26 -3.46 -49.62 -22.76
N SER F 27 -3.65 -50.52 -23.70
CA SER F 27 -4.50 -51.68 -23.51
C SER F 27 -4.16 -52.79 -22.55
N ASN F 28 -2.91 -53.18 -22.44
CA ASN F 28 -2.59 -54.30 -21.61
C ASN F 28 -2.01 -53.97 -20.27
N ILE F 29 -2.71 -54.26 -19.19
CA ILE F 29 -2.09 -53.92 -17.93
C ILE F 29 -1.22 -55.13 -17.56
N GLY F 30 0.01 -55.11 -18.03
CA GLY F 30 0.93 -56.24 -17.90
C GLY F 30 2.04 -56.01 -16.89
N THR F 31 3.19 -56.65 -17.09
CA THR F 31 4.28 -56.50 -16.13
C THR F 31 4.91 -55.15 -16.29
N GLU F 32 5.03 -54.66 -17.52
CA GLU F 32 5.65 -53.35 -17.72
C GLU F 32 4.84 -52.33 -16.89
N HIS F 33 3.54 -52.54 -16.76
CA HIS F 33 2.73 -51.67 -15.95
C HIS F 33 3.05 -51.89 -14.50
N LEU F 34 3.24 -53.14 -14.07
CA LEU F 34 3.61 -53.37 -12.67
C LEU F 34 4.79 -52.49 -12.36
N LEU F 35 5.75 -52.43 -13.27
CA LEU F 35 6.95 -51.64 -13.07
C LEU F 35 6.56 -50.16 -12.92
N LEU F 36 5.48 -49.72 -13.58
CA LEU F 36 5.02 -48.32 -13.43
C LEU F 36 4.26 -48.20 -12.10
N GLY F 37 3.78 -49.32 -11.60
CA GLY F 37 3.14 -49.35 -10.31
C GLY F 37 4.18 -49.11 -9.24
N LEU F 38 5.27 -49.87 -9.40
CA LEU F 38 6.42 -49.97 -8.54
C LEU F 38 7.17 -48.67 -8.43
N MET F 39 7.58 -48.16 -9.58
CA MET F 39 8.31 -46.92 -9.62
C MET F 39 7.41 -45.83 -10.10
N LYS F 40 7.62 -44.64 -9.58
CA LYS F 40 6.81 -43.52 -10.00
C LYS F 40 7.58 -42.71 -11.03
N GLU F 41 8.89 -42.71 -10.86
CA GLU F 41 9.82 -41.98 -11.69
C GLU F 41 10.67 -42.94 -12.51
N PRO F 42 11.37 -42.46 -13.56
CA PRO F 42 12.43 -43.14 -14.30
C PRO F 42 13.58 -43.57 -13.38
N GLU F 43 13.64 -42.91 -12.23
CA GLU F 43 14.60 -43.09 -11.17
C GLU F 43 14.17 -44.22 -10.27
N GLY F 44 15.04 -44.59 -9.33
CA GLY F 44 14.71 -45.64 -8.34
C GLY F 44 13.47 -45.26 -7.52
N ILE F 45 13.07 -44.00 -7.56
CA ILE F 45 11.89 -43.57 -6.86
C ILE F 45 10.72 -44.39 -7.42
N ALA F 46 19.26 -48.19 -5.58
CA ALA F 46 19.15 -49.41 -4.81
C ALA F 46 17.76 -49.47 -4.24
N ALA F 47 16.85 -48.71 -4.83
CA ALA F 47 15.46 -48.70 -4.37
C ALA F 47 14.86 -50.08 -4.53
N LYS F 48 15.24 -50.70 -5.63
CA LYS F 48 14.77 -52.01 -5.95
C LYS F 48 15.89 -52.97 -5.65
N VAL F 49 15.50 -54.11 -5.12
CA VAL F 49 16.44 -55.19 -4.83
C VAL F 49 17.49 -55.39 -5.92
N LEU F 50 17.11 -55.38 -7.19
CA LEU F 50 18.08 -55.69 -8.24
C LEU F 50 18.79 -54.42 -8.77
N GLU F 51 18.21 -53.24 -8.47
CA GLU F 51 18.75 -51.93 -8.88
C GLU F 51 20.11 -51.73 -8.28
N SER F 52 20.24 -52.24 -7.07
CA SER F 52 21.47 -52.10 -6.32
C SER F 52 22.67 -52.81 -6.98
N PHE F 53 22.42 -53.77 -7.90
CA PHE F 53 23.54 -54.48 -8.50
C PHE F 53 23.78 -54.28 -10.00
N ASN F 54 22.80 -54.58 -10.87
CA ASN F 54 23.12 -54.45 -12.31
C ASN F 54 22.23 -53.53 -13.12
N ILE F 55 20.94 -53.76 -13.08
CA ILE F 55 20.00 -53.00 -13.88
C ILE F 55 19.16 -52.12 -13.03
N THR F 56 19.30 -50.86 -13.32
CA THR F 56 18.64 -49.82 -12.61
C THR F 56 17.38 -49.38 -13.28
N GLU F 57 16.59 -48.60 -12.57
CA GLU F 57 15.34 -48.15 -13.13
C GLU F 57 15.50 -47.24 -14.34
N ASP F 58 16.57 -46.45 -14.39
CA ASP F 58 16.74 -45.57 -15.54
C ASP F 58 17.01 -46.33 -16.84
N LYS F 59 17.31 -47.63 -16.76
CA LYS F 59 17.56 -48.45 -17.93
C LYS F 59 16.34 -49.28 -18.29
N VAL F 60 15.31 -49.21 -17.44
CA VAL F 60 14.12 -50.01 -17.66
C VAL F 60 12.85 -49.19 -17.79
N ILE F 61 12.62 -48.21 -16.90
CA ILE F 61 11.33 -47.52 -16.90
C ILE F 61 11.08 -46.71 -18.14
N GLU F 62 11.94 -45.78 -18.52
CA GLU F 62 11.59 -45.09 -19.75
C GLU F 62 11.54 -46.06 -20.91
N GLU F 63 12.41 -47.06 -20.89
CA GLU F 63 12.36 -47.98 -21.99
C GLU F 63 11.05 -48.76 -22.03
N VAL F 64 10.48 -49.15 -20.89
CA VAL F 64 9.21 -49.86 -21.01
C VAL F 64 8.06 -48.86 -21.22
N GLU F 65 8.18 -47.61 -20.75
CA GLU F 65 7.12 -46.63 -20.98
C GLU F 65 6.91 -46.45 -22.48
N LYS F 66 7.98 -46.49 -23.25
CA LYS F 66 7.92 -46.37 -24.70
C LYS F 66 7.11 -47.50 -25.36
N LEU F 67 6.93 -48.63 -24.66
CA LEU F 67 6.19 -49.78 -25.17
C LEU F 67 4.73 -49.68 -24.77
N ILE F 68 4.41 -48.71 -23.92
CA ILE F 68 3.09 -48.54 -23.36
C ILE F 68 2.43 -47.30 -23.87
N GLY F 69 3.05 -46.17 -23.55
CA GLY F 69 2.52 -44.87 -23.89
C GLY F 69 3.08 -43.79 -22.96
N TYR F 80 -3.82 -58.92 -20.92
CA TYR F 80 -2.92 -58.28 -19.98
C TYR F 80 -1.47 -58.54 -20.33
N THR F 81 -1.15 -58.51 -21.62
CA THR F 81 0.20 -58.78 -22.07
C THR F 81 0.57 -60.16 -21.57
N PRO F 82 0.02 -61.25 -22.12
CA PRO F 82 0.10 -62.63 -21.63
C PRO F 82 1.47 -63.02 -21.05
N ARG F 83 2.55 -62.38 -21.45
CA ARG F 83 3.86 -62.69 -20.90
C ARG F 83 3.75 -62.53 -19.36
N ALA F 84 2.94 -61.56 -18.91
CA ALA F 84 2.65 -61.27 -17.51
C ALA F 84 2.09 -62.48 -16.79
N LYS F 85 1.40 -63.34 -17.51
CA LYS F 85 0.83 -64.50 -16.90
C LYS F 85 1.95 -65.53 -16.75
N LYS F 86 2.94 -65.46 -17.65
CA LYS F 86 4.12 -66.32 -17.58
C LYS F 86 4.90 -65.89 -16.33
N VAL F 87 4.89 -64.57 -16.08
CA VAL F 87 5.49 -63.98 -14.89
C VAL F 87 4.82 -64.55 -13.66
N ILE F 88 3.50 -64.60 -13.66
CA ILE F 88 2.78 -65.19 -12.56
C ILE F 88 3.12 -66.67 -12.39
N GLU F 89 3.14 -67.44 -13.47
CA GLU F 89 3.49 -68.85 -13.29
C GLU F 89 4.86 -68.99 -12.68
N LEU F 90 5.83 -68.22 -13.15
CA LEU F 90 7.16 -68.34 -12.58
C LEU F 90 7.17 -67.93 -11.12
N SER F 91 6.55 -66.81 -10.76
CA SER F 91 6.63 -66.45 -9.35
C SER F 91 5.95 -67.53 -8.50
N MET F 92 4.87 -68.11 -9.00
CA MET F 92 4.17 -69.18 -8.32
C MET F 92 5.10 -70.37 -8.12
N ASP F 93 5.78 -70.75 -9.18
CA ASP F 93 6.68 -71.87 -9.14
C ASP F 93 7.83 -71.61 -8.19
N GLU F 94 8.39 -70.41 -8.20
CA GLU F 94 9.48 -70.14 -7.28
C GLU F 94 8.95 -70.20 -5.85
N ALA F 95 7.74 -69.72 -5.59
CA ALA F 95 7.28 -69.82 -4.21
C ALA F 95 7.25 -71.28 -3.82
N ARG F 96 6.76 -72.14 -4.71
CA ARG F 96 6.71 -73.56 -4.43
C ARG F 96 8.11 -74.10 -4.12
N LYS F 97 9.05 -73.77 -4.98
CA LYS F 97 10.45 -74.18 -4.89
C LYS F 97 11.18 -73.69 -3.65
N LEU F 98 10.72 -72.59 -3.05
CA LEU F 98 11.41 -72.07 -1.89
C LEU F 98 10.58 -72.39 -0.64
N HIS F 99 9.72 -73.41 -0.77
CA HIS F 99 8.86 -73.92 0.29
C HIS F 99 7.80 -72.96 0.81
N HIS F 100 7.19 -72.19 -0.08
CA HIS F 100 6.13 -71.28 0.31
C HIS F 100 4.90 -71.56 -0.50
N ASN F 101 3.75 -71.50 0.15
CA ASN F 101 2.48 -71.69 -0.53
C ASN F 101 2.15 -70.50 -1.41
N PHE F 102 2.64 -69.33 -1.01
CA PHE F 102 2.34 -68.10 -1.71
C PHE F 102 3.55 -67.28 -2.11
N VAL F 103 3.39 -66.55 -3.20
CA VAL F 103 4.38 -65.62 -3.76
C VAL F 103 4.57 -64.30 -3.06
N GLY F 104 5.77 -64.09 -2.54
CA GLY F 104 6.12 -62.85 -1.86
C GLY F 104 6.93 -61.96 -2.81
N THR F 105 7.57 -60.88 -2.33
CA THR F 105 8.31 -59.96 -3.23
C THR F 105 9.41 -60.72 -3.93
N GLU F 106 10.08 -61.57 -3.19
CA GLU F 106 11.17 -62.34 -3.74
C GLU F 106 10.72 -63.27 -4.85
N HIS F 107 9.45 -63.68 -4.84
CA HIS F 107 9.00 -64.58 -5.84
C HIS F 107 8.48 -63.73 -6.98
N ILE F 108 7.98 -62.53 -6.65
CA ILE F 108 7.51 -61.61 -7.68
C ILE F 108 8.70 -61.22 -8.53
N LEU F 109 9.82 -60.86 -7.88
CA LEU F 109 11.02 -60.45 -8.62
C LEU F 109 11.49 -61.56 -9.50
N LEU F 110 11.49 -62.79 -9.00
CA LEU F 110 11.90 -63.89 -9.84
C LEU F 110 10.90 -64.03 -10.99
N GLY F 111 9.63 -63.87 -10.70
CA GLY F 111 8.63 -63.94 -11.74
C GLY F 111 8.84 -62.90 -12.83
N LEU F 112 9.33 -61.71 -12.45
CA LEU F 112 9.50 -60.60 -13.38
C LEU F 112 10.49 -60.91 -14.47
N ASN F 116 10.45 -63.12 -16.61
CA ASN F 116 9.74 -63.41 -17.84
C ASN F 116 9.26 -62.18 -18.62
N GLU F 117 9.04 -61.05 -17.96
CA GLU F 117 8.55 -59.89 -18.70
C GLU F 117 9.07 -58.53 -18.24
N GLY F 118 9.28 -58.32 -16.93
CA GLY F 118 9.51 -56.99 -16.36
C GLY F 118 10.91 -56.44 -16.57
N VAL F 119 11.33 -56.45 -17.81
CA VAL F 119 12.63 -56.02 -18.24
C VAL F 119 12.53 -55.16 -19.47
N ALA F 120 13.50 -54.31 -19.70
CA ALA F 120 13.48 -53.60 -20.97
C ALA F 120 14.22 -54.48 -21.95
N ALA F 121 13.53 -55.51 -22.44
CA ALA F 121 14.19 -56.42 -23.36
C ALA F 121 14.46 -55.67 -24.65
N ARG F 122 15.74 -55.46 -24.94
CA ARG F 122 16.28 -54.69 -26.04
C ARG F 122 17.47 -55.49 -26.56
N VAL F 123 18.15 -55.05 -27.61
CA VAL F 123 19.32 -55.86 -28.03
C VAL F 123 20.28 -55.97 -26.86
N PHE F 124 20.53 -54.84 -26.20
CA PHE F 124 21.34 -54.83 -25.01
C PHE F 124 20.34 -54.84 -23.86
N ALA F 125 19.61 -55.94 -23.74
CA ALA F 125 18.51 -56.04 -22.80
C ALA F 125 18.89 -55.78 -21.37
N ASN F 126 18.06 -54.96 -20.74
CA ASN F 126 18.22 -54.60 -19.36
C ASN F 126 17.47 -55.61 -18.51
N LEU F 127 18.10 -56.78 -18.43
CA LEU F 127 17.51 -57.98 -17.83
C LEU F 127 17.61 -58.11 -16.34
N ASP F 128 16.61 -58.79 -15.81
CA ASP F 128 16.50 -59.11 -14.41
C ASP F 128 17.61 -59.97 -13.86
N LEU F 129 18.15 -59.53 -12.74
CA LEU F 129 19.17 -60.23 -12.00
C LEU F 129 18.56 -61.35 -11.18
N ASN F 130 18.29 -62.43 -11.86
CA ASN F 130 17.57 -63.56 -11.30
C ASN F 130 17.99 -64.07 -9.92
N ILE F 131 19.27 -64.12 -9.62
CA ILE F 131 19.67 -64.66 -8.32
C ILE F 131 20.39 -63.72 -7.36
N THR F 132 21.45 -63.05 -7.82
CA THR F 132 22.33 -62.33 -6.89
C THR F 132 21.62 -61.50 -5.83
N LYS F 133 20.82 -60.51 -6.23
CA LYS F 133 20.17 -59.71 -5.21
C LYS F 133 18.77 -60.19 -5.00
N ALA F 134 18.26 -60.92 -5.99
CA ALA F 134 16.92 -61.48 -5.90
C ALA F 134 16.86 -62.36 -4.68
N ARG F 135 17.98 -62.97 -4.33
CA ARG F 135 18.03 -63.79 -3.16
C ARG F 135 18.78 -63.05 -2.01
N ALA F 136 19.89 -62.33 -2.28
CA ALA F 136 20.63 -61.70 -1.18
C ALA F 136 19.81 -60.69 -0.36
N GLN F 137 18.90 -59.94 -0.99
CA GLN F 137 18.17 -58.92 -0.24
C GLN F 137 16.96 -59.47 0.45
N VAL F 138 16.74 -60.75 0.24
CA VAL F 138 15.64 -61.46 0.80
C VAL F 138 16.20 -62.12 2.03
N VAL F 139 17.39 -62.68 1.89
CA VAL F 139 18.07 -63.28 3.01
C VAL F 139 18.28 -62.21 4.10
N LYS F 140 18.61 -60.99 3.67
CA LYS F 140 18.80 -59.88 4.60
C LYS F 140 17.50 -59.22 5.06
N ALA F 141 16.35 -59.66 4.56
CA ALA F 141 15.05 -59.09 4.90
C ALA F 141 14.54 -59.70 6.19
N LEU F 142 13.33 -59.34 6.61
CA LEU F 142 12.84 -59.92 7.85
C LEU F 142 12.80 -61.42 7.78
N GLY F 143 12.44 -61.96 6.63
CA GLY F 143 12.32 -63.39 6.57
C GLY F 143 11.17 -63.90 7.45
N ASN F 144 11.47 -64.77 8.40
CA ASN F 144 10.45 -65.39 9.26
C ASN F 144 9.30 -64.57 9.88
N PRO F 145 9.48 -63.34 10.43
CA PRO F 145 8.38 -62.53 10.98
C PRO F 145 7.28 -62.31 9.96
N GLU F 146 7.66 -62.35 8.68
CA GLU F 146 6.81 -62.18 7.53
C GLU F 146 7.31 -63.06 6.43
N MET F 147 7.06 -64.37 6.50
CA MET F 147 7.61 -65.17 5.42
C MET F 147 6.96 -64.73 4.11
N SER F 148 5.68 -64.38 4.18
CA SER F 148 4.98 -63.90 3.00
C SER F 148 3.69 -63.21 3.37
N ASN F 149 3.19 -62.47 2.40
CA ASN F 149 1.87 -61.87 2.41
C ASN F 149 1.50 -60.84 3.47
N LYS F 150 2.37 -59.94 3.92
CA LYS F 150 1.77 -58.98 4.81
C LYS F 150 0.94 -58.07 3.92
N ASN F 151 1.61 -57.34 3.00
CA ASN F 151 0.95 -56.50 2.01
C ASN F 151 1.94 -55.94 0.96
N ALA F 152 1.51 -54.97 0.16
CA ALA F 152 2.27 -54.44 -0.97
C ALA F 152 3.48 -53.56 -0.64
N GLN F 153 4.48 -54.22 -0.08
CA GLN F 153 5.82 -53.71 0.26
C GLN F 153 6.77 -53.85 -0.91
N ALA F 154 6.24 -54.34 -2.03
CA ALA F 154 6.95 -54.59 -3.27
C ALA F 154 6.89 -53.35 -4.16
N SER F 155 6.66 -52.20 -3.55
CA SER F 155 6.60 -50.89 -4.16
C SER F 155 8.02 -50.48 -4.32
N LYS F 156 8.26 -49.28 -4.85
CA LYS F 156 9.64 -48.83 -5.02
C LYS F 156 10.51 -49.14 -3.80
N SER F 157 9.95 -49.15 -2.58
CA SER F 157 10.72 -49.39 -1.37
C SER F 157 10.86 -50.89 -1.10
N ASN F 158 11.58 -51.58 -1.95
CA ASN F 158 11.66 -53.03 -1.84
C ASN F 158 12.74 -53.33 -0.83
N ASN F 159 12.88 -54.58 -0.37
CA ASN F 159 14.00 -55.02 0.42
C ASN F 159 15.30 -54.71 -0.33
N THR F 162 7.07 -25.74 -3.09
CA THR F 162 6.23 -24.60 -2.76
C THR F 162 6.10 -24.50 -1.25
N LEU F 163 5.01 -25.04 -0.69
CA LEU F 163 4.77 -25.03 0.75
C LEU F 163 4.90 -23.64 1.39
N ASP F 164 3.95 -22.74 1.07
CA ASP F 164 4.02 -21.37 1.56
C ASP F 164 4.01 -21.36 3.10
N SER F 165 4.38 -20.21 3.68
CA SER F 165 4.62 -20.05 5.12
C SER F 165 3.44 -20.34 6.03
N LEU F 166 2.22 -20.47 5.50
CA LEU F 166 1.14 -20.82 6.41
C LEU F 166 1.45 -22.16 7.07
N ALA F 167 2.22 -23.01 6.38
CA ALA F 167 2.59 -24.32 6.89
C ALA F 167 3.69 -24.18 7.95
N ARG F 168 3.27 -23.75 9.14
CA ARG F 168 4.19 -23.47 10.25
C ARG F 168 4.89 -24.74 10.69
N ASP F 169 6.22 -24.72 10.73
CA ASP F 169 6.92 -25.95 11.06
C ASP F 169 7.00 -26.24 12.57
N LEU F 170 6.33 -27.32 13.00
CA LEU F 170 6.27 -27.68 14.41
C LEU F 170 7.42 -28.66 14.71
N THR F 171 7.66 -29.59 13.78
CA THR F 171 8.73 -30.59 13.95
C THR F 171 10.04 -29.89 14.21
N VAL F 172 10.32 -28.79 13.54
CA VAL F 172 11.58 -28.12 13.81
C VAL F 172 11.72 -27.65 15.26
N ILE F 173 10.65 -27.31 15.99
CA ILE F 173 10.95 -26.89 17.34
C ILE F 173 11.14 -28.13 18.16
N ALA F 174 10.46 -29.21 17.76
CA ALA F 174 10.60 -30.46 18.44
C ALA F 174 12.04 -30.96 18.32
N LYS F 175 12.63 -30.72 17.16
CA LYS F 175 13.98 -31.12 16.88
C LYS F 175 15.00 -30.20 17.53
N ASP F 176 14.81 -28.89 17.41
CA ASP F 176 15.74 -27.92 18.02
C ASP F 176 15.78 -28.07 19.53
N GLY F 177 14.63 -28.42 20.13
CA GLY F 177 14.54 -28.56 21.57
C GLY F 177 13.93 -27.31 22.17
N THR F 178 13.12 -26.63 21.37
CA THR F 178 12.46 -25.38 21.70
C THR F 178 10.97 -25.64 21.80
N LEU F 179 10.67 -26.80 22.40
CA LEU F 179 9.33 -27.32 22.60
C LEU F 179 9.20 -27.80 24.03
N ASP F 180 7.97 -27.89 24.52
CA ASP F 180 7.74 -28.54 25.79
C ASP F 180 7.33 -29.99 25.51
N PRO F 181 8.06 -31.00 25.99
CA PRO F 181 7.76 -32.40 25.82
C PRO F 181 6.62 -32.76 26.73
N VAL F 182 6.18 -33.99 26.64
CA VAL F 182 5.19 -34.52 27.56
C VAL F 182 5.60 -35.83 28.13
N ILE F 183 5.11 -36.12 29.32
CA ILE F 183 5.42 -37.36 29.98
C ILE F 183 4.20 -38.25 30.08
N GLY F 184 4.40 -39.53 29.76
CA GLY F 184 3.33 -40.52 29.89
C GLY F 184 2.26 -40.41 28.84
N ARG F 185 2.61 -39.89 27.67
CA ARG F 185 1.62 -39.70 26.62
C ARG F 185 1.76 -40.69 25.48
N ASP F 186 2.37 -41.82 25.76
CA ASP F 186 2.52 -42.81 24.72
C ASP F 186 1.19 -43.37 24.25
N LYS F 187 0.13 -43.29 25.06
CA LYS F 187 -1.12 -43.85 24.62
C LYS F 187 -1.84 -42.85 23.74
N GLU F 188 -1.60 -41.58 24.00
CA GLU F 188 -2.17 -40.51 23.22
C GLU F 188 -1.53 -40.55 21.83
N ILE F 189 -0.22 -40.71 21.80
CA ILE F 189 0.52 -40.75 20.55
C ILE F 189 0.12 -42.01 19.79
N THR F 190 0.09 -43.13 20.49
CA THR F 190 -0.30 -44.39 19.90
C THR F 190 -1.68 -44.30 19.31
N ARG F 191 -2.62 -43.72 20.04
CA ARG F 191 -3.98 -43.65 19.56
C ARG F 191 -4.12 -42.77 18.34
N VAL F 192 -3.44 -41.64 18.27
CA VAL F 192 -3.66 -40.88 17.05
C VAL F 192 -3.05 -41.61 15.85
N ILE F 193 -2.00 -42.39 16.07
CA ILE F 193 -1.46 -43.17 14.96
C ILE F 193 -2.49 -44.19 14.51
N GLU F 194 -3.15 -44.85 15.47
CA GLU F 194 -4.14 -45.83 15.11
C GLU F 194 -5.25 -45.21 14.30
N VAL F 195 -5.67 -44.01 14.66
CA VAL F 195 -6.77 -43.44 13.89
C VAL F 195 -6.28 -43.08 12.49
N LEU F 196 -5.10 -42.51 12.38
CA LEU F 196 -4.58 -42.14 11.07
C LEU F 196 -4.42 -43.36 10.16
N SER F 197 -4.25 -44.53 10.76
CA SER F 197 -4.08 -45.78 10.03
C SER F 197 -5.41 -46.40 9.55
N ARG F 198 -6.56 -45.81 9.94
CA ARG F 198 -7.90 -46.33 9.60
C ARG F 198 -8.28 -46.20 8.14
N ARG F 199 -9.18 -47.08 7.68
CA ARG F 199 -9.70 -47.04 6.30
C ARG F 199 -10.73 -45.95 6.11
N THR F 200 -11.56 -45.78 7.13
CA THR F 200 -12.68 -44.87 7.10
C THR F 200 -12.43 -43.66 8.00
N LYS F 201 -12.61 -43.84 9.31
CA LYS F 201 -12.40 -42.74 10.23
C LYS F 201 -10.92 -42.56 10.46
N ASN F 202 -10.26 -41.94 9.47
CA ASN F 202 -8.82 -41.80 9.36
C ASN F 202 -8.19 -40.49 9.84
N ASN F 203 -8.93 -39.71 10.60
CA ASN F 203 -8.40 -38.45 11.13
C ASN F 203 -8.70 -38.25 12.63
N PRO F 204 -7.79 -38.49 13.55
CA PRO F 204 -8.06 -38.34 14.95
C PRO F 204 -8.25 -36.89 15.26
N VAL F 205 -9.02 -36.62 16.27
CA VAL F 205 -9.24 -35.30 16.78
C VAL F 205 -8.80 -35.27 18.22
N LEU F 206 -7.90 -34.40 18.61
CA LEU F 206 -7.58 -34.41 20.03
C LEU F 206 -8.72 -33.69 20.72
N ILE F 207 -9.32 -34.29 21.72
CA ILE F 207 -10.41 -33.65 22.43
C ILE F 207 -10.00 -33.58 23.88
N GLY F 208 -10.75 -32.83 24.68
CA GLY F 208 -10.42 -32.64 26.09
C GLY F 208 -10.17 -31.15 26.32
N GLU F 209 -9.82 -30.79 27.56
CA GLU F 209 -9.61 -29.39 27.95
C GLU F 209 -8.40 -28.64 27.35
N PRO F 210 -8.57 -27.45 26.72
CA PRO F 210 -7.50 -26.62 26.18
C PRO F 210 -6.89 -25.87 27.34
N GLY F 211 -6.19 -26.61 28.19
CA GLY F 211 -5.66 -26.08 29.42
C GLY F 211 -5.01 -27.18 30.24
N VAL F 212 -4.97 -28.38 29.68
CA VAL F 212 -4.30 -29.49 30.38
C VAL F 212 -3.06 -29.98 29.67
N GLY F 213 -2.39 -29.07 28.97
CA GLY F 213 -1.18 -29.42 28.28
C GLY F 213 -1.41 -29.89 26.86
N LYS F 214 -2.58 -29.65 26.28
CA LYS F 214 -2.78 -30.12 24.92
C LYS F 214 -1.74 -29.52 23.97
N THR F 215 -1.32 -28.25 24.18
CA THR F 215 -0.28 -27.74 23.29
C THR F 215 0.94 -28.64 23.44
N ALA F 216 1.34 -28.92 24.68
CA ALA F 216 2.53 -29.74 24.90
C ALA F 216 2.35 -31.12 24.28
N ILE F 217 1.14 -31.68 24.32
CA ILE F 217 0.91 -32.99 23.75
C ILE F 217 1.16 -32.88 22.27
N ALA F 218 0.61 -31.85 21.64
CA ALA F 218 0.81 -31.65 20.22
C ALA F 218 2.29 -31.49 19.90
N GLU F 219 3.02 -30.77 20.74
CA GLU F 219 4.44 -30.63 20.53
C GLU F 219 5.07 -32.01 20.66
N GLY F 220 4.55 -32.81 21.59
CA GLY F 220 4.94 -34.20 21.80
C GLY F 220 4.69 -35.02 20.53
N LEU F 221 3.61 -34.72 19.80
CA LEU F 221 3.36 -35.44 18.57
C LEU F 221 4.45 -35.07 17.58
N ALA F 222 4.82 -33.80 17.53
CA ALA F 222 5.91 -33.44 16.63
C ALA F 222 7.19 -34.18 17.07
N GLN F 223 7.38 -34.27 18.38
CA GLN F 223 8.54 -34.95 18.96
C GLN F 223 8.59 -36.41 18.54
N ALA F 224 7.43 -37.04 18.42
CA ALA F 224 7.28 -38.42 18.02
C ALA F 224 7.83 -38.67 16.59
N ILE F 225 7.89 -37.60 15.78
CA ILE F 225 8.38 -37.69 14.42
C ILE F 225 9.86 -37.45 14.43
N VAL F 226 10.29 -36.61 15.35
CA VAL F 226 11.70 -36.37 15.51
C VAL F 226 12.35 -37.66 16.01
N ASN F 227 11.70 -38.28 16.99
CA ASN F 227 12.19 -39.49 17.61
C ASN F 227 12.04 -40.76 16.76
N ASN F 228 10.88 -40.99 16.11
CA ASN F 228 10.70 -42.21 15.31
C ASN F 228 10.98 -43.51 16.08
N GLU F 229 10.16 -43.82 17.08
CA GLU F 229 10.36 -44.97 17.96
C GLU F 229 9.74 -46.32 17.53
N VAL F 230 9.05 -46.36 16.39
CA VAL F 230 8.41 -47.58 15.91
C VAL F 230 9.29 -48.13 14.79
N PRO F 231 9.76 -49.36 14.82
CA PRO F 231 10.77 -49.86 13.92
C PRO F 231 10.49 -50.29 12.46
N GLU F 232 9.85 -49.49 11.61
CA GLU F 232 9.75 -49.88 10.19
C GLU F 232 9.66 -48.74 9.13
N THR F 233 8.52 -48.00 9.02
CA THR F 233 8.29 -47.18 7.81
C THR F 233 8.43 -45.63 7.77
N LEU F 234 7.67 -44.87 8.53
CA LEU F 234 7.67 -43.41 8.37
C LEU F 234 8.77 -42.61 9.07
N LYS F 235 9.46 -41.80 8.27
CA LYS F 235 10.47 -40.86 8.75
C LYS F 235 10.40 -39.61 7.90
N ASP F 236 9.63 -39.72 6.83
CA ASP F 236 9.65 -38.73 5.75
C ASP F 236 8.61 -37.62 5.78
N LYS F 237 7.89 -37.46 6.88
CA LYS F 237 6.90 -36.39 6.91
C LYS F 237 7.13 -35.46 8.07
N ARG F 238 6.79 -34.19 7.83
CA ARG F 238 6.91 -33.18 8.88
C ARG F 238 5.57 -32.80 9.48
N VAL F 239 5.63 -32.48 10.76
CA VAL F 239 4.49 -31.99 11.49
C VAL F 239 4.49 -30.48 11.43
N MET F 240 3.42 -29.93 10.88
CA MET F 240 3.27 -28.52 10.69
C MET F 240 1.91 -28.05 11.17
N SER F 241 1.71 -26.75 11.33
CA SER F 241 0.40 -26.23 11.70
C SER F 241 0.08 -24.95 10.94
N LEU F 242 -1.00 -24.29 11.31
CA LEU F 242 -1.42 -23.10 10.57
C LEU F 242 -0.99 -21.77 11.18
N ASP F 243 -0.22 -21.00 10.41
CA ASP F 243 0.30 -19.72 10.86
C ASP F 243 -0.76 -18.59 10.77
N MET F 244 -1.80 -18.69 11.60
CA MET F 244 -2.87 -17.68 11.61
C MET F 244 -2.62 -16.64 12.71
N GLY F 245 -1.86 -15.60 12.38
CA GLY F 245 -1.41 -14.56 13.32
C GLY F 245 -1.95 -13.18 13.01
N THR F 246 -1.59 -12.21 13.86
CA THR F 246 -2.03 -10.81 13.73
C THR F 246 -0.98 -9.80 14.18
N VAL F 247 -1.18 -8.56 13.74
CA VAL F 247 -0.36 -7.42 14.13
C VAL F 247 -0.98 -6.75 15.33
N GLY F 255 -6.46 -9.90 -1.69
CA GLY F 255 -6.92 -11.28 -1.54
C GLY F 255 -7.34 -11.55 -0.11
N GLU F 256 -7.53 -12.82 0.21
CA GLU F 256 -7.96 -13.23 1.54
C GLU F 256 -7.07 -14.31 2.14
N PHE F 257 -7.10 -14.41 3.47
CA PHE F 257 -6.35 -15.45 4.18
C PHE F 257 -6.74 -16.79 3.61
N GLU F 258 -8.05 -16.99 3.49
CA GLU F 258 -8.65 -18.21 2.99
C GLU F 258 -8.20 -18.55 1.57
N GLU F 259 -7.97 -17.55 0.73
CA GLU F 259 -7.50 -17.86 -0.61
C GLU F 259 -6.09 -18.45 -0.52
N ARG F 260 -5.26 -17.85 0.34
CA ARG F 260 -3.90 -18.34 0.53
C ARG F 260 -3.97 -19.75 1.13
N LEU F 261 -4.89 -19.92 2.07
CA LEU F 261 -5.08 -21.18 2.78
C LEU F 261 -5.41 -22.28 1.78
N LYS F 262 -6.34 -22.02 0.86
CA LYS F 262 -6.70 -22.99 -0.14
C LYS F 262 -5.47 -23.39 -0.94
N LYS F 263 -4.71 -22.39 -1.37
CA LYS F 263 -3.53 -22.69 -2.15
C LYS F 263 -2.55 -23.52 -1.34
N VAL F 264 -2.37 -23.20 -0.07
CA VAL F 264 -1.45 -23.98 0.75
C VAL F 264 -1.96 -25.40 0.93
N MET F 265 -3.25 -25.59 1.16
CA MET F 265 -3.79 -26.94 1.28
C MET F 265 -3.43 -27.75 0.04
N GLU F 266 -3.65 -27.15 -1.12
CA GLU F 266 -3.34 -27.82 -2.37
C GLU F 266 -1.84 -28.07 -2.51
N GLU F 267 -1.01 -27.08 -2.15
CA GLU F 267 0.44 -27.25 -2.27
C GLU F 267 0.91 -28.39 -1.42
N ILE F 268 0.35 -28.54 -0.24
CA ILE F 268 0.74 -29.59 0.65
C ILE F 268 0.29 -30.94 0.20
N GLN F 269 -0.98 -31.08 -0.20
CA GLN F 269 -1.38 -32.41 -0.61
C GLN F 269 -0.54 -32.84 -1.80
N GLN F 270 -0.28 -31.90 -2.71
CA GLN F 270 0.52 -32.17 -3.89
C GLN F 270 1.97 -32.49 -3.53
N ALA F 271 2.55 -31.75 -2.58
CA ALA F 271 3.92 -32.02 -2.17
C ALA F 271 4.01 -33.41 -1.59
N GLY F 272 3.04 -33.75 -0.75
CA GLY F 272 2.93 -35.06 -0.16
C GLY F 272 3.86 -35.31 1.03
N ASN F 273 4.61 -34.31 1.49
CA ASN F 273 5.55 -34.57 2.58
C ASN F 273 5.36 -33.80 3.88
N VAL F 274 4.37 -32.93 3.96
CA VAL F 274 4.18 -32.25 5.22
C VAL F 274 2.70 -32.37 5.45
N ILE F 275 2.27 -32.33 6.70
CA ILE F 275 0.86 -32.37 7.04
C ILE F 275 0.50 -31.24 8.02
N LEU F 276 -0.62 -30.53 7.82
CA LEU F 276 -0.94 -29.53 8.84
C LEU F 276 -1.81 -30.16 9.90
N PHE F 277 -1.52 -29.81 11.13
CA PHE F 277 -2.17 -30.31 12.34
C PHE F 277 -2.68 -29.22 13.24
N ILE F 278 -3.63 -29.58 14.10
CA ILE F 278 -4.16 -28.67 15.09
C ILE F 278 -3.58 -29.04 16.45
N ASP F 279 -3.07 -28.06 17.21
CA ASP F 279 -2.46 -28.38 18.48
C ASP F 279 -3.44 -28.54 19.66
N GLU F 280 -4.25 -27.52 19.94
CA GLU F 280 -5.22 -27.70 21.04
C GLU F 280 -6.63 -27.85 20.58
N LEU F 281 -7.08 -27.00 19.67
CA LEU F 281 -8.44 -27.08 19.19
C LEU F 281 -8.62 -26.32 17.89
N HIS F 282 -9.57 -26.74 17.09
CA HIS F 282 -9.93 -25.97 15.93
C HIS F 282 -11.41 -25.92 15.88
N THR F 283 -11.93 -24.75 16.14
CA THR F 283 -13.33 -24.59 16.16
C THR F 283 -13.73 -24.39 14.73
N LEU F 284 -14.97 -24.62 14.40
CA LEU F 284 -15.33 -24.34 13.03
C LEU F 284 -15.21 -22.84 12.85
N VAL F 285 -14.49 -22.44 11.83
CA VAL F 285 -14.32 -21.02 11.56
C VAL F 285 -15.64 -20.40 11.16
N GLY F 286 -15.74 -19.07 11.24
CA GLY F 286 -16.97 -18.37 10.86
C GLY F 286 -16.94 -17.94 9.39
N ALA F 287 -15.87 -18.32 8.70
CA ALA F 287 -15.57 -17.99 7.31
C ALA F 287 -14.23 -18.61 6.97
N ALA F 296 -16.65 -19.48 3.87
CA ALA F 296 -17.66 -20.29 4.55
C ALA F 296 -17.15 -20.82 5.87
N SER F 297 -18.06 -21.14 6.79
CA SER F 297 -17.61 -21.71 8.05
C SER F 297 -16.94 -23.03 7.72
N ASN F 298 -17.54 -23.71 6.78
CA ASN F 298 -17.05 -24.92 6.18
C ASN F 298 -16.11 -24.54 5.04
N ILE F 299 -15.12 -23.74 5.37
CA ILE F 299 -14.18 -23.29 4.40
C ILE F 299 -13.45 -24.52 3.94
N LEU F 300 -13.31 -24.68 2.63
CA LEU F 300 -12.62 -25.81 2.03
C LEU F 300 -13.21 -27.14 2.46
N LYS F 301 -14.47 -27.17 2.91
CA LYS F 301 -15.00 -28.45 3.29
C LYS F 301 -15.03 -29.40 2.10
N PRO F 302 -15.42 -29.00 0.86
CA PRO F 302 -15.42 -29.88 -0.29
C PRO F 302 -14.00 -29.96 -0.85
N ALA F 303 -13.13 -30.51 -0.03
CA ALA F 303 -11.71 -30.67 -0.24
C ALA F 303 -11.17 -31.39 0.97
N LEU F 304 -11.41 -30.81 2.13
CA LEU F 304 -10.98 -31.42 3.38
C LEU F 304 -11.74 -32.74 3.53
N ALA F 305 -12.99 -32.72 3.05
CA ALA F 305 -13.89 -33.86 3.03
C ALA F 305 -13.32 -35.02 2.22
N ARG F 306 -12.28 -34.79 1.40
CA ARG F 306 -11.69 -35.88 0.64
C ARG F 306 -11.16 -36.94 1.61
N GLY F 307 -10.71 -36.53 2.81
CA GLY F 307 -10.19 -37.51 3.75
C GLY F 307 -8.79 -37.90 3.33
N GLU F 308 -8.13 -36.98 2.63
CA GLU F 308 -6.78 -37.12 2.09
C GLU F 308 -5.87 -36.17 2.84
N LEU F 309 -4.58 -36.49 2.93
CA LEU F 309 -3.63 -35.65 3.66
C LEU F 309 -4.13 -35.61 5.10
N GLN F 310 -4.37 -36.80 5.62
CA GLN F 310 -4.94 -37.02 6.93
C GLN F 310 -4.11 -36.38 8.00
N CYS F 311 -4.76 -35.84 9.02
CA CYS F 311 -4.01 -35.20 10.07
C CYS F 311 -4.73 -35.31 11.37
N ILE F 312 -4.05 -34.89 12.41
CA ILE F 312 -4.65 -34.92 13.71
C ILE F 312 -5.25 -33.55 13.93
N GLY F 313 -6.57 -33.52 14.03
CA GLY F 313 -7.29 -32.28 14.21
C GLY F 313 -7.49 -32.13 15.69
N ALA F 314 -8.28 -31.18 16.11
CA ALA F 314 -8.49 -31.05 17.53
C ALA F 314 -9.73 -30.22 17.78
N THR F 315 -10.32 -30.47 18.91
CA THR F 315 -11.46 -29.72 19.40
C THR F 315 -11.52 -29.86 20.91
N THR F 316 -12.67 -29.56 21.49
CA THR F 316 -12.84 -29.74 22.93
C THR F 316 -14.20 -30.39 23.18
N LEU F 317 -14.63 -30.47 24.43
CA LEU F 317 -15.87 -31.18 24.71
C LEU F 317 -17.08 -30.61 24.00
N ASP F 318 -17.33 -29.33 24.17
CA ASP F 318 -18.54 -28.78 23.60
C ASP F 318 -18.35 -28.47 22.14
N GLU F 319 -17.14 -28.10 21.74
CA GLU F 319 -16.94 -27.81 20.34
C GLU F 319 -17.10 -29.10 19.52
N TYR F 320 -16.63 -30.24 20.05
CA TYR F 320 -16.80 -31.48 19.33
C TYR F 320 -18.27 -31.68 19.09
N ARG F 321 -19.06 -31.52 20.16
CA ARG F 321 -20.49 -31.71 20.05
C ARG F 321 -21.13 -30.70 19.09
N LYS F 322 -20.68 -29.45 19.16
CA LYS F 322 -21.21 -28.38 18.34
C LYS F 322 -21.05 -28.61 16.85
N ASN F 323 -19.85 -28.95 16.41
CA ASN F 323 -19.66 -29.10 14.98
C ASN F 323 -19.42 -30.50 14.46
N ILE F 324 -18.94 -31.45 15.26
CA ILE F 324 -18.70 -32.75 14.65
C ILE F 324 -19.96 -33.57 14.74
N GLU F 325 -20.53 -33.66 15.94
CA GLU F 325 -21.72 -34.49 16.11
C GLU F 325 -22.89 -33.99 15.25
N LYS F 326 -22.96 -32.68 15.06
CA LYS F 326 -24.04 -32.11 14.28
C LYS F 326 -23.77 -32.06 12.78
N ASP F 327 -22.55 -32.40 12.36
CA ASP F 327 -22.20 -32.40 10.95
C ASP F 327 -22.45 -33.81 10.43
N ALA F 328 -21.82 -34.75 11.12
CA ALA F 328 -21.82 -36.17 10.88
C ALA F 328 -21.15 -36.61 9.57
N ALA F 329 -20.58 -35.70 8.78
CA ALA F 329 -19.80 -36.15 7.65
C ALA F 329 -18.42 -36.34 8.22
N LEU F 330 -18.11 -35.45 9.14
CA LEU F 330 -16.84 -35.47 9.82
C LEU F 330 -16.71 -36.77 10.60
N GLU F 331 -17.81 -37.26 11.13
CA GLU F 331 -17.80 -38.50 11.89
C GLU F 331 -17.40 -39.72 11.05
N ARG F 332 -17.51 -39.63 9.73
CA ARG F 332 -17.18 -40.74 8.86
C ARG F 332 -15.70 -40.70 8.50
N ARG F 333 -15.03 -39.65 8.96
CA ARG F 333 -13.63 -39.41 8.70
C ARG F 333 -12.80 -39.26 9.98
N PHE F 334 -13.42 -38.76 11.05
CA PHE F 334 -12.72 -38.38 12.27
C PHE F 334 -13.05 -39.18 13.53
N GLN F 335 -12.10 -39.18 14.48
CA GLN F 335 -12.37 -39.83 15.77
C GLN F 335 -12.04 -38.98 17.01
N PRO F 336 -12.84 -39.09 18.08
CA PRO F 336 -12.74 -38.37 19.35
C PRO F 336 -11.63 -38.88 20.26
N VAL F 337 -10.40 -38.59 19.91
CA VAL F 337 -9.31 -39.08 20.75
C VAL F 337 -9.13 -38.15 21.91
N GLN F 338 -9.43 -38.60 23.11
CA GLN F 338 -9.31 -37.69 24.21
C GLN F 338 -7.99 -37.79 24.89
N VAL F 339 -7.43 -36.65 25.16
CA VAL F 339 -6.21 -36.56 25.90
C VAL F 339 -6.64 -35.64 27.01
N ASP F 340 -6.16 -35.78 28.23
CA ASP F 340 -6.63 -34.79 29.19
C ASP F 340 -5.73 -34.70 30.42
N GLU F 341 -6.26 -34.20 31.54
CA GLU F 341 -5.48 -33.99 32.75
C GLU F 341 -4.68 -35.24 33.18
N PRO F 342 -3.35 -35.10 33.39
CA PRO F 342 -2.40 -36.10 33.83
C PRO F 342 -2.56 -36.43 35.30
N SER F 343 -2.02 -37.56 35.74
CA SER F 343 -2.06 -37.91 37.16
C SER F 343 -1.09 -37.03 37.92
N VAL F 344 -1.14 -37.09 39.25
CA VAL F 344 -0.22 -36.26 40.02
C VAL F 344 1.22 -36.57 39.67
N VAL F 345 1.57 -37.85 39.59
CA VAL F 345 2.94 -38.20 39.26
C VAL F 345 3.29 -37.79 37.84
N ASP F 346 2.38 -37.99 36.89
CA ASP F 346 2.68 -37.58 35.53
C ASP F 346 2.97 -36.09 35.50
N THR F 347 2.18 -35.34 36.28
CA THR F 347 2.31 -33.90 36.36
C THR F 347 3.70 -33.60 36.94
N VAL F 348 4.09 -34.31 37.99
CA VAL F 348 5.41 -34.04 38.56
C VAL F 348 6.47 -34.28 37.54
N ALA F 349 6.38 -35.39 36.85
CA ALA F 349 7.41 -35.71 35.92
C ALA F 349 7.55 -34.67 34.83
N ILE F 350 6.44 -34.18 34.26
CA ILE F 350 6.65 -33.14 33.27
C ILE F 350 7.13 -31.85 33.89
N LEU F 351 6.69 -31.52 35.10
CA LEU F 351 7.18 -30.31 35.70
C LEU F 351 8.67 -30.43 35.88
N LYS F 352 9.15 -31.61 36.28
CA LYS F 352 10.58 -31.78 36.44
C LYS F 352 11.26 -31.60 35.08
N GLY F 353 10.65 -32.13 34.02
CA GLY F 353 11.17 -31.99 32.67
C GLY F 353 11.32 -30.53 32.22
N LEU F 354 10.41 -29.67 32.68
CA LEU F 354 10.37 -28.25 32.35
C LEU F 354 10.92 -27.39 33.47
N ARG F 355 11.43 -28.02 34.52
CA ARG F 355 11.86 -27.35 35.72
C ARG F 355 12.98 -26.36 35.61
N ASP F 356 14.13 -26.77 35.14
CA ASP F 356 15.21 -25.81 35.12
C ASP F 356 15.00 -24.90 33.93
N ARG F 357 14.38 -25.49 32.93
CA ARG F 357 14.04 -24.87 31.68
C ARG F 357 13.35 -23.53 31.90
N TYR F 358 12.37 -23.47 32.81
CA TYR F 358 11.71 -22.19 33.03
C TYR F 358 11.88 -21.60 34.41
N GLU F 359 12.01 -22.43 35.45
CA GLU F 359 12.04 -21.88 36.79
C GLU F 359 13.42 -21.54 37.28
N ALA F 360 14.47 -22.05 36.62
CA ALA F 360 15.80 -21.72 37.09
C ALA F 360 15.95 -20.24 37.03
N HIS F 361 15.29 -19.65 36.02
CA HIS F 361 15.28 -18.26 35.62
C HIS F 361 14.61 -17.29 36.60
N HIS F 362 14.37 -17.78 37.81
CA HIS F 362 13.99 -16.99 38.96
C HIS F 362 15.09 -17.15 40.01
N ARG F 363 16.26 -17.64 39.58
CA ARG F 363 17.42 -17.95 40.41
C ARG F 363 17.04 -18.95 41.52
N ILE F 364 16.35 -20.01 41.10
CA ILE F 364 15.93 -21.05 42.02
C ILE F 364 16.15 -22.45 41.44
N ASN F 365 16.80 -23.33 42.19
CA ASN F 365 16.96 -24.69 41.75
C ASN F 365 15.76 -25.40 42.31
N ILE F 366 14.75 -25.64 41.51
CA ILE F 366 13.54 -26.17 42.09
C ILE F 366 13.78 -27.60 42.56
N SER F 367 13.47 -27.92 43.80
CA SER F 367 13.64 -29.30 44.26
C SER F 367 12.48 -30.17 43.82
N ASP F 368 12.64 -31.50 43.94
CA ASP F 368 11.52 -32.37 43.61
C ASP F 368 10.39 -32.10 44.57
N GLU F 369 10.73 -31.85 45.83
CA GLU F 369 9.78 -31.57 46.88
C GLU F 369 8.97 -30.32 46.54
N ALA F 370 9.62 -29.34 45.94
CA ALA F 370 8.89 -28.15 45.55
C ALA F 370 7.81 -28.47 44.54
N ILE F 371 8.15 -29.34 43.60
CA ILE F 371 7.17 -29.76 42.63
C ILE F 371 6.10 -30.62 43.27
N GLU F 372 6.49 -31.54 44.13
CA GLU F 372 5.50 -32.36 44.80
C GLU F 372 4.51 -31.42 45.48
N ALA F 373 5.02 -30.41 46.15
CA ALA F 373 4.11 -29.49 46.76
C ALA F 373 3.24 -28.85 45.70
N ALA F 374 3.81 -28.46 44.57
CA ALA F 374 3.04 -27.86 43.50
C ALA F 374 1.92 -28.75 42.97
N VAL F 375 2.07 -30.07 43.10
CA VAL F 375 1.06 -30.98 42.60
C VAL F 375 0.25 -31.69 43.70
N LYS F 376 0.62 -31.51 44.97
CA LYS F 376 -0.10 -32.13 46.07
C LYS F 376 -0.48 -31.10 47.10
N LEU F 377 0.49 -30.26 47.47
CA LEU F 377 0.27 -29.27 48.52
C LEU F 377 -0.69 -28.21 48.03
N SER F 378 -0.50 -27.82 46.78
CA SER F 378 -1.31 -26.80 46.13
C SER F 378 -2.61 -27.37 45.58
N ASN F 379 -2.64 -28.67 45.44
CA ASN F 379 -3.74 -29.38 44.82
C ASN F 379 -4.82 -29.61 45.85
N ARG F 380 -5.52 -28.54 46.28
CA ARG F 380 -6.38 -28.67 47.47
C ARG F 380 -7.88 -28.24 47.48
N TYR F 381 -8.23 -27.13 46.86
CA TYR F 381 -9.61 -26.58 46.91
C TYR F 381 -10.03 -26.45 45.47
N VAL F 382 -11.30 -26.19 45.13
CA VAL F 382 -11.65 -26.24 43.71
C VAL F 382 -12.66 -25.28 43.13
N SER F 383 -12.41 -24.91 41.88
CA SER F 383 -13.33 -24.11 41.10
C SER F 383 -13.25 -24.57 39.62
N ASP F 384 -12.50 -23.83 38.80
CA ASP F 384 -12.36 -24.16 37.39
C ASP F 384 -10.99 -24.65 36.91
N ARG F 385 -10.05 -25.06 37.78
CA ARG F 385 -8.78 -25.47 37.20
C ARG F 385 -8.33 -26.89 37.42
N PHE F 386 -7.48 -27.25 36.48
CA PHE F 386 -6.85 -28.53 36.35
C PHE F 386 -5.47 -28.41 36.92
N LEU F 387 -5.02 -29.47 37.57
CA LEU F 387 -3.70 -29.43 38.16
C LEU F 387 -2.51 -29.14 37.21
N PRO F 388 -2.43 -29.59 35.93
CA PRO F 388 -1.33 -29.28 35.03
C PRO F 388 -1.20 -27.79 34.77
N ASP F 389 -2.25 -27.05 35.04
CA ASP F 389 -2.24 -25.62 34.88
C ASP F 389 -1.76 -25.06 36.21
N LYS F 390 -2.47 -25.40 37.27
CA LYS F 390 -2.16 -24.84 38.57
C LYS F 390 -0.78 -25.18 39.07
N ALA F 391 -0.27 -26.36 38.77
CA ALA F 391 1.04 -26.74 39.25
C ALA F 391 2.16 -26.07 38.45
N ILE F 392 1.85 -25.35 37.37
CA ILE F 392 2.86 -24.60 36.65
C ILE F 392 2.74 -23.18 37.14
N ASP F 393 1.49 -22.72 37.13
CA ASP F 393 1.10 -21.37 37.49
C ASP F 393 1.56 -21.03 38.90
N LEU F 394 1.22 -21.87 39.85
CA LEU F 394 1.56 -21.63 41.24
C LEU F 394 3.06 -21.69 41.48
N ILE F 395 3.79 -22.53 40.74
CA ILE F 395 5.21 -22.53 40.98
C ILE F 395 5.72 -21.18 40.49
N ASP F 396 5.27 -20.77 39.30
CA ASP F 396 5.71 -19.50 38.77
C ASP F 396 5.29 -18.33 39.66
N GLU F 397 4.10 -18.39 40.26
CA GLU F 397 3.70 -17.32 41.16
C GLU F 397 4.62 -17.27 42.35
N ALA F 398 4.84 -18.42 42.97
CA ALA F 398 5.68 -18.45 44.16
C ALA F 398 7.06 -17.95 43.88
N SER F 399 7.64 -18.42 42.77
CA SER F 399 8.98 -18.05 42.38
C SER F 399 9.05 -16.55 42.09
N SER F 400 8.04 -16.06 41.41
CA SER F 400 7.95 -14.65 41.08
C SER F 400 7.88 -13.76 42.31
N LYS F 401 7.17 -14.21 43.35
CA LYS F 401 7.06 -13.35 44.50
C LYS F 401 8.30 -13.40 45.36
N VAL F 402 8.97 -14.53 45.43
CA VAL F 402 10.21 -14.52 46.19
C VAL F 402 11.24 -13.70 45.40
N ARG F 403 11.10 -13.71 44.07
CA ARG F 403 11.91 -12.87 43.19
C ARG F 403 11.70 -11.41 43.54
N LEU F 404 10.45 -11.00 43.62
CA LEU F 404 10.13 -9.62 43.97
C LEU F 404 10.85 -9.21 45.25
N LYS F 405 10.80 -10.06 46.27
CA LYS F 405 11.45 -9.77 47.53
C LYS F 405 12.97 -9.59 47.39
N SER F 406 13.59 -10.34 46.49
CA SER F 406 15.03 -10.25 46.24
C SER F 406 15.39 -9.20 45.19
N HIS F 407 14.43 -8.39 44.74
CA HIS F 407 14.77 -7.38 43.75
C HIS F 407 15.85 -6.47 44.33
N THR F 408 15.63 -5.98 45.55
CA THR F 408 16.69 -5.23 46.19
C THR F 408 17.47 -6.22 47.00
N THR F 409 18.49 -5.76 47.69
CA THR F 409 19.28 -6.72 48.43
C THR F 409 18.36 -7.36 49.48
N PRO F 410 18.23 -8.69 49.55
CA PRO F 410 17.40 -9.37 50.51
C PRO F 410 18.12 -9.45 51.84
N ASN F 411 18.40 1.02 49.55
CA ASN F 411 18.15 1.10 50.98
C ASN F 411 19.27 1.87 51.65
N ASN F 412 20.16 1.20 52.40
CA ASN F 412 21.24 1.94 53.04
C ASN F 412 22.08 2.63 51.98
N LEU F 413 22.27 1.93 50.87
CA LEU F 413 23.06 2.49 49.80
C LEU F 413 22.35 3.70 49.25
N LYS F 414 21.03 3.62 49.05
CA LYS F 414 20.34 4.79 48.54
C LYS F 414 20.48 5.95 49.50
N GLU F 415 20.44 5.72 50.81
CA GLU F 415 20.59 6.84 51.71
C GLU F 415 21.95 7.50 51.51
N ILE F 416 22.99 6.70 51.32
CA ILE F 416 24.30 7.28 51.13
C ILE F 416 24.32 8.04 49.82
N GLU F 417 23.77 7.46 48.77
CA GLU F 417 23.76 8.10 47.48
C GLU F 417 23.01 9.43 47.55
N GLN F 418 21.94 9.49 48.32
CA GLN F 418 21.21 10.74 48.45
C GLN F 418 22.11 11.77 49.11
N GLU F 419 22.90 11.36 50.11
CA GLU F 419 23.80 12.31 50.75
C GLU F 419 24.84 12.78 49.74
N ILE F 420 25.29 11.86 48.87
CA ILE F 420 26.26 12.22 47.86
C ILE F 420 25.67 13.22 46.89
N GLU F 421 24.45 12.99 46.43
CA GLU F 421 23.83 13.91 45.50
C GLU F 421 23.61 15.27 46.14
N LYS F 422 23.25 15.30 47.41
CA LYS F 422 23.09 16.61 48.01
C LYS F 422 24.43 17.33 48.05
N VAL F 423 25.51 16.63 48.42
CA VAL F 423 26.80 17.28 48.45
C VAL F 423 27.19 17.72 47.06
N LYS F 424 26.95 16.88 46.08
CA LYS F 424 27.25 17.20 44.70
C LYS F 424 26.55 18.49 44.29
N ASN F 425 25.25 18.57 44.55
CA ASN F 425 24.52 19.75 44.16
C ASN F 425 25.08 20.97 44.86
N GLU F 426 25.43 20.81 46.13
CA GLU F 426 25.98 21.89 46.90
C GLU F 426 27.37 22.32 46.40
N LYS F 427 28.24 21.37 46.03
CA LYS F 427 29.56 21.79 45.57
C LYS F 427 29.42 22.46 44.22
N ASP F 428 28.41 22.08 43.44
CA ASP F 428 28.27 22.75 42.18
C ASP F 428 27.79 24.17 42.49
N ALA F 429 26.87 24.31 43.45
CA ALA F 429 26.38 25.62 43.85
C ALA F 429 27.53 26.49 44.36
N ALA F 430 28.50 25.85 45.02
CA ALA F 430 29.68 26.50 45.55
C ALA F 430 30.46 27.21 44.48
N VAL F 431 30.39 26.68 43.25
CA VAL F 431 31.08 27.21 42.11
C VAL F 431 30.25 28.26 41.45
N HIS F 432 28.97 28.01 41.38
CA HIS F 432 28.11 28.93 40.69
C HIS F 432 28.15 30.27 41.40
N ALA F 433 28.15 30.24 42.73
CA ALA F 433 28.27 31.47 43.50
C ALA F 433 29.66 32.03 43.27
N GLN F 434 29.79 33.25 42.77
CA GLN F 434 31.16 33.69 42.51
C GLN F 434 31.94 34.28 43.66
N GLU F 435 32.26 33.41 44.60
CA GLU F 435 33.01 33.80 45.78
C GLU F 435 34.49 33.71 45.41
N PHE F 436 35.00 34.79 44.81
CA PHE F 436 36.36 34.78 44.27
C PHE F 436 37.46 34.76 45.31
N GLU F 437 37.17 35.24 46.51
CA GLU F 437 38.20 35.35 47.52
C GLU F 437 38.50 34.03 48.22
N ASN F 438 33.61 30.61 44.71
CA ASN F 438 33.39 29.83 43.52
C ASN F 438 34.22 28.60 43.65
N ALA F 439 34.78 28.45 44.84
CA ALA F 439 35.60 27.32 45.13
C ALA F 439 35.69 27.04 46.63
N ALA F 440 35.34 28.01 47.47
CA ALA F 440 35.54 27.78 48.90
C ALA F 440 34.77 26.58 49.41
N ASN F 441 33.52 26.47 48.98
CA ASN F 441 32.73 25.36 49.45
C ASN F 441 32.86 24.22 48.48
N LEU F 442 33.63 24.44 47.43
CA LEU F 442 33.88 23.41 46.47
C LEU F 442 34.83 22.48 47.13
N ARG F 443 35.90 23.03 47.68
CA ARG F 443 36.87 22.16 48.31
C ARG F 443 36.20 21.40 49.45
N ASP F 444 35.42 22.11 50.27
CA ASP F 444 34.78 21.45 51.39
C ASP F 444 33.84 20.33 50.93
N LYS F 445 32.98 20.63 49.96
CA LYS F 445 32.00 19.66 49.54
C LYS F 445 32.63 18.54 48.70
N GLN F 446 33.67 18.82 47.92
CA GLN F 446 34.32 17.75 47.16
C GLN F 446 34.89 16.73 48.11
N THR F 447 35.49 17.21 49.20
CA THR F 447 36.05 16.30 50.16
C THR F 447 34.95 15.45 50.77
N LYS F 448 33.85 16.07 51.17
CA LYS F 448 32.78 15.29 51.77
C LYS F 448 32.19 14.33 50.76
N LEU F 449 32.06 14.75 49.52
CA LEU F 449 31.49 13.93 48.50
C LEU F 449 32.33 12.69 48.38
N GLU F 450 33.63 12.85 48.23
CA GLU F 450 34.48 11.69 48.04
C GLU F 450 34.45 10.77 49.26
N LYS F 451 34.36 11.33 50.45
CA LYS F 451 34.29 10.43 51.59
C LYS F 451 32.97 9.66 51.57
N GLN F 452 31.87 10.33 51.22
CA GLN F 452 30.57 9.70 51.13
C GLN F 452 30.58 8.67 50.01
N TYR F 453 31.27 8.98 48.93
CA TYR F 453 31.41 8.10 47.80
C TYR F 453 32.06 6.82 48.24
N GLU F 454 33.16 6.92 48.99
CA GLU F 454 33.79 5.71 49.46
C GLU F 454 32.81 4.95 50.36
N GLU F 455 32.02 5.67 51.16
CA GLU F 455 31.04 4.98 51.99
C GLU F 455 30.02 4.26 51.11
N ALA F 456 29.57 4.87 50.01
CA ALA F 456 28.61 4.22 49.14
C ALA F 456 29.21 2.97 48.56
N LYS F 457 30.48 3.05 48.17
CA LYS F 457 31.11 1.86 47.63
C LYS F 457 31.20 0.80 48.70
N ASN F 458 31.50 1.21 49.92
CA ASN F 458 31.61 0.28 51.02
C ASN F 458 30.24 -0.34 51.33
N GLU F 459 29.16 0.42 51.17
CA GLU F 459 27.85 -0.14 51.43
C GLU F 459 27.56 -1.17 50.36
N TRP F 460 27.92 -0.85 49.12
CA TRP F 460 27.75 -1.85 48.10
C TRP F 460 28.56 -3.08 48.53
N LYS F 461 29.78 -2.86 49.00
CA LYS F 461 30.57 -3.99 49.46
C LYS F 461 29.86 -4.72 50.61
N ASN F 462 29.06 -4.02 51.43
CA ASN F 462 28.33 -4.69 52.51
C ASN F 462 27.29 -5.65 51.94
N THR F 463 26.90 -5.43 50.68
CA THR F 463 25.97 -6.30 49.97
C THR F 463 26.71 -7.53 49.44
N GLN F 464 28.01 -7.64 49.70
CA GLN F 464 28.78 -8.80 49.28
C GLN F 464 28.90 -9.82 50.41
N GLY F 466 16.49 -17.05 51.98
CA GLY F 466 17.88 -17.12 51.54
C GLY F 466 18.17 -18.46 50.89
N MET F 467 17.11 -19.25 50.74
CA MET F 467 17.20 -20.55 50.08
C MET F 467 17.07 -20.42 48.58
N SER F 468 18.04 -21.00 47.91
CA SER F 468 18.20 -20.92 46.48
C SER F 468 17.56 -22.05 45.74
N THR F 469 16.89 -22.89 46.50
CA THR F 469 16.20 -24.04 45.98
C THR F 469 14.75 -23.79 46.26
N SER F 470 13.86 -24.29 45.44
CA SER F 470 12.49 -24.10 45.84
C SER F 470 12.17 -25.12 46.87
N LEU F 471 11.41 -24.69 47.84
CA LEU F 471 10.98 -25.53 48.92
C LEU F 471 9.51 -25.83 48.84
N SER F 472 9.16 -27.02 49.26
CA SER F 472 7.77 -27.43 49.26
C SER F 472 6.89 -26.51 50.08
N GLU F 473 7.12 -26.48 51.36
CA GLU F 473 6.27 -25.64 52.13
C GLU F 473 6.61 -24.19 51.91
N GLU F 474 7.83 -23.76 52.10
CA GLU F 474 8.00 -22.32 52.01
C GLU F 474 7.56 -21.64 50.70
N ASP F 475 7.75 -22.24 49.52
CA ASP F 475 7.33 -21.48 48.34
C ASP F 475 5.89 -21.76 47.95
N ILE F 476 5.45 -23.00 48.07
CA ILE F 476 4.09 -23.26 47.68
C ILE F 476 3.22 -22.80 48.83
N ALA F 477 3.61 -23.11 50.07
CA ALA F 477 2.79 -22.61 51.17
C ALA F 477 2.76 -21.08 51.16
N GLU F 478 3.84 -20.38 50.78
CA GLU F 478 3.73 -18.92 50.77
C GLU F 478 2.60 -18.49 49.86
N VAL F 479 2.43 -19.12 48.71
CA VAL F 479 1.29 -18.75 47.88
C VAL F 479 0.02 -19.08 48.67
N ILE F 480 0.03 -20.24 49.32
CA ILE F 480 -1.09 -20.69 50.15
C ILE F 480 -1.40 -19.73 51.26
N ALA F 481 -0.44 -18.96 51.73
CA ALA F 481 -0.73 -17.99 52.76
C ALA F 481 -1.85 -17.03 52.32
N GLY F 482 -2.12 -16.89 51.00
CA GLY F 482 -3.19 -16.02 50.51
C GLY F 482 -4.59 -16.68 50.70
N TRP F 483 -4.58 -17.95 51.06
CA TRP F 483 -5.73 -18.80 51.36
C TRP F 483 -6.00 -18.71 52.88
N THR F 484 -7.09 -19.28 53.37
CA THR F 484 -7.43 -19.25 54.79
C THR F 484 -6.40 -19.97 55.65
N GLY F 485 -5.70 -20.91 55.05
CA GLY F 485 -4.74 -21.73 55.74
C GLY F 485 -5.47 -22.94 56.27
N ILE F 486 -4.70 -23.84 56.90
CA ILE F 486 -5.10 -25.13 57.49
C ILE F 486 -5.13 -26.21 56.42
N PRO F 487 -4.00 -26.88 56.16
CA PRO F 487 -3.83 -27.95 55.20
C PRO F 487 -4.10 -29.29 55.87
N LEU F 488 -7.32 -15.84 47.44
CA LEU F 488 -7.98 -16.82 48.31
C LEU F 488 -8.14 -18.16 47.60
N THR F 489 -9.24 -18.33 46.87
CA THR F 489 -9.50 -19.57 46.17
C THR F 489 -8.44 -19.84 45.10
N LYS F 490 -8.00 -18.78 44.44
CA LYS F 490 -7.05 -18.83 43.32
C LYS F 490 -5.74 -19.56 43.66
N ILE F 491 -5.49 -19.73 44.95
CA ILE F 491 -4.29 -20.38 45.42
C ILE F 491 -4.28 -21.87 45.03
N ASN F 492 -5.44 -22.56 45.04
CA ASN F 492 -5.37 -24.01 44.80
C ASN F 492 -6.07 -24.48 43.51
N GLU F 493 -7.37 -24.20 43.46
CA GLU F 493 -8.37 -24.52 42.41
C GLU F 493 -8.59 -25.99 41.88
N THR F 494 -8.12 -27.08 42.57
CA THR F 494 -8.30 -28.48 42.12
C THR F 494 -9.04 -29.58 43.01
N GLU F 495 -9.25 -29.38 44.34
CA GLU F 495 -9.94 -30.31 45.34
C GLU F 495 -9.29 -31.58 46.01
N SER F 496 -8.60 -31.47 47.17
CA SER F 496 -8.10 -32.67 47.87
C SER F 496 -8.12 -32.59 49.44
N GLU F 497 -8.42 -31.42 50.05
CA GLU F 497 -8.39 -31.32 51.56
C GLU F 497 -9.65 -31.80 52.26
N LYS F 498 -10.55 -32.33 51.44
CA LYS F 498 -11.84 -32.86 51.79
C LYS F 498 -11.85 -33.89 52.93
N LEU F 499 -10.72 -34.53 53.25
CA LEU F 499 -10.74 -35.50 54.35
C LEU F 499 -9.97 -35.00 55.60
N LEU F 500 -8.75 -34.49 55.42
CA LEU F 500 -7.95 -34.08 56.59
C LEU F 500 -8.39 -32.76 57.22
N SER F 501 -8.44 -31.68 56.42
CA SER F 501 -8.82 -30.42 57.03
C SER F 501 -10.26 -30.53 57.40
N LEU F 502 -11.02 -31.23 56.57
CA LEU F 502 -12.42 -31.38 56.86
C LEU F 502 -12.67 -31.96 58.25
N GLU F 503 -12.01 -33.05 58.64
CA GLU F 503 -12.29 -33.58 59.97
C GLU F 503 -12.10 -32.53 61.06
N ASP F 504 -10.96 -31.84 61.03
CA ASP F 504 -10.73 -30.84 62.07
C ASP F 504 -11.74 -29.68 61.99
N THR F 505 -12.04 -29.25 60.77
CA THR F 505 -12.94 -28.13 60.56
C THR F 505 -14.33 -28.48 61.10
N LEU F 506 -14.79 -29.69 60.81
CA LEU F 506 -16.11 -30.06 61.26
C LEU F 506 -16.13 -30.04 62.78
N HIS F 507 -15.06 -30.51 63.45
CA HIS F 507 -15.08 -30.49 64.91
C HIS F 507 -15.02 -29.09 65.51
N GLU F 508 -14.45 -28.13 64.78
CA GLU F 508 -14.46 -26.76 65.24
C GLU F 508 -15.89 -26.29 65.44
N ARG F 509 -16.74 -26.64 64.48
CA ARG F 509 -18.13 -26.24 64.49
C ARG F 509 -18.97 -27.12 65.43
N VAL F 510 -18.76 -28.43 65.34
CA VAL F 510 -19.47 -29.35 66.19
C VAL F 510 -18.56 -29.95 67.20
N ILE F 511 -18.81 -29.62 68.43
CA ILE F 511 -17.96 -30.08 69.48
C ILE F 511 -18.30 -31.54 69.63
N GLY F 512 -17.30 -32.40 69.60
CA GLY F 512 -17.57 -33.82 69.66
C GLY F 512 -18.34 -34.25 68.42
N GLN F 513 -19.48 -34.92 68.61
CA GLN F 513 -20.32 -35.43 67.52
C GLN F 513 -19.48 -36.30 66.58
N LYS F 514 -18.66 -37.16 67.18
CA LYS F 514 -17.73 -38.00 66.45
C LYS F 514 -18.31 -39.04 65.52
N ASP F 515 -19.42 -39.69 65.86
CA ASP F 515 -19.93 -40.70 64.93
C ASP F 515 -20.24 -40.02 63.61
N ALA F 516 -21.02 -38.93 63.65
CA ALA F 516 -21.30 -38.22 62.42
C ALA F 516 -20.02 -37.73 61.75
N VAL F 517 -19.05 -37.19 62.48
CA VAL F 517 -17.87 -36.73 61.76
C VAL F 517 -17.13 -37.90 61.10
N ASN F 518 -16.99 -38.99 61.82
CA ASN F 518 -16.31 -40.15 61.27
C ASN F 518 -17.03 -40.59 60.00
N SER F 519 -18.36 -40.70 60.09
CA SER F 519 -19.19 -41.13 58.97
C SER F 519 -19.06 -40.19 57.79
N ILE F 520 -19.02 -38.88 58.05
CA ILE F 520 -18.89 -37.90 56.97
C ILE F 520 -17.60 -38.12 56.21
N SER F 521 -16.49 -38.30 56.92
CA SER F 521 -15.24 -38.51 56.20
C SER F 521 -15.34 -39.73 55.30
N LYS F 522 -16.00 -40.79 55.78
CA LYS F 522 -16.11 -41.96 54.94
C LYS F 522 -17.06 -41.69 53.79
N ALA F 523 -18.13 -40.93 54.02
CA ALA F 523 -19.06 -40.57 52.96
C ALA F 523 -18.35 -39.79 51.87
N VAL F 524 -17.41 -38.93 52.28
CA VAL F 524 -16.62 -38.19 51.32
C VAL F 524 -15.80 -39.15 50.51
N ARG F 525 -15.18 -40.14 51.15
CA ARG F 525 -14.43 -41.08 50.36
C ARG F 525 -15.36 -41.83 49.39
N ARG F 526 -16.55 -42.22 49.88
CA ARG F 526 -17.49 -42.97 49.05
C ARG F 526 -17.92 -42.22 47.82
N ALA F 527 -18.11 -40.92 47.99
CA ALA F 527 -18.59 -40.04 46.97
C ALA F 527 -17.57 -39.62 45.94
N ARG F 528 -16.31 -40.01 46.09
CA ARG F 528 -15.31 -39.53 45.17
C ARG F 528 -14.32 -40.57 44.66
N ALA F 529 -14.05 -40.46 43.36
CA ALA F 529 -13.00 -41.20 42.67
C ALA F 529 -12.89 -42.70 42.93
N GLY F 530 -13.99 -43.42 42.98
CA GLY F 530 -13.89 -44.87 43.08
C GLY F 530 -14.13 -45.59 44.40
N LEU F 531 -14.25 -44.93 45.56
CA LEU F 531 -14.56 -45.84 46.69
C LEU F 531 -15.93 -46.48 46.33
N LYS F 532 -16.91 -45.66 45.98
CA LYS F 532 -18.13 -46.15 45.33
C LYS F 532 -17.83 -45.84 43.88
N ASP F 533 -18.66 -46.31 42.96
CA ASP F 533 -18.42 -45.99 41.55
C ASP F 533 -18.02 -44.51 41.44
N PRO F 534 -16.93 -44.17 40.70
CA PRO F 534 -16.40 -42.83 40.55
C PRO F 534 -17.38 -41.87 39.93
N LYS F 535 -18.44 -42.38 39.30
CA LYS F 535 -19.42 -41.50 38.74
C LYS F 535 -20.76 -41.78 39.40
N ARG F 536 -20.71 -41.89 40.72
CA ARG F 536 -21.87 -42.04 41.57
C ARG F 536 -21.67 -41.17 42.79
N GLY F 539 -21.91 -40.16 46.75
CA GLY F 539 -22.04 -40.94 47.97
C GLY F 539 -23.31 -40.48 48.62
N SER F 540 -23.99 -41.37 49.32
CA SER F 540 -25.27 -41.00 49.90
C SER F 540 -25.19 -40.54 51.34
N PHE F 541 -24.67 -39.34 51.48
CA PHE F 541 -24.44 -38.65 52.74
C PHE F 541 -25.77 -38.15 53.28
N ILE F 542 -26.57 -39.05 53.78
CA ILE F 542 -27.88 -38.63 54.23
C ILE F 542 -27.88 -38.39 55.70
N PHE F 543 -28.50 -37.31 56.09
CA PHE F 543 -28.54 -36.91 57.46
C PHE F 543 -29.92 -36.56 57.92
N LEU F 544 -30.12 -36.65 59.22
CA LEU F 544 -31.28 -36.02 59.83
C LEU F 544 -30.70 -34.66 60.23
N GLY F 545 -30.32 -33.84 59.23
CA GLY F 545 -29.60 -32.57 59.44
C GLY F 545 -30.30 -31.21 59.24
N PRO F 546 -31.44 -30.90 59.87
CA PRO F 546 -32.02 -29.56 59.83
C PRO F 546 -31.04 -28.51 60.34
N THR F 547 -31.25 -27.29 59.89
CA THR F 547 -30.45 -26.13 60.20
C THR F 547 -30.35 -25.79 61.69
N GLY F 548 -29.12 -25.56 62.19
CA GLY F 548 -28.89 -25.13 63.58
C GLY F 548 -27.89 -25.79 64.57
N VAL F 549 -27.77 -27.12 64.77
CA VAL F 549 -26.82 -27.52 65.88
C VAL F 549 -25.38 -27.70 65.45
N GLY F 550 -24.82 -26.62 64.96
CA GLY F 550 -23.50 -26.56 64.39
C GLY F 550 -23.59 -27.06 62.95
N LYS F 551 -24.82 -27.40 62.53
CA LYS F 551 -25.14 -27.96 61.23
C LYS F 551 -25.33 -26.88 60.20
N THR F 552 -25.73 -25.69 60.65
CA THR F 552 -25.88 -24.57 59.75
C THR F 552 -24.42 -24.33 59.36
N GLU F 553 -23.64 -24.23 60.43
CA GLU F 553 -22.22 -24.05 60.38
C GLU F 553 -21.50 -25.22 59.71
N LEU F 554 -21.98 -26.48 59.84
CA LEU F 554 -21.26 -27.54 59.15
C LEU F 554 -21.53 -27.49 57.68
N ALA F 555 -22.70 -27.07 57.24
CA ALA F 555 -22.85 -26.98 55.81
C ALA F 555 -21.77 -26.03 55.29
N ARG F 556 -21.50 -24.97 56.07
CA ARG F 556 -20.44 -24.08 55.68
C ARG F 556 -19.04 -24.73 55.89
N ALA F 557 -18.81 -25.46 56.99
CA ALA F 557 -17.51 -26.10 57.28
C ALA F 557 -17.12 -27.11 56.25
N LEU F 558 -18.11 -27.86 55.86
CA LEU F 558 -17.96 -28.90 54.89
C LEU F 558 -17.60 -28.25 53.61
N ALA F 559 -18.36 -27.28 53.24
CA ALA F 559 -18.12 -26.56 52.02
C ALA F 559 -16.75 -25.85 51.99
N GLU F 560 -16.36 -25.24 53.11
CA GLU F 560 -15.10 -24.53 53.22
C GLU F 560 -13.93 -25.47 53.05
N SER F 561 -13.96 -26.62 53.71
CA SER F 561 -12.84 -27.55 53.57
C SER F 561 -12.89 -28.41 52.30
N MET F 562 -14.07 -28.80 51.81
CA MET F 562 -14.04 -29.63 50.60
C MET F 562 -13.82 -28.84 49.32
N PHE F 563 -14.49 -27.69 49.14
CA PHE F 563 -14.28 -26.98 47.89
C PHE F 563 -13.62 -25.63 48.09
N GLY F 564 -13.82 -25.00 49.25
CA GLY F 564 -13.23 -23.67 49.48
C GLY F 564 -14.21 -22.52 49.40
N ASP F 565 -15.49 -22.83 49.53
CA ASP F 565 -16.56 -21.85 49.49
C ASP F 565 -17.62 -22.17 50.46
N ASP F 566 -17.92 -21.28 51.37
CA ASP F 566 -18.98 -21.56 52.29
C ASP F 566 -20.24 -20.68 52.11
N ASP F 567 -20.36 -19.94 50.98
CA ASP F 567 -21.58 -19.15 50.75
C ASP F 567 -22.66 -19.65 49.73
N ALA F 568 -22.31 -20.25 48.59
CA ALA F 568 -23.39 -20.53 47.60
C ALA F 568 -24.61 -21.38 48.07
N MET F 569 -25.84 -20.88 47.86
CA MET F 569 -27.04 -21.66 48.23
C MET F 569 -28.29 -21.42 47.37
N ILE F 570 -29.18 -22.43 47.41
CA ILE F 570 -30.48 -22.56 46.73
C ILE F 570 -31.62 -22.88 47.73
N ARG F 571 -32.82 -22.31 47.49
CA ARG F 571 -33.97 -22.48 48.40
C ARG F 571 -35.32 -22.93 47.77
N VAL F 572 -36.07 -23.85 48.44
CA VAL F 572 -37.49 -24.18 48.15
C VAL F 572 -37.98 -25.08 49.31
N ASP F 573 -39.25 -25.00 49.72
CA ASP F 573 -39.77 -25.90 50.77
C ASP F 573 -40.19 -27.24 50.18
N MET F 574 -39.65 -28.35 50.64
CA MET F 574 -40.00 -29.59 49.98
C MET F 574 -41.50 -29.87 50.00
N SER F 575 -42.19 -29.39 51.02
CA SER F 575 -43.61 -29.62 51.18
C SER F 575 -44.47 -28.98 50.07
N GLU F 576 -43.88 -28.01 49.34
CA GLU F 576 -44.54 -27.23 48.29
C GLU F 576 -44.62 -27.87 46.91
N PHE F 577 -44.01 -29.02 46.69
CA PHE F 577 -44.01 -29.50 45.31
C PHE F 577 -45.26 -30.28 45.00
N MET F 578 -46.38 -29.59 44.96
CA MET F 578 -47.64 -30.31 44.83
C MET F 578 -47.85 -31.01 43.50
N GLU F 579 -47.38 -30.41 42.39
CA GLU F 579 -47.64 -31.02 41.08
C GLU F 579 -46.45 -31.17 40.13
N LYS F 580 -45.80 -30.06 39.81
CA LYS F 580 -44.78 -30.01 38.79
C LYS F 580 -43.46 -29.38 39.16
N HIS F 581 -42.94 -29.62 40.35
CA HIS F 581 -41.66 -28.99 40.63
C HIS F 581 -40.62 -29.70 39.80
N ALA F 582 -40.70 -31.03 39.78
CA ALA F 582 -39.72 -31.78 39.02
C ALA F 582 -39.74 -31.37 37.56
N VAL F 583 -40.93 -31.07 37.06
CA VAL F 583 -41.11 -30.70 35.68
C VAL F 583 -40.77 -29.23 35.38
N SER F 584 -41.18 -28.29 36.23
CA SER F 584 -40.94 -26.87 35.95
C SER F 584 -39.48 -26.48 36.12
N ARG F 585 -38.69 -27.37 36.73
CA ARG F 585 -37.28 -27.13 36.94
C ARG F 585 -36.46 -27.78 35.86
N LEU F 586 -37.17 -28.20 34.83
CA LEU F 586 -36.55 -28.72 33.66
C LEU F 586 -36.44 -27.51 32.80
N VAL F 587 -35.50 -27.50 31.88
CA VAL F 587 -35.51 -26.38 30.99
C VAL F 587 -36.86 -26.45 30.32
N GLY F 588 -37.54 -25.30 30.30
CA GLY F 588 -38.87 -25.24 29.77
C GLY F 588 -38.89 -25.56 28.30
N ALA F 589 -40.10 -25.58 27.75
CA ALA F 589 -40.31 -25.95 26.36
C ALA F 589 -39.85 -27.41 26.21
N PRO F 590 -40.22 -28.21 27.22
CA PRO F 590 -39.88 -29.62 27.38
C PRO F 590 -40.47 -30.51 26.29
N PRO F 591 -41.73 -30.28 25.95
CA PRO F 591 -42.39 -31.11 24.96
C PRO F 591 -42.24 -32.58 25.30
N HIS F 596 -41.06 -12.70 30.29
CA HIS F 596 -39.72 -13.13 30.69
C HIS F 596 -39.54 -14.63 30.46
N ASP F 597 -38.32 -15.03 30.10
CA ASP F 597 -37.97 -16.43 29.86
C ASP F 597 -37.63 -17.03 31.22
N ASP F 598 -38.43 -17.99 31.72
CA ASP F 598 -38.21 -18.49 33.07
C ASP F 598 -38.66 -19.95 33.31
N GLY F 599 -37.66 -20.83 33.54
CA GLY F 599 -37.86 -22.28 33.74
C GLY F 599 -36.51 -22.97 33.59
N GLY F 600 -36.26 -24.03 34.39
CA GLY F 600 -34.93 -24.67 34.34
C GLY F 600 -33.94 -23.69 34.89
N GLN F 601 -34.40 -22.90 35.84
CA GLN F 601 -33.66 -21.79 36.43
C GLN F 601 -32.33 -22.19 37.01
N LEU F 602 -32.22 -23.43 37.44
CA LEU F 602 -31.01 -23.86 38.08
C LEU F 602 -30.12 -24.81 37.31
N THR F 603 -30.35 -25.01 36.01
CA THR F 603 -29.39 -25.90 35.33
C THR F 603 -28.02 -25.24 35.36
N GLU F 604 -28.00 -23.92 35.39
CA GLU F 604 -26.78 -23.14 35.49
C GLU F 604 -25.95 -23.51 36.72
N LYS F 605 -26.62 -23.83 37.82
CA LYS F 605 -25.94 -24.09 39.06
C LYS F 605 -25.44 -25.52 39.15
N VAL F 606 -25.64 -26.26 38.08
CA VAL F 606 -25.17 -27.61 37.93
C VAL F 606 -24.10 -27.61 36.87
N ARG F 607 -24.35 -26.83 35.82
CA ARG F 607 -23.43 -26.80 34.69
C ARG F 607 -22.20 -25.93 34.94
N ARG F 608 -22.40 -24.77 35.56
CA ARG F 608 -21.30 -23.85 35.73
C ARG F 608 -20.89 -23.75 37.19
N LYS F 609 -21.86 -23.83 38.09
CA LYS F 609 -21.58 -23.67 39.52
C LYS F 609 -21.98 -24.85 40.41
N PRO F 610 -21.73 -26.13 40.02
CA PRO F 610 -22.10 -27.33 40.76
C PRO F 610 -21.44 -27.46 42.11
N TYR F 611 -20.35 -26.74 42.34
CA TYR F 611 -19.67 -26.87 43.59
C TYR F 611 -20.59 -26.41 44.69
N SER F 612 -21.22 -27.37 45.34
CA SER F 612 -22.22 -27.05 46.34
C SER F 612 -22.43 -28.19 47.32
N VAL F 613 -23.15 -27.91 48.41
CA VAL F 613 -23.57 -28.95 49.33
C VAL F 613 -25.05 -29.00 49.08
N ILE F 614 -25.68 -30.17 49.18
CA ILE F 614 -27.12 -30.19 48.93
C ILE F 614 -27.88 -30.70 50.13
N LEU F 615 -28.97 -30.03 50.46
CA LEU F 615 -29.80 -30.35 51.61
C LEU F 615 -31.23 -29.95 51.43
N PHE F 616 -32.10 -30.89 51.31
CA PHE F 616 -33.47 -30.53 51.11
C PHE F 616 -34.27 -30.45 52.39
N ASP F 617 -34.90 -29.30 52.63
CA ASP F 617 -35.66 -29.10 53.87
C ASP F 617 -36.93 -29.93 53.92
N GLU F 618 -36.91 -30.96 54.78
CA GLU F 618 -37.96 -31.97 54.94
C GLU F 618 -38.11 -32.78 53.67
N ILE F 619 -37.06 -33.51 53.29
CA ILE F 619 -37.13 -34.27 52.05
C ILE F 619 -38.26 -35.30 51.99
N GLU F 620 -38.69 -35.87 53.11
CA GLU F 620 -39.78 -36.85 53.05
C GLU F 620 -41.12 -36.20 52.78
N LYS F 621 -41.17 -34.87 52.83
CA LYS F 621 -42.40 -34.15 52.57
C LYS F 621 -42.39 -33.74 51.11
N ALA F 622 -41.31 -34.11 50.41
CA ALA F 622 -41.20 -33.85 49.01
C ALA F 622 -42.22 -34.76 48.37
N HIS F 623 -42.62 -34.44 47.17
CA HIS F 623 -43.65 -35.20 46.48
C HIS F 623 -43.11 -36.22 45.47
N PRO F 624 -43.94 -37.18 45.01
CA PRO F 624 -43.64 -38.16 43.97
C PRO F 624 -43.04 -37.61 42.66
N ASP F 625 -43.32 -36.34 42.29
CA ASP F 625 -42.76 -35.87 41.04
C ASP F 625 -41.27 -35.73 41.29
N VAL F 626 -40.94 -35.03 42.35
CA VAL F 626 -39.55 -34.90 42.65
C VAL F 626 -38.93 -36.18 43.13
N PHE F 627 -39.67 -37.09 43.75
CA PHE F 627 -38.99 -38.31 44.15
C PHE F 627 -38.43 -39.01 42.92
N ASN F 628 -39.17 -39.02 41.82
CA ASN F 628 -38.60 -39.65 40.65
C ASN F 628 -37.37 -38.91 40.12
N ILE F 629 -37.43 -37.58 40.05
CA ILE F 629 -36.29 -36.86 39.47
C ILE F 629 -35.09 -36.97 40.43
N LEU F 630 -35.36 -37.03 41.72
CA LEU F 630 -34.35 -37.19 42.74
C LEU F 630 -33.75 -38.57 42.69
N LEU F 631 -34.57 -39.57 42.45
CA LEU F 631 -34.05 -40.92 42.35
C LEU F 631 -33.03 -40.95 41.25
N GLN F 632 -33.33 -40.25 40.15
CA GLN F 632 -32.40 -40.18 39.04
C GLN F 632 -31.09 -39.54 39.52
N VAL F 633 -31.17 -38.57 40.43
CA VAL F 633 -29.95 -37.98 40.92
C VAL F 633 -29.17 -39.06 41.70
N LEU F 634 -29.87 -39.82 42.54
CA LEU F 634 -29.19 -40.87 43.29
C LEU F 634 -28.58 -41.82 42.30
N ASP F 635 -29.29 -42.05 41.20
CA ASP F 635 -28.85 -42.90 40.11
C ASP F 635 -27.87 -42.14 39.21
N ASP F 636 -26.74 -41.83 39.81
CA ASP F 636 -25.55 -41.17 39.30
C ASP F 636 -25.59 -39.69 38.84
N GLY F 637 -26.67 -38.96 39.11
CA GLY F 637 -26.69 -37.51 38.83
C GLY F 637 -27.20 -37.13 37.46
N HIS F 638 -27.79 -35.94 37.34
CA HIS F 638 -28.24 -35.49 36.04
C HIS F 638 -28.42 -33.98 35.87
N LEU F 639 -28.43 -33.58 34.61
CA LEU F 639 -28.69 -32.22 34.24
C LEU F 639 -30.10 -32.20 33.66
N THR F 640 -30.95 -31.30 34.15
CA THR F 640 -32.35 -31.20 33.68
C THR F 640 -32.48 -30.38 32.38
N ASP F 641 -31.40 -30.29 31.63
CA ASP F 641 -31.42 -29.53 30.40
C ASP F 641 -31.99 -30.33 29.23
N THR F 642 -33.29 -30.11 29.06
CA THR F 642 -34.17 -30.72 28.07
C THR F 642 -33.93 -30.18 26.66
N LYS F 643 -33.05 -29.17 26.56
CA LYS F 643 -32.67 -28.63 25.27
C LYS F 643 -31.48 -29.43 24.71
N GLY F 644 -30.98 -30.40 25.50
CA GLY F 644 -29.89 -31.24 25.05
C GLY F 644 -28.49 -31.00 25.61
N ARG F 645 -28.31 -30.97 26.93
CA ARG F 645 -26.94 -30.77 27.44
C ARG F 645 -26.60 -31.78 28.55
N THR F 646 -25.32 -32.15 28.62
CA THR F 646 -24.75 -33.00 29.67
C THR F 646 -23.41 -32.48 30.18
N VAL F 647 -23.26 -32.51 31.49
CA VAL F 647 -22.05 -32.12 32.21
C VAL F 647 -21.72 -33.24 33.18
N ASP F 648 -20.53 -33.28 33.78
CA ASP F 648 -20.31 -34.32 34.80
C ASP F 648 -21.04 -33.89 36.07
N PHE F 649 -21.28 -34.83 36.97
CA PHE F 649 -22.05 -34.53 38.16
C PHE F 649 -21.40 -34.80 39.53
N ARG F 650 -20.08 -34.81 39.62
CA ARG F 650 -19.46 -35.16 40.91
C ARG F 650 -18.83 -34.01 41.68
N ASN F 651 -19.40 -32.82 41.52
CA ASN F 651 -18.98 -31.63 42.23
C ASN F 651 -19.98 -31.24 43.33
N THR F 652 -20.85 -32.17 43.71
CA THR F 652 -21.84 -31.93 44.75
C THR F 652 -21.53 -32.76 45.99
N ILE F 653 -21.64 -32.13 47.14
CA ILE F 653 -21.44 -32.78 48.41
C ILE F 653 -22.83 -33.01 48.97
N ILE F 654 -23.16 -34.22 49.31
CA ILE F 654 -24.50 -34.41 49.79
C ILE F 654 -24.62 -34.27 51.28
N ILE F 655 -25.64 -33.56 51.69
CA ILE F 655 -26.04 -33.42 53.07
C ILE F 655 -27.56 -33.63 53.02
N MET F 656 -28.29 -33.73 54.14
CA MET F 656 -29.74 -33.93 53.96
C MET F 656 -30.53 -33.66 55.23
N THR F 657 -31.81 -33.41 55.09
CA THR F 657 -32.62 -33.26 56.27
C THR F 657 -34.04 -33.80 56.17
N SER F 658 -34.53 -34.30 57.29
CA SER F 658 -35.87 -34.86 57.43
C SER F 658 -36.38 -34.64 58.84
N ASN F 659 -37.70 -34.78 59.03
CA ASN F 659 -38.31 -34.64 60.33
C ASN F 659 -39.37 -35.72 60.52
N VAL F 660 -39.12 -36.84 59.87
CA VAL F 660 -40.02 -37.98 59.87
C VAL F 660 -40.34 -38.59 61.25
N GLY F 661 -39.41 -38.51 62.19
CA GLY F 661 -39.57 -39.12 63.51
C GLY F 661 -40.50 -38.44 64.50
N ALA F 662 -41.77 -38.30 64.13
CA ALA F 662 -42.74 -37.64 65.00
C ALA F 662 -42.87 -38.32 66.37
N GLN F 663 -42.77 -39.64 66.42
CA GLN F 663 -42.90 -40.31 67.70
C GLN F 663 -41.54 -40.82 68.13
N GLU F 664 -40.71 -41.07 67.14
CA GLU F 664 -39.37 -41.59 67.30
C GLU F 664 -38.54 -40.65 68.16
N LEU F 665 -38.83 -39.34 68.06
CA LEU F 665 -38.18 -38.34 68.92
C LEU F 665 -38.32 -38.72 70.36
N GLN F 666 -39.50 -39.16 70.77
CA GLN F 666 -39.72 -39.43 72.16
C GLN F 666 -38.85 -40.62 72.56
N ASP F 667 -38.72 -41.61 71.70
CA ASP F 667 -37.82 -42.67 72.12
C ASP F 667 -36.42 -42.07 72.32
N GLN F 668 -36.01 -41.14 71.44
CA GLN F 668 -34.70 -40.49 71.58
C GLN F 668 -34.64 -39.70 72.91
N ARG F 669 -35.77 -39.06 73.26
CA ARG F 669 -35.98 -38.30 74.50
C ARG F 669 -35.70 -39.13 75.73
N GLY F 679 -33.56 -41.58 75.93
CA GLY F 679 -32.24 -42.17 75.86
C GLY F 679 -32.22 -43.50 75.14
N GLN F 680 -33.13 -43.72 74.22
CA GLN F 680 -33.14 -45.01 73.56
C GLN F 680 -32.22 -44.99 72.35
N ASP F 681 -31.84 -46.18 71.90
CA ASP F 681 -30.91 -46.36 70.77
C ASP F 681 -31.25 -45.68 69.46
N TYR F 682 -30.43 -44.72 69.04
CA TYR F 682 -30.73 -44.06 67.77
C TYR F 682 -30.68 -44.99 66.58
N GLU F 683 -29.93 -46.11 66.59
CA GLU F 683 -29.97 -46.93 65.39
C GLU F 683 -31.33 -47.60 65.29
N THR F 684 -31.78 -48.21 66.37
CA THR F 684 -33.09 -48.85 66.36
C THR F 684 -34.17 -47.83 66.03
N ILE F 685 -34.09 -46.65 66.62
CA ILE F 685 -35.09 -45.64 66.37
C ILE F 685 -35.03 -45.22 64.91
N ARG F 686 -33.84 -45.00 64.40
CA ARG F 686 -33.62 -44.63 63.01
C ARG F 686 -34.25 -45.67 62.09
N LYS F 687 -34.15 -46.97 62.44
CA LYS F 687 -34.79 -48.00 61.63
C LYS F 687 -36.29 -47.71 61.56
N THR F 688 -36.89 -47.39 62.70
CA THR F 688 -38.32 -47.09 62.70
C THR F 688 -38.58 -45.85 61.84
N MET F 689 -37.74 -44.82 61.98
CA MET F 689 -37.93 -43.62 61.18
C MET F 689 -37.88 -43.98 59.70
N LEU F 690 -36.95 -44.83 59.33
CA LEU F 690 -36.79 -45.29 57.97
C LEU F 690 -38.04 -46.01 57.48
N LYS F 691 -38.68 -46.79 58.33
CA LYS F 691 -39.89 -47.45 57.87
C LYS F 691 -40.91 -46.37 57.51
N GLU F 692 -40.95 -45.30 58.29
CA GLU F 692 -41.87 -44.24 58.00
C GLU F 692 -41.46 -43.48 56.74
N LEU F 693 -40.15 -43.32 56.50
CA LEU F 693 -39.72 -42.62 55.29
C LEU F 693 -40.18 -43.40 54.07
N LYS F 694 -40.13 -44.72 54.18
CA LYS F 694 -40.58 -45.65 53.13
C LYS F 694 -42.08 -45.55 52.81
N ASN F 695 -42.87 -44.86 53.65
CA ASN F 695 -44.28 -44.68 53.36
C ASN F 695 -44.48 -43.44 52.46
N SER F 696 -43.41 -42.68 52.23
CA SER F 696 -43.46 -41.49 51.40
C SER F 696 -42.60 -41.74 50.17
N PHE F 697 -41.37 -42.15 50.40
CA PHE F 697 -40.43 -42.44 49.35
C PHE F 697 -40.55 -43.87 48.94
N ARG F 698 -40.36 -44.16 47.68
CA ARG F 698 -40.29 -45.56 47.35
C ARG F 698 -39.05 -46.06 48.08
N PRO F 699 -39.05 -47.29 48.62
CA PRO F 699 -37.94 -47.87 49.35
C PRO F 699 -36.68 -47.98 48.53
N GLU F 700 -36.79 -48.01 47.20
CA GLU F 700 -35.58 -48.10 46.39
C GLU F 700 -34.81 -46.80 46.52
N PHE F 701 -35.51 -45.68 46.62
CA PHE F 701 -34.87 -44.40 46.77
C PHE F 701 -34.03 -44.52 48.01
N LEU F 702 -34.68 -44.98 49.05
CA LEU F 702 -34.06 -45.13 50.34
C LEU F 702 -32.98 -46.22 50.37
N ASN F 703 -33.07 -47.21 49.49
CA ASN F 703 -32.06 -48.26 49.44
C ASN F 703 -30.74 -47.72 48.85
N ARG F 704 -30.74 -46.49 48.32
CA ARG F 704 -29.53 -45.90 47.79
C ARG F 704 -28.80 -45.14 48.87
N VAL F 705 -29.39 -45.10 50.07
CA VAL F 705 -28.83 -44.36 51.19
C VAL F 705 -27.76 -45.16 51.89
N ASP F 706 -26.60 -44.55 52.18
CA ASP F 706 -25.57 -45.36 52.83
C ASP F 706 -25.71 -45.27 54.35
N ASP F 707 -26.00 -44.08 54.85
CA ASP F 707 -26.08 -43.86 56.30
C ASP F 707 -26.90 -42.65 56.68
N ILE F 708 -27.98 -42.82 57.42
CA ILE F 708 -28.69 -41.61 57.80
C ILE F 708 -28.06 -41.15 59.09
N ILE F 709 -27.13 -40.24 58.91
CA ILE F 709 -26.26 -39.68 59.92
C ILE F 709 -27.07 -38.82 60.85
N VAL F 710 -26.86 -38.92 62.16
CA VAL F 710 -27.68 -38.12 63.04
C VAL F 710 -26.87 -37.19 63.91
N PHE F 711 -27.52 -36.16 64.42
CA PHE F 711 -26.95 -35.30 65.44
C PHE F 711 -26.79 -36.04 66.75
N HIS F 712 -25.65 -35.88 67.38
CA HIS F 712 -25.42 -36.51 68.66
C HIS F 712 -25.75 -35.56 69.80
N LYS F 713 -44.54 -32.46 64.77
CA LYS F 713 -44.07 -33.73 64.27
C LYS F 713 -42.66 -33.61 63.76
N LEU F 714 -41.69 -33.99 64.58
CA LEU F 714 -40.29 -33.93 64.16
C LEU F 714 -39.35 -34.79 64.96
N THR F 715 -38.11 -34.94 64.46
CA THR F 715 -37.04 -35.71 65.10
C THR F 715 -36.33 -34.94 66.22
N LYS F 716 -35.54 -35.65 67.04
CA LYS F 716 -34.80 -35.03 68.15
C LYS F 716 -33.79 -34.05 67.62
N GLU F 717 -33.24 -34.41 66.48
CA GLU F 717 -32.25 -33.58 65.86
C GLU F 717 -32.94 -32.28 65.46
N GLU F 718 -34.11 -32.34 64.80
CA GLU F 718 -34.72 -31.06 64.42
C GLU F 718 -35.04 -30.22 65.64
N LEU F 719 -35.47 -30.84 66.72
CA LEU F 719 -35.79 -30.05 67.89
C LEU F 719 -34.60 -29.22 68.34
N LYS F 720 -33.45 -29.87 68.49
CA LYS F 720 -32.25 -29.16 68.92
C LYS F 720 -31.80 -28.12 67.87
N GLU F 721 -32.02 -28.42 66.60
CA GLU F 721 -31.69 -27.51 65.51
C GLU F 721 -32.52 -26.24 65.58
N ILE F 722 -33.79 -26.38 65.93
CA ILE F 722 -34.58 -25.17 66.07
C ILE F 722 -34.01 -24.42 67.28
N VAL F 723 -33.65 -25.14 68.36
CA VAL F 723 -33.10 -24.46 69.53
C VAL F 723 -31.89 -23.64 69.20
N THR F 724 -30.92 -24.22 68.52
CA THR F 724 -29.71 -23.45 68.28
C THR F 724 -30.02 -22.21 67.48
N MET F 725 -30.82 -22.34 66.44
CA MET F 725 -31.10 -21.13 65.67
C MET F 725 -31.78 -20.10 66.58
N MET F 726 -32.57 -20.56 67.56
CA MET F 726 -33.27 -19.67 68.46
C MET F 726 -32.50 -19.23 69.72
N VAL F 727 -31.29 -19.75 69.98
CA VAL F 727 -30.54 -19.28 71.15
C VAL F 727 -29.39 -18.45 70.66
N ASN F 728 -29.19 -18.42 69.33
CA ASN F 728 -28.21 -17.53 68.76
C ASN F 728 -28.81 -16.11 68.81
N LYS F 729 -30.09 -16.05 69.17
CA LYS F 729 -30.82 -14.82 69.39
C LYS F 729 -30.19 -14.09 70.55
N LEU F 730 -29.52 -14.82 71.39
CA LEU F 730 -28.91 -14.24 72.55
C LEU F 730 -27.69 -13.45 72.16
N THR F 731 -27.30 -13.52 70.91
CA THR F 731 -26.14 -12.80 70.48
C THR F 731 -26.32 -11.66 69.51
N ASN F 732 -27.18 -11.72 68.50
CA ASN F 732 -27.00 -10.65 67.49
C ASN F 732 -27.85 -9.35 67.33
N ARG F 733 -29.15 -9.33 67.60
CA ARG F 733 -29.92 -8.08 67.26
C ARG F 733 -30.85 -7.30 68.23
N LEU F 734 -30.76 -7.36 69.55
CA LEU F 734 -31.76 -6.53 70.28
C LEU F 734 -31.31 -5.96 71.64
N SER F 735 -30.05 -5.65 71.76
CA SER F 735 -29.51 -5.11 73.02
C SER F 735 -29.06 -3.65 72.88
N GLU F 736 -28.19 -3.22 73.79
CA GLU F 736 -27.59 -1.89 73.86
C GLU F 736 -26.69 -1.78 75.09
N GLN F 737 -23.70 -5.07 71.44
CA GLN F 737 -22.64 -5.12 72.43
C GLN F 737 -21.42 -5.92 71.94
N ASN F 738 -21.30 -6.08 70.61
CA ASN F 738 -20.20 -6.82 69.96
C ASN F 738 -20.06 -8.22 70.53
N ILE F 739 -21.17 -8.92 70.66
CA ILE F 739 -21.17 -10.25 71.24
C ILE F 739 -20.99 -11.34 70.17
N ASN F 740 -20.10 -12.28 70.46
CA ASN F 740 -19.83 -13.38 69.53
C ASN F 740 -20.88 -14.50 69.63
N ILE F 741 -21.21 -15.08 68.46
CA ILE F 741 -22.22 -16.14 68.38
C ILE F 741 -21.59 -17.50 68.60
N ILE F 742 -21.99 -18.21 69.65
CA ILE F 742 -21.38 -19.50 69.97
C ILE F 742 -22.40 -20.65 70.20
N VAL F 743 -21.90 -21.88 70.36
CA VAL F 743 -22.77 -23.03 70.64
C VAL F 743 -22.34 -23.77 71.94
N THR F 744 -23.31 -23.97 72.85
CA THR F 744 -23.13 -24.67 74.13
C THR F 744 -24.05 -25.86 74.16
N ASP F 745 -23.50 -27.04 74.42
CA ASP F 745 -24.36 -28.21 74.32
C ASP F 745 -25.23 -28.48 75.53
N LYS F 746 -24.75 -28.26 76.74
CA LYS F 746 -25.63 -28.54 77.87
C LYS F 746 -26.87 -27.65 77.80
N ALA F 747 -26.64 -26.37 77.61
CA ALA F 747 -27.72 -25.42 77.57
C ALA F 747 -28.67 -25.70 76.41
N LYS F 748 -28.13 -26.07 75.26
CA LYS F 748 -28.94 -26.39 74.10
C LYS F 748 -29.91 -27.52 74.41
N ASP F 749 -29.40 -28.61 75.00
CA ASP F 749 -30.26 -29.74 75.31
C ASP F 749 -31.33 -29.37 76.35
N LYS F 750 -30.95 -28.57 77.33
CA LYS F 750 -31.90 -28.16 78.35
C LYS F 750 -33.09 -27.48 77.69
N ILE F 751 -32.78 -26.57 76.79
CA ILE F 751 -33.76 -25.81 76.05
C ILE F 751 -34.59 -26.68 75.12
N ALA F 752 -33.99 -27.64 74.47
CA ALA F 752 -34.72 -28.50 73.56
C ALA F 752 -35.91 -29.13 74.26
N GLU F 753 -35.79 -29.44 75.55
CA GLU F 753 -36.92 -30.07 76.22
C GLU F 753 -38.02 -29.06 76.61
N GLU F 754 -37.82 -27.76 76.31
CA GLU F 754 -38.81 -26.71 76.56
C GLU F 754 -39.76 -26.61 75.36
N GLY F 755 -39.44 -27.34 74.29
CA GLY F 755 -40.15 -27.26 73.03
C GLY F 755 -41.14 -28.36 72.65
N TYR F 756 -40.61 -29.44 72.08
CA TYR F 756 -41.40 -30.45 71.38
C TYR F 756 -42.60 -31.12 71.99
N ASP F 757 -43.65 -31.05 71.18
CA ASP F 757 -44.95 -31.66 71.35
C ASP F 757 -45.41 -31.96 69.93
N PRO F 758 -45.65 -33.22 69.53
CA PRO F 758 -45.98 -33.60 68.17
C PRO F 758 -47.04 -32.71 67.50
N GLU F 759 -47.98 -32.15 68.27
CA GLU F 759 -49.02 -31.32 67.66
C GLU F 759 -48.45 -30.10 66.90
N TYR F 760 -47.41 -29.46 67.48
CA TYR F 760 -46.84 -28.26 66.86
C TYR F 760 -45.34 -28.42 66.61
N GLY F 761 -44.83 -29.62 66.86
CA GLY F 761 -43.43 -29.92 66.70
C GLY F 761 -42.58 -29.04 67.60
N ALA F 762 -41.55 -28.43 67.04
CA ALA F 762 -40.65 -27.58 67.80
C ALA F 762 -40.96 -26.12 67.55
N ARG F 763 -42.08 -25.83 66.90
CA ARG F 763 -42.40 -24.44 66.72
C ARG F 763 -42.66 -23.70 68.05
N PRO F 764 -43.38 -24.25 69.07
CA PRO F 764 -43.64 -23.53 70.30
C PRO F 764 -42.35 -23.23 71.04
N LEU F 765 -41.31 -24.04 70.75
CA LEU F 765 -39.99 -23.85 71.28
C LEU F 765 -39.51 -22.42 71.11
N ILE F 766 -39.86 -21.82 69.98
CA ILE F 766 -39.39 -20.49 69.65
C ILE F 766 -39.84 -19.52 70.73
N ARG F 767 -41.09 -19.65 71.17
CA ARG F 767 -41.59 -18.75 72.18
C ARG F 767 -41.12 -19.21 73.54
N ALA F 768 -40.96 -20.52 73.72
CA ALA F 768 -40.50 -21.02 75.00
C ALA F 768 -39.13 -20.46 75.31
N ILE F 769 -38.28 -20.40 74.29
CA ILE F 769 -36.94 -19.86 74.46
C ILE F 769 -37.00 -18.39 74.76
N GLN F 770 -37.76 -17.63 73.96
CA GLN F 770 -37.83 -16.21 74.20
C GLN F 770 -38.30 -15.88 75.61
N LYS F 771 -39.29 -16.61 76.09
CA LYS F 771 -39.89 -16.31 77.38
C LYS F 771 -39.13 -16.86 78.58
N THR F 772 -38.03 -17.56 78.34
CA THR F 772 -37.23 -18.10 79.43
C THR F 772 -35.78 -17.68 79.29
N ILE F 773 -35.18 -18.08 78.20
CA ILE F 773 -33.76 -17.93 77.99
C ILE F 773 -33.40 -16.53 77.53
N GLU F 774 -34.15 -16.03 76.56
CA GLU F 774 -33.85 -14.68 76.09
C GLU F 774 -34.10 -13.75 77.26
N ASP F 775 -35.20 -13.96 77.99
CA ASP F 775 -35.45 -13.15 79.18
C ASP F 775 -34.35 -13.30 80.24
N ASN F 776 -33.79 -14.51 80.45
CA ASN F 776 -32.72 -14.60 81.44
C ASN F 776 -31.57 -13.70 81.02
N LEU F 777 -31.24 -13.74 79.74
CA LEU F 777 -30.17 -12.90 79.24
C LEU F 777 -30.52 -11.45 79.33
N SER F 778 -31.73 -11.07 78.98
CA SER F 778 -32.10 -9.67 79.04
C SER F 778 -31.86 -9.15 80.43
N GLU F 779 -32.26 -9.90 81.45
CA GLU F 779 -32.04 -9.42 82.81
C GLU F 779 -30.54 -9.33 83.08
N LEU F 780 -29.74 -10.29 82.60
CA LEU F 780 -28.30 -10.21 82.83
C LEU F 780 -27.71 -8.97 82.14
N ILE F 781 -28.24 -8.62 80.98
CA ILE F 781 -27.74 -7.44 80.30
C ILE F 781 -28.10 -6.20 81.10
N LEU F 782 -29.35 -6.11 81.55
CA LEU F 782 -29.85 -4.98 82.31
C LEU F 782 -29.12 -4.82 83.63
N ASP F 783 -28.73 -5.94 84.23
CA ASP F 783 -28.02 -5.98 85.50
C ASP F 783 -26.53 -5.67 85.35
N GLY F 784 -26.02 -5.56 84.11
CA GLY F 784 -24.61 -5.31 83.89
C GLY F 784 -23.74 -6.56 83.97
N ASN F 785 -24.32 -7.74 83.84
CA ASN F 785 -23.56 -8.97 83.90
C ASN F 785 -23.12 -9.30 82.48
N GLN F 786 -24.01 -9.01 81.55
CA GLN F 786 -23.77 -9.27 80.14
C GLN F 786 -23.57 -7.94 79.43
N ILE F 787 -22.30 -7.69 79.22
CA ILE F 787 -21.74 -6.45 78.74
C ILE F 787 -20.94 -6.61 77.48
N GLU F 788 -20.51 -5.48 76.97
CA GLU F 788 -19.71 -5.39 75.77
C GLU F 788 -18.46 -6.26 75.84
N GLY F 789 -18.19 -6.98 74.73
CA GLY F 789 -17.02 -7.86 74.63
C GLY F 789 -17.28 -9.35 74.97
N LYS F 790 -18.50 -9.68 75.37
CA LYS F 790 -18.88 -11.06 75.72
C LYS F 790 -19.20 -11.96 74.51
N LYS F 791 -19.49 -13.22 74.79
CA LYS F 791 -19.90 -14.22 73.80
C LYS F 791 -21.05 -14.97 74.45
N VAL F 792 -22.05 -15.41 73.68
CA VAL F 792 -23.14 -16.09 74.36
C VAL F 792 -23.94 -17.03 73.49
N THR F 793 -24.52 -18.00 74.18
CA THR F 793 -25.45 -18.95 73.63
C THR F 793 -26.01 -19.66 74.83
N VAL F 794 -27.21 -20.16 74.75
CA VAL F 794 -27.73 -20.96 75.84
C VAL F 794 -28.55 -22.07 75.23
N ARG G 5 -59.60 -59.91 -30.70
CA ARG G 5 -58.99 -58.83 -31.47
C ARG G 5 -57.76 -58.29 -30.77
N LEU G 6 -57.81 -58.19 -29.46
CA LEU G 6 -56.67 -57.68 -28.71
C LEU G 6 -56.13 -58.70 -27.74
N THR G 7 -54.82 -58.71 -27.58
CA THR G 7 -54.13 -59.55 -26.63
C THR G 7 -53.16 -58.60 -25.98
N GLU G 8 -52.44 -59.04 -24.95
CA GLU G 8 -51.43 -58.22 -24.29
C GLU G 8 -50.19 -57.92 -25.16
N ARG G 9 -50.00 -58.66 -26.26
CA ARG G 9 -48.85 -58.41 -27.12
C ARG G 9 -49.04 -57.07 -27.76
N ALA G 10 -48.04 -56.21 -27.73
CA ALA G 10 -48.18 -54.90 -28.35
C ALA G 10 -49.35 -54.09 -27.80
N GLN G 11 -49.91 -54.46 -26.66
CA GLN G 11 -51.04 -53.68 -26.25
C GLN G 11 -50.61 -52.27 -25.84
N ARG G 12 -49.47 -52.16 -25.15
CA ARG G 12 -49.00 -50.85 -24.74
C ARG G 12 -48.72 -49.94 -25.89
N VAL G 13 -48.32 -50.48 -27.03
CA VAL G 13 -48.04 -49.60 -28.15
C VAL G 13 -49.31 -49.11 -28.81
N LEU G 14 -50.37 -49.91 -28.77
CA LEU G 14 -51.60 -49.43 -29.32
C LEU G 14 -52.07 -48.28 -28.42
N ALA G 15 -51.90 -48.47 -27.10
CA ALA G 15 -52.24 -47.44 -26.13
C ALA G 15 -51.35 -46.20 -26.32
N HIS G 16 -50.06 -46.41 -26.64
CA HIS G 16 -49.12 -45.30 -26.85
C HIS G 16 -49.60 -44.43 -27.99
N ALA G 17 -50.18 -45.02 -29.03
CA ALA G 17 -50.67 -44.22 -30.12
C ALA G 17 -51.74 -43.26 -29.66
N GLN G 18 -52.62 -43.68 -28.75
CA GLN G 18 -53.63 -42.72 -28.32
C GLN G 18 -52.95 -41.55 -27.62
N GLU G 19 -51.92 -41.84 -26.84
CA GLU G 19 -51.25 -40.75 -26.14
C GLU G 19 -50.55 -39.81 -27.12
N GLU G 20 -49.96 -40.36 -28.20
CA GLU G 20 -49.31 -39.49 -29.15
C GLU G 20 -50.36 -38.64 -29.85
N ALA G 21 -51.53 -39.20 -30.11
CA ALA G 21 -52.59 -38.42 -30.74
C ALA G 21 -52.95 -37.21 -29.89
N ILE G 22 -53.05 -37.43 -28.59
CA ILE G 22 -53.36 -36.37 -27.65
C ILE G 22 -52.27 -35.32 -27.66
N ARG G 23 -51.01 -35.75 -27.64
CA ARG G 23 -49.90 -34.80 -27.68
C ARG G 23 -49.88 -33.95 -28.97
N LEU G 24 -50.02 -34.62 -30.11
CA LEU G 24 -49.92 -33.99 -31.43
C LEU G 24 -50.99 -32.93 -31.72
N ASN G 25 -52.24 -33.20 -31.34
CA ASN G 25 -53.38 -32.28 -31.52
C ASN G 25 -53.70 -31.72 -32.91
N HIS G 26 -53.60 -32.54 -33.95
CA HIS G 26 -53.97 -32.08 -35.30
C HIS G 26 -55.46 -32.22 -35.50
N SER G 27 -56.07 -31.48 -36.42
CA SER G 27 -57.48 -31.73 -36.65
C SER G 27 -57.64 -33.12 -37.26
N ASN G 28 -56.73 -33.47 -38.15
CA ASN G 28 -56.66 -34.80 -38.71
C ASN G 28 -55.57 -35.53 -38.00
N ILE G 29 -55.91 -36.50 -37.17
CA ILE G 29 -54.86 -37.23 -36.49
C ILE G 29 -54.92 -38.57 -37.19
N GLY G 30 -53.99 -38.76 -38.12
CA GLY G 30 -54.06 -39.87 -39.08
C GLY G 30 -53.18 -41.06 -38.80
N THR G 31 -51.98 -41.02 -39.32
CA THR G 31 -51.12 -42.19 -39.19
C THR G 31 -49.88 -41.91 -38.38
N GLU G 32 -49.59 -40.64 -38.21
CA GLU G 32 -48.44 -40.20 -37.47
C GLU G 32 -48.46 -40.61 -36.01
N HIS G 33 -49.63 -40.77 -35.38
CA HIS G 33 -49.63 -41.19 -33.99
C HIS G 33 -49.52 -42.69 -33.89
N LEU G 34 -49.71 -43.39 -35.00
CA LEU G 34 -49.67 -44.83 -34.97
C LEU G 34 -48.21 -45.18 -35.14
N LEU G 35 -47.54 -44.45 -36.03
CA LEU G 35 -46.12 -44.65 -36.21
C LEU G 35 -45.36 -44.26 -34.98
N LEU G 36 -45.61 -43.05 -34.47
CA LEU G 36 -44.91 -42.54 -33.29
C LEU G 36 -45.30 -43.31 -32.03
N GLY G 37 -46.56 -43.68 -31.93
CA GLY G 37 -47.05 -44.42 -30.79
C GLY G 37 -46.30 -45.71 -30.71
N LEU G 38 -46.31 -46.45 -31.82
CA LEU G 38 -45.62 -47.69 -31.84
C LEU G 38 -44.13 -47.51 -31.66
N MET G 39 -43.51 -46.67 -32.47
CA MET G 39 -42.08 -46.46 -32.38
C MET G 39 -41.75 -45.43 -31.33
N LYS G 40 -42.11 -45.77 -30.10
CA LYS G 40 -41.89 -44.93 -28.95
C LYS G 40 -40.41 -44.90 -28.59
N GLU G 41 -39.78 -46.07 -28.71
CA GLU G 41 -38.39 -46.31 -28.31
C GLU G 41 -37.57 -46.96 -29.45
N PRO G 42 -36.22 -46.78 -29.47
CA PRO G 42 -35.23 -47.36 -30.39
C PRO G 42 -35.01 -48.87 -30.20
N GLU G 43 -35.51 -49.43 -29.11
CA GLU G 43 -35.38 -50.85 -28.84
C GLU G 43 -36.14 -51.58 -29.93
N GLY G 44 -35.87 -52.87 -30.19
CA GLY G 44 -36.55 -53.60 -31.26
C GLY G 44 -38.01 -53.98 -30.99
N ILE G 45 -38.80 -53.01 -30.59
CA ILE G 45 -40.20 -53.15 -30.23
C ILE G 45 -40.82 -54.39 -30.88
N ALA G 46 -38.24 -49.73 -32.65
CA ALA G 46 -37.47 -50.10 -33.82
C ALA G 46 -37.76 -51.55 -34.19
N ALA G 47 -39.03 -51.85 -34.24
CA ALA G 47 -39.58 -53.19 -34.52
C ALA G 47 -39.57 -53.52 -35.99
N LYS G 48 -39.20 -52.56 -36.81
CA LYS G 48 -39.22 -52.77 -38.23
C LYS G 48 -37.93 -53.39 -38.69
N VAL G 49 -38.04 -54.51 -39.40
CA VAL G 49 -36.83 -55.17 -39.85
C VAL G 49 -36.22 -54.35 -40.96
N LEU G 50 -37.07 -53.60 -41.70
CA LEU G 50 -36.60 -52.78 -42.79
C LEU G 50 -35.57 -51.76 -42.36
N GLU G 51 -35.41 -51.51 -41.07
CA GLU G 51 -34.38 -50.58 -40.62
C GLU G 51 -33.03 -50.99 -41.26
N SER G 52 -32.78 -52.31 -41.34
CA SER G 52 -31.53 -52.86 -41.90
C SER G 52 -31.60 -53.15 -43.40
N PHE G 53 -32.75 -52.94 -44.02
CA PHE G 53 -32.93 -53.29 -45.42
C PHE G 53 -33.21 -52.12 -46.36
N ASN G 54 -34.09 -51.20 -45.95
CA ASN G 54 -34.44 -50.09 -46.83
C ASN G 54 -34.15 -48.72 -46.21
N ILE G 55 -34.94 -48.33 -45.19
CA ILE G 55 -34.75 -47.02 -44.54
C ILE G 55 -34.73 -47.15 -43.02
N THR G 56 -33.73 -46.52 -42.41
CA THR G 56 -33.59 -46.50 -40.97
C THR G 56 -34.88 -45.93 -40.37
N GLU G 57 -35.42 -46.60 -39.35
CA GLU G 57 -36.67 -46.17 -38.71
C GLU G 57 -36.62 -44.68 -38.33
N ASP G 58 -35.47 -44.26 -37.81
CA ASP G 58 -35.28 -42.89 -37.38
C ASP G 58 -35.48 -41.88 -38.49
N LYS G 59 -35.13 -42.23 -39.73
CA LYS G 59 -35.25 -41.25 -40.79
C LYS G 59 -36.68 -41.14 -41.26
N VAL G 60 -37.44 -42.24 -41.16
CA VAL G 60 -38.84 -42.13 -41.55
C VAL G 60 -39.51 -41.22 -40.53
N ILE G 61 -39.22 -41.48 -39.26
CA ILE G 61 -39.83 -40.70 -38.21
C ILE G 61 -39.43 -39.24 -38.26
N GLU G 62 -38.16 -38.93 -38.43
CA GLU G 62 -37.83 -37.52 -38.47
C GLU G 62 -38.55 -36.81 -39.62
N GLU G 63 -38.63 -37.43 -40.79
CA GLU G 63 -39.32 -36.72 -41.86
C GLU G 63 -40.82 -36.61 -41.60
N VAL G 64 -41.44 -37.64 -40.99
CA VAL G 64 -42.85 -37.52 -40.66
C VAL G 64 -43.07 -36.40 -39.65
N GLU G 65 -42.22 -36.31 -38.62
CA GLU G 65 -42.39 -35.25 -37.64
C GLU G 65 -42.26 -33.88 -38.30
N LYS G 66 -41.34 -33.73 -39.24
CA LYS G 66 -41.19 -32.45 -39.92
C LYS G 66 -42.43 -32.14 -40.76
N LEU G 67 -42.95 -33.16 -41.44
CA LEU G 67 -44.13 -33.08 -42.30
C LEU G 67 -45.36 -32.54 -41.59
N ILE G 68 -45.58 -32.98 -40.35
CA ILE G 68 -46.78 -32.60 -39.62
C ILE G 68 -46.52 -31.43 -38.67
N GLY G 69 -45.34 -30.80 -38.80
CA GLY G 69 -44.98 -29.67 -37.97
C GLY G 69 -45.12 -28.38 -38.76
N TYR G 80 -62.83 -38.37 -36.66
CA TYR G 80 -62.45 -39.77 -36.47
C TYR G 80 -61.18 -40.04 -37.24
N THR G 81 -60.92 -39.17 -38.19
CA THR G 81 -59.79 -39.25 -39.09
C THR G 81 -59.73 -40.62 -39.78
N PRO G 82 -60.68 -40.93 -40.68
CA PRO G 82 -60.79 -42.22 -41.33
C PRO G 82 -59.44 -42.78 -41.80
N ARG G 83 -58.50 -41.94 -42.26
CA ARG G 83 -57.18 -42.41 -42.66
C ARG G 83 -56.62 -43.38 -41.61
N ALA G 84 -56.71 -42.97 -40.33
CA ALA G 84 -56.21 -43.72 -39.21
C ALA G 84 -56.91 -45.05 -39.14
N LYS G 85 -58.20 -45.02 -39.44
CA LYS G 85 -58.98 -46.22 -39.30
C LYS G 85 -58.58 -47.21 -40.39
N LYS G 86 -58.20 -46.68 -41.56
CA LYS G 86 -57.76 -47.57 -42.61
C LYS G 86 -56.55 -48.35 -42.13
N VAL G 87 -55.57 -47.65 -41.57
CA VAL G 87 -54.39 -48.35 -41.09
C VAL G 87 -54.70 -49.34 -39.99
N ILE G 88 -55.57 -48.96 -39.08
CA ILE G 88 -55.91 -49.86 -38.00
C ILE G 88 -56.50 -51.16 -38.56
N GLU G 89 -57.39 -51.06 -39.54
CA GLU G 89 -57.92 -52.27 -40.13
C GLU G 89 -56.88 -53.02 -40.98
N LEU G 90 -56.00 -52.31 -41.69
CA LEU G 90 -54.99 -52.99 -42.51
C LEU G 90 -54.08 -53.85 -41.65
N SER G 91 -53.74 -53.35 -40.47
CA SER G 91 -52.90 -54.08 -39.54
C SER G 91 -53.51 -55.46 -39.29
N MET G 92 -54.79 -55.49 -38.87
CA MET G 92 -55.46 -56.78 -38.63
C MET G 92 -55.63 -57.60 -39.90
N ASP G 93 -55.76 -56.96 -41.05
CA ASP G 93 -55.93 -57.73 -42.26
C ASP G 93 -54.64 -58.52 -42.48
N GLU G 94 -53.49 -57.87 -42.26
CA GLU G 94 -52.22 -58.57 -42.40
C GLU G 94 -52.08 -59.66 -41.34
N ALA G 95 -52.58 -59.42 -40.13
CA ALA G 95 -52.50 -60.46 -39.12
C ALA G 95 -53.28 -61.68 -39.59
N ARG G 96 -54.47 -61.46 -40.13
CA ARG G 96 -55.27 -62.58 -40.58
C ARG G 96 -54.57 -63.37 -41.68
N LYS G 97 -53.89 -62.66 -42.57
CA LYS G 97 -53.16 -63.25 -43.70
C LYS G 97 -52.00 -64.17 -43.31
N LEU G 98 -51.49 -64.07 -42.07
CA LEU G 98 -50.39 -64.91 -41.65
C LEU G 98 -50.87 -65.95 -40.66
N HIS G 99 -52.18 -66.11 -40.57
CA HIS G 99 -52.81 -67.02 -39.61
C HIS G 99 -52.56 -66.52 -38.19
N HIS G 100 -52.60 -65.20 -38.00
CA HIS G 100 -52.45 -64.62 -36.70
C HIS G 100 -53.80 -64.08 -36.27
N ASN G 101 -54.09 -64.24 -34.99
CA ASN G 101 -55.32 -63.74 -34.38
C ASN G 101 -55.07 -62.43 -33.67
N PHE G 102 -53.94 -61.82 -33.98
CA PHE G 102 -53.56 -60.59 -33.36
C PHE G 102 -52.51 -59.80 -34.12
N VAL G 103 -52.62 -58.49 -34.02
CA VAL G 103 -51.74 -57.49 -34.56
C VAL G 103 -50.58 -57.14 -33.65
N GLY G 104 -49.43 -57.76 -33.86
CA GLY G 104 -48.28 -57.48 -33.01
C GLY G 104 -47.60 -56.27 -33.58
N THR G 105 -46.41 -55.96 -33.11
CA THR G 105 -45.75 -54.75 -33.57
C THR G 105 -45.40 -54.84 -35.05
N GLU G 106 -45.18 -56.05 -35.52
CA GLU G 106 -44.91 -56.29 -36.93
C GLU G 106 -46.13 -55.94 -37.80
N HIS G 107 -47.35 -56.04 -37.25
CA HIS G 107 -48.52 -55.80 -38.05
C HIS G 107 -48.94 -54.37 -38.02
N ILE G 108 -48.60 -53.70 -36.93
CA ILE G 108 -48.93 -52.31 -36.86
C ILE G 108 -48.09 -51.69 -37.98
N LEU G 109 -46.81 -52.09 -38.03
CA LEU G 109 -45.92 -51.61 -39.07
C LEU G 109 -46.34 -51.99 -40.48
N LEU G 110 -46.82 -53.21 -40.73
CA LEU G 110 -47.21 -53.50 -42.10
C LEU G 110 -48.36 -52.60 -42.53
N GLY G 111 -49.31 -52.38 -41.62
CA GLY G 111 -50.47 -51.54 -41.89
C GLY G 111 -50.05 -50.12 -42.27
N LEU G 112 -48.95 -49.64 -41.69
CA LEU G 112 -48.40 -48.31 -41.92
C LEU G 112 -47.54 -48.12 -43.18
N ASN G 116 -47.93 -47.82 -46.55
CA ASN G 116 -48.24 -46.81 -47.56
C ASN G 116 -48.73 -45.48 -46.99
N GLU G 117 -49.45 -45.53 -45.87
CA GLU G 117 -50.02 -44.33 -45.29
C GLU G 117 -49.16 -43.70 -44.17
N GLY G 118 -48.54 -44.53 -43.33
CA GLY G 118 -47.73 -44.09 -42.17
C GLY G 118 -46.31 -43.80 -42.56
N VAL G 119 -46.18 -42.95 -43.54
CA VAL G 119 -44.93 -42.65 -44.18
C VAL G 119 -44.67 -41.19 -44.29
N ALA G 120 -43.44 -40.86 -44.63
CA ALA G 120 -43.08 -39.49 -44.83
C ALA G 120 -43.57 -39.05 -46.18
N ALA G 121 -44.86 -38.79 -46.27
CA ALA G 121 -45.48 -38.32 -47.51
C ALA G 121 -45.09 -36.86 -47.63
N ARG G 122 -43.84 -36.70 -48.04
CA ARG G 122 -43.04 -35.50 -48.02
C ARG G 122 -42.01 -35.55 -49.15
N VAL G 123 -41.43 -34.40 -49.50
CA VAL G 123 -40.38 -34.38 -50.51
C VAL G 123 -39.32 -35.41 -50.18
N PHE G 124 -38.95 -35.46 -48.92
CA PHE G 124 -37.98 -36.39 -48.42
C PHE G 124 -38.77 -37.66 -48.13
N ALA G 125 -39.08 -38.33 -49.23
CA ALA G 125 -40.03 -39.41 -49.29
C ALA G 125 -39.53 -40.71 -48.70
N ASN G 126 -39.44 -40.72 -47.39
CA ASN G 126 -39.03 -41.92 -46.70
C ASN G 126 -40.27 -42.79 -46.53
N LEU G 127 -40.51 -43.61 -47.55
CA LEU G 127 -41.70 -44.45 -47.65
C LEU G 127 -41.29 -45.91 -47.44
N ASP G 128 -42.20 -46.80 -47.01
CA ASP G 128 -41.76 -48.18 -46.85
C ASP G 128 -42.04 -49.07 -48.04
N LEU G 129 -41.28 -50.16 -48.11
CA LEU G 129 -41.51 -51.17 -49.11
C LEU G 129 -42.67 -52.04 -48.72
N ASN G 130 -43.45 -52.47 -49.69
CA ASN G 130 -44.54 -53.40 -49.44
C ASN G 130 -44.13 -54.86 -49.53
N ILE G 131 -43.26 -55.20 -50.49
CA ILE G 131 -42.91 -56.61 -50.68
C ILE G 131 -41.41 -56.95 -50.69
N THR G 132 -40.64 -56.30 -51.57
CA THR G 132 -39.28 -56.71 -51.90
C THR G 132 -38.42 -57.14 -50.71
N LYS G 133 -38.26 -56.28 -49.71
CA LYS G 133 -37.47 -56.64 -48.55
C LYS G 133 -38.40 -56.69 -47.36
N ALA G 134 -39.60 -56.14 -47.56
CA ALA G 134 -40.63 -56.02 -46.54
C ALA G 134 -41.03 -57.38 -46.00
N ARG G 135 -40.98 -58.42 -46.85
CA ARG G 135 -41.32 -59.77 -46.43
C ARG G 135 -40.46 -60.23 -45.27
N ALA G 136 -39.28 -59.64 -45.09
CA ALA G 136 -38.41 -60.03 -44.00
C ALA G 136 -39.15 -59.80 -42.67
N GLN G 137 -40.09 -58.84 -42.65
CA GLN G 137 -40.87 -58.47 -41.48
C GLN G 137 -41.71 -59.63 -40.98
N VAL G 138 -42.12 -60.52 -41.89
CA VAL G 138 -42.96 -61.64 -41.51
C VAL G 138 -42.23 -62.98 -41.64
N VAL G 139 -41.04 -62.94 -42.25
CA VAL G 139 -40.19 -64.12 -42.43
C VAL G 139 -39.14 -64.27 -41.33
N LYS G 140 -38.47 -63.19 -40.95
CA LYS G 140 -37.42 -63.30 -39.95
C LYS G 140 -38.01 -63.29 -38.55
N ALA G 141 -39.05 -62.48 -38.36
CA ALA G 141 -39.72 -62.34 -37.08
C ALA G 141 -40.35 -63.67 -36.68
N LEU G 142 -40.43 -63.95 -35.37
CA LEU G 142 -41.04 -65.25 -35.00
C LEU G 142 -42.51 -65.40 -35.42
N GLY G 143 -43.32 -64.34 -35.36
CA GLY G 143 -44.72 -64.49 -35.72
C GLY G 143 -45.56 -65.31 -34.73
N ASN G 144 -46.08 -66.47 -35.17
CA ASN G 144 -46.94 -67.34 -34.35
C ASN G 144 -46.59 -67.60 -32.88
N PRO G 145 -45.32 -67.85 -32.47
CA PRO G 145 -44.92 -68.12 -31.10
C PRO G 145 -45.23 -66.97 -30.12
N GLU G 146 -45.44 -65.74 -30.62
CA GLU G 146 -45.62 -64.62 -29.71
C GLU G 146 -46.94 -63.83 -29.88
N MET G 147 -48.10 -64.52 -29.82
CA MET G 147 -49.37 -63.79 -29.93
C MET G 147 -50.06 -63.47 -28.58
N SER G 148 -50.07 -64.43 -27.63
CA SER G 148 -50.82 -64.27 -26.37
C SER G 148 -50.48 -65.26 -25.24
N ASN G 149 -51.08 -64.99 -24.05
CA ASN G 149 -51.05 -65.78 -22.82
C ASN G 149 -49.70 -65.90 -22.11
N LYS G 150 -48.98 -64.79 -22.03
CA LYS G 150 -47.71 -64.77 -21.32
C LYS G 150 -47.63 -63.56 -20.41
N ASN G 151 -46.81 -63.65 -19.37
CA ASN G 151 -46.51 -62.48 -18.55
C ASN G 151 -45.34 -61.70 -19.11
N ALA G 152 -44.87 -62.15 -20.24
CA ALA G 152 -43.76 -61.60 -20.95
C ALA G 152 -44.05 -61.76 -22.40
N GLN G 153 -45.19 -61.26 -22.83
CA GLN G 153 -45.58 -61.48 -24.19
C GLN G 153 -44.75 -60.60 -25.09
N ALA G 154 -44.87 -59.30 -24.91
CA ALA G 154 -43.99 -58.39 -25.61
C ALA G 154 -42.77 -58.25 -24.70
N SER G 155 -42.06 -59.37 -24.58
CA SER G 155 -40.98 -59.58 -23.63
C SER G 155 -39.87 -58.58 -23.86
N LYS G 156 -39.27 -58.11 -22.78
CA LYS G 156 -38.14 -57.23 -23.00
C LYS G 156 -36.90 -58.08 -23.18
N SER G 157 -36.79 -59.13 -22.38
CA SER G 157 -35.67 -60.08 -22.37
C SER G 157 -36.00 -61.22 -23.34
N ASN G 158 -35.27 -61.35 -24.44
CA ASN G 158 -35.67 -62.35 -25.40
C ASN G 158 -34.51 -62.91 -26.28
N ASN G 159 -34.56 -64.18 -26.73
CA ASN G 159 -33.58 -64.79 -27.63
C ASN G 159 -33.96 -64.70 -29.09
N THR G 162 -28.26 -29.01 -16.30
CA THR G 162 -26.88 -28.91 -16.68
C THR G 162 -26.30 -30.28 -16.87
N LEU G 163 -26.81 -31.22 -16.07
CA LEU G 163 -26.27 -32.59 -16.05
C LEU G 163 -24.73 -32.52 -15.89
N ASP G 164 -24.24 -31.55 -15.08
CA ASP G 164 -22.82 -31.30 -14.82
C ASP G 164 -22.42 -31.81 -13.44
N SER G 165 -21.38 -31.21 -12.83
CA SER G 165 -20.84 -31.67 -11.55
C SER G 165 -21.86 -31.64 -10.41
N LEU G 166 -22.99 -30.90 -10.59
CA LEU G 166 -24.03 -30.87 -9.56
C LEU G 166 -24.75 -32.22 -9.51
N ALA G 167 -24.39 -33.06 -10.49
CA ALA G 167 -24.79 -34.42 -10.73
C ALA G 167 -23.53 -35.24 -10.97
N ARG G 168 -22.45 -34.98 -10.22
CA ARG G 168 -21.22 -35.76 -10.39
C ARG G 168 -21.61 -37.21 -10.25
N ASP G 169 -20.96 -38.14 -10.94
CA ASP G 169 -21.43 -39.49 -10.77
C ASP G 169 -20.60 -40.53 -10.04
N LEU G 170 -21.24 -41.68 -9.87
CA LEU G 170 -20.69 -42.84 -9.19
C LEU G 170 -20.25 -43.90 -10.19
N THR G 171 -21.07 -44.11 -11.22
CA THR G 171 -20.78 -45.12 -12.22
C THR G 171 -19.39 -44.88 -12.83
N VAL G 172 -19.06 -43.62 -13.12
CA VAL G 172 -17.71 -43.32 -13.63
C VAL G 172 -16.58 -43.76 -12.68
N ILE G 173 -16.85 -43.82 -11.37
CA ILE G 173 -15.84 -44.18 -10.41
C ILE G 173 -15.74 -45.70 -10.49
N ALA G 174 -16.88 -46.36 -10.58
CA ALA G 174 -16.90 -47.80 -10.74
C ALA G 174 -16.20 -48.25 -12.04
N LYS G 175 -16.38 -47.49 -13.10
CA LYS G 175 -15.89 -47.85 -14.42
C LYS G 175 -14.38 -48.05 -14.56
N ASP G 176 -13.54 -47.24 -13.92
CA ASP G 176 -12.11 -47.45 -14.10
C ASP G 176 -11.53 -48.31 -12.98
N GLY G 177 -12.39 -48.90 -12.16
CA GLY G 177 -11.96 -49.73 -11.04
C GLY G 177 -11.69 -48.94 -9.76
N THR G 178 -11.87 -47.62 -9.78
CA THR G 178 -11.63 -46.83 -8.58
C THR G 178 -12.58 -47.18 -7.45
N LEU G 179 -13.86 -47.31 -7.78
CA LEU G 179 -14.82 -47.57 -6.72
C LEU G 179 -14.62 -48.96 -6.15
N ASP G 180 -14.57 -49.07 -4.83
CA ASP G 180 -14.43 -50.39 -4.23
C ASP G 180 -15.60 -51.26 -4.65
N PRO G 181 -15.38 -52.55 -4.94
CA PRO G 181 -16.40 -53.50 -5.27
C PRO G 181 -17.09 -53.77 -3.98
N VAL G 182 -18.32 -54.21 -3.98
CA VAL G 182 -18.96 -54.61 -2.74
C VAL G 182 -19.53 -55.98 -2.99
N ILE G 183 -19.59 -56.83 -1.98
CA ILE G 183 -20.21 -58.12 -2.19
C ILE G 183 -21.11 -58.35 -1.03
N GLY G 184 -21.99 -59.34 -1.10
CA GLY G 184 -22.78 -59.62 0.07
C GLY G 184 -23.83 -58.53 0.25
N ARG G 185 -24.28 -57.97 -0.87
CA ARG G 185 -25.26 -56.90 -0.89
C ARG G 185 -26.37 -57.26 -1.88
N ASP G 186 -26.51 -58.56 -2.12
CA ASP G 186 -27.45 -59.10 -3.09
C ASP G 186 -28.90 -58.81 -2.75
N LYS G 187 -29.25 -58.90 -1.46
CA LYS G 187 -30.64 -58.66 -1.12
C LYS G 187 -30.96 -57.18 -1.20
N GLU G 188 -29.96 -56.35 -1.01
CA GLU G 188 -30.15 -54.94 -1.08
C GLU G 188 -30.38 -54.53 -2.52
N ILE G 189 -29.57 -55.06 -3.42
CA ILE G 189 -29.81 -54.72 -4.79
C ILE G 189 -31.09 -55.43 -5.26
N THR G 190 -31.48 -56.52 -4.61
CA THR G 190 -32.79 -57.08 -4.91
C THR G 190 -33.83 -56.03 -4.53
N ARG G 191 -33.69 -55.38 -3.37
CA ARG G 191 -34.67 -54.35 -3.05
C ARG G 191 -34.66 -53.26 -4.13
N VAL G 192 -33.52 -53.00 -4.75
CA VAL G 192 -33.48 -52.03 -5.84
C VAL G 192 -34.38 -52.52 -7.00
N ILE G 193 -34.32 -53.82 -7.37
CA ILE G 193 -35.19 -54.27 -8.47
C ILE G 193 -36.61 -54.11 -8.11
N GLU G 194 -36.93 -54.18 -6.84
CA GLU G 194 -38.30 -54.08 -6.37
C GLU G 194 -38.85 -52.67 -6.39
N VAL G 195 -38.02 -51.66 -6.62
CA VAL G 195 -38.55 -50.32 -6.57
C VAL G 195 -38.31 -49.45 -7.80
N LEU G 196 -37.11 -49.47 -8.37
CA LEU G 196 -36.81 -48.43 -9.37
C LEU G 196 -37.71 -48.32 -10.56
N SER G 197 -38.34 -49.40 -10.99
CA SER G 197 -39.20 -49.29 -12.15
C SER G 197 -40.64 -49.55 -11.73
N ARG G 198 -40.95 -49.17 -10.49
CA ARG G 198 -42.26 -49.27 -9.89
C ARG G 198 -43.13 -48.21 -10.52
N ARG G 199 -44.41 -48.50 -10.70
CA ARG G 199 -45.31 -47.52 -11.34
C ARG G 199 -45.45 -46.16 -10.65
N THR G 200 -45.45 -46.16 -9.34
CA THR G 200 -45.65 -44.95 -8.56
C THR G 200 -44.43 -44.64 -7.72
N LYS G 201 -44.23 -45.46 -6.71
CA LYS G 201 -43.15 -45.25 -5.79
C LYS G 201 -41.84 -45.79 -6.31
N ASN G 202 -41.16 -45.00 -7.14
CA ASN G 202 -39.94 -45.43 -7.83
C ASN G 202 -38.68 -45.18 -7.05
N ASN G 203 -38.83 -44.62 -5.87
CA ASN G 203 -37.71 -44.29 -5.05
C ASN G 203 -37.45 -45.26 -3.88
N PRO G 204 -36.43 -46.16 -3.91
CA PRO G 204 -36.10 -47.10 -2.84
C PRO G 204 -35.40 -46.35 -1.74
N VAL G 205 -36.21 -45.72 -0.92
CA VAL G 205 -35.72 -44.81 0.10
C VAL G 205 -35.07 -45.58 1.21
N LEU G 206 -33.80 -45.37 1.45
CA LEU G 206 -33.24 -46.16 2.53
C LEU G 206 -33.84 -45.65 3.82
N ILE G 207 -34.24 -46.54 4.71
CA ILE G 207 -34.72 -46.15 6.03
C ILE G 207 -34.00 -46.97 7.09
N GLY G 208 -34.36 -46.75 8.36
CA GLY G 208 -33.66 -47.41 9.44
C GLY G 208 -32.42 -46.59 9.60
N GLU G 209 -31.27 -47.21 9.37
CA GLU G 209 -29.99 -46.53 9.39
C GLU G 209 -29.54 -46.44 7.93
N PRO G 210 -29.74 -45.31 7.22
CA PRO G 210 -29.47 -45.08 5.80
C PRO G 210 -28.00 -44.76 5.58
N GLY G 211 -27.57 -44.67 4.32
CA GLY G 211 -26.23 -44.19 4.08
C GLY G 211 -25.13 -45.13 4.46
N VAL G 212 -24.32 -44.76 5.45
CA VAL G 212 -23.20 -45.60 5.86
C VAL G 212 -23.60 -47.02 6.08
N GLY G 213 -22.82 -47.91 5.43
CA GLY G 213 -22.94 -49.36 5.44
C GLY G 213 -23.84 -49.81 4.31
N LYS G 214 -24.60 -48.85 3.81
CA LYS G 214 -25.57 -48.98 2.75
C LYS G 214 -25.18 -48.12 1.57
N THR G 215 -23.99 -47.48 1.64
CA THR G 215 -23.55 -46.67 0.51
C THR G 215 -23.23 -47.68 -0.56
N ALA G 216 -22.91 -48.87 -0.06
CA ALA G 216 -22.61 -50.08 -0.78
C ALA G 216 -23.76 -50.51 -1.67
N ILE G 217 -24.98 -50.08 -1.40
CA ILE G 217 -26.07 -50.53 -2.22
C ILE G 217 -25.98 -49.77 -3.54
N ALA G 218 -25.83 -48.44 -3.45
CA ALA G 218 -25.69 -47.61 -4.63
C ALA G 218 -24.42 -48.02 -5.37
N GLU G 219 -23.36 -48.32 -4.61
CA GLU G 219 -22.10 -48.73 -5.20
C GLU G 219 -22.34 -50.04 -5.90
N GLY G 220 -23.12 -50.91 -5.29
CA GLY G 220 -23.48 -52.19 -5.86
C GLY G 220 -24.07 -51.97 -7.24
N LEU G 221 -25.08 -51.10 -7.33
CA LEU G 221 -25.67 -50.84 -8.62
C LEU G 221 -24.67 -50.25 -9.61
N ALA G 222 -23.91 -49.24 -9.19
CA ALA G 222 -22.96 -48.61 -10.10
C ALA G 222 -21.95 -49.65 -10.63
N GLN G 223 -21.52 -50.55 -9.75
CA GLN G 223 -20.58 -51.58 -10.14
C GLN G 223 -21.25 -52.54 -11.10
N ALA G 224 -22.49 -52.91 -10.79
CA ALA G 224 -23.25 -53.82 -11.60
C ALA G 224 -23.44 -53.25 -13.00
N ILE G 225 -23.58 -51.93 -13.12
CA ILE G 225 -23.72 -51.36 -14.43
C ILE G 225 -22.44 -51.52 -15.22
N VAL G 226 -21.32 -51.13 -14.63
CA VAL G 226 -20.08 -51.20 -15.39
C VAL G 226 -19.60 -52.63 -15.62
N ASN G 227 -20.02 -53.55 -14.75
CA ASN G 227 -19.65 -54.95 -14.88
C ASN G 227 -20.66 -55.73 -15.70
N ASN G 228 -21.64 -55.02 -16.28
CA ASN G 228 -22.66 -55.61 -17.10
C ASN G 228 -23.43 -56.73 -16.39
N GLU G 229 -23.71 -56.53 -15.12
CA GLU G 229 -24.50 -57.47 -14.35
C GLU G 229 -25.93 -57.00 -14.50
N VAL G 230 -26.05 -55.69 -14.66
CA VAL G 230 -27.30 -54.99 -14.87
C VAL G 230 -27.90 -55.34 -16.23
N PRO G 231 -29.20 -55.61 -16.31
CA PRO G 231 -29.90 -55.94 -17.52
C PRO G 231 -29.97 -54.71 -18.42
N GLU G 232 -30.31 -54.95 -19.66
CA GLU G 232 -30.32 -53.98 -20.73
C GLU G 232 -31.54 -53.08 -20.76
N THR G 233 -31.75 -52.46 -19.61
CA THR G 233 -32.82 -51.54 -19.39
C THR G 233 -32.16 -50.35 -18.71
N LEU G 234 -31.14 -50.70 -17.94
CA LEU G 234 -30.43 -49.79 -17.04
C LEU G 234 -28.92 -49.77 -17.26
N LYS G 235 -28.35 -50.84 -17.81
CA LYS G 235 -26.90 -50.98 -17.93
C LYS G 235 -26.29 -49.88 -18.80
N ASP G 236 -27.13 -49.24 -19.62
CA ASP G 236 -26.70 -48.20 -20.53
C ASP G 236 -26.98 -46.81 -19.97
N LYS G 237 -27.33 -46.77 -18.68
CA LYS G 237 -27.64 -45.55 -17.93
C LYS G 237 -26.64 -45.42 -16.78
N ARG G 238 -26.67 -44.31 -16.05
CA ARG G 238 -25.72 -44.16 -14.93
C ARG G 238 -26.32 -43.84 -13.57
N VAL G 239 -25.54 -44.16 -12.54
CA VAL G 239 -25.82 -43.85 -11.14
C VAL G 239 -25.05 -42.59 -10.79
N MET G 240 -25.78 -41.57 -10.42
CA MET G 240 -25.21 -40.27 -10.21
C MET G 240 -25.41 -39.85 -8.77
N SER G 241 -24.60 -38.95 -8.25
CA SER G 241 -24.82 -38.52 -6.88
C SER G 241 -25.53 -37.18 -6.86
N LEU G 242 -26.34 -36.95 -5.86
CA LEU G 242 -26.91 -35.62 -5.71
C LEU G 242 -25.90 -34.73 -5.00
N ASP G 243 -25.59 -33.57 -5.56
CA ASP G 243 -24.66 -32.69 -4.86
C ASP G 243 -25.46 -31.90 -3.81
N MET G 244 -25.72 -32.57 -2.70
CA MET G 244 -26.60 -32.08 -1.64
C MET G 244 -25.95 -31.07 -0.72
N GLY G 245 -25.91 -29.82 -1.16
CA GLY G 245 -25.26 -28.77 -0.40
C GLY G 245 -26.04 -27.47 -0.38
N THR G 246 -25.81 -26.67 0.64
CA THR G 246 -26.43 -25.36 0.72
C THR G 246 -25.81 -24.42 -0.29
N VAL G 247 -26.64 -23.73 -1.05
CA VAL G 247 -26.16 -22.73 -1.97
C VAL G 247 -26.44 -21.34 -1.42
N GLY G 255 -25.30 -19.65 -4.01
CA GLY G 255 -26.35 -18.64 -4.04
C GLY G 255 -27.76 -19.21 -4.15
N GLU G 256 -28.38 -18.97 -5.29
CA GLU G 256 -29.74 -19.34 -5.64
C GLU G 256 -30.02 -20.84 -5.63
N PHE G 257 -31.22 -21.23 -5.19
CA PHE G 257 -31.55 -22.64 -5.19
C PHE G 257 -32.47 -23.09 -6.29
N GLU G 258 -33.65 -22.49 -6.40
CA GLU G 258 -34.57 -23.01 -7.39
C GLU G 258 -34.08 -22.85 -8.79
N GLU G 259 -33.52 -21.70 -9.09
CA GLU G 259 -33.07 -21.43 -10.44
C GLU G 259 -31.96 -22.40 -10.85
N ARG G 260 -31.04 -22.66 -9.92
CA ARG G 260 -29.96 -23.56 -10.24
C ARG G 260 -30.44 -24.99 -10.32
N LEU G 261 -31.21 -25.41 -9.34
CA LEU G 261 -31.64 -26.79 -9.28
C LEU G 261 -32.52 -27.10 -10.47
N LYS G 262 -33.35 -26.15 -10.87
CA LYS G 262 -34.19 -26.37 -12.04
C LYS G 262 -33.33 -26.62 -13.25
N LYS G 263 -32.30 -25.79 -13.48
CA LYS G 263 -31.48 -26.04 -14.65
C LYS G 263 -30.74 -27.36 -14.57
N VAL G 264 -30.22 -27.70 -13.37
CA VAL G 264 -29.47 -28.94 -13.24
C VAL G 264 -30.37 -30.07 -13.69
N MET G 265 -31.60 -30.08 -13.14
CA MET G 265 -32.65 -31.04 -13.43
C MET G 265 -33.08 -31.09 -14.87
N GLU G 266 -33.29 -29.95 -15.51
CA GLU G 266 -33.78 -30.04 -16.87
C GLU G 266 -32.85 -30.77 -17.82
N GLU G 267 -31.55 -30.56 -17.74
CA GLU G 267 -30.77 -31.33 -18.71
C GLU G 267 -30.80 -32.80 -18.35
N ILE G 268 -30.82 -33.11 -17.05
CA ILE G 268 -30.84 -34.51 -16.64
C ILE G 268 -32.10 -35.22 -17.10
N GLN G 269 -33.24 -34.60 -16.87
CA GLN G 269 -34.52 -35.20 -17.18
C GLN G 269 -34.83 -35.17 -18.66
N GLN G 270 -34.40 -34.13 -19.35
CA GLN G 270 -34.66 -34.08 -20.78
C GLN G 270 -33.84 -35.17 -21.44
N ALA G 271 -32.60 -35.36 -20.99
CA ALA G 271 -31.80 -36.43 -21.53
C ALA G 271 -32.48 -37.76 -21.18
N GLY G 272 -32.95 -37.88 -19.93
CA GLY G 272 -33.68 -39.05 -19.49
C GLY G 272 -32.80 -40.28 -19.37
N ASN G 273 -31.53 -40.11 -19.08
CA ASN G 273 -30.60 -41.23 -19.04
C ASN G 273 -29.86 -41.54 -17.74
N VAL G 274 -30.14 -40.82 -16.67
CA VAL G 274 -29.42 -41.09 -15.43
C VAL G 274 -30.31 -41.01 -14.20
N ILE G 275 -29.90 -41.68 -13.12
CA ILE G 275 -30.60 -41.63 -11.84
C ILE G 275 -29.67 -41.10 -10.75
N LEU G 276 -30.11 -40.07 -10.02
CA LEU G 276 -29.29 -39.46 -8.97
C LEU G 276 -29.73 -39.99 -7.60
N PHE G 277 -28.82 -40.03 -6.61
CA PHE G 277 -29.27 -40.51 -5.30
C PHE G 277 -28.77 -39.80 -4.03
N ILE G 278 -29.53 -40.07 -2.95
CA ILE G 278 -29.31 -39.61 -1.59
C ILE G 278 -28.79 -40.76 -0.73
N ASP G 279 -27.68 -40.58 -0.01
CA ASP G 279 -27.21 -41.66 0.83
C ASP G 279 -27.94 -41.68 2.20
N GLU G 280 -27.94 -40.55 2.92
CA GLU G 280 -28.56 -40.52 4.25
C GLU G 280 -29.86 -39.75 4.41
N LEU G 281 -29.94 -38.52 3.92
CA LEU G 281 -31.17 -37.77 4.14
C LEU G 281 -31.43 -36.68 3.13
N HIS G 282 -32.62 -36.73 2.57
CA HIS G 282 -33.09 -35.73 1.63
C HIS G 282 -32.98 -34.37 2.27
N THR G 283 -32.53 -33.38 1.51
CA THR G 283 -32.35 -32.02 2.00
C THR G 283 -33.68 -31.31 2.18
N LEU G 284 -34.44 -31.78 3.14
CA LEU G 284 -35.75 -31.25 3.45
C LEU G 284 -35.59 -30.03 4.34
N VAL G 285 -35.14 -28.97 3.71
CA VAL G 285 -34.77 -27.74 4.39
C VAL G 285 -35.61 -26.56 3.91
N GLY G 286 -35.53 -25.42 4.59
CA GLY G 286 -36.29 -24.24 4.17
C GLY G 286 -35.56 -23.36 3.15
N ALA G 287 -34.34 -23.73 2.78
CA ALA G 287 -33.52 -22.91 1.87
C ALA G 287 -32.41 -23.75 1.25
N ALA G 296 -34.12 -25.92 -0.72
CA ALA G 296 -35.40 -26.01 -0.02
C ALA G 296 -36.14 -27.28 -0.44
N SER G 297 -36.92 -27.81 0.50
CA SER G 297 -37.69 -29.03 0.38
C SER G 297 -38.76 -28.99 -0.69
N ASN G 298 -39.18 -27.79 -1.08
CA ASN G 298 -40.21 -27.67 -2.08
C ASN G 298 -39.67 -27.36 -3.48
N ILE G 299 -38.36 -27.42 -3.67
CA ILE G 299 -37.86 -27.10 -4.99
C ILE G 299 -38.00 -28.25 -5.92
N LEU G 300 -38.75 -27.98 -6.99
CA LEU G 300 -39.13 -28.93 -8.01
C LEU G 300 -39.93 -30.06 -7.39
N LYS G 301 -40.51 -29.81 -6.22
CA LYS G 301 -41.28 -30.84 -5.59
C LYS G 301 -42.41 -31.32 -6.50
N PRO G 302 -43.18 -30.44 -7.18
CA PRO G 302 -44.21 -30.84 -8.11
C PRO G 302 -43.67 -31.75 -9.20
N ALA G 303 -42.39 -31.64 -9.56
CA ALA G 303 -41.87 -32.49 -10.61
C ALA G 303 -41.96 -33.90 -10.09
N LEU G 304 -41.42 -34.11 -8.90
CA LEU G 304 -41.45 -35.45 -8.38
C LEU G 304 -42.83 -35.88 -7.99
N ALA G 305 -43.64 -35.01 -7.41
CA ALA G 305 -44.98 -35.43 -7.03
C ALA G 305 -45.73 -35.96 -8.27
N ARG G 306 -45.47 -35.35 -9.44
CA ARG G 306 -46.07 -35.75 -10.72
C ARG G 306 -45.38 -36.94 -11.43
N GLY G 307 -44.26 -37.45 -10.90
CA GLY G 307 -43.53 -38.56 -11.50
C GLY G 307 -42.28 -38.20 -12.31
N GLU G 308 -41.88 -36.94 -12.31
CA GLU G 308 -40.68 -36.49 -13.01
C GLU G 308 -39.58 -36.43 -12.00
N LEU G 309 -38.33 -36.27 -12.39
CA LEU G 309 -37.30 -36.15 -11.36
C LEU G 309 -37.28 -37.39 -10.44
N GLN G 310 -37.49 -38.56 -11.04
CA GLN G 310 -37.42 -39.77 -10.27
C GLN G 310 -36.01 -39.90 -9.77
N CYS G 311 -35.84 -40.35 -8.53
CA CYS G 311 -34.53 -40.49 -7.92
C CYS G 311 -34.55 -41.56 -6.84
N ILE G 312 -33.37 -41.86 -6.32
CA ILE G 312 -33.20 -42.79 -5.21
C ILE G 312 -32.96 -41.98 -3.97
N GLY G 313 -33.80 -42.12 -2.99
CA GLY G 313 -33.65 -41.30 -1.83
C GLY G 313 -33.24 -42.05 -0.59
N ALA G 314 -33.27 -41.32 0.50
CA ALA G 314 -32.95 -41.85 1.81
C ALA G 314 -33.44 -40.88 2.85
N THR G 315 -33.94 -41.45 3.92
CA THR G 315 -34.33 -40.76 5.13
C THR G 315 -33.95 -41.66 6.29
N THR G 316 -33.93 -41.17 7.49
CA THR G 316 -33.73 -42.10 8.60
C THR G 316 -35.09 -42.71 8.88
N LEU G 317 -35.17 -43.73 9.73
CA LEU G 317 -36.48 -44.30 10.06
C LEU G 317 -37.47 -43.24 10.50
N ASP G 318 -37.06 -42.36 11.38
CA ASP G 318 -38.01 -41.40 11.89
C ASP G 318 -38.18 -40.29 10.89
N GLU G 319 -37.14 -39.91 10.15
CA GLU G 319 -37.37 -38.84 9.21
C GLU G 319 -38.36 -39.31 8.15
N TYR G 320 -38.31 -40.59 7.79
CA TYR G 320 -39.25 -41.09 6.81
C TYR G 320 -40.66 -40.80 7.32
N ARG G 321 -40.91 -41.21 8.56
CA ARG G 321 -42.23 -41.05 9.15
C ARG G 321 -42.62 -39.57 9.28
N LYS G 322 -41.68 -38.77 9.75
CA LYS G 322 -41.88 -37.35 10.00
C LYS G 322 -42.12 -36.52 8.77
N ASN G 323 -41.45 -36.86 7.68
CA ASN G 323 -41.57 -36.05 6.50
C ASN G 323 -42.36 -36.69 5.39
N ILE G 324 -42.18 -37.97 5.14
CA ILE G 324 -42.84 -38.56 4.01
C ILE G 324 -44.23 -39.03 4.34
N GLU G 325 -44.38 -39.76 5.43
CA GLU G 325 -45.72 -40.21 5.74
C GLU G 325 -46.59 -39.00 6.04
N LYS G 326 -46.01 -38.05 6.75
CA LYS G 326 -46.68 -36.79 7.07
C LYS G 326 -47.12 -36.00 5.85
N ASP G 327 -46.22 -35.79 4.88
CA ASP G 327 -46.52 -35.03 3.68
C ASP G 327 -47.61 -35.65 2.81
N ALA G 328 -47.46 -36.95 2.57
CA ALA G 328 -48.30 -37.79 1.74
C ALA G 328 -48.24 -37.50 0.22
N ALA G 329 -47.43 -36.54 -0.25
CA ALA G 329 -47.22 -36.43 -1.69
C ALA G 329 -45.98 -37.23 -1.96
N LEU G 330 -45.03 -37.07 -1.04
CA LEU G 330 -43.76 -37.76 -1.13
C LEU G 330 -44.06 -39.25 -1.05
N GLU G 331 -45.07 -39.60 -0.26
CA GLU G 331 -45.49 -40.98 -0.07
C GLU G 331 -45.85 -41.67 -1.40
N ARG G 332 -46.27 -40.92 -2.42
CA ARG G 332 -46.67 -41.56 -3.66
C ARG G 332 -45.49 -41.75 -4.61
N ARG G 333 -44.31 -41.32 -4.19
CA ARG G 333 -43.11 -41.47 -4.99
C ARG G 333 -42.02 -42.24 -4.24
N PHE G 334 -42.06 -42.16 -2.91
CA PHE G 334 -41.08 -42.70 -1.98
C PHE G 334 -41.47 -44.04 -1.37
N GLN G 335 -40.67 -45.05 -1.63
CA GLN G 335 -40.87 -46.38 -1.10
C GLN G 335 -39.84 -46.69 -0.05
N PRO G 336 -40.18 -46.81 1.22
CA PRO G 336 -39.21 -47.08 2.24
C PRO G 336 -38.69 -48.48 2.05
N VAL G 337 -37.40 -48.64 2.11
CA VAL G 337 -36.82 -49.97 2.03
C VAL G 337 -35.77 -50.08 3.11
N GLN G 338 -35.54 -51.27 3.64
CA GLN G 338 -34.44 -51.40 4.58
C GLN G 338 -34.06 -52.81 4.90
N VAL G 339 -32.80 -52.90 5.27
CA VAL G 339 -32.16 -54.06 5.82
C VAL G 339 -31.39 -53.57 7.02
N ASP G 340 -31.03 -54.45 7.94
CA ASP G 340 -30.14 -54.02 9.00
C ASP G 340 -28.92 -53.55 8.27
N GLU G 341 -28.29 -52.48 8.73
CA GLU G 341 -27.10 -52.04 8.02
C GLU G 341 -26.25 -53.30 7.81
N PRO G 342 -25.90 -53.64 6.56
CA PRO G 342 -25.19 -54.84 6.17
C PRO G 342 -23.69 -54.66 6.11
N SER G 343 -26.60 -58.75 8.51
CA SER G 343 -26.34 -59.66 9.61
C SER G 343 -24.89 -60.11 9.64
N VAL G 344 -24.62 -61.22 10.30
CA VAL G 344 -23.27 -61.74 10.46
C VAL G 344 -22.66 -62.09 9.13
N VAL G 345 -23.43 -62.79 8.34
CA VAL G 345 -22.99 -63.23 7.05
C VAL G 345 -22.81 -62.11 6.05
N ASP G 346 -23.49 -60.99 6.22
CA ASP G 346 -23.34 -59.96 5.24
C ASP G 346 -22.09 -59.18 5.55
N THR G 347 -21.82 -59.00 6.84
CA THR G 347 -20.61 -58.30 7.20
C THR G 347 -19.42 -59.18 6.91
N VAL G 348 -19.47 -60.45 7.31
CA VAL G 348 -18.33 -61.31 7.05
C VAL G 348 -18.11 -61.45 5.57
N ALA G 349 -19.15 -61.67 4.79
CA ALA G 349 -18.90 -61.80 3.38
C ALA G 349 -18.28 -60.56 2.79
N ILE G 350 -18.77 -59.37 3.11
CA ILE G 350 -18.16 -58.22 2.52
C ILE G 350 -16.75 -58.02 2.99
N LEU G 351 -16.50 -58.29 4.27
CA LEU G 351 -15.15 -58.10 4.78
C LEU G 351 -14.17 -59.02 4.11
N LYS G 352 -14.59 -60.25 3.84
CA LYS G 352 -13.67 -61.12 3.14
C LYS G 352 -13.56 -60.69 1.68
N GLY G 353 -14.67 -60.36 1.06
CA GLY G 353 -14.64 -59.99 -0.35
C GLY G 353 -13.78 -58.78 -0.65
N LEU G 354 -13.82 -57.82 0.25
CA LEU G 354 -13.05 -56.60 0.11
C LEU G 354 -11.86 -56.64 1.01
N ARG G 355 -11.43 -57.83 1.38
CA ARG G 355 -10.31 -57.88 2.28
C ARG G 355 -9.12 -57.27 1.64
N ASP G 356 -8.98 -57.34 0.32
CA ASP G 356 -7.84 -56.72 -0.31
C ASP G 356 -7.85 -55.22 -0.13
N ARG G 357 -9.03 -54.62 -0.07
CA ARG G 357 -9.13 -53.18 0.11
C ARG G 357 -8.68 -52.79 1.49
N TYR G 358 -9.06 -53.59 2.48
CA TYR G 358 -8.70 -53.24 3.83
C TYR G 358 -7.25 -53.57 4.08
N GLU G 359 -6.85 -54.73 3.61
CA GLU G 359 -5.52 -55.22 3.80
C GLU G 359 -4.54 -54.28 3.13
N ALA G 360 -4.87 -53.83 1.92
CA ALA G 360 -3.99 -52.93 1.21
C ALA G 360 -3.81 -51.63 1.95
N HIS G 361 -4.92 -51.08 2.43
CA HIS G 361 -4.92 -49.80 3.12
C HIS G 361 -4.02 -49.84 4.33
N HIS G 362 -4.20 -50.89 5.12
CA HIS G 362 -3.51 -51.05 6.36
C HIS G 362 -2.17 -51.70 6.22
N ARG G 363 -1.81 -52.05 5.00
CA ARG G 363 -0.60 -52.75 4.72
C ARG G 363 -0.47 -54.05 5.50
N ILE G 364 -1.58 -54.79 5.69
CA ILE G 364 -1.53 -56.09 6.37
C ILE G 364 -2.67 -57.04 5.99
N ASN G 365 -2.33 -58.31 5.75
CA ASN G 365 -3.30 -59.38 5.50
C ASN G 365 -4.19 -59.65 6.70
N ILE G 366 -5.46 -59.95 6.49
CA ILE G 366 -6.33 -60.21 7.63
C ILE G 366 -6.81 -61.66 7.61
N SER G 367 -6.64 -62.39 8.71
CA SER G 367 -7.09 -63.78 8.77
C SER G 367 -8.61 -63.89 8.79
N ASP G 368 -9.15 -65.06 8.39
CA ASP G 368 -10.60 -65.19 8.46
C ASP G 368 -11.07 -65.14 9.87
N GLU G 369 -10.28 -65.70 10.77
CA GLU G 369 -10.66 -65.75 12.16
C GLU G 369 -10.77 -64.33 12.67
N ALA G 370 -9.85 -63.46 12.25
CA ALA G 370 -9.95 -62.07 12.67
C ALA G 370 -11.25 -61.47 12.15
N ILE G 371 -11.64 -61.81 10.92
CA ILE G 371 -12.88 -61.27 10.38
C ILE G 371 -14.06 -61.76 11.19
N GLU G 372 -14.09 -63.05 11.48
CA GLU G 372 -15.20 -63.57 12.25
C GLU G 372 -15.24 -62.96 13.64
N ALA G 373 -14.08 -62.80 14.26
CA ALA G 373 -14.01 -62.22 15.59
C ALA G 373 -14.52 -60.81 15.60
N ALA G 374 -14.20 -60.02 14.59
CA ALA G 374 -14.68 -58.66 14.57
C ALA G 374 -16.19 -58.62 14.61
N VAL G 375 -16.80 -59.53 13.89
CA VAL G 375 -18.23 -59.60 13.83
C VAL G 375 -18.83 -60.15 15.12
N LYS G 376 -18.29 -61.23 15.63
CA LYS G 376 -18.84 -61.82 16.84
C LYS G 376 -18.70 -60.89 18.03
N LEU G 377 -17.55 -60.27 18.16
CA LEU G 377 -17.31 -59.41 19.29
C LEU G 377 -18.00 -58.10 19.19
N SER G 378 -18.00 -57.47 18.02
CA SER G 378 -18.66 -56.18 17.99
C SER G 378 -20.14 -56.31 18.21
N ASN G 379 -20.73 -57.42 17.81
CA ASN G 379 -22.13 -57.65 18.02
C ASN G 379 -22.41 -57.78 19.51
N ARG G 380 -21.64 -58.64 20.16
CA ARG G 380 -21.83 -58.87 21.57
C ARG G 380 -21.55 -57.65 22.42
N TYR G 381 -20.48 -56.94 22.07
CA TYR G 381 -20.06 -55.76 22.79
C TYR G 381 -21.09 -54.65 22.71
N VAL G 382 -21.53 -54.29 21.50
CA VAL G 382 -22.54 -53.25 21.40
C VAL G 382 -23.76 -53.81 20.68
N SER G 383 -24.72 -54.26 21.46
CA SER G 383 -25.88 -54.92 20.87
C SER G 383 -26.86 -53.95 20.21
N ASP G 384 -26.70 -52.63 20.42
CA ASP G 384 -27.57 -51.66 19.80
C ASP G 384 -26.95 -50.96 18.58
N ARG G 385 -25.85 -51.51 18.05
CA ARG G 385 -25.21 -50.89 16.89
C ARG G 385 -24.87 -51.93 15.85
N PHE G 386 -24.70 -51.47 14.63
CA PHE G 386 -24.51 -52.31 13.49
C PHE G 386 -23.12 -52.87 13.28
N LEU G 387 -23.06 -54.01 12.61
CA LEU G 387 -21.77 -54.57 12.39
C LEU G 387 -20.81 -53.69 11.58
N PRO G 388 -21.15 -53.11 10.41
CA PRO G 388 -20.26 -52.21 9.69
C PRO G 388 -20.32 -50.81 10.28
N ASP G 389 -20.07 -50.73 11.58
CA ASP G 389 -20.10 -49.57 12.41
C ASP G 389 -19.20 -49.96 13.55
N LYS G 390 -19.34 -51.21 14.01
CA LYS G 390 -18.55 -51.68 15.12
C LYS G 390 -17.58 -52.80 14.69
N ALA G 391 -18.03 -53.79 13.93
CA ALA G 391 -17.15 -54.86 13.44
C ALA G 391 -16.10 -54.23 12.56
N ILE G 392 -16.52 -53.24 11.77
CA ILE G 392 -15.57 -52.58 10.89
C ILE G 392 -14.49 -51.87 11.69
N ASP G 393 -14.81 -51.41 12.90
CA ASP G 393 -13.77 -50.79 13.68
C ASP G 393 -12.87 -51.88 14.22
N LEU G 394 -13.41 -53.03 14.66
CA LEU G 394 -12.46 -54.04 15.13
C LEU G 394 -11.52 -54.46 14.01
N ILE G 395 -11.99 -54.49 12.76
CA ILE G 395 -11.14 -54.84 11.64
C ILE G 395 -10.04 -53.80 11.45
N ASP G 396 -10.43 -52.56 11.19
CA ASP G 396 -9.38 -51.60 10.98
C ASP G 396 -8.50 -51.35 12.19
N GLU G 397 -9.10 -51.29 13.36
CA GLU G 397 -8.34 -51.00 14.54
C GLU G 397 -7.36 -52.13 14.82
N ALA G 398 -7.76 -53.37 14.59
CA ALA G 398 -6.84 -54.47 14.80
C ALA G 398 -5.68 -54.36 13.85
N SER G 399 -5.97 -54.03 12.60
CA SER G 399 -4.90 -53.87 11.65
C SER G 399 -4.00 -52.75 12.14
N SER G 400 -4.60 -51.68 12.65
CA SER G 400 -3.88 -50.55 13.19
C SER G 400 -2.99 -51.01 14.34
N LYS G 401 -3.41 -51.98 15.15
CA LYS G 401 -2.59 -52.43 16.27
C LYS G 401 -1.30 -53.04 15.78
N VAL G 402 -1.32 -53.64 14.58
CA VAL G 402 -0.10 -54.20 14.06
C VAL G 402 0.67 -53.07 13.42
N ARG G 403 -0.05 -52.18 12.75
CA ARG G 403 0.53 -51.04 12.05
C ARG G 403 1.35 -50.21 13.05
N LEU G 404 0.90 -50.12 14.29
CA LEU G 404 1.62 -49.42 15.34
C LEU G 404 3.01 -49.96 15.60
N LYS G 405 3.26 -51.21 15.21
CA LYS G 405 4.54 -51.85 15.42
C LYS G 405 5.45 -51.53 14.25
N SER G 406 4.90 -50.86 13.21
CA SER G 406 5.62 -50.53 11.99
C SER G 406 5.42 -49.08 11.47
N HIS G 407 4.58 -48.28 12.10
CA HIS G 407 4.27 -46.95 11.59
C HIS G 407 5.47 -46.07 11.23
N THR G 408 6.43 -45.87 12.13
CA THR G 408 7.59 -45.00 11.87
C THR G 408 8.77 -45.88 11.61
N THR G 409 9.94 -45.28 11.35
CA THR G 409 11.19 -46.01 11.20
C THR G 409 11.86 -46.02 12.57
N PRO G 410 12.93 -46.82 12.80
CA PRO G 410 13.77 -46.76 13.98
C PRO G 410 15.01 -45.96 13.60
N ASN G 411 15.26 -53.06 20.98
CA ASN G 411 15.27 -51.87 20.14
C ASN G 411 16.68 -51.58 19.69
N ASN G 412 17.40 -52.63 19.31
CA ASN G 412 18.78 -52.48 18.87
C ASN G 412 18.86 -51.51 17.71
N LEU G 413 17.81 -51.48 16.88
CA LEU G 413 17.83 -50.58 15.76
C LEU G 413 17.83 -49.13 16.22
N LYS G 414 17.24 -48.83 17.38
CA LYS G 414 17.30 -47.45 17.82
C LYS G 414 18.66 -47.19 18.38
N GLU G 415 19.25 -48.18 19.04
CA GLU G 415 20.56 -47.91 19.58
C GLU G 415 21.54 -47.65 18.43
N ILE G 416 21.47 -48.43 17.35
CA ILE G 416 22.41 -48.17 16.28
C ILE G 416 22.11 -46.84 15.61
N GLU G 417 20.82 -46.48 15.47
CA GLU G 417 20.49 -45.20 14.88
C GLU G 417 21.11 -44.08 15.69
N GLN G 418 20.95 -44.15 16.99
CA GLN G 418 21.47 -43.11 17.83
C GLN G 418 22.97 -43.04 17.70
N GLU G 419 23.65 -44.18 17.66
CA GLU G 419 25.08 -44.07 17.56
C GLU G 419 25.52 -43.52 16.22
N ILE G 420 24.84 -43.89 15.12
CA ILE G 420 25.30 -43.32 13.86
C ILE G 420 24.97 -41.82 13.80
N GLU G 421 23.90 -41.37 14.44
CA GLU G 421 23.63 -39.95 14.43
C GLU G 421 24.64 -39.18 15.26
N LYS G 422 25.08 -39.74 16.36
CA LYS G 422 26.01 -39.05 17.20
C LYS G 422 27.35 -38.89 16.50
N VAL G 423 27.84 -39.95 15.85
CA VAL G 423 29.13 -39.81 15.20
C VAL G 423 29.00 -39.04 13.88
N LYS G 424 27.88 -39.18 13.20
CA LYS G 424 27.66 -38.46 11.97
C LYS G 424 27.70 -36.97 12.14
N ASN G 425 27.04 -36.50 13.17
CA ASN G 425 26.93 -35.08 13.34
C ASN G 425 27.99 -34.40 14.16
N GLU G 426 28.37 -34.95 15.32
CA GLU G 426 29.23 -34.17 16.20
C GLU G 426 30.70 -34.25 15.90
N LYS G 427 31.05 -33.69 14.76
CA LYS G 427 32.39 -33.69 14.24
C LYS G 427 33.03 -32.33 14.22
N ASP G 428 32.24 -31.25 14.33
CA ASP G 428 32.87 -29.94 14.16
C ASP G 428 33.62 -29.44 15.38
N ALA G 429 34.78 -30.03 15.58
CA ALA G 429 35.68 -29.59 16.62
C ALA G 429 36.65 -28.63 15.98
N ALA G 430 36.88 -28.84 14.67
CA ALA G 430 37.80 -28.00 13.92
C ALA G 430 37.42 -27.80 12.47
N VAL G 431 36.17 -27.99 12.07
CA VAL G 431 35.88 -27.77 10.66
C VAL G 431 36.11 -26.28 10.41
N HIS G 432 35.62 -25.48 11.35
CA HIS G 432 35.77 -24.02 11.27
C HIS G 432 36.99 -23.43 12.01
N ALA G 433 37.29 -23.95 13.20
CA ALA G 433 38.40 -23.46 14.07
C ALA G 433 39.73 -23.61 13.38
N GLN G 434 40.74 -22.79 13.75
CA GLN G 434 42.07 -22.97 13.14
C GLN G 434 42.81 -24.11 13.84
N GLU G 435 42.25 -25.30 13.71
CA GLU G 435 42.63 -26.55 14.33
C GLU G 435 42.44 -27.70 13.37
N PHE G 436 42.94 -28.86 13.74
CA PHE G 436 42.77 -30.02 12.89
C PHE G 436 41.90 -31.07 13.57
N GLU G 437 41.54 -30.89 14.83
CA GLU G 437 40.75 -31.92 15.45
C GLU G 437 39.28 -31.86 15.06
N ASN G 438 39.33 -31.24 11.57
CA ASN G 438 38.34 -32.24 11.49
C ASN G 438 39.08 -33.52 11.22
N ALA G 439 40.39 -33.47 11.17
CA ALA G 439 41.14 -34.69 10.91
C ALA G 439 40.90 -35.71 11.98
N ALA G 440 40.91 -35.26 13.23
CA ALA G 440 40.78 -36.22 14.30
C ALA G 440 39.39 -36.80 14.38
N ASN G 441 38.40 -35.91 14.37
CA ASN G 441 37.03 -36.38 14.53
C ASN G 441 36.42 -36.88 13.27
N LEU G 442 36.65 -36.26 12.14
CA LEU G 442 36.04 -36.76 10.95
C LEU G 442 36.64 -38.11 10.66
N ARG G 443 37.95 -38.27 10.79
CA ARG G 443 38.47 -39.60 10.56
C ARG G 443 37.85 -40.63 11.47
N ASP G 444 37.87 -40.36 12.78
CA ASP G 444 37.35 -41.34 13.71
C ASP G 444 35.86 -41.58 13.51
N LYS G 445 35.08 -40.52 13.58
CA LYS G 445 33.65 -40.61 13.49
C LYS G 445 33.18 -41.06 12.13
N GLN G 446 33.83 -40.66 11.05
CA GLN G 446 33.36 -41.11 9.74
C GLN G 446 33.63 -42.58 9.62
N THR G 447 34.78 -43.06 10.09
CA THR G 447 35.05 -44.47 9.99
C THR G 447 34.02 -45.25 10.80
N LYS G 448 33.77 -44.80 12.02
CA LYS G 448 32.82 -45.47 12.88
C LYS G 448 31.43 -45.39 12.28
N LEU G 449 31.08 -44.26 11.72
CA LEU G 449 29.81 -44.09 11.10
C LEU G 449 29.61 -45.07 10.00
N GLU G 450 30.58 -45.16 9.10
CA GLU G 450 30.42 -46.06 7.98
C GLU G 450 30.27 -47.49 8.43
N LYS G 451 31.03 -47.89 9.44
CA LYS G 451 30.90 -49.26 9.88
C LYS G 451 29.56 -49.49 10.58
N GLN G 452 29.18 -48.57 11.45
CA GLN G 452 27.94 -48.67 12.20
C GLN G 452 26.75 -48.57 11.28
N TYR G 453 26.85 -47.74 10.28
CA TYR G 453 25.80 -47.54 9.31
C TYR G 453 25.57 -48.79 8.50
N GLU G 454 26.64 -49.41 7.99
CA GLU G 454 26.41 -50.62 7.23
C GLU G 454 25.77 -51.65 8.14
N GLU G 455 26.20 -51.70 9.39
CA GLU G 455 25.57 -52.63 10.31
C GLU G 455 24.11 -52.26 10.50
N ALA G 456 23.80 -50.97 10.61
CA ALA G 456 22.43 -50.51 10.78
C ALA G 456 21.56 -50.93 9.61
N LYS G 457 22.10 -50.88 8.39
CA LYS G 457 21.31 -51.27 7.24
C LYS G 457 21.05 -52.75 7.24
N ASN G 458 22.07 -53.53 7.53
CA ASN G 458 21.91 -54.96 7.52
C ASN G 458 20.96 -55.38 8.61
N GLU G 459 21.14 -54.82 9.79
CA GLU G 459 20.29 -55.15 10.91
C GLU G 459 18.87 -54.72 10.65
N TRP G 460 18.68 -53.53 10.07
CA TRP G 460 17.33 -53.08 9.82
C TRP G 460 16.64 -54.01 8.89
N LYS G 461 17.29 -54.38 7.81
CA LYS G 461 16.61 -55.22 6.86
C LYS G 461 16.20 -56.54 7.52
N ASN G 462 17.03 -57.09 8.42
CA ASN G 462 16.62 -58.32 9.10
C ASN G 462 15.72 -58.10 10.31
N THR G 463 15.69 -56.90 10.88
CA THR G 463 14.94 -56.66 12.10
C THR G 463 13.99 -55.50 11.97
N GLN G 464 13.61 -55.19 10.74
CA GLN G 464 12.69 -54.10 10.45
C GLN G 464 11.65 -54.00 11.56
N GLY G 466 6.50 -57.23 12.76
CA GLY G 466 6.77 -57.91 11.49
C GLY G 466 5.63 -58.83 11.08
N MET G 467 4.61 -58.92 11.94
CA MET G 467 3.43 -59.78 11.73
C MET G 467 2.79 -59.60 10.38
N SER G 468 2.61 -60.71 9.66
CA SER G 468 2.01 -60.65 8.34
C SER G 468 0.50 -60.65 8.32
N THR G 469 -0.12 -61.25 9.33
CA THR G 469 -1.55 -61.40 9.28
C THR G 469 -2.25 -60.95 10.57
N SER G 470 -3.30 -60.14 10.44
CA SER G 470 -4.08 -59.75 11.62
C SER G 470 -4.71 -60.98 12.22
N LEU G 471 -4.53 -61.15 13.52
CA LEU G 471 -5.05 -62.32 14.20
C LEU G 471 -6.20 -62.01 15.14
N SER G 472 -7.12 -62.96 15.27
CA SER G 472 -8.23 -62.79 16.20
C SER G 472 -7.78 -62.68 17.65
N GLU G 473 -6.97 -63.63 18.05
CA GLU G 473 -6.46 -63.76 19.41
C GLU G 473 -5.54 -62.64 19.85
N GLU G 474 -4.99 -61.89 18.91
CA GLU G 474 -4.10 -60.81 19.28
C GLU G 474 -4.52 -59.44 18.83
N ASP G 475 -4.94 -59.29 17.59
CA ASP G 475 -5.18 -57.94 17.11
C ASP G 475 -6.62 -57.55 17.31
N ILE G 476 -7.55 -58.49 17.10
CA ILE G 476 -8.95 -58.13 17.35
C ILE G 476 -9.09 -58.06 18.84
N ALA G 477 -8.53 -59.07 19.51
CA ALA G 477 -8.56 -59.18 20.96
C ALA G 477 -7.96 -57.96 21.63
N GLU G 478 -6.86 -57.41 21.13
CA GLU G 478 -6.31 -56.23 21.78
C GLU G 478 -7.22 -55.03 21.58
N VAL G 479 -7.79 -54.87 20.40
CA VAL G 479 -8.64 -53.72 20.24
C VAL G 479 -9.82 -53.80 21.16
N ILE G 480 -10.51 -54.95 21.15
CA ILE G 480 -11.66 -55.04 22.01
C ILE G 480 -11.23 -54.94 23.46
N ALA G 481 -10.03 -55.40 23.79
CA ALA G 481 -9.58 -55.33 25.16
C ALA G 481 -9.55 -53.94 25.69
N GLY G 482 -9.14 -52.99 24.86
CA GLY G 482 -9.07 -51.62 25.32
C GLY G 482 -10.44 -50.99 25.46
N TRP G 483 -11.47 -51.69 24.99
CA TRP G 483 -12.82 -51.19 25.03
C TRP G 483 -13.66 -51.93 26.06
N THR G 484 -13.26 -53.14 26.44
CA THR G 484 -14.12 -53.92 27.31
C THR G 484 -13.53 -54.47 28.63
N GLY G 485 -12.24 -54.85 28.68
CA GLY G 485 -11.65 -55.46 29.87
C GLY G 485 -11.91 -56.97 30.04
N ILE G 486 -11.28 -57.56 31.05
CA ILE G 486 -11.36 -58.99 31.45
C ILE G 486 -11.11 -60.07 30.33
N PRO G 487 -9.82 -60.37 30.05
CA PRO G 487 -9.27 -61.40 29.15
C PRO G 487 -8.86 -62.65 29.91
N LEU G 488 -11.93 -63.35 29.25
CA LEU G 488 -12.63 -64.45 29.88
C LEU G 488 -14.10 -64.22 29.78
N THR G 489 -14.53 -63.01 30.12
CA THR G 489 -15.94 -62.74 30.12
C THR G 489 -16.29 -61.64 29.16
N LYS G 490 -15.30 -60.85 28.78
CA LYS G 490 -15.55 -59.75 27.90
C LYS G 490 -14.59 -59.75 26.68
N ILE G 491 -13.32 -60.08 26.90
CA ILE G 491 -12.34 -60.08 25.80
C ILE G 491 -12.20 -61.41 25.12
N ASN G 492 -12.02 -62.48 25.90
CA ASN G 492 -11.87 -63.79 25.30
C ASN G 492 -13.28 -64.29 25.06
N GLU G 493 -14.08 -64.18 26.11
CA GLU G 493 -15.49 -64.56 26.11
C GLU G 493 -15.75 -65.84 25.34
N THR G 494 -15.29 -66.96 25.88
CA THR G 494 -15.40 -68.25 25.20
C THR G 494 -16.83 -68.80 25.29
N GLU G 495 -17.65 -68.19 26.14
CA GLU G 495 -19.07 -68.47 26.34
C GLU G 495 -19.43 -69.79 26.99
N SER G 496 -18.93 -70.90 26.47
CA SER G 496 -19.32 -72.18 27.06
C SER G 496 -18.91 -72.23 28.51
N GLU G 497 -17.82 -71.57 28.87
CA GLU G 497 -17.40 -71.54 30.25
C GLU G 497 -18.42 -70.83 31.12
N LYS G 498 -19.08 -69.79 30.60
CA LYS G 498 -20.04 -69.09 31.40
C LYS G 498 -21.22 -69.99 31.61
N LEU G 499 -21.62 -70.67 30.55
CA LEU G 499 -22.79 -71.50 30.65
C LEU G 499 -22.58 -72.69 31.59
N LEU G 500 -21.43 -73.31 31.49
CA LEU G 500 -21.11 -74.49 32.29
C LEU G 500 -21.02 -74.18 33.77
N SER G 501 -20.51 -73.02 34.11
CA SER G 501 -20.35 -72.62 35.48
C SER G 501 -21.42 -71.69 36.02
N LEU G 502 -22.58 -71.56 35.34
CA LEU G 502 -23.59 -70.63 35.84
C LEU G 502 -24.12 -70.99 37.23
N GLU G 503 -24.24 -72.27 37.55
CA GLU G 503 -24.77 -72.66 38.85
C GLU G 503 -23.86 -72.26 39.99
N ASP G 504 -22.57 -72.42 39.78
CA ASP G 504 -21.66 -72.08 40.83
C ASP G 504 -21.41 -70.61 40.81
N THR G 505 -21.41 -70.02 39.64
CA THR G 505 -21.18 -68.60 39.55
C THR G 505 -22.23 -67.83 40.31
N LEU G 506 -23.50 -68.12 40.10
CA LEU G 506 -24.45 -67.32 40.86
C LEU G 506 -24.45 -67.66 42.33
N HIS G 507 -24.27 -68.92 42.71
CA HIS G 507 -24.22 -69.21 44.12
C HIS G 507 -23.03 -68.49 44.77
N GLU G 508 -21.88 -68.53 44.14
CA GLU G 508 -20.71 -67.86 44.69
C GLU G 508 -20.93 -66.36 44.81
N ARG G 509 -21.57 -65.75 43.82
CA ARG G 509 -21.79 -64.31 43.91
C ARG G 509 -22.75 -64.01 45.06
N VAL G 510 -23.86 -64.75 45.12
CA VAL G 510 -24.86 -64.62 46.17
C VAL G 510 -25.21 -65.99 46.72
N ILE G 511 -24.79 -66.27 47.93
CA ILE G 511 -24.97 -67.58 48.55
C ILE G 511 -26.40 -67.98 48.84
N GLY G 512 -26.56 -69.31 48.95
CA GLY G 512 -27.82 -69.95 49.26
C GLY G 512 -28.59 -70.10 47.99
N GLN G 513 -29.78 -70.70 48.07
CA GLN G 513 -30.62 -70.86 46.90
C GLN G 513 -29.95 -71.66 45.83
N LYS G 514 -29.00 -72.53 46.16
CA LYS G 514 -28.31 -73.19 45.07
C LYS G 514 -29.25 -74.05 44.22
N ASP G 515 -30.32 -74.60 44.81
CA ASP G 515 -31.24 -75.42 44.06
C ASP G 515 -32.04 -74.52 43.13
N ALA G 516 -32.53 -73.43 43.66
CA ALA G 516 -33.25 -72.46 42.86
C ALA G 516 -32.32 -71.90 41.76
N VAL G 517 -31.05 -71.70 42.10
CA VAL G 517 -30.06 -71.26 41.14
C VAL G 517 -29.90 -72.32 40.08
N ASN G 518 -29.85 -73.59 40.47
CA ASN G 518 -29.75 -74.59 39.43
C ASN G 518 -30.90 -74.42 38.45
N SER G 519 -32.10 -74.12 38.93
CA SER G 519 -33.18 -73.90 37.98
C SER G 519 -32.94 -72.67 37.10
N ILE G 520 -32.47 -71.57 37.68
CA ILE G 520 -32.25 -70.37 36.88
C ILE G 520 -31.20 -70.58 35.85
N SER G 521 -30.07 -71.04 36.31
CA SER G 521 -28.92 -71.23 35.50
C SER G 521 -29.17 -72.24 34.42
N LYS G 522 -29.86 -73.32 34.75
CA LYS G 522 -30.17 -74.24 33.70
C LYS G 522 -31.12 -73.58 32.72
N ALA G 523 -32.14 -72.87 33.19
CA ALA G 523 -33.11 -72.26 32.26
C ALA G 523 -32.47 -71.28 31.30
N VAL G 524 -31.52 -70.49 31.78
CA VAL G 524 -30.86 -69.56 30.89
C VAL G 524 -30.08 -70.35 29.87
N ARG G 525 -29.33 -71.34 30.35
CA ARG G 525 -28.56 -72.18 29.48
C ARG G 525 -29.42 -72.98 28.52
N ARG G 526 -30.60 -73.42 28.96
CA ARG G 526 -31.46 -74.22 28.10
C ARG G 526 -31.89 -73.40 26.91
N ALA G 527 -32.20 -72.14 27.14
CA ALA G 527 -32.64 -71.30 26.05
C ALA G 527 -31.60 -71.25 24.93
N ARG G 528 -30.31 -71.28 25.32
CA ARG G 528 -29.21 -71.22 24.38
C ARG G 528 -29.14 -72.42 23.44
N ALA G 529 -28.61 -72.15 22.25
CA ALA G 529 -28.36 -73.12 21.18
C ALA G 529 -29.60 -73.77 20.56
N GLY G 530 -30.78 -73.17 20.69
CA GLY G 530 -31.94 -73.71 19.99
C GLY G 530 -33.19 -74.05 20.79
N LEU G 531 -33.16 -74.20 22.10
CA LEU G 531 -34.46 -74.51 22.70
C LEU G 531 -35.44 -73.35 22.63
N LYS G 532 -34.98 -72.09 22.70
CA LYS G 532 -35.93 -70.99 22.68
C LYS G 532 -35.75 -69.95 21.57
N ASP G 533 -36.85 -69.31 21.27
CA ASP G 533 -37.02 -68.19 20.33
C ASP G 533 -36.42 -66.87 20.80
N PRO G 534 -36.22 -65.89 19.87
CA PRO G 534 -35.81 -64.49 20.11
C PRO G 534 -36.86 -63.71 20.92
N LYS G 535 -38.06 -64.28 20.93
CA LYS G 535 -39.28 -63.86 21.57
C LYS G 535 -39.58 -64.92 22.62
N ARG G 536 -40.72 -64.84 23.31
CA ARG G 536 -41.06 -65.79 24.40
C ARG G 536 -40.14 -65.51 25.58
N GLY G 539 -38.77 -65.47 28.74
CA GLY G 539 -38.74 -66.19 30.00
C GLY G 539 -38.29 -65.31 31.17
N SER G 540 -38.86 -65.62 32.35
CA SER G 540 -38.58 -64.81 33.52
C SER G 540 -38.54 -65.59 34.85
N PHE G 541 -38.00 -64.94 35.87
CA PHE G 541 -37.90 -65.60 37.16
C PHE G 541 -38.52 -64.80 38.29
N ILE G 542 -39.11 -65.53 39.24
CA ILE G 542 -39.70 -64.96 40.45
C ILE G 542 -38.88 -65.25 41.69
N PHE G 543 -38.45 -64.21 42.37
CA PHE G 543 -37.61 -64.34 43.56
C PHE G 543 -38.37 -63.93 44.82
N LEU G 544 -38.62 -64.89 45.71
CA LEU G 544 -39.41 -64.68 46.93
C LEU G 544 -38.64 -64.75 48.25
N GLY G 545 -38.78 -63.67 49.03
CA GLY G 545 -38.18 -63.49 50.35
C GLY G 545 -38.43 -62.04 50.77
N PRO G 546 -38.31 -61.65 52.05
CA PRO G 546 -38.54 -60.28 52.54
C PRO G 546 -37.74 -59.11 51.88
N THR G 547 -36.44 -59.01 52.22
CA THR G 547 -35.49 -58.03 51.69
C THR G 547 -34.16 -58.33 52.31
N GLY G 548 -33.06 -58.06 51.64
CA GLY G 548 -31.78 -58.28 52.28
C GLY G 548 -31.49 -59.77 52.38
N VAL G 549 -32.19 -60.54 51.57
CA VAL G 549 -32.09 -61.98 51.61
C VAL G 549 -31.56 -62.54 50.32
N GLY G 550 -30.92 -61.68 49.54
CA GLY G 550 -30.43 -62.05 48.23
C GLY G 550 -31.40 -61.49 47.22
N LYS G 551 -32.51 -60.98 47.71
CA LYS G 551 -33.56 -60.39 46.90
C LYS G 551 -33.05 -59.29 45.98
N THR G 552 -32.11 -58.49 46.46
CA THR G 552 -31.58 -57.41 45.65
C THR G 552 -30.15 -57.71 45.25
N GLU G 553 -29.67 -58.89 45.60
CA GLU G 553 -28.29 -59.24 45.31
C GLU G 553 -28.21 -60.30 44.25
N LEU G 554 -29.05 -61.31 44.35
CA LEU G 554 -29.03 -62.39 43.39
C LEU G 554 -29.53 -61.83 42.08
N ALA G 555 -30.62 -61.07 42.11
CA ALA G 555 -31.10 -60.49 40.87
C ALA G 555 -30.00 -59.62 40.25
N ARG G 556 -29.29 -58.91 41.10
CA ARG G 556 -28.19 -58.10 40.64
C ARG G 556 -27.13 -59.02 40.02
N ALA G 557 -26.80 -60.10 40.71
CA ALA G 557 -25.82 -61.08 40.25
C ALA G 557 -26.27 -61.69 38.92
N LEU G 558 -27.57 -61.84 38.69
CA LEU G 558 -27.96 -62.41 37.41
C LEU G 558 -27.54 -61.44 36.32
N ALA G 559 -27.74 -60.14 36.54
CA ALA G 559 -27.28 -59.22 35.50
C ALA G 559 -25.79 -59.30 35.33
N GLU G 560 -25.09 -59.44 36.44
CA GLU G 560 -23.65 -59.45 36.36
C GLU G 560 -23.15 -60.64 35.54
N SER G 561 -23.66 -61.84 35.77
CA SER G 561 -23.13 -62.94 34.97
C SER G 561 -23.69 -62.95 33.55
N MET G 562 -24.87 -62.35 33.36
CA MET G 562 -25.52 -62.26 32.06
C MET G 562 -24.85 -61.27 31.12
N PHE G 563 -24.54 -60.09 31.62
CA PHE G 563 -23.98 -59.03 30.81
C PHE G 563 -22.52 -58.72 31.10
N GLY G 564 -21.99 -59.17 32.24
CA GLY G 564 -20.64 -58.82 32.65
C GLY G 564 -20.64 -57.51 33.42
N ASP G 565 -21.84 -57.01 33.72
CA ASP G 565 -22.10 -55.76 34.44
C ASP G 565 -23.53 -55.82 34.99
N ASP G 566 -23.75 -55.32 36.20
CA ASP G 566 -25.08 -55.39 36.78
C ASP G 566 -25.99 -54.16 36.66
N ASP G 567 -25.64 -53.22 35.78
CA ASP G 567 -26.45 -52.00 35.62
C ASP G 567 -27.72 -52.19 34.82
N ALA G 568 -27.98 -53.43 34.41
CA ALA G 568 -29.20 -53.77 33.71
C ALA G 568 -30.43 -53.59 34.59
N MET G 569 -30.25 -53.62 35.92
CA MET G 569 -31.37 -53.62 36.86
C MET G 569 -32.08 -52.28 37.12
N ILE G 570 -33.01 -52.01 36.22
CA ILE G 570 -33.89 -50.84 36.10
C ILE G 570 -35.27 -51.17 36.74
N ARG G 571 -35.90 -50.30 37.57
CA ARG G 571 -37.15 -50.82 38.17
C ARG G 571 -38.29 -49.92 38.62
N VAL G 572 -39.49 -50.53 38.53
CA VAL G 572 -40.80 -50.09 39.04
C VAL G 572 -41.58 -51.32 39.54
N ASP G 573 -42.17 -51.23 40.73
CA ASP G 573 -42.91 -52.36 41.30
C ASP G 573 -44.18 -52.76 40.54
N MET G 574 -44.59 -54.04 40.60
CA MET G 574 -45.83 -54.38 39.90
C MET G 574 -46.97 -53.66 40.55
N SER G 575 -46.98 -53.61 41.87
CA SER G 575 -48.07 -52.94 42.55
C SER G 575 -48.09 -51.46 42.19
N GLU G 576 -46.90 -50.86 42.04
CA GLU G 576 -46.85 -49.47 41.65
C GLU G 576 -47.50 -49.30 40.31
N PHE G 577 -47.12 -50.19 39.38
CA PHE G 577 -47.62 -50.16 38.02
C PHE G 577 -49.01 -50.74 37.87
N MET G 578 -49.65 -51.19 38.93
CA MET G 578 -50.92 -51.81 38.69
C MET G 578 -51.99 -50.87 38.18
N GLU G 579 -52.14 -49.70 38.78
CA GLU G 579 -53.24 -48.84 38.35
C GLU G 579 -52.81 -47.50 37.78
N LYS G 580 -52.45 -46.55 38.65
CA LYS G 580 -52.06 -45.24 38.11
C LYS G 580 -50.87 -45.37 37.22
N HIS G 581 -49.91 -46.17 37.65
CA HIS G 581 -48.70 -46.25 36.90
C HIS G 581 -48.76 -47.33 35.86
N ALA G 582 -49.95 -47.81 35.53
CA ALA G 582 -50.03 -48.73 34.40
C ALA G 582 -49.51 -47.94 33.19
N VAL G 583 -49.74 -46.62 33.23
CA VAL G 583 -49.32 -45.66 32.24
C VAL G 583 -47.79 -45.65 32.12
N SER G 584 -47.14 -45.78 33.25
CA SER G 584 -45.70 -45.79 33.36
C SER G 584 -45.06 -46.89 32.53
N ARG G 585 -45.82 -47.94 32.17
CA ARG G 585 -45.31 -48.99 31.31
C ARG G 585 -45.45 -48.47 29.88
N LEU G 586 -46.68 -48.01 29.57
CA LEU G 586 -47.09 -47.55 28.25
C LEU G 586 -48.26 -46.59 28.37
N VAL G 587 -48.43 -45.64 27.43
CA VAL G 587 -49.64 -44.82 27.57
C VAL G 587 -50.70 -45.33 26.57
N GLY G 588 -51.77 -45.92 27.12
CA GLY G 588 -52.84 -46.55 26.33
C GLY G 588 -53.67 -45.65 25.38
N ALA G 589 -54.22 -44.55 25.91
CA ALA G 589 -55.10 -43.63 25.17
C ALA G 589 -56.34 -44.26 24.51
N PRO G 590 -57.02 -45.21 25.16
CA PRO G 590 -58.22 -45.77 24.52
C PRO G 590 -59.46 -45.26 25.22
N PRO G 591 -59.51 -45.44 26.54
CA PRO G 591 -60.64 -45.02 27.33
C PRO G 591 -60.43 -43.62 27.86
N HIS G 596 -53.43 -41.17 32.00
CA HIS G 596 -52.34 -40.27 32.35
C HIS G 596 -51.32 -40.30 31.22
N ASP G 597 -50.68 -39.17 30.96
CA ASP G 597 -49.70 -39.04 29.89
C ASP G 597 -48.28 -39.45 30.25
N ASP G 598 -47.90 -39.40 31.54
CA ASP G 598 -46.51 -39.64 31.91
C ASP G 598 -46.17 -41.11 31.90
N GLY G 599 -46.03 -41.65 30.71
CA GLY G 599 -45.76 -43.04 30.61
C GLY G 599 -44.36 -43.36 30.20
N GLY G 600 -44.07 -44.63 30.15
CA GLY G 600 -42.75 -45.04 29.72
C GLY G 600 -41.63 -44.70 30.72
N GLN G 601 -41.85 -44.84 32.05
CA GLN G 601 -40.81 -44.48 33.02
C GLN G 601 -39.54 -45.26 32.80
N LEU G 602 -39.66 -46.52 32.42
CA LEU G 602 -38.45 -47.29 32.24
C LEU G 602 -38.14 -47.38 30.76
N THR G 603 -39.15 -47.11 29.92
CA THR G 603 -38.98 -47.11 28.47
C THR G 603 -37.87 -46.17 28.08
N GLU G 604 -37.76 -45.04 28.75
CA GLU G 604 -36.74 -44.09 28.33
C GLU G 604 -35.33 -44.71 28.40
N LYS G 605 -35.07 -45.60 29.37
CA LYS G 605 -33.75 -46.20 29.44
C LYS G 605 -33.67 -47.41 28.53
N VAL G 606 -34.73 -48.21 28.52
CA VAL G 606 -34.77 -49.45 27.75
C VAL G 606 -34.60 -49.17 26.28
N ARG G 607 -35.24 -48.11 25.84
CA ARG G 607 -35.23 -47.58 24.49
C ARG G 607 -33.84 -47.25 23.98
N ARG G 608 -32.93 -46.86 24.86
CA ARG G 608 -31.62 -46.42 24.42
C ARG G 608 -30.48 -47.38 24.79
N LYS G 609 -30.55 -47.93 25.99
CA LYS G 609 -29.52 -48.83 26.49
C LYS G 609 -29.55 -50.12 25.65
N PRO G 610 -28.40 -50.73 25.24
CA PRO G 610 -28.36 -51.97 24.47
C PRO G 610 -28.99 -53.17 25.16
N TYR G 611 -29.06 -53.17 26.47
CA TYR G 611 -29.70 -54.25 27.19
C TYR G 611 -30.27 -53.71 28.46
N SER G 612 -31.32 -54.33 28.95
CA SER G 612 -31.87 -53.92 30.22
C SER G 612 -32.75 -54.99 30.79
N VAL G 613 -32.92 -54.94 32.11
CA VAL G 613 -33.82 -55.82 32.81
C VAL G 613 -34.72 -55.00 33.68
N ILE G 614 -36.01 -55.23 33.59
CA ILE G 614 -36.84 -54.50 34.50
C ILE G 614 -37.17 -55.35 35.66
N LEU G 615 -36.98 -54.78 36.82
CA LEU G 615 -37.35 -55.48 38.00
C LEU G 615 -38.70 -55.03 38.38
N PHE G 616 -39.46 -55.99 38.80
CA PHE G 616 -40.80 -55.83 39.25
C PHE G 616 -40.83 -56.42 40.62
N ASP G 617 -41.75 -56.00 41.47
CA ASP G 617 -41.82 -56.52 42.84
C ASP G 617 -43.26 -56.64 43.29
N GLU G 618 -43.47 -57.20 44.47
CA GLU G 618 -44.82 -57.41 45.01
C GLU G 618 -45.72 -58.06 43.96
N ILE G 619 -45.27 -59.19 43.44
CA ILE G 619 -45.95 -59.85 42.34
C ILE G 619 -47.34 -60.43 42.61
N GLU G 620 -47.45 -61.43 43.50
CA GLU G 620 -48.72 -62.11 43.76
C GLU G 620 -49.59 -61.29 44.68
N LYS G 621 -49.00 -60.22 45.21
CA LYS G 621 -49.68 -59.29 46.08
C LYS G 621 -50.82 -58.65 45.29
N ALA G 622 -50.59 -58.43 44.00
CA ALA G 622 -51.53 -57.79 43.12
C ALA G 622 -52.65 -58.71 42.69
N HIS G 623 -53.78 -58.11 42.34
CA HIS G 623 -54.88 -58.86 41.79
C HIS G 623 -54.41 -59.35 40.43
N PRO G 624 -54.88 -60.51 39.94
CA PRO G 624 -54.44 -61.12 38.71
C PRO G 624 -54.63 -60.28 37.47
N ASP G 625 -55.55 -59.35 37.49
CA ASP G 625 -55.75 -58.53 36.33
C ASP G 625 -54.51 -57.71 35.97
N VAL G 626 -53.60 -57.48 36.94
CA VAL G 626 -52.40 -56.71 36.67
C VAL G 626 -51.57 -57.37 35.59
N PHE G 627 -51.68 -58.69 35.51
CA PHE G 627 -50.90 -59.48 34.61
C PHE G 627 -51.34 -59.36 33.19
N ASN G 628 -52.52 -58.78 32.93
CA ASN G 628 -52.89 -58.61 31.54
C ASN G 628 -52.04 -57.53 30.89
N ILE G 629 -51.59 -56.54 31.65
CA ILE G 629 -50.79 -55.50 31.03
C ILE G 629 -49.37 -55.96 31.10
N LEU G 630 -49.01 -56.63 32.18
CA LEU G 630 -47.66 -57.15 32.25
C LEU G 630 -47.53 -58.20 31.12
N LEU G 631 -48.61 -58.84 30.73
CA LEU G 631 -48.56 -59.73 29.59
C LEU G 631 -48.23 -58.87 28.39
N GLN G 632 -48.92 -57.72 28.19
CA GLN G 632 -48.58 -56.87 27.05
C GLN G 632 -47.08 -56.59 27.10
N VAL G 633 -46.55 -56.39 28.30
CA VAL G 633 -45.13 -56.15 28.46
C VAL G 633 -44.33 -57.34 27.92
N LEU G 634 -44.83 -58.55 28.14
CA LEU G 634 -44.17 -59.76 27.67
C LEU G 634 -44.64 -60.21 26.29
N ASP G 635 -45.61 -59.53 25.69
CA ASP G 635 -46.06 -60.10 24.45
C ASP G 635 -44.99 -59.83 23.44
N ASP G 636 -44.93 -60.66 22.44
CA ASP G 636 -43.95 -60.58 21.34
C ASP G 636 -42.49 -60.60 21.84
N GLY G 637 -42.25 -60.92 23.12
CA GLY G 637 -40.91 -60.84 23.66
C GLY G 637 -40.64 -59.45 24.28
N HIS G 638 -41.52 -58.48 24.04
CA HIS G 638 -41.33 -57.14 24.57
C HIS G 638 -42.59 -56.28 24.53
N LEU G 639 -42.66 -55.34 25.45
CA LEU G 639 -43.70 -54.36 25.36
C LEU G 639 -43.40 -53.55 24.14
N THR G 640 -44.33 -53.43 23.21
CA THR G 640 -44.03 -52.52 22.12
C THR G 640 -44.15 -51.20 22.83
N ASP G 641 -43.30 -50.21 22.59
CA ASP G 641 -43.51 -49.01 23.38
C ASP G 641 -44.54 -48.12 22.71
N THR G 642 -44.79 -46.96 23.29
CA THR G 642 -45.76 -46.00 22.77
C THR G 642 -45.04 -44.75 22.31
N LYS G 643 -43.75 -44.91 22.00
CA LYS G 643 -42.90 -43.84 21.56
C LYS G 643 -42.23 -44.13 20.19
N GLY G 644 -42.63 -45.22 19.52
CA GLY G 644 -42.10 -45.55 18.18
C GLY G 644 -41.09 -46.71 18.02
N ARG G 645 -40.88 -47.55 19.04
CA ARG G 645 -39.91 -48.66 18.92
C ARG G 645 -40.32 -50.04 19.46
N THR G 646 -39.68 -51.05 18.87
CA THR G 646 -39.81 -52.45 19.25
C THR G 646 -38.44 -53.08 19.55
N VAL G 647 -38.39 -54.06 20.46
CA VAL G 647 -37.12 -54.74 20.79
C VAL G 647 -37.22 -56.27 20.83
N ASP G 648 -36.09 -56.97 20.87
CA ASP G 648 -36.08 -58.43 20.99
C ASP G 648 -35.65 -58.95 22.36
N PHE G 649 -36.45 -59.85 22.92
CA PHE G 649 -36.20 -60.42 24.23
C PHE G 649 -34.85 -61.04 24.47
N ARG G 650 -34.36 -61.88 23.58
CA ARG G 650 -33.14 -62.62 23.92
C ARG G 650 -31.87 -61.81 24.14
N ASN G 651 -31.96 -60.48 24.08
CA ASN G 651 -30.81 -59.68 24.43
C ASN G 651 -30.80 -59.43 25.94
N THR G 652 -31.80 -59.98 26.65
CA THR G 652 -31.93 -59.80 28.09
C THR G 652 -32.63 -61.00 28.82
N ILE G 653 -32.93 -60.78 30.10
CA ILE G 653 -33.60 -61.70 31.04
C ILE G 653 -34.69 -60.90 31.77
N ILE G 654 -35.74 -61.54 32.28
CA ILE G 654 -36.71 -60.78 33.09
C ILE G 654 -36.82 -61.28 34.52
N ILE G 655 -36.78 -60.33 35.46
CA ILE G 655 -36.82 -60.65 36.87
C ILE G 655 -37.90 -59.94 37.68
N MET G 656 -38.61 -60.72 38.46
CA MET G 656 -39.65 -60.17 39.30
C MET G 656 -39.37 -60.68 40.71
N THR G 657 -39.75 -59.92 41.73
CA THR G 657 -39.54 -60.40 43.09
C THR G 657 -40.81 -60.31 43.94
N SER G 658 -40.79 -60.90 45.12
CA SER G 658 -41.91 -60.84 46.03
C SER G 658 -41.52 -61.00 47.47
N ASN G 659 -42.29 -60.37 48.34
CA ASN G 659 -42.10 -60.48 49.78
C ASN G 659 -43.40 -60.77 50.50
N VAL G 660 -44.40 -61.30 49.79
CA VAL G 660 -45.67 -61.51 50.49
C VAL G 660 -46.07 -62.95 50.75
N GLY G 661 -45.37 -63.92 50.16
CA GLY G 661 -45.68 -65.33 50.38
C GLY G 661 -45.15 -65.82 51.73
N ALA G 662 -45.59 -65.16 52.79
CA ALA G 662 -45.13 -65.40 54.14
C ALA G 662 -45.37 -66.81 54.61
N GLN G 663 -46.50 -67.41 54.21
CA GLN G 663 -46.75 -68.77 54.65
C GLN G 663 -46.33 -69.77 53.61
N GLU G 664 -46.30 -69.38 52.35
CA GLU G 664 -45.85 -70.29 51.31
C GLU G 664 -44.39 -70.66 51.60
N LEU G 665 -43.64 -69.68 52.13
CA LEU G 665 -42.26 -69.84 52.56
C LEU G 665 -42.13 -70.83 53.72
N GLN G 666 -43.24 -71.17 54.38
CA GLN G 666 -43.17 -72.10 55.50
C GLN G 666 -42.66 -73.42 55.01
N ASP G 667 -42.99 -73.82 53.79
CA ASP G 667 -42.49 -75.09 53.32
C ASP G 667 -40.96 -75.05 53.26
N GLN G 668 -40.38 -73.89 52.94
CA GLN G 668 -38.93 -73.79 52.92
C GLN G 668 -38.42 -73.91 54.34
N ARG G 669 -39.10 -73.24 55.28
CA ARG G 669 -38.74 -73.23 56.71
C ARG G 669 -38.81 -74.65 57.29
N GLY G 679 -38.11 -77.36 55.68
CA GLY G 679 -37.16 -78.29 55.09
C GLY G 679 -37.82 -79.22 54.07
N GLN G 680 -38.84 -78.73 53.37
CA GLN G 680 -39.55 -79.55 52.39
C GLN G 680 -38.79 -79.64 51.09
N ASP G 681 -39.15 -80.63 50.28
CA ASP G 681 -38.57 -80.81 48.95
C ASP G 681 -38.84 -79.57 48.14
N TYR G 682 -37.88 -79.16 47.30
CA TYR G 682 -38.09 -77.94 46.54
C TYR G 682 -39.33 -78.03 45.64
N GLU G 683 -39.71 -79.24 45.15
CA GLU G 683 -40.91 -79.29 44.31
C GLU G 683 -42.14 -78.96 45.14
N THR G 684 -42.17 -79.46 46.36
CA THR G 684 -43.27 -79.19 47.26
C THR G 684 -43.33 -77.70 47.56
N ILE G 685 -42.17 -77.11 47.80
CA ILE G 685 -42.13 -75.69 48.15
C ILE G 685 -42.61 -74.85 46.97
N ARG G 686 -42.01 -75.04 45.80
CA ARG G 686 -42.43 -74.24 44.66
C ARG G 686 -43.85 -74.56 44.24
N LYS G 687 -44.35 -75.78 44.48
CA LYS G 687 -45.73 -76.06 44.10
C LYS G 687 -46.68 -75.23 44.93
N THR G 688 -46.44 -75.14 46.24
CA THR G 688 -47.29 -74.34 47.09
C THR G 688 -47.28 -72.88 46.63
N MET G 689 -46.09 -72.37 46.38
CA MET G 689 -45.92 -71.00 45.91
C MET G 689 -46.60 -70.80 44.57
N LEU G 690 -46.43 -71.76 43.68
CA LEU G 690 -47.02 -71.71 42.36
C LEU G 690 -48.51 -71.68 42.47
N LYS G 691 -49.08 -72.51 43.34
CA LYS G 691 -50.52 -72.50 43.50
C LYS G 691 -50.96 -71.09 43.86
N GLU G 692 -50.25 -70.43 44.78
CA GLU G 692 -50.64 -69.07 45.11
C GLU G 692 -50.41 -68.14 43.92
N LEU G 693 -49.36 -68.35 43.14
CA LEU G 693 -49.19 -67.45 42.02
C LEU G 693 -50.40 -67.64 41.14
N LYS G 694 -50.83 -68.86 40.93
CA LYS G 694 -51.99 -69.08 40.08
C LYS G 694 -53.21 -68.37 40.67
N ASN G 695 -53.34 -68.37 41.99
CA ASN G 695 -54.45 -67.68 42.63
C ASN G 695 -54.43 -66.17 42.30
N SER G 696 -53.24 -65.59 42.09
CA SER G 696 -53.09 -64.18 41.75
C SER G 696 -52.63 -63.88 40.33
N PHE G 697 -52.61 -64.84 39.42
CA PHE G 697 -52.13 -64.64 38.03
C PHE G 697 -53.03 -64.86 36.85
N ARG G 698 -52.79 -64.10 35.80
CA ARG G 698 -53.37 -64.38 34.50
C ARG G 698 -52.36 -65.32 33.82
N PRO G 699 -52.79 -66.50 33.32
CA PRO G 699 -51.95 -67.57 32.79
C PRO G 699 -51.10 -67.21 31.58
N GLU G 700 -51.48 -66.24 30.80
CA GLU G 700 -50.64 -65.94 29.66
C GLU G 700 -49.32 -65.37 30.15
N PHE G 701 -49.39 -64.61 31.24
CA PHE G 701 -48.23 -64.02 31.82
C PHE G 701 -47.44 -65.11 32.54
N LEU G 702 -48.15 -65.87 33.38
CA LEU G 702 -47.53 -66.92 34.19
C LEU G 702 -46.81 -67.95 33.31
N ASN G 703 -47.35 -68.21 32.12
CA ASN G 703 -46.76 -69.16 31.18
C ASN G 703 -45.34 -68.80 30.77
N ARG G 704 -44.96 -67.52 30.91
CA ARG G 704 -43.62 -67.10 30.53
C ARG G 704 -42.64 -67.21 31.69
N VAL G 705 -43.09 -67.63 32.86
CA VAL G 705 -42.19 -67.69 33.98
C VAL G 705 -41.43 -69.01 33.94
N ASP G 706 -40.10 -68.97 34.00
CA ASP G 706 -39.34 -70.19 33.97
C ASP G 706 -39.29 -70.81 35.36
N ASP G 707 -39.15 -69.99 36.41
CA ASP G 707 -39.15 -70.60 37.75
C ASP G 707 -39.32 -69.63 38.93
N ILE G 708 -39.53 -70.23 40.10
CA ILE G 708 -39.66 -69.62 41.41
C ILE G 708 -38.42 -69.89 42.25
N ILE G 709 -37.85 -68.84 42.77
CA ILE G 709 -36.66 -68.89 43.58
C ILE G 709 -36.93 -68.51 45.00
N VAL G 710 -36.65 -69.43 45.89
CA VAL G 710 -36.91 -69.16 47.29
C VAL G 710 -35.64 -68.84 48.03
N PHE G 711 -35.62 -67.71 48.71
CA PHE G 711 -34.42 -67.37 49.44
C PHE G 711 -34.36 -68.22 50.70
N HIS G 712 -33.19 -68.79 50.93
CA HIS G 712 -32.90 -69.70 52.04
C HIS G 712 -32.56 -68.99 53.34
N LYS G 713 -36.09 -65.61 52.60
CA LYS G 713 -35.93 -65.57 54.04
C LYS G 713 -34.62 -66.21 54.49
N LEU G 714 -33.63 -65.40 54.84
CA LEU G 714 -32.38 -66.03 55.27
C LEU G 714 -32.37 -66.42 56.72
N THR G 715 -31.73 -67.56 56.96
CA THR G 715 -31.45 -68.05 58.30
C THR G 715 -30.07 -67.59 58.76
N LYS G 716 -29.68 -68.03 59.95
CA LYS G 716 -28.42 -67.56 60.53
C LYS G 716 -27.18 -68.15 59.89
N GLU G 717 -27.27 -69.37 59.38
CA GLU G 717 -26.08 -69.93 58.76
C GLU G 717 -25.73 -69.13 57.51
N GLU G 718 -26.75 -68.75 56.73
CA GLU G 718 -26.51 -67.98 55.54
C GLU G 718 -26.05 -66.59 55.92
N LEU G 719 -26.63 -66.05 56.99
CA LEU G 719 -26.31 -64.73 57.48
C LEU G 719 -24.82 -64.67 57.82
N LYS G 720 -24.35 -65.66 58.56
CA LYS G 720 -22.94 -65.70 58.93
C LYS G 720 -22.08 -65.77 57.68
N GLU G 721 -22.49 -66.55 56.69
CA GLU G 721 -21.71 -66.59 55.46
C GLU G 721 -21.73 -65.22 54.78
N ILE G 722 -22.80 -64.44 54.93
CA ILE G 722 -22.82 -63.09 54.39
C ILE G 722 -21.69 -62.32 55.07
N VAL G 723 -21.45 -62.54 56.37
CA VAL G 723 -20.37 -61.80 57.02
C VAL G 723 -19.07 -62.11 56.30
N THR G 724 -18.83 -63.38 56.01
CA THR G 724 -17.61 -63.74 55.32
C THR G 724 -17.52 -63.06 53.96
N MET G 725 -18.61 -63.08 53.22
CA MET G 725 -18.62 -62.46 51.91
C MET G 725 -18.33 -60.98 52.02
N MET G 726 -18.97 -60.32 52.97
CA MET G 726 -18.76 -58.89 53.19
C MET G 726 -17.33 -58.59 53.53
N VAL G 727 -16.73 -59.37 54.39
CA VAL G 727 -15.35 -59.13 54.72
C VAL G 727 -14.50 -59.33 53.49
N ASN G 728 -14.71 -60.41 52.74
CA ASN G 728 -13.89 -60.61 51.58
C ASN G 728 -14.05 -59.50 50.55
N LYS G 729 -15.27 -59.01 50.36
CA LYS G 729 -15.48 -57.95 49.38
C LYS G 729 -14.87 -56.63 49.85
N LEU G 730 -15.02 -56.31 51.12
CA LEU G 730 -14.43 -55.09 51.63
C LEU G 730 -12.92 -55.21 51.60
N THR G 731 -12.41 -56.40 51.87
CA THR G 731 -10.99 -56.63 51.81
C THR G 731 -10.54 -56.34 50.39
N ASN G 732 -11.25 -56.88 49.42
CA ASN G 732 -10.89 -56.65 48.03
C ASN G 732 -10.95 -55.19 47.59
N ARG G 733 -11.85 -54.39 48.19
CA ARG G 733 -11.96 -52.98 47.83
C ARG G 733 -10.99 -52.07 48.59
N LEU G 734 -10.95 -52.23 49.91
CA LEU G 734 -10.18 -51.37 50.80
C LEU G 734 -8.77 -51.93 50.99
N SER G 735 -8.68 -53.24 51.17
CA SER G 735 -7.42 -53.91 51.43
C SER G 735 -6.86 -54.46 50.12
N GLU G 736 -7.51 -54.12 49.03
CA GLU G 736 -7.15 -54.53 47.69
C GLU G 736 -5.72 -55.08 47.59
N GLN G 737 -4.70 -52.21 50.28
CA GLN G 737 -3.62 -51.96 51.23
C GLN G 737 -2.96 -53.24 51.72
N ASN G 738 -3.49 -54.39 51.31
CA ASN G 738 -3.00 -55.72 51.64
C ASN G 738 -2.91 -55.96 53.15
N ILE G 739 -3.90 -55.45 53.87
CA ILE G 739 -4.01 -55.59 55.31
C ILE G 739 -4.66 -56.92 55.60
N ASN G 740 -4.12 -57.66 56.54
CA ASN G 740 -4.64 -58.97 56.88
C ASN G 740 -5.89 -58.87 57.75
N ILE G 741 -6.63 -59.97 57.84
CA ILE G 741 -7.84 -60.01 58.65
C ILE G 741 -7.70 -60.88 59.88
N ILE G 742 -8.11 -60.34 61.03
CA ILE G 742 -8.14 -61.14 62.25
C ILE G 742 -9.58 -61.51 62.46
N VAL G 743 -9.83 -62.79 62.65
CA VAL G 743 -11.18 -63.22 62.88
C VAL G 743 -11.30 -63.77 64.28
N THR G 744 -12.21 -63.20 65.04
CA THR G 744 -12.48 -63.62 66.40
C THR G 744 -13.96 -63.87 66.53
N ASP G 745 -14.37 -64.43 67.64
CA ASP G 745 -15.77 -64.71 67.92
C ASP G 745 -16.47 -63.41 68.27
N LYS G 746 -15.81 -62.61 69.11
CA LYS G 746 -16.30 -61.32 69.52
C LYS G 746 -16.62 -60.50 68.28
N ALA G 747 -15.82 -60.64 67.22
CA ALA G 747 -16.12 -59.93 66.00
C ALA G 747 -17.14 -60.68 65.10
N LYS G 748 -16.89 -61.96 64.79
CA LYS G 748 -17.71 -62.65 63.80
C LYS G 748 -19.00 -63.27 64.30
N ASP G 749 -19.01 -63.86 65.47
CA ASP G 749 -20.23 -64.51 65.87
C ASP G 749 -21.12 -63.45 66.45
N LYS G 750 -20.51 -62.50 67.11
CA LYS G 750 -21.28 -61.44 67.69
C LYS G 750 -22.00 -60.68 66.57
N ILE G 751 -21.27 -60.26 65.53
CA ILE G 751 -21.92 -59.53 64.46
C ILE G 751 -22.95 -60.40 63.74
N ALA G 752 -22.63 -61.66 63.43
CA ALA G 752 -23.63 -62.47 62.75
C ALA G 752 -24.90 -62.57 63.60
N GLU G 753 -24.79 -62.72 64.92
CA GLU G 753 -26.02 -62.79 65.67
C GLU G 753 -26.78 -61.46 65.69
N GLU G 754 -26.04 -60.36 65.84
CA GLU G 754 -26.63 -59.01 65.90
C GLU G 754 -27.36 -58.64 64.63
N GLY G 755 -26.80 -59.07 63.51
CA GLY G 755 -27.33 -58.77 62.20
C GLY G 755 -28.49 -59.63 61.78
N TYR G 756 -28.91 -60.60 62.59
CA TYR G 756 -30.04 -61.40 62.13
C TYR G 756 -31.30 -60.60 62.24
N ASP G 757 -32.05 -60.53 61.15
CA ASP G 757 -33.28 -59.80 61.19
C ASP G 757 -34.38 -60.53 60.40
N PRO G 758 -35.43 -61.05 61.04
CA PRO G 758 -36.48 -61.84 60.42
C PRO G 758 -37.31 -61.04 59.41
N GLU G 759 -37.21 -59.71 59.48
CA GLU G 759 -37.95 -58.84 58.59
C GLU G 759 -37.04 -58.40 57.44
N TYR G 760 -35.82 -57.98 57.80
CA TYR G 760 -34.85 -57.45 56.83
C TYR G 760 -33.66 -58.33 56.44
N GLY G 761 -33.66 -59.60 56.84
CA GLY G 761 -32.60 -60.53 56.46
C GLY G 761 -31.24 -60.09 56.93
N ALA G 762 -30.30 -60.02 55.97
CA ALA G 762 -28.92 -59.64 56.22
C ALA G 762 -28.72 -58.16 55.99
N ARG G 763 -29.76 -57.44 55.62
CA ARG G 763 -29.53 -56.03 55.36
C ARG G 763 -28.94 -55.33 56.61
N PRO G 764 -29.53 -55.45 57.83
CA PRO G 764 -28.95 -54.92 59.06
C PRO G 764 -27.53 -55.43 59.31
N LEU G 765 -27.26 -56.69 58.96
CA LEU G 765 -25.95 -57.29 59.12
C LEU G 765 -24.93 -56.50 58.36
N ILE G 766 -25.26 -56.22 57.12
CA ILE G 766 -24.37 -55.52 56.25
C ILE G 766 -24.12 -54.16 56.85
N ARG G 767 -25.16 -53.50 57.31
CA ARG G 767 -24.94 -52.22 57.92
C ARG G 767 -24.02 -52.34 59.17
N ALA G 768 -24.24 -53.37 60.00
CA ALA G 768 -23.41 -53.58 61.19
C ALA G 768 -21.95 -53.85 60.84
N ILE G 769 -21.73 -54.64 59.81
CA ILE G 769 -20.37 -54.95 59.38
C ILE G 769 -19.72 -53.72 58.89
N GLN G 770 -20.42 -52.98 58.04
CA GLN G 770 -19.86 -51.79 57.49
C GLN G 770 -19.50 -50.81 58.58
N LYS G 771 -20.34 -50.65 59.59
CA LYS G 771 -19.97 -49.72 60.64
C LYS G 771 -18.75 -50.19 61.40
N THR G 772 -18.70 -51.47 61.72
CA THR G 772 -17.56 -51.98 62.45
C THR G 772 -16.30 -51.74 61.62
N ILE G 773 -16.39 -52.02 60.33
CA ILE G 773 -15.25 -51.82 59.47
C ILE G 773 -14.91 -50.35 59.38
N GLU G 774 -15.86 -49.45 59.24
CA GLU G 774 -15.46 -48.05 59.17
C GLU G 774 -14.78 -47.58 60.44
N ASP G 775 -15.25 -48.03 61.60
CA ASP G 775 -14.58 -47.61 62.82
C ASP G 775 -13.14 -48.11 62.83
N ASN G 776 -12.94 -49.36 62.42
CA ASN G 776 -11.60 -49.93 62.37
C ASN G 776 -10.79 -49.33 61.23
N LEU G 777 -11.45 -48.96 60.16
CA LEU G 777 -10.82 -48.37 59.00
C LEU G 777 -10.20 -47.07 59.41
N SER G 778 -10.94 -46.25 60.16
CA SER G 778 -10.34 -45.02 60.62
C SER G 778 -9.12 -45.35 61.45
N GLU G 779 -9.20 -46.36 62.31
CA GLU G 779 -8.01 -46.73 63.04
C GLU G 779 -6.87 -47.13 62.13
N LEU G 780 -7.11 -47.93 61.10
CA LEU G 780 -6.01 -48.38 60.24
C LEU G 780 -5.33 -47.20 59.55
N ILE G 781 -6.17 -46.28 59.08
CA ILE G 781 -5.71 -45.10 58.36
C ILE G 781 -4.93 -44.14 59.24
N LEU G 782 -5.48 -43.82 60.39
CA LEU G 782 -4.88 -42.88 61.30
C LEU G 782 -3.62 -43.43 61.93
N ASP G 783 -3.62 -44.73 62.21
CA ASP G 783 -2.51 -45.43 62.81
C ASP G 783 -1.29 -45.52 61.89
N GLY G 784 -1.45 -46.13 60.72
CA GLY G 784 -0.33 -46.27 59.78
C GLY G 784 0.58 -47.46 60.09
N ASN G 785 0.25 -48.25 61.10
CA ASN G 785 1.04 -49.40 61.49
C ASN G 785 0.30 -50.62 61.02
N GLN G 786 -1.02 -50.57 61.11
CA GLN G 786 -1.86 -51.67 60.68
C GLN G 786 -2.06 -51.50 59.18
N ILE G 787 -1.00 -51.81 58.47
CA ILE G 787 -0.80 -51.67 57.04
C ILE G 787 -0.48 -53.03 56.48
N GLU G 788 -0.08 -53.11 55.22
CA GLU G 788 0.19 -54.40 54.65
C GLU G 788 0.96 -55.35 55.53
N GLY G 789 0.37 -56.54 55.67
CA GLY G 789 0.92 -57.65 56.44
C GLY G 789 0.50 -57.65 57.91
N LYS G 790 -0.10 -56.56 58.36
CA LYS G 790 -0.52 -56.38 59.75
C LYS G 790 -2.03 -56.39 59.83
N LYS G 791 -2.58 -56.43 61.05
CA LYS G 791 -4.04 -56.51 61.23
C LYS G 791 -4.60 -56.13 62.62
N VAL G 792 -5.89 -55.71 62.64
CA VAL G 792 -6.65 -55.37 63.87
C VAL G 792 -8.16 -55.69 63.71
N THR G 793 -8.81 -56.16 64.79
CA THR G 793 -10.25 -56.43 64.74
C THR G 793 -10.94 -56.29 66.10
N VAL G 794 -12.22 -56.62 66.10
CA VAL G 794 -13.08 -56.67 67.28
C VAL G 794 -12.98 -58.04 67.94
N SER H 343 -88.53 -36.05 6.82
CA SER H 343 -89.93 -36.41 6.61
C SER H 343 -90.74 -35.25 6.07
N VAL H 344 -92.05 -35.30 6.18
CA VAL H 344 -92.88 -34.27 5.55
C VAL H 344 -92.79 -32.90 6.18
N VAL H 345 -92.85 -32.81 7.50
CA VAL H 345 -92.78 -31.49 8.10
C VAL H 345 -91.43 -30.86 7.80
N ASP H 346 -90.37 -31.67 7.95
CA ASP H 346 -89.03 -31.21 7.66
C ASP H 346 -88.98 -30.71 6.24
N THR H 347 -89.54 -31.49 5.32
CA THR H 347 -89.50 -31.16 3.92
C THR H 347 -90.17 -29.86 3.61
N VAL H 348 -91.34 -29.65 4.14
CA VAL H 348 -92.00 -28.40 3.82
C VAL H 348 -91.18 -27.23 4.37
N ALA H 349 -90.70 -27.32 5.62
CA ALA H 349 -89.91 -26.24 6.18
C ALA H 349 -88.65 -25.97 5.35
N ILE H 350 -88.01 -27.05 4.88
CA ILE H 350 -86.81 -26.97 4.05
C ILE H 350 -87.10 -26.38 2.68
N LEU H 351 -88.15 -26.88 2.03
CA LEU H 351 -88.50 -26.44 0.71
C LEU H 351 -88.88 -25.01 0.64
N LYS H 352 -89.45 -24.45 1.69
CA LYS H 352 -89.78 -23.03 1.62
C LYS H 352 -88.55 -22.15 1.36
N GLY H 353 -87.31 -22.62 1.66
CA GLY H 353 -86.11 -21.86 1.36
C GLY H 353 -85.60 -22.21 -0.06
N LEU H 354 -85.63 -23.52 -0.39
CA LEU H 354 -85.16 -24.03 -1.69
C LEU H 354 -86.05 -23.47 -2.78
N ARG H 355 -87.24 -23.11 -2.35
CA ARG H 355 -88.26 -22.50 -3.14
C ARG H 355 -87.74 -21.30 -3.91
N ASP H 356 -87.05 -20.35 -3.28
CA ASP H 356 -86.65 -19.24 -4.13
C ASP H 356 -85.48 -19.61 -5.00
N ARG H 357 -84.58 -20.46 -4.51
CA ARG H 357 -83.43 -20.74 -5.35
C ARG H 357 -83.86 -21.47 -6.62
N TYR H 358 -84.73 -22.42 -6.47
CA TYR H 358 -85.13 -23.20 -7.61
C TYR H 358 -86.20 -22.57 -8.47
N GLU H 359 -87.10 -21.80 -7.88
CA GLU H 359 -88.08 -21.16 -8.71
C GLU H 359 -87.34 -20.19 -9.62
N ALA H 360 -86.33 -19.51 -9.08
CA ALA H 360 -85.57 -18.61 -9.90
C ALA H 360 -84.81 -19.35 -11.01
N HIS H 361 -84.16 -20.47 -10.68
CA HIS H 361 -83.36 -21.18 -11.68
C HIS H 361 -84.16 -21.66 -12.87
N HIS H 362 -85.35 -22.16 -12.61
CA HIS H 362 -86.15 -22.68 -13.69
C HIS H 362 -87.22 -21.74 -14.21
N ARG H 363 -87.17 -20.46 -13.87
CA ARG H 363 -88.16 -19.54 -14.40
C ARG H 363 -89.61 -19.97 -14.15
N ILE H 364 -89.93 -20.33 -12.90
CA ILE H 364 -91.29 -20.71 -12.61
C ILE H 364 -91.89 -19.75 -11.59
N ASN H 365 -93.20 -19.76 -11.51
CA ASN H 365 -93.93 -18.89 -10.61
C ASN H 365 -93.72 -19.27 -9.16
N ILE H 366 -93.77 -18.27 -8.28
CA ILE H 366 -93.66 -18.54 -6.86
C ILE H 366 -94.89 -19.28 -6.38
N SER H 367 -94.70 -20.43 -5.73
CA SER H 367 -95.89 -21.18 -5.33
C SER H 367 -95.80 -22.07 -4.08
N ASP H 368 -96.65 -21.76 -3.10
CA ASP H 368 -96.73 -22.54 -1.88
C ASP H 368 -97.42 -23.84 -2.18
N GLU H 369 -98.36 -23.78 -3.11
CA GLU H 369 -99.11 -24.94 -3.53
C GLU H 369 -98.16 -25.93 -4.15
N ALA H 370 -97.16 -25.45 -4.89
CA ALA H 370 -96.17 -26.36 -5.45
C ALA H 370 -95.48 -27.13 -4.35
N ILE H 371 -95.16 -26.47 -3.24
CA ILE H 371 -94.52 -27.20 -2.16
C ILE H 371 -95.45 -28.19 -1.51
N GLU H 372 -96.67 -27.78 -1.19
CA GLU H 372 -97.55 -28.72 -0.54
C GLU H 372 -97.81 -29.93 -1.42
N ALA H 373 -98.15 -29.68 -2.68
CA ALA H 373 -98.45 -30.74 -3.61
C ALA H 373 -97.25 -31.62 -3.87
N ALA H 374 -96.09 -31.02 -4.15
CA ALA H 374 -94.93 -31.82 -4.48
C ALA H 374 -94.56 -32.74 -3.35
N VAL H 375 -94.67 -32.28 -2.11
CA VAL H 375 -94.28 -33.16 -1.03
C VAL H 375 -95.28 -34.28 -0.84
N LYS H 376 -96.57 -33.97 -0.84
CA LYS H 376 -97.57 -35.00 -0.66
C LYS H 376 -97.51 -36.04 -1.79
N LEU H 377 -97.24 -35.58 -3.01
CA LEU H 377 -97.11 -36.47 -4.14
C LEU H 377 -95.82 -37.31 -4.05
N SER H 378 -94.71 -36.68 -3.68
CA SER H 378 -93.41 -37.35 -3.57
C SER H 378 -93.43 -38.47 -2.55
N ASN H 379 -94.20 -38.31 -1.48
CA ASN H 379 -94.33 -39.35 -0.46
C ASN H 379 -94.81 -40.68 -1.06
N ARG H 380 -95.59 -40.64 -2.13
CA ARG H 380 -96.06 -41.87 -2.73
C ARG H 380 -95.13 -42.41 -3.80
N TYR H 381 -94.54 -41.50 -4.58
CA TYR H 381 -93.80 -41.89 -5.76
C TYR H 381 -92.25 -41.84 -5.73
N VAL H 382 -91.64 -41.20 -4.74
CA VAL H 382 -90.19 -41.14 -4.74
C VAL H 382 -89.58 -42.34 -4.10
N SER H 383 -88.78 -43.05 -4.86
CA SER H 383 -88.16 -44.25 -4.39
C SER H 383 -86.62 -44.13 -4.18
N ASP H 384 -86.00 -42.97 -4.47
CA ASP H 384 -84.55 -42.90 -4.33
C ASP H 384 -83.82 -41.64 -3.78
N ARG H 385 -84.50 -40.61 -3.25
CA ARG H 385 -83.82 -39.42 -2.68
C ARG H 385 -84.52 -38.84 -1.46
N PHE H 386 -83.77 -38.16 -0.57
CA PHE H 386 -84.34 -37.47 0.61
C PHE H 386 -85.39 -36.52 0.10
N LEU H 387 -86.58 -36.62 0.65
CA LEU H 387 -87.75 -35.90 0.15
C LEU H 387 -87.56 -34.40 -0.30
N PRO H 388 -87.00 -33.44 0.48
CA PRO H 388 -86.82 -32.06 0.05
C PRO H 388 -85.74 -31.89 -1.01
N ASP H 389 -84.90 -32.90 -1.17
CA ASP H 389 -83.85 -32.83 -2.16
C ASP H 389 -84.40 -33.48 -3.41
N LYS H 390 -85.33 -34.42 -3.24
CA LYS H 390 -85.90 -35.03 -4.43
C LYS H 390 -86.57 -33.92 -5.20
N ALA H 391 -87.12 -32.93 -4.49
CA ALA H 391 -87.76 -31.79 -5.10
C ALA H 391 -86.82 -31.05 -6.07
N ILE H 392 -85.51 -31.17 -5.85
CA ILE H 392 -84.53 -30.54 -6.70
C ILE H 392 -84.34 -31.42 -7.91
N ASP H 393 -84.20 -32.71 -7.66
CA ASP H 393 -84.04 -33.60 -8.79
C ASP H 393 -85.29 -33.45 -9.64
N LEU H 394 -86.43 -33.28 -8.99
CA LEU H 394 -87.70 -33.00 -9.58
C LEU H 394 -87.70 -31.72 -10.39
N ILE H 395 -87.23 -30.61 -9.83
CA ILE H 395 -87.31 -29.44 -10.69
C ILE H 395 -86.44 -29.62 -11.94
N ASP H 396 -85.32 -30.33 -11.83
CA ASP H 396 -84.53 -30.50 -13.04
C ASP H 396 -85.13 -31.55 -13.97
N GLU H 397 -85.59 -32.66 -13.41
CA GLU H 397 -86.18 -33.70 -14.24
C GLU H 397 -87.58 -33.34 -14.70
N ALA H 398 -88.32 -32.56 -13.94
CA ALA H 398 -89.63 -32.17 -14.40
C ALA H 398 -89.44 -31.35 -15.63
N SER H 399 -88.45 -30.45 -15.57
CA SER H 399 -88.15 -29.59 -16.68
C SER H 399 -87.81 -30.43 -17.89
N SER H 400 -87.24 -31.61 -17.67
CA SER H 400 -86.92 -32.51 -18.76
C SER H 400 -88.02 -32.57 -19.82
N LYS H 401 -89.28 -32.50 -19.40
CA LYS H 401 -90.47 -32.66 -20.20
C LYS H 401 -91.09 -31.47 -21.01
N VAL H 402 -90.89 -30.17 -20.65
CA VAL H 402 -91.73 -29.16 -21.35
C VAL H 402 -91.11 -28.03 -22.29
N ARG H 403 -89.94 -27.37 -21.99
CA ARG H 403 -89.49 -26.24 -22.87
C ARG H 403 -88.07 -26.20 -23.62
N LEU H 404 -87.32 -27.33 -23.77
CA LEU H 404 -86.05 -27.41 -24.61
C LEU H 404 -85.94 -28.62 -25.64
N LYS H 405 -85.92 -29.93 -25.29
CA LYS H 405 -85.80 -30.98 -26.38
C LYS H 405 -86.92 -31.15 -27.51
N SER H 406 -88.25 -31.35 -27.22
CA SER H 406 -89.25 -31.56 -28.35
C SER H 406 -90.83 -31.45 -28.17
N HIS H 407 -91.39 -31.02 -27.03
CA HIS H 407 -92.85 -31.04 -26.76
C HIS H 407 -93.70 -29.96 -27.46
N THR H 408 -93.32 -28.72 -27.29
CA THR H 408 -94.06 -27.63 -27.89
C THR H 408 -93.66 -27.54 -29.36
N THR H 409 -94.38 -26.73 -30.14
CA THR H 409 -94.10 -26.62 -31.57
C THR H 409 -92.68 -26.14 -31.88
N PRO H 410 -91.92 -26.85 -32.76
CA PRO H 410 -90.59 -26.51 -33.22
C PRO H 410 -90.67 -25.64 -34.46
N ASN H 411 -83.15 -39.55 -20.18
CA ASN H 411 -83.01 -38.13 -19.89
C ASN H 411 -83.12 -37.30 -21.16
N ASN H 412 -84.14 -36.44 -21.23
CA ASN H 412 -84.35 -35.66 -22.46
C ASN H 412 -83.19 -34.70 -22.78
N LEU H 413 -82.47 -34.21 -21.77
CA LEU H 413 -81.34 -33.34 -22.08
C LEU H 413 -80.35 -34.17 -22.82
N LYS H 414 -80.14 -35.38 -22.33
CA LYS H 414 -79.14 -36.23 -22.93
C LYS H 414 -79.57 -36.66 -24.32
N GLU H 415 -80.87 -36.82 -24.56
CA GLU H 415 -81.28 -37.16 -25.92
C GLU H 415 -80.91 -36.03 -26.89
N ILE H 416 -80.95 -34.77 -26.43
CA ILE H 416 -80.57 -33.68 -27.33
C ILE H 416 -79.12 -33.90 -27.71
N GLU H 417 -78.30 -34.20 -26.70
CA GLU H 417 -76.88 -34.42 -26.93
C GLU H 417 -76.64 -35.64 -27.81
N GLN H 418 -77.43 -36.70 -27.65
CA GLN H 418 -77.20 -37.88 -28.47
C GLN H 418 -77.48 -37.57 -29.94
N GLU H 419 -78.56 -36.85 -30.20
CA GLU H 419 -78.87 -36.55 -31.58
C GLU H 419 -77.82 -35.65 -32.22
N ILE H 420 -77.36 -34.67 -31.47
CA ILE H 420 -76.36 -33.77 -31.98
C ILE H 420 -74.99 -34.40 -32.10
N GLU H 421 -74.53 -35.15 -31.09
CA GLU H 421 -73.22 -35.76 -31.19
C GLU H 421 -73.14 -36.76 -32.33
N LYS H 422 -74.21 -37.51 -32.59
CA LYS H 422 -74.12 -38.44 -33.71
C LYS H 422 -73.91 -37.71 -35.03
N VAL H 423 -74.69 -36.66 -35.28
CA VAL H 423 -74.54 -35.97 -36.54
C VAL H 423 -73.23 -35.17 -36.58
N LYS H 424 -72.98 -34.45 -35.50
CA LYS H 424 -71.80 -33.62 -35.37
C LYS H 424 -70.49 -34.39 -35.49
N ASN H 425 -70.35 -35.50 -34.78
CA ASN H 425 -69.07 -36.20 -34.84
C ASN H 425 -68.83 -36.73 -36.25
N GLU H 426 -69.89 -37.14 -36.94
CA GLU H 426 -69.71 -37.60 -38.29
C GLU H 426 -69.25 -36.47 -39.22
N LYS H 427 -69.74 -35.23 -39.00
CA LYS H 427 -69.32 -34.18 -39.92
C LYS H 427 -67.94 -33.70 -39.56
N ASP H 428 -67.63 -33.64 -38.26
CA ASP H 428 -66.35 -33.11 -37.83
C ASP H 428 -65.23 -33.91 -38.42
N ALA H 429 -65.41 -35.21 -38.45
CA ALA H 429 -64.39 -36.08 -39.01
C ALA H 429 -64.06 -35.75 -40.45
N ALA H 430 -65.07 -35.34 -41.21
CA ALA H 430 -64.95 -35.05 -42.62
C ALA H 430 -64.46 -33.65 -42.94
N VAL H 431 -64.34 -32.78 -41.93
CA VAL H 431 -63.98 -31.40 -42.24
C VAL H 431 -62.72 -31.01 -41.51
N HIS H 432 -62.07 -32.00 -40.93
CA HIS H 432 -60.86 -31.71 -40.22
C HIS H 432 -59.79 -31.24 -41.18
N ALA H 433 -59.74 -31.86 -42.36
CA ALA H 433 -58.80 -31.43 -43.36
C ALA H 433 -59.15 -30.02 -43.79
N GLN H 434 -58.14 -29.17 -43.96
CA GLN H 434 -58.43 -27.82 -44.39
C GLN H 434 -58.48 -27.72 -45.90
N GLU H 435 -59.56 -28.30 -46.41
CA GLU H 435 -59.90 -28.43 -47.81
C GLU H 435 -60.05 -27.07 -48.43
N PHE H 436 -59.55 -26.89 -49.64
CA PHE H 436 -59.70 -25.61 -50.33
C PHE H 436 -61.18 -25.23 -50.30
N GLU H 437 -62.02 -26.20 -50.62
CA GLU H 437 -63.46 -26.05 -50.59
C GLU H 437 -63.98 -26.27 -49.17
N ASN H 438 -65.68 -30.78 -46.51
CA ASN H 438 -66.19 -29.44 -46.26
C ASN H 438 -67.39 -29.18 -47.10
N ALA H 439 -67.81 -30.24 -47.76
CA ALA H 439 -69.03 -30.21 -48.54
C ALA H 439 -69.68 -31.58 -48.61
N ALA H 440 -68.86 -32.63 -48.83
CA ALA H 440 -69.37 -33.99 -49.05
C ALA H 440 -70.19 -34.51 -47.88
N ASN H 441 -69.77 -34.19 -46.67
CA ASN H 441 -70.50 -34.61 -45.50
C ASN H 441 -71.00 -33.40 -44.74
N LEU H 442 -70.40 -32.26 -45.00
CA LEU H 442 -70.79 -31.10 -44.25
C LEU H 442 -72.19 -30.63 -44.57
N ARG H 443 -72.58 -30.61 -45.84
CA ARG H 443 -73.90 -30.06 -46.09
C ARG H 443 -74.99 -30.96 -45.48
N ASP H 444 -74.82 -32.28 -45.58
CA ASP H 444 -75.80 -33.20 -45.02
C ASP H 444 -75.88 -33.09 -43.51
N LYS H 445 -74.75 -33.16 -42.85
CA LYS H 445 -74.78 -33.18 -41.42
C LYS H 445 -75.11 -31.82 -40.84
N GLN H 446 -74.66 -30.74 -41.48
CA GLN H 446 -74.99 -29.42 -40.95
C GLN H 446 -76.48 -29.22 -41.02
N THR H 447 -77.10 -29.68 -42.10
CA THR H 447 -78.55 -29.54 -42.22
C THR H 447 -79.23 -30.29 -41.09
N LYS H 448 -78.81 -31.52 -40.82
CA LYS H 448 -79.43 -32.27 -39.75
C LYS H 448 -79.22 -31.58 -38.41
N LEU H 449 -78.04 -31.02 -38.16
CA LEU H 449 -77.84 -30.34 -36.89
C LEU H 449 -78.75 -29.15 -36.74
N GLU H 450 -78.93 -28.37 -37.81
CA GLU H 450 -79.79 -27.22 -37.72
C GLU H 450 -81.24 -27.63 -37.42
N LYS H 451 -81.68 -28.72 -38.04
CA LYS H 451 -83.02 -29.20 -37.77
C LYS H 451 -83.15 -29.73 -36.34
N GLN H 452 -82.14 -30.46 -35.86
CA GLN H 452 -82.16 -31.00 -34.50
C GLN H 452 -82.19 -29.85 -33.51
N TYR H 453 -81.45 -28.78 -33.80
CA TYR H 453 -81.44 -27.62 -32.95
C TYR H 453 -82.84 -27.02 -32.85
N GLU H 454 -83.52 -26.82 -33.98
CA GLU H 454 -84.88 -26.29 -33.92
C GLU H 454 -85.78 -27.20 -33.07
N GLU H 455 -85.62 -28.51 -33.21
CA GLU H 455 -86.42 -29.38 -32.37
C GLU H 455 -86.08 -29.13 -30.91
N ALA H 456 -84.78 -28.93 -30.64
CA ALA H 456 -84.25 -28.68 -29.30
C ALA H 456 -84.48 -27.24 -28.83
N LYS H 457 -85.75 -26.90 -28.76
CA LYS H 457 -86.34 -25.69 -28.25
C LYS H 457 -87.62 -26.02 -27.43
N ASN H 458 -88.04 -27.32 -27.45
CA ASN H 458 -89.36 -27.67 -26.91
C ASN H 458 -89.72 -28.70 -25.72
N GLU H 459 -88.78 -29.40 -25.01
CA GLU H 459 -89.01 -30.28 -23.75
C GLU H 459 -88.15 -29.95 -22.46
N TRP H 460 -86.83 -30.19 -22.43
CA TRP H 460 -85.96 -29.98 -21.21
C TRP H 460 -85.94 -28.67 -20.33
N LYS H 461 -85.94 -27.48 -20.90
CA LYS H 461 -85.74 -26.23 -20.13
C LYS H 461 -86.61 -25.86 -18.91
N ASN H 462 -87.93 -26.11 -18.92
CA ASN H 462 -88.77 -25.57 -17.82
C ASN H 462 -90.18 -26.14 -17.63
N THR H 463 -90.40 -27.01 -16.64
CA THR H 463 -91.76 -27.60 -16.49
C THR H 463 -92.37 -27.45 -15.11
N GLN H 464 -91.57 -27.57 -14.08
CA GLN H 464 -92.05 -27.59 -12.70
C GLN H 464 -93.27 -26.71 -12.46
N GLY H 466 -99.37 -19.56 -25.28
CA GLY H 466 -98.80 -18.39 -24.62
C GLY H 466 -98.56 -18.68 -23.16
N MET H 467 -98.83 -19.93 -22.77
CA MET H 467 -98.69 -20.36 -21.40
C MET H 467 -97.24 -20.67 -21.06
N SER H 468 -96.47 -19.60 -20.82
CA SER H 468 -95.04 -19.67 -20.51
C SER H 468 -94.79 -20.03 -19.04
N THR H 469 -95.85 -19.94 -18.24
CA THR H 469 -95.80 -20.23 -16.81
C THR H 469 -96.13 -21.70 -16.59
N SER H 470 -95.37 -22.34 -15.73
CA SER H 470 -95.58 -23.74 -15.38
C SER H 470 -96.81 -23.95 -14.49
N LEU H 471 -97.26 -25.22 -14.37
CA LEU H 471 -98.42 -25.54 -13.56
C LEU H 471 -98.11 -26.39 -12.32
N SER H 472 -98.25 -25.80 -11.13
CA SER H 472 -97.94 -26.47 -9.87
C SER H 472 -98.80 -27.72 -9.72
N GLU H 473 -100.04 -27.57 -10.12
CA GLU H 473 -101.06 -28.59 -10.05
C GLU H 473 -101.01 -29.65 -11.16
N GLU H 474 -100.22 -29.44 -12.21
CA GLU H 474 -100.25 -30.37 -13.33
C GLU H 474 -98.89 -30.88 -13.76
N ASP H 475 -97.88 -30.03 -13.80
CA ASP H 475 -96.61 -30.54 -14.28
C ASP H 475 -95.98 -31.23 -13.11
N ILE H 476 -96.20 -30.72 -11.90
CA ILE H 476 -95.61 -31.42 -10.78
C ILE H 476 -96.34 -32.74 -10.58
N ALA H 477 -97.66 -32.72 -10.63
CA ALA H 477 -98.42 -33.94 -10.45
C ALA H 477 -98.10 -34.99 -11.50
N GLU H 478 -98.00 -34.56 -12.76
CA GLU H 478 -97.73 -35.50 -13.82
C GLU H 478 -96.35 -36.12 -13.68
N VAL H 479 -95.35 -35.28 -13.49
CA VAL H 479 -93.99 -35.77 -13.40
C VAL H 479 -93.75 -36.65 -12.18
N ILE H 480 -94.26 -36.26 -11.03
CA ILE H 480 -94.01 -37.10 -9.87
C ILE H 480 -94.63 -38.48 -10.03
N ALA H 481 -95.88 -38.56 -10.49
CA ALA H 481 -96.48 -39.88 -10.64
C ALA H 481 -95.65 -40.73 -11.61
N GLY H 482 -95.11 -40.09 -12.63
CA GLY H 482 -94.29 -40.74 -13.65
C GLY H 482 -93.07 -41.47 -13.10
N TRP H 483 -92.66 -41.20 -11.85
CA TRP H 483 -91.51 -41.88 -11.25
C TRP H 483 -91.75 -43.36 -10.99
N THR H 484 -93.01 -43.77 -10.74
CA THR H 484 -93.24 -45.19 -10.52
C THR H 484 -94.06 -45.68 -11.69
N GLY H 485 -94.69 -44.73 -12.39
CA GLY H 485 -95.52 -45.04 -13.53
C GLY H 485 -96.79 -44.21 -13.54
N ILE H 486 -97.29 -43.99 -14.74
CA ILE H 486 -98.49 -43.23 -15.04
C ILE H 486 -98.26 -41.76 -14.71
N PRO H 487 -97.65 -41.00 -15.62
CA PRO H 487 -97.37 -39.60 -15.45
C PRO H 487 -98.59 -38.89 -14.89
N LEU H 488 -85.48 -49.02 -1.34
CA LEU H 488 -86.27 -47.86 -1.75
C LEU H 488 -86.82 -47.24 -0.47
N THR H 489 -86.14 -47.59 0.60
CA THR H 489 -86.49 -47.23 1.97
C THR H 489 -85.41 -46.32 2.56
N LYS H 490 -84.32 -46.91 3.08
CA LYS H 490 -83.24 -46.12 3.67
C LYS H 490 -82.56 -45.22 2.65
N ILE H 491 -82.67 -45.58 1.37
CA ILE H 491 -82.00 -44.80 0.36
C ILE H 491 -82.82 -43.59 -0.03
N ASN H 492 -84.07 -43.49 0.43
CA ASN H 492 -84.83 -42.35 -0.02
C ASN H 492 -85.29 -41.52 1.15
N GLU H 493 -85.65 -42.11 2.28
CA GLU H 493 -86.21 -41.32 3.36
C GLU H 493 -87.36 -40.42 2.86
N THR H 494 -88.33 -41.04 2.14
CA THR H 494 -89.49 -40.29 1.64
C THR H 494 -90.77 -40.85 2.20
N GLU H 495 -90.65 -41.86 3.05
CA GLU H 495 -91.82 -42.53 3.62
C GLU H 495 -92.70 -43.13 2.53
N SER H 496 -92.05 -43.73 1.51
CA SER H 496 -92.75 -44.33 0.37
C SER H 496 -92.72 -45.85 0.52
N GLU H 497 -91.68 -46.52 0.01
CA GLU H 497 -91.59 -47.96 0.09
C GLU H 497 -91.62 -48.42 1.55
N LYS H 498 -91.08 -47.59 2.45
CA LYS H 498 -91.04 -47.94 3.87
C LYS H 498 -92.41 -48.27 4.42
N LEU H 499 -93.43 -47.64 3.86
CA LEU H 499 -94.75 -47.83 4.34
C LEU H 499 -95.56 -48.72 3.40
N LEU H 500 -95.31 -48.58 2.09
CA LEU H 500 -96.05 -49.34 1.09
C LEU H 500 -95.80 -50.84 1.26
N SER H 501 -94.57 -51.18 1.63
CA SER H 501 -94.12 -52.55 1.84
C SER H 501 -94.43 -53.11 3.22
N LEU H 502 -95.11 -52.35 4.09
CA LEU H 502 -95.39 -52.93 5.40
C LEU H 502 -96.21 -54.20 5.30
N GLU H 503 -97.30 -54.21 4.54
CA GLU H 503 -98.08 -55.45 4.51
C GLU H 503 -97.28 -56.64 3.96
N ASP H 504 -96.45 -56.43 2.93
CA ASP H 504 -95.69 -57.55 2.37
C ASP H 504 -94.71 -58.16 3.38
N THR H 505 -93.99 -57.30 4.11
CA THR H 505 -93.00 -57.78 5.08
C THR H 505 -93.69 -58.39 6.29
N LEU H 506 -94.76 -57.74 6.76
CA LEU H 506 -95.50 -58.21 7.92
C LEU H 506 -96.04 -59.59 7.62
N HIS H 507 -96.54 -59.80 6.42
CA HIS H 507 -97.03 -61.10 6.02
C HIS H 507 -95.93 -62.14 5.86
N GLU H 508 -94.82 -61.80 5.20
CA GLU H 508 -93.79 -62.83 5.06
C GLU H 508 -93.30 -63.30 6.42
N ARG H 509 -93.09 -62.37 7.34
CA ARG H 509 -92.61 -62.76 8.66
C ARG H 509 -93.65 -63.61 9.40
N VAL H 510 -94.93 -63.24 9.31
CA VAL H 510 -96.00 -64.02 9.88
C VAL H 510 -97.01 -64.33 8.79
N ILE H 511 -97.04 -65.57 8.38
CA ILE H 511 -97.89 -65.98 7.29
C ILE H 511 -99.32 -66.15 7.76
N GLY H 512 -100.26 -65.57 7.04
CA GLY H 512 -101.65 -65.62 7.43
C GLY H 512 -101.81 -64.73 8.64
N GLN H 513 -102.82 -65.00 9.45
CA GLN H 513 -103.07 -64.15 10.61
C GLN H 513 -103.14 -62.71 10.09
N LYS H 514 -103.89 -62.55 8.99
CA LYS H 514 -104.00 -61.30 8.28
C LYS H 514 -104.46 -60.15 9.14
N ASP H 515 -105.29 -60.40 10.15
CA ASP H 515 -105.73 -59.29 10.97
C ASP H 515 -104.53 -58.55 11.56
N ALA H 516 -103.48 -59.29 11.95
CA ALA H 516 -102.31 -58.66 12.55
C ALA H 516 -101.56 -57.85 11.51
N VAL H 517 -101.37 -58.50 10.39
CA VAL H 517 -100.61 -57.98 9.28
C VAL H 517 -101.25 -56.73 8.64
N ASN H 518 -102.54 -56.79 8.42
CA ASN H 518 -103.28 -55.73 7.80
C ASN H 518 -103.46 -54.54 8.73
N SER H 519 -103.83 -54.77 9.99
CA SER H 519 -103.99 -53.63 10.87
C SER H 519 -102.67 -52.88 11.09
N ILE H 520 -101.55 -53.59 11.25
CA ILE H 520 -100.30 -52.86 11.45
C ILE H 520 -99.97 -52.03 10.24
N SER H 521 -100.12 -52.59 9.05
CA SER H 521 -99.78 -51.79 7.89
C SER H 521 -100.57 -50.50 7.87
N LYS H 522 -101.87 -50.59 8.07
CA LYS H 522 -102.67 -49.37 8.02
C LYS H 522 -102.30 -48.39 9.13
N ALA H 523 -102.13 -48.91 10.35
CA ALA H 523 -101.82 -48.12 11.51
C ALA H 523 -100.50 -47.35 11.38
N VAL H 524 -99.53 -47.96 10.71
CA VAL H 524 -98.22 -47.37 10.57
C VAL H 524 -98.04 -46.55 9.30
N ARG H 525 -98.61 -46.97 8.16
CA ARG H 525 -98.42 -46.17 6.94
C ARG H 525 -99.02 -44.77 7.13
N ARG H 526 -100.00 -44.65 8.02
CA ARG H 526 -100.64 -43.38 8.33
C ARG H 526 -99.73 -42.43 9.14
N ALA H 527 -98.52 -42.88 9.50
CA ALA H 527 -97.52 -42.07 10.20
C ALA H 527 -97.08 -40.83 9.39
N ARG H 528 -97.09 -40.93 8.05
CA ARG H 528 -96.58 -39.82 7.21
C ARG H 528 -97.61 -38.72 6.89
N ALA H 529 -97.09 -37.60 6.38
CA ALA H 529 -97.82 -36.49 5.79
C ALA H 529 -98.87 -35.79 6.64
N GLY H 530 -98.71 -35.79 7.95
CA GLY H 530 -99.66 -35.07 8.80
C GLY H 530 -100.96 -35.83 9.03
N LEU H 531 -101.05 -37.07 8.57
CA LEU H 531 -102.28 -37.85 8.72
C LEU H 531 -102.54 -38.10 10.22
N LYS H 532 -101.46 -38.31 10.97
CA LYS H 532 -101.48 -38.50 12.41
C LYS H 532 -100.69 -37.41 13.09
N ASP H 533 -100.80 -37.33 14.42
CA ASP H 533 -100.06 -36.33 15.17
C ASP H 533 -98.59 -36.40 14.73
N PRO H 534 -98.06 -35.31 14.12
CA PRO H 534 -96.74 -35.22 13.52
C PRO H 534 -95.63 -35.41 14.52
N LYS H 535 -95.93 -35.27 15.81
CA LYS H 535 -94.85 -35.50 16.74
C LYS H 535 -95.23 -36.49 17.81
N ARG H 536 -95.86 -37.61 17.43
CA ARG H 536 -96.17 -38.61 18.45
C ARG H 536 -95.71 -40.02 18.05
N GLY H 539 -96.32 -43.19 18.18
CA GLY H 539 -97.38 -44.10 18.54
C GLY H 539 -96.76 -45.45 18.75
N SER H 540 -97.40 -46.26 19.56
CA SER H 540 -96.83 -47.56 19.84
C SER H 540 -97.72 -48.74 19.57
N PHE H 541 -97.08 -49.89 19.54
CA PHE H 541 -97.77 -51.14 19.32
C PHE H 541 -97.46 -52.11 20.43
N ILE H 542 -98.42 -52.94 20.79
CA ILE H 542 -98.17 -54.00 21.77
C ILE H 542 -98.24 -55.37 21.14
N PHE H 543 -97.15 -56.15 21.25
CA PHE H 543 -97.06 -57.51 20.70
C PHE H 543 -97.11 -58.57 21.80
N LEU H 544 -98.13 -59.40 21.74
CA LEU H 544 -98.40 -60.40 22.78
C LEU H 544 -97.93 -61.83 22.43
N GLY H 545 -96.89 -62.30 23.15
CA GLY H 545 -96.27 -63.62 22.92
C GLY H 545 -94.84 -63.69 23.51
N PRO H 546 -94.27 -64.89 23.79
CA PRO H 546 -92.91 -65.10 24.31
C PRO H 546 -91.78 -64.81 23.33
N THR H 547 -91.63 -65.67 22.31
CA THR H 547 -90.76 -65.49 21.16
C THR H 547 -90.94 -66.66 20.23
N GLY H 548 -90.70 -66.49 18.95
CA GLY H 548 -90.80 -67.68 18.12
C GLY H 548 -92.26 -68.10 18.00
N VAL H 549 -93.12 -67.10 18.02
CA VAL H 549 -94.56 -67.25 17.95
C VAL H 549 -95.07 -66.29 16.93
N GLY H 550 -94.12 -65.54 16.38
CA GLY H 550 -94.39 -64.45 15.45
C GLY H 550 -94.17 -63.11 16.14
N LYS H 551 -93.95 -63.13 17.46
CA LYS H 551 -93.72 -61.94 18.27
C LYS H 551 -92.72 -60.98 17.68
N THR H 552 -91.50 -61.47 17.49
CA THR H 552 -90.47 -60.58 17.02
C THR H 552 -90.37 -60.67 15.55
N GLU H 553 -90.93 -61.71 14.95
CA GLU H 553 -90.88 -61.79 13.51
C GLU H 553 -91.75 -60.65 12.96
N LEU H 554 -92.92 -60.45 13.56
CA LEU H 554 -93.82 -59.40 13.10
C LEU H 554 -93.37 -58.06 13.65
N ALA H 555 -92.94 -57.99 14.93
CA ALA H 555 -92.47 -56.70 15.42
C ALA H 555 -91.32 -56.25 14.54
N ARG H 556 -90.48 -57.21 14.13
CA ARG H 556 -89.39 -56.90 13.25
C ARG H 556 -89.92 -56.50 11.91
N ALA H 557 -90.92 -57.19 11.39
CA ALA H 557 -91.44 -56.77 10.10
C ALA H 557 -91.88 -55.32 10.12
N LEU H 558 -92.52 -54.91 11.21
CA LEU H 558 -92.88 -53.53 11.36
C LEU H 558 -91.66 -52.65 11.40
N ALA H 559 -90.75 -52.95 12.31
CA ALA H 559 -89.55 -52.17 12.44
C ALA H 559 -88.74 -52.18 11.14
N GLU H 560 -88.73 -53.32 10.48
CA GLU H 560 -87.99 -53.53 9.25
C GLU H 560 -88.47 -52.70 8.10
N SER H 561 -89.74 -52.80 7.74
CA SER H 561 -90.17 -51.98 6.63
C SER H 561 -90.17 -50.51 7.01
N MET H 562 -90.64 -50.20 8.21
CA MET H 562 -90.73 -48.82 8.64
C MET H 562 -89.41 -48.09 8.63
N PHE H 563 -88.30 -48.75 8.98
CA PHE H 563 -87.02 -48.07 8.97
C PHE H 563 -86.05 -48.69 7.96
N GLY H 564 -86.59 -49.52 7.06
CA GLY H 564 -85.89 -50.16 5.95
C GLY H 564 -85.06 -51.46 6.16
N ASP H 565 -84.90 -52.00 7.38
CA ASP H 565 -84.07 -53.22 7.54
C ASP H 565 -84.20 -53.90 8.94
N ASP H 566 -83.56 -55.07 9.08
CA ASP H 566 -83.55 -55.82 10.34
C ASP H 566 -82.92 -55.13 11.56
N ASP H 567 -82.01 -54.15 11.36
CA ASP H 567 -81.37 -53.46 12.49
C ASP H 567 -82.19 -52.29 13.01
N ALA H 568 -83.42 -52.16 12.52
CA ALA H 568 -84.32 -51.10 12.93
C ALA H 568 -84.62 -51.05 14.42
N MET H 569 -84.73 -52.21 15.10
CA MET H 569 -85.11 -52.17 16.53
C MET H 569 -84.14 -52.83 17.50
N ILE H 570 -84.16 -52.32 18.74
CA ILE H 570 -83.32 -52.88 19.81
C ILE H 570 -84.15 -53.63 20.84
N ARG H 571 -83.64 -54.78 21.29
CA ARG H 571 -84.36 -55.55 22.29
C ARG H 571 -83.97 -55.15 23.71
N VAL H 572 -84.95 -54.63 24.44
CA VAL H 572 -84.72 -54.14 25.80
C VAL H 572 -85.32 -55.09 26.83
N ASP H 573 -84.48 -55.66 27.69
CA ASP H 573 -85.02 -56.64 28.63
C ASP H 573 -85.56 -55.97 29.87
N MET H 574 -86.87 -55.73 29.88
CA MET H 574 -87.56 -55.02 30.95
C MET H 574 -87.72 -55.84 32.23
N SER H 575 -87.20 -57.09 32.26
CA SER H 575 -87.22 -57.84 33.52
C SER H 575 -86.02 -57.37 34.33
N GLU H 576 -85.11 -56.66 33.63
CA GLU H 576 -83.91 -56.10 34.20
C GLU H 576 -84.09 -54.61 34.23
N PHE H 577 -84.55 -54.07 33.09
CA PHE H 577 -84.77 -52.65 32.91
C PHE H 577 -86.08 -52.25 33.51
N MET H 578 -86.13 -52.29 34.83
CA MET H 578 -87.35 -52.02 35.55
C MET H 578 -87.19 -51.00 36.68
N GLU H 579 -86.01 -50.94 37.29
CA GLU H 579 -85.87 -50.08 38.47
C GLU H 579 -84.72 -49.12 38.35
N LYS H 580 -83.51 -49.68 38.31
CA LYS H 580 -82.28 -48.91 38.24
C LYS H 580 -82.27 -48.16 36.94
N HIS H 581 -82.86 -48.80 35.96
CA HIS H 581 -82.94 -48.28 34.63
C HIS H 581 -83.91 -47.13 34.57
N ALA H 582 -84.98 -47.12 35.37
CA ALA H 582 -85.88 -45.98 35.29
C ALA H 582 -85.15 -44.74 35.71
N VAL H 583 -84.40 -44.89 36.79
CA VAL H 583 -83.64 -43.80 37.37
C VAL H 583 -82.59 -43.35 36.39
N SER H 584 -81.96 -44.34 35.77
CA SER H 584 -80.90 -44.16 34.83
C SER H 584 -81.38 -43.93 33.40
N ARG H 585 -82.70 -43.85 33.16
CA ARG H 585 -83.20 -43.61 31.83
C ARG H 585 -83.53 -42.14 31.75
N LEU H 586 -84.10 -41.62 32.83
CA LEU H 586 -84.44 -40.22 32.90
C LEU H 586 -83.19 -39.36 32.82
N VAL H 587 -83.20 -38.37 31.97
CA VAL H 587 -82.06 -37.51 31.91
C VAL H 587 -81.95 -36.71 33.19
N GLY H 588 -80.76 -36.77 33.79
CA GLY H 588 -80.44 -36.14 35.05
C GLY H 588 -79.58 -34.90 34.85
N ALA H 589 -78.26 -35.04 34.98
CA ALA H 589 -77.35 -33.89 34.90
C ALA H 589 -77.65 -32.88 35.99
N PRO H 590 -77.96 -33.40 37.17
CA PRO H 590 -78.24 -32.61 38.36
C PRO H 590 -77.10 -32.78 39.35
N PRO H 591 -76.75 -34.03 39.64
CA PRO H 591 -75.72 -34.37 40.58
C PRO H 591 -75.17 -35.76 40.26
N HIS H 596 -71.74 -38.30 38.32
CA HIS H 596 -72.49 -37.43 37.43
C HIS H 596 -73.43 -38.29 36.58
N ASP H 597 -73.39 -38.20 35.25
CA ASP H 597 -74.30 -38.95 34.41
C ASP H 597 -73.84 -40.37 34.10
N ASP H 598 -73.61 -41.13 35.16
CA ASP H 598 -73.19 -42.52 35.08
C ASP H 598 -74.39 -43.42 34.90
N GLY H 599 -74.99 -43.30 33.73
CA GLY H 599 -76.21 -43.98 33.40
C GLY H 599 -76.62 -43.65 31.97
N GLY H 600 -77.90 -43.81 31.71
CA GLY H 600 -78.49 -43.66 30.41
C GLY H 600 -78.73 -45.05 29.89
N GLN H 601 -79.96 -45.34 29.51
CA GLN H 601 -80.23 -46.70 29.06
C GLN H 601 -80.65 -46.74 27.61
N LEU H 602 -81.69 -45.98 27.31
CA LEU H 602 -82.26 -45.95 25.98
C LEU H 602 -82.08 -44.54 25.49
N THR H 603 -81.30 -44.40 24.42
CA THR H 603 -80.85 -43.11 23.96
C THR H 603 -81.32 -42.69 22.57
N GLU H 604 -80.53 -43.00 21.55
CA GLU H 604 -80.83 -42.55 20.20
C GLU H 604 -82.16 -43.03 19.68
N LYS H 605 -82.53 -44.24 20.07
CA LYS H 605 -83.74 -44.84 19.59
C LYS H 605 -84.98 -44.36 20.36
N VAL H 606 -84.78 -43.46 21.33
CA VAL H 606 -85.89 -42.90 22.06
C VAL H 606 -86.14 -41.48 21.59
N ARG H 607 -85.10 -40.64 21.69
CA ARG H 607 -85.26 -39.22 21.41
C ARG H 607 -84.12 -38.46 20.72
N ARG H 608 -83.25 -39.13 19.94
CA ARG H 608 -82.21 -38.35 19.27
C ARG H 608 -82.35 -38.55 17.78
N LYS H 609 -82.70 -39.77 17.40
CA LYS H 609 -82.88 -40.10 16.01
C LYS H 609 -84.39 -40.15 15.70
N PRO H 610 -84.90 -39.38 14.71
CA PRO H 610 -86.31 -39.33 14.28
C PRO H 610 -86.80 -40.58 13.54
N TYR H 611 -85.89 -41.43 13.10
CA TYR H 611 -86.31 -42.62 12.36
C TYR H 611 -85.76 -43.87 13.04
N SER H 612 -86.34 -44.22 14.18
CA SER H 612 -85.84 -45.31 15.00
C SER H 612 -86.97 -46.03 15.73
N VAL H 613 -86.65 -47.21 16.28
CA VAL H 613 -87.59 -48.00 17.09
C VAL H 613 -86.97 -48.87 18.18
N ILE H 614 -87.74 -48.98 19.28
CA ILE H 614 -87.31 -49.83 20.39
C ILE H 614 -88.31 -50.91 20.69
N LEU H 615 -87.83 -52.14 20.81
CA LEU H 615 -88.70 -53.25 21.16
C LEU H 615 -88.50 -53.59 22.64
N PHE H 616 -89.55 -53.46 23.42
CA PHE H 616 -89.44 -53.67 24.85
C PHE H 616 -89.90 -55.04 25.33
N ASP H 617 -88.97 -55.93 25.58
CA ASP H 617 -89.28 -57.28 26.02
C ASP H 617 -89.62 -57.26 27.46
N GLU H 618 -90.53 -58.12 27.87
CA GLU H 618 -90.94 -58.28 29.26
C GLU H 618 -91.55 -56.98 29.82
N ILE H 619 -92.27 -56.22 28.98
CA ILE H 619 -92.91 -54.97 29.44
C ILE H 619 -93.95 -55.22 30.55
N GLU H 620 -94.51 -56.43 30.59
CA GLU H 620 -95.50 -56.79 31.60
C GLU H 620 -94.92 -56.70 33.01
N LYS H 621 -93.58 -56.81 33.14
CA LYS H 621 -92.92 -56.71 34.43
C LYS H 621 -92.68 -55.21 34.60
N ALA H 622 -93.81 -54.54 34.79
CA ALA H 622 -93.94 -53.10 34.72
C ALA H 622 -93.06 -52.34 35.63
N HIS H 623 -93.05 -52.68 36.91
CA HIS H 623 -92.27 -51.90 37.85
C HIS H 623 -92.48 -50.41 37.58
N PRO H 624 -93.69 -49.86 37.80
CA PRO H 624 -93.98 -48.49 37.49
C PRO H 624 -92.83 -47.71 38.09
N ASP H 625 -92.32 -46.83 37.25
CA ASP H 625 -91.16 -45.96 37.33
C ASP H 625 -90.63 -45.98 35.92
N VAL H 626 -90.44 -47.19 35.36
CA VAL H 626 -90.05 -47.16 33.95
C VAL H 626 -91.24 -46.77 33.10
N PHE H 627 -92.45 -47.09 33.55
CA PHE H 627 -93.60 -46.64 32.77
C PHE H 627 -93.65 -45.15 32.75
N ASN H 628 -93.36 -44.51 33.86
CA ASN H 628 -93.46 -43.07 33.94
C ASN H 628 -92.55 -42.39 32.93
N ILE H 629 -91.38 -42.98 32.67
CA ILE H 629 -90.51 -42.35 31.71
C ILE H 629 -91.11 -42.60 30.33
N LEU H 630 -91.60 -43.81 30.12
CA LEU H 630 -92.24 -44.16 28.86
C LEU H 630 -93.52 -43.34 28.66
N LEU H 631 -94.23 -42.97 29.74
CA LEU H 631 -95.44 -42.19 29.57
C LEU H 631 -95.03 -40.87 28.98
N GLN H 632 -93.91 -40.31 29.44
CA GLN H 632 -93.45 -39.04 28.88
C GLN H 632 -93.12 -39.19 27.40
N VAL H 633 -92.59 -40.34 26.99
CA VAL H 633 -92.28 -40.54 25.58
C VAL H 633 -93.54 -40.41 24.73
N LEU H 634 -94.63 -40.98 25.22
CA LEU H 634 -95.91 -41.01 24.53
C LEU H 634 -96.82 -39.77 24.75
N ASP H 635 -96.76 -39.18 25.94
CA ASP H 635 -97.59 -38.04 26.31
C ASP H 635 -97.14 -36.76 25.67
N ASP H 636 -98.07 -36.16 24.95
CA ASP H 636 -97.89 -34.95 24.17
C ASP H 636 -96.86 -35.20 23.07
N GLY H 637 -96.62 -36.48 22.83
CA GLY H 637 -95.71 -36.94 21.84
C GLY H 637 -94.25 -37.02 22.25
N HIS H 638 -93.86 -36.57 23.44
CA HIS H 638 -92.43 -36.67 23.66
C HIS H 638 -91.82 -36.57 25.03
N LEU H 639 -90.70 -37.26 25.11
CA LEU H 639 -89.74 -37.19 26.19
C LEU H 639 -88.59 -36.41 25.62
N THR H 640 -88.26 -35.30 26.23
CA THR H 640 -87.19 -34.48 25.71
C THR H 640 -85.85 -34.95 26.21
N ASP H 641 -84.78 -34.41 25.60
CA ASP H 641 -83.43 -34.69 26.06
C ASP H 641 -83.02 -33.65 27.12
N THR H 642 -81.72 -33.63 27.40
CA THR H 642 -81.06 -32.79 28.38
C THR H 642 -81.38 -31.31 28.23
N LYS H 643 -81.51 -30.82 27.00
CA LYS H 643 -81.75 -29.41 26.78
C LYS H 643 -83.20 -29.09 26.42
N GLY H 644 -84.10 -30.07 26.59
CA GLY H 644 -85.50 -29.85 26.26
C GLY H 644 -85.78 -30.03 24.77
N ARG H 645 -84.86 -30.67 24.03
CA ARG H 645 -85.05 -30.84 22.61
C ARG H 645 -85.82 -32.11 22.28
N THR H 646 -86.52 -32.06 21.15
CA THR H 646 -87.30 -33.14 20.58
C THR H 646 -86.87 -33.49 19.16
N VAL H 647 -87.42 -34.58 18.66
CA VAL H 647 -87.20 -35.06 17.30
C VAL H 647 -88.53 -35.31 16.65
N ASP H 648 -88.57 -35.55 15.36
CA ASP H 648 -89.86 -35.91 14.81
C ASP H 648 -90.17 -37.30 15.28
N PHE H 649 -91.01 -37.36 16.30
CA PHE H 649 -91.35 -38.62 16.94
C PHE H 649 -92.44 -39.38 16.22
N ARG H 650 -93.06 -38.82 15.19
CA ARG H 650 -94.10 -39.60 14.53
C ARG H 650 -93.47 -40.61 13.62
N ASN H 651 -92.33 -40.22 13.09
CA ASN H 651 -91.54 -41.06 12.23
C ASN H 651 -91.04 -42.29 12.99
N THR H 652 -90.80 -42.13 14.30
CA THR H 652 -90.33 -43.25 15.11
C THR H 652 -91.47 -44.18 15.48
N ILE H 653 -91.13 -45.39 15.89
CA ILE H 653 -92.11 -46.35 16.38
C ILE H 653 -91.67 -46.91 17.70
N ILE H 654 -92.59 -47.05 18.62
CA ILE H 654 -92.26 -47.68 19.88
C ILE H 654 -92.99 -49.00 19.93
N ILE H 655 -92.25 -50.07 20.20
CA ILE H 655 -92.91 -51.36 20.23
C ILE H 655 -92.78 -52.00 21.60
N MET H 656 -93.90 -52.29 22.17
CA MET H 656 -93.96 -52.91 23.46
C MET H 656 -94.27 -54.36 23.25
N THR H 657 -93.69 -55.21 24.05
CA THR H 657 -94.03 -56.60 23.91
C THR H 657 -93.91 -57.34 25.23
N SER H 658 -94.70 -58.40 25.37
CA SER H 658 -94.74 -59.16 26.61
C SER H 658 -94.93 -60.65 26.50
N ASN H 659 -94.38 -61.38 27.48
CA ASN H 659 -94.54 -62.81 27.50
C ASN H 659 -95.79 -63.24 28.20
N VAL H 660 -96.89 -62.87 27.60
CA VAL H 660 -98.17 -63.31 28.08
C VAL H 660 -98.45 -64.68 27.50
N GLY H 661 -98.03 -64.84 26.25
CA GLY H 661 -98.27 -66.01 25.45
C GLY H 661 -97.70 -67.30 26.02
N ALA H 662 -96.62 -67.23 26.79
CA ALA H 662 -96.13 -68.47 27.35
C ALA H 662 -97.24 -69.17 28.12
N GLN H 663 -98.15 -68.42 28.75
CA GLN H 663 -99.23 -69.07 29.44
C GLN H 663 -100.54 -68.89 28.65
N GLU H 664 -100.70 -67.74 28.02
CA GLU H 664 -101.96 -67.38 27.36
C GLU H 664 -102.17 -68.03 26.00
N LEU H 665 -101.10 -68.52 25.37
CA LEU H 665 -101.29 -69.21 24.11
C LEU H 665 -102.11 -70.47 24.33
N GLN H 666 -102.26 -70.94 25.58
CA GLN H 666 -103.10 -72.09 25.73
C GLN H 666 -104.53 -71.71 25.34
N ASP H 667 -105.00 -70.51 25.67
CA ASP H 667 -106.36 -70.17 25.28
C ASP H 667 -106.44 -70.12 23.76
N GLN H 668 -105.36 -69.67 23.13
CA GLN H 668 -105.31 -69.65 21.68
C GLN H 668 -105.45 -71.09 21.18
N ARG H 669 -104.75 -72.02 21.83
CA ARG H 669 -104.80 -73.45 21.49
C ARG H 669 -106.19 -74.05 21.65
N GLY H 679 -109.13 -72.62 21.11
CA GLY H 679 -110.22 -72.09 20.28
C GLY H 679 -110.48 -70.59 20.30
N GLN H 680 -109.72 -69.80 21.03
CA GLN H 680 -110.00 -68.37 20.95
C GLN H 680 -109.46 -67.78 19.63
N ASP H 681 -110.21 -66.83 19.05
CA ASP H 681 -109.84 -66.17 17.79
C ASP H 681 -108.88 -64.99 17.97
N TYR H 682 -108.66 -64.21 16.89
CA TYR H 682 -107.68 -63.14 16.93
C TYR H 682 -107.97 -62.13 18.03
N GLU H 683 -109.15 -61.54 17.99
CA GLU H 683 -109.44 -60.53 18.98
C GLU H 683 -109.66 -61.12 20.35
N THR H 684 -110.16 -62.34 20.43
CA THR H 684 -110.41 -62.89 21.74
C THR H 684 -109.09 -63.09 22.48
N ILE H 685 -108.06 -63.63 21.81
CA ILE H 685 -106.81 -63.81 22.55
C ILE H 685 -106.18 -62.45 22.81
N ARG H 686 -106.40 -61.47 21.93
CA ARG H 686 -105.88 -60.14 22.16
C ARG H 686 -106.48 -59.44 23.34
N LYS H 687 -107.79 -59.42 23.40
CA LYS H 687 -108.45 -58.73 24.46
C LYS H 687 -108.13 -59.40 25.80
N THR H 688 -108.07 -60.73 25.83
CA THR H 688 -107.75 -61.41 27.08
C THR H 688 -106.32 -61.11 27.53
N MET H 689 -105.35 -61.24 26.63
CA MET H 689 -103.97 -61.03 27.02
C MET H 689 -103.70 -59.57 27.40
N LEU H 690 -104.29 -58.64 26.66
CA LEU H 690 -104.09 -57.23 26.95
C LEU H 690 -104.73 -56.88 28.28
N LYS H 691 -105.96 -57.36 28.53
CA LYS H 691 -106.64 -57.10 29.78
C LYS H 691 -105.82 -57.55 30.96
N GLU H 692 -105.23 -58.74 30.89
CA GLU H 692 -104.41 -59.15 32.03
C GLU H 692 -103.19 -58.26 32.16
N LEU H 693 -102.58 -57.83 31.04
CA LEU H 693 -101.43 -56.93 31.19
C LEU H 693 -101.84 -55.67 31.91
N LYS H 694 -103.00 -55.15 31.53
CA LYS H 694 -103.53 -53.90 32.03
C LYS H 694 -103.43 -53.72 33.54
N ASN H 695 -103.43 -54.81 34.31
CA ASN H 695 -103.41 -54.73 35.76
C ASN H 695 -102.22 -53.90 36.31
N SER H 696 -101.08 -53.91 35.61
CA SER H 696 -99.88 -53.19 36.04
C SER H 696 -99.59 -51.92 35.21
N PHE H 697 -100.50 -51.57 34.31
CA PHE H 697 -100.38 -50.47 33.34
C PHE H 697 -101.26 -49.28 33.68
N ARG H 698 -101.10 -48.22 32.90
CA ARG H 698 -101.86 -47.02 33.09
C ARG H 698 -102.43 -46.59 31.73
N PRO H 699 -103.61 -45.94 31.66
CA PRO H 699 -104.21 -45.48 30.42
C PRO H 699 -103.36 -44.44 29.69
N GLU H 700 -102.49 -43.72 30.41
CA GLU H 700 -101.62 -42.75 29.76
C GLU H 700 -100.59 -43.46 28.86
N PHE H 701 -100.42 -44.76 29.09
CA PHE H 701 -99.51 -45.59 28.33
C PHE H 701 -100.32 -46.26 27.23
N LEU H 702 -101.35 -46.97 27.66
CA LEU H 702 -102.16 -47.82 26.80
C LEU H 702 -102.96 -47.08 25.73
N ASN H 703 -103.40 -45.87 25.98
CA ASN H 703 -104.20 -45.17 25.00
C ASN H 703 -103.35 -44.37 24.02
N ARG H 704 -102.04 -44.57 24.09
CA ARG H 704 -101.13 -43.93 23.15
C ARG H 704 -100.65 -45.00 22.19
N VAL H 705 -101.20 -46.22 22.36
CA VAL H 705 -100.85 -47.35 21.56
C VAL H 705 -101.73 -47.34 20.32
N ASP H 706 -101.11 -47.28 19.15
CA ASP H 706 -101.85 -47.25 17.91
C ASP H 706 -102.59 -48.56 17.68
N ASP H 707 -102.01 -49.68 18.11
CA ASP H 707 -102.72 -50.96 18.01
C ASP H 707 -102.11 -52.05 18.89
N ILE H 708 -102.91 -53.07 19.15
CA ILE H 708 -102.47 -54.24 19.89
C ILE H 708 -102.54 -55.47 19.01
N ILE H 709 -101.41 -56.12 18.92
CA ILE H 709 -101.18 -57.23 18.03
C ILE H 709 -100.97 -58.60 18.67
N VAL H 710 -101.71 -59.56 18.15
CA VAL H 710 -101.60 -60.95 18.57
C VAL H 710 -101.38 -61.79 17.38
N PHE H 711 -101.05 -63.03 17.64
CA PHE H 711 -100.81 -64.02 16.64
C PHE H 711 -101.96 -64.98 16.66
N HIS H 712 -102.86 -64.82 15.70
CA HIS H 712 -104.11 -65.56 15.69
C HIS H 712 -103.88 -66.93 16.32
N LYS H 713 -96.47 -72.34 24.29
CA LYS H 713 -97.72 -73.08 24.24
C LYS H 713 -98.48 -72.92 22.92
N LEU H 714 -97.78 -73.13 21.82
CA LEU H 714 -98.36 -73.14 20.46
C LEU H 714 -99.02 -74.47 20.12
N THR H 715 -99.96 -74.45 19.17
CA THR H 715 -100.60 -75.67 18.67
C THR H 715 -99.67 -76.38 17.73
N LYS H 716 -99.96 -77.63 17.42
CA LYS H 716 -99.09 -78.35 16.50
C LYS H 716 -99.13 -77.67 15.15
N GLU H 717 -100.30 -77.19 14.75
CA GLU H 717 -100.47 -76.53 13.47
C GLU H 717 -99.60 -75.29 13.37
N GLU H 718 -99.44 -74.56 14.47
CA GLU H 718 -98.58 -73.39 14.43
C GLU H 718 -97.13 -73.84 14.30
N LEU H 719 -96.78 -74.98 14.89
CA LEU H 719 -95.40 -75.44 14.79
C LEU H 719 -95.16 -75.91 13.37
N LYS H 720 -96.19 -76.50 12.76
CA LYS H 720 -96.05 -76.89 11.37
C LYS H 720 -95.87 -75.63 10.55
N GLU H 721 -96.58 -74.55 10.90
CA GLU H 721 -96.42 -73.30 10.19
C GLU H 721 -95.03 -72.74 10.41
N ILE H 722 -94.46 -72.84 11.60
CA ILE H 722 -93.12 -72.34 11.73
C ILE H 722 -92.21 -73.13 10.80
N VAL H 723 -92.39 -74.44 10.73
CA VAL H 723 -91.56 -75.19 9.82
C VAL H 723 -91.78 -74.76 8.37
N THR H 724 -93.02 -74.64 7.91
CA THR H 724 -93.19 -74.29 6.51
C THR H 724 -92.79 -72.84 6.24
N MET H 725 -92.96 -71.97 7.22
CA MET H 725 -92.54 -70.58 7.13
C MET H 725 -91.04 -70.52 6.91
N MET H 726 -90.31 -71.26 7.74
CA MET H 726 -88.87 -71.32 7.63
C MET H 726 -88.47 -71.92 6.31
N VAL H 727 -89.11 -73.00 5.90
CA VAL H 727 -88.76 -73.58 4.62
C VAL H 727 -89.03 -72.58 3.51
N ASN H 728 -90.15 -71.87 3.55
CA ASN H 728 -90.46 -70.89 2.52
C ASN H 728 -89.43 -69.75 2.48
N LYS H 729 -88.99 -69.27 3.63
CA LYS H 729 -88.01 -68.19 3.65
C LYS H 729 -86.67 -68.70 3.13
N LEU H 730 -86.31 -69.90 3.54
CA LEU H 730 -85.07 -70.47 3.05
C LEU H 730 -85.19 -70.64 1.55
N THR H 731 -86.35 -71.08 1.08
CA THR H 731 -86.58 -71.29 -0.33
C THR H 731 -86.36 -69.99 -1.08
N ASN H 732 -86.83 -68.87 -0.55
CA ASN H 732 -86.60 -67.62 -1.24
C ASN H 732 -85.10 -67.36 -1.46
N ARG H 733 -84.22 -67.82 -0.56
CA ARG H 733 -82.79 -67.60 -0.74
C ARG H 733 -82.07 -68.77 -1.46
N LEU H 734 -82.84 -69.78 -1.85
CA LEU H 734 -82.32 -70.97 -2.53
C LEU H 734 -82.79 -71.03 -3.96
N SER H 735 -84.05 -70.71 -4.19
CA SER H 735 -84.69 -70.67 -5.50
C SER H 735 -84.28 -69.36 -6.18
N GLU H 736 -83.68 -68.48 -5.39
CA GLU H 736 -83.22 -67.16 -5.81
C GLU H 736 -82.68 -67.23 -7.24
N GLN H 737 -78.46 -71.01 -5.49
CA GLN H 737 -79.44 -70.31 -6.30
C GLN H 737 -80.21 -71.24 -7.21
N ASN H 738 -81.42 -70.81 -7.52
CA ASN H 738 -82.30 -71.47 -8.46
C ASN H 738 -82.53 -72.93 -8.14
N ILE H 739 -82.64 -73.28 -6.86
CA ILE H 739 -82.89 -74.65 -6.50
C ILE H 739 -83.98 -74.79 -5.48
N ASN H 740 -84.83 -75.79 -5.71
CA ASN H 740 -85.88 -76.10 -4.77
C ASN H 740 -85.49 -77.28 -3.93
N ILE H 741 -85.80 -77.19 -2.65
CA ILE H 741 -85.54 -78.30 -1.77
C ILE H 741 -86.84 -78.95 -1.39
N ILE H 742 -86.88 -80.24 -1.56
CA ILE H 742 -88.02 -81.04 -1.23
C ILE H 742 -87.80 -81.53 0.17
N VAL H 743 -88.46 -80.92 1.13
CA VAL H 743 -88.20 -81.32 2.49
C VAL H 743 -89.11 -82.50 2.74
N THR H 744 -88.50 -83.60 3.14
CA THR H 744 -89.19 -84.84 3.39
C THR H 744 -90.24 -84.62 4.45
N ASP H 745 -91.45 -85.14 4.23
CA ASP H 745 -92.53 -84.98 5.20
C ASP H 745 -92.13 -85.51 6.57
N LYS H 746 -91.36 -86.59 6.59
CA LYS H 746 -90.89 -87.11 7.85
C LYS H 746 -90.17 -86.02 8.61
N ALA H 747 -89.27 -85.32 7.93
CA ALA H 747 -88.51 -84.26 8.54
C ALA H 747 -89.39 -83.10 8.97
N LYS H 748 -90.37 -82.71 8.15
CA LYS H 748 -91.18 -81.56 8.55
C LYS H 748 -91.97 -81.84 9.81
N ASP H 749 -92.49 -83.06 9.96
CA ASP H 749 -93.24 -83.33 11.17
C ASP H 749 -92.32 -83.60 12.32
N LYS H 750 -91.23 -84.33 12.10
CA LYS H 750 -90.32 -84.60 13.19
C LYS H 750 -89.78 -83.30 13.74
N ILE H 751 -89.39 -82.40 12.85
CA ILE H 751 -88.86 -81.13 13.28
C ILE H 751 -89.93 -80.35 14.06
N ALA H 752 -91.16 -80.24 13.55
CA ALA H 752 -92.18 -79.51 14.30
C ALA H 752 -92.41 -80.13 15.69
N GLU H 753 -92.44 -81.46 15.75
CA GLU H 753 -92.66 -82.18 16.99
C GLU H 753 -91.53 -82.08 18.02
N GLU H 754 -90.27 -82.18 17.59
CA GLU H 754 -89.17 -82.18 18.55
C GLU H 754 -88.53 -80.82 18.87
N GLY H 755 -88.34 -79.94 17.89
CA GLY H 755 -87.59 -78.70 18.16
C GLY H 755 -88.40 -77.60 18.83
N TYR H 756 -89.04 -77.90 19.95
CA TYR H 756 -89.88 -76.88 20.57
C TYR H 756 -89.81 -76.89 22.07
N ASP H 757 -89.65 -75.70 22.63
CA ASP H 757 -89.66 -75.52 24.06
C ASP H 757 -91.08 -75.24 24.50
N PRO H 758 -91.75 -76.14 25.23
CA PRO H 758 -93.14 -76.07 25.60
C PRO H 758 -93.62 -74.70 26.10
N GLU H 759 -92.75 -73.96 26.79
CA GLU H 759 -93.14 -72.66 27.34
C GLU H 759 -92.57 -71.50 26.54
N TYR H 760 -91.26 -71.57 26.32
CA TYR H 760 -90.50 -70.52 25.65
C TYR H 760 -90.91 -70.20 24.22
N GLY H 761 -91.06 -71.22 23.36
CA GLY H 761 -91.37 -70.89 21.98
C GLY H 761 -90.64 -71.74 20.94
N ALA H 762 -90.83 -71.37 19.66
CA ALA H 762 -90.30 -72.07 18.50
C ALA H 762 -88.89 -71.68 18.11
N ARG H 763 -88.23 -70.82 18.84
CA ARG H 763 -86.90 -70.52 18.36
C ARG H 763 -86.02 -71.78 18.24
N PRO H 764 -86.08 -72.82 19.12
CA PRO H 764 -85.36 -74.07 18.90
C PRO H 764 -85.83 -74.80 17.63
N LEU H 765 -87.05 -74.52 17.16
CA LEU H 765 -87.59 -75.13 15.94
C LEU H 765 -86.86 -74.56 14.76
N ILE H 766 -86.71 -73.25 14.80
CA ILE H 766 -86.00 -72.56 13.76
C ILE H 766 -84.58 -73.09 13.79
N ARG H 767 -84.01 -73.19 14.98
CA ARG H 767 -82.68 -73.76 15.08
C ARG H 767 -82.65 -75.21 14.60
N ALA H 768 -83.68 -76.02 14.87
CA ALA H 768 -83.70 -77.41 14.43
C ALA H 768 -83.60 -77.47 12.91
N ILE H 769 -84.22 -76.53 12.22
CA ILE H 769 -84.11 -76.53 10.78
C ILE H 769 -82.72 -76.13 10.36
N GLN H 770 -82.17 -75.08 10.97
CA GLN H 770 -80.84 -74.60 10.64
C GLN H 770 -79.80 -75.70 10.89
N LYS H 771 -80.03 -76.43 11.97
CA LYS H 771 -79.25 -77.54 12.47
C LYS H 771 -79.05 -78.61 11.42
N THR H 772 -79.99 -78.76 10.50
CA THR H 772 -79.90 -79.77 9.48
C THR H 772 -79.45 -79.18 8.15
N ILE H 773 -80.04 -78.06 7.74
CA ILE H 773 -79.73 -77.58 6.41
C ILE H 773 -78.27 -77.09 6.27
N GLU H 774 -77.66 -76.62 7.36
CA GLU H 774 -76.29 -76.12 7.27
C GLU H 774 -75.29 -77.17 6.81
N ASP H 775 -75.48 -78.46 7.13
CA ASP H 775 -74.54 -79.44 6.65
C ASP H 775 -75.17 -80.37 5.61
N ASN H 776 -76.33 -80.94 5.91
CA ASN H 776 -76.96 -81.91 5.05
C ASN H 776 -77.42 -81.39 3.70
N LEU H 777 -77.79 -80.12 3.57
CA LEU H 777 -78.20 -79.66 2.26
C LEU H 777 -77.17 -78.74 1.70
N SER H 778 -76.63 -77.91 2.56
CA SER H 778 -75.75 -76.87 2.12
C SER H 778 -74.33 -77.28 1.80
N GLU H 779 -73.80 -78.36 2.39
CA GLU H 779 -72.45 -78.74 2.02
C GLU H 779 -72.35 -79.02 0.55
N LEU H 780 -73.42 -79.53 -0.04
CA LEU H 780 -73.44 -79.84 -1.45
C LEU H 780 -73.05 -78.63 -2.30
N ILE H 781 -73.33 -77.42 -1.80
CA ILE H 781 -73.06 -76.18 -2.50
C ILE H 781 -71.56 -76.03 -2.71
N LEU H 782 -70.78 -76.42 -1.70
CA LEU H 782 -69.33 -76.35 -1.71
C LEU H 782 -68.73 -77.08 -2.91
N ASP H 783 -69.32 -78.21 -3.30
CA ASP H 783 -68.83 -78.95 -4.44
C ASP H 783 -69.57 -78.55 -5.70
N GLY H 784 -70.84 -78.18 -5.52
CA GLY H 784 -71.71 -77.89 -6.64
C GLY H 784 -72.47 -79.16 -7.00
N ASN H 785 -72.74 -79.99 -5.99
CA ASN H 785 -73.46 -81.25 -6.16
C ASN H 785 -74.91 -81.01 -6.51
N GLN H 786 -75.46 -79.90 -6.04
CA GLN H 786 -76.83 -79.57 -6.36
C GLN H 786 -76.72 -78.32 -7.21
N ILE H 787 -77.56 -78.22 -8.23
CA ILE H 787 -77.44 -77.09 -9.14
C ILE H 787 -78.73 -76.34 -9.44
N GLU H 788 -78.52 -75.23 -10.13
CA GLU H 788 -79.55 -74.35 -10.61
C GLU H 788 -80.50 -75.09 -11.55
N GLY H 789 -81.79 -74.84 -11.42
CA GLY H 789 -82.82 -75.41 -12.27
C GLY H 789 -83.26 -76.79 -11.82
N LYS H 790 -82.67 -77.29 -10.74
CA LYS H 790 -82.97 -78.61 -10.23
C LYS H 790 -83.62 -78.56 -8.88
N LYS H 791 -83.94 -79.73 -8.37
CA LYS H 791 -84.47 -79.86 -7.04
C LYS H 791 -83.93 -81.14 -6.44
N VAL H 792 -83.74 -81.12 -5.14
CA VAL H 792 -83.20 -82.27 -4.42
C VAL H 792 -84.01 -82.61 -3.20
N THR H 793 -83.83 -83.81 -2.66
CA THR H 793 -84.50 -84.16 -1.41
C THR H 793 -83.54 -84.90 -0.48
N VAL H 794 -84.07 -85.36 0.66
CA VAL H 794 -83.32 -86.05 1.68
C VAL H 794 -84.08 -87.30 2.13
N THR I 162 -57.69 -13.10 -11.19
CA THR I 162 -56.31 -13.52 -11.38
C THR I 162 -56.17 -14.99 -11.76
N LEU I 163 -56.87 -15.87 -11.04
CA LEU I 163 -56.81 -17.32 -11.26
C LEU I 163 -55.41 -17.94 -11.12
N ASP I 164 -54.75 -17.62 -10.02
CA ASP I 164 -53.42 -18.10 -9.63
C ASP I 164 -53.52 -19.49 -8.96
N SER I 165 -52.48 -19.91 -8.22
CA SER I 165 -52.40 -21.25 -7.59
C SER I 165 -53.56 -21.57 -6.62
N LEU I 166 -54.37 -20.57 -6.30
CA LEU I 166 -55.51 -20.82 -5.46
C LEU I 166 -56.77 -21.06 -6.31
N ALA I 167 -56.55 -21.24 -7.61
CA ALA I 167 -57.54 -21.53 -8.63
C ALA I 167 -56.92 -22.44 -9.71
N ARG I 168 -56.50 -23.65 -9.34
CA ARG I 168 -55.81 -24.56 -10.26
C ARG I 168 -56.83 -25.28 -11.14
N ASP I 169 -56.97 -24.84 -12.38
CA ASP I 169 -58.07 -25.31 -13.23
C ASP I 169 -58.07 -26.81 -13.55
N LEU I 170 -59.15 -27.49 -13.14
CA LEU I 170 -59.32 -28.92 -13.37
C LEU I 170 -60.29 -29.13 -14.51
N THR I 171 -61.26 -28.22 -14.60
CA THR I 171 -62.31 -28.22 -15.61
C THR I 171 -61.71 -28.25 -17.00
N VAL I 172 -60.67 -27.46 -17.22
CA VAL I 172 -60.02 -27.41 -18.51
C VAL I 172 -59.47 -28.78 -18.93
N ILE I 173 -59.12 -29.64 -17.98
CA ILE I 173 -58.55 -30.91 -18.32
C ILE I 173 -59.74 -31.74 -18.80
N ALA I 174 -60.86 -31.61 -18.08
CA ALA I 174 -62.06 -32.33 -18.49
C ALA I 174 -62.46 -31.94 -19.91
N LYS I 175 -62.35 -30.65 -20.21
CA LYS I 175 -62.67 -30.12 -21.53
C LYS I 175 -61.69 -30.65 -22.58
N ASP I 176 -60.41 -30.73 -22.23
CA ASP I 176 -59.40 -31.30 -23.12
C ASP I 176 -59.75 -32.77 -23.41
N GLY I 177 -60.36 -33.45 -22.44
CA GLY I 177 -60.77 -34.83 -22.60
C GLY I 177 -59.82 -35.82 -21.97
N THR I 178 -59.04 -35.39 -20.97
CA THR I 178 -58.10 -36.32 -20.34
C THR I 178 -58.34 -36.67 -18.87
N LEU I 179 -59.48 -36.30 -18.26
CA LEU I 179 -59.72 -36.71 -16.86
C LEU I 179 -60.47 -38.01 -16.70
N ASP I 180 -60.16 -38.70 -15.61
CA ASP I 180 -60.77 -39.94 -15.16
C ASP I 180 -62.22 -39.75 -14.64
N PRO I 181 -63.25 -40.34 -15.28
CA PRO I 181 -64.65 -40.23 -14.89
C PRO I 181 -64.88 -41.17 -13.72
N VAL I 182 -64.30 -40.80 -12.59
CA VAL I 182 -64.21 -41.69 -11.46
C VAL I 182 -65.51 -42.36 -11.05
N ILE I 183 -65.37 -43.66 -10.94
CA ILE I 183 -66.42 -44.60 -10.65
C ILE I 183 -67.08 -44.42 -9.31
N GLY I 184 -68.41 -44.48 -9.33
CA GLY I 184 -69.20 -44.45 -8.12
C GLY I 184 -69.40 -43.08 -7.53
N ARG I 185 -68.88 -42.03 -8.16
CA ARG I 185 -69.01 -40.72 -7.58
C ARG I 185 -70.23 -39.97 -8.08
N ASP I 186 -71.07 -40.62 -8.87
CA ASP I 186 -72.27 -39.99 -9.43
C ASP I 186 -73.20 -39.42 -8.36
N LYS I 187 -73.36 -40.10 -7.22
CA LYS I 187 -74.27 -39.56 -6.22
C LYS I 187 -73.69 -38.35 -5.53
N GLU I 188 -72.40 -38.39 -5.25
CA GLU I 188 -71.73 -37.30 -4.58
C GLU I 188 -71.69 -36.11 -5.50
N ILE I 189 -71.39 -36.34 -6.78
CA ILE I 189 -71.33 -35.27 -7.75
C ILE I 189 -72.68 -34.62 -7.87
N THR I 190 -73.74 -35.41 -7.97
CA THR I 190 -75.05 -34.81 -8.05
C THR I 190 -75.38 -33.98 -6.80
N ARG I 191 -75.13 -34.53 -5.60
CA ARG I 191 -75.44 -33.74 -4.41
C ARG I 191 -74.62 -32.47 -4.34
N VAL I 192 -73.36 -32.56 -4.69
CA VAL I 192 -72.52 -31.38 -4.67
C VAL I 192 -73.07 -30.33 -5.60
N ILE I 193 -73.40 -30.72 -6.81
CA ILE I 193 -73.93 -29.80 -7.79
C ILE I 193 -75.24 -29.17 -7.35
N GLU I 194 -76.15 -29.97 -6.81
CA GLU I 194 -77.42 -29.43 -6.39
C GLU I 194 -77.22 -28.36 -5.32
N VAL I 195 -76.32 -28.61 -4.38
CA VAL I 195 -76.04 -27.65 -3.32
C VAL I 195 -75.46 -26.38 -3.90
N LEU I 196 -74.64 -26.50 -4.90
CA LEU I 196 -74.00 -25.35 -5.50
C LEU I 196 -74.92 -24.51 -6.39
N SER I 197 -76.20 -24.90 -6.48
CA SER I 197 -77.21 -24.12 -7.15
C SER I 197 -77.75 -23.09 -6.15
N ARG I 198 -77.36 -23.24 -4.87
CA ARG I 198 -77.86 -22.38 -3.83
C ARG I 198 -77.07 -21.08 -3.88
N ARG I 199 -77.68 -19.99 -3.48
CA ARG I 199 -76.98 -18.73 -3.52
C ARG I 199 -76.12 -18.53 -2.28
N THR I 200 -76.63 -18.95 -1.12
CA THR I 200 -75.91 -18.75 0.13
C THR I 200 -75.42 -20.08 0.64
N LYS I 201 -76.24 -21.14 0.61
CA LYS I 201 -75.74 -22.45 1.06
C LYS I 201 -75.04 -23.10 -0.09
N ASN I 202 -73.98 -22.47 -0.50
CA ASN I 202 -73.27 -22.75 -1.72
C ASN I 202 -71.98 -23.47 -1.41
N ASN I 203 -72.02 -24.26 -0.36
CA ASN I 203 -70.87 -25.00 0.10
C ASN I 203 -71.23 -26.42 0.52
N PRO I 204 -71.28 -27.39 -0.38
CA PRO I 204 -71.50 -28.73 0.01
C PRO I 204 -70.24 -29.12 0.72
N VAL I 205 -70.38 -29.84 1.79
CA VAL I 205 -69.24 -30.32 2.54
C VAL I 205 -69.15 -31.80 2.31
N LEU I 206 -68.09 -32.22 1.69
CA LEU I 206 -67.90 -33.59 1.28
C LEU I 206 -67.32 -34.32 2.48
N ILE I 207 -68.19 -34.78 3.34
CA ILE I 207 -67.74 -35.33 4.61
C ILE I 207 -67.39 -36.80 4.43
N GLY I 208 -66.15 -37.20 4.70
CA GLY I 208 -65.75 -38.60 4.52
C GLY I 208 -64.31 -38.84 4.95
N GLU I 209 -63.83 -40.07 4.84
CA GLU I 209 -62.49 -40.38 5.32
C GLU I 209 -61.38 -39.68 4.51
N PRO I 210 -60.28 -39.24 5.16
CA PRO I 210 -59.08 -38.66 4.56
C PRO I 210 -58.13 -39.69 3.98
N GLY I 211 -57.37 -39.32 2.95
CA GLY I 211 -56.30 -40.20 2.43
C GLY I 211 -56.83 -41.46 1.74
N VAL I 212 -58.07 -41.41 1.29
CA VAL I 212 -58.72 -42.57 0.73
C VAL I 212 -59.13 -42.52 -0.72
N GLY I 213 -59.03 -41.36 -1.37
CA GLY I 213 -59.50 -41.29 -2.75
C GLY I 213 -60.65 -40.29 -2.94
N LYS I 214 -61.01 -39.54 -1.90
CA LYS I 214 -62.07 -38.54 -2.02
C LYS I 214 -61.69 -37.41 -2.98
N THR I 215 -60.39 -37.29 -3.29
CA THR I 215 -59.87 -36.26 -4.20
C THR I 215 -60.39 -36.52 -5.62
N ALA I 216 -60.80 -37.77 -5.86
CA ALA I 216 -61.36 -38.21 -7.12
C ALA I 216 -62.60 -37.40 -7.43
N ILE I 217 -63.29 -36.97 -6.39
CA ILE I 217 -64.51 -36.23 -6.57
C ILE I 217 -64.17 -34.94 -7.28
N ALA I 218 -63.05 -34.28 -6.98
CA ALA I 218 -62.76 -33.05 -7.70
C ALA I 218 -62.64 -33.32 -9.19
N GLU I 219 -62.00 -34.43 -9.56
CA GLU I 219 -61.88 -34.75 -10.99
C GLU I 219 -63.27 -35.03 -11.57
N GLY I 220 -64.08 -35.71 -10.79
CA GLY I 220 -65.44 -36.03 -11.19
C GLY I 220 -66.22 -34.74 -11.47
N LEU I 221 -66.17 -33.82 -10.53
CA LEU I 221 -66.86 -32.54 -10.63
C LEU I 221 -66.35 -31.70 -11.78
N ALA I 222 -65.06 -31.73 -12.03
CA ALA I 222 -64.47 -30.98 -13.13
C ALA I 222 -65.11 -31.40 -14.45
N GLN I 223 -65.45 -32.69 -14.57
CA GLN I 223 -66.06 -33.24 -15.78
C GLN I 223 -67.57 -33.07 -15.80
N ALA I 224 -68.15 -32.64 -14.72
CA ALA I 224 -69.57 -32.53 -14.70
C ALA I 224 -70.00 -31.44 -15.68
N ILE I 225 -69.22 -30.34 -15.74
CA ILE I 225 -69.67 -29.30 -16.67
C ILE I 225 -69.40 -29.66 -18.14
N VAL I 226 -68.35 -30.42 -18.46
CA VAL I 226 -68.12 -30.77 -19.86
C VAL I 226 -69.22 -31.69 -20.40
N ASN I 227 -69.81 -32.49 -19.50
CA ASN I 227 -70.86 -33.41 -19.88
C ASN I 227 -72.26 -32.86 -19.56
N ASN I 228 -72.37 -31.56 -19.23
CA ASN I 228 -73.61 -30.87 -18.90
C ASN I 228 -74.47 -31.46 -17.76
N GLU I 229 -73.83 -31.89 -16.67
CA GLU I 229 -74.56 -32.39 -15.48
C GLU I 229 -74.77 -31.22 -14.52
N VAL I 230 -74.25 -30.08 -14.93
CA VAL I 230 -74.15 -28.87 -14.16
C VAL I 230 -74.97 -27.67 -14.64
N PRO I 231 -75.73 -27.00 -13.74
CA PRO I 231 -76.49 -25.80 -13.96
C PRO I 231 -75.49 -24.64 -14.06
N GLU I 232 -75.92 -23.58 -14.70
CA GLU I 232 -75.16 -22.35 -14.92
C GLU I 232 -74.28 -21.81 -13.78
N THR I 233 -74.59 -22.10 -12.51
CA THR I 233 -73.82 -21.51 -11.40
C THR I 233 -72.38 -21.99 -11.37
N LEU I 234 -72.10 -23.14 -11.98
CA LEU I 234 -70.73 -23.64 -12.02
C LEU I 234 -70.16 -23.58 -13.44
N LYS I 235 -70.84 -22.86 -14.33
CA LYS I 235 -70.37 -22.78 -15.71
C LYS I 235 -69.28 -21.72 -15.84
N ASP I 236 -69.48 -20.57 -15.19
CA ASP I 236 -68.49 -19.50 -15.19
C ASP I 236 -67.50 -19.96 -14.16
N LYS I 237 -68.03 -20.33 -13.01
CA LYS I 237 -67.24 -20.77 -11.89
C LYS I 237 -66.84 -22.22 -12.10
N ARG I 238 -65.81 -22.39 -12.92
CA ARG I 238 -65.29 -23.69 -13.34
C ARG I 238 -64.69 -24.39 -12.15
N VAL I 239 -64.69 -25.71 -12.13
CA VAL I 239 -64.06 -26.34 -10.98
C VAL I 239 -62.57 -26.26 -11.13
N MET I 240 -61.94 -25.68 -10.11
CA MET I 240 -60.52 -25.53 -10.03
C MET I 240 -60.15 -25.91 -8.61
N SER I 241 -58.94 -26.37 -8.36
CA SER I 241 -58.59 -26.69 -6.98
C SER I 241 -57.84 -25.57 -6.26
N LEU I 242 -58.26 -25.33 -5.02
CA LEU I 242 -57.66 -24.32 -4.17
C LEU I 242 -56.58 -24.84 -3.25
N ASP I 243 -55.35 -24.35 -3.40
CA ASP I 243 -54.28 -24.79 -2.52
C ASP I 243 -54.44 -24.03 -1.21
N MET I 244 -55.46 -24.38 -0.40
CA MET I 244 -55.78 -23.59 0.80
C MET I 244 -54.77 -23.88 1.90
N GLY I 245 -53.63 -23.27 1.75
CA GLY I 245 -52.50 -23.44 2.62
C GLY I 245 -52.09 -22.11 3.18
N THR I 246 -51.42 -22.16 4.31
CA THR I 246 -50.93 -20.99 4.96
C THR I 246 -49.44 -20.86 4.66
N VAL I 247 -49.15 -19.97 3.71
CA VAL I 247 -47.81 -19.82 3.17
C VAL I 247 -47.23 -18.46 3.47
N GLY I 255 -45.53 -10.44 4.04
CA GLY I 255 -46.94 -10.76 4.18
C GLY I 255 -47.17 -11.94 5.11
N GLU I 256 -48.36 -11.99 5.70
CA GLU I 256 -48.76 -13.04 6.61
C GLU I 256 -49.33 -14.22 5.85
N PHE I 257 -49.58 -15.30 6.55
CA PHE I 257 -50.11 -16.46 5.87
C PHE I 257 -51.55 -16.25 5.50
N GLU I 258 -52.34 -15.81 6.47
CA GLU I 258 -53.76 -15.59 6.23
C GLU I 258 -53.94 -14.46 5.23
N GLU I 259 -52.95 -13.58 5.16
CA GLU I 259 -52.97 -12.45 4.26
C GLU I 259 -52.84 -12.89 2.83
N ARG I 260 -51.88 -13.75 2.52
CA ARG I 260 -51.77 -14.16 1.14
C ARG I 260 -53.03 -14.89 0.71
N LEU I 261 -53.59 -15.69 1.61
CA LEU I 261 -54.81 -16.39 1.24
C LEU I 261 -55.95 -15.41 1.03
N LYS I 262 -56.21 -14.51 1.99
CA LYS I 262 -57.32 -13.56 1.81
C LYS I 262 -57.11 -12.62 0.63
N LYS I 263 -55.88 -12.14 0.46
CA LYS I 263 -55.57 -11.24 -0.64
C LYS I 263 -55.94 -11.88 -1.94
N VAL I 264 -55.46 -13.09 -2.13
CA VAL I 264 -55.72 -13.79 -3.35
C VAL I 264 -57.18 -14.15 -3.47
N MET I 265 -57.85 -14.53 -2.38
CA MET I 265 -59.27 -14.78 -2.56
C MET I 265 -59.96 -13.57 -3.16
N GLU I 266 -59.61 -12.35 -2.78
CA GLU I 266 -60.28 -11.24 -3.41
C GLU I 266 -59.88 -11.18 -4.90
N GLU I 267 -58.61 -11.49 -5.21
CA GLU I 267 -58.15 -11.50 -6.60
C GLU I 267 -58.95 -12.52 -7.42
N ILE I 268 -59.29 -13.63 -6.79
CA ILE I 268 -60.08 -14.66 -7.43
C ILE I 268 -61.52 -14.25 -7.60
N GLN I 269 -62.13 -13.65 -6.58
CA GLN I 269 -63.49 -13.19 -6.75
C GLN I 269 -63.56 -12.28 -7.97
N GLN I 270 -62.54 -11.43 -8.12
CA GLN I 270 -62.43 -10.53 -9.24
C GLN I 270 -62.31 -11.31 -10.57
N ALA I 271 -61.64 -12.47 -10.56
CA ALA I 271 -61.53 -13.25 -11.79
C ALA I 271 -62.91 -13.56 -12.32
N GLY I 272 -63.81 -13.92 -11.38
CA GLY I 272 -65.22 -14.17 -11.67
C GLY I 272 -65.51 -15.50 -12.33
N ASN I 273 -64.48 -16.34 -12.49
CA ASN I 273 -64.64 -17.60 -13.21
C ASN I 273 -64.15 -18.88 -12.53
N VAL I 274 -64.20 -18.94 -11.20
CA VAL I 274 -63.78 -20.15 -10.49
C VAL I 274 -64.54 -20.55 -9.25
N ILE I 275 -64.74 -21.87 -9.11
CA ILE I 275 -65.26 -22.41 -7.87
C ILE I 275 -64.09 -23.14 -7.18
N LEU I 276 -63.93 -22.84 -5.92
CA LEU I 276 -62.80 -23.30 -5.15
C LEU I 276 -62.92 -24.70 -4.55
N PHE I 277 -62.57 -25.71 -5.33
CA PHE I 277 -62.63 -27.07 -4.79
C PHE I 277 -61.54 -27.16 -3.70
N ILE I 278 -61.84 -27.68 -2.51
CA ILE I 278 -60.84 -27.80 -1.46
C ILE I 278 -60.89 -29.23 -0.89
N ASP I 279 -59.75 -29.91 -0.75
CA ASP I 279 -59.77 -31.28 -0.15
C ASP I 279 -59.63 -31.26 1.38
N GLU I 280 -59.42 -30.06 1.89
CA GLU I 280 -59.21 -29.65 3.28
C GLU I 280 -60.10 -28.44 3.56
N LEU I 281 -61.39 -28.61 3.28
CA LEU I 281 -62.33 -27.50 3.32
C LEU I 281 -62.40 -26.76 4.60
N HIS I 282 -62.24 -25.47 4.45
CA HIS I 282 -62.29 -24.51 5.50
C HIS I 282 -61.30 -24.84 6.60
N THR I 283 -60.12 -25.31 6.23
CA THR I 283 -59.12 -25.61 7.24
C THR I 283 -58.80 -24.37 8.07
N LEU I 284 -58.64 -24.59 9.37
CA LEU I 284 -58.40 -23.48 10.27
C LEU I 284 -57.06 -23.52 10.97
N VAL I 285 -56.52 -22.32 11.12
CA VAL I 285 -55.28 -22.01 11.81
C VAL I 285 -55.47 -20.81 12.72
N GLY I 286 -54.53 -20.61 13.64
CA GLY I 286 -54.50 -19.45 14.51
C GLY I 286 -53.75 -18.27 13.88
N ALA I 287 -53.37 -18.41 12.62
CA ALA I 287 -52.62 -17.41 11.87
C ALA I 287 -53.59 -16.52 11.12
N ALA I 296 -56.41 -15.77 13.84
CA ALA I 296 -57.71 -15.50 13.25
C ALA I 296 -58.26 -16.72 12.57
N SER I 297 -59.29 -17.32 13.16
CA SER I 297 -59.89 -18.49 12.54
C SER I 297 -60.85 -18.07 11.43
N ASN I 298 -61.16 -16.78 11.33
CA ASN I 298 -62.15 -16.32 10.35
C ASN I 298 -61.52 -16.15 8.96
N ILE I 299 -61.07 -17.27 8.43
CA ILE I 299 -60.38 -17.31 7.15
C ILE I 299 -61.27 -18.04 6.16
N LEU I 300 -61.56 -17.36 5.05
CA LEU I 300 -62.48 -17.80 4.00
C LEU I 300 -63.91 -17.82 4.58
N LYS I 301 -64.07 -17.22 5.77
CA LYS I 301 -65.35 -17.16 6.43
C LYS I 301 -66.26 -16.10 5.81
N PRO I 302 -65.87 -14.81 5.66
CA PRO I 302 -66.72 -13.81 5.04
C PRO I 302 -66.99 -14.16 3.60
N ALA I 303 -66.08 -14.94 3.03
CA ALA I 303 -66.18 -15.38 1.67
C ALA I 303 -67.44 -16.19 1.48
N LEU I 304 -67.52 -17.30 2.19
CA LEU I 304 -68.72 -18.10 2.06
C LEU I 304 -69.92 -17.43 2.72
N ALA I 305 -69.72 -16.70 3.81
CA ALA I 305 -70.84 -16.05 4.46
C ALA I 305 -71.59 -15.12 3.49
N ARG I 306 -70.85 -14.44 2.61
CA ARG I 306 -71.42 -13.55 1.62
C ARG I 306 -72.03 -14.25 0.40
N GLY I 307 -71.86 -15.57 0.28
CA GLY I 307 -72.34 -16.30 -0.88
C GLY I 307 -71.36 -16.19 -2.04
N GLU I 308 -70.18 -15.65 -1.76
CA GLU I 308 -69.15 -15.43 -2.77
C GLU I 308 -67.99 -16.35 -2.56
N LEU I 309 -67.07 -16.39 -3.52
CA LEU I 309 -65.96 -17.31 -3.38
C LEU I 309 -66.48 -18.68 -3.05
N GLN I 310 -67.47 -19.08 -3.83
CA GLN I 310 -68.15 -20.33 -3.69
C GLN I 310 -67.10 -21.43 -3.63
N CYS I 311 -67.24 -22.33 -2.67
CA CYS I 311 -66.30 -23.43 -2.49
C CYS I 311 -66.98 -24.77 -2.52
N ILE I 312 -66.22 -25.79 -2.87
CA ILE I 312 -66.70 -27.16 -2.80
C ILE I 312 -65.68 -27.88 -2.02
N GLY I 313 -65.98 -28.62 -0.99
CA GLY I 313 -64.79 -29.27 -0.49
C GLY I 313 -65.01 -30.30 0.55
N ALA I 314 -63.98 -31.05 0.80
CA ALA I 314 -64.08 -32.13 1.73
C ALA I 314 -63.52 -31.87 3.10
N THR I 315 -64.19 -32.52 4.02
CA THR I 315 -63.90 -32.59 5.43
C THR I 315 -63.98 -34.05 5.83
N THR I 316 -63.76 -34.33 7.10
CA THR I 316 -63.80 -35.66 7.67
C THR I 316 -64.73 -35.58 8.86
N LEU I 317 -64.95 -36.66 9.58
CA LEU I 317 -65.80 -36.51 10.75
C LEU I 317 -65.30 -35.39 11.66
N ASP I 318 -64.01 -35.40 11.94
CA ASP I 318 -63.49 -34.38 12.81
C ASP I 318 -63.30 -33.06 12.11
N GLU I 319 -62.82 -33.03 10.87
CA GLU I 319 -62.63 -31.74 10.21
C GLU I 319 -63.98 -31.06 10.02
N TYR I 320 -65.03 -31.83 9.76
CA TYR I 320 -66.35 -31.26 9.63
C TYR I 320 -66.81 -30.55 10.87
N ARG I 321 -66.74 -31.22 12.01
CA ARG I 321 -67.21 -30.56 13.21
C ARG I 321 -66.26 -29.42 13.58
N LYS I 322 -64.97 -29.69 13.44
CA LYS I 322 -63.90 -28.77 13.77
C LYS I 322 -63.93 -27.47 13.00
N ASN I 323 -64.21 -27.55 11.70
CA ASN I 323 -64.18 -26.38 10.86
C ASN I 323 -65.54 -25.84 10.43
N ILE I 324 -66.49 -26.70 10.09
CA ILE I 324 -67.74 -26.20 9.51
C ILE I 324 -68.68 -25.81 10.61
N GLU I 325 -69.01 -26.75 11.48
CA GLU I 325 -69.94 -26.40 12.54
C GLU I 325 -69.31 -25.34 13.44
N LYS I 326 -68.01 -25.47 13.74
CA LYS I 326 -67.30 -24.49 14.56
C LYS I 326 -67.29 -23.10 13.97
N ASP I 327 -67.07 -22.98 12.65
CA ASP I 327 -67.07 -21.66 12.01
C ASP I 327 -68.37 -20.96 12.30
N ALA I 328 -69.43 -21.72 12.12
CA ALA I 328 -70.83 -21.40 12.31
C ALA I 328 -71.41 -20.39 11.30
N ALA I 329 -70.63 -19.93 10.31
CA ALA I 329 -71.23 -19.14 9.24
C ALA I 329 -71.59 -20.18 8.23
N LEU I 330 -70.63 -21.10 8.04
CA LEU I 330 -70.82 -22.19 7.11
C LEU I 330 -72.06 -22.94 7.53
N GLU I 331 -72.33 -23.05 8.84
CA GLU I 331 -73.50 -23.71 9.39
C GLU I 331 -74.80 -23.27 8.71
N ARG I 332 -74.92 -21.98 8.37
CA ARG I 332 -76.14 -21.49 7.75
C ARG I 332 -75.94 -21.43 6.23
N ARG I 333 -74.70 -21.67 5.82
CA ARG I 333 -74.22 -21.61 4.45
C ARG I 333 -73.64 -22.94 3.91
N PHE I 334 -74.01 -24.12 4.44
CA PHE I 334 -73.41 -25.33 3.86
C PHE I 334 -74.45 -26.42 3.81
N GLN I 335 -74.12 -27.50 3.12
CA GLN I 335 -74.98 -28.70 3.14
C GLN I 335 -74.14 -29.98 3.38
N PRO I 336 -74.65 -30.94 4.17
CA PRO I 336 -73.99 -32.17 4.59
C PRO I 336 -73.93 -33.27 3.55
N VAL I 337 -73.17 -33.02 2.51
CA VAL I 337 -73.00 -34.01 1.47
C VAL I 337 -72.06 -35.10 1.96
N GLN I 338 -72.52 -36.32 2.03
CA GLN I 338 -71.60 -37.33 2.54
C GLN I 338 -70.84 -37.89 1.35
N VAL I 339 -69.57 -38.26 1.56
CA VAL I 339 -68.84 -38.90 0.47
C VAL I 339 -68.20 -40.17 0.98
N ASP I 340 -68.07 -41.15 0.10
CA ASP I 340 -67.50 -42.43 0.49
C ASP I 340 -67.06 -43.20 -0.75
N GLU I 341 -66.53 -44.39 -0.54
CA GLU I 341 -66.16 -45.27 -1.63
C GLU I 341 -67.45 -45.62 -2.38
N PRO I 342 -67.40 -46.02 -3.65
CA PRO I 342 -68.55 -46.41 -4.41
C PRO I 342 -69.45 -47.31 -3.59
N SER I 343 -69.43 -50.25 -6.37
CA SER I 343 -69.00 -51.47 -5.69
C SER I 343 -67.85 -52.17 -6.43
N VAL I 344 -67.67 -53.46 -6.18
CA VAL I 344 -66.57 -54.20 -6.81
C VAL I 344 -66.73 -54.35 -8.30
N VAL I 345 -67.89 -54.74 -8.78
CA VAL I 345 -67.99 -54.90 -10.21
C VAL I 345 -67.78 -53.57 -10.89
N ASP I 346 -68.39 -52.54 -10.34
CA ASP I 346 -68.28 -51.20 -10.89
C ASP I 346 -66.80 -50.79 -10.96
N THR I 347 -66.08 -51.06 -9.88
CA THR I 347 -64.66 -50.77 -9.80
C THR I 347 -63.88 -51.55 -10.82
N VAL I 348 -64.16 -52.84 -10.94
CA VAL I 348 -63.46 -53.65 -11.92
C VAL I 348 -63.72 -53.07 -13.29
N ALA I 349 -64.96 -52.74 -13.59
CA ALA I 349 -65.31 -52.20 -14.88
C ALA I 349 -64.58 -50.91 -15.22
N ILE I 350 -64.46 -49.96 -14.29
CA ILE I 350 -63.73 -48.75 -14.68
C ILE I 350 -62.28 -49.07 -14.88
N LEU I 351 -61.74 -49.92 -14.02
CA LEU I 351 -60.34 -50.23 -14.11
C LEU I 351 -60.07 -50.96 -15.41
N LYS I 352 -60.96 -51.84 -15.85
CA LYS I 352 -60.78 -52.48 -17.13
C LYS I 352 -60.84 -51.42 -18.23
N GLY I 353 -61.77 -50.48 -18.11
CA GLY I 353 -61.89 -49.39 -19.08
C GLY I 353 -60.60 -48.58 -19.20
N LEU I 354 -59.90 -48.43 -18.09
CA LEU I 354 -58.67 -47.67 -18.01
C LEU I 354 -57.46 -48.61 -17.97
N ARG I 355 -57.67 -49.89 -18.31
CA ARG I 355 -56.68 -50.95 -18.19
C ARG I 355 -55.28 -50.63 -18.69
N ASP I 356 -55.15 -50.21 -19.93
CA ASP I 356 -53.80 -49.94 -20.41
C ASP I 356 -53.49 -48.45 -20.42
N ARG I 357 -54.40 -47.66 -19.84
CA ARG I 357 -54.25 -46.22 -19.74
C ARG I 357 -53.02 -45.86 -18.96
N TYR I 358 -52.73 -46.66 -17.95
CA TYR I 358 -51.60 -46.37 -17.12
C TYR I 358 -50.46 -47.33 -17.43
N GLU I 359 -50.75 -48.62 -17.59
CA GLU I 359 -49.70 -49.58 -17.90
C GLU I 359 -48.88 -49.22 -19.12
N ALA I 360 -49.49 -48.63 -20.13
CA ALA I 360 -48.74 -48.29 -21.32
C ALA I 360 -47.59 -47.32 -21.02
N HIS I 361 -47.76 -46.42 -20.04
CA HIS I 361 -46.77 -45.40 -19.74
C HIS I 361 -45.58 -45.96 -19.03
N HIS I 362 -45.74 -47.17 -18.51
CA HIS I 362 -44.75 -47.81 -17.70
C HIS I 362 -44.08 -48.92 -18.52
N ARG I 363 -44.38 -48.91 -19.82
CA ARG I 363 -43.89 -49.85 -20.82
C ARG I 363 -44.28 -51.28 -20.47
N ILE I 364 -45.50 -51.43 -19.96
CA ILE I 364 -46.09 -52.70 -19.60
C ILE I 364 -47.54 -52.81 -20.06
N ASN I 365 -48.13 -54.00 -19.89
CA ASN I 365 -49.57 -54.24 -20.14
C ASN I 365 -50.24 -55.08 -19.07
N ILE I 366 -51.58 -55.10 -19.09
CA ILE I 366 -52.33 -55.91 -18.12
C ILE I 366 -53.60 -56.56 -18.70
N SER I 367 -53.93 -57.78 -18.26
CA SER I 367 -55.16 -58.45 -18.66
C SER I 367 -56.37 -57.91 -17.90
N ASP I 368 -57.55 -58.26 -18.34
CA ASP I 368 -58.75 -57.79 -17.68
C ASP I 368 -59.01 -58.63 -16.45
N GLU I 369 -58.67 -59.89 -16.54
CA GLU I 369 -58.81 -60.80 -15.44
C GLU I 369 -57.89 -60.37 -14.31
N ALA I 370 -56.68 -59.89 -14.65
CA ALA I 370 -55.78 -59.41 -13.62
C ALA I 370 -56.43 -58.26 -12.87
N ILE I 371 -57.13 -57.39 -13.60
CA ILE I 371 -57.82 -56.32 -12.91
C ILE I 371 -58.90 -56.85 -12.01
N GLU I 372 -59.70 -57.76 -12.51
CA GLU I 372 -60.75 -58.27 -11.64
C GLU I 372 -60.19 -58.89 -10.37
N ALA I 373 -59.16 -59.73 -10.51
CA ALA I 373 -58.54 -60.37 -9.36
C ALA I 373 -57.96 -59.34 -8.42
N ALA I 374 -57.28 -58.32 -8.95
CA ALA I 374 -56.70 -57.30 -8.10
C ALA I 374 -57.74 -56.54 -7.29
N VAL I 375 -58.88 -56.23 -7.89
CA VAL I 375 -59.88 -55.47 -7.17
C VAL I 375 -60.47 -56.31 -6.05
N LYS I 376 -60.83 -57.55 -6.37
CA LYS I 376 -61.43 -58.41 -5.38
C LYS I 376 -60.48 -58.80 -4.26
N LEU I 377 -59.26 -59.13 -4.60
CA LEU I 377 -58.31 -59.50 -3.58
C LEU I 377 -57.97 -58.28 -2.75
N SER I 378 -57.91 -57.10 -3.37
CA SER I 378 -57.67 -55.90 -2.61
C SER I 378 -58.77 -55.70 -1.63
N ASN I 379 -60.01 -55.85 -2.07
CA ASN I 379 -61.11 -55.66 -1.15
C ASN I 379 -61.06 -56.65 0.01
N ARG I 380 -60.49 -57.83 -0.19
CA ARG I 380 -60.39 -58.79 0.89
C ARG I 380 -59.22 -58.53 1.84
N TYR I 381 -58.09 -58.01 1.35
CA TYR I 381 -56.92 -57.88 2.21
C TYR I 381 -56.44 -56.45 2.52
N VAL I 382 -56.79 -55.48 1.69
CA VAL I 382 -56.32 -54.11 1.83
C VAL I 382 -57.39 -53.29 2.55
N SER I 383 -56.97 -52.60 3.61
CA SER I 383 -57.89 -51.86 4.47
C SER I 383 -57.63 -50.36 4.64
N ASP I 384 -56.87 -49.72 3.75
CA ASP I 384 -56.53 -48.31 3.93
C ASP I 384 -57.05 -47.26 2.92
N ARG I 385 -57.94 -47.61 1.99
CA ARG I 385 -58.43 -46.60 1.03
C ARG I 385 -59.83 -46.96 0.54
N PHE I 386 -60.44 -46.06 -0.24
CA PHE I 386 -61.74 -46.34 -0.84
C PHE I 386 -61.55 -47.45 -1.82
N LEU I 387 -62.56 -48.29 -2.02
CA LEU I 387 -62.42 -49.43 -2.92
C LEU I 387 -61.63 -49.22 -4.22
N PRO I 388 -61.96 -48.32 -5.15
CA PRO I 388 -61.23 -48.14 -6.40
C PRO I 388 -59.80 -47.66 -6.24
N ASP I 389 -59.50 -47.08 -5.10
CA ASP I 389 -58.19 -46.57 -4.86
C ASP I 389 -57.38 -47.70 -4.25
N LYS I 390 -57.94 -48.38 -3.24
CA LYS I 390 -57.19 -49.50 -2.73
C LYS I 390 -57.13 -50.60 -3.77
N ALA I 391 -58.10 -50.63 -4.70
CA ALA I 391 -58.10 -51.62 -5.74
C ALA I 391 -57.03 -51.33 -6.74
N ILE I 392 -56.95 -50.07 -7.21
CA ILE I 392 -55.92 -49.78 -8.18
C ILE I 392 -54.58 -50.00 -7.55
N ASP I 393 -54.46 -49.85 -6.24
CA ASP I 393 -53.19 -50.10 -5.60
C ASP I 393 -52.72 -51.55 -5.78
N LEU I 394 -53.60 -52.57 -5.83
CA LEU I 394 -53.01 -53.89 -6.06
C LEU I 394 -52.74 -54.06 -7.50
N ILE I 395 -53.50 -53.39 -8.35
CA ILE I 395 -53.20 -53.48 -9.75
C ILE I 395 -51.82 -52.91 -9.93
N ASP I 396 -51.59 -51.78 -9.27
CA ASP I 396 -50.33 -51.11 -9.31
C ASP I 396 -49.24 -52.02 -8.77
N GLU I 397 -49.46 -52.66 -7.61
CA GLU I 397 -48.43 -53.54 -7.07
C GLU I 397 -48.14 -54.73 -7.99
N ALA I 398 -49.16 -55.32 -8.61
CA ALA I 398 -48.93 -56.48 -9.45
C ALA I 398 -48.26 -56.09 -10.73
N SER I 399 -48.75 -55.01 -11.34
CA SER I 399 -48.19 -54.50 -12.57
C SER I 399 -46.77 -54.08 -12.29
N SER I 400 -46.52 -53.49 -11.14
CA SER I 400 -45.18 -53.12 -10.77
C SER I 400 -44.34 -54.36 -10.57
N LYS I 401 -44.84 -55.40 -9.91
CA LYS I 401 -43.98 -56.55 -9.75
C LYS I 401 -43.57 -57.13 -11.09
N VAL I 402 -44.43 -57.14 -12.08
CA VAL I 402 -43.90 -57.69 -13.31
C VAL I 402 -43.00 -56.65 -13.98
N ARG I 403 -43.33 -55.37 -13.88
CA ARG I 403 -42.53 -54.33 -14.50
C ARG I 403 -41.13 -54.31 -13.95
N LEU I 404 -41.04 -54.47 -12.67
CA LEU I 404 -39.79 -54.45 -11.95
C LEU I 404 -38.94 -55.63 -12.36
N LYS I 405 -39.56 -56.81 -12.44
CA LYS I 405 -38.85 -58.00 -12.87
C LYS I 405 -38.35 -57.86 -14.31
N SER I 406 -39.09 -57.13 -15.14
CA SER I 406 -38.73 -56.97 -16.52
C SER I 406 -37.86 -55.80 -16.92
N HIS I 407 -37.96 -54.69 -16.19
CA HIS I 407 -37.26 -53.46 -16.52
C HIS I 407 -36.11 -52.99 -15.58
N THR I 408 -35.82 -53.62 -14.44
CA THR I 408 -34.70 -53.06 -13.64
C THR I 408 -33.75 -54.10 -12.96
N THR I 409 -32.85 -53.60 -12.09
CA THR I 409 -31.74 -54.37 -11.49
C THR I 409 -31.93 -54.99 -10.12
N PRO I 410 -31.69 -56.32 -9.95
CA PRO I 410 -31.75 -57.05 -8.69
C PRO I 410 -30.41 -57.16 -8.02
N ASN I 411 -28.42 -63.70 -21.32
CA ASN I 411 -27.97 -65.04 -21.63
C ASN I 411 -27.02 -65.04 -22.81
N ASN I 412 -27.53 -65.30 -24.01
CA ASN I 412 -26.67 -65.36 -25.18
C ASN I 412 -26.17 -63.98 -25.52
N LEU I 413 -27.10 -63.07 -25.77
CA LEU I 413 -26.70 -61.71 -26.12
C LEU I 413 -25.83 -61.12 -25.01
N LYS I 414 -26.20 -61.38 -23.75
CA LYS I 414 -25.47 -60.85 -22.60
C LYS I 414 -24.05 -61.40 -22.49
N GLU I 415 -23.87 -62.72 -22.52
CA GLU I 415 -22.51 -63.23 -22.40
C GLU I 415 -21.68 -62.74 -23.56
N ILE I 416 -22.26 -62.69 -24.74
CA ILE I 416 -21.51 -62.20 -25.87
C ILE I 416 -21.11 -60.76 -25.66
N GLU I 417 -22.04 -59.89 -25.28
CA GLU I 417 -21.61 -58.52 -25.10
C GLU I 417 -20.55 -58.42 -24.01
N GLN I 418 -20.69 -59.18 -22.93
CA GLN I 418 -19.71 -59.09 -21.86
C GLN I 418 -18.32 -59.49 -22.34
N GLU I 419 -18.24 -60.57 -23.12
CA GLU I 419 -16.95 -60.99 -23.62
C GLU I 419 -16.39 -59.99 -24.60
N ILE I 420 -17.27 -59.43 -25.41
CA ILE I 420 -16.81 -58.46 -26.38
C ILE I 420 -16.26 -57.24 -25.71
N GLU I 421 -17.01 -56.65 -24.80
CA GLU I 421 -16.48 -55.46 -24.18
C GLU I 421 -15.19 -55.77 -23.47
N LYS I 422 -15.14 -56.89 -22.76
CA LYS I 422 -13.93 -57.21 -22.06
C LYS I 422 -12.71 -57.19 -22.97
N VAL I 423 -12.75 -57.94 -24.06
CA VAL I 423 -11.55 -58.03 -24.86
C VAL I 423 -11.36 -56.85 -25.82
N LYS I 424 -12.46 -56.28 -26.32
CA LYS I 424 -12.42 -55.16 -27.24
C LYS I 424 -11.89 -53.92 -26.57
N ASN I 425 -12.46 -53.59 -25.40
CA ASN I 425 -12.17 -52.39 -24.65
C ASN I 425 -10.71 -52.22 -24.36
N GLU I 426 -9.97 -53.31 -24.24
CA GLU I 426 -8.59 -53.17 -23.93
C GLU I 426 -7.91 -52.30 -24.98
N LYS I 427 -8.22 -52.48 -26.25
CA LYS I 427 -7.48 -51.71 -27.23
C LYS I 427 -8.33 -50.63 -27.80
N ASP I 428 -9.64 -50.71 -27.57
CA ASP I 428 -10.53 -49.71 -28.09
C ASP I 428 -10.08 -48.43 -27.40
N ALA I 429 -9.87 -48.49 -26.08
CA ALA I 429 -9.43 -47.33 -25.33
C ALA I 429 -7.91 -47.11 -25.47
N ALA I 430 -7.44 -46.95 -26.71
CA ALA I 430 -6.02 -46.75 -26.93
C ALA I 430 -5.70 -45.96 -28.22
N VAL I 431 -6.37 -44.81 -28.42
CA VAL I 431 -6.11 -43.99 -29.62
C VAL I 431 -5.72 -42.51 -29.36
N HIS I 432 -5.97 -42.01 -28.14
CA HIS I 432 -5.73 -40.60 -27.82
C HIS I 432 -4.28 -40.18 -27.57
N ALA I 433 -3.62 -40.86 -26.64
CA ALA I 433 -2.25 -40.47 -26.32
C ALA I 433 -1.47 -40.60 -27.59
N GLN I 434 -0.53 -39.70 -27.85
CA GLN I 434 0.22 -39.79 -29.10
C GLN I 434 1.39 -40.77 -29.05
N GLU I 435 1.03 -42.00 -28.75
CA GLU I 435 1.80 -43.22 -28.60
C GLU I 435 0.85 -44.31 -29.10
N PHE I 436 1.14 -45.00 -30.19
CA PHE I 436 0.08 -45.88 -30.68
C PHE I 436 0.34 -47.36 -30.53
N GLU I 437 1.31 -47.73 -29.71
CA GLU I 437 1.59 -49.13 -29.52
C GLU I 437 2.13 -49.43 -28.13
N ASN I 438 -0.71 -53.33 -31.66
CA ASN I 438 -1.82 -52.68 -30.97
C ASN I 438 -3.03 -52.43 -31.85
N ALA I 439 -2.96 -51.43 -32.73
CA ALA I 439 -4.13 -51.07 -33.51
C ALA I 439 -4.63 -52.22 -34.38
N ALA I 440 -3.73 -53.02 -34.95
CA ALA I 440 -4.21 -54.12 -35.77
C ALA I 440 -5.00 -55.11 -34.94
N ASN I 441 -4.52 -55.40 -33.74
CA ASN I 441 -5.18 -56.38 -32.90
C ASN I 441 -6.56 -55.89 -32.53
N LEU I 442 -6.69 -54.57 -32.32
CA LEU I 442 -8.00 -54.06 -32.03
C LEU I 442 -8.91 -54.30 -33.20
N ARG I 443 -8.44 -53.92 -34.36
CA ARG I 443 -9.23 -54.04 -35.56
C ARG I 443 -9.63 -55.47 -35.87
N ASP I 444 -8.72 -56.39 -35.60
CA ASP I 444 -8.97 -57.81 -35.80
C ASP I 444 -10.16 -58.18 -34.90
N LYS I 445 -10.04 -57.83 -33.62
CA LYS I 445 -11.10 -58.12 -32.66
C LYS I 445 -12.42 -57.45 -32.95
N GLN I 446 -12.40 -56.20 -33.38
CA GLN I 446 -13.67 -55.52 -33.57
C GLN I 446 -14.57 -56.24 -34.54
N THR I 447 -14.07 -56.61 -35.69
CA THR I 447 -14.98 -57.29 -36.62
C THR I 447 -15.45 -58.64 -36.10
N LYS I 448 -14.54 -59.42 -35.53
CA LYS I 448 -14.93 -60.75 -35.08
C LYS I 448 -16.03 -60.68 -34.02
N LEU I 449 -15.88 -59.71 -33.15
CA LEU I 449 -16.79 -59.52 -32.04
C LEU I 449 -18.10 -58.89 -32.47
N GLU I 450 -18.06 -57.93 -33.38
CA GLU I 450 -19.31 -57.33 -33.83
C GLU I 450 -20.17 -58.39 -34.45
N LYS I 451 -19.56 -59.31 -35.19
CA LYS I 451 -20.31 -60.39 -35.78
C LYS I 451 -21.03 -61.19 -34.69
N GLN I 452 -20.32 -61.57 -33.62
CA GLN I 452 -20.97 -62.35 -32.58
C GLN I 452 -22.14 -61.59 -31.97
N TYR I 453 -21.93 -60.30 -31.75
CA TYR I 453 -22.94 -59.45 -31.16
C TYR I 453 -24.18 -59.40 -32.01
N GLU I 454 -23.99 -59.09 -33.29
CA GLU I 454 -25.10 -58.91 -34.21
C GLU I 454 -25.86 -60.20 -34.38
N GLU I 455 -25.18 -61.33 -34.39
CA GLU I 455 -25.91 -62.56 -34.54
C GLU I 455 -26.85 -62.75 -33.37
N ALA I 456 -26.36 -62.52 -32.14
CA ALA I 456 -27.22 -62.65 -30.98
C ALA I 456 -28.35 -61.64 -31.01
N LYS I 457 -28.01 -60.43 -31.46
CA LYS I 457 -28.98 -59.36 -31.57
C LYS I 457 -30.09 -59.73 -32.52
N ASN I 458 -29.75 -60.38 -33.62
CA ASN I 458 -30.78 -60.74 -34.55
C ASN I 458 -31.72 -61.77 -33.93
N GLU I 459 -31.19 -62.71 -33.15
CA GLU I 459 -32.11 -63.66 -32.52
C GLU I 459 -33.02 -62.90 -31.58
N TRP I 460 -32.44 -61.98 -30.84
CA TRP I 460 -33.16 -61.14 -29.92
C TRP I 460 -34.29 -60.42 -30.63
N LYS I 461 -33.97 -59.70 -31.70
CA LYS I 461 -34.98 -58.92 -32.39
C LYS I 461 -36.08 -59.78 -32.98
N ASN I 462 -35.74 -60.93 -33.56
CA ASN I 462 -36.78 -61.77 -34.15
C ASN I 462 -37.75 -62.19 -33.06
N THR I 463 -37.20 -62.44 -31.88
CA THR I 463 -37.95 -62.87 -30.72
C THR I 463 -38.56 -61.73 -29.91
N GLN I 464 -38.41 -60.48 -30.35
CA GLN I 464 -38.95 -59.36 -29.61
C GLN I 464 -40.14 -58.78 -30.35
N GLY I 466 -37.91 -58.80 -19.55
CA GLY I 466 -38.59 -59.96 -18.98
C GLY I 466 -40.09 -59.79 -19.02
N MET I 467 -40.70 -59.92 -17.85
CA MET I 467 -42.15 -59.82 -17.67
C MET I 467 -42.75 -58.42 -17.89
N SER I 468 -42.95 -58.06 -19.15
CA SER I 468 -43.49 -56.74 -19.50
C SER I 468 -45.00 -56.70 -19.30
N THR I 469 -45.59 -57.85 -19.06
CA THR I 469 -47.02 -57.98 -18.86
C THR I 469 -47.31 -58.92 -17.71
N SER I 470 -48.54 -59.38 -17.56
CA SER I 470 -48.85 -60.17 -16.37
C SER I 470 -49.80 -61.34 -16.51
N LEU I 471 -49.78 -62.16 -15.46
CA LEU I 471 -50.66 -63.29 -15.33
C LEU I 471 -51.93 -62.84 -14.66
N SER I 472 -53.03 -63.44 -15.04
CA SER I 472 -54.34 -63.06 -14.53
C SER I 472 -54.56 -63.23 -13.02
N GLU I 473 -54.08 -64.31 -12.42
CA GLU I 473 -54.33 -64.41 -10.96
C GLU I 473 -53.05 -64.57 -10.17
N GLU I 474 -52.08 -65.23 -10.77
CA GLU I 474 -50.82 -65.58 -10.13
C GLU I 474 -50.03 -64.36 -9.64
N ASP I 475 -50.12 -63.25 -10.36
CA ASP I 475 -49.37 -62.08 -9.94
C ASP I 475 -50.10 -61.32 -8.85
N ILE I 476 -51.36 -61.67 -8.59
CA ILE I 476 -52.05 -60.95 -7.56
C ILE I 476 -51.71 -61.73 -6.32
N ALA I 477 -51.58 -63.05 -6.46
CA ALA I 477 -51.20 -63.86 -5.33
C ALA I 477 -49.89 -63.34 -4.76
N GLU I 478 -48.94 -62.96 -5.63
CA GLU I 478 -47.71 -62.40 -5.11
C GLU I 478 -47.93 -61.09 -4.35
N VAL I 479 -48.81 -60.20 -4.85
CA VAL I 479 -48.94 -58.96 -4.12
C VAL I 479 -49.63 -59.16 -2.78
N ILE I 480 -50.46 -60.20 -2.63
CA ILE I 480 -51.09 -60.36 -1.33
C ILE I 480 -50.04 -60.92 -0.38
N ALA I 481 -49.26 -61.90 -0.82
CA ALA I 481 -48.25 -62.38 0.11
C ALA I 481 -47.36 -61.21 0.50
N GLY I 482 -47.07 -60.32 -0.43
CA GLY I 482 -46.31 -59.13 -0.07
C GLY I 482 -47.05 -58.28 0.99
N TRP I 483 -48.30 -57.90 0.70
CA TRP I 483 -49.16 -57.06 1.56
C TRP I 483 -49.44 -57.62 2.96
N THR I 484 -49.80 -58.89 3.03
CA THR I 484 -50.17 -59.53 4.28
C THR I 484 -49.15 -60.50 4.81
N GLY I 485 -48.32 -61.01 3.94
CA GLY I 485 -47.38 -62.05 4.31
C GLY I 485 -48.05 -63.35 3.95
N ILE I 486 -47.26 -64.44 4.03
CA ILE I 486 -47.64 -65.82 3.73
C ILE I 486 -47.50 -66.18 2.25
N PRO I 487 -46.36 -66.67 1.81
CA PRO I 487 -46.11 -67.14 0.48
C PRO I 487 -46.52 -68.60 0.46
N LEU I 488 -49.08 -70.79 1.91
CA LEU I 488 -49.80 -70.81 0.65
C LEU I 488 -51.25 -70.43 0.81
N THR I 489 -51.63 -70.09 2.04
CA THR I 489 -52.99 -69.61 2.28
C THR I 489 -53.25 -68.44 1.34
N LYS I 490 -52.26 -67.55 1.24
CA LYS I 490 -52.32 -66.35 0.43
C LYS I 490 -51.82 -66.51 -1.02
N ILE I 491 -51.43 -67.73 -1.39
CA ILE I 491 -50.95 -67.97 -2.75
C ILE I 491 -51.91 -68.80 -3.52
N ASN I 492 -52.30 -69.93 -2.95
CA ASN I 492 -53.24 -70.77 -3.64
C ASN I 492 -54.61 -70.17 -3.45
N GLU I 493 -54.92 -69.79 -2.22
CA GLU I 493 -56.21 -69.18 -1.90
C GLU I 493 -57.40 -69.95 -2.48
N THR I 494 -57.42 -71.27 -2.40
CA THR I 494 -58.55 -71.96 -3.00
C THR I 494 -59.61 -72.27 -1.98
N GLU I 495 -59.17 -72.51 -0.75
CA GLU I 495 -59.95 -72.82 0.43
C GLU I 495 -60.95 -74.00 0.29
N SER I 496 -61.24 -74.51 -0.90
CA SER I 496 -62.14 -75.64 -1.02
C SER I 496 -61.55 -76.86 -0.38
N GLU I 497 -60.26 -77.12 -0.62
CA GLU I 497 -59.69 -78.29 0.00
C GLU I 497 -59.70 -78.11 1.49
N LYS I 498 -59.40 -76.91 1.95
CA LYS I 498 -59.40 -76.62 3.37
C LYS I 498 -60.73 -76.90 4.01
N LEU I 499 -61.82 -76.53 3.36
CA LEU I 499 -63.10 -76.76 3.98
C LEU I 499 -63.46 -78.24 4.03
N LEU I 500 -62.63 -79.11 3.47
CA LEU I 500 -62.87 -80.52 3.56
C LEU I 500 -61.80 -81.19 4.46
N SER I 501 -60.53 -80.77 4.31
CA SER I 501 -59.40 -81.34 5.05
C SER I 501 -59.21 -80.72 6.44
N LEU I 502 -59.92 -79.63 6.71
CA LEU I 502 -59.88 -78.94 8.00
C LEU I 502 -60.24 -79.88 9.14
N GLU I 503 -61.08 -80.90 8.89
CA GLU I 503 -61.47 -81.84 9.93
C GLU I 503 -60.24 -82.48 10.56
N ASP I 504 -59.21 -82.72 9.75
CA ASP I 504 -58.01 -83.30 10.29
C ASP I 504 -57.02 -82.20 10.62
N THR I 505 -56.95 -81.19 9.77
CA THR I 505 -55.94 -80.14 9.95
C THR I 505 -56.14 -79.36 11.24
N LEU I 506 -57.38 -79.03 11.59
CA LEU I 506 -57.55 -78.27 12.82
C LEU I 506 -57.12 -79.15 13.98
N HIS I 507 -57.49 -80.43 13.97
CA HIS I 507 -57.09 -81.36 15.00
C HIS I 507 -55.56 -81.47 15.05
N GLU I 508 -54.93 -81.53 13.89
CA GLU I 508 -53.48 -81.62 13.86
C GLU I 508 -52.84 -80.39 14.49
N ARG I 509 -53.41 -79.19 14.26
CA ARG I 509 -52.85 -78.01 14.92
C ARG I 509 -52.99 -78.15 16.42
N VAL I 510 -54.21 -78.44 16.86
CA VAL I 510 -54.52 -78.60 18.27
C VAL I 510 -55.26 -79.89 18.49
N ILE I 511 -54.59 -80.79 19.18
CA ILE I 511 -55.13 -82.12 19.39
C ILE I 511 -56.33 -82.12 20.30
N GLY I 512 -57.14 -83.15 20.13
CA GLY I 512 -58.27 -83.40 20.99
C GLY I 512 -59.57 -83.03 20.34
N GLN I 513 -60.61 -83.74 20.73
CA GLN I 513 -61.92 -83.50 20.22
C GLN I 513 -62.10 -83.45 18.75
N LYS I 514 -61.70 -84.47 18.00
CA LYS I 514 -62.01 -84.42 16.57
C LYS I 514 -63.52 -84.25 16.44
N ASP I 515 -64.28 -84.81 17.40
CA ASP I 515 -65.73 -84.72 17.44
C ASP I 515 -66.18 -83.26 17.44
N ALA I 516 -65.42 -82.36 18.09
CA ALA I 516 -65.80 -80.97 18.10
C ALA I 516 -65.29 -80.32 16.84
N VAL I 517 -64.14 -80.78 16.36
CA VAL I 517 -63.60 -80.22 15.15
C VAL I 517 -64.60 -80.45 14.05
N ASN I 518 -65.23 -81.60 14.02
CA ASN I 518 -66.21 -81.94 13.01
C ASN I 518 -67.35 -80.93 12.89
N SER I 519 -67.58 -80.08 13.91
CA SER I 519 -68.64 -79.06 13.86
C SER I 519 -68.32 -78.00 12.81
N ILE I 520 -67.09 -78.03 12.29
CA ILE I 520 -66.67 -77.15 11.22
C ILE I 520 -67.44 -77.42 9.93
N SER I 521 -68.23 -78.49 9.91
CA SER I 521 -69.04 -78.79 8.77
C SER I 521 -69.95 -77.60 8.51
N LYS I 522 -70.90 -77.43 9.43
CA LYS I 522 -71.89 -76.37 9.38
C LYS I 522 -71.63 -75.33 8.30
N ALA I 523 -71.49 -74.07 8.72
CA ALA I 523 -71.25 -72.97 7.79
C ALA I 523 -69.86 -73.04 7.18
N VAL I 524 -68.91 -73.60 7.94
CA VAL I 524 -67.61 -73.99 7.39
C VAL I 524 -67.78 -74.75 6.08
N ARG I 525 -69.01 -75.20 5.80
CA ARG I 525 -69.28 -75.93 4.57
C ARG I 525 -70.33 -75.07 3.95
N ARG I 526 -71.15 -74.43 4.81
CA ARG I 526 -72.21 -73.57 4.30
C ARG I 526 -71.81 -72.13 4.39
N ALA I 527 -71.31 -71.72 5.55
CA ALA I 527 -71.07 -70.31 5.87
C ALA I 527 -70.16 -69.56 4.89
N ARG I 528 -69.46 -70.26 4.02
CA ARG I 528 -68.59 -69.67 3.04
C ARG I 528 -69.41 -68.74 2.13
N ALA I 529 -68.80 -67.62 1.76
CA ALA I 529 -69.40 -66.67 0.84
C ALA I 529 -70.74 -66.10 1.29
N GLY I 530 -70.87 -65.83 2.59
CA GLY I 530 -72.05 -65.20 3.12
C GLY I 530 -73.26 -66.06 3.46
N LEU I 531 -73.21 -67.39 3.27
CA LEU I 531 -74.40 -68.18 3.59
C LEU I 531 -74.43 -68.52 5.08
N LYS I 532 -74.66 -67.50 5.85
CA LYS I 532 -74.64 -67.49 7.30
C LYS I 532 -75.47 -66.33 7.75
N ASP I 533 -75.75 -66.22 9.04
CA ASP I 533 -76.42 -65.01 9.45
C ASP I 533 -75.47 -63.91 9.02
N PRO I 534 -75.86 -63.01 8.09
CA PRO I 534 -75.03 -62.02 7.47
C PRO I 534 -74.50 -61.03 8.46
N LYS I 535 -75.13 -60.95 9.62
CA LYS I 535 -74.70 -60.00 10.61
C LYS I 535 -74.49 -60.67 11.97
N ARG I 536 -73.48 -61.54 12.04
CA ARG I 536 -73.15 -62.29 13.25
C ARG I 536 -71.75 -62.94 13.11
N GLY I 539 -70.18 -66.23 14.49
CA GLY I 539 -70.76 -66.25 15.82
C GLY I 539 -69.66 -66.57 16.85
N SER I 540 -70.06 -66.85 18.09
CA SER I 540 -69.07 -67.13 19.12
C SER I 540 -68.87 -68.62 19.35
N PHE I 541 -67.80 -68.99 20.06
CA PHE I 541 -67.55 -70.36 20.51
C PHE I 541 -67.26 -70.39 21.99
N ILE I 542 -67.75 -71.39 22.74
CA ILE I 542 -67.40 -71.46 24.16
C ILE I 542 -66.70 -72.74 24.53
N PHE I 543 -65.53 -72.54 25.14
CA PHE I 543 -64.62 -73.60 25.52
C PHE I 543 -64.75 -74.03 26.97
N LEU I 544 -65.17 -75.27 27.19
CA LEU I 544 -65.42 -75.79 28.52
C LEU I 544 -64.33 -76.79 28.99
N GLY I 545 -63.45 -76.28 29.87
CA GLY I 545 -62.28 -77.03 30.34
C GLY I 545 -61.18 -76.09 30.91
N PRO I 546 -60.12 -76.66 31.53
CA PRO I 546 -58.91 -76.00 32.06
C PRO I 546 -57.93 -75.57 30.96
N THR I 547 -56.97 -74.73 31.28
CA THR I 547 -55.89 -74.34 30.35
C THR I 547 -54.88 -75.47 30.14
N GLY I 548 -54.43 -75.67 28.88
CA GLY I 548 -53.38 -76.66 28.56
C GLY I 548 -53.91 -77.92 27.89
N VAL I 549 -55.22 -78.01 27.78
CA VAL I 549 -55.88 -79.17 27.21
C VAL I 549 -56.33 -78.98 25.80
N GLY I 550 -56.02 -77.83 25.21
CA GLY I 550 -56.44 -77.55 23.87
C GLY I 550 -57.30 -76.31 23.89
N LYS I 551 -57.57 -75.77 25.08
CA LYS I 551 -58.40 -74.59 25.25
C LYS I 551 -57.77 -73.32 24.70
N THR I 552 -56.58 -73.01 25.15
CA THR I 552 -55.99 -71.78 24.69
C THR I 552 -55.28 -72.06 23.38
N GLU I 553 -54.90 -73.31 23.21
CA GLU I 553 -54.24 -73.70 21.99
C GLU I 553 -55.26 -73.59 20.85
N LEU I 554 -56.50 -74.05 21.08
CA LEU I 554 -57.53 -73.97 20.08
C LEU I 554 -57.90 -72.57 19.76
N ALA I 555 -58.02 -71.71 20.76
CA ALA I 555 -58.42 -70.36 20.43
C ALA I 555 -57.43 -69.76 19.43
N ARG I 556 -56.13 -70.02 19.62
CA ARG I 556 -55.19 -69.50 18.65
C ARG I 556 -55.39 -70.16 17.29
N ALA I 557 -55.60 -71.48 17.30
CA ALA I 557 -55.80 -72.24 16.08
C ALA I 557 -57.03 -71.74 15.31
N LEU I 558 -58.07 -71.33 16.02
CA LEU I 558 -59.26 -70.85 15.32
C LEU I 558 -58.92 -69.53 14.64
N ALA I 559 -58.14 -68.68 15.30
CA ALA I 559 -57.80 -67.43 14.65
C ALA I 559 -57.07 -67.71 13.34
N GLU I 560 -56.21 -68.72 13.37
CA GLU I 560 -55.48 -69.12 12.19
C GLU I 560 -56.36 -69.76 11.12
N SER I 561 -57.21 -70.71 11.46
CA SER I 561 -57.99 -71.29 10.38
C SER I 561 -58.89 -70.23 9.74
N MET I 562 -59.31 -69.23 10.53
CA MET I 562 -60.14 -68.16 10.04
C MET I 562 -59.39 -67.17 9.13
N PHE I 563 -58.20 -66.73 9.55
CA PHE I 563 -57.51 -65.70 8.77
C PHE I 563 -56.17 -66.08 8.11
N GLY I 564 -55.61 -67.25 8.41
CA GLY I 564 -54.31 -67.68 7.89
C GLY I 564 -53.15 -67.43 8.86
N ASP I 565 -53.44 -66.73 9.96
CA ASP I 565 -52.47 -66.41 11.00
C ASP I 565 -53.25 -66.13 12.29
N ASP I 566 -52.60 -65.95 13.42
CA ASP I 566 -53.36 -65.74 14.66
C ASP I 566 -53.16 -64.41 15.40
N ASP I 567 -52.64 -63.37 14.72
CA ASP I 567 -52.41 -62.06 15.36
C ASP I 567 -53.74 -61.35 15.51
N ALA I 568 -54.70 -61.93 14.83
CA ALA I 568 -56.07 -61.53 14.77
C ALA I 568 -56.72 -61.57 16.15
N MET I 569 -56.24 -62.45 17.03
CA MET I 569 -56.91 -62.58 18.31
C MET I 569 -56.50 -61.62 19.41
N ILE I 570 -57.53 -61.02 20.01
CA ILE I 570 -57.47 -60.04 21.06
C ILE I 570 -57.91 -60.66 22.38
N ARG I 571 -57.04 -60.74 23.38
CA ARG I 571 -57.46 -61.34 24.65
C ARG I 571 -58.05 -60.28 25.56
N VAL I 572 -59.28 -60.51 25.98
CA VAL I 572 -60.08 -59.61 26.78
C VAL I 572 -60.70 -60.29 27.99
N ASP I 573 -60.55 -59.78 29.21
CA ASP I 573 -61.22 -60.47 30.31
C ASP I 573 -62.49 -59.79 30.75
N MET I 574 -63.44 -60.56 31.21
CA MET I 574 -64.71 -60.01 31.66
C MET I 574 -64.59 -59.03 32.81
N SER I 575 -63.66 -59.28 33.71
CA SER I 575 -63.47 -58.42 34.88
C SER I 575 -63.02 -57.01 34.53
N GLU I 576 -62.50 -56.82 33.32
CA GLU I 576 -61.98 -55.53 32.91
C GLU I 576 -63.08 -54.63 32.41
N PHE I 577 -64.29 -55.17 32.33
CA PHE I 577 -65.47 -54.48 31.81
C PHE I 577 -66.57 -54.38 32.80
N MET I 578 -66.26 -54.05 34.04
CA MET I 578 -67.32 -53.97 35.04
C MET I 578 -67.76 -52.54 35.41
N GLU I 579 -66.97 -51.50 35.05
CA GLU I 579 -67.40 -50.14 35.44
C GLU I 579 -67.49 -49.16 34.28
N LYS I 580 -66.35 -48.65 33.81
CA LYS I 580 -66.40 -47.69 32.71
C LYS I 580 -66.27 -48.45 31.43
N HIS I 581 -65.57 -49.54 31.51
CA HIS I 581 -65.40 -50.34 30.35
C HIS I 581 -66.72 -51.07 30.14
N ALA I 582 -67.49 -51.30 31.22
CA ALA I 582 -68.82 -51.89 31.08
C ALA I 582 -69.66 -50.97 30.24
N VAL I 583 -69.55 -49.66 30.52
CA VAL I 583 -70.27 -48.63 29.79
C VAL I 583 -69.84 -48.62 28.33
N SER I 584 -68.57 -48.81 28.06
CA SER I 584 -68.12 -48.85 26.66
C SER I 584 -68.88 -49.95 25.89
N ARG I 585 -69.09 -51.12 26.53
CA ARG I 585 -69.80 -52.20 25.84
C ARG I 585 -71.28 -51.87 25.72
N LEU I 586 -71.90 -51.57 26.87
CA LEU I 586 -73.31 -51.20 26.94
C LEU I 586 -73.38 -49.70 27.28
N VAL I 587 -73.55 -48.87 26.26
CA VAL I 587 -73.41 -47.41 26.45
C VAL I 587 -74.73 -46.64 26.37
N GLY I 588 -74.85 -45.65 27.26
CA GLY I 588 -76.00 -44.74 27.39
C GLY I 588 -75.70 -43.25 27.19
N ALA I 589 -75.55 -42.54 28.32
CA ALA I 589 -75.34 -41.08 28.41
C ALA I 589 -76.55 -40.19 28.10
N PRO I 590 -77.67 -40.58 28.71
CA PRO I 590 -78.93 -39.85 28.81
C PRO I 590 -79.31 -39.86 30.28
N PRO I 591 -78.31 -39.72 31.13
CA PRO I 591 -78.56 -39.77 32.56
C PRO I 591 -79.22 -41.08 32.95
N HIS I 596 -60.30 -38.01 27.04
CA HIS I 596 -60.67 -37.79 25.65
C HIS I 596 -61.96 -38.52 25.32
N ASP I 597 -62.16 -38.87 24.04
CA ASP I 597 -63.34 -39.62 23.64
C ASP I 597 -63.09 -41.07 24.07
N ASP I 598 -63.79 -41.49 25.12
CA ASP I 598 -63.56 -42.76 25.81
C ASP I 598 -64.11 -44.01 25.12
N GLY I 599 -63.19 -44.80 24.56
CA GLY I 599 -63.45 -46.03 23.83
C GLY I 599 -63.32 -47.27 24.74
N GLY I 600 -63.24 -47.01 26.03
CA GLY I 600 -63.03 -48.00 27.06
C GLY I 600 -61.70 -48.69 26.92
N GLN I 601 -61.72 -50.01 26.90
CA GLN I 601 -60.47 -50.75 26.77
C GLN I 601 -60.11 -51.10 25.33
N LEU I 602 -61.11 -51.45 24.52
CA LEU I 602 -60.85 -52.04 23.22
C LEU I 602 -61.09 -51.25 21.95
N THR I 603 -61.75 -50.10 21.99
CA THR I 603 -62.07 -49.47 20.71
C THR I 603 -60.88 -49.33 19.75
N GLU I 604 -59.72 -48.88 20.22
CA GLU I 604 -58.66 -48.68 19.23
C GLU I 604 -58.20 -50.02 18.64
N LYS I 605 -58.18 -51.07 19.46
CA LYS I 605 -57.71 -52.35 18.98
C LYS I 605 -58.66 -52.92 17.94
N VAL I 606 -59.95 -52.77 18.17
CA VAL I 606 -60.88 -53.35 17.22
C VAL I 606 -60.99 -52.50 15.95
N ARG I 607 -60.84 -51.17 16.03
CA ARG I 607 -60.91 -50.35 14.82
C ARG I 607 -59.88 -50.78 13.79
N ARG I 608 -58.70 -51.13 14.30
CA ARG I 608 -57.55 -51.51 13.49
C ARG I 608 -57.60 -52.92 12.91
N LYS I 609 -58.53 -53.75 13.36
CA LYS I 609 -58.59 -55.12 12.88
C LYS I 609 -59.96 -55.55 12.35
N PRO I 610 -60.24 -55.40 11.03
CA PRO I 610 -61.49 -55.78 10.38
C PRO I 610 -61.64 -57.30 10.26
N TYR I 611 -60.53 -57.97 10.51
CA TYR I 611 -60.38 -59.42 10.47
C TYR I 611 -59.77 -59.88 11.78
N SER I 612 -60.62 -59.99 12.81
CA SER I 612 -60.18 -60.26 14.18
C SER I 612 -60.94 -61.34 14.93
N VAL I 613 -60.36 -61.74 16.05
CA VAL I 613 -60.98 -62.68 16.97
C VAL I 613 -60.97 -62.09 18.37
N ILE I 614 -62.06 -62.15 19.10
CA ILE I 614 -61.96 -61.64 20.47
C ILE I 614 -62.13 -62.79 21.43
N LEU I 615 -61.11 -63.00 22.24
CA LEU I 615 -61.06 -64.08 23.21
C LEU I 615 -61.31 -63.64 24.64
N PHE I 616 -62.32 -64.23 25.26
CA PHE I 616 -62.69 -63.95 26.62
C PHE I 616 -62.52 -65.17 27.45
N ASP I 617 -62.39 -64.98 28.74
CA ASP I 617 -62.27 -66.07 29.67
C ASP I 617 -63.08 -65.78 30.89
N GLU I 618 -63.18 -66.76 31.73
CA GLU I 618 -63.93 -66.62 32.96
C GLU I 618 -65.36 -66.17 32.74
N ILE I 619 -66.15 -66.88 31.94
CA ILE I 619 -67.52 -66.38 31.83
C ILE I 619 -68.20 -66.54 33.21
N GLU I 620 -67.65 -67.43 34.07
CA GLU I 620 -68.14 -67.58 35.44
C GLU I 620 -68.02 -66.28 36.27
N LYS I 621 -67.21 -65.32 35.80
CA LYS I 621 -67.04 -64.02 36.46
C LYS I 621 -67.53 -62.93 35.52
N ALA I 622 -68.41 -63.31 34.61
CA ALA I 622 -68.94 -62.40 33.62
C ALA I 622 -69.88 -61.41 34.24
N HIS I 623 -70.30 -60.48 33.42
CA HIS I 623 -71.15 -59.41 33.85
C HIS I 623 -72.44 -59.99 34.37
N PRO I 624 -73.10 -59.34 35.36
CA PRO I 624 -74.41 -59.69 35.90
C PRO I 624 -75.40 -59.96 34.77
N ASP I 625 -75.27 -59.23 33.65
CA ASP I 625 -76.13 -59.45 32.52
C ASP I 625 -75.28 -59.79 31.31
N VAL I 626 -74.43 -60.80 31.47
CA VAL I 626 -73.60 -61.26 30.36
C VAL I 626 -74.41 -61.68 29.15
N PHE I 627 -75.67 -62.09 29.32
CA PHE I 627 -76.43 -62.44 28.14
C PHE I 627 -76.50 -61.21 27.24
N ASN I 628 -76.72 -60.01 27.83
CA ASN I 628 -76.81 -58.78 27.04
C ASN I 628 -75.49 -58.51 26.36
N ILE I 629 -74.40 -58.92 27.00
CA ILE I 629 -73.08 -58.79 26.38
C ILE I 629 -73.01 -59.68 25.13
N LEU I 630 -73.57 -60.89 25.18
CA LEU I 630 -73.55 -61.67 23.96
C LEU I 630 -74.36 -60.95 22.89
N LEU I 631 -75.50 -60.41 23.28
CA LEU I 631 -76.37 -59.74 22.33
C LEU I 631 -75.71 -58.48 21.77
N GLN I 632 -74.95 -57.79 22.62
CA GLN I 632 -74.25 -56.56 22.26
C GLN I 632 -73.36 -56.80 21.05
N VAL I 633 -72.76 -57.98 20.98
CA VAL I 633 -71.92 -58.31 19.87
C VAL I 633 -72.71 -59.03 18.76
N LEU I 634 -73.53 -59.99 19.11
CA LEU I 634 -74.17 -60.78 18.10
C LEU I 634 -75.29 -60.02 17.39
N ASP I 635 -76.17 -59.31 18.12
CA ASP I 635 -77.22 -58.63 17.40
C ASP I 635 -76.62 -57.59 16.48
N ASP I 636 -77.15 -57.56 15.26
CA ASP I 636 -76.84 -56.66 14.16
C ASP I 636 -75.41 -56.76 13.61
N GLY I 637 -74.57 -57.62 14.17
CA GLY I 637 -73.32 -57.94 13.55
C GLY I 637 -72.30 -56.87 13.32
N HIS I 638 -72.20 -55.78 14.06
CA HIS I 638 -71.12 -54.89 13.65
C HIS I 638 -70.62 -53.92 14.67
N LEU I 639 -69.38 -53.49 14.44
CA LEU I 639 -68.76 -52.43 15.20
C LEU I 639 -69.44 -51.17 14.79
N THR I 640 -69.82 -50.37 15.77
CA THR I 640 -70.49 -49.10 15.58
C THR I 640 -69.67 -48.02 16.26
N ASP I 641 -68.45 -47.80 15.80
CA ASP I 641 -67.59 -46.82 16.43
C ASP I 641 -67.96 -45.42 15.95
N THR I 642 -68.47 -44.60 16.87
CA THR I 642 -68.94 -43.25 16.59
C THR I 642 -67.80 -42.29 16.28
N LYS I 643 -66.57 -42.79 16.39
CA LYS I 643 -65.38 -42.04 16.03
C LYS I 643 -65.11 -42.16 14.53
N GLY I 644 -65.98 -42.89 13.79
CA GLY I 644 -65.79 -43.02 12.35
C GLY I 644 -65.39 -44.41 11.84
N ARG I 645 -65.93 -45.48 12.42
CA ARG I 645 -65.55 -46.81 11.93
C ARG I 645 -66.54 -47.93 12.17
N THR I 646 -66.92 -48.61 11.09
CA THR I 646 -67.78 -49.75 11.26
C THR I 646 -67.13 -50.96 10.66
N VAL I 647 -67.38 -52.09 11.30
CA VAL I 647 -66.84 -53.38 10.90
C VAL I 647 -67.88 -54.49 10.97
N ASP I 648 -68.23 -55.11 9.85
CA ASP I 648 -69.13 -56.25 10.00
C ASP I 648 -68.46 -57.39 10.75
N PHE I 649 -69.22 -58.05 11.61
CA PHE I 649 -68.70 -59.15 12.39
C PHE I 649 -68.80 -60.44 11.66
N ARG I 650 -69.33 -60.40 10.46
CA ARG I 650 -69.42 -61.59 9.64
C ARG I 650 -68.00 -62.07 9.30
N ASN I 651 -67.02 -61.17 9.45
CA ASN I 651 -65.61 -61.40 9.21
C ASN I 651 -64.84 -61.70 10.49
N THR I 652 -65.53 -61.95 11.61
CA THR I 652 -64.83 -62.18 12.86
C THR I 652 -65.31 -63.40 13.63
N ILE I 653 -64.52 -63.79 14.63
CA ILE I 653 -64.84 -64.91 15.53
C ILE I 653 -64.80 -64.49 16.98
N ILE I 654 -65.77 -64.91 17.77
CA ILE I 654 -65.73 -64.59 19.19
C ILE I 654 -65.52 -65.87 19.97
N ILE I 655 -64.60 -65.85 20.90
CA ILE I 655 -64.36 -67.03 21.68
C ILE I 655 -64.46 -66.68 23.14
N MET I 656 -65.20 -67.43 23.91
CA MET I 656 -65.21 -67.14 25.34
C MET I 656 -64.79 -68.44 25.95
N THR I 657 -64.12 -68.42 27.07
CA THR I 657 -63.81 -69.70 27.64
C THR I 657 -64.42 -69.80 29.03
N SER I 658 -64.51 -71.01 29.53
CA SER I 658 -65.25 -71.19 30.76
C SER I 658 -64.92 -72.37 31.63
N ASN I 659 -65.11 -72.14 32.92
CA ASN I 659 -64.99 -73.19 33.92
C ASN I 659 -66.20 -73.11 34.83
N VAL I 660 -67.35 -72.68 34.27
CA VAL I 660 -68.56 -72.57 35.08
C VAL I 660 -68.96 -73.94 35.55
N GLY I 661 -69.14 -74.83 34.59
CA GLY I 661 -69.52 -76.19 34.87
C GLY I 661 -68.29 -77.02 35.16
N ALA I 662 -67.48 -76.60 36.12
CA ALA I 662 -66.25 -77.33 36.39
C ALA I 662 -66.60 -78.76 36.78
N GLN I 663 -67.69 -78.87 37.51
CA GLN I 663 -68.23 -80.12 38.00
C GLN I 663 -68.93 -80.89 36.89
N GLU I 664 -69.12 -80.28 35.72
CA GLU I 664 -69.76 -80.97 34.64
C GLU I 664 -68.71 -81.53 33.71
N LEU I 665 -67.44 -81.37 34.09
CA LEU I 665 -66.35 -81.92 33.30
C LEU I 665 -66.25 -83.39 33.77
N GLN I 666 -67.08 -83.72 34.78
CA GLN I 666 -67.21 -85.06 35.32
C GLN I 666 -67.75 -85.96 34.22
N ASP I 667 -68.44 -85.40 33.24
CA ASP I 667 -69.02 -86.24 32.22
C ASP I 667 -68.03 -86.51 31.11
N GLN I 668 -66.84 -85.90 31.22
CA GLN I 668 -65.81 -86.17 30.28
C GLN I 668 -65.16 -87.40 30.90
N ARG I 669 -65.02 -87.33 32.23
CA ARG I 669 -64.49 -88.41 33.06
C ARG I 669 -65.31 -89.69 32.92
N GLY I 679 -67.12 -90.57 30.31
CA GLY I 679 -67.30 -91.04 28.94
C GLY I 679 -68.67 -90.74 28.32
N GLN I 680 -69.27 -89.61 28.64
CA GLN I 680 -70.59 -89.35 28.11
C GLN I 680 -70.50 -88.85 26.69
N ASP I 681 -71.57 -89.05 25.92
CA ASP I 681 -71.59 -88.64 24.53
C ASP I 681 -71.52 -87.13 24.39
N TYR I 682 -71.19 -86.68 23.19
CA TYR I 682 -71.05 -85.27 22.90
C TYR I 682 -72.40 -84.59 23.14
N GLU I 683 -73.48 -85.10 22.56
CA GLU I 683 -74.77 -84.45 22.82
C GLU I 683 -75.21 -84.56 24.28
N THR I 684 -74.91 -85.68 24.92
CA THR I 684 -75.29 -85.82 26.31
C THR I 684 -74.61 -84.76 27.16
N ILE I 685 -73.30 -84.58 26.99
CA ILE I 685 -72.64 -83.60 27.81
C ILE I 685 -73.06 -82.18 27.42
N ARG I 686 -73.34 -81.92 26.14
CA ARG I 686 -73.77 -80.59 25.72
C ARG I 686 -75.08 -80.19 26.36
N LYS I 687 -76.02 -81.12 26.43
CA LYS I 687 -77.30 -80.83 27.05
C LYS I 687 -77.08 -80.53 28.53
N THR I 688 -76.21 -81.28 29.18
CA THR I 688 -75.92 -81.05 30.58
C THR I 688 -75.29 -79.66 30.78
N MET I 689 -74.33 -79.31 29.92
CA MET I 689 -73.66 -78.02 29.97
C MET I 689 -74.68 -76.86 29.79
N LEU I 690 -75.64 -77.02 28.87
CA LEU I 690 -76.67 -75.99 28.73
C LEU I 690 -77.45 -75.84 30.03
N LYS I 691 -77.81 -76.97 30.64
CA LYS I 691 -78.55 -76.98 31.88
C LYS I 691 -77.76 -76.36 33.02
N GLU I 692 -76.44 -76.53 33.04
CA GLU I 692 -75.68 -75.93 34.12
C GLU I 692 -75.65 -74.41 33.98
N LEU I 693 -75.42 -73.93 32.76
CA LEU I 693 -75.31 -72.49 32.60
C LEU I 693 -76.64 -71.85 32.96
N LYS I 694 -77.73 -72.53 32.64
CA LYS I 694 -79.10 -72.10 32.92
C LYS I 694 -79.34 -71.48 34.28
N ASN I 695 -78.56 -71.87 35.30
CA ASN I 695 -78.83 -71.37 36.63
C ASN I 695 -78.09 -70.09 37.04
N SER I 696 -77.28 -69.51 36.14
CA SER I 696 -76.60 -68.25 36.45
C SER I 696 -76.45 -67.44 35.16
N PHE I 697 -76.79 -68.11 34.07
CA PHE I 697 -76.78 -67.61 32.71
C PHE I 697 -78.10 -68.03 32.15
N ARG I 698 -78.52 -67.45 31.06
CA ARG I 698 -79.73 -67.98 30.47
C ARG I 698 -79.46 -69.41 30.00
N PRO I 699 -80.50 -70.28 29.89
CA PRO I 699 -80.46 -71.67 29.40
C PRO I 699 -79.96 -71.77 28.00
N GLU I 700 -79.98 -70.65 27.29
CA GLU I 700 -79.51 -70.62 25.94
C GLU I 700 -78.33 -69.69 25.85
N PHE I 701 -77.39 -69.84 26.78
CA PHE I 701 -76.21 -69.02 26.68
C PHE I 701 -75.41 -69.62 25.53
N LEU I 702 -75.28 -70.95 25.54
CA LEU I 702 -74.53 -71.69 24.51
C LEU I 702 -75.34 -71.86 23.23
N ASN I 703 -76.62 -71.55 23.25
CA ASN I 703 -77.40 -71.75 22.02
C ASN I 703 -77.37 -70.50 21.13
N ARG I 704 -76.61 -69.50 21.56
CA ARG I 704 -76.40 -68.30 20.75
C ARG I 704 -74.99 -68.41 20.19
N VAL I 705 -74.34 -69.53 20.50
CA VAL I 705 -72.94 -69.83 20.23
C VAL I 705 -72.79 -70.92 19.17
N ASP I 706 -71.86 -70.71 18.23
CA ASP I 706 -71.63 -71.67 17.15
C ASP I 706 -71.26 -73.07 17.68
N ASP I 707 -70.55 -73.16 18.82
CA ASP I 707 -70.27 -74.50 19.34
C ASP I 707 -69.95 -74.54 20.83
N ILE I 708 -69.93 -75.76 21.35
CA ILE I 708 -69.64 -76.12 22.72
C ILE I 708 -68.43 -77.03 22.68
N ILE I 709 -67.28 -76.55 23.13
CA ILE I 709 -66.10 -77.39 22.99
C ILE I 709 -65.84 -78.09 24.31
N VAL I 710 -65.81 -79.40 24.25
CA VAL I 710 -65.67 -80.24 25.42
C VAL I 710 -64.26 -80.81 25.53
N PHE I 711 -63.45 -80.39 26.50
CA PHE I 711 -62.06 -80.89 26.49
C PHE I 711 -61.91 -82.23 27.18
N HIS I 712 -62.30 -83.25 26.44
CA HIS I 712 -62.43 -84.63 26.86
C HIS I 712 -61.44 -85.60 26.26
N LYS I 713 -62.40 -83.47 33.03
CA LYS I 713 -61.24 -84.35 32.91
C LYS I 713 -60.79 -84.57 31.47
N LEU I 714 -59.50 -84.35 31.21
CA LEU I 714 -59.00 -84.65 29.88
C LEU I 714 -58.58 -86.10 30.05
N THR I 715 -59.10 -86.97 29.23
CA THR I 715 -58.81 -88.39 29.40
C THR I 715 -57.47 -88.80 28.80
N LYS I 716 -57.05 -90.04 29.10
CA LYS I 716 -55.73 -90.54 28.67
C LYS I 716 -55.50 -90.54 27.17
N GLU I 717 -56.56 -90.64 26.38
CA GLU I 717 -56.38 -90.68 24.94
C GLU I 717 -55.92 -89.32 24.44
N GLU I 718 -56.58 -88.26 24.90
CA GLU I 718 -56.18 -86.95 24.47
C GLU I 718 -54.90 -86.54 25.18
N LEU I 719 -54.64 -87.07 26.38
CA LEU I 719 -53.38 -86.75 27.04
C LEU I 719 -52.23 -87.36 26.25
N LYS I 720 -52.38 -88.58 25.74
CA LYS I 720 -51.27 -89.08 24.95
C LYS I 720 -51.09 -88.17 23.75
N GLU I 721 -52.19 -87.68 23.20
CA GLU I 721 -52.09 -86.74 22.11
C GLU I 721 -51.52 -85.37 22.55
N ILE I 722 -51.78 -84.89 23.80
CA ILE I 722 -51.21 -83.58 24.13
C ILE I 722 -49.72 -83.75 24.27
N VAL I 723 -49.28 -84.91 24.72
CA VAL I 723 -47.86 -85.18 24.79
C VAL I 723 -47.33 -85.23 23.39
N THR I 724 -48.04 -85.91 22.48
CA THR I 724 -47.62 -85.97 21.09
C THR I 724 -47.51 -84.58 20.54
N MET I 725 -48.47 -83.73 20.86
CA MET I 725 -48.47 -82.37 20.41
C MET I 725 -47.20 -81.68 20.90
N MET I 726 -46.80 -81.91 22.15
CA MET I 726 -45.58 -81.27 22.62
C MET I 726 -44.38 -81.86 21.89
N VAL I 727 -44.44 -83.14 21.54
CA VAL I 727 -43.36 -83.75 20.79
C VAL I 727 -43.28 -83.06 19.44
N ASN I 728 -44.43 -82.82 18.84
CA ASN I 728 -44.48 -82.12 17.57
C ASN I 728 -43.92 -80.71 17.70
N LYS I 729 -44.12 -80.05 18.84
CA LYS I 729 -43.58 -78.70 18.99
C LYS I 729 -42.05 -78.80 19.09
N LEU I 730 -41.57 -79.81 19.81
CA LEU I 730 -40.14 -80.07 19.93
C LEU I 730 -39.51 -80.34 18.58
N THR I 731 -40.19 -81.19 17.86
CA THR I 731 -39.77 -81.56 16.55
C THR I 731 -39.63 -80.29 15.73
N ASN I 732 -40.68 -79.48 15.72
CA ASN I 732 -40.65 -78.26 14.96
C ASN I 732 -39.56 -77.29 15.43
N ARG I 733 -39.29 -77.20 16.74
CA ARG I 733 -38.26 -76.28 17.16
C ARG I 733 -36.84 -76.75 16.86
N LEU I 734 -36.53 -78.01 17.17
CA LEU I 734 -35.17 -78.48 16.98
C LEU I 734 -34.97 -79.43 15.82
N SER I 735 -35.88 -80.38 15.61
CA SER I 735 -35.61 -81.35 14.55
C SER I 735 -35.98 -80.87 13.16
N GLU I 736 -36.71 -79.77 13.10
CA GLU I 736 -37.05 -79.16 11.83
C GLU I 736 -36.19 -77.90 11.64
N GLN I 737 -32.65 -76.26 12.33
CA GLN I 737 -31.45 -76.94 12.84
C GLN I 737 -31.35 -78.39 12.38
N ASN I 738 -32.46 -79.06 12.13
CA ASN I 738 -32.44 -80.45 11.69
C ASN I 738 -31.75 -81.39 12.67
N ILE I 739 -31.98 -81.19 13.97
CA ILE I 739 -31.41 -82.06 14.98
C ILE I 739 -32.23 -83.31 15.07
N ASN I 740 -31.62 -84.45 14.84
CA ASN I 740 -32.48 -85.62 14.88
C ASN I 740 -32.74 -86.00 16.34
N ILE I 741 -33.99 -86.32 16.67
CA ILE I 741 -34.34 -86.65 18.05
C ILE I 741 -35.06 -87.99 18.20
N ILE I 742 -34.62 -88.81 19.16
CA ILE I 742 -35.32 -90.05 19.46
C ILE I 742 -36.21 -89.81 20.66
N VAL I 743 -37.48 -90.12 20.51
CA VAL I 743 -38.41 -89.94 21.62
C VAL I 743 -38.76 -91.30 22.21
N THR I 744 -38.43 -91.48 23.49
CA THR I 744 -38.70 -92.73 24.18
C THR I 744 -40.21 -92.95 24.26
N ASP I 745 -40.66 -94.14 23.90
CA ASP I 745 -42.06 -94.53 23.89
C ASP I 745 -42.57 -94.76 25.29
N LYS I 746 -41.84 -95.53 26.07
CA LYS I 746 -42.22 -95.76 27.45
C LYS I 746 -42.48 -94.45 28.12
N ALA I 747 -41.53 -93.53 27.99
CA ALA I 747 -41.66 -92.25 28.61
C ALA I 747 -42.84 -91.49 28.06
N LYS I 748 -43.04 -91.50 26.75
CA LYS I 748 -44.17 -90.74 26.20
C LYS I 748 -45.48 -91.10 26.90
N ASP I 749 -45.77 -92.39 27.04
CA ASP I 749 -47.01 -92.73 27.73
C ASP I 749 -46.93 -92.51 29.23
N LYS I 750 -45.79 -92.82 29.84
CA LYS I 750 -45.63 -92.64 31.28
C LYS I 750 -45.97 -91.21 31.60
N ILE I 751 -45.44 -90.30 30.82
CA ILE I 751 -45.68 -88.89 30.94
C ILE I 751 -47.14 -88.54 30.79
N ALA I 752 -47.78 -89.03 29.72
CA ALA I 752 -49.16 -88.66 29.47
C ALA I 752 -50.07 -89.00 30.62
N GLU I 753 -49.80 -90.10 31.29
CA GLU I 753 -50.65 -90.49 32.38
C GLU I 753 -50.20 -90.00 33.76
N GLU I 754 -48.88 -89.89 34.01
CA GLU I 754 -48.38 -89.50 35.34
C GLU I 754 -48.21 -88.00 35.59
N GLY I 755 -47.90 -87.20 34.57
CA GLY I 755 -47.65 -85.77 34.81
C GLY I 755 -48.93 -84.95 34.92
N TYR I 756 -50.06 -85.59 34.70
CA TYR I 756 -51.35 -84.96 34.74
C TYR I 756 -51.79 -84.60 36.16
N ASP I 757 -52.25 -83.37 36.34
CA ASP I 757 -52.80 -82.95 37.63
C ASP I 757 -54.12 -82.26 37.33
N PRO I 758 -55.27 -82.88 37.62
CA PRO I 758 -56.60 -82.53 37.17
C PRO I 758 -57.06 -81.13 37.53
N GLU I 759 -56.43 -80.48 38.52
CA GLU I 759 -56.90 -79.14 38.80
C GLU I 759 -56.76 -78.27 37.53
N TYR I 760 -55.68 -78.48 36.77
CA TYR I 760 -55.40 -77.75 35.55
C TYR I 760 -55.20 -78.75 34.43
N GLY I 761 -55.13 -79.99 34.85
CA GLY I 761 -54.94 -81.11 33.96
C GLY I 761 -53.67 -81.10 33.15
N ALA I 762 -53.87 -81.00 31.85
CA ALA I 762 -52.78 -81.01 30.92
C ALA I 762 -51.82 -79.83 31.13
N ARG I 763 -52.25 -78.68 31.64
CA ARG I 763 -51.22 -77.66 31.73
C ARG I 763 -49.99 -78.08 32.57
N PRO I 764 -50.11 -78.60 33.82
CA PRO I 764 -48.98 -79.09 34.57
C PRO I 764 -48.31 -80.28 33.90
N LEU I 765 -49.08 -81.05 33.12
CA LEU I 765 -48.43 -82.12 32.38
C LEU I 765 -47.41 -81.54 31.44
N ILE I 766 -47.86 -80.54 30.69
CA ILE I 766 -47.05 -79.86 29.71
C ILE I 766 -45.83 -79.25 30.36
N ARG I 767 -45.99 -78.65 31.53
CA ARG I 767 -44.83 -78.11 32.22
C ARG I 767 -43.91 -79.20 32.77
N ALA I 768 -44.43 -80.36 33.19
CA ALA I 768 -43.55 -81.42 33.69
C ALA I 768 -42.58 -81.78 32.58
N ILE I 769 -43.12 -81.85 31.36
CA ILE I 769 -42.35 -82.06 30.14
C ILE I 769 -42.06 -80.67 29.72
N GLN I 770 -41.59 -80.40 28.54
CA GLN I 770 -40.91 -79.11 28.43
C GLN I 770 -39.80 -79.25 29.47
N LYS I 771 -39.87 -78.57 30.60
CA LYS I 771 -38.82 -78.59 31.63
C LYS I 771 -38.00 -79.88 31.72
N THR I 772 -38.61 -81.04 31.98
CA THR I 772 -37.79 -82.25 32.11
C THR I 772 -37.02 -82.53 30.83
N ILE I 773 -37.71 -82.39 29.73
CA ILE I 773 -37.20 -82.76 28.44
C ILE I 773 -36.15 -81.75 28.03
N GLU I 774 -36.42 -80.48 28.30
CA GLU I 774 -35.55 -79.38 27.97
C GLU I 774 -34.19 -79.54 28.65
N ASP I 775 -34.12 -80.13 29.85
CA ASP I 775 -32.79 -80.27 30.42
C ASP I 775 -32.04 -81.37 29.72
N ASN I 776 -32.71 -82.48 29.39
CA ASN I 776 -31.97 -83.51 28.69
C ASN I 776 -31.49 -82.97 27.34
N LEU I 777 -32.37 -82.25 26.65
CA LEU I 777 -32.03 -81.71 25.34
C LEU I 777 -30.97 -80.66 25.42
N SER I 778 -31.02 -79.81 26.42
CA SER I 778 -30.05 -78.76 26.55
C SER I 778 -28.67 -79.31 26.66
N GLU I 779 -28.48 -80.28 27.53
CA GLU I 779 -27.14 -80.75 27.69
C GLU I 779 -26.69 -81.41 26.39
N LEU I 780 -27.57 -82.16 25.75
CA LEU I 780 -27.16 -82.82 24.53
C LEU I 780 -26.85 -81.90 23.36
N ILE I 781 -27.65 -80.85 23.15
CA ILE I 781 -27.37 -80.00 22.01
C ILE I 781 -26.18 -79.09 22.27
N LEU I 782 -25.94 -78.73 23.54
CA LEU I 782 -24.80 -77.91 23.86
C LEU I 782 -23.51 -78.71 23.85
N ASP I 783 -23.54 -79.93 24.40
CA ASP I 783 -22.37 -80.80 24.37
C ASP I 783 -22.01 -81.13 22.94
N GLY I 784 -23.04 -81.31 22.12
CA GLY I 784 -22.83 -81.67 20.73
C GLY I 784 -23.02 -83.17 20.57
N ASN I 785 -23.84 -83.75 21.45
CA ASN I 785 -24.12 -85.18 21.38
C ASN I 785 -25.32 -85.44 20.49
N GLN I 786 -26.30 -84.53 20.55
CA GLN I 786 -27.47 -84.65 19.71
C GLN I 786 -27.41 -83.42 18.83
N ILE I 787 -27.05 -83.67 17.59
CA ILE I 787 -26.73 -82.65 16.61
C ILE I 787 -27.48 -82.77 15.30
N GLU I 788 -27.21 -81.82 14.43
CA GLU I 788 -27.83 -81.82 13.14
C GLU I 788 -27.51 -83.18 12.50
N GLY I 789 -28.54 -83.90 12.09
CA GLY I 789 -28.37 -85.21 11.45
C GLY I 789 -28.11 -86.43 12.37
N LYS I 790 -28.09 -86.24 13.69
CA LYS I 790 -27.79 -87.35 14.61
C LYS I 790 -28.75 -87.45 15.76
N LYS I 791 -29.12 -88.66 16.13
CA LYS I 791 -30.03 -88.79 17.26
C LYS I 791 -29.62 -89.81 18.27
N VAL I 792 -29.96 -89.49 19.51
CA VAL I 792 -29.71 -90.31 20.69
C VAL I 792 -30.99 -90.38 21.50
N THR I 793 -31.04 -91.26 22.50
CA THR I 793 -32.25 -91.32 23.33
C THR I 793 -31.97 -91.27 24.82
N VAL I 794 -33.04 -91.38 25.59
CA VAL I 794 -33.02 -91.36 27.05
C VAL I 794 -33.87 -92.50 27.59
N ARG J 5 50.67 -27.59 -26.77
CA ARG J 5 50.73 -26.88 -25.50
C ARG J 5 49.36 -26.52 -24.98
N LEU J 6 49.28 -26.06 -23.75
CA LEU J 6 47.98 -25.56 -23.31
C LEU J 6 47.76 -24.31 -24.17
N THR J 7 46.62 -24.23 -24.84
CA THR J 7 46.28 -23.13 -25.74
C THR J 7 44.96 -22.57 -25.33
N GLU J 8 44.44 -21.62 -26.11
CA GLU J 8 43.14 -21.02 -25.80
C GLU J 8 41.95 -21.89 -26.18
N ARG J 9 42.17 -23.02 -26.84
CA ARG J 9 41.00 -23.78 -27.21
C ARG J 9 40.16 -24.27 -26.04
N ALA J 10 38.89 -23.90 -26.08
CA ALA J 10 37.85 -24.21 -25.07
C ALA J 10 38.25 -23.82 -23.65
N GLN J 11 39.11 -22.84 -23.46
CA GLN J 11 39.55 -22.54 -22.09
C GLN J 11 38.55 -21.66 -21.35
N ARG J 12 37.52 -21.20 -22.05
CA ARG J 12 36.49 -20.37 -21.44
C ARG J 12 35.85 -21.12 -20.27
N VAL J 13 35.86 -22.45 -20.35
CA VAL J 13 35.24 -23.26 -19.34
C VAL J 13 36.02 -23.16 -18.03
N LEU J 14 37.31 -22.91 -18.08
CA LEU J 14 38.10 -22.84 -16.88
C LEU J 14 37.74 -21.54 -16.20
N ALA J 15 37.48 -20.51 -17.01
CA ALA J 15 37.07 -19.24 -16.44
C ALA J 15 35.73 -19.45 -15.70
N HIS J 16 34.82 -20.26 -16.27
CA HIS J 16 33.54 -20.55 -15.62
C HIS J 16 33.78 -21.28 -14.27
N ALA J 17 34.78 -22.15 -14.22
CA ALA J 17 35.04 -22.82 -12.96
C ALA J 17 35.37 -21.80 -11.87
N GLN J 18 36.20 -20.80 -12.21
CA GLN J 18 36.54 -19.77 -11.24
C GLN J 18 35.33 -18.95 -10.83
N GLU J 19 34.40 -18.73 -11.75
CA GLU J 19 33.20 -17.95 -11.43
C GLU J 19 32.43 -18.63 -10.31
N GLU J 20 32.39 -19.97 -10.29
CA GLU J 20 31.69 -20.66 -9.21
C GLU J 20 32.43 -20.43 -7.89
N ALA J 21 33.78 -20.47 -7.94
CA ALA J 21 34.56 -20.25 -6.72
C ALA J 21 34.28 -18.86 -6.15
N ILE J 22 34.10 -17.89 -7.03
CA ILE J 22 33.84 -16.54 -6.59
C ILE J 22 32.48 -16.44 -5.89
N ARG J 23 31.41 -17.01 -6.48
CA ARG J 23 30.10 -16.87 -5.82
C ARG J 23 30.04 -17.66 -4.51
N LEU J 24 30.91 -18.65 -4.34
CA LEU J 24 30.95 -19.46 -3.14
C LEU J 24 32.02 -18.95 -2.14
N ASN J 25 32.54 -17.75 -2.40
CA ASN J 25 33.49 -17.03 -1.57
C ASN J 25 34.82 -17.71 -1.19
N HIS J 26 35.47 -18.39 -2.14
CA HIS J 26 36.77 -18.99 -1.80
C HIS J 26 37.74 -19.07 -2.97
N SER J 27 39.04 -19.26 -2.63
CA SER J 27 40.13 -19.45 -3.57
C SER J 27 40.38 -20.90 -3.90
N ASN J 28 39.57 -21.80 -3.33
CA ASN J 28 39.73 -23.25 -3.48
C ASN J 28 39.31 -23.70 -4.86
N ILE J 29 40.00 -23.25 -5.88
CA ILE J 29 39.55 -23.68 -7.17
C ILE J 29 40.18 -25.02 -7.36
N GLY J 30 39.40 -26.02 -7.04
CA GLY J 30 39.79 -27.40 -7.09
C GLY J 30 39.22 -28.01 -8.32
N THR J 31 39.31 -29.32 -8.40
CA THR J 31 38.84 -29.99 -9.58
C THR J 31 37.33 -30.09 -9.55
N GLU J 32 36.76 -29.91 -8.36
CA GLU J 32 35.32 -29.86 -8.20
C GLU J 32 34.77 -28.63 -8.92
N HIS J 33 35.61 -27.59 -9.06
CA HIS J 33 35.22 -26.38 -9.76
C HIS J 33 35.41 -26.59 -11.21
N LEU J 34 36.50 -27.25 -11.58
CA LEU J 34 36.79 -27.45 -12.99
C LEU J 34 35.66 -28.28 -13.59
N LEU J 35 35.09 -29.17 -12.80
CA LEU J 35 33.95 -29.96 -13.26
C LEU J 35 32.77 -29.09 -13.66
N LEU J 36 32.57 -27.93 -13.02
CA LEU J 36 31.44 -27.07 -13.36
C LEU J 36 31.90 -25.96 -14.28
N GLY J 37 33.14 -26.06 -14.73
CA GLY J 37 33.64 -25.14 -15.70
C GLY J 37 33.10 -25.73 -16.96
N LEU J 38 33.41 -27.01 -17.16
CA LEU J 38 32.89 -27.70 -18.32
C LEU J 38 31.36 -27.79 -18.18
N MET J 39 30.85 -28.13 -16.99
CA MET J 39 29.40 -28.08 -16.77
C MET J 39 29.01 -26.72 -16.25
N LYS J 40 29.20 -25.73 -17.12
CA LYS J 40 28.89 -24.32 -16.88
C LYS J 40 27.41 -24.11 -16.62
N GLU J 41 26.61 -25.08 -17.03
CA GLU J 41 25.17 -25.12 -16.86
C GLU J 41 24.83 -26.61 -16.76
N PRO J 42 23.67 -27.01 -16.22
CA PRO J 42 23.20 -28.38 -16.13
C PRO J 42 23.08 -29.13 -17.45
N GLU J 43 22.98 -28.42 -18.57
CA GLU J 43 22.84 -29.11 -19.84
C GLU J 43 24.09 -29.91 -20.18
N GLY J 44 23.91 -31.03 -20.86
CA GLY J 44 25.04 -31.86 -21.30
C GLY J 44 25.55 -31.39 -22.67
N ILE J 45 24.97 -30.31 -23.15
CA ILE J 45 25.33 -29.76 -24.44
C ILE J 45 26.76 -29.29 -24.43
N ALA J 46 26.05 -26.78 -22.18
CA ALA J 46 27.32 -26.68 -21.48
C ALA J 46 28.44 -27.02 -22.44
N ALA J 47 29.66 -27.19 -21.92
CA ALA J 47 30.75 -27.57 -22.79
C ALA J 47 31.03 -29.07 -22.68
N LYS J 48 31.03 -29.57 -21.45
CA LYS J 48 31.47 -30.94 -21.16
C LYS J 48 30.82 -31.99 -22.05
N VAL J 49 31.66 -32.89 -22.61
CA VAL J 49 31.18 -33.91 -23.54
C VAL J 49 30.71 -35.24 -22.91
N LEU J 50 31.11 -35.53 -21.68
CA LEU J 50 30.76 -36.82 -21.05
C LEU J 50 29.27 -37.05 -20.83
N GLU J 51 28.51 -36.01 -20.55
CA GLU J 51 27.08 -36.11 -20.29
C GLU J 51 26.25 -36.50 -21.51
N SER J 52 26.93 -36.66 -22.66
CA SER J 52 26.35 -37.15 -23.89
C SER J 52 26.44 -38.69 -23.92
N PHE J 53 26.94 -39.28 -22.82
CA PHE J 53 27.14 -40.71 -22.57
C PHE J 53 26.20 -41.11 -21.40
N ASN J 54 26.40 -42.29 -20.84
CA ASN J 54 25.59 -42.87 -19.74
C ASN J 54 25.65 -42.07 -18.42
N ILE J 55 26.69 -41.25 -18.27
CA ILE J 55 26.89 -40.43 -17.09
C ILE J 55 25.93 -39.26 -17.15
N THR J 56 25.19 -38.98 -16.07
CA THR J 56 24.28 -37.83 -16.18
C THR J 56 24.66 -36.65 -15.30
N GLU J 57 24.23 -35.50 -15.79
CA GLU J 57 24.46 -34.18 -15.23
C GLU J 57 23.91 -33.88 -13.85
N ASP J 58 22.83 -34.51 -13.41
CA ASP J 58 22.33 -34.12 -12.11
C ASP J 58 23.08 -34.85 -11.01
N LYS J 59 23.47 -36.08 -11.27
CA LYS J 59 24.17 -36.83 -10.25
C LYS J 59 25.55 -36.22 -10.07
N VAL J 60 26.19 -35.81 -11.17
CA VAL J 60 27.49 -35.20 -11.03
C VAL J 60 27.39 -33.89 -10.29
N ILE J 61 26.41 -33.06 -10.64
CA ILE J 61 26.33 -31.79 -9.94
C ILE J 61 26.08 -31.99 -8.45
N GLU J 62 25.15 -32.86 -8.05
CA GLU J 62 24.95 -33.03 -6.61
C GLU J 62 26.19 -33.57 -5.88
N GLU J 63 26.91 -34.51 -6.49
CA GLU J 63 28.10 -34.98 -5.80
C GLU J 63 29.13 -33.83 -5.69
N VAL J 64 29.23 -33.01 -6.73
CA VAL J 64 30.11 -31.85 -6.71
C VAL J 64 29.70 -30.84 -5.64
N GLU J 65 28.39 -30.59 -5.49
CA GLU J 65 27.88 -29.63 -4.50
C GLU J 65 28.38 -29.94 -3.09
N LYS J 66 28.47 -31.22 -2.76
CA LYS J 66 28.95 -31.66 -1.44
C LYS J 66 30.38 -31.21 -1.09
N LEU J 67 31.23 -30.93 -2.09
CA LEU J 67 32.62 -30.52 -1.85
C LEU J 67 32.87 -29.08 -2.22
N ILE J 68 32.31 -28.67 -3.34
CA ILE J 68 32.56 -27.35 -3.87
C ILE J 68 32.05 -26.27 -2.91
N GLY J 69 30.97 -26.55 -2.14
CA GLY J 69 30.41 -25.63 -1.17
C GLY J 69 31.27 -24.39 -0.91
N TYR J 80 43.67 -20.79 -6.85
CA TYR J 80 43.82 -22.07 -7.53
C TYR J 80 44.61 -23.08 -6.71
N THR J 81 44.03 -24.27 -6.60
CA THR J 81 44.64 -25.35 -5.85
C THR J 81 45.58 -26.17 -6.73
N PRO J 82 46.56 -26.90 -6.15
CA PRO J 82 47.42 -27.87 -6.82
C PRO J 82 46.66 -28.90 -7.62
N ARG J 83 45.47 -29.30 -7.17
CA ARG J 83 44.74 -30.31 -7.93
C ARG J 83 44.22 -29.69 -9.20
N ALA J 84 43.64 -28.49 -9.12
CA ALA J 84 43.16 -27.87 -10.35
C ALA J 84 44.31 -27.62 -11.29
N LYS J 85 45.45 -27.19 -10.76
CA LYS J 85 46.58 -26.89 -11.61
C LYS J 85 47.07 -28.16 -12.29
N LYS J 86 47.08 -29.26 -11.53
CA LYS J 86 47.48 -30.54 -12.07
C LYS J 86 46.57 -30.89 -13.22
N VAL J 87 45.26 -30.78 -13.02
CA VAL J 87 44.34 -31.10 -14.11
C VAL J 87 44.53 -30.25 -15.33
N ILE J 88 44.72 -28.96 -15.14
CA ILE J 88 44.90 -28.11 -16.27
C ILE J 88 46.15 -28.56 -17.05
N GLU J 89 47.27 -28.82 -16.36
CA GLU J 89 48.45 -29.32 -17.07
C GLU J 89 48.27 -30.73 -17.68
N LEU J 90 47.59 -31.62 -16.95
CA LEU J 90 47.37 -33.00 -17.39
C LEU J 90 46.58 -33.03 -18.67
N SER J 91 45.68 -32.08 -18.83
CA SER J 91 44.84 -32.07 -20.00
C SER J 91 45.67 -31.95 -21.27
N MET J 92 46.87 -31.33 -21.23
CA MET J 92 47.66 -31.29 -22.46
C MET J 92 48.34 -32.60 -22.69
N ASP J 93 48.92 -33.18 -21.64
CA ASP J 93 49.61 -34.44 -21.85
C ASP J 93 48.64 -35.47 -22.38
N GLU J 94 47.42 -35.44 -21.87
CA GLU J 94 46.42 -36.39 -22.32
C GLU J 94 45.85 -35.99 -23.69
N ALA J 95 45.71 -34.68 -23.98
CA ALA J 95 45.18 -34.21 -25.26
C ALA J 95 46.02 -34.70 -26.42
N ARG J 96 47.32 -34.82 -26.23
CA ARG J 96 48.15 -35.25 -27.32
C ARG J 96 47.74 -36.62 -27.86
N LYS J 97 47.20 -37.49 -27.00
CA LYS J 97 46.78 -38.85 -27.34
C LYS J 97 45.68 -38.88 -28.39
N LEU J 98 44.94 -37.78 -28.54
CA LEU J 98 43.84 -37.69 -29.49
C LEU J 98 44.26 -36.91 -30.75
N HIS J 99 45.58 -36.87 -31.05
CA HIS J 99 46.17 -36.19 -32.22
C HIS J 99 46.10 -34.68 -32.12
N HIS J 100 46.59 -34.14 -31.00
CA HIS J 100 46.52 -32.69 -30.83
C HIS J 100 47.76 -32.02 -30.27
N ASN J 101 47.86 -30.72 -30.59
CA ASN J 101 48.85 -29.84 -30.02
C ASN J 101 48.15 -28.75 -29.17
N PHE J 102 46.91 -29.05 -28.73
CA PHE J 102 46.07 -28.19 -27.89
C PHE J 102 45.16 -28.99 -27.00
N VAL J 103 44.58 -28.31 -26.01
CA VAL J 103 43.60 -28.87 -25.11
C VAL J 103 42.23 -28.29 -25.34
N GLY J 104 41.26 -29.10 -25.71
CA GLY J 104 39.90 -28.65 -25.94
C GLY J 104 38.97 -29.14 -24.84
N THR J 105 37.66 -29.04 -25.07
CA THR J 105 36.67 -29.39 -24.05
C THR J 105 36.85 -30.79 -23.53
N GLU J 106 36.98 -31.70 -24.48
CA GLU J 106 37.09 -33.12 -24.26
C GLU J 106 38.45 -33.49 -23.68
N HIS J 107 39.39 -32.57 -23.69
CA HIS J 107 40.71 -32.89 -23.18
C HIS J 107 40.77 -32.41 -21.76
N ILE J 108 40.00 -31.38 -21.43
CA ILE J 108 39.96 -30.91 -20.06
C ILE J 108 39.38 -32.10 -19.33
N LEU J 109 38.36 -32.71 -19.94
CA LEU J 109 37.77 -33.92 -19.40
C LEU J 109 38.86 -34.97 -19.15
N LEU J 110 39.75 -35.22 -20.13
CA LEU J 110 40.82 -36.22 -19.92
C LEU J 110 41.72 -35.86 -18.73
N GLY J 111 41.99 -34.57 -18.50
CA GLY J 111 42.81 -34.20 -17.36
C GLY J 111 42.08 -34.54 -16.06
N LEU J 112 40.80 -34.17 -16.02
CA LEU J 112 39.95 -34.34 -14.84
C LEU J 112 39.81 -35.76 -14.39
N ASN J 116 41.65 -37.93 -13.55
CA ASN J 116 42.59 -38.39 -12.53
C ASN J 116 42.34 -37.77 -11.16
N GLU J 117 41.68 -36.62 -11.13
CA GLU J 117 41.42 -35.86 -9.92
C GLU J 117 39.94 -35.47 -9.79
N GLY J 118 39.42 -34.91 -10.87
CA GLY J 118 38.09 -34.35 -10.99
C GLY J 118 37.08 -35.42 -11.25
N VAL J 119 36.85 -36.24 -10.24
CA VAL J 119 35.95 -37.34 -10.42
C VAL J 119 34.96 -37.39 -9.28
N ALA J 120 33.77 -37.94 -9.52
CA ALA J 120 32.82 -38.05 -8.42
C ALA J 120 33.19 -39.21 -7.53
N ALA J 121 34.24 -39.06 -6.72
CA ALA J 121 34.69 -40.14 -5.82
C ALA J 121 33.76 -40.14 -4.62
N ARG J 122 32.53 -40.53 -4.90
CA ARG J 122 31.36 -40.51 -4.07
C ARG J 122 30.45 -41.71 -4.39
N VAL J 123 29.28 -41.79 -3.76
CA VAL J 123 28.41 -42.94 -4.00
C VAL J 123 28.01 -43.03 -5.46
N PHE J 124 27.60 -41.93 -6.05
CA PHE J 124 27.25 -41.97 -7.45
C PHE J 124 28.53 -41.73 -8.19
N ALA J 125 29.29 -42.82 -8.32
CA ALA J 125 30.67 -42.78 -8.82
C ALA J 125 30.77 -42.54 -10.30
N ASN J 126 30.38 -41.35 -10.66
CA ASN J 126 30.39 -40.78 -11.98
C ASN J 126 31.76 -40.20 -12.15
N LEU J 127 32.69 -41.10 -12.29
CA LEU J 127 34.04 -40.70 -12.36
C LEU J 127 34.18 -40.28 -13.80
N ASP J 128 34.86 -39.19 -14.07
CA ASP J 128 35.00 -38.85 -15.45
C ASP J 128 35.72 -39.98 -16.20
N LEU J 129 35.26 -40.24 -17.41
CA LEU J 129 35.85 -41.28 -18.23
C LEU J 129 36.75 -40.59 -19.21
N ASN J 130 37.90 -41.18 -19.51
CA ASN J 130 38.84 -40.52 -20.40
C ASN J 130 38.54 -40.59 -21.88
N ILE J 131 38.51 -41.77 -22.47
CA ILE J 131 38.33 -41.80 -23.90
C ILE J 131 37.04 -42.44 -24.32
N THR J 132 36.30 -43.01 -23.38
CA THR J 132 35.05 -43.65 -23.70
C THR J 132 34.15 -42.74 -24.51
N LYS J 133 34.02 -41.47 -24.09
CA LYS J 133 33.18 -40.55 -24.85
C LYS J 133 34.01 -39.47 -25.56
N ALA J 134 35.14 -39.06 -24.98
CA ALA J 134 35.96 -38.00 -25.59
C ALA J 134 36.38 -38.38 -27.00
N ARG J 135 36.62 -39.69 -27.25
CA ARG J 135 37.00 -40.17 -28.57
C ARG J 135 35.92 -39.93 -29.61
N ALA J 136 34.68 -39.70 -29.16
CA ALA J 136 33.58 -39.48 -30.08
C ALA J 136 33.44 -38.00 -30.38
N GLN J 137 33.47 -37.14 -29.37
CA GLN J 137 33.24 -35.73 -29.71
C GLN J 137 34.38 -35.22 -30.56
N VAL J 138 35.58 -35.70 -30.30
CA VAL J 138 36.76 -35.29 -31.05
C VAL J 138 36.65 -35.63 -32.55
N VAL J 139 35.78 -36.58 -32.93
CA VAL J 139 35.62 -36.94 -34.35
C VAL J 139 34.25 -36.51 -34.89
N LYS J 140 33.30 -36.16 -34.02
CA LYS J 140 32.05 -35.61 -34.51
C LYS J 140 32.44 -34.21 -34.95
N ALA J 141 33.20 -33.55 -34.08
CA ALA J 141 33.72 -32.24 -34.32
C ALA J 141 34.78 -32.38 -35.38
N LEU J 142 35.16 -31.30 -36.01
CA LEU J 142 36.23 -31.39 -36.99
C LEU J 142 37.46 -32.07 -36.37
N GLY J 143 37.84 -31.67 -35.16
CA GLY J 143 38.97 -32.32 -34.50
C GLY J 143 40.32 -31.78 -34.94
N ASN J 144 41.27 -32.70 -35.22
CA ASN J 144 42.67 -32.37 -35.48
C ASN J 144 43.07 -31.54 -36.72
N PRO J 145 42.25 -31.33 -37.79
CA PRO J 145 42.56 -30.46 -38.92
C PRO J 145 42.85 -29.03 -38.46
N GLU J 146 42.44 -28.69 -37.23
CA GLU J 146 42.70 -27.40 -36.64
C GLU J 146 43.52 -27.77 -35.42
N MET J 147 44.74 -28.22 -35.74
CA MET J 147 45.73 -28.84 -34.88
C MET J 147 46.17 -28.08 -33.64
N SER J 148 46.16 -26.74 -33.64
CA SER J 148 46.56 -26.02 -32.42
C SER J 148 46.06 -24.59 -32.28
N ASN J 149 45.61 -24.29 -31.06
CA ASN J 149 45.20 -22.95 -30.61
C ASN J 149 44.14 -22.28 -31.45
N LYS J 150 43.07 -22.98 -31.86
CA LYS J 150 42.07 -22.25 -32.63
C LYS J 150 41.53 -21.10 -31.79
N ASN J 151 40.68 -21.40 -30.79
CA ASN J 151 40.26 -20.36 -29.87
C ASN J 151 39.36 -20.89 -28.74
N ALA J 152 39.08 -20.04 -27.75
CA ALA J 152 38.29 -20.40 -26.56
C ALA J 152 36.79 -20.49 -26.75
N GLN J 153 36.39 -21.60 -27.35
CA GLN J 153 35.02 -21.97 -27.59
C GLN J 153 34.87 -23.48 -27.53
N ALA J 154 33.65 -23.91 -27.27
CA ALA J 154 33.26 -25.32 -27.21
C ALA J 154 31.92 -25.52 -27.89
N SER J 155 31.67 -24.85 -29.00
CA SER J 155 30.36 -24.98 -29.64
C SER J 155 30.09 -26.37 -30.19
N LYS J 156 28.82 -26.78 -30.09
CA LYS J 156 28.34 -28.06 -30.62
C LYS J 156 27.51 -27.85 -31.89
N SER J 157 27.58 -26.64 -32.43
CA SER J 157 26.84 -26.26 -33.64
C SER J 157 27.79 -25.82 -34.75
N ASN J 158 29.07 -26.04 -34.54
CA ASN J 158 30.08 -25.62 -35.51
C ASN J 158 31.04 -26.80 -35.72
N ASN J 159 31.94 -26.78 -36.73
CA ASN J 159 32.90 -27.83 -36.98
C ASN J 159 34.19 -27.65 -36.18
N THR J 162 4.63 -16.72 -14.31
CA THR J 162 3.50 -17.63 -14.51
C THR J 162 3.41 -18.06 -15.94
N LEU J 163 3.86 -17.16 -16.81
CA LEU J 163 3.85 -17.42 -18.25
C LEU J 163 2.40 -17.63 -18.70
N ASP J 164 1.48 -16.96 -18.03
CA ASP J 164 0.05 -17.02 -18.28
C ASP J 164 -0.45 -16.11 -19.40
N SER J 165 -1.78 -16.02 -19.49
CA SER J 165 -2.54 -15.33 -20.53
C SER J 165 -2.29 -13.83 -20.64
N LEU J 166 -1.60 -13.21 -19.67
CA LEU J 166 -1.31 -11.80 -19.81
C LEU J 166 -0.44 -11.53 -21.04
N ALA J 167 0.23 -12.56 -21.55
CA ALA J 167 1.03 -12.43 -22.75
C ALA J 167 0.69 -13.59 -23.69
N ARG J 168 0.65 -13.32 -24.99
CA ARG J 168 0.32 -14.35 -25.97
C ARG J 168 1.52 -15.16 -26.36
N ASP J 169 1.41 -16.47 -26.26
CA ASP J 169 2.55 -17.28 -26.64
C ASP J 169 2.60 -17.40 -28.15
N LEU J 170 3.38 -16.53 -28.76
CA LEU J 170 3.39 -16.48 -30.21
C LEU J 170 4.15 -17.67 -30.71
N THR J 171 5.09 -18.14 -29.92
CA THR J 171 5.84 -19.33 -30.33
C THR J 171 4.88 -20.52 -30.46
N VAL J 172 4.01 -20.76 -29.49
CA VAL J 172 3.12 -21.92 -29.70
C VAL J 172 2.12 -21.64 -30.82
N ILE J 173 1.70 -20.41 -30.98
CA ILE J 173 0.76 -20.09 -32.05
C ILE J 173 1.42 -20.44 -33.39
N ALA J 174 2.68 -20.01 -33.54
CA ALA J 174 3.49 -20.28 -34.70
C ALA J 174 3.72 -21.78 -34.91
N LYS J 175 3.86 -22.56 -33.84
CA LYS J 175 4.08 -24.01 -33.97
C LYS J 175 2.86 -24.64 -34.55
N ASP J 176 1.70 -24.24 -34.02
CA ASP J 176 0.42 -24.74 -34.50
C ASP J 176 0.22 -24.36 -35.95
N GLY J 177 0.75 -23.21 -36.37
CA GLY J 177 0.60 -22.73 -37.72
C GLY J 177 -0.71 -21.96 -37.83
N THR J 178 -1.16 -21.43 -36.70
CA THR J 178 -2.41 -20.68 -36.68
C THR J 178 -2.31 -19.43 -37.52
N LEU J 179 -1.20 -18.72 -37.37
CA LEU J 179 -1.01 -17.46 -38.06
C LEU J 179 0.15 -17.59 -39.02
N ASP J 180 0.08 -16.93 -40.15
CA ASP J 180 1.23 -16.92 -41.02
C ASP J 180 2.25 -15.87 -40.51
N PRO J 181 3.57 -16.16 -40.55
CA PRO J 181 4.66 -15.29 -40.19
C PRO J 181 4.89 -14.24 -41.26
N VAL J 182 5.49 -13.12 -40.92
CA VAL J 182 5.86 -12.28 -42.03
C VAL J 182 7.01 -12.98 -42.67
N ILE J 183 7.06 -12.95 -43.96
CA ILE J 183 8.17 -13.50 -44.69
C ILE J 183 8.68 -12.29 -45.46
N GLY J 184 10.00 -12.19 -45.68
CA GLY J 184 10.50 -11.02 -46.40
C GLY J 184 11.03 -9.94 -45.45
N ARG J 185 11.04 -10.24 -44.15
CA ARG J 185 11.52 -9.36 -43.08
C ARG J 185 12.50 -10.10 -42.21
N ASP J 186 13.37 -10.85 -42.85
CA ASP J 186 14.23 -11.75 -42.14
C ASP J 186 15.42 -11.03 -41.53
N LYS J 187 15.87 -9.94 -42.15
CA LYS J 187 16.99 -9.23 -41.53
C LYS J 187 16.52 -8.59 -40.22
N GLU J 188 15.29 -8.06 -40.22
CA GLU J 188 14.75 -7.45 -39.01
C GLU J 188 14.68 -8.50 -37.91
N ILE J 189 14.31 -9.72 -38.29
CA ILE J 189 14.23 -10.79 -37.33
C ILE J 189 15.61 -11.06 -36.74
N THR J 190 16.65 -11.17 -37.57
CA THR J 190 17.95 -11.43 -36.98
C THR J 190 18.50 -10.28 -36.17
N ARG J 191 18.16 -9.02 -36.50
CA ARG J 191 18.66 -7.95 -35.67
C ARG J 191 18.04 -8.06 -34.27
N VAL J 192 16.76 -8.37 -34.20
CA VAL J 192 16.10 -8.53 -32.91
C VAL J 192 16.74 -9.66 -32.11
N ILE J 193 17.04 -10.78 -32.77
CA ILE J 193 17.62 -11.91 -32.07
C ILE J 193 18.93 -11.51 -31.41
N GLU J 194 19.77 -10.85 -32.20
CA GLU J 194 21.07 -10.52 -31.68
C GLU J 194 21.06 -9.45 -30.63
N VAL J 195 20.21 -8.45 -30.75
CA VAL J 195 20.26 -7.43 -29.73
C VAL J 195 19.90 -7.99 -28.39
N LEU J 196 18.88 -8.81 -28.34
CA LEU J 196 18.44 -9.35 -27.07
C LEU J 196 19.50 -10.14 -26.34
N SER J 197 20.32 -10.87 -27.05
CA SER J 197 21.33 -11.67 -26.40
C SER J 197 22.69 -10.93 -26.22
N ARG J 198 22.75 -9.62 -26.56
CA ARG J 198 23.93 -8.75 -26.39
C ARG J 198 23.93 -7.98 -25.08
N ARG J 199 25.07 -7.39 -24.76
CA ARG J 199 25.13 -6.56 -23.58
C ARG J 199 25.32 -5.10 -23.94
N THR J 200 25.83 -4.78 -25.14
CA THR J 200 26.03 -3.37 -25.45
C THR J 200 24.67 -2.70 -25.34
N LYS J 201 23.68 -3.29 -26.01
CA LYS J 201 22.29 -2.90 -25.95
C LYS J 201 21.58 -4.22 -25.80
N ASN J 202 20.48 -4.26 -25.06
CA ASN J 202 19.77 -5.53 -24.91
C ASN J 202 18.28 -5.42 -25.15
N ASN J 203 17.91 -4.41 -25.91
CA ASN J 203 16.52 -4.19 -26.21
C ASN J 203 16.38 -3.61 -27.63
N PRO J 204 16.04 -4.38 -28.65
CA PRO J 204 15.92 -3.88 -29.99
C PRO J 204 14.66 -3.02 -30.10
N VAL J 205 14.62 -2.06 -31.03
CA VAL J 205 13.37 -1.32 -31.25
C VAL J 205 12.86 -1.53 -32.63
N LEU J 206 11.75 -2.22 -32.81
CA LEU J 206 11.24 -2.44 -34.16
C LEU J 206 10.47 -1.20 -34.61
N ILE J 207 11.21 -0.19 -34.97
CA ILE J 207 10.62 1.08 -35.31
C ILE J 207 10.06 1.01 -36.72
N GLY J 208 8.91 1.57 -36.98
CA GLY J 208 8.47 1.55 -38.37
C GLY J 208 7.01 1.84 -38.58
N GLU J 209 6.61 1.79 -39.86
CA GLU J 209 5.24 2.08 -40.29
C GLU J 209 4.33 0.87 -40.03
N PRO J 210 3.03 1.09 -39.82
CA PRO J 210 1.98 0.07 -39.74
C PRO J 210 1.63 -0.43 -41.13
N GLY J 211 1.04 -1.62 -41.23
CA GLY J 211 0.54 -2.13 -42.53
C GLY J 211 1.65 -2.72 -43.40
N VAL J 212 2.86 -2.72 -42.86
CA VAL J 212 4.04 -3.20 -43.56
C VAL J 212 4.62 -4.44 -42.86
N GLY J 213 3.79 -5.09 -42.06
CA GLY J 213 4.16 -6.33 -41.39
C GLY J 213 4.84 -6.28 -40.02
N LYS J 214 4.82 -5.16 -39.29
CA LYS J 214 5.53 -5.19 -38.00
C LYS J 214 5.01 -6.24 -37.01
N THR J 215 3.69 -6.40 -36.89
CA THR J 215 3.15 -7.37 -35.96
C THR J 215 3.59 -8.78 -36.31
N ALA J 216 3.76 -9.00 -37.61
CA ALA J 216 4.10 -10.29 -38.13
C ALA J 216 5.60 -10.56 -38.03
N ILE J 217 6.41 -9.57 -37.65
CA ILE J 217 7.84 -9.78 -37.47
C ILE J 217 7.97 -10.51 -36.18
N ALA J 218 7.22 -10.06 -35.17
CA ALA J 218 7.24 -10.78 -33.91
C ALA J 218 6.78 -12.22 -34.16
N GLU J 219 5.77 -12.39 -35.03
CA GLU J 219 5.31 -13.72 -35.35
C GLU J 219 6.41 -14.49 -36.14
N GLY J 220 7.09 -13.82 -37.07
CA GLY J 220 8.15 -14.45 -37.85
C GLY J 220 9.26 -14.96 -36.95
N LEU J 221 9.61 -14.18 -35.95
CA LEU J 221 10.63 -14.57 -34.99
C LEU J 221 10.13 -15.82 -34.28
N ALA J 222 8.88 -15.80 -33.84
CA ALA J 222 8.29 -16.93 -33.16
C ALA J 222 8.35 -18.18 -34.04
N GLN J 223 8.14 -18.01 -35.36
CA GLN J 223 8.19 -19.15 -36.26
C GLN J 223 9.60 -19.73 -36.31
N ALA J 224 10.61 -18.87 -36.26
CA ALA J 224 11.97 -19.37 -36.28
C ALA J 224 12.20 -20.25 -35.05
N ILE J 225 11.61 -19.90 -33.92
CA ILE J 225 11.86 -20.73 -32.75
C ILE J 225 11.27 -22.09 -32.94
N VAL J 226 10.04 -22.15 -33.41
CA VAL J 226 9.38 -23.44 -33.53
C VAL J 226 10.04 -24.32 -34.59
N ASN J 227 10.73 -23.71 -35.56
CA ASN J 227 11.44 -24.46 -36.58
C ASN J 227 12.87 -24.77 -36.13
N ASN J 228 13.24 -24.32 -34.92
CA ASN J 228 14.60 -24.44 -34.37
C ASN J 228 15.64 -23.82 -35.28
N GLU J 229 15.29 -22.66 -35.84
CA GLU J 229 16.11 -21.85 -36.73
C GLU J 229 16.61 -20.62 -36.00
N VAL J 230 16.76 -20.77 -34.69
CA VAL J 230 17.23 -19.73 -33.80
C VAL J 230 18.39 -20.27 -32.98
N PRO J 231 19.29 -19.42 -32.46
CA PRO J 231 20.38 -19.79 -31.59
C PRO J 231 19.86 -20.22 -30.23
N GLU J 232 20.64 -21.05 -29.57
CA GLU J 232 20.39 -21.62 -28.24
C GLU J 232 19.57 -20.77 -27.28
N THR J 233 19.98 -19.52 -27.08
CA THR J 233 19.32 -18.68 -26.10
C THR J 233 17.88 -18.38 -26.48
N LEU J 234 17.60 -18.37 -27.77
CA LEU J 234 16.27 -18.10 -28.27
C LEU J 234 15.48 -19.39 -28.44
N LYS J 235 16.19 -20.52 -28.60
CA LYS J 235 15.47 -21.79 -28.71
C LYS J 235 14.73 -21.94 -27.38
N ASP J 236 15.41 -21.53 -26.31
CA ASP J 236 14.92 -21.51 -24.96
C ASP J 236 13.88 -20.40 -24.72
N LYS J 237 14.25 -19.17 -25.01
CA LYS J 237 13.37 -18.06 -24.70
C LYS J 237 12.26 -17.83 -25.71
N ARG J 238 11.12 -18.43 -25.43
CA ARG J 238 9.97 -18.34 -26.32
C ARG J 238 9.52 -16.90 -26.45
N VAL J 239 8.79 -16.65 -27.53
CA VAL J 239 8.23 -15.34 -27.82
C VAL J 239 6.85 -15.17 -27.27
N MET J 240 6.71 -14.27 -26.30
CA MET J 240 5.40 -14.02 -25.76
C MET J 240 5.10 -12.53 -25.90
N SER J 241 3.94 -12.20 -26.46
CA SER J 241 3.53 -10.82 -26.68
C SER J 241 2.72 -10.27 -25.52
N LEU J 242 3.25 -9.25 -24.85
CA LEU J 242 2.58 -8.75 -23.65
C LEU J 242 1.39 -7.87 -24.01
N ASP J 243 0.21 -8.23 -23.47
CA ASP J 243 -1.03 -7.54 -23.79
C ASP J 243 -1.16 -6.24 -23.00
N MET J 244 -0.38 -5.24 -23.42
CA MET J 244 -0.28 -3.97 -22.69
C MET J 244 -1.42 -3.03 -22.98
N GLY J 245 -2.57 -3.34 -22.41
CA GLY J 245 -3.74 -2.52 -22.62
C GLY J 245 -4.18 -1.77 -21.40
N THR J 246 -4.66 -0.56 -21.66
CA THR J 246 -5.19 0.34 -20.67
C THR J 246 -6.58 0.76 -21.06
N VAL J 247 -7.47 0.80 -20.08
CA VAL J 247 -8.86 1.20 -20.27
C VAL J 247 -9.34 2.03 -19.08
N GLY J 255 -8.85 -1.53 -12.60
CA GLY J 255 -8.08 -0.32 -12.83
C GLY J 255 -6.60 -0.64 -12.82
N GLU J 256 -6.29 -1.87 -12.43
CA GLU J 256 -4.90 -2.32 -12.33
C GLU J 256 -4.26 -2.65 -13.65
N PHE J 257 -4.11 -1.69 -14.52
CA PHE J 257 -3.53 -2.03 -15.80
C PHE J 257 -2.03 -2.13 -15.62
N GLU J 258 -1.46 -1.08 -15.03
CA GLU J 258 -0.04 -1.10 -14.82
C GLU J 258 0.34 -2.19 -13.82
N GLU J 259 -0.58 -2.54 -12.91
CA GLU J 259 -0.29 -3.59 -11.94
C GLU J 259 -0.44 -4.98 -12.54
N ARG J 260 -1.42 -5.22 -13.41
CA ARG J 260 -1.52 -6.55 -13.99
C ARG J 260 -0.28 -6.83 -14.83
N LEU J 261 0.17 -5.81 -15.56
CA LEU J 261 1.34 -5.99 -16.38
C LEU J 261 2.56 -6.18 -15.48
N LYS J 262 2.67 -5.41 -14.39
CA LYS J 262 3.78 -5.59 -13.48
C LYS J 262 3.81 -6.97 -12.86
N LYS J 263 2.65 -7.45 -12.44
CA LYS J 263 2.61 -8.75 -11.80
C LYS J 263 3.03 -9.84 -12.77
N VAL J 264 2.56 -9.81 -14.01
CA VAL J 264 3.03 -10.86 -14.91
C VAL J 264 4.51 -10.65 -15.21
N MET J 265 4.96 -9.39 -15.32
CA MET J 265 6.35 -9.14 -15.61
C MET J 265 7.26 -9.68 -14.54
N GLU J 266 6.98 -9.40 -13.28
CA GLU J 266 7.86 -9.90 -12.23
C GLU J 266 7.79 -11.41 -12.18
N GLU J 267 6.60 -11.98 -12.32
CA GLU J 267 6.49 -13.43 -12.27
C GLU J 267 7.27 -14.07 -13.42
N ILE J 268 7.21 -13.48 -14.60
CA ILE J 268 7.97 -14.01 -15.72
C ILE J 268 9.47 -13.81 -15.60
N GLN J 269 9.95 -12.64 -15.18
CA GLN J 269 11.39 -12.50 -15.09
C GLN J 269 11.91 -13.46 -14.03
N GLN J 270 11.13 -13.68 -12.97
CA GLN J 270 11.51 -14.61 -11.95
C GLN J 270 11.53 -16.03 -12.52
N ALA J 271 10.52 -16.39 -13.34
CA ALA J 271 10.53 -17.69 -13.98
C ALA J 271 11.77 -17.81 -14.85
N GLY J 272 12.08 -16.72 -15.56
CA GLY J 272 13.26 -16.61 -16.40
C GLY J 272 13.18 -17.51 -17.61
N ASN J 273 11.98 -17.80 -18.10
CA ASN J 273 11.86 -18.73 -19.22
C ASN J 273 11.55 -18.12 -20.59
N VAL J 274 11.00 -16.91 -20.64
CA VAL J 274 10.64 -16.31 -21.92
C VAL J 274 11.07 -14.87 -22.00
N ILE J 275 10.98 -14.30 -23.19
CA ILE J 275 11.20 -12.88 -23.36
C ILE J 275 9.89 -12.23 -23.79
N LEU J 276 9.55 -11.12 -23.14
CA LEU J 276 8.34 -10.40 -23.49
C LEU J 276 8.56 -9.35 -24.58
N PHE J 277 7.60 -9.36 -25.49
CA PHE J 277 7.55 -8.54 -26.67
C PHE J 277 6.49 -7.48 -26.77
N ILE J 278 6.89 -6.42 -27.45
CA ILE J 278 6.05 -5.38 -27.96
C ILE J 278 6.04 -5.69 -29.45
N ASP J 279 4.88 -5.87 -30.08
CA ASP J 279 4.98 -6.23 -31.49
C ASP J 279 5.11 -5.00 -32.37
N GLU J 280 4.16 -4.07 -32.28
CA GLU J 280 4.21 -2.88 -33.11
C GLU J 280 4.45 -1.58 -32.37
N LEU J 281 3.92 -1.47 -31.14
CA LEU J 281 4.06 -0.22 -30.42
C LEU J 281 3.88 -0.28 -28.91
N HIS J 282 4.91 0.15 -28.18
CA HIS J 282 4.89 0.28 -26.73
C HIS J 282 4.18 1.57 -26.47
N THR J 283 3.24 1.60 -25.55
CA THR J 283 2.57 2.88 -25.36
C THR J 283 3.09 3.63 -24.16
N LEU J 284 3.53 4.86 -24.40
CA LEU J 284 3.96 5.68 -23.28
C LEU J 284 2.64 6.20 -22.69
N VAL J 285 2.39 5.99 -21.41
CA VAL J 285 1.10 6.34 -20.80
C VAL J 285 1.17 7.33 -19.64
N GLY J 286 0.03 7.79 -19.15
CA GLY J 286 0.07 8.69 -18.00
C GLY J 286 0.73 8.04 -16.77
N ALA J 287 0.50 6.73 -16.58
CA ALA J 287 1.07 6.00 -15.45
C ALA J 287 1.02 4.49 -15.65
N ALA J 296 6.37 4.49 -14.38
CA ALA J 296 5.00 4.96 -14.50
C ALA J 296 4.64 5.18 -15.97
N SER J 297 5.01 6.33 -16.53
CA SER J 297 4.66 6.53 -17.93
C SER J 297 5.43 5.55 -18.78
N ASN J 298 6.64 5.31 -18.33
CA ASN J 298 7.53 4.39 -18.97
C ASN J 298 7.14 3.08 -18.34
N ILE J 299 6.19 2.43 -18.98
CA ILE J 299 5.61 1.25 -18.39
C ILE J 299 6.68 0.20 -18.26
N LEU J 300 6.94 -0.18 -17.00
CA LEU J 300 7.92 -1.19 -16.60
C LEU J 300 9.35 -0.90 -17.01
N LYS J 301 9.69 0.37 -17.12
CA LYS J 301 11.07 0.71 -17.38
C LYS J 301 12.03 0.26 -16.28
N PRO J 302 11.84 0.63 -14.98
CA PRO J 302 12.77 0.24 -13.94
C PRO J 302 12.80 -1.26 -13.72
N ALA J 303 11.72 -1.93 -14.11
CA ALA J 303 11.61 -3.38 -14.00
C ALA J 303 12.70 -4.07 -14.78
N LEU J 304 13.03 -3.52 -15.95
CA LEU J 304 13.96 -4.15 -16.84
C LEU J 304 15.27 -3.38 -17.01
N ALA J 305 15.33 -2.13 -16.57
CA ALA J 305 16.49 -1.27 -16.79
C ALA J 305 17.66 -1.70 -15.92
N ARG J 306 18.35 -2.76 -16.37
CA ARG J 306 19.44 -3.38 -15.64
C ARG J 306 20.70 -3.65 -16.49
N GLY J 307 20.58 -3.61 -17.82
CA GLY J 307 21.66 -4.06 -18.72
C GLY J 307 21.59 -5.58 -18.86
N GLU J 308 20.52 -6.08 -18.28
CA GLU J 308 20.09 -7.45 -18.12
C GLU J 308 18.59 -7.40 -18.36
N LEU J 309 17.90 -8.54 -18.29
CA LEU J 309 16.45 -8.56 -18.41
C LEU J 309 15.97 -7.97 -19.75
N GLN J 310 16.53 -8.53 -20.82
CA GLN J 310 16.28 -8.18 -22.21
C GLN J 310 14.81 -8.29 -22.58
N CYS J 311 14.38 -7.41 -23.47
CA CYS J 311 12.99 -7.37 -23.96
C CYS J 311 12.99 -6.72 -25.32
N ILE J 312 11.85 -6.73 -26.01
CA ILE J 312 11.78 -6.14 -27.35
C ILE J 312 10.88 -4.96 -27.45
N GLY J 313 11.44 -3.83 -27.82
CA GLY J 313 10.64 -2.66 -27.99
C GLY J 313 10.18 -2.56 -29.42
N ALA J 314 9.18 -1.74 -29.63
CA ALA J 314 8.67 -1.42 -30.93
C ALA J 314 7.92 -0.14 -30.75
N THR J 315 8.14 0.80 -31.63
CA THR J 315 7.47 2.08 -31.59
C THR J 315 7.12 2.48 -33.00
N THR J 316 6.27 3.47 -33.17
CA THR J 316 6.15 4.01 -34.50
C THR J 316 7.18 5.10 -34.60
N LEU J 317 7.24 5.77 -35.71
CA LEU J 317 8.27 6.77 -35.87
C LEU J 317 8.12 7.94 -34.89
N ASP J 318 6.88 8.33 -34.62
CA ASP J 318 6.65 9.43 -33.71
C ASP J 318 6.67 8.99 -32.27
N GLU J 319 6.19 7.78 -31.99
CA GLU J 319 6.18 7.28 -30.63
C GLU J 319 7.62 7.13 -30.20
N TYR J 320 8.48 6.71 -31.12
CA TYR J 320 9.87 6.57 -30.78
C TYR J 320 10.40 7.87 -30.27
N ARG J 321 10.16 8.92 -31.04
CA ARG J 321 10.69 10.19 -30.64
C ARG J 321 10.08 10.62 -29.30
N LYS J 322 8.77 10.43 -29.15
CA LYS J 322 8.06 10.79 -27.94
C LYS J 322 8.64 10.15 -26.69
N ASN J 323 8.93 8.86 -26.78
CA ASN J 323 9.42 8.09 -25.67
C ASN J 323 10.94 7.92 -25.61
N ILE J 324 11.52 7.30 -26.61
CA ILE J 324 12.91 6.94 -26.48
C ILE J 324 13.84 8.09 -26.76
N GLU J 325 13.58 8.82 -27.83
CA GLU J 325 14.49 9.91 -28.16
C GLU J 325 14.47 10.97 -27.08
N LYS J 326 13.27 11.37 -26.67
CA LYS J 326 13.16 12.38 -25.63
C LYS J 326 13.69 11.93 -24.27
N ASP J 327 13.48 10.67 -23.88
CA ASP J 327 14.04 10.22 -22.60
C ASP J 327 15.57 10.28 -22.67
N ALA J 328 16.11 9.64 -23.70
CA ALA J 328 17.54 9.50 -24.02
C ALA J 328 18.37 8.68 -23.01
N ALA J 329 17.77 8.16 -21.94
CA ALA J 329 18.49 7.23 -21.08
C ALA J 329 18.20 5.88 -21.67
N LEU J 330 17.00 5.78 -22.22
CA LEU J 330 16.53 4.57 -22.87
C LEU J 330 17.42 4.24 -24.05
N GLU J 331 17.96 5.26 -24.70
CA GLU J 331 18.83 5.08 -25.84
C GLU J 331 20.10 4.31 -25.48
N ARG J 332 20.48 4.29 -24.19
CA ARG J 332 21.69 3.62 -23.74
C ARG J 332 21.43 2.11 -23.62
N ARG J 333 20.16 1.71 -23.65
CA ARG J 333 19.74 0.33 -23.51
C ARG J 333 19.22 -0.22 -24.85
N PHE J 334 18.59 0.65 -25.64
CA PHE J 334 18.00 0.26 -26.92
C PHE J 334 18.89 0.25 -28.16
N GLN J 335 18.59 -0.68 -29.07
CA GLN J 335 19.19 -0.74 -30.42
C GLN J 335 18.11 -0.79 -31.52
N PRO J 336 17.94 0.22 -32.36
CA PRO J 336 16.92 0.17 -33.37
C PRO J 336 17.14 -0.89 -34.46
N VAL J 337 15.99 -1.36 -34.91
CA VAL J 337 15.73 -2.30 -35.99
C VAL J 337 14.62 -1.59 -36.74
N GLN J 338 14.58 -1.58 -38.07
CA GLN J 338 13.45 -0.81 -38.61
C GLN J 338 12.69 -1.48 -39.72
N VAL J 339 11.41 -1.10 -39.81
CA VAL J 339 10.51 -1.65 -40.81
C VAL J 339 10.02 -0.56 -41.76
N ASP J 340 10.59 -0.62 -42.95
CA ASP J 340 10.41 0.34 -44.02
C ASP J 340 9.27 0.04 -45.01
N GLU J 341 9.23 0.85 -46.07
CA GLU J 341 8.24 0.80 -47.13
C GLU J 341 8.59 -0.26 -48.21
N PRO J 342 7.84 -1.38 -48.30
CA PRO J 342 8.08 -2.52 -49.18
C PRO J 342 8.15 -2.24 -50.69
N SER J 343 9.02 -2.98 -51.37
CA SER J 343 9.18 -3.02 -52.83
C SER J 343 8.13 -3.99 -53.38
N VAL J 344 8.02 -4.12 -54.69
CA VAL J 344 7.04 -5.08 -55.22
C VAL J 344 7.25 -6.52 -54.73
N VAL J 345 8.47 -6.99 -54.77
CA VAL J 345 8.70 -8.35 -54.31
C VAL J 345 8.42 -8.45 -52.82
N ASP J 346 8.87 -7.46 -52.06
CA ASP J 346 8.68 -7.50 -50.63
C ASP J 346 7.21 -7.48 -50.32
N THR J 347 6.46 -6.71 -51.07
CA THR J 347 5.04 -6.56 -50.83
C THR J 347 4.36 -7.89 -51.01
N VAL J 348 4.69 -8.63 -52.05
CA VAL J 348 4.03 -9.92 -52.22
C VAL J 348 4.35 -10.81 -51.03
N ALA J 349 5.63 -10.85 -50.64
CA ALA J 349 6.04 -11.68 -49.51
C ALA J 349 5.36 -11.27 -48.19
N ILE J 350 5.25 -9.98 -47.94
CA ILE J 350 4.62 -9.48 -46.72
C ILE J 350 3.13 -9.74 -46.71
N LEU J 351 2.44 -9.45 -47.83
CA LEU J 351 1.00 -9.66 -47.88
C LEU J 351 0.70 -11.13 -47.68
N LYS J 352 1.51 -12.01 -48.26
CA LYS J 352 1.31 -13.42 -48.07
C LYS J 352 1.48 -13.76 -46.62
N GLY J 353 2.53 -13.26 -46.01
CA GLY J 353 2.76 -13.51 -44.60
C GLY J 353 1.60 -13.05 -43.71
N LEU J 354 0.92 -11.94 -44.08
CA LEU J 354 -0.20 -11.42 -43.30
C LEU J 354 -1.57 -11.70 -43.94
N ARG J 355 -1.66 -12.66 -44.84
CA ARG J 355 -2.92 -12.93 -45.53
C ARG J 355 -4.19 -13.16 -44.71
N ASP J 356 -4.13 -13.92 -43.62
CA ASP J 356 -5.34 -14.21 -42.86
C ASP J 356 -5.99 -12.96 -42.24
N ARG J 357 -5.17 -11.92 -42.05
CA ARG J 357 -5.58 -10.65 -41.48
C ARG J 357 -6.62 -9.96 -42.33
N TYR J 358 -6.57 -10.23 -43.64
CA TYR J 358 -7.44 -9.57 -44.58
C TYR J 358 -8.47 -10.49 -45.21
N GLU J 359 -8.21 -11.81 -45.21
CA GLU J 359 -9.23 -12.72 -45.77
C GLU J 359 -10.48 -12.53 -44.94
N ALA J 360 -10.25 -12.34 -43.64
CA ALA J 360 -11.25 -12.12 -42.63
C ALA J 360 -12.11 -10.87 -42.87
N HIS J 361 -11.63 -9.90 -43.65
CA HIS J 361 -12.40 -8.67 -43.84
C HIS J 361 -13.70 -8.97 -44.60
N HIS J 362 -13.60 -9.59 -45.80
CA HIS J 362 -14.84 -9.90 -46.51
C HIS J 362 -15.07 -11.39 -46.65
N ARG J 363 -14.30 -12.17 -45.88
CA ARG J 363 -14.36 -13.63 -45.75
C ARG J 363 -14.12 -14.41 -47.05
N ILE J 364 -13.19 -13.93 -47.88
CA ILE J 364 -12.85 -14.60 -49.15
C ILE J 364 -11.41 -15.09 -49.13
N ASN J 365 -11.19 -16.33 -49.52
CA ASN J 365 -9.83 -16.89 -49.48
C ASN J 365 -8.92 -16.21 -50.49
N ILE J 366 -7.70 -15.88 -50.08
CA ILE J 366 -6.78 -15.26 -51.02
C ILE J 366 -5.59 -16.15 -51.36
N SER J 367 -5.56 -16.60 -52.60
CA SER J 367 -4.51 -17.49 -53.07
C SER J 367 -3.18 -16.78 -53.19
N ASP J 368 -2.09 -17.54 -53.30
CA ASP J 368 -0.79 -16.91 -53.41
C ASP J 368 -0.74 -16.12 -54.70
N GLU J 369 -1.37 -16.66 -55.73
CA GLU J 369 -1.43 -16.04 -57.05
C GLU J 369 -2.20 -14.74 -56.95
N ALA J 370 -3.29 -14.72 -56.19
CA ALA J 370 -4.04 -13.50 -56.02
C ALA J 370 -3.19 -12.43 -55.34
N ILE J 371 -2.30 -12.82 -54.45
CA ILE J 371 -1.46 -11.83 -53.84
C ILE J 371 -0.47 -11.29 -54.84
N GLU J 372 0.16 -12.18 -55.59
CA GLU J 372 1.10 -11.70 -56.59
C GLU J 372 0.39 -10.78 -57.57
N ALA J 373 -0.81 -11.18 -58.02
CA ALA J 373 -1.58 -10.37 -58.95
C ALA J 373 -1.94 -9.04 -58.32
N ALA J 374 -2.33 -9.02 -57.05
CA ALA J 374 -2.66 -7.75 -56.43
C ALA J 374 -1.50 -6.80 -56.45
N VAL J 375 -0.31 -7.30 -56.18
CA VAL J 375 0.80 -6.36 -56.15
C VAL J 375 1.18 -5.99 -57.57
N LYS J 376 1.30 -6.97 -58.45
CA LYS J 376 1.65 -6.73 -59.83
C LYS J 376 0.73 -5.69 -60.45
N LEU J 377 -0.56 -5.88 -60.24
CA LEU J 377 -1.55 -5.04 -60.83
C LEU J 377 -1.63 -3.70 -60.10
N SER J 378 -1.54 -3.66 -58.76
CA SER J 378 -1.64 -2.36 -58.11
C SER J 378 -0.43 -1.54 -58.48
N ASN J 379 0.70 -2.21 -58.71
CA ASN J 379 1.91 -1.57 -59.13
C ASN J 379 1.69 -0.96 -60.50
N ARG J 380 1.24 -1.78 -61.43
CA ARG J 380 0.99 -1.34 -62.79
C ARG J 380 -0.07 -0.26 -62.96
N TYR J 381 -1.13 -0.30 -62.15
CA TYR J 381 -2.23 0.64 -62.34
C TYR J 381 -2.46 1.70 -61.27
N VAL J 382 -2.30 1.39 -59.99
CA VAL J 382 -2.63 2.36 -58.98
C VAL J 382 -1.38 3.15 -58.63
N SER J 383 -1.11 4.12 -59.51
CA SER J 383 0.06 4.96 -59.53
C SER J 383 0.02 6.01 -58.45
N ASP J 384 -1.11 6.16 -57.82
CA ASP J 384 -1.28 7.13 -56.79
C ASP J 384 -1.22 6.54 -55.38
N ARG J 385 -0.73 5.31 -55.19
CA ARG J 385 -0.71 4.77 -53.82
C ARG J 385 0.49 3.84 -53.46
N PHE J 386 0.64 3.60 -52.15
CA PHE J 386 1.64 2.73 -51.47
C PHE J 386 1.38 1.25 -51.56
N LEU J 387 2.38 0.47 -52.03
CA LEU J 387 2.21 -0.94 -52.39
C LEU J 387 1.51 -1.94 -51.45
N PRO J 388 1.85 -2.14 -50.18
CA PRO J 388 1.15 -3.10 -49.35
C PRO J 388 -0.27 -2.67 -49.05
N ASP J 389 -0.55 -1.39 -49.22
CA ASP J 389 -1.86 -0.93 -48.91
C ASP J 389 -2.68 -0.91 -50.17
N LYS J 390 -2.16 -0.38 -51.27
CA LYS J 390 -2.94 -0.45 -52.48
C LYS J 390 -3.11 -1.90 -52.93
N ALA J 391 -2.16 -2.77 -52.61
CA ALA J 391 -2.34 -4.14 -53.01
C ALA J 391 -3.36 -4.79 -52.10
N ILE J 392 -3.27 -4.57 -50.77
CA ILE J 392 -4.26 -5.23 -49.95
C ILE J 392 -5.63 -4.62 -50.20
N ASP J 393 -5.69 -3.33 -50.55
CA ASP J 393 -6.95 -2.70 -50.88
C ASP J 393 -7.57 -3.42 -52.06
N LEU J 394 -6.79 -3.69 -53.09
CA LEU J 394 -7.36 -4.41 -54.22
C LEU J 394 -7.84 -5.78 -53.76
N ILE J 395 -7.11 -6.40 -52.85
CA ILE J 395 -7.54 -7.69 -52.33
C ILE J 395 -8.86 -7.56 -51.56
N ASP J 396 -8.95 -6.61 -50.64
CA ASP J 396 -10.19 -6.46 -49.90
C ASP J 396 -11.37 -6.13 -50.78
N GLU J 397 -11.19 -5.26 -51.76
CA GLU J 397 -12.31 -4.93 -52.62
C GLU J 397 -12.64 -6.11 -53.52
N ALA J 398 -11.63 -6.83 -54.02
CA ALA J 398 -11.96 -7.97 -54.85
C ALA J 398 -12.79 -8.92 -54.01
N SER J 399 -12.41 -9.08 -52.74
CA SER J 399 -13.16 -9.93 -51.83
C SER J 399 -14.57 -9.38 -51.61
N SER J 400 -14.72 -8.05 -51.50
CA SER J 400 -16.04 -7.44 -51.34
C SER J 400 -16.90 -7.78 -52.54
N LYS J 401 -16.34 -7.65 -53.74
CA LYS J 401 -17.08 -7.94 -54.94
C LYS J 401 -17.45 -9.41 -54.96
N VAL J 402 -16.54 -10.28 -54.57
CA VAL J 402 -16.84 -11.70 -54.55
C VAL J 402 -17.96 -11.99 -53.55
N ARG J 403 -17.87 -11.40 -52.38
CA ARG J 403 -18.89 -11.57 -51.37
C ARG J 403 -20.26 -11.16 -51.91
N LEU J 404 -20.34 -9.99 -52.53
CA LEU J 404 -21.60 -9.51 -53.06
C LEU J 404 -22.14 -10.43 -54.16
N LYS J 405 -21.24 -10.92 -55.03
CA LYS J 405 -21.62 -11.80 -56.13
C LYS J 405 -22.25 -13.11 -55.68
N SER J 406 -21.75 -13.72 -54.59
CA SER J 406 -22.38 -14.98 -54.15
C SER J 406 -23.54 -14.75 -53.18
N HIS J 407 -23.56 -13.60 -52.50
CA HIS J 407 -24.64 -13.29 -51.56
C HIS J 407 -25.98 -13.18 -52.28
N THR J 408 -26.03 -12.36 -53.32
CA THR J 408 -27.26 -12.21 -54.09
C THR J 408 -27.15 -13.05 -55.32
N THR J 409 -28.08 -12.90 -56.25
CA THR J 409 -27.98 -13.72 -57.44
C THR J 409 -26.96 -13.01 -58.34
N PRO J 410 -25.86 -13.66 -58.76
CA PRO J 410 -24.78 -13.08 -59.54
C PRO J 410 -25.20 -12.88 -60.97
N ASN J 411 -14.11 -23.14 -60.03
CA ASN J 411 -15.23 -23.18 -59.09
C ASN J 411 -16.44 -22.44 -59.64
N ASN J 412 -16.27 -21.87 -60.84
CA ASN J 412 -17.39 -21.16 -61.49
C ASN J 412 -18.53 -22.13 -61.69
N LEU J 413 -18.20 -23.36 -62.04
CA LEU J 413 -19.20 -24.38 -62.22
C LEU J 413 -20.05 -24.55 -60.98
N LYS J 414 -19.39 -24.72 -59.84
CA LYS J 414 -20.09 -24.97 -58.60
C LYS J 414 -21.00 -23.80 -58.21
N GLU J 415 -20.53 -22.56 -58.37
CA GLU J 415 -21.40 -21.45 -58.01
C GLU J 415 -22.67 -21.49 -58.84
N ILE J 416 -22.51 -21.74 -60.12
CA ILE J 416 -23.65 -21.71 -61.02
C ILE J 416 -24.59 -22.88 -60.72
N GLU J 417 -24.06 -24.09 -60.55
CA GLU J 417 -24.96 -25.21 -60.26
C GLU J 417 -25.74 -24.97 -58.97
N GLN J 418 -25.11 -24.36 -57.98
CA GLN J 418 -25.82 -24.06 -56.75
C GLN J 418 -26.95 -23.07 -57.05
N GLU J 419 -26.69 -22.06 -57.88
CA GLU J 419 -27.72 -21.08 -58.24
C GLU J 419 -28.85 -21.74 -59.01
N ILE J 420 -28.55 -22.75 -59.81
CA ILE J 420 -29.61 -23.40 -60.55
C ILE J 420 -30.55 -24.17 -59.67
N GLU J 421 -30.04 -25.08 -58.86
CA GLU J 421 -30.94 -25.91 -58.08
C GLU J 421 -31.73 -25.07 -57.08
N LYS J 422 -31.07 -24.05 -56.53
CA LYS J 422 -31.61 -23.08 -55.58
C LYS J 422 -32.86 -22.38 -56.09
N VAL J 423 -32.96 -22.25 -57.41
CA VAL J 423 -34.03 -21.53 -58.02
C VAL J 423 -34.99 -22.45 -58.81
N LYS J 424 -34.40 -23.30 -59.65
CA LYS J 424 -35.11 -24.21 -60.53
C LYS J 424 -36.13 -25.07 -59.82
N ASN J 425 -35.83 -25.53 -58.61
CA ASN J 425 -36.75 -26.43 -57.96
C ASN J 425 -37.74 -25.74 -57.02
N GLU J 426 -37.75 -24.40 -56.99
CA GLU J 426 -38.66 -23.65 -56.13
C GLU J 426 -39.75 -22.95 -56.95
N LYS J 427 -39.41 -22.56 -58.17
CA LYS J 427 -40.32 -21.84 -59.05
C LYS J 427 -41.60 -22.63 -59.35
N ASP J 428 -41.52 -23.95 -59.24
CA ASP J 428 -42.65 -24.83 -59.56
C ASP J 428 -43.42 -25.26 -58.33
N ALA J 429 -43.18 -24.61 -57.19
CA ALA J 429 -43.93 -24.93 -55.99
C ALA J 429 -45.19 -24.08 -55.90
N ALA J 430 -45.03 -22.80 -56.16
CA ALA J 430 -46.11 -21.83 -56.05
C ALA J 430 -47.26 -22.14 -56.97
N VAL J 431 -46.93 -22.80 -58.07
CA VAL J 431 -47.88 -23.07 -59.12
C VAL J 431 -48.90 -24.14 -58.72
N HIS J 432 -48.61 -24.89 -57.67
CA HIS J 432 -49.55 -25.89 -57.20
C HIS J 432 -50.04 -25.51 -55.81
N ALA J 433 -49.29 -24.64 -55.14
CA ALA J 433 -49.65 -24.23 -53.81
C ALA J 433 -51.00 -23.55 -53.83
N GLN J 434 -51.80 -23.84 -52.82
CA GLN J 434 -53.10 -23.22 -52.72
C GLN J 434 -52.92 -21.88 -52.05
N GLU J 435 -52.56 -20.92 -52.86
CA GLU J 435 -52.24 -19.61 -52.34
C GLU J 435 -53.55 -18.90 -52.02
N PHE J 436 -53.74 -18.55 -50.75
CA PHE J 436 -54.96 -17.86 -50.31
C PHE J 436 -54.68 -16.39 -50.05
N GLU J 437 -53.48 -15.96 -50.42
CA GLU J 437 -53.04 -14.59 -50.21
C GLU J 437 -52.43 -14.01 -51.48
N ASN J 438 -48.76 -19.19 -57.73
CA ASN J 438 -47.74 -19.02 -58.77
C ASN J 438 -46.87 -17.85 -58.39
N ALA J 439 -47.54 -16.81 -57.89
CA ALA J 439 -46.92 -15.55 -57.53
C ALA J 439 -45.85 -15.70 -56.47
N ALA J 440 -46.04 -16.64 -55.55
CA ALA J 440 -45.09 -16.82 -54.47
C ALA J 440 -43.68 -17.18 -54.95
N ASN J 441 -43.56 -17.97 -56.03
CA ASN J 441 -42.23 -18.38 -56.42
C ASN J 441 -41.93 -18.37 -57.91
N LEU J 442 -42.94 -18.47 -58.77
CA LEU J 442 -42.64 -18.70 -60.16
C LEU J 442 -41.93 -17.53 -60.81
N ARG J 443 -42.47 -16.34 -60.66
CA ARG J 443 -41.86 -15.19 -61.31
C ARG J 443 -40.45 -14.92 -60.83
N ASP J 444 -40.27 -14.78 -59.52
CA ASP J 444 -38.93 -14.49 -59.03
C ASP J 444 -37.93 -15.58 -59.35
N LYS J 445 -38.33 -16.84 -59.24
CA LYS J 445 -37.33 -17.85 -59.46
C LYS J 445 -37.10 -18.10 -60.95
N GLN J 446 -38.11 -18.02 -61.79
CA GLN J 446 -37.82 -18.25 -63.20
C GLN J 446 -36.84 -17.17 -63.66
N THR J 447 -37.03 -15.94 -63.19
CA THR J 447 -36.14 -14.85 -63.58
C THR J 447 -34.70 -15.13 -63.14
N LYS J 448 -34.52 -15.51 -61.87
CA LYS J 448 -33.19 -15.79 -61.34
C LYS J 448 -32.54 -17.00 -62.00
N LEU J 449 -33.35 -17.99 -62.34
CA LEU J 449 -32.82 -19.19 -62.94
C LEU J 449 -32.18 -18.84 -64.25
N GLU J 450 -32.89 -18.09 -65.07
CA GLU J 450 -32.37 -17.72 -66.36
C GLU J 450 -31.08 -16.92 -66.19
N LYS J 451 -31.07 -16.03 -65.20
CA LYS J 451 -29.90 -15.23 -64.91
C LYS J 451 -28.66 -16.12 -64.71
N GLN J 452 -28.85 -17.28 -64.06
CA GLN J 452 -27.76 -18.23 -63.79
C GLN J 452 -27.94 -19.68 -64.24
N TYR J 453 -28.50 -19.98 -65.43
CA TYR J 453 -28.64 -21.41 -65.75
C TYR J 453 -27.62 -22.01 -66.75
N GLU J 454 -27.59 -21.50 -67.97
CA GLU J 454 -26.79 -22.09 -69.06
C GLU J 454 -25.28 -22.15 -68.81
N GLU J 455 -24.80 -21.19 -68.05
CA GLU J 455 -23.38 -21.08 -67.79
C GLU J 455 -22.82 -22.29 -67.05
N ALA J 456 -23.65 -23.06 -66.32
CA ALA J 456 -23.06 -24.19 -65.61
C ALA J 456 -22.39 -25.15 -66.58
N LYS J 457 -22.96 -25.33 -67.77
CA LYS J 457 -22.33 -26.32 -68.60
C LYS J 457 -21.19 -25.67 -69.35
N ASN J 458 -21.30 -24.37 -69.59
CA ASN J 458 -20.19 -23.71 -70.26
C ASN J 458 -18.94 -23.85 -69.38
N GLU J 459 -19.14 -23.68 -68.07
CA GLU J 459 -18.03 -23.78 -67.13
C GLU J 459 -17.56 -25.21 -66.92
N TRP J 460 -18.46 -26.18 -66.95
CA TRP J 460 -18.06 -27.57 -66.77
C TRP J 460 -17.04 -27.94 -67.83
N LYS J 461 -17.32 -27.55 -69.06
CA LYS J 461 -16.48 -27.86 -70.21
C LYS J 461 -15.05 -27.33 -70.10
N ASN J 462 -14.79 -26.34 -69.24
CA ASN J 462 -13.43 -25.81 -69.12
C ASN J 462 -12.51 -26.90 -68.59
N THR J 463 -13.08 -27.89 -67.90
CA THR J 463 -12.39 -29.03 -67.34
C THR J 463 -11.74 -29.90 -68.41
N GLN J 464 -12.25 -29.81 -69.64
CA GLN J 464 -11.80 -30.64 -70.73
C GLN J 464 -10.68 -29.95 -71.50
N GLY J 466 -18.08 -14.81 -57.27
CA GLY J 466 -18.69 -15.38 -56.08
C GLY J 466 -17.92 -16.62 -55.64
N MET J 467 -16.65 -16.61 -55.96
CA MET J 467 -15.77 -17.71 -55.66
C MET J 467 -15.36 -17.78 -54.19
N SER J 468 -15.13 -19.01 -53.71
CA SER J 468 -14.64 -19.15 -52.35
C SER J 468 -13.26 -18.51 -52.23
N THR J 469 -12.53 -18.56 -53.33
CA THR J 469 -11.20 -17.98 -53.43
C THR J 469 -11.28 -16.89 -54.48
N SER J 470 -10.77 -15.72 -54.14
CA SER J 470 -10.80 -14.58 -55.07
C SER J 470 -9.99 -14.91 -56.32
N LEU J 471 -10.48 -14.52 -57.49
CA LEU J 471 -9.70 -14.81 -58.68
C LEU J 471 -8.61 -13.76 -58.83
N SER J 472 -7.39 -14.26 -59.05
CA SER J 472 -6.17 -13.46 -59.10
C SER J 472 -6.19 -12.30 -60.05
N GLU J 473 -6.40 -12.55 -61.31
CA GLU J 473 -6.49 -11.39 -62.19
C GLU J 473 -7.93 -11.00 -62.46
N GLU J 474 -8.86 -11.93 -62.46
CA GLU J 474 -10.23 -11.60 -62.81
C GLU J 474 -11.00 -10.75 -61.78
N ASP J 475 -10.91 -11.05 -60.47
CA ASP J 475 -11.67 -10.23 -59.55
C ASP J 475 -10.87 -9.00 -59.21
N ILE J 476 -9.57 -9.14 -59.16
CA ILE J 476 -8.79 -7.94 -58.92
C ILE J 476 -8.97 -6.95 -60.07
N ALA J 477 -8.94 -7.42 -61.33
CA ALA J 477 -9.13 -6.48 -62.43
C ALA J 477 -10.48 -5.76 -62.30
N GLU J 478 -11.53 -6.45 -61.84
CA GLU J 478 -12.80 -5.76 -61.64
C GLU J 478 -12.64 -4.59 -60.69
N VAL J 479 -11.82 -4.76 -59.65
CA VAL J 479 -11.64 -3.67 -58.72
C VAL J 479 -10.94 -2.53 -59.41
N ILE J 480 -9.89 -2.84 -60.14
CA ILE J 480 -9.06 -1.86 -60.82
C ILE J 480 -9.87 -1.06 -61.82
N ALA J 481 -10.75 -1.75 -62.51
CA ALA J 481 -11.61 -1.16 -63.50
C ALA J 481 -12.49 -0.03 -62.94
N GLY J 482 -12.75 -0.01 -61.61
CA GLY J 482 -13.58 1.04 -61.04
C GLY J 482 -12.77 2.31 -60.71
N TRP J 483 -11.47 2.28 -60.95
CA TRP J 483 -10.65 3.43 -60.65
C TRP J 483 -10.63 4.28 -61.88
N THR J 484 -10.54 5.58 -61.71
CA THR J 484 -10.42 6.45 -62.86
C THR J 484 -9.27 5.99 -63.71
N GLY J 485 -8.13 5.72 -63.09
CA GLY J 485 -6.99 5.32 -63.87
C GLY J 485 -6.63 6.45 -64.81
N ILE J 486 -6.52 6.11 -66.10
CA ILE J 486 -6.16 7.03 -67.18
C ILE J 486 -4.69 7.40 -67.00
N PRO J 487 -3.74 6.65 -67.55
CA PRO J 487 -2.31 6.83 -67.35
C PRO J 487 -1.83 8.02 -68.15
N LEU J 488 -14.56 3.33 -57.64
CA LEU J 488 -13.54 2.74 -56.78
C LEU J 488 -12.24 3.50 -56.82
N THR J 489 -12.26 4.71 -57.35
CA THR J 489 -11.03 5.50 -57.37
C THR J 489 -10.55 5.65 -55.93
N LYS J 490 -11.48 5.89 -55.02
CA LYS J 490 -11.13 6.02 -53.62
C LYS J 490 -11.97 5.01 -52.86
N ILE J 491 -11.34 4.10 -52.12
CA ILE J 491 -12.13 3.08 -51.43
C ILE J 491 -11.97 3.20 -49.91
N ASN J 492 -10.75 3.00 -49.40
CA ASN J 492 -10.56 3.07 -47.96
C ASN J 492 -9.64 4.23 -47.51
N GLU J 493 -8.49 4.38 -48.17
CA GLU J 493 -7.51 5.45 -47.85
C GLU J 493 -7.16 5.54 -46.37
N THR J 494 -6.87 4.42 -45.70
CA THR J 494 -6.55 4.46 -44.28
C THR J 494 -5.13 4.90 -43.96
N GLU J 495 -4.82 6.14 -44.33
CA GLU J 495 -3.54 6.87 -44.13
C GLU J 495 -2.32 6.31 -44.88
N SER J 496 -2.00 5.05 -44.61
CA SER J 496 -0.84 4.35 -45.16
C SER J 496 -0.86 4.31 -46.67
N GLU J 497 -2.06 4.23 -47.27
CA GLU J 497 -2.12 4.12 -48.72
C GLU J 497 -1.48 5.32 -49.44
N LYS J 498 -1.45 6.51 -48.83
CA LYS J 498 -0.89 7.65 -49.56
C LYS J 498 0.60 7.89 -49.33
N LEU J 499 1.29 6.99 -48.63
CA LEU J 499 2.71 7.19 -48.37
C LEU J 499 3.56 7.29 -49.64
N LEU J 500 3.14 6.63 -50.73
CA LEU J 500 3.88 6.60 -51.98
C LEU J 500 3.08 7.27 -53.11
N SER J 501 2.13 8.11 -52.76
CA SER J 501 1.30 8.65 -53.82
C SER J 501 1.94 9.73 -54.71
N LEU J 502 3.08 10.29 -54.33
CA LEU J 502 3.57 11.43 -55.09
C LEU J 502 4.47 11.19 -56.30
N GLU J 503 5.39 10.27 -56.21
CA GLU J 503 6.38 10.15 -57.27
C GLU J 503 5.87 9.60 -58.61
N ASP J 504 5.15 8.49 -58.59
CA ASP J 504 4.72 7.85 -59.84
C ASP J 504 3.84 8.73 -60.72
N THR J 505 2.99 9.54 -60.10
CA THR J 505 2.05 10.41 -60.80
C THR J 505 2.68 11.70 -61.30
N LEU J 506 3.95 11.89 -61.01
CA LEU J 506 4.59 13.06 -61.54
C LEU J 506 5.06 12.80 -62.97
N HIS J 507 5.14 11.51 -63.40
CA HIS J 507 5.64 11.19 -64.74
C HIS J 507 4.93 10.01 -65.47
N GLU J 508 3.63 9.72 -65.19
CA GLU J 508 2.98 8.53 -65.79
C GLU J 508 2.34 8.72 -67.19
N ARG J 509 2.29 9.94 -67.67
CA ARG J 509 1.62 10.30 -68.92
C ARG J 509 2.63 10.65 -70.00
N VAL J 510 3.85 10.22 -69.78
CA VAL J 510 4.99 10.56 -70.62
C VAL J 510 6.01 9.43 -70.63
N ILE J 511 6.71 9.27 -71.75
CA ILE J 511 7.76 8.28 -71.79
C ILE J 511 9.11 8.99 -71.75
N GLY J 512 9.88 8.72 -70.70
CA GLY J 512 11.16 9.38 -70.47
C GLY J 512 11.15 9.99 -69.08
N GLN J 513 11.99 11.03 -68.88
CA GLN J 513 12.15 11.72 -67.62
C GLN J 513 12.79 10.75 -66.67
N LYS J 514 13.88 10.14 -67.13
CA LYS J 514 14.53 9.13 -66.30
C LYS J 514 15.28 9.58 -65.06
N ASP J 515 16.11 10.61 -65.13
CA ASP J 515 16.81 10.99 -63.89
C ASP J 515 15.81 11.43 -62.85
N ALA J 516 14.76 12.09 -63.33
CA ALA J 516 13.69 12.55 -62.48
C ALA J 516 13.02 11.42 -61.72
N VAL J 517 13.08 10.18 -62.20
CA VAL J 517 12.40 9.09 -61.51
C VAL J 517 12.92 8.94 -60.09
N ASN J 518 14.23 9.14 -59.90
CA ASN J 518 14.78 9.00 -58.58
C ASN J 518 14.84 10.34 -57.85
N SER J 519 15.15 11.40 -58.57
CA SER J 519 15.31 12.68 -57.92
C SER J 519 14.04 13.19 -57.25
N ILE J 520 12.88 13.01 -57.88
CA ILE J 520 11.60 13.50 -57.36
C ILE J 520 11.19 12.89 -56.03
N SER J 521 11.88 11.84 -55.57
CA SER J 521 11.57 11.19 -54.32
C SER J 521 12.38 11.69 -53.12
N LYS J 522 13.50 12.39 -53.33
CA LYS J 522 14.34 12.69 -52.18
C LYS J 522 13.76 13.68 -51.18
N ALA J 523 13.40 14.90 -51.61
CA ALA J 523 12.82 15.87 -50.68
C ALA J 523 11.50 15.34 -50.14
N VAL J 524 10.82 14.52 -50.93
CA VAL J 524 9.56 13.99 -50.46
C VAL J 524 9.81 13.16 -49.22
N ARG J 525 10.83 12.31 -49.21
CA ARG J 525 11.06 11.53 -48.01
C ARG J 525 11.35 12.44 -46.83
N ARG J 526 12.08 13.52 -47.07
CA ARG J 526 12.43 14.45 -46.00
C ARG J 526 11.17 15.07 -45.39
N ALA J 527 10.18 15.27 -46.27
CA ALA J 527 8.87 15.85 -46.01
C ALA J 527 7.86 14.85 -45.44
N ARG J 528 8.28 13.62 -45.16
CA ARG J 528 7.33 12.64 -44.66
C ARG J 528 7.81 11.89 -43.42
N ALA J 529 6.83 11.55 -42.58
CA ALA J 529 7.00 10.78 -41.35
C ALA J 529 8.03 11.40 -40.39
N GLY J 530 8.24 12.70 -40.51
CA GLY J 530 9.15 13.42 -39.64
C GLY J 530 10.61 13.05 -39.90
N LEU J 531 10.96 12.61 -41.12
CA LEU J 531 12.36 12.24 -41.37
C LEU J 531 13.22 13.43 -41.03
N LYS J 532 12.88 14.58 -41.60
CA LYS J 532 13.54 15.80 -41.22
C LYS J 532 12.55 16.50 -40.34
N ASP J 533 12.97 17.57 -39.68
CA ASP J 533 12.05 18.28 -38.82
C ASP J 533 10.73 18.38 -39.58
N PRO J 534 9.59 17.98 -38.97
CA PRO J 534 8.27 17.93 -39.54
C PRO J 534 7.75 19.27 -40.02
N LYS J 535 8.40 20.38 -39.63
CA LYS J 535 7.92 21.65 -40.09
C LYS J 535 9.00 22.56 -40.73
N ARG J 536 9.47 22.20 -41.94
CA ARG J 536 10.51 23.00 -42.63
C ARG J 536 9.95 23.82 -43.82
N GLY J 539 11.72 20.72 -46.79
CA GLY J 539 12.93 20.62 -47.63
C GLY J 539 12.49 20.83 -49.09
N SER J 540 13.39 20.77 -50.08
CA SER J 540 12.92 21.00 -51.45
C SER J 540 13.73 20.41 -52.65
N PHE J 541 13.24 20.75 -53.85
CA PHE J 541 13.82 20.36 -55.11
C PHE J 541 13.88 21.50 -56.10
N ILE J 542 14.75 21.36 -57.09
CA ILE J 542 14.71 22.27 -58.23
C ILE J 542 14.14 21.43 -59.42
N PHE J 543 12.97 21.81 -59.96
CA PHE J 543 12.27 21.03 -61.00
C PHE J 543 12.50 21.54 -62.42
N LEU J 544 13.35 20.89 -63.19
CA LEU J 544 13.69 21.46 -64.48
C LEU J 544 13.40 20.56 -65.70
N GLY J 545 12.87 21.14 -66.79
CA GLY J 545 12.69 20.31 -68.01
C GLY J 545 12.05 21.01 -69.22
N PRO J 546 12.20 20.41 -70.42
CA PRO J 546 11.76 20.89 -71.74
C PRO J 546 10.26 20.82 -71.97
N THR J 547 9.79 21.56 -72.96
CA THR J 547 8.40 21.58 -73.36
C THR J 547 8.02 20.39 -74.23
N GLY J 548 6.71 20.20 -74.41
CA GLY J 548 6.19 19.09 -75.22
C GLY J 548 6.28 17.76 -74.46
N VAL J 549 6.21 17.85 -73.13
CA VAL J 549 6.35 16.68 -72.27
C VAL J 549 5.12 16.39 -71.40
N GLY J 550 3.96 17.00 -71.72
CA GLY J 550 2.76 16.77 -70.90
C GLY J 550 2.83 17.50 -69.55
N LYS J 551 3.42 18.69 -69.50
CA LYS J 551 3.56 19.37 -68.22
C LYS J 551 2.26 19.67 -67.49
N THR J 552 1.21 20.06 -68.21
CA THR J 552 -0.01 20.37 -67.49
C THR J 552 -0.61 19.11 -66.92
N GLU J 553 -0.69 18.10 -67.76
CA GLU J 553 -1.31 16.84 -67.39
C GLU J 553 -0.59 16.15 -66.24
N LEU J 554 0.73 16.26 -66.21
CA LEU J 554 1.51 15.64 -65.16
C LEU J 554 1.51 16.46 -63.90
N ALA J 555 1.66 17.77 -64.00
CA ALA J 555 1.65 18.54 -62.78
C ALA J 555 0.29 18.33 -62.10
N ARG J 556 -0.78 18.30 -62.91
CA ARG J 556 -2.09 18.04 -62.37
C ARG J 556 -2.12 16.66 -61.73
N ALA J 557 -1.49 15.69 -62.38
CA ALA J 557 -1.41 14.34 -61.85
C ALA J 557 -0.71 14.32 -60.49
N LEU J 558 0.27 15.20 -60.25
CA LEU J 558 0.86 15.15 -58.93
C LEU J 558 -0.20 15.56 -57.91
N ALA J 559 -0.92 16.65 -58.18
CA ALA J 559 -1.93 17.12 -57.24
C ALA J 559 -3.02 16.04 -56.99
N GLU J 560 -3.28 15.28 -58.06
CA GLU J 560 -4.24 14.18 -58.12
C GLU J 560 -3.93 13.09 -57.10
N SER J 561 -2.67 12.89 -56.72
CA SER J 561 -2.29 11.84 -55.80
C SER J 561 -1.66 12.35 -54.49
N MET J 562 -0.97 13.49 -54.58
CA MET J 562 -0.32 14.10 -53.43
C MET J 562 -1.37 14.35 -52.40
N PHE J 563 -2.45 14.97 -52.86
CA PHE J 563 -3.59 15.26 -52.05
C PHE J 563 -4.77 14.38 -52.42
N GLY J 564 -5.06 14.31 -53.72
CA GLY J 564 -6.22 13.57 -54.18
C GLY J 564 -7.14 14.41 -55.08
N ASP J 565 -6.60 15.48 -55.67
CA ASP J 565 -7.37 16.39 -56.53
C ASP J 565 -6.50 17.02 -57.63
N ASP J 566 -6.73 16.65 -58.88
CA ASP J 566 -5.90 17.16 -59.97
C ASP J 566 -6.07 18.66 -60.20
N ASP J 567 -7.18 19.25 -59.71
CA ASP J 567 -7.39 20.69 -59.85
C ASP J 567 -6.71 21.44 -58.73
N ALA J 568 -6.05 20.70 -57.84
CA ALA J 568 -5.34 21.35 -56.77
C ALA J 568 -3.97 21.81 -57.29
N MET J 569 -3.62 21.50 -58.55
CA MET J 569 -2.38 22.02 -59.10
C MET J 569 -2.62 23.43 -59.57
N ILE J 570 -1.87 24.37 -59.04
CA ILE J 570 -2.08 25.77 -59.32
C ILE J 570 -0.99 26.38 -60.20
N ARG J 571 -1.39 27.05 -61.27
CA ARG J 571 -0.40 27.74 -62.11
C ARG J 571 -0.10 29.11 -61.52
N VAL J 572 1.14 29.28 -61.05
CA VAL J 572 1.65 30.49 -60.37
C VAL J 572 3.00 30.85 -60.98
N ASP J 573 3.34 32.12 -61.16
CA ASP J 573 4.73 32.36 -61.63
C ASP J 573 5.61 32.88 -60.49
N MET J 574 6.89 32.54 -60.45
CA MET J 574 7.76 33.15 -59.41
C MET J 574 7.86 34.65 -59.66
N SER J 575 7.85 34.98 -60.96
CA SER J 575 7.92 36.34 -61.49
C SER J 575 6.61 37.08 -61.26
N GLU J 576 5.57 36.36 -60.85
CA GLU J 576 4.27 36.96 -60.57
C GLU J 576 4.38 37.97 -59.44
N PHE J 577 5.27 37.71 -58.50
CA PHE J 577 5.38 38.50 -57.29
C PHE J 577 6.18 39.78 -57.48
N MET J 578 5.79 40.58 -58.45
CA MET J 578 6.49 41.83 -58.73
C MET J 578 5.71 43.11 -58.53
N GLU J 579 4.37 43.05 -58.61
CA GLU J 579 3.59 44.30 -58.60
C GLU J 579 2.41 44.38 -57.62
N LYS J 580 1.40 43.52 -57.79
CA LYS J 580 0.17 43.61 -56.99
C LYS J 580 -0.18 42.36 -56.19
N HIS J 581 0.75 41.41 -56.10
CA HIS J 581 0.50 40.17 -55.39
C HIS J 581 0.25 40.38 -53.91
N ALA J 582 0.70 41.49 -53.34
CA ALA J 582 0.43 41.71 -51.94
C ALA J 582 -1.07 41.72 -51.70
N VAL J 583 -1.83 42.29 -52.64
CA VAL J 583 -3.25 42.40 -52.46
C VAL J 583 -3.91 41.10 -52.87
N SER J 584 -3.54 40.55 -54.02
CA SER J 584 -4.21 39.31 -54.38
C SER J 584 -3.88 38.20 -53.40
N ARG J 585 -2.72 38.26 -52.75
CA ARG J 585 -2.39 37.19 -51.85
C ARG J 585 -2.98 37.31 -50.45
N LEU J 586 -2.73 38.43 -49.76
CA LEU J 586 -3.10 38.56 -48.36
C LEU J 586 -4.31 39.43 -48.07
N VAL J 587 -4.91 39.20 -46.92
CA VAL J 587 -6.08 39.97 -46.52
C VAL J 587 -5.74 41.38 -45.99
N GLY J 588 -6.41 42.40 -46.52
CA GLY J 588 -6.20 43.76 -46.07
C GLY J 588 -6.80 43.98 -44.69
N ALA J 589 -8.08 43.63 -44.54
CA ALA J 589 -8.86 43.87 -43.31
C ALA J 589 -8.88 45.36 -43.01
N PRO J 590 -9.35 46.15 -43.98
CA PRO J 590 -9.37 47.59 -43.81
C PRO J 590 -10.77 48.17 -43.84
N PRO J 591 -11.45 47.96 -44.95
CA PRO J 591 -12.76 48.53 -45.15
C PRO J 591 -12.65 49.85 -45.89
N HIS J 596 -13.18 49.91 -49.45
CA HIS J 596 -13.48 48.50 -49.68
C HIS J 596 -12.54 47.59 -48.92
N ASP J 597 -13.09 46.57 -48.26
CA ASP J 597 -12.23 45.65 -47.51
C ASP J 597 -11.59 44.65 -48.46
N ASP J 598 -10.55 45.14 -49.14
CA ASP J 598 -9.81 44.43 -50.16
C ASP J 598 -8.77 43.48 -49.57
N GLY J 599 -8.21 42.65 -50.43
CA GLY J 599 -7.11 41.74 -50.11
C GLY J 599 -7.54 40.31 -49.85
N GLY J 600 -6.75 39.40 -50.41
CA GLY J 600 -6.88 37.95 -50.28
C GLY J 600 -7.66 37.29 -51.41
N GLN J 601 -6.93 36.62 -52.29
CA GLN J 601 -7.49 35.88 -53.41
C GLN J 601 -6.78 34.55 -53.38
N LEU J 602 -5.48 34.62 -53.13
CA LEU J 602 -4.69 33.41 -53.21
C LEU J 602 -4.83 32.70 -51.89
N THR J 603 -4.74 33.43 -50.77
CA THR J 603 -4.90 32.74 -49.50
C THR J 603 -6.37 32.45 -49.27
N GLU J 604 -7.26 33.14 -49.99
CA GLU J 604 -8.67 32.84 -49.86
C GLU J 604 -8.93 31.49 -50.50
N LYS J 605 -8.32 31.23 -51.65
CA LYS J 605 -8.48 29.93 -52.26
C LYS J 605 -7.90 28.85 -51.34
N VAL J 606 -6.80 29.15 -50.65
CA VAL J 606 -6.23 28.19 -49.71
C VAL J 606 -7.22 27.93 -48.57
N ARG J 607 -7.84 28.99 -48.05
CA ARG J 607 -8.82 28.82 -47.00
C ARG J 607 -10.02 27.98 -47.49
N ARG J 608 -10.42 28.15 -48.75
CA ARG J 608 -11.52 27.35 -49.28
C ARG J 608 -11.10 25.87 -49.37
N LYS J 609 -9.86 25.62 -49.81
CA LYS J 609 -9.31 24.28 -49.92
C LYS J 609 -7.81 24.28 -49.49
N PRO J 610 -7.42 23.62 -48.37
CA PRO J 610 -6.08 23.64 -47.76
C PRO J 610 -4.88 23.01 -48.51
N TYR J 611 -5.11 22.12 -49.47
CA TYR J 611 -3.98 21.49 -50.17
C TYR J 611 -3.85 21.87 -51.62
N SER J 612 -2.60 21.93 -52.04
CA SER J 612 -2.28 22.24 -53.41
C SER J 612 -0.88 21.87 -53.82
N VAL J 613 -0.67 21.86 -55.12
CA VAL J 613 0.64 21.75 -55.70
C VAL J 613 0.90 23.06 -56.37
N ILE J 614 1.94 23.74 -55.95
CA ILE J 614 2.15 25.03 -56.54
C ILE J 614 3.26 24.97 -57.51
N LEU J 615 2.95 25.27 -58.74
CA LEU J 615 3.96 25.23 -59.76
C LEU J 615 4.33 26.63 -60.07
N PHE J 616 5.59 26.95 -59.83
CA PHE J 616 6.02 28.31 -60.06
C PHE J 616 6.90 28.40 -61.28
N ASP J 617 6.39 29.03 -62.32
CA ASP J 617 7.13 29.16 -63.58
C ASP J 617 8.14 30.29 -63.52
N GLU J 618 9.02 30.33 -64.50
CA GLU J 618 10.02 31.36 -64.64
C GLU J 618 10.81 31.57 -63.36
N ILE J 619 11.36 30.51 -62.79
CA ILE J 619 12.12 30.72 -61.58
C ILE J 619 13.33 31.65 -61.76
N GLU J 620 13.88 31.77 -62.98
CA GLU J 620 15.00 32.68 -63.19
C GLU J 620 14.62 34.16 -62.98
N LYS J 621 13.33 34.48 -63.07
CA LYS J 621 12.83 35.84 -62.93
C LYS J 621 12.13 36.03 -61.61
N ALA J 622 12.29 35.08 -60.70
CA ALA J 622 11.63 35.12 -59.42
C ALA J 622 11.87 36.38 -58.65
N HIS J 623 10.80 36.95 -58.10
CA HIS J 623 11.04 38.14 -57.30
C HIS J 623 11.53 37.77 -55.88
N PRO J 624 12.47 38.51 -55.27
CA PRO J 624 12.87 38.33 -53.89
C PRO J 624 11.69 38.18 -52.93
N ASP J 625 10.55 38.83 -53.19
CA ASP J 625 9.43 38.70 -52.27
C ASP J 625 8.84 37.28 -52.31
N VAL J 626 8.83 36.56 -53.45
CA VAL J 626 8.24 35.22 -53.38
C VAL J 626 9.08 34.41 -52.42
N PHE J 627 10.37 34.73 -52.35
CA PHE J 627 11.22 34.03 -51.43
C PHE J 627 10.99 34.50 -50.02
N ASN J 628 10.89 35.81 -49.81
CA ASN J 628 10.71 36.30 -48.45
C ASN J 628 9.44 35.72 -47.85
N ILE J 629 8.42 35.56 -48.68
CA ILE J 629 7.20 34.92 -48.23
C ILE J 629 7.51 33.49 -47.83
N LEU J 630 8.19 32.76 -48.70
CA LEU J 630 8.50 31.37 -48.42
C LEU J 630 9.74 31.19 -47.50
N LEU J 631 10.33 32.31 -47.10
CA LEU J 631 11.42 32.36 -46.15
C LEU J 631 10.78 32.25 -44.79
N GLN J 632 9.68 33.01 -44.62
CA GLN J 632 8.92 33.02 -43.38
C GLN J 632 8.41 31.63 -43.08
N VAL J 633 8.13 30.85 -44.13
CA VAL J 633 7.70 29.46 -44.00
C VAL J 633 8.66 28.62 -43.18
N LEU J 634 9.95 28.89 -43.21
CA LEU J 634 10.84 28.07 -42.41
C LEU J 634 10.47 28.17 -40.94
N ASP J 635 9.86 29.29 -40.50
CA ASP J 635 9.54 29.41 -39.10
C ASP J 635 8.36 28.51 -38.79
N ASP J 636 8.72 27.36 -38.25
CA ASP J 636 7.82 26.30 -37.86
C ASP J 636 6.96 25.86 -39.05
N GLY J 637 7.55 25.85 -40.25
CA GLY J 637 6.86 25.37 -41.44
C GLY J 637 5.71 26.22 -41.99
N HIS J 638 5.55 27.52 -41.63
CA HIS J 638 4.34 28.16 -42.16
C HIS J 638 4.30 29.65 -42.48
N LEU J 639 3.32 29.98 -43.31
CA LEU J 639 2.99 31.37 -43.62
C LEU J 639 1.87 31.83 -42.76
N THR J 640 1.89 33.11 -42.43
CA THR J 640 0.84 33.75 -41.67
C THR J 640 0.03 34.68 -42.57
N ASP J 641 -1.07 35.20 -42.03
CA ASP J 641 -1.96 36.13 -42.74
C ASP J 641 -2.64 37.03 -41.72
N THR J 642 -3.34 38.01 -42.23
CA THR J 642 -4.04 39.03 -41.45
C THR J 642 -5.09 38.46 -40.52
N LYS J 643 -5.78 37.41 -40.98
CA LYS J 643 -6.85 36.82 -40.18
C LYS J 643 -6.32 35.85 -39.10
N GLY J 644 -5.00 35.71 -38.97
CA GLY J 644 -4.42 34.81 -37.96
C GLY J 644 -4.36 33.37 -38.43
N ARG J 645 -4.77 33.14 -39.66
CA ARG J 645 -4.77 31.79 -40.19
C ARG J 645 -3.40 31.56 -40.78
N THR J 646 -2.93 30.31 -40.73
CA THR J 646 -1.62 29.96 -41.27
C THR J 646 -1.66 28.79 -42.27
N VAL J 647 -0.56 28.63 -43.01
CA VAL J 647 -0.45 27.55 -44.01
C VAL J 647 0.76 26.65 -43.76
N ASP J 648 0.50 25.35 -43.55
CA ASP J 648 1.54 24.33 -43.29
C ASP J 648 2.10 23.76 -44.59
N PHE J 649 3.37 24.01 -44.87
CA PHE J 649 3.96 23.59 -46.13
C PHE J 649 4.66 22.24 -46.17
N ARG J 650 4.69 21.48 -45.07
CA ARG J 650 5.39 20.20 -45.23
C ARG J 650 4.69 19.23 -46.16
N ASN J 651 3.39 19.04 -46.02
CA ASN J 651 2.78 18.02 -46.83
C ASN J 651 2.72 18.33 -48.32
N THR J 652 2.52 19.60 -48.67
CA THR J 652 2.38 19.99 -50.06
C THR J 652 3.68 20.10 -50.81
N ILE J 653 3.55 20.11 -52.13
CA ILE J 653 4.69 20.23 -53.03
C ILE J 653 4.69 21.50 -53.81
N ILE J 654 5.83 22.15 -53.84
CA ILE J 654 5.96 23.34 -54.66
C ILE J 654 6.88 23.06 -55.83
N ILE J 655 6.35 23.13 -57.03
CA ILE J 655 7.14 22.85 -58.18
C ILE J 655 7.78 24.11 -58.71
N MET J 656 8.89 24.50 -58.12
CA MET J 656 9.58 25.68 -58.64
C MET J 656 10.34 25.21 -59.86
N THR J 657 9.95 25.70 -61.03
CA THR J 657 10.48 25.18 -62.27
C THR J 657 10.81 26.12 -63.40
N SER J 658 11.29 25.52 -64.47
CA SER J 658 11.58 26.29 -65.65
C SER J 658 11.57 25.45 -66.89
N ASN J 659 11.11 26.09 -67.96
CA ASN J 659 11.16 25.53 -69.29
C ASN J 659 11.81 26.52 -70.22
N VAL J 660 12.50 27.51 -69.64
CA VAL J 660 13.16 28.51 -70.45
C VAL J 660 14.67 28.52 -70.20
N GLY J 661 15.10 28.10 -69.02
CA GLY J 661 16.53 28.10 -68.70
C GLY J 661 17.12 26.81 -69.23
N ALA J 662 16.97 26.60 -70.54
CA ALA J 662 17.17 25.31 -71.20
C ALA J 662 18.49 24.64 -70.92
N GLN J 663 19.56 25.40 -70.77
CA GLN J 663 20.85 24.78 -70.58
C GLN J 663 20.89 24.01 -69.25
N GLU J 664 20.16 24.48 -68.25
CA GLU J 664 20.15 23.85 -66.95
C GLU J 664 19.05 22.82 -66.81
N LEU J 665 18.26 22.62 -67.87
CA LEU J 665 17.13 21.73 -67.71
C LEU J 665 17.49 20.40 -68.33
N GLN J 666 18.29 20.49 -69.36
CA GLN J 666 18.71 19.37 -70.20
C GLN J 666 20.16 18.92 -70.04
N ASP J 667 20.90 19.38 -69.02
CA ASP J 667 22.33 19.04 -69.04
C ASP J 667 22.66 17.64 -68.59
N GLN J 668 22.71 16.79 -69.59
CA GLN J 668 23.02 15.40 -69.47
C GLN J 668 24.06 15.04 -70.52
N ARG J 669 25.06 15.90 -70.75
CA ARG J 669 26.03 15.49 -71.78
C ARG J 669 27.49 15.44 -71.45
N GLY J 679 29.45 15.04 -68.75
CA GLY J 679 30.07 14.25 -67.69
C GLY J 679 30.55 14.97 -66.45
N GLN J 680 30.08 16.17 -66.18
CA GLN J 680 30.56 16.81 -64.97
C GLN J 680 29.34 16.97 -64.08
N ASP J 681 29.59 16.84 -62.78
CA ASP J 681 28.54 16.86 -61.78
C ASP J 681 28.10 18.25 -61.37
N TYR J 682 27.37 18.29 -60.27
CA TYR J 682 26.76 19.50 -59.80
C TYR J 682 27.74 20.58 -59.44
N GLU J 683 28.99 20.25 -59.24
CA GLU J 683 29.88 21.32 -58.91
C GLU J 683 30.04 22.27 -60.11
N THR J 684 29.89 21.76 -61.34
CA THR J 684 29.95 22.59 -62.52
C THR J 684 28.57 23.18 -62.75
N ILE J 685 27.56 22.32 -62.60
CA ILE J 685 26.21 22.72 -62.94
C ILE J 685 25.69 23.76 -61.98
N ARG J 686 25.81 23.53 -60.68
CA ARG J 686 25.32 24.46 -59.67
C ARG J 686 26.09 25.76 -59.72
N LYS J 687 27.37 25.68 -60.06
CA LYS J 687 28.18 26.88 -60.12
C LYS J 687 27.54 27.88 -61.09
N THR J 688 26.95 27.41 -62.19
CA THR J 688 26.23 28.34 -63.05
C THR J 688 24.73 28.39 -62.70
N MET J 689 24.11 27.25 -62.49
CA MET J 689 22.68 27.16 -62.23
C MET J 689 22.26 27.88 -60.96
N LEU J 690 22.93 27.62 -59.85
CA LEU J 690 22.50 28.29 -58.64
C LEU J 690 23.02 29.68 -58.65
N LYS J 691 24.22 29.90 -59.16
CA LYS J 691 24.69 31.28 -59.21
C LYS J 691 23.70 32.16 -59.97
N GLU J 692 23.21 31.72 -61.12
CA GLU J 692 22.27 32.58 -61.81
C GLU J 692 20.94 32.64 -61.06
N LEU J 693 20.46 31.52 -60.54
CA LEU J 693 19.17 31.56 -59.87
C LEU J 693 19.24 32.49 -58.68
N LYS J 694 20.38 32.48 -58.00
CA LYS J 694 20.75 33.29 -56.82
C LYS J 694 20.60 34.79 -57.09
N ASN J 695 20.63 35.22 -58.35
CA ASN J 695 20.47 36.63 -58.64
C ASN J 695 19.04 37.05 -58.29
N SER J 696 18.13 36.06 -58.33
CA SER J 696 16.71 36.23 -58.07
C SER J 696 16.30 35.58 -56.71
N PHE J 697 16.91 34.42 -56.43
CA PHE J 697 16.75 33.55 -55.27
C PHE J 697 17.63 33.86 -54.10
N ARG J 698 17.16 33.50 -52.92
CA ARG J 698 18.03 33.56 -51.77
C ARG J 698 18.69 32.17 -51.71
N PRO J 699 19.97 32.05 -51.35
CA PRO J 699 20.72 30.80 -51.23
C PRO J 699 20.38 30.09 -49.92
N GLU J 700 19.10 29.82 -49.79
CA GLU J 700 18.44 29.24 -48.63
C GLU J 700 17.37 28.36 -49.21
N PHE J 701 16.92 28.78 -50.38
CA PHE J 701 15.93 28.09 -51.16
C PHE J 701 16.68 27.14 -52.01
N LEU J 702 17.73 27.66 -52.62
CA LEU J 702 18.57 26.87 -53.49
C LEU J 702 19.30 25.83 -52.65
N ASN J 703 19.52 26.18 -51.38
CA ASN J 703 20.23 25.36 -50.44
C ASN J 703 19.37 24.57 -49.46
N ARG J 704 18.05 24.52 -49.68
CA ARG J 704 17.22 23.67 -48.82
C ARG J 704 16.85 22.48 -49.67
N VAL J 705 17.52 22.41 -50.81
CA VAL J 705 17.35 21.42 -51.84
C VAL J 705 18.05 20.11 -51.57
N ASP J 706 17.26 19.05 -51.61
CA ASP J 706 17.73 17.68 -51.45
C ASP J 706 18.16 17.21 -52.81
N ASP J 707 17.48 17.70 -53.86
CA ASP J 707 17.93 17.29 -55.20
C ASP J 707 17.45 18.19 -56.33
N ILE J 708 18.08 18.00 -57.49
CA ILE J 708 17.68 18.68 -58.73
C ILE J 708 17.17 17.63 -59.71
N ILE J 709 15.95 17.86 -60.13
CA ILE J 709 15.23 16.92 -60.94
C ILE J 709 15.32 17.20 -62.42
N VAL J 710 15.81 16.23 -63.17
CA VAL J 710 15.91 16.40 -64.61
C VAL J 710 14.89 15.57 -65.35
N PHE J 711 13.99 16.28 -66.02
CA PHE J 711 12.89 15.71 -66.77
C PHE J 711 13.21 15.81 -68.26
N HIS J 712 12.64 14.91 -69.04
CA HIS J 712 12.75 14.86 -70.48
C HIS J 712 11.45 15.27 -71.13
#